data_5MR6
#
_entry.id   5MR6
#
_cell.length_a   166.930
_cell.length_b   167.090
_cell.length_c   200.940
_cell.angle_alpha   89.96
_cell.angle_beta   90.18
_cell.angle_gamma   119.82
#
_symmetry.space_group_name_H-M   'P 1'
#
loop_
_entity.id
_entity.type
_entity.pdbx_description
1 polymer 'XiaF protein'
2 non-polymer 'FLAVIN-ADENINE DINUCLEOTIDE'
3 non-polymer GLYCEROL
4 water water
#
_entity_poly.entity_id   1
_entity_poly.type   'polypeptide(L)'
_entity_poly.pdbx_seq_one_letter_code
;HHHHHHSSGLVPRGSHMTDIRSETAELRAELVERVHKFGPVFADGVAEGERERRLPDATVRAIDQSQLAMLWTAKSYGGL
ETDVRTMSEVAKVLSHYCPSTSWVVNNVNGSNLLASKFPRAALDEVFGDAPGAKLASVFAAAGTAVRTPGGYRLTGSWPY
GTGILHDDWAILVAREVDADGEPVGGLSMLVPARDLTVEDTWHTVGMRATGSHTVVLRDTFVPEHRVISGELQRSRESAT
DLGLPPLFRTAAIAAMAVVCASVVLGAGQAARALVVEKAPTRGIAPSKYTRQTDSRTFVSSLGRTALSIDAAEMHVARAA
TALDDAAYDAVALPDSELLRIRGDVGQAVSLVTTALDELLWAHGAASFAESNPLQRYWRDANTAARHAMLNVHVGHELYG
GSFFGLDPIVPSL
;
_entity_poly.pdbx_strand_id   A,B,C,D,E,F,G,H,I,J,K,L,M,N,O,P,Q,R,S,T,U,V,W,X
#
# COMPACT_ATOMS: atom_id res chain seq x y z
N THR A 18 -79.78 86.50 -64.44
CA THR A 18 -78.45 85.97 -64.02
C THR A 18 -77.66 87.04 -63.26
N ASP A 19 -78.35 88.09 -62.79
CA ASP A 19 -77.68 89.14 -62.09
C ASP A 19 -77.12 88.58 -60.76
N ILE A 20 -77.98 87.81 -60.06
CA ILE A 20 -77.61 87.18 -58.80
C ILE A 20 -76.55 86.08 -59.04
N ARG A 21 -76.72 85.37 -60.15
CA ARG A 21 -75.79 84.32 -60.50
C ARG A 21 -74.41 84.93 -60.65
N SER A 22 -74.36 86.13 -61.21
CA SER A 22 -73.08 86.79 -61.40
C SER A 22 -72.48 87.22 -60.07
N GLU A 23 -73.35 87.71 -59.20
CA GLU A 23 -72.97 88.21 -57.90
C GLU A 23 -72.41 87.10 -57.03
N THR A 24 -73.08 85.97 -57.05
CA THR A 24 -72.68 84.83 -56.24
C THR A 24 -71.33 84.31 -56.71
N ALA A 25 -71.12 84.30 -58.01
CA ALA A 25 -69.84 83.89 -58.58
C ALA A 25 -68.74 84.88 -58.22
N GLU A 26 -69.06 86.16 -58.20
CA GLU A 26 -68.07 87.17 -57.86
C GLU A 26 -67.59 87.04 -56.43
N LEU A 27 -68.52 86.74 -55.53
CA LEU A 27 -68.19 86.61 -54.13
C LEU A 27 -67.33 85.38 -53.91
N ARG A 28 -67.66 84.30 -54.59
CA ARG A 28 -66.91 83.07 -54.45
C ARG A 28 -65.48 83.27 -54.85
N ALA A 29 -65.25 83.97 -55.95
CA ALA A 29 -63.91 84.24 -56.40
C ALA A 29 -63.14 85.06 -55.39
N GLU A 30 -63.82 86.04 -54.80
CA GLU A 30 -63.20 86.88 -53.79
C GLU A 30 -62.80 86.06 -52.58
N LEU A 31 -63.68 85.15 -52.16
CA LEU A 31 -63.40 84.30 -51.03
C LEU A 31 -62.29 83.34 -51.31
N VAL A 32 -62.23 82.83 -52.53
CA VAL A 32 -61.15 81.93 -52.89
C VAL A 32 -59.85 82.70 -52.85
N GLU A 33 -59.86 83.95 -53.30
CA GLU A 33 -58.66 84.75 -53.25
C GLU A 33 -58.27 85.03 -51.80
N ARG A 34 -59.23 85.18 -50.90
CA ARG A 34 -58.88 85.33 -49.49
C ARG A 34 -58.14 84.14 -48.91
N VAL A 35 -58.59 82.95 -49.29
CA VAL A 35 -57.92 81.72 -48.90
C VAL A 35 -56.46 81.76 -49.34
N HIS A 36 -56.20 82.20 -50.56
CA HIS A 36 -54.82 82.27 -51.04
C HIS A 36 -54.01 83.29 -50.27
N LYS A 37 -54.64 84.39 -49.90
CA LYS A 37 -53.98 85.43 -49.15
C LYS A 37 -53.59 84.99 -47.75
N PHE A 38 -54.51 84.34 -47.06
CA PHE A 38 -54.26 83.91 -45.71
C PHE A 38 -53.66 82.51 -45.62
N GLY A 39 -53.55 81.83 -46.75
CA GLY A 39 -53.05 80.48 -46.80
C GLY A 39 -51.66 80.30 -46.25
N PRO A 40 -50.73 81.20 -46.59
CA PRO A 40 -49.38 81.06 -46.01
C PRO A 40 -49.33 81.06 -44.48
N VAL A 41 -50.27 81.74 -43.81
CA VAL A 41 -50.34 81.73 -42.34
C VAL A 41 -50.75 80.33 -41.85
N PHE A 42 -51.80 79.80 -42.45
CA PHE A 42 -52.28 78.47 -42.09
C PHE A 42 -51.19 77.43 -42.33
N ALA A 43 -50.50 77.54 -43.45
CA ALA A 43 -49.43 76.61 -43.79
C ALA A 43 -48.30 76.67 -42.80
N ASP A 44 -47.99 77.87 -42.36
CA ASP A 44 -46.95 78.11 -41.41
C ASP A 44 -47.16 77.47 -40.07
N GLY A 45 -48.42 77.35 -39.66
CA GLY A 45 -48.74 76.74 -38.39
C GLY A 45 -49.02 75.26 -38.43
N VAL A 46 -48.71 74.57 -39.53
CA VAL A 46 -48.97 73.15 -39.65
C VAL A 46 -48.15 72.37 -38.64
N ALA A 47 -46.86 72.68 -38.52
CA ALA A 47 -46.01 71.95 -37.61
C ALA A 47 -46.41 72.09 -36.14
N GLU A 48 -46.78 73.30 -35.73
CA GLU A 48 -47.22 73.51 -34.37
C GLU A 48 -48.54 72.79 -34.12
N GLY A 49 -49.44 72.86 -35.09
CA GLY A 49 -50.75 72.22 -34.94
C GLY A 49 -50.66 70.71 -34.79
N GLU A 50 -49.74 70.12 -35.53
CA GLU A 50 -49.51 68.70 -35.51
C GLU A 50 -48.98 68.24 -34.16
N ARG A 51 -48.08 69.05 -33.63
CA ARG A 51 -47.41 68.87 -32.36
C ARG A 51 -48.34 69.07 -31.16
N GLU A 52 -49.19 70.09 -31.21
CA GLU A 52 -50.07 70.44 -30.09
C GLU A 52 -51.50 69.95 -30.18
N ARG A 53 -51.92 69.44 -31.33
CA ARG A 53 -53.30 68.96 -31.52
C ARG A 53 -54.36 70.04 -31.34
N ARG A 54 -54.05 71.25 -31.76
CA ARG A 54 -54.97 72.38 -31.74
C ARG A 54 -54.46 73.35 -32.77
N LEU A 55 -55.28 74.27 -33.24
CA LEU A 55 -54.85 75.25 -34.23
C LEU A 55 -54.02 76.31 -33.52
N PRO A 56 -52.91 76.75 -34.12
CA PRO A 56 -52.14 77.86 -33.51
C PRO A 56 -52.91 79.16 -33.41
N ASP A 57 -52.49 80.05 -32.52
CA ASP A 57 -53.16 81.34 -32.37
C ASP A 57 -53.20 82.15 -33.66
N ALA A 58 -52.12 82.11 -34.43
CA ALA A 58 -52.08 82.87 -35.67
C ALA A 58 -53.15 82.39 -36.66
N THR A 59 -53.37 81.08 -36.71
CA THR A 59 -54.36 80.49 -37.59
C THR A 59 -55.76 80.92 -37.20
N VAL A 60 -56.03 80.93 -35.90
CA VAL A 60 -57.33 81.33 -35.42
C VAL A 60 -57.54 82.80 -35.76
N ARG A 61 -56.51 83.60 -35.60
CA ARG A 61 -56.59 85.01 -35.92
C ARG A 61 -56.92 85.19 -37.38
N ALA A 62 -56.24 84.44 -38.24
CA ALA A 62 -56.46 84.53 -39.67
C ALA A 62 -57.88 84.08 -40.05
N ILE A 63 -58.41 83.09 -39.37
CA ILE A 63 -59.76 82.67 -39.62
C ILE A 63 -60.73 83.78 -39.28
N ASP A 64 -60.50 84.49 -38.18
CA ASP A 64 -61.41 85.59 -37.80
C ASP A 64 -61.30 86.79 -38.73
N GLN A 65 -60.07 87.16 -39.11
CA GLN A 65 -59.86 88.28 -40.04
C GLN A 65 -60.39 88.01 -41.44
N SER A 66 -60.17 86.80 -41.96
CA SER A 66 -60.63 86.42 -43.32
C SER A 66 -62.15 86.32 -43.47
N GLN A 67 -62.83 86.17 -42.33
CA GLN A 67 -64.27 85.98 -42.26
C GLN A 67 -64.71 84.61 -42.84
N LEU A 68 -63.78 83.66 -42.97
CA LEU A 68 -64.10 82.33 -43.54
C LEU A 68 -64.98 81.44 -42.66
N ALA A 69 -65.07 81.79 -41.38
CA ALA A 69 -66.06 81.18 -40.49
C ALA A 69 -67.48 81.75 -40.66
N MET A 70 -67.63 82.77 -41.50
CA MET A 70 -68.88 83.53 -41.57
C MET A 70 -69.70 83.28 -42.85
N LEU A 71 -69.25 82.36 -43.67
CA LEU A 71 -69.93 82.05 -44.91
C LEU A 71 -71.38 81.62 -44.71
N TRP A 72 -71.67 80.88 -43.64
CA TRP A 72 -73.03 80.44 -43.41
C TRP A 72 -73.72 81.17 -42.25
N THR A 73 -73.23 82.37 -41.96
CA THR A 73 -73.82 83.25 -40.95
C THR A 73 -74.69 84.23 -41.71
N ALA A 74 -75.84 84.56 -41.13
CA ALA A 74 -76.80 85.46 -41.78
C ALA A 74 -76.31 86.89 -41.95
N LYS A 75 -76.74 87.51 -43.05
CA LYS A 75 -76.42 88.89 -43.39
C LYS A 75 -76.96 89.84 -42.37
N SER A 76 -78.11 89.52 -41.80
CA SER A 76 -78.73 90.36 -40.81
C SER A 76 -77.81 90.53 -39.58
N TYR A 77 -76.94 89.56 -39.31
CA TYR A 77 -75.96 89.67 -38.24
C TYR A 77 -74.54 90.05 -38.67
N GLY A 78 -74.38 90.49 -39.91
CA GLY A 78 -73.07 90.81 -40.49
C GLY A 78 -72.30 89.65 -41.10
N GLY A 79 -72.99 88.54 -41.32
CA GLY A 79 -72.39 87.38 -42.01
C GLY A 79 -72.43 87.49 -43.53
N LEU A 80 -71.66 86.64 -44.18
CA LEU A 80 -71.54 86.68 -45.64
C LEU A 80 -72.69 85.95 -46.35
N GLU A 81 -73.38 85.06 -45.63
CA GLU A 81 -74.58 84.33 -46.11
C GLU A 81 -74.47 83.82 -47.57
N THR A 82 -73.55 82.89 -47.82
CA THR A 82 -73.30 82.37 -49.19
C THR A 82 -74.18 81.12 -49.45
N ASP A 83 -73.70 80.21 -50.28
CA ASP A 83 -74.43 79.01 -50.58
C ASP A 83 -73.52 77.81 -50.42
N VAL A 84 -74.03 76.63 -50.67
CA VAL A 84 -73.25 75.43 -50.46
C VAL A 84 -72.04 75.35 -51.38
N ARG A 85 -72.24 75.70 -52.64
CA ARG A 85 -71.19 75.60 -53.60
C ARG A 85 -70.02 76.47 -53.26
N THR A 86 -70.28 77.67 -52.75
CA THR A 86 -69.19 78.57 -52.39
C THR A 86 -68.39 78.01 -51.23
N MET A 87 -69.09 77.47 -50.24
CA MET A 87 -68.45 76.93 -49.06
C MET A 87 -67.59 75.75 -49.45
N SER A 88 -68.10 74.93 -50.36
CA SER A 88 -67.40 73.79 -50.87
C SER A 88 -66.13 74.17 -51.61
N GLU A 89 -66.20 75.15 -52.51
CA GLU A 89 -65.00 75.57 -53.22
C GLU A 89 -63.99 76.17 -52.26
N VAL A 90 -64.43 76.88 -51.23
CA VAL A 90 -63.50 77.45 -50.24
C VAL A 90 -62.79 76.34 -49.45
N ALA A 91 -63.56 75.36 -49.00
CA ALA A 91 -63.01 74.23 -48.27
C ALA A 91 -61.94 73.46 -49.06
N LYS A 92 -62.18 73.28 -50.36
CA LYS A 92 -61.22 72.57 -51.21
C LYS A 92 -59.90 73.29 -51.28
N VAL A 93 -59.95 74.61 -51.41
CA VAL A 93 -58.73 75.39 -51.53
C VAL A 93 -58.01 75.49 -50.20
N LEU A 94 -58.78 75.64 -49.13
CA LEU A 94 -58.20 75.66 -47.77
C LEU A 94 -57.35 74.45 -47.44
N SER A 95 -57.84 73.28 -47.82
CA SER A 95 -57.13 72.02 -47.61
C SER A 95 -55.71 71.97 -48.17
N HIS A 96 -55.44 72.71 -49.23
CA HIS A 96 -54.10 72.75 -49.78
C HIS A 96 -53.11 73.28 -48.75
N TYR A 97 -53.56 74.21 -47.93
CA TYR A 97 -52.67 74.86 -46.99
C TYR A 97 -52.67 74.13 -45.67
N CYS A 98 -53.85 73.81 -45.15
CA CYS A 98 -53.95 73.04 -43.91
C CYS A 98 -55.28 72.29 -43.87
N PRO A 99 -55.25 70.96 -44.05
CA PRO A 99 -56.52 70.21 -44.01
C PRO A 99 -57.26 70.30 -42.67
N SER A 100 -56.52 70.42 -41.57
CA SER A 100 -57.17 70.62 -40.26
C SER A 100 -57.93 71.95 -40.12
N THR A 101 -57.33 73.04 -40.60
CA THR A 101 -57.97 74.35 -40.66
C THR A 101 -59.20 74.27 -41.51
N SER A 102 -59.07 73.67 -42.70
CA SER A 102 -60.21 73.48 -43.58
C SER A 102 -61.32 72.72 -42.88
N TRP A 103 -60.95 71.67 -42.21
CA TRP A 103 -61.93 70.88 -41.49
C TRP A 103 -62.65 71.68 -40.40
N VAL A 104 -61.89 72.49 -39.67
CA VAL A 104 -62.47 73.27 -38.60
C VAL A 104 -63.40 74.32 -39.18
N VAL A 105 -62.93 75.04 -40.19
CA VAL A 105 -63.71 76.08 -40.81
C VAL A 105 -65.02 75.50 -41.34
N ASN A 106 -64.98 74.33 -41.95
CA ASN A 106 -66.16 73.65 -42.46
C ASN A 106 -67.11 73.33 -41.32
N ASN A 107 -66.60 72.82 -40.22
CA ASN A 107 -67.43 72.51 -39.07
C ASN A 107 -68.06 73.74 -38.49
N VAL A 108 -67.33 74.84 -38.41
CA VAL A 108 -67.89 76.05 -37.84
C VAL A 108 -69.09 76.59 -38.63
N ASN A 109 -68.89 76.69 -39.94
CA ASN A 109 -69.96 77.15 -40.82
C ASN A 109 -71.13 76.24 -40.73
N GLY A 110 -70.87 74.94 -40.77
CA GLY A 110 -71.98 74.01 -40.66
C GLY A 110 -72.71 74.12 -39.33
N SER A 111 -71.97 74.33 -38.26
CA SER A 111 -72.60 74.45 -36.96
C SER A 111 -73.44 75.71 -36.89
N ASN A 112 -72.92 76.78 -37.45
CA ASN A 112 -73.63 78.04 -37.50
C ASN A 112 -74.92 77.88 -38.30
N LEU A 113 -74.87 77.12 -39.38
CA LEU A 113 -76.08 76.90 -40.16
C LEU A 113 -77.08 76.12 -39.34
N LEU A 114 -76.61 75.15 -38.56
CA LEU A 114 -77.50 74.34 -37.72
C LEU A 114 -78.16 75.17 -36.66
N ALA A 115 -77.48 76.21 -36.21
CA ALA A 115 -78.00 77.09 -35.19
C ALA A 115 -79.27 77.80 -35.62
N SER A 116 -79.45 77.99 -36.92
CA SER A 116 -80.63 78.65 -37.43
C SER A 116 -81.96 77.93 -37.16
N LYS A 117 -81.93 76.69 -36.74
CA LYS A 117 -83.15 76.02 -36.32
C LYS A 117 -83.65 76.48 -34.98
N PHE A 118 -82.77 77.11 -34.20
CA PHE A 118 -83.12 77.59 -32.87
C PHE A 118 -83.94 78.88 -32.96
N PRO A 119 -84.64 79.24 -31.84
CA PRO A 119 -85.41 80.48 -31.91
C PRO A 119 -84.59 81.73 -32.07
N ARG A 120 -85.26 82.80 -32.47
CA ARG A 120 -84.61 84.08 -32.67
C ARG A 120 -83.89 84.58 -31.42
N ALA A 121 -84.48 84.31 -30.27
CA ALA A 121 -83.87 84.66 -29.01
C ALA A 121 -82.47 84.09 -28.84
N ALA A 122 -82.31 82.83 -29.19
CA ALA A 122 -81.01 82.15 -29.14
C ALA A 122 -80.06 82.72 -30.17
N LEU A 123 -80.53 82.87 -31.40
CA LEU A 123 -79.73 83.43 -32.48
C LEU A 123 -79.20 84.84 -32.19
N ASP A 124 -80.05 85.68 -31.62
CA ASP A 124 -79.66 87.02 -31.17
C ASP A 124 -78.59 86.91 -30.09
N GLU A 125 -78.80 86.04 -29.12
CA GLU A 125 -77.83 85.85 -28.03
C GLU A 125 -76.46 85.40 -28.56
N VAL A 126 -76.45 84.58 -29.60
CA VAL A 126 -75.21 84.07 -30.19
C VAL A 126 -74.53 85.06 -31.14
N PHE A 127 -75.30 85.60 -32.09
CA PHE A 127 -74.76 86.41 -33.22
C PHE A 127 -74.98 87.92 -33.13
N GLY A 128 -75.85 88.34 -32.21
CA GLY A 128 -76.23 89.75 -32.02
C GLY A 128 -75.12 90.77 -31.93
N ASP A 129 -74.10 90.48 -31.12
CA ASP A 129 -72.93 91.35 -30.97
C ASP A 129 -71.66 90.65 -31.42
N ALA A 130 -71.79 89.58 -32.21
CA ALA A 130 -70.66 88.72 -32.59
C ALA A 130 -70.90 88.19 -34.01
N PRO A 131 -70.68 89.02 -35.03
CA PRO A 131 -70.82 88.56 -36.43
C PRO A 131 -69.91 87.34 -36.75
N GLY A 132 -68.74 87.28 -36.12
CA GLY A 132 -67.78 86.19 -36.25
C GLY A 132 -67.90 85.08 -35.21
N ALA A 133 -69.09 84.90 -34.64
CA ALA A 133 -69.29 83.81 -33.69
C ALA A 133 -69.01 82.47 -34.34
N LYS A 134 -68.42 81.57 -33.54
CA LYS A 134 -68.01 80.25 -34.00
C LYS A 134 -68.59 79.14 -33.15
N LEU A 135 -69.43 78.30 -33.75
CA LEU A 135 -70.06 77.15 -33.05
C LEU A 135 -69.38 75.82 -33.33
N ALA A 136 -69.37 74.96 -32.32
CA ALA A 136 -69.17 73.53 -32.44
C ALA A 136 -70.53 72.85 -32.51
N SER A 137 -70.50 71.59 -32.88
CA SER A 137 -71.72 70.80 -32.81
C SER A 137 -71.32 69.34 -32.80
N VAL A 138 -71.84 68.61 -31.83
CA VAL A 138 -71.58 67.19 -31.73
C VAL A 138 -72.87 66.42 -31.55
N PHE A 139 -73.08 65.48 -32.48
CA PHE A 139 -74.25 64.60 -32.52
C PHE A 139 -73.79 63.18 -32.15
N ALA A 140 -72.50 63.06 -31.85
CA ALA A 140 -71.79 61.80 -31.52
C ALA A 140 -72.06 61.22 -30.14
N ALA A 141 -72.83 61.92 -29.32
CA ALA A 141 -73.20 61.41 -28.01
C ALA A 141 -74.49 62.03 -27.69
N ALA A 142 -75.09 61.45 -26.70
CA ALA A 142 -76.20 62.02 -26.06
C ALA A 142 -75.78 62.15 -24.59
N GLY A 143 -76.33 63.18 -24.00
CA GLY A 143 -76.14 63.51 -22.64
C GLY A 143 -77.56 63.35 -22.19
N THR A 144 -77.79 63.64 -20.96
CA THR A 144 -79.07 63.40 -20.42
C THR A 144 -79.52 64.73 -19.82
N ALA A 145 -80.75 65.10 -20.14
CA ALA A 145 -81.30 66.37 -19.74
C ALA A 145 -82.61 66.17 -19.04
N VAL A 146 -82.84 66.95 -18.00
CA VAL A 146 -84.08 66.85 -17.27
C VAL A 146 -84.67 68.23 -17.07
N ARG A 147 -85.99 68.31 -17.10
CA ARG A 147 -86.68 69.59 -16.92
C ARG A 147 -86.48 70.19 -15.55
N THR A 148 -86.27 71.49 -15.54
CA THR A 148 -86.10 72.28 -14.33
C THR A 148 -86.86 73.56 -14.61
N PRO A 149 -87.20 74.37 -13.55
CA PRO A 149 -87.95 75.57 -13.93
C PRO A 149 -87.14 76.53 -14.75
N GLY A 150 -87.75 76.97 -15.86
CA GLY A 150 -87.13 77.88 -16.81
C GLY A 150 -86.24 77.24 -17.85
N GLY A 151 -86.11 75.90 -17.80
CA GLY A 151 -85.26 75.22 -18.74
C GLY A 151 -84.98 73.75 -18.49
N TYR A 152 -83.69 73.43 -18.53
CA TYR A 152 -83.23 72.06 -18.35
C TYR A 152 -81.91 72.03 -17.55
N ARG A 153 -81.64 70.86 -16.97
CA ARG A 153 -80.35 70.57 -16.34
C ARG A 153 -79.74 69.46 -17.19
N LEU A 154 -78.52 69.69 -17.67
CA LEU A 154 -77.88 68.84 -18.68
C LEU A 154 -76.56 68.25 -18.18
N THR A 155 -76.43 66.94 -18.35
CA THR A 155 -75.21 66.23 -17.99
C THR A 155 -74.84 65.32 -19.16
N GLY A 156 -73.55 65.26 -19.46
CA GLY A 156 -73.08 64.36 -20.51
C GLY A 156 -71.61 64.51 -20.84
N SER A 157 -71.17 63.66 -21.76
CA SER A 157 -69.80 63.65 -22.23
C SER A 157 -69.82 63.41 -23.75
N TRP A 158 -69.39 64.42 -24.51
CA TRP A 158 -69.51 64.41 -25.97
C TRP A 158 -68.13 64.39 -26.61
N PRO A 159 -67.68 63.23 -27.17
CA PRO A 159 -66.41 63.18 -27.92
C PRO A 159 -66.52 63.77 -29.32
N TYR A 160 -65.38 63.88 -30.00
CA TYR A 160 -65.30 64.44 -31.36
C TYR A 160 -65.79 65.89 -31.50
N GLY A 161 -65.40 66.75 -30.58
CA GLY A 161 -65.86 68.14 -30.62
C GLY A 161 -64.91 68.96 -31.43
N THR A 162 -65.04 68.89 -32.75
CA THR A 162 -64.14 69.66 -33.62
C THR A 162 -64.11 71.15 -33.30
N GLY A 163 -62.89 71.65 -33.16
CA GLY A 163 -62.63 73.05 -32.92
C GLY A 163 -63.16 73.66 -31.64
N ILE A 164 -63.51 72.84 -30.66
CA ILE A 164 -64.19 73.28 -29.44
C ILE A 164 -63.31 74.23 -28.61
N LEU A 165 -62.00 74.03 -28.65
CA LEU A 165 -61.09 74.94 -27.98
C LEU A 165 -61.18 76.39 -28.41
N HIS A 166 -61.56 76.67 -29.66
CA HIS A 166 -61.68 78.05 -30.16
C HIS A 166 -63.12 78.51 -30.31
N ASP A 167 -64.08 77.70 -29.87
CA ASP A 167 -65.48 77.98 -30.19
C ASP A 167 -66.15 78.76 -29.07
N ASP A 168 -67.16 79.53 -29.44
CA ASP A 168 -67.87 80.40 -28.51
C ASP A 168 -69.06 79.68 -27.93
N TRP A 169 -69.67 78.80 -28.72
CA TRP A 169 -70.83 78.01 -28.31
C TRP A 169 -70.73 76.61 -28.88
N ALA A 170 -71.59 75.70 -28.39
CA ALA A 170 -71.62 74.30 -28.85
C ALA A 170 -73.05 73.85 -28.92
N ILE A 171 -73.40 73.17 -30.01
CA ILE A 171 -74.71 72.52 -30.13
C ILE A 171 -74.50 71.06 -29.79
N LEU A 172 -75.16 70.62 -28.73
CA LEU A 172 -75.02 69.25 -28.24
C LEU A 172 -76.34 68.52 -28.22
N VAL A 173 -76.31 67.26 -28.63
CA VAL A 173 -77.49 66.41 -28.64
C VAL A 173 -77.67 65.74 -27.28
N ALA A 174 -78.92 65.61 -26.85
CA ALA A 174 -79.21 64.97 -25.59
C ALA A 174 -80.53 64.28 -25.57
N ARG A 175 -80.71 63.44 -24.57
CA ARG A 175 -81.96 62.74 -24.40
C ARG A 175 -82.61 63.33 -23.19
N GLU A 176 -83.85 63.77 -23.35
CA GLU A 176 -84.62 64.23 -22.22
C GLU A 176 -85.12 63.02 -21.42
N VAL A 177 -85.11 63.16 -20.10
CA VAL A 177 -85.59 62.10 -19.23
C VAL A 177 -86.42 62.74 -18.14
N ASP A 178 -87.27 61.94 -17.52
CA ASP A 178 -88.12 62.44 -16.44
C ASP A 178 -87.46 62.22 -15.08
N ALA A 179 -88.19 62.50 -14.01
CA ALA A 179 -87.70 62.34 -12.66
C ALA A 179 -87.36 60.89 -12.39
N ASP A 180 -88.18 60.01 -12.95
CA ASP A 180 -87.92 58.59 -12.85
C ASP A 180 -86.66 58.20 -13.60
N GLY A 181 -86.34 58.94 -14.64
CA GLY A 181 -85.15 58.66 -15.43
C GLY A 181 -85.50 57.92 -16.69
N GLU A 182 -86.79 57.86 -17.00
CA GLU A 182 -87.28 57.24 -18.22
C GLU A 182 -87.12 58.19 -19.41
N PRO A 183 -86.84 57.67 -20.60
CA PRO A 183 -86.70 58.55 -21.76
C PRO A 183 -87.97 59.28 -22.19
N VAL A 184 -87.84 60.56 -22.47
CA VAL A 184 -88.98 61.35 -22.92
C VAL A 184 -88.88 61.71 -24.38
N GLY A 185 -87.72 62.18 -24.81
CA GLY A 185 -87.56 62.59 -26.20
C GLY A 185 -86.15 63.04 -26.46
N GLY A 186 -85.90 63.45 -27.70
CA GLY A 186 -84.56 63.92 -28.09
C GLY A 186 -84.48 65.42 -28.07
N LEU A 187 -83.32 65.97 -27.72
CA LEU A 187 -83.15 67.42 -27.70
C LEU A 187 -81.88 67.90 -28.36
N SER A 188 -81.90 69.14 -28.80
CA SER A 188 -80.71 69.81 -29.26
C SER A 188 -80.51 71.03 -28.40
N MET A 189 -79.31 71.19 -27.86
CA MET A 189 -79.08 72.24 -26.88
C MET A 189 -77.91 73.12 -27.18
N LEU A 190 -78.12 74.41 -27.03
CA LEU A 190 -77.09 75.38 -27.34
C LEU A 190 -76.49 75.88 -26.05
N VAL A 191 -75.20 75.63 -25.84
CA VAL A 191 -74.57 76.01 -24.60
C VAL A 191 -73.25 76.72 -24.85
N PRO A 192 -72.98 77.78 -24.08
CA PRO A 192 -71.82 78.63 -24.25
C PRO A 192 -70.54 78.07 -23.68
N ALA A 193 -69.44 78.63 -24.14
CA ALA A 193 -68.10 78.21 -23.74
C ALA A 193 -67.88 78.33 -22.24
N ARG A 194 -68.44 79.37 -21.65
CA ARG A 194 -68.31 79.60 -20.20
C ARG A 194 -68.88 78.44 -19.40
N ASP A 195 -69.93 77.80 -19.91
CA ASP A 195 -70.52 76.67 -19.24
C ASP A 195 -69.88 75.34 -19.53
N LEU A 196 -68.95 75.28 -20.47
CA LEU A 196 -68.34 74.00 -20.88
C LEU A 196 -67.02 73.74 -20.24
N THR A 197 -66.66 72.47 -20.25
CA THR A 197 -65.35 72.02 -19.85
C THR A 197 -64.84 71.15 -20.98
N VAL A 198 -63.56 71.24 -21.28
CA VAL A 198 -63.01 70.44 -22.35
C VAL A 198 -61.98 69.50 -21.80
N GLU A 199 -62.11 68.25 -22.19
CA GLU A 199 -61.26 67.21 -21.72
C GLU A 199 -60.35 66.79 -22.87
N ASP A 200 -59.08 66.57 -22.59
CA ASP A 200 -58.13 66.27 -23.63
C ASP A 200 -58.17 64.80 -24.03
N THR A 201 -58.89 64.50 -25.09
CA THR A 201 -59.02 63.14 -25.54
C THR A 201 -58.65 62.90 -26.99
N TRP A 202 -58.28 63.92 -27.74
CA TRP A 202 -58.03 63.78 -29.17
C TRP A 202 -56.59 63.40 -29.43
N HIS A 203 -56.34 62.11 -29.58
CA HIS A 203 -55.02 61.57 -29.87
C HIS A 203 -55.10 60.70 -31.10
N THR A 204 -54.77 61.28 -32.24
CA THR A 204 -54.96 60.62 -33.51
C THR A 204 -53.76 60.78 -34.38
N VAL A 205 -53.74 60.04 -35.48
CA VAL A 205 -52.63 60.10 -36.40
C VAL A 205 -52.95 60.96 -37.61
N GLY A 206 -54.13 61.58 -37.64
CA GLY A 206 -54.50 62.48 -38.72
C GLY A 206 -55.50 63.48 -38.19
N MET A 207 -55.57 64.64 -38.86
CA MET A 207 -56.43 65.73 -38.48
C MET A 207 -56.16 66.13 -37.02
N ARG A 208 -54.90 66.11 -36.62
CA ARG A 208 -54.53 66.39 -35.24
C ARG A 208 -54.89 67.79 -34.76
N ALA A 209 -54.65 68.81 -35.58
CA ALA A 209 -54.90 70.18 -35.18
C ALA A 209 -56.38 70.54 -35.09
N THR A 210 -57.27 69.66 -35.53
CA THR A 210 -58.68 69.93 -35.42
C THR A 210 -59.14 69.99 -33.98
N GLY A 211 -58.38 69.42 -33.05
CA GLY A 211 -58.72 69.48 -31.64
C GLY A 211 -60.10 68.98 -31.29
N SER A 212 -60.44 67.82 -31.83
CA SER A 212 -61.75 67.23 -31.64
C SER A 212 -61.85 66.51 -30.29
N HIS A 213 -61.79 67.31 -29.24
CA HIS A 213 -61.72 66.84 -27.86
C HIS A 213 -63.10 66.54 -27.31
N THR A 214 -63.17 66.13 -26.04
CA THR A 214 -64.44 65.77 -25.42
C THR A 214 -64.98 66.94 -24.63
N VAL A 215 -66.25 67.24 -24.86
CA VAL A 215 -66.97 68.26 -24.11
C VAL A 215 -67.67 67.59 -22.95
N VAL A 216 -67.46 68.14 -21.75
CA VAL A 216 -68.03 67.59 -20.53
C VAL A 216 -68.93 68.57 -19.81
N LEU A 217 -70.10 68.11 -19.43
CA LEU A 217 -71.07 68.94 -18.73
C LEU A 217 -71.59 68.21 -17.53
N ARG A 218 -71.71 68.90 -16.41
CA ARG A 218 -72.30 68.28 -15.25
C ARG A 218 -73.34 69.16 -14.59
N ASP A 219 -74.59 68.72 -14.65
CA ASP A 219 -75.71 69.42 -14.06
C ASP A 219 -75.77 70.88 -14.49
N THR A 220 -75.53 71.11 -15.77
CA THR A 220 -75.47 72.46 -16.32
C THR A 220 -76.84 72.96 -16.69
N PHE A 221 -77.13 74.21 -16.31
CA PHE A 221 -78.42 74.78 -16.62
C PHE A 221 -78.44 75.32 -18.04
N VAL A 222 -79.48 74.98 -18.77
CA VAL A 222 -79.66 75.49 -20.11
C VAL A 222 -81.06 76.03 -20.18
N PRO A 223 -81.20 77.33 -20.56
CA PRO A 223 -82.56 77.81 -20.60
C PRO A 223 -83.36 77.31 -21.79
N GLU A 224 -84.66 77.41 -21.66
CA GLU A 224 -85.65 76.93 -22.61
C GLU A 224 -85.46 77.46 -24.03
N HIS A 225 -85.12 78.74 -24.18
CA HIS A 225 -84.98 79.32 -25.52
C HIS A 225 -83.76 78.80 -26.27
N ARG A 226 -82.85 78.13 -25.58
CA ARG A 226 -81.67 77.55 -26.20
C ARG A 226 -81.78 76.02 -26.31
N VAL A 227 -83.00 75.51 -26.38
CA VAL A 227 -83.25 74.07 -26.46
C VAL A 227 -84.36 73.87 -27.48
N ILE A 228 -84.15 72.97 -28.43
CA ILE A 228 -85.22 72.59 -29.37
C ILE A 228 -85.30 71.10 -29.40
N SER A 229 -86.39 70.58 -29.96
CA SER A 229 -86.51 69.13 -30.09
C SER A 229 -85.52 68.67 -31.13
N GLY A 230 -85.13 67.43 -31.00
CA GLY A 230 -84.28 66.78 -31.98
C GLY A 230 -84.98 66.79 -33.32
N GLU A 231 -86.30 66.63 -33.30
CA GLU A 231 -87.09 66.67 -34.53
C GLU A 231 -86.97 68.01 -35.25
N LEU A 232 -86.99 69.10 -34.50
CA LEU A 232 -86.87 70.41 -35.09
C LEU A 232 -85.47 70.69 -35.61
N GLN A 233 -84.46 70.17 -34.93
CA GLN A 233 -83.08 70.34 -35.35
C GLN A 233 -82.79 69.69 -36.70
N ARG A 234 -83.42 68.55 -36.99
CA ARG A 234 -83.20 67.85 -38.24
C ARG A 234 -84.22 68.22 -39.29
N SER A 235 -85.11 69.15 -38.98
CA SER A 235 -86.25 69.47 -39.86
C SER A 235 -85.82 70.10 -41.18
N ARG A 236 -86.59 69.83 -42.23
CA ARG A 236 -86.38 70.46 -43.52
C ARG A 236 -87.64 71.21 -43.94
N GLU A 237 -88.48 71.59 -42.97
CA GLU A 237 -89.69 72.38 -43.28
C GLU A 237 -89.40 73.77 -43.82
N SER A 238 -88.22 74.31 -43.53
CA SER A 238 -87.88 75.65 -44.01
C SER A 238 -87.52 75.66 -45.50
N ALA A 239 -87.51 74.49 -46.13
CA ALA A 239 -87.18 74.40 -47.55
C ALA A 239 -88.09 75.22 -48.44
N THR A 240 -89.36 75.32 -48.08
CA THR A 240 -90.32 76.08 -48.86
C THR A 240 -90.70 77.46 -48.33
N ASP A 241 -90.04 77.93 -47.28
CA ASP A 241 -90.39 79.18 -46.63
C ASP A 241 -89.80 80.39 -47.38
N LEU A 242 -90.65 81.09 -48.11
CA LEU A 242 -90.22 82.27 -48.90
C LEU A 242 -89.77 83.46 -48.03
N GLY A 243 -90.21 83.48 -46.76
CA GLY A 243 -89.78 84.48 -45.79
C GLY A 243 -88.31 84.43 -45.43
N LEU A 244 -87.74 83.23 -45.46
CA LEU A 244 -86.32 83.03 -45.14
C LEU A 244 -85.41 83.31 -46.32
N PRO A 245 -84.16 83.77 -46.06
CA PRO A 245 -83.24 83.84 -47.21
C PRO A 245 -82.91 82.46 -47.74
N PRO A 246 -82.42 82.35 -49.00
CA PRO A 246 -82.21 80.97 -49.49
C PRO A 246 -81.30 80.06 -48.71
N LEU A 247 -80.23 80.56 -48.10
CA LEU A 247 -79.34 79.70 -47.32
C LEU A 247 -80.04 78.96 -46.20
N PHE A 248 -81.01 79.61 -45.57
CA PHE A 248 -81.71 78.98 -44.46
C PHE A 248 -82.82 78.05 -44.91
N ARG A 249 -83.02 77.93 -46.22
CA ARG A 249 -83.93 76.96 -46.78
C ARG A 249 -83.21 75.64 -47.10
N THR A 250 -81.88 75.67 -47.13
CA THR A 250 -81.03 74.56 -47.53
C THR A 250 -81.19 73.39 -46.59
N ALA A 251 -81.09 72.18 -47.13
CA ALA A 251 -81.06 70.99 -46.31
C ALA A 251 -79.72 70.92 -45.56
N ALA A 252 -79.74 71.27 -44.29
CA ALA A 252 -78.51 71.64 -43.58
C ALA A 252 -77.54 70.49 -43.34
N ILE A 253 -78.07 69.35 -42.94
CA ILE A 253 -77.26 68.20 -42.64
C ILE A 253 -76.58 67.66 -43.88
N ALA A 254 -77.31 67.64 -44.99
CA ALA A 254 -76.75 67.25 -46.26
C ALA A 254 -75.69 68.24 -46.70
N ALA A 255 -75.94 69.52 -46.48
CA ALA A 255 -74.98 70.55 -46.88
C ALA A 255 -73.69 70.41 -46.13
N MET A 256 -73.79 70.07 -44.86
CA MET A 256 -72.63 69.91 -44.00
C MET A 256 -71.77 68.72 -44.48
N ALA A 257 -72.44 67.64 -44.85
CA ALA A 257 -71.77 66.48 -45.37
C ALA A 257 -71.05 66.78 -46.68
N VAL A 258 -71.66 67.58 -47.55
CA VAL A 258 -71.03 67.96 -48.81
C VAL A 258 -69.74 68.76 -48.57
N VAL A 259 -69.75 69.67 -47.62
CA VAL A 259 -68.52 70.46 -47.35
C VAL A 259 -67.46 69.64 -46.60
N CYS A 260 -67.85 68.68 -45.80
CA CYS A 260 -66.87 67.77 -45.16
C CYS A 260 -66.15 66.98 -46.25
N ALA A 261 -66.92 66.47 -47.22
CA ALA A 261 -66.34 65.81 -48.37
C ALA A 261 -65.40 66.73 -49.13
N SER A 262 -65.76 68.00 -49.26
CA SER A 262 -64.90 68.96 -49.98
C SER A 262 -63.54 69.12 -49.33
N VAL A 263 -63.49 69.06 -47.99
CA VAL A 263 -62.22 69.15 -47.25
C VAL A 263 -61.33 67.99 -47.68
N VAL A 264 -61.89 66.80 -47.66
CA VAL A 264 -61.15 65.60 -48.07
C VAL A 264 -60.69 65.71 -49.55
N LEU A 265 -61.64 66.08 -50.40
CA LEU A 265 -61.37 66.23 -51.82
C LEU A 265 -60.20 67.18 -52.08
N GLY A 266 -60.26 68.35 -51.47
CA GLY A 266 -59.19 69.32 -51.63
C GLY A 266 -57.82 68.81 -51.24
N ALA A 267 -57.73 67.99 -50.18
CA ALA A 267 -56.46 67.40 -49.76
C ALA A 267 -55.93 66.47 -50.84
N GLY A 268 -56.86 65.71 -51.43
CA GLY A 268 -56.55 64.83 -52.52
C GLY A 268 -56.02 65.56 -53.75
N GLN A 269 -56.68 66.66 -54.07
CA GLN A 269 -56.25 67.48 -55.18
C GLN A 269 -54.88 68.08 -54.91
N ALA A 270 -54.62 68.49 -53.68
CA ALA A 270 -53.28 69.02 -53.34
C ALA A 270 -52.19 67.95 -53.50
N ALA A 271 -52.53 66.73 -53.08
CA ALA A 271 -51.67 65.57 -53.25
C ALA A 271 -51.36 65.34 -54.73
N ARG A 272 -52.37 65.45 -55.57
CA ARG A 272 -52.17 65.26 -57.01
C ARG A 272 -51.23 66.33 -57.56
N ALA A 273 -51.51 67.58 -57.24
CA ALA A 273 -50.66 68.68 -57.72
C ALA A 273 -49.20 68.48 -57.30
N LEU A 274 -48.98 67.99 -56.07
CA LEU A 274 -47.63 67.76 -55.56
C LEU A 274 -46.87 66.66 -56.32
N VAL A 275 -47.54 65.53 -56.54
CA VAL A 275 -46.97 64.45 -57.35
C VAL A 275 -46.62 64.92 -58.77
N VAL A 276 -47.48 65.73 -59.37
CA VAL A 276 -47.21 66.34 -60.71
C VAL A 276 -46.01 67.28 -60.67
N GLU A 277 -45.93 68.09 -59.62
CA GLU A 277 -44.85 69.03 -59.42
C GLU A 277 -43.49 68.35 -59.31
N LYS A 278 -43.44 67.25 -58.59
CA LYS A 278 -42.18 66.55 -58.33
C LYS A 278 -41.74 65.50 -59.34
N ALA A 279 -42.63 65.07 -60.22
CA ALA A 279 -42.36 63.95 -61.11
C ALA A 279 -41.23 64.18 -62.08
N PRO A 280 -41.05 65.43 -62.60
CA PRO A 280 -39.94 65.57 -63.52
C PRO A 280 -38.56 65.50 -62.89
N THR A 281 -38.44 65.64 -61.57
CA THR A 281 -37.12 65.58 -60.95
C THR A 281 -36.82 64.35 -60.11
N ARG A 282 -37.63 63.31 -60.17
CA ARG A 282 -37.36 62.07 -59.41
C ARG A 282 -37.49 60.93 -60.37
N GLY A 283 -36.98 59.78 -59.96
CA GLY A 283 -37.07 58.56 -60.73
C GLY A 283 -37.93 57.51 -60.03
N ILE A 284 -37.98 56.34 -60.67
CA ILE A 284 -38.71 55.17 -60.18
C ILE A 284 -37.69 54.07 -59.96
N ALA A 285 -37.26 53.94 -58.72
CA ALA A 285 -36.30 52.92 -58.37
C ALA A 285 -36.96 51.57 -58.40
N PRO A 286 -36.18 50.56 -58.83
CA PRO A 286 -34.78 50.58 -59.30
C PRO A 286 -34.75 50.50 -60.81
N SER A 287 -35.71 51.11 -61.47
CA SER A 287 -35.85 50.96 -62.90
C SER A 287 -34.86 51.85 -63.62
N LYS A 288 -34.82 51.68 -64.93
CA LYS A 288 -34.08 52.58 -65.81
C LYS A 288 -34.70 53.98 -65.94
N TYR A 289 -35.94 54.17 -65.48
CA TYR A 289 -36.59 55.47 -65.52
C TYR A 289 -36.04 56.43 -64.45
N THR A 290 -35.06 57.23 -64.82
CA THR A 290 -34.46 58.19 -63.89
C THR A 290 -35.36 59.41 -63.68
N ARG A 291 -36.29 59.64 -64.61
CA ARG A 291 -37.33 60.66 -64.50
C ARG A 291 -38.67 59.98 -64.56
N GLN A 292 -39.57 60.29 -63.62
CA GLN A 292 -40.90 59.63 -63.56
C GLN A 292 -41.71 59.82 -64.84
N THR A 293 -41.56 61.03 -65.41
CA THR A 293 -42.27 61.44 -66.64
C THR A 293 -41.81 60.68 -67.88
N ASP A 294 -40.63 60.06 -67.82
CA ASP A 294 -40.16 59.18 -68.89
C ASP A 294 -40.89 57.87 -68.97
N SER A 295 -41.52 57.46 -67.88
CA SER A 295 -42.25 56.22 -67.85
C SER A 295 -43.69 56.42 -68.26
N ARG A 296 -44.06 55.79 -69.36
CA ARG A 296 -45.41 55.87 -69.85
C ARG A 296 -46.39 55.17 -68.94
N THR A 297 -45.95 54.13 -68.23
CA THR A 297 -46.82 53.47 -67.28
C THR A 297 -47.16 54.45 -66.16
N PHE A 298 -46.18 55.21 -65.73
CA PHE A 298 -46.37 56.22 -64.69
C PHE A 298 -47.32 57.29 -65.18
N VAL A 299 -47.11 57.78 -66.41
CA VAL A 299 -47.89 58.86 -66.93
C VAL A 299 -49.34 58.46 -67.11
N SER A 300 -49.59 57.32 -67.70
CA SER A 300 -50.95 56.86 -67.93
C SER A 300 -51.66 56.50 -66.61
N SER A 301 -50.93 55.99 -65.64
CA SER A 301 -51.51 55.72 -64.34
C SER A 301 -51.96 56.98 -63.67
N LEU A 302 -51.13 58.02 -63.80
CA LEU A 302 -51.43 59.28 -63.19
C LEU A 302 -52.64 59.91 -63.82
N GLY A 303 -52.81 59.71 -65.12
CA GLY A 303 -53.98 60.19 -65.82
C GLY A 303 -55.25 59.54 -65.28
N ARG A 304 -55.17 58.25 -65.02
CA ARG A 304 -56.30 57.54 -64.48
C ARG A 304 -56.64 58.00 -63.06
N THR A 305 -55.63 58.19 -62.24
CA THR A 305 -55.81 58.61 -60.87
C THR A 305 -56.41 60.00 -60.85
N ALA A 306 -55.92 60.84 -61.72
CA ALA A 306 -56.45 62.17 -61.84
C ALA A 306 -57.91 62.15 -62.26
N LEU A 307 -58.29 61.29 -63.21
CA LEU A 307 -59.73 61.19 -63.56
C LEU A 307 -60.60 60.69 -62.42
N SER A 308 -60.13 59.78 -61.57
CA SER A 308 -60.95 59.44 -60.36
C SER A 308 -61.18 60.65 -59.46
N ILE A 309 -60.13 61.41 -59.21
CA ILE A 309 -60.25 62.60 -58.38
C ILE A 309 -61.20 63.61 -59.05
N ASP A 310 -61.09 63.75 -60.38
CA ASP A 310 -62.04 64.59 -61.16
C ASP A 310 -63.49 64.12 -60.97
N ALA A 311 -63.69 62.82 -60.97
CA ALA A 311 -65.02 62.30 -60.71
C ALA A 311 -65.50 62.64 -59.31
N ALA A 312 -64.62 62.54 -58.34
CA ALA A 312 -64.99 62.87 -56.97
C ALA A 312 -65.40 64.33 -56.89
N GLU A 313 -64.68 65.18 -57.59
CA GLU A 313 -64.98 66.60 -57.64
C GLU A 313 -66.37 66.88 -58.23
N MET A 314 -66.71 66.18 -59.29
CA MET A 314 -68.01 66.32 -59.91
C MET A 314 -69.14 65.82 -59.02
N HIS A 315 -68.93 64.73 -58.28
CA HIS A 315 -69.94 64.21 -57.35
C HIS A 315 -70.25 65.26 -56.31
N VAL A 316 -69.21 65.89 -55.79
CA VAL A 316 -69.35 66.91 -54.77
C VAL A 316 -70.06 68.11 -55.34
N ALA A 317 -69.64 68.56 -56.52
CA ALA A 317 -70.25 69.73 -57.14
C ALA A 317 -71.71 69.47 -57.49
N ARG A 318 -72.03 68.29 -58.00
CA ARG A 318 -73.40 67.98 -58.35
C ARG A 318 -74.28 68.08 -57.12
N ALA A 319 -73.84 67.53 -56.01
CA ALA A 319 -74.63 67.55 -54.78
C ALA A 319 -74.80 68.98 -54.26
N ALA A 320 -73.71 69.74 -54.30
CA ALA A 320 -73.80 71.13 -53.90
C ALA A 320 -74.85 71.89 -54.73
N THR A 321 -74.82 71.67 -56.03
CA THR A 321 -75.73 72.32 -56.96
C THR A 321 -77.16 71.91 -56.77
N ALA A 322 -77.39 70.63 -56.51
CA ALA A 322 -78.74 70.19 -56.22
C ALA A 322 -79.28 70.90 -54.97
N LEU A 323 -78.44 71.02 -53.94
CA LEU A 323 -78.85 71.67 -52.70
C LEU A 323 -79.11 73.15 -52.87
N ASP A 324 -78.25 73.84 -53.62
CA ASP A 324 -78.45 75.25 -53.89
C ASP A 324 -79.63 75.54 -54.78
N ASP A 325 -79.84 74.73 -55.82
CA ASP A 325 -80.95 74.97 -56.74
C ASP A 325 -82.25 74.86 -55.99
N ALA A 326 -82.35 73.88 -55.09
CA ALA A 326 -83.57 73.71 -54.32
C ALA A 326 -83.80 74.86 -53.37
N ALA A 327 -82.75 75.34 -52.73
CA ALA A 327 -82.88 76.46 -51.80
C ALA A 327 -83.29 77.74 -52.50
N TYR A 328 -82.70 78.01 -53.66
CA TYR A 328 -83.02 79.18 -54.44
C TYR A 328 -84.45 79.14 -54.97
N ASP A 329 -84.91 77.98 -55.38
CA ASP A 329 -86.26 77.84 -55.90
C ASP A 329 -87.27 77.65 -54.81
N ALA A 330 -86.83 77.55 -53.57
CA ALA A 330 -87.75 77.30 -52.45
C ALA A 330 -88.58 76.01 -52.61
N VAL A 331 -87.98 74.99 -53.20
CA VAL A 331 -88.60 73.66 -53.25
C VAL A 331 -87.90 72.69 -52.27
N ALA A 332 -88.70 71.74 -51.78
CA ALA A 332 -88.21 70.67 -50.94
C ALA A 332 -87.57 69.62 -51.85
N LEU A 333 -86.37 69.19 -51.45
CA LEU A 333 -85.74 68.04 -52.07
C LEU A 333 -86.48 66.80 -51.63
N PRO A 334 -86.88 65.95 -52.60
CA PRO A 334 -87.50 64.69 -52.16
C PRO A 334 -86.43 63.80 -51.53
N ASP A 335 -86.89 62.77 -50.82
CA ASP A 335 -85.98 61.84 -50.15
C ASP A 335 -85.00 61.21 -51.11
N SER A 336 -85.46 60.87 -52.31
CA SER A 336 -84.59 60.22 -53.27
C SER A 336 -83.40 61.08 -53.65
N GLU A 337 -83.60 62.39 -53.73
CA GLU A 337 -82.51 63.28 -54.05
C GLU A 337 -81.50 63.38 -52.89
N LEU A 338 -81.99 63.36 -51.65
CA LEU A 338 -81.11 63.40 -50.48
C LEU A 338 -80.32 62.11 -50.32
N LEU A 339 -80.95 60.99 -50.64
CA LEU A 339 -80.31 59.71 -50.55
C LEU A 339 -79.20 59.62 -51.58
N ARG A 340 -79.43 60.20 -52.74
CA ARG A 340 -78.41 60.29 -53.75
C ARG A 340 -77.23 61.16 -53.31
N ILE A 341 -77.51 62.26 -52.62
CA ILE A 341 -76.46 63.13 -52.13
C ILE A 341 -75.58 62.38 -51.12
N ARG A 342 -76.19 61.57 -50.27
CA ARG A 342 -75.45 60.81 -49.31
C ARG A 342 -74.52 59.82 -50.00
N GLY A 343 -75.00 59.22 -51.07
CA GLY A 343 -74.19 58.35 -51.90
C GLY A 343 -73.06 59.06 -52.61
N ASP A 344 -73.33 60.25 -53.14
CA ASP A 344 -72.29 61.05 -53.81
C ASP A 344 -71.13 61.38 -52.89
N VAL A 345 -71.42 61.78 -51.66
CA VAL A 345 -70.35 62.21 -50.75
C VAL A 345 -69.47 61.07 -50.28
N GLY A 346 -70.06 59.91 -49.98
CA GLY A 346 -69.29 58.76 -49.58
C GLY A 346 -68.46 58.26 -50.73
N GLN A 347 -69.06 58.23 -51.91
CA GLN A 347 -68.38 57.82 -53.09
C GLN A 347 -67.23 58.77 -53.40
N ALA A 348 -67.42 60.08 -53.26
CA ALA A 348 -66.32 61.01 -53.59
C ALA A 348 -65.13 60.79 -52.67
N VAL A 349 -65.38 60.64 -51.36
CA VAL A 349 -64.26 60.48 -50.42
C VAL A 349 -63.58 59.15 -50.57
N SER A 350 -64.36 58.15 -50.93
CA SER A 350 -63.81 56.82 -51.22
C SER A 350 -62.89 56.82 -52.45
N LEU A 351 -63.33 57.53 -53.47
CA LEU A 351 -62.54 57.75 -54.63
C LEU A 351 -61.24 58.49 -54.26
N VAL A 352 -61.32 59.46 -53.36
CA VAL A 352 -60.14 60.21 -52.95
C VAL A 352 -59.14 59.37 -52.17
N THR A 353 -59.61 58.53 -51.26
CA THR A 353 -58.69 57.70 -50.47
C THR A 353 -58.02 56.66 -51.36
N THR A 354 -58.74 56.10 -52.34
CA THR A 354 -58.14 55.15 -53.26
C THR A 354 -57.12 55.87 -54.12
N ALA A 355 -57.44 57.07 -54.56
CA ALA A 355 -56.50 57.83 -55.37
C ALA A 355 -55.24 58.23 -54.60
N LEU A 356 -55.36 58.49 -53.30
CA LEU A 356 -54.20 58.81 -52.49
C LEU A 356 -53.25 57.63 -52.40
N ASP A 357 -53.80 56.44 -52.29
CA ASP A 357 -53.01 55.23 -52.26
C ASP A 357 -52.24 55.12 -53.57
N GLU A 358 -52.91 55.44 -54.66
CA GLU A 358 -52.29 55.47 -55.98
C GLU A 358 -51.21 56.52 -56.09
N LEU A 359 -51.41 57.68 -55.50
CA LEU A 359 -50.40 58.73 -55.55
C LEU A 359 -49.12 58.39 -54.77
N LEU A 360 -49.24 57.64 -53.69
CA LEU A 360 -48.08 57.15 -52.96
C LEU A 360 -47.30 56.14 -53.78
N TRP A 361 -47.99 55.31 -54.54
CA TRP A 361 -47.33 54.38 -55.44
C TRP A 361 -46.58 55.14 -56.51
N ALA A 362 -47.16 56.24 -56.97
CA ALA A 362 -46.51 57.06 -57.96
C ALA A 362 -45.27 57.74 -57.42
N HIS A 363 -45.42 58.34 -56.26
CA HIS A 363 -44.34 59.16 -55.69
C HIS A 363 -43.20 58.33 -55.12
N GLY A 364 -43.50 57.24 -54.43
CA GLY A 364 -42.47 56.38 -53.88
C GLY A 364 -42.35 56.47 -52.37
N ALA A 365 -41.29 55.85 -51.87
CA ALA A 365 -41.02 55.77 -50.44
C ALA A 365 -40.83 57.11 -49.76
N ALA A 366 -40.32 58.08 -50.50
CA ALA A 366 -40.09 59.42 -50.00
C ALA A 366 -41.35 60.09 -49.51
N SER A 367 -42.49 59.61 -49.99
CA SER A 367 -43.73 60.24 -49.61
C SER A 367 -44.04 60.08 -48.12
N PHE A 368 -43.40 59.14 -47.45
CA PHE A 368 -43.68 58.90 -46.03
C PHE A 368 -42.73 59.64 -45.10
N ALA A 369 -41.85 60.48 -45.65
CA ALA A 369 -40.98 61.27 -44.79
C ALA A 369 -41.79 62.35 -44.10
N GLU A 370 -41.44 62.68 -42.87
CA GLU A 370 -42.15 63.74 -42.13
C GLU A 370 -42.04 65.08 -42.84
N SER A 371 -40.95 65.29 -43.56
CA SER A 371 -40.81 66.52 -44.32
C SER A 371 -41.66 66.61 -45.59
N ASN A 372 -42.26 65.52 -46.04
CA ASN A 372 -43.03 65.53 -47.27
C ASN A 372 -44.52 65.81 -47.02
N PRO A 373 -45.08 66.86 -47.64
CA PRO A 373 -46.53 67.13 -47.44
C PRO A 373 -47.48 66.01 -47.94
N LEU A 374 -46.98 65.11 -48.76
CA LEU A 374 -47.81 64.08 -49.30
C LEU A 374 -48.42 63.16 -48.24
N GLN A 375 -47.63 62.76 -47.25
CA GLN A 375 -48.14 61.92 -46.16
C GLN A 375 -49.12 62.68 -45.26
N ARG A 376 -49.00 63.99 -45.17
CA ARG A 376 -49.94 64.80 -44.42
C ARG A 376 -51.29 64.80 -45.05
N TYR A 377 -51.34 64.97 -46.35
CA TYR A 377 -52.62 64.96 -47.05
C TYR A 377 -53.22 63.56 -46.94
N TRP A 378 -52.38 62.56 -47.03
CA TRP A 378 -52.78 61.18 -46.93
C TRP A 378 -53.38 60.85 -45.55
N ARG A 379 -52.72 61.28 -44.48
CA ARG A 379 -53.24 61.00 -43.14
C ARG A 379 -54.48 61.81 -42.82
N ASP A 380 -54.51 63.09 -43.18
CA ASP A 380 -55.68 63.91 -42.90
C ASP A 380 -56.93 63.54 -43.67
N ALA A 381 -56.78 63.29 -44.96
CA ALA A 381 -57.91 62.91 -45.80
C ALA A 381 -58.48 61.55 -45.37
N ASN A 382 -57.60 60.60 -45.06
CA ASN A 382 -58.03 59.29 -44.63
C ASN A 382 -58.77 59.30 -43.30
N THR A 383 -58.30 60.09 -42.33
CA THR A 383 -58.93 60.23 -41.05
C THR A 383 -60.32 60.85 -41.19
N ALA A 384 -60.38 61.97 -41.88
CA ALA A 384 -61.63 62.71 -42.06
C ALA A 384 -62.68 61.99 -42.89
N ALA A 385 -62.23 61.20 -43.85
CA ALA A 385 -63.13 60.45 -44.69
C ALA A 385 -64.02 59.48 -43.96
N ARG A 386 -63.56 58.97 -42.82
CA ARG A 386 -64.33 57.98 -42.03
C ARG A 386 -65.29 58.61 -41.05
N HIS A 387 -65.53 59.90 -41.19
CA HIS A 387 -66.59 60.54 -40.45
C HIS A 387 -67.88 59.86 -40.84
N ALA A 388 -68.77 59.71 -39.89
CA ALA A 388 -70.01 58.99 -40.07
C ALA A 388 -70.92 59.46 -41.20
N MET A 389 -70.97 60.76 -41.44
CA MET A 389 -71.80 61.30 -42.49
C MET A 389 -71.20 61.09 -43.86
N LEU A 390 -69.97 60.59 -43.90
CA LEU A 390 -69.32 60.27 -45.16
C LEU A 390 -69.14 58.77 -45.39
N ASN A 391 -69.79 57.90 -44.61
CA ASN A 391 -69.51 56.46 -44.72
C ASN A 391 -69.92 55.97 -46.09
N VAL A 392 -68.98 55.37 -46.81
CA VAL A 392 -69.21 54.97 -48.19
C VAL A 392 -70.22 53.81 -48.33
N HIS A 393 -70.07 52.81 -47.48
CA HIS A 393 -70.96 51.66 -47.47
C HIS A 393 -72.40 52.04 -47.12
N VAL A 394 -72.57 52.96 -46.17
CA VAL A 394 -73.91 53.44 -45.81
C VAL A 394 -74.49 54.22 -46.99
N GLY A 395 -73.68 55.06 -47.62
CA GLY A 395 -74.13 55.83 -48.77
C GLY A 395 -74.60 54.94 -49.92
N HIS A 396 -73.84 53.89 -50.18
CA HIS A 396 -74.18 52.92 -51.23
C HIS A 396 -75.49 52.27 -50.95
N GLU A 397 -75.73 51.91 -49.70
CA GLU A 397 -76.96 51.27 -49.30
C GLU A 397 -78.12 52.22 -49.37
N LEU A 398 -77.92 53.47 -48.97
CA LEU A 398 -78.98 54.48 -49.04
C LEU A 398 -79.41 54.79 -50.47
N TYR A 399 -78.44 54.96 -51.37
CA TYR A 399 -78.74 55.30 -52.73
C TYR A 399 -79.38 54.13 -53.43
N GLY A 400 -78.88 52.94 -53.17
CA GLY A 400 -79.42 51.73 -53.77
C GLY A 400 -80.85 51.52 -53.34
N GLY A 401 -81.11 51.81 -52.09
CA GLY A 401 -82.41 51.67 -51.50
C GLY A 401 -83.44 52.59 -52.09
N SER A 402 -83.01 53.79 -52.48
CA SER A 402 -83.89 54.78 -53.05
C SER A 402 -84.53 54.33 -54.33
N PHE A 403 -83.84 53.49 -55.08
CA PHE A 403 -84.39 52.95 -56.32
C PHE A 403 -85.64 52.10 -56.12
N PHE A 404 -85.82 51.55 -54.92
CA PHE A 404 -86.95 50.67 -54.57
C PHE A 404 -87.82 51.20 -53.43
N GLY A 405 -87.52 52.41 -52.95
CA GLY A 405 -88.24 52.99 -51.81
C GLY A 405 -88.15 52.23 -50.51
N LEU A 406 -86.99 51.65 -50.21
CA LEU A 406 -86.79 50.93 -48.95
C LEU A 406 -86.68 51.90 -47.80
N ASP A 407 -86.95 51.45 -46.58
CA ASP A 407 -86.80 52.32 -45.41
C ASP A 407 -85.34 52.68 -45.25
N PRO A 408 -85.03 53.99 -45.15
CA PRO A 408 -83.59 54.26 -44.99
C PRO A 408 -82.98 53.71 -43.72
N ILE A 409 -81.69 53.44 -43.79
CA ILE A 409 -80.97 52.84 -42.67
C ILE A 409 -80.37 53.89 -41.75
N VAL A 410 -80.65 55.16 -42.00
CA VAL A 410 -80.23 56.21 -41.10
C VAL A 410 -81.48 56.90 -40.61
N PRO A 411 -81.42 57.49 -39.39
CA PRO A 411 -82.67 58.09 -38.91
C PRO A 411 -83.08 59.41 -39.61
N SER A 412 -82.15 60.24 -40.04
CA SER A 412 -82.54 61.47 -40.69
C SER A 412 -81.73 61.73 -41.96
N LEU A 413 -82.31 62.51 -42.85
CA LEU A 413 -81.67 62.86 -44.10
C LEU A 413 -81.45 64.36 -44.19
N THR B 18 -79.59 85.10 -70.85
CA THR B 18 -79.94 83.64 -70.79
C THR B 18 -81.10 83.35 -71.75
N ASP B 19 -81.39 84.26 -72.67
CA ASP B 19 -82.48 84.07 -73.59
C ASP B 19 -82.15 82.85 -74.50
N ILE B 20 -80.91 82.84 -75.00
CA ILE B 20 -80.44 81.74 -75.87
C ILE B 20 -80.30 80.45 -75.05
N ARG B 21 -79.86 80.59 -73.82
CA ARG B 21 -79.68 79.45 -72.95
C ARG B 21 -81.06 78.78 -72.80
N SER B 22 -82.10 79.59 -72.70
CA SER B 22 -83.43 79.04 -72.55
C SER B 22 -83.89 78.34 -73.81
N GLU B 23 -83.57 78.94 -74.94
CA GLU B 23 -83.94 78.47 -76.26
C GLU B 23 -83.29 77.12 -76.55
N THR B 24 -82.02 77.02 -76.23
CA THR B 24 -81.26 75.82 -76.49
C THR B 24 -81.79 74.68 -75.63
N ALA B 25 -82.15 74.99 -74.39
CA ALA B 25 -82.75 74.01 -73.50
C ALA B 25 -84.12 73.57 -73.98
N GLU B 26 -84.88 74.49 -74.54
CA GLU B 26 -86.21 74.15 -75.05
C GLU B 26 -86.14 73.21 -76.23
N LEU B 27 -85.18 73.42 -77.10
CA LEU B 27 -85.02 72.59 -78.27
C LEU B 27 -84.58 71.20 -77.87
N ARG B 28 -83.67 71.12 -76.91
CA ARG B 28 -83.17 69.84 -76.47
C ARG B 28 -84.30 68.99 -75.91
N ALA B 29 -85.17 69.60 -75.14
CA ALA B 29 -86.30 68.88 -74.57
C ALA B 29 -87.22 68.37 -75.65
N GLU B 30 -87.43 69.20 -76.67
CA GLU B 30 -88.28 68.82 -77.78
C GLU B 30 -87.67 67.63 -78.52
N LEU B 31 -86.35 67.65 -78.72
CA LEU B 31 -85.67 66.57 -79.41
C LEU B 31 -85.67 65.31 -78.61
N VAL B 32 -85.56 65.43 -77.30
CA VAL B 32 -85.62 64.27 -76.44
C VAL B 32 -87.01 63.68 -76.54
N GLU B 33 -88.04 64.52 -76.59
CA GLU B 33 -89.39 64.01 -76.71
C GLU B 33 -89.59 63.34 -78.07
N ARG B 34 -88.93 63.83 -79.11
CA ARG B 34 -89.02 63.12 -80.39
C ARG B 34 -88.45 61.72 -80.36
N VAL B 35 -87.33 61.56 -79.66
CA VAL B 35 -86.75 60.24 -79.45
C VAL B 35 -87.77 59.31 -78.80
N HIS B 36 -88.49 59.80 -77.79
CA HIS B 36 -89.49 58.96 -77.14
C HIS B 36 -90.64 58.61 -78.05
N LYS B 37 -91.01 59.55 -78.90
CA LYS B 37 -92.08 59.34 -79.85
C LYS B 37 -91.72 58.29 -80.91
N PHE B 38 -90.53 58.40 -81.46
CA PHE B 38 -90.09 57.48 -82.51
C PHE B 38 -89.40 56.25 -81.96
N GLY B 39 -89.16 56.22 -80.66
CA GLY B 39 -88.46 55.12 -80.05
C GLY B 39 -89.09 53.75 -80.24
N PRO B 40 -90.42 53.64 -80.10
CA PRO B 40 -91.06 52.33 -80.34
C PRO B 40 -90.82 51.74 -81.75
N VAL B 41 -90.60 52.59 -82.77
CA VAL B 41 -90.28 52.11 -84.13
C VAL B 41 -88.87 51.51 -84.13
N PHE B 42 -87.92 52.23 -83.57
CA PHE B 42 -86.56 51.74 -83.49
C PHE B 42 -86.48 50.44 -82.70
N ALA B 43 -87.20 50.38 -81.59
CA ALA B 43 -87.20 49.19 -80.76
C ALA B 43 -87.79 48.00 -81.52
N ASP B 44 -88.82 48.25 -82.30
CA ASP B 44 -89.48 47.25 -83.08
C ASP B 44 -88.62 46.59 -84.11
N GLY B 45 -87.66 47.31 -84.63
CA GLY B 45 -86.77 46.78 -85.62
C GLY B 45 -85.48 46.20 -85.09
N VAL B 46 -85.35 46.00 -83.79
CA VAL B 46 -84.11 45.48 -83.21
C VAL B 46 -83.86 44.06 -83.69
N ALA B 47 -84.88 43.22 -83.70
CA ALA B 47 -84.69 41.84 -84.11
C ALA B 47 -84.26 41.69 -85.57
N GLU B 48 -84.87 42.46 -86.45
CA GLU B 48 -84.50 42.42 -87.84
C GLU B 48 -83.10 42.96 -88.04
N GLY B 49 -82.76 44.02 -87.33
CA GLY B 49 -81.45 44.62 -87.46
C GLY B 49 -80.33 43.71 -87.03
N GLU B 50 -80.58 42.95 -85.98
CA GLU B 50 -79.64 42.00 -85.44
C GLU B 50 -79.39 40.86 -86.41
N ARG B 51 -80.46 40.41 -87.02
CA ARG B 51 -80.50 39.35 -88.01
C ARG B 51 -79.84 39.74 -89.34
N GLU B 52 -80.10 40.95 -89.82
CA GLU B 52 -79.62 41.40 -91.13
C GLU B 52 -78.35 42.26 -91.13
N ARG B 53 -77.94 42.73 -89.96
CA ARG B 53 -76.76 43.58 -89.84
C ARG B 53 -76.87 44.92 -90.58
N ARG B 54 -78.07 45.47 -90.60
CA ARG B 54 -78.35 46.78 -91.20
C ARG B 54 -79.60 47.28 -90.53
N LEU B 55 -79.87 48.57 -90.59
CA LEU B 55 -81.07 49.12 -89.97
C LEU B 55 -82.27 48.81 -90.85
N PRO B 56 -83.39 48.42 -90.26
CA PRO B 56 -84.59 48.22 -91.09
C PRO B 56 -85.07 49.47 -91.79
N ASP B 57 -85.85 49.31 -92.85
CA ASP B 57 -86.38 50.46 -93.57
C ASP B 57 -87.23 51.38 -92.70
N ALA B 58 -88.03 50.83 -91.79
CA ALA B 58 -88.86 51.64 -90.93
C ALA B 58 -88.00 52.56 -90.05
N THR B 59 -86.87 52.04 -89.55
CA THR B 59 -85.97 52.79 -88.71
C THR B 59 -85.34 53.95 -89.48
N VAL B 60 -84.94 53.68 -90.71
CA VAL B 60 -84.35 54.72 -91.53
C VAL B 60 -85.39 55.80 -91.80
N ARG B 61 -86.63 55.38 -92.04
CA ARG B 61 -87.72 56.33 -92.28
C ARG B 61 -87.90 57.20 -91.06
N ALA B 62 -87.91 56.60 -89.88
CA ALA B 62 -88.11 57.31 -88.64
C ALA B 62 -86.96 58.30 -88.38
N ILE B 63 -85.73 57.92 -88.74
CA ILE B 63 -84.62 58.81 -88.58
C ILE B 63 -84.81 60.03 -89.47
N ASP B 64 -85.29 59.84 -90.69
CA ASP B 64 -85.49 60.97 -91.61
C ASP B 64 -86.66 61.89 -91.18
N GLN B 65 -87.76 61.28 -90.74
CA GLN B 65 -88.90 62.06 -90.27
C GLN B 65 -88.63 62.81 -88.99
N SER B 66 -87.93 62.20 -88.03
CA SER B 66 -87.61 62.83 -86.73
C SER B 66 -86.62 63.98 -86.82
N GLN B 67 -85.88 64.02 -87.92
CA GLN B 67 -84.82 64.97 -88.17
C GLN B 67 -83.61 64.78 -87.24
N LEU B 68 -83.48 63.62 -86.61
CA LEU B 68 -82.39 63.34 -85.67
C LEU B 68 -81.00 63.20 -86.31
N ALA B 69 -80.98 63.02 -87.61
CA ALA B 69 -79.74 63.12 -88.38
C ALA B 69 -79.32 64.56 -88.71
N MET B 70 -80.16 65.52 -88.33
CA MET B 70 -79.98 66.91 -88.76
C MET B 70 -79.50 67.88 -87.64
N LEU B 71 -79.21 67.33 -86.47
CA LEU B 71 -78.78 68.15 -85.35
C LEU B 71 -77.51 68.93 -85.63
N TRP B 72 -76.59 68.37 -86.38
CA TRP B 72 -75.35 69.08 -86.68
C TRP B 72 -75.26 69.56 -88.14
N THR B 73 -76.43 69.75 -88.75
CA THR B 73 -76.54 70.30 -90.08
C THR B 73 -76.89 71.77 -89.90
N ALA B 74 -76.32 72.62 -90.76
CA ALA B 74 -76.53 74.06 -90.66
C ALA B 74 -77.96 74.52 -90.92
N LYS B 75 -78.36 75.57 -90.22
CA LYS B 75 -79.66 76.20 -90.36
C LYS B 75 -79.88 76.77 -91.74
N SER B 76 -78.80 77.25 -92.34
CA SER B 76 -78.87 77.81 -93.67
C SER B 76 -79.34 76.76 -94.69
N TYR B 77 -79.09 75.48 -94.43
CA TYR B 77 -79.60 74.40 -95.28
C TYR B 77 -80.87 73.70 -94.77
N GLY B 78 -81.53 74.28 -93.77
CA GLY B 78 -82.70 73.66 -93.13
C GLY B 78 -82.42 72.68 -92.00
N GLY B 79 -81.17 72.64 -91.53
CA GLY B 79 -80.78 71.82 -90.38
C GLY B 79 -81.13 72.45 -89.03
N LEU B 80 -81.05 71.65 -87.97
CA LEU B 80 -81.43 72.11 -86.64
C LEU B 80 -80.30 72.86 -85.93
N GLU B 81 -79.07 72.64 -86.37
CA GLU B 81 -77.86 73.34 -85.87
C GLU B 81 -77.82 73.51 -84.33
N THR B 82 -77.72 72.40 -83.61
CA THR B 82 -77.71 72.42 -82.12
C THR B 82 -76.26 72.50 -81.60
N ASP B 83 -76.02 71.96 -80.43
CA ASP B 83 -74.70 71.98 -79.84
C ASP B 83 -74.32 70.57 -79.39
N VAL B 84 -73.16 70.42 -78.81
CA VAL B 84 -72.69 69.10 -78.42
C VAL B 84 -73.55 68.47 -77.33
N ARG B 85 -73.92 69.28 -76.36
CA ARG B 85 -74.69 68.78 -75.26
C ARG B 85 -76.03 68.24 -75.69
N THR B 86 -76.67 68.89 -76.64
CA THR B 86 -77.97 68.41 -77.11
C THR B 86 -77.84 67.08 -77.83
N MET B 87 -76.80 66.96 -78.65
CA MET B 87 -76.58 65.76 -79.42
C MET B 87 -76.29 64.61 -78.47
N SER B 88 -75.53 64.89 -77.43
CA SER B 88 -75.19 63.93 -76.42
C SER B 88 -76.41 63.43 -75.67
N GLU B 89 -77.28 64.33 -75.24
CA GLU B 89 -78.47 63.92 -74.52
C GLU B 89 -79.41 63.13 -75.42
N VAL B 90 -79.47 63.48 -76.70
CA VAL B 90 -80.27 62.70 -77.66
C VAL B 90 -79.74 61.27 -77.84
N ALA B 91 -78.43 61.16 -78.01
CA ALA B 91 -77.76 59.87 -78.18
C ALA B 91 -77.98 58.93 -77.00
N LYS B 92 -77.93 59.49 -75.79
CA LYS B 92 -78.16 58.69 -74.58
C LYS B 92 -79.54 58.08 -74.55
N VAL B 93 -80.54 58.87 -74.92
CA VAL B 93 -81.92 58.40 -74.86
C VAL B 93 -82.19 57.43 -76.00
N LEU B 94 -81.65 57.71 -77.17
CA LEU B 94 -81.76 56.80 -78.32
C LEU B 94 -81.30 55.38 -78.00
N SER B 95 -80.17 55.26 -77.33
CA SER B 95 -79.62 53.96 -76.93
C SER B 95 -80.57 53.06 -76.14
N HIS B 96 -81.51 53.63 -75.41
CA HIS B 96 -82.48 52.83 -74.69
C HIS B 96 -83.32 51.99 -75.65
N TYR B 97 -83.58 52.54 -76.83
CA TYR B 97 -84.46 51.88 -77.77
C TYR B 97 -83.65 51.01 -78.70
N CYS B 98 -82.59 51.55 -79.25
CA CYS B 98 -81.71 50.75 -80.13
C CYS B 98 -80.31 51.34 -80.13
N PRO B 99 -79.35 50.66 -79.47
CA PRO B 99 -77.99 51.20 -79.45
C PRO B 99 -77.35 51.36 -80.86
N SER B 100 -77.70 50.47 -81.78
CA SER B 100 -77.21 50.59 -83.16
C SER B 100 -77.71 51.84 -83.91
N THR B 101 -79.00 52.14 -83.75
CA THR B 101 -79.62 53.33 -84.31
C THR B 101 -78.95 54.55 -83.70
N SER B 102 -78.79 54.54 -82.37
CA SER B 102 -78.09 55.64 -81.69
C SER B 102 -76.70 55.81 -82.26
N TRP B 103 -75.99 54.72 -82.44
CA TRP B 103 -74.64 54.80 -82.98
C TRP B 103 -74.61 55.38 -84.40
N VAL B 104 -75.56 54.97 -85.22
CA VAL B 104 -75.60 55.45 -86.60
C VAL B 104 -75.94 56.93 -86.61
N VAL B 105 -76.96 57.32 -85.86
CA VAL B 105 -77.39 58.70 -85.79
C VAL B 105 -76.22 59.58 -85.34
N ASN B 106 -75.47 59.13 -84.35
CA ASN B 106 -74.30 59.85 -83.85
C ASN B 106 -73.25 59.99 -84.95
N ASN B 107 -73.01 58.92 -85.69
CA ASN B 107 -72.03 58.95 -86.75
C ASN B 107 -72.46 59.91 -87.85
N VAL B 108 -73.74 59.92 -88.20
CA VAL B 108 -74.20 60.79 -89.27
C VAL B 108 -74.02 62.28 -88.93
N ASN B 109 -74.49 62.66 -87.75
CA ASN B 109 -74.31 64.05 -87.28
C ASN B 109 -72.84 64.41 -87.23
N GLY B 110 -72.02 63.54 -86.69
CA GLY B 110 -70.61 63.83 -86.65
C GLY B 110 -69.99 63.96 -88.03
N SER B 111 -70.41 63.13 -88.97
CA SER B 111 -69.87 63.20 -90.31
C SER B 111 -70.31 64.48 -90.98
N ASN B 112 -71.57 64.87 -90.75
CA ASN B 112 -72.09 66.10 -91.29
C ASN B 112 -71.31 67.29 -90.74
N LEU B 113 -70.94 67.24 -89.47
CA LEU B 113 -70.16 68.32 -88.90
C LEU B 113 -68.79 68.38 -89.53
N LEU B 114 -68.20 67.21 -89.80
CA LEU B 114 -66.88 67.14 -90.43
C LEU B 114 -66.91 67.71 -91.83
N ALA B 115 -68.04 67.59 -92.50
CA ALA B 115 -68.21 68.09 -93.85
C ALA B 115 -68.02 69.60 -93.94
N SER B 116 -68.30 70.30 -92.85
CA SER B 116 -68.16 71.73 -92.84
C SER B 116 -66.74 72.26 -93.06
N LYS B 117 -65.73 71.41 -92.97
CA LYS B 117 -64.39 71.85 -93.34
C LYS B 117 -64.18 71.96 -94.83
N PHE B 118 -65.06 71.36 -95.61
CA PHE B 118 -64.98 71.41 -97.07
C PHE B 118 -65.45 72.77 -97.61
N PRO B 119 -65.11 73.09 -98.89
CA PRO B 119 -65.58 74.36 -99.40
C PRO B 119 -67.07 74.47 -99.57
N ARG B 120 -67.54 75.69 -99.71
CA ARG B 120 -68.96 75.96 -99.85
C ARG B 120 -69.55 75.23 -101.04
N ALA B 121 -68.77 75.11 -102.10
CA ALA B 121 -69.19 74.40 -103.30
C ALA B 121 -69.59 72.95 -102.99
N ALA B 122 -68.80 72.28 -102.19
CA ALA B 122 -69.09 70.91 -101.76
C ALA B 122 -70.30 70.87 -100.84
N LEU B 123 -70.34 71.76 -99.87
CA LEU B 123 -71.47 71.83 -98.94
C LEU B 123 -72.81 72.09 -99.63
N ASP B 124 -72.81 72.98 -100.61
CA ASP B 124 -73.99 73.24 -101.43
C ASP B 124 -74.39 71.98 -102.20
N GLU B 125 -73.41 71.32 -102.80
CA GLU B 125 -73.68 70.09 -103.55
C GLU B 125 -74.28 68.99 -102.67
N VAL B 126 -73.86 68.92 -101.41
CA VAL B 126 -74.34 67.91 -100.45
C VAL B 126 -75.71 68.28 -99.84
N PHE B 127 -75.80 69.49 -99.30
CA PHE B 127 -76.95 69.93 -98.47
C PHE B 127 -77.95 70.87 -99.15
N GLY B 128 -77.57 71.43 -100.30
CA GLY B 128 -78.36 72.40 -101.04
C GLY B 128 -79.81 72.07 -101.29
N ASP B 129 -80.09 70.84 -101.76
CA ASP B 129 -81.46 70.37 -102.01
C ASP B 129 -81.80 69.19 -101.11
N ALA B 130 -81.04 69.00 -100.02
CA ALA B 130 -81.17 67.82 -99.16
C ALA B 130 -80.87 68.25 -97.71
N PRO B 131 -81.83 68.90 -97.04
CA PRO B 131 -81.64 69.26 -95.61
C PRO B 131 -81.34 68.02 -94.71
N GLY B 132 -81.92 66.87 -95.07
CA GLY B 132 -81.69 65.60 -94.38
C GLY B 132 -80.58 64.72 -94.95
N ALA B 133 -79.60 65.33 -95.62
CA ALA B 133 -78.48 64.54 -96.13
C ALA B 133 -77.74 63.84 -95.00
N LYS B 134 -77.28 62.62 -95.29
CA LYS B 134 -76.61 61.77 -94.31
C LYS B 134 -75.26 61.30 -94.80
N LEU B 135 -74.21 61.70 -94.09
CA LEU B 135 -72.82 61.30 -94.42
C LEU B 135 -72.27 60.17 -93.55
N ALA B 136 -71.45 59.34 -94.17
CA ALA B 136 -70.50 58.46 -93.50
C ALA B 136 -69.16 59.14 -93.43
N SER B 137 -68.28 58.59 -92.62
CA SER B 137 -66.91 59.06 -92.61
C SER B 137 -66.05 57.98 -92.03
N VAL B 138 -64.99 57.63 -92.74
CA VAL B 138 -64.05 56.62 -92.26
C VAL B 138 -62.63 57.13 -92.37
N PHE B 139 -61.96 57.11 -91.24
CA PHE B 139 -60.57 57.55 -91.08
C PHE B 139 -59.71 56.30 -90.82
N ALA B 140 -60.38 55.14 -90.81
CA ALA B 140 -59.80 53.82 -90.54
C ALA B 140 -58.94 53.20 -91.63
N ALA B 141 -58.84 53.86 -92.78
CA ALA B 141 -57.97 53.39 -93.84
C ALA B 141 -57.57 54.60 -94.60
N ALA B 142 -56.56 54.38 -95.39
CA ALA B 142 -56.19 55.30 -96.38
C ALA B 142 -56.30 54.53 -97.70
N GLY B 143 -56.64 55.29 -98.71
CA GLY B 143 -56.76 54.83 -100.05
C GLY B 143 -55.66 55.66 -100.64
N THR B 144 -55.52 55.54 -101.92
CA THR B 144 -54.44 56.20 -102.54
C THR B 144 -55.06 57.05 -103.65
N ALA B 145 -54.62 58.29 -103.71
CA ALA B 145 -55.18 59.25 -104.65
C ALA B 145 -54.08 59.89 -105.45
N VAL B 146 -54.35 60.10 -106.72
CA VAL B 146 -53.36 60.72 -107.59
C VAL B 146 -54.02 61.84 -108.38
N ARG B 147 -53.26 62.91 -108.62
CA ARG B 147 -53.76 64.05 -109.36
C ARG B 147 -54.09 63.74 -110.81
N THR B 148 -55.21 64.27 -111.24
CA THR B 148 -55.70 64.12 -112.61
C THR B 148 -56.26 65.49 -112.96
N PRO B 149 -56.46 65.80 -114.27
CA PRO B 149 -56.99 67.14 -114.51
C PRO B 149 -58.38 67.34 -113.95
N GLY B 150 -58.54 68.43 -113.22
CA GLY B 150 -59.80 68.80 -112.58
C GLY B 150 -60.03 68.16 -111.23
N GLY B 151 -59.09 67.33 -110.75
CA GLY B 151 -59.27 66.66 -109.49
C GLY B 151 -58.28 65.56 -109.16
N TYR B 152 -58.84 64.42 -108.75
CA TYR B 152 -58.06 63.27 -108.34
C TYR B 152 -58.72 61.97 -108.83
N ARG B 153 -57.89 60.92 -108.89
CA ARG B 153 -58.35 59.55 -109.13
C ARG B 153 -58.05 58.79 -107.85
N LEU B 154 -59.07 58.17 -107.27
CA LEU B 154 -58.99 57.58 -105.92
C LEU B 154 -59.27 56.08 -105.92
N THR B 155 -58.39 55.34 -105.28
CA THR B 155 -58.55 53.90 -105.13
C THR B 155 -58.30 53.55 -103.65
N GLY B 156 -59.14 52.66 -103.12
CA GLY B 156 -58.94 52.19 -101.75
C GLY B 156 -60.02 51.26 -101.25
N SER B 157 -59.80 50.80 -100.02
CA SER B 157 -60.75 49.93 -99.35
C SER B 157 -60.83 50.36 -97.87
N TRP B 158 -62.00 50.85 -97.47
CA TRP B 158 -62.19 51.47 -96.15
C TRP B 158 -63.15 50.64 -95.30
N PRO B 159 -62.64 49.89 -94.30
CA PRO B 159 -63.54 49.16 -93.37
C PRO B 159 -64.18 50.05 -92.33
N TYR B 160 -65.10 49.50 -91.55
CA TYR B 160 -65.81 50.23 -90.50
C TYR B 160 -66.63 51.45 -90.97
N GLY B 161 -67.38 51.27 -92.06
CA GLY B 161 -68.15 52.36 -92.61
C GLY B 161 -69.52 52.39 -92.00
N THR B 162 -69.63 52.91 -90.79
CA THR B 162 -70.92 52.97 -90.11
C THR B 162 -72.01 53.64 -90.93
N GLY B 163 -73.12 52.94 -91.02
CA GLY B 163 -74.32 53.41 -91.71
C GLY B 163 -74.20 53.67 -93.21
N ILE B 164 -73.18 53.14 -93.87
CA ILE B 164 -72.87 53.43 -95.27
C ILE B 164 -73.98 52.99 -96.21
N LEU B 165 -74.66 51.90 -95.87
CA LEU B 165 -75.80 51.45 -96.66
C LEU B 165 -76.92 52.46 -96.81
N HIS B 166 -77.11 53.36 -95.84
CA HIS B 166 -78.19 54.38 -95.89
C HIS B 166 -77.68 55.77 -96.20
N ASP B 167 -76.39 55.91 -96.47
CA ASP B 167 -75.78 57.25 -96.53
C ASP B 167 -75.75 57.77 -97.96
N ASP B 168 -75.79 59.08 -98.08
CA ASP B 168 -75.83 59.76 -99.37
C ASP B 168 -74.43 60.07 -99.84
N TRP B 169 -73.54 60.34 -98.91
CA TRP B 169 -72.13 60.65 -99.20
C TRP B 169 -71.22 60.02 -98.14
N ALA B 170 -69.92 59.99 -98.42
CA ALA B 170 -68.93 59.44 -97.50
C ALA B 170 -67.70 60.33 -97.53
N ILE B 171 -67.16 60.62 -96.34
CA ILE B 171 -65.87 61.29 -96.23
C ILE B 171 -64.84 60.22 -95.98
N LEU B 172 -63.89 60.11 -96.90
CA LEU B 172 -62.86 59.08 -96.82
C LEU B 172 -61.47 59.68 -96.80
N VAL B 173 -60.60 59.12 -95.98
CA VAL B 173 -59.22 59.58 -95.86
C VAL B 173 -58.34 58.87 -96.89
N ALA B 174 -57.40 59.59 -97.45
CA ALA B 174 -56.50 59.02 -98.42
C ALA B 174 -55.15 59.64 -98.41
N ARG B 175 -54.20 58.97 -99.05
CA ARG B 175 -52.87 59.50 -99.17
C ARG B 175 -52.69 59.87 -100.61
N GLU B 176 -52.27 61.10 -100.85
CA GLU B 176 -51.94 61.53 -102.19
C GLU B 176 -50.56 60.97 -102.57
N VAL B 177 -50.44 60.56 -103.82
CA VAL B 177 -49.17 60.04 -104.33
C VAL B 177 -48.93 60.62 -105.70
N ASP B 178 -47.69 60.62 -106.13
CA ASP B 178 -47.35 61.14 -107.45
C ASP B 178 -47.35 60.01 -108.50
N ALA B 179 -46.92 60.34 -109.70
CA ALA B 179 -46.84 59.40 -110.80
C ALA B 179 -45.91 58.27 -110.45
N ASP B 180 -44.82 58.61 -109.77
CA ASP B 180 -43.89 57.61 -109.31
C ASP B 180 -44.52 56.71 -108.25
N GLY B 181 -45.47 57.25 -107.51
CA GLY B 181 -46.14 56.48 -106.47
C GLY B 181 -45.57 56.80 -105.10
N GLU B 182 -44.79 57.87 -105.03
CA GLU B 182 -44.24 58.35 -103.79
C GLU B 182 -45.27 59.17 -103.02
N PRO B 183 -45.26 59.11 -101.68
CA PRO B 183 -46.25 59.88 -100.92
C PRO B 183 -46.09 61.40 -101.01
N VAL B 184 -47.19 62.10 -101.19
CA VAL B 184 -47.16 63.56 -101.27
C VAL B 184 -47.77 64.21 -100.05
N GLY B 185 -48.92 63.73 -99.63
CA GLY B 185 -49.58 64.31 -98.47
C GLY B 185 -50.86 63.58 -98.15
N GLY B 186 -51.55 64.04 -97.12
CA GLY B 186 -52.81 63.42 -96.70
C GLY B 186 -54.00 64.17 -97.26
N LEU B 187 -55.07 63.46 -97.57
CA LEU B 187 -56.28 64.10 -98.08
C LEU B 187 -57.57 63.63 -97.42
N SER B 188 -58.58 64.47 -97.46
CA SER B 188 -59.91 64.08 -97.09
C SER B 188 -60.81 64.28 -98.28
N MET B 189 -61.58 63.27 -98.63
CA MET B 189 -62.35 63.30 -99.86
C MET B 189 -63.80 62.99 -99.70
N LEU B 190 -64.62 63.79 -100.35
CA LEU B 190 -66.06 63.64 -100.23
C LEU B 190 -66.59 62.99 -101.49
N VAL B 191 -67.17 61.80 -101.36
CA VAL B 191 -67.61 61.07 -102.52
C VAL B 191 -69.01 60.53 -102.33
N PRO B 192 -69.83 60.61 -103.38
CA PRO B 192 -71.24 60.26 -103.32
C PRO B 192 -71.51 58.78 -103.41
N ALA B 193 -72.72 58.41 -103.00
CA ALA B 193 -73.16 57.03 -102.97
C ALA B 193 -73.10 56.38 -104.35
N ARG B 194 -73.43 57.15 -105.37
CA ARG B 194 -73.43 56.66 -106.75
C ARG B 194 -72.05 56.17 -107.18
N ASP B 195 -71.01 56.80 -106.66
CA ASP B 195 -69.65 56.40 -106.96
C ASP B 195 -69.10 55.30 -106.08
N LEU B 196 -69.80 54.92 -105.03
CA LEU B 196 -69.27 53.92 -104.08
C LEU B 196 -69.79 52.53 -104.35
N THR B 197 -69.04 51.57 -103.83
CA THR B 197 -69.44 50.19 -103.78
C THR B 197 -69.30 49.76 -102.34
N VAL B 198 -70.24 48.95 -101.85
CA VAL B 198 -70.16 48.47 -100.50
C VAL B 198 -69.98 46.98 -100.48
N GLU B 199 -69.03 46.54 -99.70
CA GLU B 199 -68.68 45.16 -99.60
C GLU B 199 -69.14 44.66 -98.23
N ASP B 200 -69.72 43.48 -98.18
CA ASP B 200 -70.27 42.97 -96.93
C ASP B 200 -69.18 42.35 -96.06
N THR B 201 -68.72 43.12 -95.10
CA THR B 201 -67.68 42.65 -94.22
C THR B 201 -67.97 42.77 -92.75
N TRP B 202 -69.13 43.29 -92.36
CA TRP B 202 -69.42 43.55 -90.97
C TRP B 202 -70.09 42.33 -90.33
N HIS B 203 -69.28 41.52 -89.68
CA HIS B 203 -69.76 40.33 -88.98
C HIS B 203 -69.27 40.37 -87.56
N THR B 204 -70.15 40.84 -86.67
CA THR B 204 -69.74 41.08 -85.29
C THR B 204 -70.77 40.58 -84.35
N VAL B 205 -70.42 40.56 -83.07
CA VAL B 205 -71.33 40.09 -82.04
C VAL B 205 -72.00 41.24 -81.32
N GLY B 206 -71.72 42.47 -81.72
CA GLY B 206 -72.37 43.63 -81.13
C GLY B 206 -72.43 44.74 -82.14
N MET B 207 -73.38 45.66 -81.96
CA MET B 207 -73.61 46.76 -82.86
C MET B 207 -73.80 46.24 -84.30
N ARG B 208 -74.52 45.11 -84.43
CA ARG B 208 -74.71 44.49 -85.72
C ARG B 208 -75.46 45.34 -86.74
N ALA B 209 -76.54 46.01 -86.32
CA ALA B 209 -77.35 46.79 -87.24
C ALA B 209 -76.70 48.09 -87.71
N THR B 210 -75.57 48.44 -87.12
CA THR B 210 -74.87 49.62 -87.58
C THR B 210 -74.36 49.47 -89.02
N GLY B 211 -74.22 48.25 -89.53
CA GLY B 211 -73.81 48.03 -90.90
C GLY B 211 -72.50 48.68 -91.28
N SER B 212 -71.51 48.51 -90.44
CA SER B 212 -70.20 49.12 -90.62
C SER B 212 -69.34 48.33 -91.60
N HIS B 213 -69.79 48.34 -92.85
CA HIS B 213 -69.23 47.53 -93.92
C HIS B 213 -68.06 48.23 -94.58
N THR B 214 -67.46 47.61 -95.59
CA THR B 214 -66.27 48.15 -96.25
C THR B 214 -66.68 48.91 -97.50
N VAL B 215 -66.16 50.11 -97.64
CA VAL B 215 -66.35 50.94 -98.81
C VAL B 215 -65.20 50.70 -99.76
N VAL B 216 -65.52 50.40 -101.00
CA VAL B 216 -64.52 50.10 -102.01
C VAL B 216 -64.58 51.05 -103.19
N LEU B 217 -63.43 51.56 -103.59
CA LEU B 217 -63.33 52.49 -104.70
C LEU B 217 -62.23 52.04 -105.62
N ARG B 218 -62.48 52.11 -106.91
CA ARG B 218 -61.43 51.79 -107.85
C ARG B 218 -61.34 52.82 -108.94
N ASP B 219 -60.23 53.55 -108.96
CA ASP B 219 -59.96 54.57 -109.96
C ASP B 219 -61.11 55.57 -110.11
N THR B 220 -61.68 55.98 -108.99
CA THR B 220 -62.83 56.85 -108.97
C THR B 220 -62.43 58.31 -109.05
N PHE B 221 -63.13 59.06 -109.89
CA PHE B 221 -62.83 60.46 -110.04
C PHE B 221 -63.48 61.27 -108.95
N VAL B 222 -62.70 62.14 -108.34
CA VAL B 222 -63.21 63.03 -107.34
C VAL B 222 -62.77 64.43 -107.72
N PRO B 223 -63.74 65.36 -107.88
CA PRO B 223 -63.26 66.68 -108.26
C PRO B 223 -62.60 67.45 -107.13
N GLU B 224 -61.83 68.45 -107.52
CA GLU B 224 -61.04 69.28 -106.65
C GLU B 224 -61.81 69.92 -105.51
N HIS B 225 -63.03 70.40 -105.77
CA HIS B 225 -63.79 71.11 -104.74
C HIS B 225 -64.32 70.17 -103.64
N ARG B 226 -64.23 68.86 -103.86
CA ARG B 226 -64.63 67.89 -102.88
C ARG B 226 -63.43 67.18 -102.25
N VAL B 227 -62.28 67.86 -102.22
CA VAL B 227 -61.05 67.31 -101.67
C VAL B 227 -60.39 68.41 -100.85
N ILE B 228 -60.00 68.12 -99.62
CA ILE B 228 -59.22 69.06 -98.81
C ILE B 228 -58.05 68.32 -98.25
N SER B 229 -57.08 69.06 -97.73
CA SER B 229 -55.92 68.43 -97.11
C SER B 229 -56.37 67.83 -95.82
N GLY B 230 -55.65 66.81 -95.41
CA GLY B 230 -55.87 66.17 -94.14
C GLY B 230 -55.67 67.18 -93.03
N GLU B 231 -54.72 68.11 -93.23
CA GLU B 231 -54.49 69.16 -92.26
C GLU B 231 -55.72 70.04 -92.07
N LEU B 232 -56.39 70.38 -93.16
CA LEU B 232 -57.58 71.21 -93.08
C LEU B 232 -58.76 70.49 -92.44
N GLN B 233 -58.87 69.19 -92.70
CA GLN B 233 -59.93 68.37 -92.13
C GLN B 233 -59.86 68.29 -90.61
N ARG B 234 -58.66 68.27 -90.05
CA ARG B 234 -58.50 68.19 -88.60
C ARG B 234 -58.33 69.54 -87.96
N SER B 235 -58.42 70.61 -88.74
CA SER B 235 -58.11 71.96 -88.26
C SER B 235 -59.11 72.45 -87.22
N ARG B 236 -58.62 73.26 -86.28
CA ARG B 236 -59.46 73.92 -85.29
C ARG B 236 -59.32 75.44 -85.42
N GLU B 237 -58.92 75.93 -86.59
CA GLU B 237 -58.82 77.38 -86.81
C GLU B 237 -60.17 78.10 -86.78
N SER B 238 -61.25 77.40 -87.02
CA SER B 238 -62.56 78.02 -87.02
C SER B 238 -63.06 78.30 -85.61
N ALA B 239 -62.30 77.90 -84.60
CA ALA B 239 -62.70 78.11 -83.22
C ALA B 239 -62.92 79.56 -82.87
N THR B 240 -62.14 80.46 -83.47
CA THR B 240 -62.26 81.89 -83.18
C THR B 240 -62.97 82.72 -84.24
N ASP B 241 -63.54 82.08 -85.24
CA ASP B 241 -64.17 82.79 -86.37
C ASP B 241 -65.60 83.25 -86.01
N LEU B 242 -65.73 84.54 -85.73
CA LEU B 242 -67.03 85.13 -85.38
C LEU B 242 -68.06 85.13 -86.52
N GLY B 243 -67.58 85.00 -87.76
CA GLY B 243 -68.44 84.87 -88.94
C GLY B 243 -69.24 83.59 -89.00
N LEU B 244 -68.70 82.52 -88.44
CA LEU B 244 -69.38 81.22 -88.40
C LEU B 244 -70.37 81.12 -87.26
N PRO B 245 -71.47 80.34 -87.44
CA PRO B 245 -72.28 80.09 -86.25
C PRO B 245 -71.52 79.26 -85.21
N PRO B 246 -71.97 79.29 -83.93
CA PRO B 246 -71.14 78.57 -82.93
C PRO B 246 -70.88 77.09 -83.15
N LEU B 247 -71.80 76.32 -83.70
CA LEU B 247 -71.57 74.90 -83.94
C LEU B 247 -70.36 74.64 -84.82
N PHE B 248 -70.13 75.50 -85.81
CA PHE B 248 -69.02 75.28 -86.71
C PHE B 248 -67.71 75.80 -86.17
N ARG B 249 -67.74 76.35 -84.97
CA ARG B 249 -66.53 76.72 -84.27
C ARG B 249 -66.03 75.59 -83.38
N THR B 250 -66.89 74.60 -83.11
CA THR B 250 -66.65 73.50 -82.19
C THR B 250 -65.49 72.65 -82.67
N ALA B 251 -64.72 72.14 -81.71
CA ALA B 251 -63.69 71.17 -82.01
C ALA B 251 -64.34 69.84 -82.44
N ALA B 252 -64.35 69.57 -83.74
CA ALA B 252 -65.28 68.58 -84.30
C ALA B 252 -64.98 67.14 -83.91
N ILE B 253 -63.70 66.78 -83.97
CA ILE B 253 -63.27 65.44 -83.66
C ILE B 253 -63.50 65.11 -82.20
N ALA B 254 -63.24 66.06 -81.33
CA ALA B 254 -63.52 65.86 -79.93
C ALA B 254 -65.02 65.75 -79.69
N ALA B 255 -65.81 66.54 -80.40
CA ALA B 255 -67.25 66.50 -80.24
C ALA B 255 -67.83 65.17 -80.66
N MET B 256 -67.27 64.60 -81.71
CA MET B 256 -67.71 63.32 -82.22
C MET B 256 -67.42 62.22 -81.21
N ALA B 257 -66.25 62.27 -80.59
CA ALA B 257 -65.88 61.33 -79.57
C ALA B 257 -66.79 61.42 -78.35
N VAL B 258 -67.19 62.62 -77.97
CA VAL B 258 -68.11 62.82 -76.85
C VAL B 258 -69.46 62.17 -77.12
N VAL B 259 -69.98 62.30 -78.34
CA VAL B 259 -71.30 61.70 -78.63
C VAL B 259 -71.20 60.18 -78.83
N CYS B 260 -70.06 59.68 -79.28
CA CYS B 260 -69.86 58.23 -79.35
C CYS B 260 -69.92 57.64 -77.94
N ALA B 261 -69.23 58.30 -77.01
CA ALA B 261 -69.30 57.93 -75.61
C ALA B 261 -70.73 57.99 -75.08
N SER B 262 -71.49 58.98 -75.51
CA SER B 262 -72.91 59.10 -75.06
C SER B 262 -73.76 57.91 -75.48
N VAL B 263 -73.49 57.36 -76.65
CA VAL B 263 -74.20 56.16 -77.14
C VAL B 263 -73.95 55.02 -76.16
N VAL B 264 -72.70 54.81 -75.82
CA VAL B 264 -72.32 53.76 -74.88
C VAL B 264 -72.95 54.00 -73.51
N LEU B 265 -72.80 55.23 -73.04
CA LEU B 265 -73.36 55.61 -71.74
C LEU B 265 -74.85 55.31 -71.65
N GLY B 266 -75.59 55.76 -72.63
CA GLY B 266 -77.03 55.55 -72.67
C GLY B 266 -77.42 54.08 -72.59
N ALA B 267 -76.67 53.19 -73.22
CA ALA B 267 -76.93 51.75 -73.17
C ALA B 267 -76.73 51.24 -71.74
N GLY B 268 -75.70 51.77 -71.10
CA GLY B 268 -75.41 51.44 -69.71
C GLY B 268 -76.53 51.88 -68.78
N GLN B 269 -77.01 53.09 -69.00
CA GLN B 269 -78.12 53.59 -68.23
C GLN B 269 -79.38 52.79 -68.45
N ALA B 270 -79.63 52.35 -69.69
CA ALA B 270 -80.80 51.50 -69.94
C ALA B 270 -80.70 50.16 -69.21
N ALA B 271 -79.48 49.60 -69.20
CA ALA B 271 -79.16 48.39 -68.46
C ALA B 271 -79.43 48.57 -66.98
N ARG B 272 -79.04 49.70 -66.41
CA ARG B 272 -79.28 49.96 -65.00
C ARG B 272 -80.78 50.02 -64.71
N ALA B 273 -81.51 50.79 -65.51
CA ALA B 273 -82.97 50.89 -65.35
C ALA B 273 -83.66 49.53 -65.39
N LEU B 274 -83.18 48.66 -66.29
CA LEU B 274 -83.74 47.32 -66.43
C LEU B 274 -83.54 46.44 -65.20
N VAL B 275 -82.31 46.42 -64.70
CA VAL B 275 -81.99 45.69 -63.46
C VAL B 275 -82.81 46.20 -62.28
N VAL B 276 -83.00 47.52 -62.19
CA VAL B 276 -83.88 48.10 -61.15
C VAL B 276 -85.34 47.69 -61.30
N GLU B 277 -85.80 47.68 -62.55
CA GLU B 277 -87.17 47.28 -62.87
C GLU B 277 -87.47 45.85 -62.48
N LYS B 278 -86.53 44.95 -62.72
CA LYS B 278 -86.73 43.53 -62.48
C LYS B 278 -86.38 43.00 -61.11
N ALA B 279 -85.67 43.75 -60.31
CA ALA B 279 -85.16 43.27 -59.04
C ALA B 279 -86.21 42.90 -58.03
N PRO B 280 -87.37 43.62 -57.97
CA PRO B 280 -88.34 43.17 -56.98
C PRO B 280 -89.03 41.84 -57.31
N THR B 281 -88.97 41.37 -58.54
CA THR B 281 -89.64 40.09 -58.86
C THR B 281 -88.73 38.90 -59.13
N ARG B 282 -87.44 38.99 -58.84
CA ARG B 282 -86.54 37.84 -59.03
C ARG B 282 -85.76 37.69 -57.76
N GLY B 283 -85.14 36.53 -57.63
CA GLY B 283 -84.29 36.21 -56.49
C GLY B 283 -82.84 36.03 -56.89
N ILE B 284 -82.05 35.67 -55.89
CA ILE B 284 -80.62 35.42 -56.04
C ILE B 284 -80.37 33.97 -55.66
N ALA B 285 -80.30 33.14 -56.68
CA ALA B 285 -80.02 31.73 -56.44
C ALA B 285 -78.60 31.51 -56.03
N PRO B 286 -78.39 30.54 -55.14
CA PRO B 286 -79.36 29.67 -54.46
C PRO B 286 -79.61 30.13 -53.05
N SER B 287 -79.61 31.43 -52.85
CA SER B 287 -79.66 31.97 -51.49
C SER B 287 -81.08 31.96 -50.99
N LYS B 288 -81.23 32.32 -49.72
CA LYS B 288 -82.52 32.56 -49.13
C LYS B 288 -83.23 33.82 -49.62
N TYR B 289 -82.52 34.69 -50.35
CA TYR B 289 -83.12 35.91 -50.90
C TYR B 289 -83.98 35.61 -52.13
N THR B 290 -85.27 35.42 -51.92
CA THR B 290 -86.20 35.15 -53.01
C THR B 290 -86.52 36.43 -53.81
N ARG B 291 -86.29 37.59 -53.19
CA ARG B 291 -86.40 38.89 -53.85
C ARG B 291 -85.06 39.57 -53.78
N GLN B 292 -84.57 40.10 -54.91
CA GLN B 292 -83.23 40.73 -54.96
C GLN B 292 -83.11 41.91 -54.01
N THR B 293 -84.21 42.66 -53.89
CA THR B 293 -84.31 43.84 -53.05
C THR B 293 -84.23 43.53 -51.56
N ASP B 294 -84.47 42.28 -51.18
CA ASP B 294 -84.32 41.85 -49.80
C ASP B 294 -82.87 41.72 -49.38
N SER B 295 -81.98 41.60 -50.34
CA SER B 295 -80.57 41.46 -50.04
C SER B 295 -79.89 42.81 -49.99
N ARG B 296 -79.38 43.15 -48.82
CA ARG B 296 -78.70 44.40 -48.65
C ARG B 296 -77.39 44.46 -49.39
N THR B 297 -76.73 43.32 -49.58
CA THR B 297 -75.52 43.26 -50.38
C THR B 297 -75.85 43.63 -51.82
N PHE B 298 -76.97 43.14 -52.32
CA PHE B 298 -77.43 43.47 -53.65
C PHE B 298 -77.74 44.95 -53.75
N VAL B 299 -78.48 45.48 -52.79
CA VAL B 299 -78.90 46.86 -52.86
C VAL B 299 -77.72 47.83 -52.80
N SER B 300 -76.80 47.59 -51.89
CA SER B 300 -75.64 48.46 -51.76
C SER B 300 -74.70 48.34 -52.96
N SER B 301 -74.58 47.16 -53.53
CA SER B 301 -73.76 47.00 -54.71
C SER B 301 -74.33 47.76 -55.87
N LEU B 302 -75.66 47.73 -55.99
CA LEU B 302 -76.32 48.40 -57.05
C LEU B 302 -76.16 49.92 -56.91
N GLY B 303 -76.15 50.42 -55.68
CA GLY B 303 -75.90 51.81 -55.43
C GLY B 303 -74.53 52.22 -55.91
N ARG B 304 -73.54 51.39 -55.65
CA ARG B 304 -72.19 51.66 -56.09
C ARG B 304 -72.06 51.65 -57.62
N THR B 305 -72.68 50.69 -58.27
CA THR B 305 -72.64 50.56 -59.71
C THR B 305 -73.31 51.75 -60.33
N ALA B 306 -74.44 52.16 -59.76
CA ALA B 306 -75.15 53.31 -60.22
C ALA B 306 -74.29 54.55 -60.10
N LEU B 307 -73.57 54.73 -59.00
CA LEU B 307 -72.68 55.90 -58.89
C LEU B 307 -71.53 55.90 -59.89
N SER B 308 -70.98 54.74 -60.28
CA SER B 308 -69.99 54.74 -61.40
C SER B 308 -70.60 55.22 -62.69
N ILE B 309 -71.80 54.75 -63.00
CA ILE B 309 -72.48 55.18 -64.21
C ILE B 309 -72.79 56.69 -64.13
N ASP B 310 -73.20 57.16 -62.94
CA ASP B 310 -73.40 58.61 -62.70
C ASP B 310 -72.08 59.40 -62.98
N ALA B 311 -70.96 58.85 -62.54
CA ALA B 311 -69.69 59.49 -62.82
C ALA B 311 -69.39 59.53 -64.30
N ALA B 312 -69.71 58.46 -65.03
CA ALA B 312 -69.47 58.43 -66.47
C ALA B 312 -70.30 59.49 -67.13
N GLU B 313 -71.54 59.64 -66.67
CA GLU B 313 -72.44 60.65 -67.19
C GLU B 313 -71.89 62.07 -67.01
N MET B 314 -71.34 62.34 -65.84
CA MET B 314 -70.74 63.63 -65.56
C MET B 314 -69.49 63.91 -66.39
N HIS B 315 -68.66 62.89 -66.63
CA HIS B 315 -67.47 63.03 -67.47
C HIS B 315 -67.88 63.46 -68.87
N VAL B 316 -68.94 62.84 -69.37
CA VAL B 316 -69.44 63.12 -70.70
C VAL B 316 -70.02 64.51 -70.75
N ALA B 317 -70.84 64.86 -69.76
CA ALA B 317 -71.45 66.17 -69.72
C ALA B 317 -70.43 67.27 -69.57
N ARG B 318 -69.41 67.06 -68.74
CA ARG B 318 -68.37 68.07 -68.54
C ARG B 318 -67.67 68.36 -69.85
N ALA B 319 -67.33 67.31 -70.60
CA ALA B 319 -66.64 67.48 -71.88
C ALA B 319 -67.52 68.19 -72.87
N ALA B 320 -68.77 67.79 -72.93
CA ALA B 320 -69.72 68.46 -73.82
C ALA B 320 -69.82 69.96 -73.52
N THR B 321 -69.90 70.30 -72.25
CA THR B 321 -69.99 71.69 -71.81
C THR B 321 -68.74 72.46 -72.10
N ALA B 322 -67.58 71.88 -71.92
CA ALA B 322 -66.35 72.56 -72.24
C ALA B 322 -66.32 72.89 -73.74
N LEU B 323 -66.74 71.94 -74.57
CA LEU B 323 -66.76 72.14 -76.02
C LEU B 323 -67.74 73.21 -76.45
N ASP B 324 -68.95 73.19 -75.87
CA ASP B 324 -69.95 74.21 -76.17
C ASP B 324 -69.60 75.60 -75.66
N ASP B 325 -69.03 75.69 -74.47
CA ASP B 325 -68.68 76.99 -73.90
C ASP B 325 -67.65 77.65 -74.79
N ALA B 326 -66.69 76.89 -75.26
CA ALA B 326 -65.66 77.43 -76.11
C ALA B 326 -66.22 77.89 -77.45
N ALA B 327 -67.11 77.11 -78.02
CA ALA B 327 -67.71 77.47 -79.30
C ALA B 327 -68.57 78.73 -79.20
N TYR B 328 -69.34 78.85 -78.14
CA TYR B 328 -70.18 80.02 -77.92
C TYR B 328 -69.36 81.27 -77.66
N ASP B 329 -68.25 81.14 -76.95
CA ASP B 329 -67.41 82.27 -76.66
C ASP B 329 -66.43 82.55 -77.76
N ALA B 330 -66.41 81.71 -78.80
CA ALA B 330 -65.44 81.87 -79.87
C ALA B 330 -63.98 81.87 -79.41
N VAL B 331 -63.67 81.08 -78.39
CA VAL B 331 -62.28 80.86 -77.97
C VAL B 331 -61.80 79.46 -78.39
N ALA B 332 -60.50 79.37 -78.63
CA ALA B 332 -59.83 78.12 -78.91
C ALA B 332 -59.62 77.39 -77.60
N LEU B 333 -59.96 76.10 -77.58
CA LEU B 333 -59.60 75.22 -76.49
C LEU B 333 -58.11 74.97 -76.56
N PRO B 334 -57.37 75.15 -75.44
CA PRO B 334 -55.96 74.80 -75.50
C PRO B 334 -55.83 73.27 -75.57
N ASP B 335 -54.65 72.81 -75.95
CA ASP B 335 -54.37 71.40 -76.05
C ASP B 335 -54.67 70.65 -74.76
N SER B 336 -54.34 71.24 -73.61
CA SER B 336 -54.58 70.59 -72.34
C SER B 336 -56.04 70.27 -72.11
N GLU B 337 -56.93 71.14 -72.55
CA GLU B 337 -58.34 70.91 -72.38
C GLU B 337 -58.82 69.78 -73.29
N LEU B 338 -58.29 69.70 -74.51
CA LEU B 338 -58.65 68.63 -75.44
C LEU B 338 -58.13 67.27 -74.99
N LEU B 339 -56.94 67.27 -74.41
CA LEU B 339 -56.36 66.06 -73.89
C LEU B 339 -57.18 65.54 -72.72
N ARG B 340 -57.69 66.46 -71.91
CA ARG B 340 -58.55 66.09 -70.84
C ARG B 340 -59.87 65.50 -71.36
N ILE B 341 -60.41 66.04 -72.44
CA ILE B 341 -61.65 65.54 -73.00
C ILE B 341 -61.44 64.11 -73.50
N ARG B 342 -60.28 63.82 -74.08
CA ARG B 342 -59.97 62.49 -74.56
C ARG B 342 -59.93 61.51 -73.40
N GLY B 343 -59.37 61.96 -72.28
CA GLY B 343 -59.37 61.16 -71.07
C GLY B 343 -60.76 60.94 -70.50
N ASP B 344 -61.59 61.97 -70.48
CA ASP B 344 -62.95 61.85 -69.97
C ASP B 344 -63.75 60.81 -70.73
N VAL B 345 -63.67 60.81 -72.05
CA VAL B 345 -64.50 59.89 -72.86
C VAL B 345 -64.09 58.43 -72.72
N GLY B 346 -62.79 58.15 -72.69
CA GLY B 346 -62.31 56.81 -72.47
C GLY B 346 -62.65 56.32 -71.09
N GLN B 347 -62.47 57.20 -70.12
CA GLN B 347 -62.81 56.89 -68.75
C GLN B 347 -64.32 56.64 -68.59
N ALA B 348 -65.16 57.43 -69.24
CA ALA B 348 -66.61 57.22 -69.11
C ALA B 348 -67.02 55.85 -69.67
N VAL B 349 -66.51 55.48 -70.84
CA VAL B 349 -66.93 54.21 -71.45
C VAL B 349 -66.35 53.02 -70.70
N SER B 350 -65.17 53.21 -70.14
CA SER B 350 -64.55 52.19 -69.30
C SER B 350 -65.36 51.92 -68.01
N LEU B 351 -65.81 53.00 -67.42
CA LEU B 351 -66.69 52.95 -66.27
C LEU B 351 -67.99 52.22 -66.67
N VAL B 352 -68.51 52.49 -67.86
CA VAL B 352 -69.76 51.85 -68.30
C VAL B 352 -69.58 50.33 -68.55
N THR B 353 -68.48 49.92 -69.16
CA THR B 353 -68.26 48.50 -69.38
C THR B 353 -68.06 47.74 -68.08
N THR B 354 -67.36 48.33 -67.09
CA THR B 354 -67.19 47.71 -65.81
C THR B 354 -68.53 47.64 -65.09
N ALA B 355 -69.33 48.69 -65.19
CA ALA B 355 -70.65 48.68 -64.58
C ALA B 355 -71.59 47.65 -65.20
N LEU B 356 -71.46 47.39 -66.50
CA LEU B 356 -72.30 46.39 -67.15
C LEU B 356 -71.97 45.00 -66.64
N ASP B 357 -70.71 44.73 -66.39
CA ASP B 357 -70.27 43.47 -65.84
C ASP B 357 -70.90 43.31 -64.46
N GLU B 358 -70.93 44.39 -63.70
CA GLU B 358 -71.59 44.42 -62.41
C GLU B 358 -73.08 44.20 -62.49
N LEU B 359 -73.73 44.76 -63.49
CA LEU B 359 -75.18 44.59 -63.64
C LEU B 359 -75.56 43.15 -63.99
N LEU B 360 -74.70 42.43 -64.73
CA LEU B 360 -74.92 41.03 -65.02
C LEU B 360 -74.79 40.18 -63.77
N TRP B 361 -73.88 40.55 -62.89
CA TRP B 361 -73.75 39.87 -61.61
C TRP B 361 -74.99 40.11 -60.79
N ALA B 362 -75.54 41.30 -60.87
CA ALA B 362 -76.74 41.60 -60.15
C ALA B 362 -77.96 40.83 -60.68
N HIS B 363 -78.12 40.84 -61.99
CA HIS B 363 -79.29 40.25 -62.61
C HIS B 363 -79.28 38.72 -62.64
N GLY B 364 -78.12 38.13 -62.91
CA GLY B 364 -78.00 36.68 -62.92
C GLY B 364 -77.87 36.09 -64.30
N ALA B 365 -77.96 34.77 -64.35
CA ALA B 365 -77.81 34.01 -65.58
C ALA B 365 -78.82 34.33 -66.64
N ALA B 366 -80.02 34.74 -66.23
CA ALA B 366 -81.09 35.10 -67.14
C ALA B 366 -80.73 36.24 -68.05
N SER B 367 -79.76 37.02 -67.64
CA SER B 367 -79.38 38.16 -68.44
C SER B 367 -78.78 37.77 -69.79
N PHE B 368 -78.35 36.52 -69.95
CA PHE B 368 -77.74 36.08 -71.20
C PHE B 368 -78.74 35.43 -72.17
N ALA B 369 -80.01 35.42 -71.82
CA ALA B 369 -81.01 34.88 -72.74
C ALA B 369 -81.21 35.83 -73.92
N GLU B 370 -81.45 35.29 -75.10
CA GLU B 370 -81.67 36.12 -76.27
C GLU B 370 -82.88 37.01 -76.13
N SER B 371 -83.85 36.59 -75.35
CA SER B 371 -85.01 37.41 -75.09
C SER B 371 -84.77 38.57 -74.12
N ASN B 372 -83.66 38.59 -73.40
CA ASN B 372 -83.42 39.61 -72.40
C ASN B 372 -82.67 40.82 -73.00
N PRO B 373 -83.23 42.03 -72.91
CA PRO B 373 -82.49 43.20 -73.44
C PRO B 373 -81.14 43.49 -72.75
N LEU B 374 -80.91 42.92 -71.58
CA LEU B 374 -79.70 43.20 -70.86
C LEU B 374 -78.44 42.78 -71.60
N GLN B 375 -78.45 41.61 -72.22
CA GLN B 375 -77.30 41.17 -72.99
C GLN B 375 -77.09 41.99 -74.28
N ARG B 376 -78.15 42.57 -74.82
CA ARG B 376 -78.04 43.44 -75.96
C ARG B 376 -77.31 44.72 -75.61
N TYR B 377 -77.66 45.32 -74.49
CA TYR B 377 -76.98 46.53 -74.07
C TYR B 377 -75.52 46.19 -73.78
N TRP B 378 -75.30 45.03 -73.19
CA TRP B 378 -73.97 44.57 -72.84
C TRP B 378 -73.11 44.37 -74.08
N ARG B 379 -73.63 43.71 -75.10
CA ARG B 379 -72.86 43.47 -76.30
C ARG B 379 -72.64 44.74 -77.12
N ASP B 380 -73.65 45.59 -77.26
CA ASP B 380 -73.51 46.81 -78.04
C ASP B 380 -72.60 47.85 -77.42
N ALA B 381 -72.72 48.06 -76.12
CA ALA B 381 -71.87 49.01 -75.41
C ALA B 381 -70.43 48.56 -75.39
N ASN B 382 -70.21 47.27 -75.17
CA ASN B 382 -68.85 46.75 -75.15
C ASN B 382 -68.16 46.84 -76.52
N THR B 383 -68.88 46.54 -77.61
CA THR B 383 -68.35 46.63 -78.95
C THR B 383 -67.98 48.07 -79.32
N ALA B 384 -68.92 48.97 -79.10
CA ALA B 384 -68.73 50.39 -79.42
C ALA B 384 -67.68 51.09 -78.59
N ALA B 385 -67.52 50.67 -77.35
CA ALA B 385 -66.56 51.26 -76.45
C ALA B 385 -65.12 51.13 -76.92
N ARG B 386 -64.81 50.11 -77.72
CA ARG B 386 -63.45 49.89 -78.20
C ARG B 386 -63.14 50.60 -79.51
N HIS B 387 -64.02 51.51 -79.90
CA HIS B 387 -63.72 52.40 -80.99
C HIS B 387 -62.46 53.16 -80.63
N ALA B 388 -61.62 53.42 -81.61
CA ALA B 388 -60.32 54.04 -81.39
C ALA B 388 -60.32 55.39 -80.66
N MET B 389 -61.31 56.23 -80.92
CA MET B 389 -61.39 57.52 -80.32
C MET B 389 -61.88 57.44 -78.88
N LEU B 390 -62.26 56.26 -78.44
CA LEU B 390 -62.65 56.04 -77.06
C LEU B 390 -61.67 55.18 -76.27
N ASN B 391 -60.47 54.93 -76.77
CA ASN B 391 -59.56 54.00 -76.11
C ASN B 391 -59.18 54.55 -74.77
N VAL B 392 -59.45 53.77 -73.72
CA VAL B 392 -59.24 54.22 -72.34
C VAL B 392 -57.77 54.40 -71.97
N HIS B 393 -56.94 53.45 -72.38
CA HIS B 393 -55.51 53.50 -72.12
C HIS B 393 -54.83 54.67 -72.83
N VAL B 394 -55.26 54.94 -74.06
CA VAL B 394 -54.72 56.10 -74.79
C VAL B 394 -55.16 57.40 -74.11
N GLY B 395 -56.42 57.46 -73.68
CA GLY B 395 -56.93 58.62 -73.00
C GLY B 395 -56.17 58.93 -71.72
N HIS B 396 -55.87 57.87 -70.95
CA HIS B 396 -55.13 57.98 -69.72
C HIS B 396 -53.75 58.54 -69.99
N GLU B 397 -53.11 58.06 -71.04
CA GLU B 397 -51.79 58.51 -71.37
C GLU B 397 -51.80 59.95 -71.87
N LEU B 398 -52.80 60.33 -72.65
CA LEU B 398 -52.93 61.69 -73.12
C LEU B 398 -53.18 62.71 -72.00
N TYR B 399 -54.07 62.39 -71.07
CA TYR B 399 -54.39 63.29 -70.01
C TYR B 399 -53.22 63.41 -69.05
N GLY B 400 -52.57 62.29 -68.76
CA GLY B 400 -51.44 62.27 -67.87
C GLY B 400 -50.32 63.08 -68.45
N GLY B 401 -50.14 62.98 -69.76
CA GLY B 401 -49.11 63.68 -70.47
C GLY B 401 -49.27 65.17 -70.46
N SER B 402 -50.52 65.63 -70.46
CA SER B 402 -50.84 67.04 -70.46
C SER B 402 -50.31 67.75 -69.23
N PHE B 403 -50.25 67.06 -68.11
CA PHE B 403 -49.71 67.63 -66.88
C PHE B 403 -48.24 68.05 -66.97
N PHE B 404 -47.51 67.45 -67.91
CA PHE B 404 -46.08 67.69 -68.11
C PHE B 404 -45.73 68.23 -69.51
N GLY B 405 -46.74 68.50 -70.33
CA GLY B 405 -46.53 68.96 -71.70
C GLY B 405 -45.76 67.99 -72.60
N LEU B 406 -46.00 66.69 -72.46
CA LEU B 406 -45.36 65.69 -73.30
C LEU B 406 -45.96 65.71 -74.70
N ASP B 407 -45.21 65.22 -75.69
CA ASP B 407 -45.75 65.16 -77.05
C ASP B 407 -46.90 64.19 -77.07
N PRO B 408 -48.08 64.63 -77.58
CA PRO B 408 -49.14 63.63 -77.57
C PRO B 408 -48.88 62.39 -78.43
N ILE B 409 -49.49 61.30 -78.04
CA ILE B 409 -49.30 60.02 -78.70
C ILE B 409 -50.29 59.80 -79.82
N VAL B 410 -51.13 60.79 -80.09
CA VAL B 410 -52.03 60.71 -81.22
C VAL B 410 -51.68 61.84 -82.16
N PRO B 411 -51.94 61.66 -83.49
CA PRO B 411 -51.54 62.77 -84.35
C PRO B 411 -52.41 64.04 -84.29
N SER B 412 -53.70 63.94 -84.01
CA SER B 412 -54.51 65.14 -83.92
C SER B 412 -55.42 65.12 -82.71
N LEU B 413 -55.82 66.30 -82.28
CA LEU B 413 -56.74 66.46 -81.17
C LEU B 413 -58.02 67.12 -81.64
N THR C 18 -45.11 9.15 -50.93
CA THR C 18 -45.46 10.01 -52.11
C THR C 18 -45.64 9.12 -53.35
N ASP C 19 -45.80 7.82 -53.14
CA ASP C 19 -45.95 6.92 -54.26
C ASP C 19 -47.28 7.26 -55.00
N ILE C 20 -48.35 7.43 -54.20
CA ILE C 20 -49.67 7.75 -54.73
C ILE C 20 -49.67 9.18 -55.32
N ARG C 21 -48.94 10.07 -54.65
CA ARG C 21 -48.85 11.44 -55.08
C ARG C 21 -48.25 11.43 -56.49
N SER C 22 -47.28 10.55 -56.72
CA SER C 22 -46.65 10.48 -58.02
C SER C 22 -47.60 9.94 -59.07
N GLU C 23 -48.37 8.94 -58.66
CA GLU C 23 -49.31 8.26 -59.52
C GLU C 23 -50.43 9.20 -59.97
N THR C 24 -50.94 9.97 -59.04
CA THR C 24 -52.02 10.87 -59.31
C THR C 24 -51.56 11.96 -60.27
N ALA C 25 -50.33 12.43 -60.08
CA ALA C 25 -49.74 13.41 -60.98
C ALA C 25 -49.51 12.83 -62.36
N GLU C 26 -49.12 11.57 -62.44
CA GLU C 26 -48.89 10.95 -63.73
C GLU C 26 -50.17 10.83 -64.54
N LEU C 27 -51.26 10.49 -63.86
CA LEU C 27 -52.52 10.33 -64.53
C LEU C 27 -53.03 11.67 -65.04
N ARG C 28 -52.86 12.70 -64.22
CA ARG C 28 -53.31 14.02 -64.59
C ARG C 28 -52.62 14.49 -65.86
N ALA C 29 -51.32 14.26 -65.94
CA ALA C 29 -50.56 14.63 -67.11
C ALA C 29 -51.05 13.90 -68.35
N GLU C 30 -51.36 12.62 -68.19
CA GLU C 30 -51.87 11.82 -69.27
C GLU C 30 -53.21 12.34 -69.75
N LEU C 31 -54.07 12.71 -68.81
CA LEU C 31 -55.39 13.24 -69.15
C LEU C 31 -55.29 14.58 -69.81
N VAL C 32 -54.34 15.40 -69.37
CA VAL C 32 -54.15 16.69 -69.99
C VAL C 32 -53.68 16.46 -71.41
N GLU C 33 -52.81 15.48 -71.62
CA GLU C 33 -52.36 15.19 -72.97
C GLU C 33 -53.52 14.69 -73.83
N ARG C 34 -54.47 13.96 -73.25
CA ARG C 34 -55.64 13.54 -74.02
C ARG C 34 -56.47 14.69 -74.52
N VAL C 35 -56.63 15.70 -73.66
CA VAL C 35 -57.32 16.92 -74.04
C VAL C 35 -56.66 17.53 -75.26
N HIS C 36 -55.34 17.59 -75.28
CA HIS C 36 -54.63 18.15 -76.43
C HIS C 36 -54.80 17.32 -77.68
N LYS C 37 -54.85 16.01 -77.52
CA LYS C 37 -55.05 15.12 -78.62
C LYS C 37 -56.43 15.25 -79.26
N PHE C 38 -57.46 15.30 -78.43
CA PHE C 38 -58.83 15.38 -78.92
C PHE C 38 -59.29 16.81 -79.10
N GLY C 39 -58.49 17.78 -78.67
CA GLY C 39 -58.86 19.16 -78.74
C GLY C 39 -59.19 19.68 -80.11
N PRO C 40 -58.40 19.32 -81.14
CA PRO C 40 -58.74 19.78 -82.48
C PRO C 40 -60.14 19.35 -82.96
N VAL C 41 -60.68 18.22 -82.46
CA VAL C 41 -62.03 17.79 -82.84
C VAL C 41 -63.04 18.74 -82.22
N PHE C 42 -62.87 19.01 -80.93
CA PHE C 42 -63.78 19.90 -80.23
C PHE C 42 -63.74 21.29 -80.86
N ALA C 43 -62.57 21.76 -81.19
CA ALA C 43 -62.42 23.07 -81.81
C ALA C 43 -63.10 23.13 -83.15
N ASP C 44 -63.00 22.06 -83.89
CA ASP C 44 -63.60 21.96 -85.20
C ASP C 44 -65.12 22.04 -85.21
N GLY C 45 -65.74 21.60 -84.13
CA GLY C 45 -67.17 21.66 -84.03
C GLY C 45 -67.73 22.88 -83.34
N VAL C 46 -66.92 23.91 -83.12
CA VAL C 46 -67.38 25.11 -82.44
C VAL C 46 -68.44 25.81 -83.27
N ALA C 47 -68.22 25.95 -84.56
CA ALA C 47 -69.17 26.67 -85.39
C ALA C 47 -70.52 25.99 -85.48
N GLU C 48 -70.52 24.67 -85.61
CA GLU C 48 -71.78 23.95 -85.65
C GLU C 48 -72.48 24.03 -84.30
N GLY C 49 -71.73 23.92 -83.22
CA GLY C 49 -72.31 23.97 -81.90
C GLY C 49 -73.00 25.28 -81.59
N GLU C 50 -72.38 26.35 -82.04
CA GLU C 50 -72.88 27.70 -81.86
C GLU C 50 -74.20 27.91 -82.62
N ARG C 51 -74.23 27.37 -83.81
CA ARG C 51 -75.34 27.40 -84.74
C ARG C 51 -76.53 26.54 -84.29
N GLU C 52 -76.25 25.35 -83.79
CA GLU C 52 -77.30 24.40 -83.40
C GLU C 52 -77.65 24.34 -81.91
N ARG C 53 -76.84 24.97 -81.06
CA ARG C 53 -77.09 24.96 -79.60
C ARG C 53 -77.03 23.56 -78.97
N ARG C 54 -76.15 22.72 -79.50
CA ARG C 54 -75.93 21.37 -78.97
C ARG C 54 -74.54 20.99 -79.44
N LEU C 55 -73.93 20.01 -78.80
CA LEU C 55 -72.59 19.58 -79.21
C LEU C 55 -72.69 18.73 -80.46
N PRO C 56 -71.81 18.91 -81.43
CA PRO C 56 -71.84 18.04 -82.61
C PRO C 56 -71.56 16.58 -82.31
N ASP C 57 -71.98 15.69 -83.20
CA ASP C 57 -71.77 14.27 -82.99
C ASP C 57 -70.29 13.90 -82.82
N ALA C 58 -69.41 14.55 -83.58
CA ALA C 58 -68.00 14.23 -83.48
C ALA C 58 -67.46 14.54 -82.09
N THR C 59 -67.93 15.64 -81.50
CA THR C 59 -67.51 16.05 -80.16
C THR C 59 -67.95 15.06 -79.12
N VAL C 60 -69.19 14.60 -79.25
CA VAL C 60 -69.71 13.62 -78.31
C VAL C 60 -68.90 12.34 -78.43
N ARG C 61 -68.57 11.95 -79.67
CA ARG C 61 -67.77 10.77 -79.89
C ARG C 61 -66.41 10.91 -79.22
N ALA C 62 -65.78 12.06 -79.38
CA ALA C 62 -64.49 12.31 -78.80
C ALA C 62 -64.55 12.31 -77.27
N ILE C 63 -65.62 12.81 -76.69
CA ILE C 63 -65.78 12.77 -75.26
C ILE C 63 -65.84 11.34 -74.78
N ASP C 64 -66.56 10.48 -75.50
CA ASP C 64 -66.66 9.07 -75.10
C ASP C 64 -65.34 8.30 -75.28
N GLN C 65 -64.65 8.52 -76.41
CA GLN C 65 -63.37 7.86 -76.64
C GLN C 65 -62.27 8.32 -75.69
N SER C 66 -62.20 9.62 -75.38
CA SER C 66 -61.17 10.17 -74.47
C SER C 66 -61.34 9.75 -73.02
N GLN C 67 -62.54 9.31 -72.67
CA GLN C 67 -62.92 8.94 -71.32
C GLN C 67 -62.98 10.16 -70.36
N LEU C 68 -63.05 11.38 -70.91
CA LEU C 68 -63.08 12.60 -70.10
C LEU C 68 -64.36 12.82 -69.28
N ALA C 69 -65.41 12.10 -69.65
CA ALA C 69 -66.61 12.02 -68.83
C ALA C 69 -66.49 11.05 -67.66
N MET C 70 -65.38 10.34 -67.56
CA MET C 70 -65.24 9.22 -66.62
C MET C 70 -64.31 9.51 -65.43
N LEU C 71 -63.83 10.74 -65.34
CA LEU C 71 -62.92 11.11 -64.27
C LEU C 71 -63.52 10.91 -62.88
N TRP C 72 -64.80 11.16 -62.71
CA TRP C 72 -65.42 10.99 -61.41
C TRP C 72 -66.33 9.76 -61.31
N THR C 73 -66.08 8.78 -62.18
CA THR C 73 -66.77 7.51 -62.17
C THR C 73 -65.88 6.52 -61.43
N ALA C 74 -66.49 5.65 -60.64
CA ALA C 74 -65.72 4.71 -59.83
C ALA C 74 -64.94 3.66 -60.65
N LYS C 75 -63.79 3.28 -60.12
CA LYS C 75 -62.92 2.27 -60.69
C LYS C 75 -63.59 0.91 -60.77
N SER C 76 -64.43 0.64 -59.79
CA SER C 76 -65.15 -0.61 -59.73
C SER C 76 -66.06 -0.78 -60.96
N TYR C 77 -66.51 0.32 -61.56
CA TYR C 77 -67.28 0.27 -62.80
C TYR C 77 -66.50 0.57 -64.08
N GLY C 78 -65.17 0.57 -64.00
CA GLY C 78 -64.30 0.93 -65.14
C GLY C 78 -64.02 2.43 -65.34
N GLY C 79 -64.36 3.23 -64.35
CA GLY C 79 -64.04 4.66 -64.36
C GLY C 79 -62.62 4.99 -63.93
N LEU C 80 -62.20 6.21 -64.20
CA LEU C 80 -60.83 6.63 -63.90
C LEU C 80 -60.64 7.06 -62.43
N GLU C 81 -61.74 7.40 -61.76
CA GLU C 81 -61.77 7.75 -60.32
C GLU C 81 -60.60 8.65 -59.87
N THR C 82 -60.56 9.89 -60.36
CA THR C 82 -59.47 10.83 -60.04
C THR C 82 -59.84 11.70 -58.83
N ASP C 83 -59.34 12.91 -58.76
CA ASP C 83 -59.63 13.80 -57.66
C ASP C 83 -60.06 15.16 -58.21
N VAL C 84 -60.34 16.09 -57.33
CA VAL C 84 -60.83 17.39 -57.76
C VAL C 84 -59.80 18.15 -58.59
N ARG C 85 -58.56 18.11 -58.15
CA ARG C 85 -57.53 18.85 -58.81
C ARG C 85 -57.31 18.40 -60.23
N THR C 86 -57.40 17.12 -60.48
CA THR C 86 -57.22 16.61 -61.82
C THR C 86 -58.34 17.06 -62.73
N MET C 87 -59.56 16.99 -62.22
CA MET C 87 -60.73 17.37 -62.98
C MET C 87 -60.66 18.84 -63.34
N SER C 88 -60.21 19.65 -62.39
CA SER C 88 -60.03 21.05 -62.57
C SER C 88 -59.00 21.38 -63.64
N GLU C 89 -57.85 20.74 -63.60
CA GLU C 89 -56.83 21.00 -64.59
C GLU C 89 -57.31 20.57 -65.97
N VAL C 90 -58.06 19.49 -66.06
CA VAL C 90 -58.61 19.05 -67.34
C VAL C 90 -59.60 20.06 -67.90
N ALA C 91 -60.51 20.52 -67.06
CA ALA C 91 -61.51 21.53 -67.43
C ALA C 91 -60.88 22.82 -67.97
N LYS C 92 -59.80 23.26 -67.33
CA LYS C 92 -59.12 24.49 -67.77
C LYS C 92 -58.55 24.36 -69.17
N VAL C 93 -57.96 23.21 -69.45
CA VAL C 93 -57.35 23.00 -70.77
C VAL C 93 -58.42 22.79 -71.82
N LEU C 94 -59.47 22.05 -71.47
CA LEU C 94 -60.61 21.86 -72.39
C LEU C 94 -61.20 23.15 -72.91
N SER C 95 -61.39 24.12 -72.01
CA SER C 95 -61.92 25.44 -72.38
C SER C 95 -61.18 26.14 -73.50
N HIS C 96 -59.90 25.89 -73.66
CA HIS C 96 -59.15 26.51 -74.76
C HIS C 96 -59.73 26.10 -76.10
N TYR C 97 -60.21 24.88 -76.20
CA TYR C 97 -60.67 24.34 -77.45
C TYR C 97 -62.16 24.60 -77.63
N CYS C 98 -62.95 24.32 -76.61
CA CYS C 98 -64.38 24.62 -76.66
C CYS C 98 -64.91 24.79 -75.24
N PRO C 99 -65.22 26.03 -74.83
CA PRO C 99 -65.76 26.23 -73.47
C PRO C 99 -67.07 25.48 -73.19
N SER C 100 -67.90 25.32 -74.22
CA SER C 100 -69.15 24.54 -74.05
C SER C 100 -68.92 23.04 -73.75
N THR C 101 -67.97 22.45 -74.47
CA THR C 101 -67.56 21.08 -74.26
C THR C 101 -67.00 20.94 -72.86
N SER C 102 -66.11 21.85 -72.48
CA SER C 102 -65.58 21.86 -71.13
C SER C 102 -66.70 21.93 -70.11
N TRP C 103 -67.65 22.82 -70.32
CA TRP C 103 -68.76 22.95 -69.41
C TRP C 103 -69.60 21.66 -69.30
N VAL C 104 -69.84 21.01 -70.44
CA VAL C 104 -70.62 19.80 -70.42
C VAL C 104 -69.87 18.68 -69.71
N VAL C 105 -68.60 18.51 -70.05
CA VAL C 105 -67.79 17.49 -69.46
C VAL C 105 -67.73 17.69 -67.94
N ASN C 106 -67.60 18.92 -67.48
CA ASN C 106 -67.58 19.24 -66.06
C ASN C 106 -68.90 18.84 -65.41
N ASN C 107 -70.00 19.15 -66.07
CA ASN C 107 -71.31 18.85 -65.54
C ASN C 107 -71.51 17.33 -65.46
N VAL C 108 -71.05 16.59 -66.44
CA VAL C 108 -71.24 15.15 -66.44
C VAL C 108 -70.51 14.47 -65.27
N ASN C 109 -69.23 14.82 -65.13
CA ASN C 109 -68.44 14.27 -64.03
C ASN C 109 -69.08 14.64 -62.71
N GLY C 110 -69.47 15.89 -62.57
CA GLY C 110 -70.10 16.29 -61.32
C GLY C 110 -71.40 15.55 -61.05
N SER C 111 -72.18 15.33 -62.09
CA SER C 111 -73.43 14.62 -61.92
C SER C 111 -73.18 13.17 -61.54
N ASN C 112 -72.18 12.57 -62.16
CA ASN C 112 -71.80 11.21 -61.85
C ASN C 112 -71.33 11.12 -60.41
N LEU C 113 -70.61 12.12 -59.91
CA LEU C 113 -70.20 12.09 -58.52
C LEU C 113 -71.39 12.20 -57.60
N LEU C 114 -72.39 13.01 -57.98
CA LEU C 114 -73.60 13.16 -57.19
C LEU C 114 -74.39 11.88 -57.12
N ALA C 115 -74.30 11.07 -58.17
CA ALA C 115 -75.01 9.82 -58.23
C ALA C 115 -74.57 8.85 -57.15
N SER C 116 -73.34 8.98 -56.67
CA SER C 116 -72.85 8.11 -55.63
C SER C 116 -73.58 8.20 -54.28
N LYS C 117 -74.43 9.20 -54.08
CA LYS C 117 -75.26 9.21 -52.88
C LYS C 117 -76.41 8.25 -52.95
N PHE C 118 -76.74 7.78 -54.15
CA PHE C 118 -77.82 6.85 -54.35
C PHE C 118 -77.41 5.43 -53.94
N PRO C 119 -78.42 4.52 -53.75
CA PRO C 119 -78.04 3.17 -53.35
C PRO C 119 -77.29 2.41 -54.41
N ARG C 120 -76.64 1.33 -54.00
CA ARG C 120 -75.87 0.50 -54.90
C ARG C 120 -76.72 -0.04 -56.04
N ALA C 121 -77.97 -0.33 -55.75
CA ALA C 121 -78.91 -0.79 -56.76
C ALA C 121 -79.03 0.19 -57.94
N ALA C 122 -79.14 1.47 -57.63
CA ALA C 122 -79.20 2.51 -58.64
C ALA C 122 -77.89 2.65 -59.38
N LEU C 123 -76.80 2.68 -58.63
CA LEU C 123 -75.46 2.79 -59.23
C LEU C 123 -75.12 1.65 -60.19
N ASP C 124 -75.48 0.44 -59.80
CA ASP C 124 -75.33 -0.73 -60.68
C ASP C 124 -76.18 -0.57 -61.92
N GLU C 125 -77.43 -0.14 -61.75
CA GLU C 125 -78.33 0.07 -62.89
C GLU C 125 -77.77 1.12 -63.88
N VAL C 126 -77.12 2.16 -63.36
CA VAL C 126 -76.55 3.23 -64.19
C VAL C 126 -75.21 2.84 -64.83
N PHE C 127 -74.27 2.36 -64.00
CA PHE C 127 -72.85 2.17 -64.41
C PHE C 127 -72.43 0.71 -64.67
N GLY C 128 -73.26 -0.24 -64.25
CA GLY C 128 -72.98 -1.68 -64.35
C GLY C 128 -72.50 -2.18 -65.68
N ASP C 129 -73.18 -1.80 -66.77
CA ASP C 129 -72.79 -2.20 -68.14
C ASP C 129 -72.42 -0.98 -68.98
N ALA C 130 -72.11 0.15 -68.33
CA ALA C 130 -71.86 1.42 -69.02
C ALA C 130 -70.81 2.19 -68.23
N PRO C 131 -69.52 1.83 -68.37
CA PRO C 131 -68.44 2.60 -67.72
C PRO C 131 -68.42 4.09 -68.11
N GLY C 132 -68.83 4.39 -69.35
CA GLY C 132 -68.96 5.75 -69.87
C GLY C 132 -70.32 6.39 -69.73
N ALA C 133 -71.13 5.96 -68.77
CA ALA C 133 -72.43 6.58 -68.56
C ALA C 133 -72.27 8.06 -68.24
N LYS C 134 -73.22 8.85 -68.74
CA LYS C 134 -73.21 10.30 -68.61
C LYS C 134 -74.51 10.82 -68.01
N LEU C 135 -74.42 11.43 -66.83
CA LEU C 135 -75.58 12.03 -66.15
C LEU C 135 -75.69 13.55 -66.30
N ALA C 136 -76.93 14.02 -66.37
CA ALA C 136 -77.30 15.39 -66.12
C ALA C 136 -77.72 15.53 -64.65
N SER C 137 -77.83 16.76 -64.22
CA SER C 137 -78.39 17.01 -62.90
C SER C 137 -78.86 18.44 -62.84
N VAL C 138 -80.11 18.62 -62.42
CA VAL C 138 -80.68 19.95 -62.30
C VAL C 138 -81.34 20.10 -60.95
N PHE C 139 -80.88 21.12 -60.22
CA PHE C 139 -81.36 21.49 -58.90
C PHE C 139 -82.14 22.82 -59.02
N ALA C 140 -82.24 23.31 -60.26
CA ALA C 140 -82.88 24.58 -60.65
C ALA C 140 -84.40 24.60 -60.64
N ALA C 141 -85.04 23.47 -60.37
CA ALA C 141 -86.48 23.41 -60.25
C ALA C 141 -86.78 22.31 -59.32
N ALA C 142 -88.01 22.33 -58.89
CA ALA C 142 -88.56 21.23 -58.22
C ALA C 142 -89.78 20.85 -59.05
N GLY C 143 -90.03 19.56 -59.03
CA GLY C 143 -91.13 18.94 -59.68
C GLY C 143 -91.84 18.45 -58.45
N THR C 144 -92.92 17.76 -58.68
CA THR C 144 -93.70 17.34 -57.59
C THR C 144 -93.85 15.84 -57.72
N ALA C 145 -93.62 15.16 -56.61
CA ALA C 145 -93.62 13.72 -56.58
C ALA C 145 -94.57 13.21 -55.51
N VAL C 146 -95.27 12.14 -55.81
CA VAL C 146 -96.20 11.57 -54.88
C VAL C 146 -95.98 10.07 -54.79
N ARG C 147 -96.15 9.53 -53.59
CA ARG C 147 -95.96 8.10 -53.37
C ARG C 147 -96.96 7.24 -54.11
N THR C 148 -96.46 6.16 -54.69
CA THR C 148 -97.25 5.18 -55.41
C THR C 148 -96.66 3.85 -55.00
N PRO C 149 -97.38 2.71 -55.21
CA PRO C 149 -96.73 1.47 -54.76
C PRO C 149 -95.48 1.15 -55.53
N GLY C 150 -94.42 0.85 -54.79
CA GLY C 150 -93.11 0.54 -55.35
C GLY C 150 -92.24 1.74 -55.68
N GLY C 151 -92.74 2.95 -55.44
CA GLY C 151 -91.98 4.13 -55.75
C GLY C 151 -92.70 5.46 -55.66
N TYR C 152 -92.55 6.24 -56.74
CA TYR C 152 -93.14 7.57 -56.83
C TYR C 152 -93.65 7.85 -58.25
N ARG C 153 -94.57 8.80 -58.34
CA ARG C 153 -95.04 9.35 -59.62
C ARG C 153 -94.55 10.80 -59.61
N LEU C 154 -93.82 11.18 -60.66
CA LEU C 154 -93.09 12.46 -60.72
C LEU C 154 -93.54 13.32 -61.91
N THR C 155 -93.84 14.58 -61.61
CA THR C 155 -94.23 15.55 -62.62
C THR C 155 -93.43 16.83 -62.37
N GLY C 156 -92.93 17.43 -63.43
CA GLY C 156 -92.22 18.69 -63.32
C GLY C 156 -91.62 19.19 -64.61
N SER C 157 -91.02 20.38 -64.52
CA SER C 157 -90.35 21.01 -65.65
C SER C 157 -89.05 21.65 -65.14
N TRP C 158 -87.92 21.14 -65.59
CA TRP C 158 -86.61 21.51 -65.05
C TRP C 158 -85.78 22.21 -66.13
N PRO C 159 -85.62 23.55 -66.05
CA PRO C 159 -84.74 24.28 -66.98
C PRO C 159 -83.26 24.11 -66.67
N TYR C 160 -82.41 24.61 -67.56
CA TYR C 160 -80.94 24.55 -67.40
C TYR C 160 -80.35 23.14 -67.32
N GLY C 161 -80.81 22.26 -68.18
CA GLY C 161 -80.37 20.87 -68.13
C GLY C 161 -79.15 20.70 -69.01
N THR C 162 -78.00 21.10 -68.50
CA THR C 162 -76.78 20.99 -69.28
C THR C 162 -76.51 19.60 -69.81
N GLY C 163 -76.24 19.55 -71.10
CA GLY C 163 -75.89 18.33 -71.81
C GLY C 163 -76.93 17.23 -71.87
N ILE C 164 -78.20 17.54 -71.58
CA ILE C 164 -79.28 16.57 -71.46
C ILE C 164 -79.54 15.81 -72.76
N LEU C 165 -79.34 16.48 -73.89
CA LEU C 165 -79.47 15.81 -75.18
C LEU C 165 -78.55 14.62 -75.39
N HIS C 166 -77.38 14.57 -74.75
CA HIS C 166 -76.43 13.46 -74.90
C HIS C 166 -76.37 12.57 -73.67
N ASP C 167 -77.23 12.83 -72.68
CA ASP C 167 -77.09 12.16 -71.38
C ASP C 167 -77.95 10.89 -71.32
N ASP C 168 -77.51 9.94 -70.52
CA ASP C 168 -78.16 8.65 -70.37
C ASP C 168 -79.16 8.69 -69.24
N TRP C 169 -78.85 9.46 -68.19
CA TRP C 169 -79.73 9.63 -67.03
C TRP C 169 -79.70 11.09 -66.55
N ALA C 170 -80.62 11.45 -65.66
CA ALA C 170 -80.72 12.79 -65.11
C ALA C 170 -81.06 12.68 -63.65
N ILE C 171 -80.37 13.49 -62.81
CA ILE C 171 -80.73 13.63 -61.40
C ILE C 171 -81.54 14.89 -61.28
N LEU C 172 -82.78 14.74 -60.85
CA LEU C 172 -83.70 15.86 -60.74
C LEU C 172 -84.22 16.04 -59.33
N VAL C 173 -84.32 17.27 -58.89
CA VAL C 173 -84.83 17.61 -57.56
C VAL C 173 -86.34 17.74 -57.58
N ALA C 174 -86.99 17.28 -56.53
CA ALA C 174 -88.43 17.39 -56.44
C ALA C 174 -88.91 17.52 -55.04
N ARG C 175 -90.16 17.91 -54.91
CA ARG C 175 -90.78 18.02 -53.62
C ARG C 175 -91.79 16.92 -53.54
N GLU C 176 -91.69 16.12 -52.48
CA GLU C 176 -92.71 15.11 -52.22
C GLU C 176 -93.97 15.77 -51.65
N VAL C 177 -95.12 15.28 -52.08
CA VAL C 177 -96.40 15.79 -51.59
C VAL C 177 -97.31 14.61 -51.32
N ASP C 178 -98.31 14.83 -50.50
CA ASP C 178 -99.27 13.76 -50.17
C ASP C 178 -100.48 13.82 -51.11
N ALA C 179 -101.46 12.99 -50.81
CA ALA C 179 -102.69 12.93 -51.60
C ALA C 179 -103.40 14.26 -51.56
N ASP C 180 -103.35 14.91 -50.41
CA ASP C 180 -103.92 16.23 -50.28
C ASP C 180 -103.16 17.25 -51.11
N GLY C 181 -101.88 17.00 -51.33
CA GLY C 181 -101.05 17.91 -52.09
C GLY C 181 -100.23 18.82 -51.20
N GLU C 182 -100.20 18.48 -49.92
CA GLU C 182 -99.39 19.19 -48.96
C GLU C 182 -97.93 18.74 -49.03
N PRO C 183 -96.98 19.65 -48.78
CA PRO C 183 -95.56 19.25 -48.85
C PRO C 183 -95.13 18.28 -47.77
N VAL C 184 -94.37 17.26 -48.16
CA VAL C 184 -93.87 16.27 -47.22
C VAL C 184 -92.38 16.41 -47.00
N GLY C 185 -91.62 16.53 -48.07
CA GLY C 185 -90.17 16.62 -47.94
C GLY C 185 -89.52 16.80 -49.28
N GLY C 186 -88.19 16.89 -49.28
CA GLY C 186 -87.43 17.09 -50.51
C GLY C 186 -86.90 15.77 -51.03
N LEU C 187 -86.82 15.61 -52.34
CA LEU C 187 -86.27 14.38 -52.92
C LEU C 187 -85.27 14.61 -54.03
N SER C 188 -84.41 13.61 -54.25
CA SER C 188 -83.56 13.60 -55.39
C SER C 188 -83.85 12.34 -56.17
N MET C 189 -84.09 12.48 -57.47
CA MET C 189 -84.56 11.34 -58.25
C MET C 189 -83.75 11.08 -59.47
N LEU C 190 -83.47 9.81 -59.69
CA LEU C 190 -82.64 9.42 -60.82
C LEU C 190 -83.54 8.82 -61.89
N VAL C 191 -83.59 9.45 -63.06
CA VAL C 191 -84.48 9.00 -64.10
C VAL C 191 -83.77 8.90 -65.42
N PRO C 192 -84.05 7.86 -66.19
CA PRO C 192 -83.38 7.56 -67.45
C PRO C 192 -83.89 8.37 -68.63
N ALA C 193 -83.08 8.39 -69.67
CA ALA C 193 -83.38 9.13 -70.89
C ALA C 193 -84.67 8.68 -71.54
N ARG C 194 -84.93 7.39 -71.50
CA ARG C 194 -86.15 6.82 -72.09
C ARG C 194 -87.41 7.41 -71.47
N ASP C 195 -87.35 7.75 -70.18
CA ASP C 195 -88.48 8.35 -69.51
C ASP C 195 -88.58 9.85 -69.65
N LEU C 196 -87.58 10.51 -70.20
CA LEU C 196 -87.56 11.98 -70.27
C LEU C 196 -88.00 12.52 -71.60
N THR C 197 -88.41 13.76 -71.58
CA THR C 197 -88.71 14.53 -72.75
C THR C 197 -87.91 15.81 -72.65
N VAL C 198 -87.38 16.27 -73.76
CA VAL C 198 -86.58 17.49 -73.74
C VAL C 198 -87.26 18.54 -74.58
N GLU C 199 -87.39 19.71 -74.00
CA GLU C 199 -88.07 20.81 -74.62
C GLU C 199 -87.02 21.84 -75.00
N ASP C 200 -87.13 22.42 -76.19
CA ASP C 200 -86.12 23.32 -76.67
C ASP C 200 -86.30 24.73 -76.10
N THR C 201 -85.54 25.04 -75.08
CA THR C 201 -85.67 26.33 -74.43
C THR C 201 -84.36 27.09 -74.27
N TRP C 202 -83.23 26.53 -74.71
CA TRP C 202 -81.94 27.15 -74.47
C TRP C 202 -81.59 28.10 -75.63
N HIS C 203 -81.89 29.38 -75.43
CA HIS C 203 -81.58 30.40 -76.42
C HIS C 203 -80.80 31.51 -75.75
N THR C 204 -79.48 31.43 -75.89
CA THR C 204 -78.59 32.31 -75.16
C THR C 204 -77.53 32.84 -76.03
N VAL C 205 -76.81 33.84 -75.52
CA VAL C 205 -75.73 34.44 -76.29
C VAL C 205 -74.36 33.90 -75.91
N GLY C 206 -74.32 32.96 -74.99
CA GLY C 206 -73.07 32.31 -74.59
C GLY C 206 -73.36 30.90 -74.11
N MET C 207 -72.35 30.06 -74.19
CA MET C 207 -72.45 28.66 -73.83
C MET C 207 -73.59 27.97 -74.61
N ARG C 208 -73.73 28.33 -75.88
CA ARG C 208 -74.83 27.85 -76.69
C ARG C 208 -74.82 26.33 -76.90
N ALA C 209 -73.65 25.75 -77.16
CA ALA C 209 -73.56 24.32 -77.44
C ALA C 209 -73.76 23.44 -76.21
N THR C 210 -73.84 24.02 -75.02
CA THR C 210 -74.09 23.25 -73.84
C THR C 210 -75.46 22.63 -73.83
N GLY C 211 -76.39 23.13 -74.64
CA GLY C 211 -77.71 22.55 -74.76
C GLY C 211 -78.45 22.40 -73.46
N SER C 212 -78.45 23.45 -72.66
CA SER C 212 -79.06 23.44 -71.35
C SER C 212 -80.58 23.67 -71.43
N HIS C 213 -81.24 22.67 -72.01
CA HIS C 213 -82.65 22.72 -72.34
C HIS C 213 -83.50 22.33 -71.16
N THR C 214 -84.82 22.31 -71.33
CA THR C 214 -85.74 21.99 -70.24
C THR C 214 -86.13 20.52 -70.30
N VAL C 215 -86.02 19.86 -69.16
CA VAL C 215 -86.46 18.48 -69.00
C VAL C 215 -87.90 18.50 -68.50
N VAL C 216 -88.75 17.75 -69.18
CA VAL C 216 -90.16 17.68 -68.85
C VAL C 216 -90.61 16.27 -68.50
N LEU C 217 -91.34 16.14 -67.40
CA LEU C 217 -91.84 14.86 -66.94
C LEU C 217 -93.30 14.97 -66.62
N ARG C 218 -94.10 14.01 -67.02
CA ARG C 218 -95.49 14.02 -66.64
C ARG C 218 -95.94 12.67 -66.13
N ASP C 219 -96.26 12.62 -64.84
CA ASP C 219 -96.74 11.42 -64.19
C ASP C 219 -95.82 10.21 -64.42
N THR C 220 -94.53 10.46 -64.35
CA THR C 220 -93.53 9.44 -64.62
C THR C 220 -93.23 8.61 -63.40
N PHE C 221 -93.17 7.30 -63.60
CA PHE C 221 -92.89 6.40 -62.49
C PHE C 221 -91.41 6.32 -62.23
N VAL C 222 -91.04 6.47 -60.97
CA VAL C 222 -89.66 6.33 -60.56
C VAL C 222 -89.63 5.35 -59.41
N PRO C 223 -88.83 4.27 -59.54
CA PRO C 223 -88.86 3.35 -58.41
C PRO C 223 -88.10 3.84 -57.21
N GLU C 224 -88.41 3.23 -56.09
CA GLU C 224 -87.88 3.57 -54.78
C GLU C 224 -86.36 3.59 -54.70
N HIS C 225 -85.69 2.63 -55.32
CA HIS C 225 -84.24 2.54 -55.23
C HIS C 225 -83.52 3.64 -56.00
N ARG C 226 -84.24 4.37 -56.84
CA ARG C 226 -83.68 5.50 -57.56
C ARG C 226 -84.15 6.84 -57.00
N VAL C 227 -84.49 6.87 -55.71
CA VAL C 227 -85.00 8.08 -55.06
C VAL C 227 -84.34 8.16 -53.69
N ILE C 228 -83.77 9.31 -53.35
CA ILE C 228 -83.23 9.53 -52.00
C ILE C 228 -83.74 10.84 -51.51
N SER C 229 -83.60 11.07 -50.22
CA SER C 229 -84.04 12.34 -49.64
C SER C 229 -83.09 13.40 -50.11
N GLY C 230 -83.59 14.61 -50.15
CA GLY C 230 -82.79 15.77 -50.47
C GLY C 230 -81.69 15.89 -49.44
N GLU C 231 -81.98 15.55 -48.19
CA GLU C 231 -80.99 15.58 -47.15
C GLU C 231 -79.82 14.64 -47.43
N LEU C 232 -80.10 13.45 -47.95
CA LEU C 232 -79.06 12.49 -48.26
C LEU C 232 -78.23 12.92 -49.46
N GLN C 233 -78.88 13.54 -50.43
CA GLN C 233 -78.21 14.03 -51.63
C GLN C 233 -77.17 15.09 -51.33
N ARG C 234 -77.42 15.94 -50.34
CA ARG C 234 -76.49 16.99 -49.98
C ARG C 234 -75.57 16.59 -48.86
N SER C 235 -75.66 15.35 -48.40
CA SER C 235 -74.93 14.91 -47.20
C SER C 235 -73.43 14.88 -47.40
N ARG C 236 -72.69 15.14 -46.33
CA ARG C 236 -71.24 15.02 -46.32
C ARG C 236 -70.81 14.02 -45.26
N GLU C 237 -71.69 13.10 -44.88
CA GLU C 237 -71.34 12.05 -43.90
C GLU C 237 -70.30 11.08 -44.39
N SER C 238 -70.16 10.94 -45.71
CA SER C 238 -69.17 10.02 -46.25
C SER C 238 -67.75 10.56 -46.16
N ALA C 239 -67.58 11.78 -45.68
CA ALA C 239 -66.28 12.37 -45.55
C ALA C 239 -65.32 11.56 -44.70
N THR C 240 -65.82 10.90 -43.66
CA THR C 240 -64.99 10.12 -42.76
C THR C 240 -65.05 8.61 -42.96
N ASP C 241 -65.72 8.13 -43.99
CA ASP C 241 -65.92 6.70 -44.24
C ASP C 241 -64.68 6.07 -44.89
N LEU C 242 -63.90 5.35 -44.11
CA LEU C 242 -62.69 4.69 -44.61
C LEU C 242 -62.96 3.54 -45.60
N GLY C 243 -64.19 3.01 -45.56
CA GLY C 243 -64.63 2.01 -46.52
C GLY C 243 -64.74 2.47 -47.96
N LEU C 244 -65.05 3.76 -48.14
CA LEU C 244 -65.15 4.35 -49.47
C LEU C 244 -63.82 4.75 -50.05
N PRO C 245 -63.66 4.70 -51.39
CA PRO C 245 -62.43 5.32 -51.93
C PRO C 245 -62.41 6.84 -51.70
N PRO C 246 -61.21 7.47 -51.74
CA PRO C 246 -61.22 8.92 -51.41
C PRO C 246 -62.13 9.83 -52.20
N LEU C 247 -62.32 9.62 -53.49
CA LEU C 247 -63.19 10.48 -54.29
C LEU C 247 -64.62 10.55 -53.74
N PHE C 248 -65.11 9.45 -53.23
CA PHE C 248 -66.48 9.43 -52.73
C PHE C 248 -66.60 9.98 -51.32
N ARG C 249 -65.49 10.38 -50.73
CA ARG C 249 -65.50 11.07 -49.47
C ARG C 249 -65.55 12.59 -49.66
N THR C 250 -65.28 13.06 -50.88
CA THR C 250 -65.17 14.48 -51.25
C THR C 250 -66.50 15.18 -51.05
N ALA C 251 -66.43 16.43 -50.61
CA ALA C 251 -67.60 17.28 -50.53
C ALA C 251 -68.08 17.62 -51.95
N ALA C 252 -69.12 16.95 -52.40
CA ALA C 252 -69.42 16.86 -53.83
C ALA C 252 -69.88 18.17 -54.45
N ILE C 253 -70.76 18.86 -53.75
CA ILE C 253 -71.33 20.10 -54.28
C ILE C 253 -70.25 21.17 -54.38
N ALA C 254 -69.37 21.24 -53.39
CA ALA C 254 -68.27 22.16 -53.44
C ALA C 254 -67.32 21.78 -54.56
N ALA C 255 -67.09 20.50 -54.77
CA ALA C 255 -66.19 20.05 -55.82
C ALA C 255 -66.70 20.41 -57.19
N MET C 256 -68.00 20.32 -57.37
CA MET C 256 -68.65 20.63 -58.62
C MET C 256 -68.49 22.13 -58.92
N ALA C 257 -68.68 22.96 -57.90
CA ALA C 257 -68.51 24.39 -58.03
C ALA C 257 -67.06 24.75 -58.41
N VAL C 258 -66.08 24.07 -57.83
CA VAL C 258 -64.69 24.31 -58.16
C VAL C 258 -64.38 23.99 -59.63
N VAL C 259 -64.93 22.92 -60.17
CA VAL C 259 -64.67 22.60 -61.58
C VAL C 259 -65.47 23.48 -62.53
N CYS C 260 -66.64 23.98 -62.12
CA CYS C 260 -67.38 24.95 -62.93
C CYS C 260 -66.55 26.25 -63.06
N ALA C 261 -65.97 26.68 -61.94
CA ALA C 261 -65.06 27.80 -61.95
C ALA C 261 -63.86 27.54 -62.86
N SER C 262 -63.36 26.31 -62.86
CA SER C 262 -62.21 25.98 -63.73
C SER C 262 -62.51 26.13 -65.21
N VAL C 263 -63.75 25.84 -65.61
CA VAL C 263 -64.18 26.02 -67.00
C VAL C 263 -64.06 27.50 -67.37
N VAL C 264 -64.60 28.35 -66.52
CA VAL C 264 -64.52 29.80 -66.74
C VAL C 264 -63.06 30.28 -66.75
N LEU C 265 -62.31 29.84 -65.76
CA LEU C 265 -60.91 30.20 -65.65
C LEU C 265 -60.12 29.88 -66.91
N GLY C 266 -60.28 28.65 -67.37
CA GLY C 266 -59.59 28.22 -68.57
C GLY C 266 -59.88 29.07 -69.80
N ALA C 267 -61.13 29.53 -69.96
CA ALA C 267 -61.51 30.39 -71.07
C ALA C 267 -60.78 31.72 -70.98
N GLY C 268 -60.67 32.21 -69.74
CA GLY C 268 -59.94 33.44 -69.47
C GLY C 268 -58.47 33.31 -69.81
N GLN C 269 -57.89 32.18 -69.43
CA GLN C 269 -56.49 31.93 -69.75
C GLN C 269 -56.28 31.82 -71.24
N ALA C 270 -57.21 31.20 -71.96
CA ALA C 270 -57.10 31.13 -73.42
C ALA C 270 -57.15 32.51 -74.06
N ALA C 271 -58.05 33.36 -73.53
CA ALA C 271 -58.18 34.75 -73.95
C ALA C 271 -56.86 35.48 -73.74
N ARG C 272 -56.22 35.29 -72.59
CA ARG C 272 -54.93 35.93 -72.32
C ARG C 272 -53.88 35.47 -73.32
N ALA C 273 -53.76 34.16 -73.53
CA ALA C 273 -52.78 33.63 -74.50
C ALA C 273 -52.98 34.20 -75.89
N LEU C 274 -54.23 34.38 -76.29
CA LEU C 274 -54.55 34.94 -77.60
C LEU C 274 -54.13 36.41 -77.77
N VAL C 275 -54.45 37.23 -76.78
CA VAL C 275 -54.01 38.63 -76.76
C VAL C 275 -52.47 38.72 -76.79
N VAL C 276 -51.78 37.86 -76.07
CA VAL C 276 -50.31 37.78 -76.12
C VAL C 276 -49.78 37.38 -77.49
N GLU C 277 -50.44 36.41 -78.09
CA GLU C 277 -50.08 35.92 -79.40
C GLU C 277 -50.18 36.98 -80.49
N LYS C 278 -51.26 37.77 -80.45
CA LYS C 278 -51.53 38.77 -81.46
C LYS C 278 -50.91 40.15 -81.28
N ALA C 279 -50.42 40.45 -80.09
CA ALA C 279 -49.96 41.80 -79.77
C ALA C 279 -48.80 42.28 -80.61
N PRO C 280 -47.84 41.40 -80.96
CA PRO C 280 -46.75 41.94 -81.77
C PRO C 280 -47.12 42.32 -83.19
N THR C 281 -48.25 41.87 -83.72
CA THR C 281 -48.62 42.22 -85.08
C THR C 281 -49.80 43.18 -85.26
N ARG C 282 -50.27 43.82 -84.19
CA ARG C 282 -51.35 44.80 -84.29
C ARG C 282 -50.92 46.03 -83.56
N GLY C 283 -51.61 47.12 -83.82
CA GLY C 283 -51.38 48.41 -83.19
C GLY C 283 -52.53 48.83 -82.32
N ILE C 284 -52.39 50.04 -81.77
CA ILE C 284 -53.37 50.66 -80.92
C ILE C 284 -53.82 51.94 -81.59
N ALA C 285 -54.92 51.85 -82.30
CA ALA C 285 -55.46 53.02 -82.97
C ALA C 285 -56.05 53.99 -81.98
N PRO C 286 -55.89 55.30 -82.26
CA PRO C 286 -55.20 55.93 -83.41
C PRO C 286 -53.85 56.44 -82.99
N SER C 287 -53.19 55.72 -82.10
CA SER C 287 -51.95 56.22 -81.53
C SER C 287 -50.80 55.98 -82.49
N LYS C 288 -49.65 56.53 -82.12
CA LYS C 288 -48.40 56.25 -82.79
C LYS C 288 -47.88 54.82 -82.59
N TYR C 289 -48.44 54.07 -81.64
CA TYR C 289 -48.04 52.69 -81.39
C TYR C 289 -48.58 51.74 -82.48
N THR C 290 -47.77 51.48 -83.49
CA THR C 290 -48.17 50.58 -84.58
C THR C 290 -48.08 49.10 -84.16
N ARG C 291 -47.30 48.84 -83.11
CA ARG C 291 -47.20 47.52 -82.47
C ARG C 291 -47.63 47.66 -81.03
N GLN C 292 -48.53 46.79 -80.56
CA GLN C 292 -49.05 46.87 -79.18
C GLN C 292 -47.94 46.77 -78.12
N THR C 293 -46.96 45.91 -78.42
CA THR C 293 -45.81 45.65 -77.55
C THR C 293 -44.87 46.84 -77.40
N ASP C 294 -44.96 47.81 -78.31
CA ASP C 294 -44.21 49.05 -78.20
C ASP C 294 -44.74 49.97 -77.13
N SER C 295 -45.99 49.79 -76.75
CA SER C 295 -46.61 50.62 -75.75
C SER C 295 -46.42 50.05 -74.36
N ARG C 296 -45.71 50.80 -73.52
CA ARG C 296 -45.46 50.37 -72.19
C ARG C 296 -46.73 50.36 -71.34
N THR C 297 -47.68 51.24 -71.64
CA THR C 297 -48.95 51.24 -70.96
C THR C 297 -49.67 49.94 -71.24
N PHE C 298 -49.61 49.49 -72.49
CA PHE C 298 -50.21 48.23 -72.88
C PHE C 298 -49.52 47.06 -72.17
N VAL C 299 -48.19 47.06 -72.16
CA VAL C 299 -47.45 45.96 -71.61
C VAL C 299 -47.68 45.84 -70.10
N SER C 300 -47.62 46.95 -69.38
CA SER C 300 -47.81 46.91 -67.94
C SER C 300 -49.26 46.59 -67.56
N SER C 301 -50.21 47.04 -68.35
CA SER C 301 -51.60 46.70 -68.12
C SER C 301 -51.84 45.23 -68.28
N LEU C 302 -51.20 44.64 -69.28
CA LEU C 302 -51.35 43.24 -69.55
C LEU C 302 -50.73 42.43 -68.43
N GLY C 303 -49.64 42.91 -67.85
CA GLY C 303 -49.03 42.26 -66.72
C GLY C 303 -49.98 42.22 -65.54
N ARG C 304 -50.67 43.33 -65.31
CA ARG C 304 -51.64 43.40 -64.24
C ARG C 304 -52.84 42.47 -64.45
N THR C 305 -53.34 42.42 -65.66
CA THR C 305 -54.47 41.59 -66.00
C THR C 305 -54.09 40.13 -65.86
N ALA C 306 -52.89 39.81 -66.30
CA ALA C 306 -52.39 38.49 -66.15
C ALA C 306 -52.29 38.10 -64.69
N LEU C 307 -51.79 38.99 -63.83
CA LEU C 307 -51.74 38.66 -62.38
C LEU C 307 -53.11 38.44 -61.75
N SER C 308 -54.16 39.17 -62.17
CA SER C 308 -55.53 38.83 -61.68
C SER C 308 -55.97 37.42 -62.07
N ILE C 309 -55.71 37.05 -63.30
CA ILE C 309 -56.03 35.72 -63.78
C ILE C 309 -55.20 34.67 -63.01
N ASP C 310 -53.92 34.98 -62.76
CA ASP C 310 -53.07 34.11 -61.92
C ASP C 310 -53.66 33.95 -60.49
N ALA C 311 -54.19 35.02 -59.94
CA ALA C 311 -54.84 34.92 -58.65
C ALA C 311 -56.08 34.06 -58.71
N ALA C 312 -56.85 34.17 -59.77
CA ALA C 312 -58.05 33.36 -59.91
C ALA C 312 -57.67 31.89 -59.97
N GLU C 313 -56.58 31.60 -60.67
CA GLU C 313 -56.08 30.26 -60.78
C GLU C 313 -55.68 29.68 -59.41
N MET C 314 -55.02 30.48 -58.61
CA MET C 314 -54.62 30.06 -57.28
C MET C 314 -55.81 29.84 -56.36
N HIS C 315 -56.85 30.67 -56.45
CA HIS C 315 -58.07 30.49 -55.65
C HIS C 315 -58.71 29.14 -55.97
N VAL C 316 -58.75 28.81 -57.24
CA VAL C 316 -59.33 27.56 -57.70
C VAL C 316 -58.48 26.39 -57.23
N ALA C 317 -57.18 26.49 -57.41
CA ALA C 317 -56.29 25.41 -57.00
C ALA C 317 -56.30 25.22 -55.51
N ARG C 318 -56.35 26.29 -54.72
CA ARG C 318 -56.37 26.17 -53.28
C ARG C 318 -57.61 25.41 -52.84
N ALA C 319 -58.75 25.74 -53.41
CA ALA C 319 -60.00 25.08 -53.06
C ALA C 319 -59.97 23.61 -53.44
N ALA C 320 -59.48 23.34 -54.63
CA ALA C 320 -59.34 21.96 -55.07
C ALA C 320 -58.48 21.14 -54.11
N THR C 321 -57.36 21.73 -53.70
CA THR C 321 -56.44 21.07 -52.78
C THR C 321 -57.03 20.86 -51.40
N ALA C 322 -57.76 21.83 -50.89
CA ALA C 322 -58.43 21.66 -49.61
C ALA C 322 -59.39 20.48 -49.68
N LEU C 323 -60.15 20.38 -50.78
CA LEU C 323 -61.12 19.31 -50.94
C LEU C 323 -60.46 17.95 -51.06
N ASP C 324 -59.39 17.87 -51.83
CA ASP C 324 -58.64 16.62 -51.98
C ASP C 324 -57.92 16.18 -50.73
N ASP C 325 -57.32 17.11 -50.01
CA ASP C 325 -56.58 16.76 -48.80
C ASP C 325 -57.54 16.17 -47.78
N ALA C 326 -58.73 16.75 -47.66
CA ALA C 326 -59.71 16.25 -46.72
C ALA C 326 -60.20 14.85 -47.12
N ALA C 327 -60.43 14.63 -48.39
CA ALA C 327 -60.89 13.34 -48.86
C ALA C 327 -59.84 12.24 -48.64
N TYR C 328 -58.59 12.56 -48.93
CA TYR C 328 -57.51 11.62 -48.74
C TYR C 328 -57.27 11.30 -47.27
N ASP C 329 -57.42 12.27 -46.40
CA ASP C 329 -57.21 12.05 -44.99
C ASP C 329 -58.46 11.53 -44.32
N ALA C 330 -59.55 11.43 -45.05
CA ALA C 330 -60.81 11.01 -44.44
C ALA C 330 -61.28 11.89 -43.25
N VAL C 331 -61.03 13.19 -43.36
CA VAL C 331 -61.56 14.16 -42.40
C VAL C 331 -62.68 14.98 -43.04
N ALA C 332 -63.61 15.41 -42.19
CA ALA C 332 -64.69 16.30 -42.58
C ALA C 332 -64.14 17.71 -42.63
N LEU C 333 -64.45 18.42 -43.70
CA LEU C 333 -64.20 19.85 -43.78
C LEU C 333 -65.19 20.55 -42.86
N PRO C 334 -64.68 21.42 -41.97
CA PRO C 334 -65.64 22.19 -41.19
C PRO C 334 -66.37 23.19 -42.08
N ASP C 335 -67.47 23.73 -41.58
CA ASP C 335 -68.27 24.70 -42.32
C ASP C 335 -67.45 25.89 -42.77
N SER C 336 -66.56 26.37 -41.92
CA SER C 336 -65.77 27.52 -42.26
C SER C 336 -64.91 27.30 -43.50
N GLU C 337 -64.40 26.09 -43.67
CA GLU C 337 -63.59 25.80 -44.82
C GLU C 337 -64.43 25.75 -46.09
N LEU C 338 -65.65 25.24 -46.00
CA LEU C 338 -66.56 25.18 -47.15
C LEU C 338 -67.05 26.55 -47.56
N LEU C 339 -67.28 27.41 -46.58
CA LEU C 339 -67.72 28.76 -46.83
C LEU C 339 -66.63 29.53 -47.53
N ARG C 340 -65.38 29.26 -47.16
CA ARG C 340 -64.25 29.85 -47.83
C ARG C 340 -64.14 29.38 -49.25
N ILE C 341 -64.41 28.11 -49.51
CA ILE C 341 -64.34 27.59 -50.87
C ILE C 341 -65.39 28.27 -51.73
N ARG C 342 -66.57 28.52 -51.18
CA ARG C 342 -67.60 29.20 -51.93
C ARG C 342 -67.17 30.62 -52.29
N GLY C 343 -66.48 31.29 -51.38
CA GLY C 343 -65.91 32.58 -51.63
C GLY C 343 -64.82 32.56 -52.68
N ASP C 344 -63.93 31.57 -52.61
CA ASP C 344 -62.86 31.43 -53.61
C ASP C 344 -63.38 31.29 -55.03
N VAL C 345 -64.41 30.48 -55.23
CA VAL C 345 -64.91 30.24 -56.59
C VAL C 345 -65.61 31.43 -57.20
N GLY C 346 -66.41 32.15 -56.41
CA GLY C 346 -67.07 33.35 -56.90
C GLY C 346 -66.05 34.43 -57.19
N GLN C 347 -65.07 34.55 -56.31
CA GLN C 347 -64.02 35.50 -56.49
C GLN C 347 -63.18 35.16 -57.71
N ALA C 348 -62.87 33.89 -57.94
CA ALA C 348 -62.05 33.55 -59.14
C ALA C 348 -62.77 33.92 -60.41
N VAL C 349 -64.06 33.61 -60.51
CA VAL C 349 -64.78 33.88 -61.76
C VAL C 349 -65.02 35.36 -61.95
N SER C 350 -65.20 36.06 -60.87
CA SER C 350 -65.31 37.51 -60.89
C SER C 350 -64.03 38.21 -61.40
N LEU C 351 -62.92 37.71 -60.91
CA LEU C 351 -61.63 38.13 -61.37
C LEU C 351 -61.48 37.84 -62.88
N VAL C 352 -61.97 36.69 -63.34
CA VAL C 352 -61.87 36.33 -64.75
C VAL C 352 -62.74 37.21 -65.64
N THR C 353 -63.96 37.52 -65.23
CA THR C 353 -64.81 38.37 -66.04
C THR C 353 -64.26 39.81 -66.12
N THR C 354 -63.69 40.33 -65.04
CA THR C 354 -63.09 41.63 -65.05
C THR C 354 -61.86 41.62 -65.95
N ALA C 355 -61.09 40.56 -65.89
CA ALA C 355 -59.90 40.43 -66.73
C ALA C 355 -60.24 40.33 -68.20
N LEU C 356 -61.35 39.70 -68.54
CA LEU C 356 -61.77 39.61 -69.92
C LEU C 356 -62.13 40.97 -70.48
N ASP C 357 -62.76 41.81 -69.67
CA ASP C 357 -63.09 43.17 -70.06
C ASP C 357 -61.80 43.92 -70.35
N GLU C 358 -60.79 43.70 -69.52
CA GLU C 358 -59.48 44.25 -69.71
C GLU C 358 -58.79 43.74 -70.99
N LEU C 359 -58.96 42.46 -71.31
CA LEU C 359 -58.35 41.92 -72.51
C LEU C 359 -58.96 42.47 -73.81
N LEU C 360 -60.25 42.79 -73.78
CA LEU C 360 -60.89 43.43 -74.91
C LEU C 360 -60.37 44.85 -75.11
N TRP C 361 -60.11 45.55 -74.02
CA TRP C 361 -59.50 46.88 -74.11
C TRP C 361 -58.13 46.77 -74.71
N ALA C 362 -57.39 45.73 -74.36
CA ALA C 362 -56.08 45.52 -74.91
C ALA C 362 -56.11 45.20 -76.39
N HIS C 363 -56.96 44.27 -76.76
CA HIS C 363 -57.01 43.80 -78.14
C HIS C 363 -57.65 44.79 -79.10
N GLY C 364 -58.73 45.44 -78.70
CA GLY C 364 -59.37 46.41 -79.56
C GLY C 364 -60.68 45.95 -80.14
N ALA C 365 -61.19 46.74 -81.08
CA ALA C 365 -62.49 46.50 -81.71
C ALA C 365 -62.58 45.19 -82.47
N ALA C 366 -61.46 44.73 -82.99
CA ALA C 366 -61.38 43.48 -83.72
C ALA C 366 -61.79 42.28 -82.89
N SER C 367 -61.73 42.42 -81.59
CA SER C 367 -62.07 41.32 -80.73
C SER C 367 -63.55 40.94 -80.82
N PHE C 368 -64.39 41.82 -81.33
CA PHE C 368 -65.82 41.52 -81.42
C PHE C 368 -66.24 40.93 -82.79
N ALA C 369 -65.29 40.67 -83.66
CA ALA C 369 -65.62 40.03 -84.92
C ALA C 369 -66.00 38.58 -84.69
N GLU C 370 -66.95 38.06 -85.46
CA GLU C 370 -67.37 36.67 -85.32
C GLU C 370 -66.22 35.70 -85.59
N SER C 371 -65.28 36.12 -86.43
CA SER C 371 -64.12 35.30 -86.70
C SER C 371 -63.07 35.27 -85.59
N ASN C 372 -63.16 36.15 -84.59
CA ASN C 372 -62.17 36.22 -83.55
C ASN C 372 -62.54 35.36 -82.34
N PRO C 373 -61.69 34.40 -81.93
CA PRO C 373 -62.02 33.58 -80.76
C PRO C 373 -62.15 34.36 -79.44
N LEU C 374 -61.63 35.57 -79.38
CA LEU C 374 -61.66 36.33 -78.17
C LEU C 374 -63.07 36.62 -77.68
N GLN C 375 -63.99 36.98 -78.56
CA GLN C 375 -65.37 37.22 -78.17
C GLN C 375 -66.09 35.95 -77.75
N ARG C 376 -65.68 34.80 -78.26
CA ARG C 376 -66.24 33.52 -77.84
C ARG C 376 -65.89 33.21 -76.40
N TYR C 377 -64.64 33.42 -76.04
CA TYR C 377 -64.23 33.17 -74.68
C TYR C 377 -64.96 34.16 -73.77
N TRP C 378 -65.09 35.39 -74.25
CA TRP C 378 -65.75 36.44 -73.50
C TRP C 378 -67.22 36.11 -73.26
N ARG C 379 -67.93 35.67 -74.28
CA ARG C 379 -69.33 35.35 -74.11
C ARG C 379 -69.56 34.08 -73.27
N ASP C 380 -68.77 33.05 -73.50
CA ASP C 380 -68.94 31.80 -72.75
C ASP C 380 -68.57 31.89 -71.28
N ALA C 381 -67.46 32.53 -70.97
CA ALA C 381 -67.03 32.69 -69.60
C ALA C 381 -67.99 33.57 -68.83
N ASN C 382 -68.46 34.65 -69.45
CA ASN C 382 -69.43 35.53 -68.80
C ASN C 382 -70.77 34.86 -68.50
N THR C 383 -71.28 34.07 -69.43
CA THR C 383 -72.52 33.37 -69.25
C THR C 383 -72.41 32.34 -68.13
N ALA C 384 -71.38 31.52 -68.19
CA ALA C 384 -71.16 30.46 -67.21
C ALA C 384 -70.85 30.96 -65.81
N ALA C 385 -70.18 32.10 -65.72
CA ALA C 385 -69.82 32.68 -64.44
C ALA C 385 -71.02 33.01 -63.57
N ARG C 386 -72.18 33.29 -64.15
CA ARG C 386 -73.38 33.67 -63.41
C ARG C 386 -74.20 32.48 -62.98
N HIS C 387 -73.65 31.29 -63.09
CA HIS C 387 -74.27 30.14 -62.52
C HIS C 387 -74.41 30.40 -61.03
N ALA C 388 -75.49 29.92 -60.44
CA ALA C 388 -75.81 30.16 -59.03
C ALA C 388 -74.74 29.74 -58.02
N MET C 389 -74.06 28.64 -58.27
CA MET C 389 -73.04 28.15 -57.37
C MET C 389 -71.76 28.95 -57.48
N LEU C 390 -71.69 29.85 -58.44
CA LEU C 390 -70.56 30.73 -58.59
C LEU C 390 -70.85 32.19 -58.27
N ASN C 391 -71.97 32.50 -57.64
CA ASN C 391 -72.35 33.90 -57.46
C ASN C 391 -71.35 34.59 -56.54
N VAL C 392 -70.75 35.66 -57.04
CA VAL C 392 -69.68 36.34 -56.31
C VAL C 392 -70.13 37.03 -55.03
N HIS C 393 -71.26 37.73 -55.10
CA HIS C 393 -71.86 38.43 -53.97
C HIS C 393 -72.28 37.47 -52.86
N VAL C 394 -72.84 36.33 -53.23
CA VAL C 394 -73.22 35.31 -52.25
C VAL C 394 -71.97 34.72 -51.61
N GLY C 395 -70.95 34.47 -52.40
CA GLY C 395 -69.69 33.95 -51.88
C GLY C 395 -69.03 34.88 -50.89
N HIS C 396 -69.07 36.17 -51.21
CA HIS C 396 -68.52 37.21 -50.33
C HIS C 396 -69.25 37.21 -49.02
N GLU C 397 -70.57 37.08 -49.06
CA GLU C 397 -71.37 37.10 -47.87
C GLU C 397 -71.14 35.85 -47.04
N LEU C 398 -71.01 34.71 -47.68
CA LEU C 398 -70.76 33.46 -46.99
C LEU C 398 -69.41 33.42 -46.29
N TYR C 399 -68.37 33.88 -46.97
CA TYR C 399 -67.04 33.86 -46.40
C TYR C 399 -66.95 34.86 -45.26
N GLY C 400 -67.55 36.03 -45.45
CA GLY C 400 -67.53 37.07 -44.45
C GLY C 400 -68.25 36.61 -43.21
N GLY C 401 -69.33 35.90 -43.41
CA GLY C 401 -70.15 35.39 -42.35
C GLY C 401 -69.46 34.36 -41.51
N SER C 402 -68.59 33.58 -42.13
CA SER C 402 -67.84 32.54 -41.43
C SER C 402 -66.96 33.08 -40.35
N PHE C 403 -66.45 34.28 -40.52
CA PHE C 403 -65.61 34.92 -39.51
C PHE C 403 -66.32 35.15 -38.17
N PHE C 404 -67.65 35.24 -38.21
CA PHE C 404 -68.50 35.51 -37.03
C PHE C 404 -69.49 34.39 -36.71
N GLY C 405 -69.43 33.29 -37.45
CA GLY C 405 -70.37 32.19 -37.30
C GLY C 405 -71.84 32.54 -37.54
N LEU C 406 -72.13 33.39 -38.51
CA LEU C 406 -73.51 33.75 -38.86
C LEU C 406 -74.19 32.58 -39.56
N ASP C 407 -75.52 32.54 -39.53
CA ASP C 407 -76.25 31.50 -40.24
C ASP C 407 -75.99 31.66 -41.73
N PRO C 408 -75.56 30.58 -42.42
CA PRO C 408 -75.36 30.82 -43.85
C PRO C 408 -76.62 31.16 -44.61
N ILE C 409 -76.43 31.88 -45.70
CA ILE C 409 -77.53 32.37 -46.53
C ILE C 409 -77.91 31.38 -47.62
N VAL C 410 -77.24 30.24 -47.66
CA VAL C 410 -77.61 29.21 -48.61
C VAL C 410 -78.02 27.99 -47.81
N PRO C 411 -78.93 27.15 -48.37
CA PRO C 411 -79.35 26.03 -47.52
C PRO C 411 -78.32 24.91 -47.32
N SER C 412 -77.46 24.63 -48.29
CA SER C 412 -76.46 23.59 -48.10
C SER C 412 -75.08 24.02 -48.54
N LEU C 413 -74.08 23.37 -47.96
CA LEU C 413 -72.69 23.63 -48.30
C LEU C 413 -72.05 22.39 -48.90
N THR D 18 -39.87 12.24 -48.91
CA THR D 18 -40.50 13.39 -48.20
C THR D 18 -39.95 13.49 -46.76
N ASP D 19 -38.82 12.84 -46.50
CA ASP D 19 -38.24 12.89 -45.19
C ASP D 19 -37.79 14.34 -44.88
N ILE D 20 -37.12 14.95 -45.86
CA ILE D 20 -36.64 16.33 -45.73
C ILE D 20 -37.83 17.30 -45.72
N ARG D 21 -38.84 16.99 -46.53
CA ARG D 21 -40.02 17.81 -46.60
C ARG D 21 -40.64 17.86 -45.22
N SER D 22 -40.61 16.74 -44.51
CA SER D 22 -41.19 16.69 -43.19
C SER D 22 -40.37 17.50 -42.20
N GLU D 23 -39.06 17.41 -42.35
CA GLU D 23 -38.10 18.08 -41.48
C GLU D 23 -38.20 19.58 -41.61
N THR D 24 -38.31 20.05 -42.84
CA THR D 24 -38.38 21.47 -43.11
C THR D 24 -39.67 22.03 -42.54
N ALA D 25 -40.75 21.28 -42.66
CA ALA D 25 -42.02 21.69 -42.10
C ALA D 25 -41.97 21.71 -40.58
N GLU D 26 -41.27 20.77 -39.99
CA GLU D 26 -41.17 20.73 -38.53
C GLU D 26 -40.42 21.92 -37.97
N LEU D 27 -39.38 22.33 -38.67
CA LEU D 27 -38.59 23.46 -38.24
C LEU D 27 -39.38 24.74 -38.36
N ARG D 28 -40.12 24.87 -39.44
CA ARG D 28 -40.90 26.05 -39.65
C ARG D 28 -41.92 26.23 -38.55
N ALA D 29 -42.57 25.16 -38.14
CA ALA D 29 -43.54 25.21 -37.09
C ALA D 29 -42.89 25.63 -35.78
N GLU D 30 -41.70 25.11 -35.52
CA GLU D 30 -40.97 25.47 -34.32
C GLU D 30 -40.63 26.95 -34.33
N LEU D 31 -40.19 27.45 -35.47
CA LEU D 31 -39.85 28.86 -35.59
C LEU D 31 -41.05 29.75 -35.45
N VAL D 32 -42.18 29.31 -35.98
CA VAL D 32 -43.39 30.08 -35.84
C VAL D 32 -43.76 30.13 -34.37
N GLU D 33 -43.59 29.02 -33.66
CA GLU D 33 -43.90 29.00 -32.25
C GLU D 33 -42.93 29.91 -31.48
N ARG D 34 -41.68 30.02 -31.92
CA ARG D 34 -40.77 30.99 -31.27
C ARG D 34 -41.23 32.43 -31.39
N VAL D 35 -41.74 32.78 -32.57
CA VAL D 35 -42.30 34.10 -32.79
C VAL D 35 -43.42 34.37 -31.78
N HIS D 36 -44.28 33.39 -31.55
CA HIS D 36 -45.37 33.57 -30.59
C HIS D 36 -44.85 33.72 -29.17
N LYS D 37 -43.79 33.00 -28.86
CA LYS D 37 -43.19 33.06 -27.55
C LYS D 37 -42.55 34.42 -27.25
N PHE D 38 -41.79 34.91 -28.21
CA PHE D 38 -41.09 36.18 -28.06
C PHE D 38 -41.92 37.38 -28.48
N GLY D 39 -43.08 37.13 -29.07
CA GLY D 39 -43.93 38.18 -29.58
C GLY D 39 -44.35 39.20 -28.57
N PRO D 40 -44.75 38.79 -27.36
CA PRO D 40 -45.12 39.78 -26.35
C PRO D 40 -44.01 40.78 -25.98
N VAL D 41 -42.72 40.39 -26.10
CA VAL D 41 -41.59 41.34 -25.89
C VAL D 41 -41.58 42.39 -27.00
N PHE D 42 -41.68 41.94 -28.24
CA PHE D 42 -41.68 42.85 -29.38
C PHE D 42 -42.87 43.80 -29.31
N ALA D 43 -44.02 43.28 -28.95
CA ALA D 43 -45.23 44.09 -28.84
C ALA D 43 -45.09 45.14 -27.75
N ASP D 44 -44.45 44.77 -26.67
CA ASP D 44 -44.24 45.63 -25.55
C ASP D 44 -43.39 46.84 -25.85
N GLY D 45 -42.46 46.69 -26.80
CA GLY D 45 -41.57 47.76 -27.17
C GLY D 45 -42.04 48.59 -28.34
N VAL D 46 -43.30 48.45 -28.76
CA VAL D 46 -43.80 49.20 -29.89
C VAL D 46 -43.83 50.68 -29.59
N ALA D 47 -44.30 51.07 -28.42
CA ALA D 47 -44.40 52.49 -28.09
C ALA D 47 -43.04 53.18 -28.01
N GLU D 48 -42.06 52.52 -27.43
CA GLU D 48 -40.73 53.09 -27.35
C GLU D 48 -40.11 53.17 -28.73
N GLY D 49 -40.31 52.14 -29.55
CA GLY D 49 -39.76 52.13 -30.89
C GLY D 49 -40.28 53.25 -31.77
N GLU D 50 -41.57 53.52 -31.63
CA GLU D 50 -42.25 54.56 -32.37
C GLU D 50 -41.72 55.95 -31.99
N ARG D 51 -41.50 56.11 -30.71
CA ARG D 51 -40.99 57.32 -30.07
C ARG D 51 -39.53 57.60 -30.40
N GLU D 52 -38.69 56.57 -30.37
CA GLU D 52 -37.25 56.71 -30.57
C GLU D 52 -36.72 56.41 -31.97
N ARG D 53 -37.54 55.85 -32.84
CA ARG D 53 -37.13 55.48 -34.19
C ARG D 53 -35.98 54.47 -34.23
N ARG D 54 -35.97 53.54 -33.30
CA ARG D 54 -35.01 52.44 -33.25
C ARG D 54 -35.66 51.34 -32.44
N LEU D 55 -35.18 50.12 -32.57
CA LEU D 55 -35.75 49.02 -31.79
C LEU D 55 -35.26 49.10 -30.35
N PRO D 56 -36.14 48.88 -29.38
CA PRO D 56 -35.68 48.85 -27.98
C PRO D 56 -34.67 47.76 -27.68
N ASP D 57 -33.89 47.91 -26.62
CA ASP D 57 -32.89 46.91 -26.26
C ASP D 57 -33.51 45.53 -26.00
N ALA D 58 -34.68 45.48 -25.39
CA ALA D 58 -35.32 44.19 -25.11
C ALA D 58 -35.66 43.45 -26.42
N THR D 59 -36.10 44.19 -27.43
CA THR D 59 -36.42 43.60 -28.72
C THR D 59 -35.19 43.03 -29.40
N VAL D 60 -34.10 43.76 -29.34
CA VAL D 60 -32.86 43.29 -29.93
C VAL D 60 -32.41 42.04 -29.21
N ARG D 61 -32.54 42.02 -27.90
CA ARG D 61 -32.17 40.85 -27.11
C ARG D 61 -32.99 39.65 -27.52
N ALA D 62 -34.28 39.87 -27.67
CA ALA D 62 -35.19 38.79 -28.07
C ALA D 62 -34.86 38.28 -29.47
N ILE D 63 -34.48 39.16 -30.37
CA ILE D 63 -34.10 38.74 -31.70
C ILE D 63 -32.88 37.85 -31.63
N ASP D 64 -31.90 38.19 -30.79
CA ASP D 64 -30.69 37.36 -30.66
C ASP D 64 -30.95 36.02 -29.98
N GLN D 65 -31.75 36.02 -28.91
CA GLN D 65 -32.12 34.77 -28.23
C GLN D 65 -32.97 33.84 -29.07
N SER D 66 -33.95 34.37 -29.80
CA SER D 66 -34.85 33.55 -30.64
C SER D 66 -34.17 32.92 -31.86
N GLN D 67 -33.03 33.48 -32.23
CA GLN D 67 -32.26 33.08 -33.41
C GLN D 67 -32.99 33.43 -34.72
N LEU D 68 -33.96 34.34 -34.68
CA LEU D 68 -34.74 34.71 -35.87
C LEU D 68 -33.96 35.52 -36.93
N ALA D 69 -32.81 36.05 -36.52
CA ALA D 69 -31.86 36.64 -37.45
C ALA D 69 -30.99 35.61 -38.15
N MET D 70 -31.12 34.34 -37.76
CA MET D 70 -30.18 33.30 -38.22
C MET D 70 -30.78 32.31 -39.24
N LEU D 71 -31.99 32.56 -39.68
CA LEU D 71 -32.66 31.67 -40.65
C LEU D 71 -31.89 31.53 -41.95
N TRP D 72 -31.24 32.58 -42.43
CA TRP D 72 -30.48 32.48 -43.66
C TRP D 72 -28.97 32.48 -43.47
N THR D 73 -28.55 32.07 -42.28
CA THR D 73 -27.15 31.92 -41.95
C THR D 73 -26.82 30.46 -42.09
N ALA D 74 -25.64 30.15 -42.61
CA ALA D 74 -25.24 28.77 -42.87
C ALA D 74 -25.06 27.91 -41.62
N LYS D 75 -25.39 26.63 -41.76
CA LYS D 75 -25.26 25.64 -40.70
C LYS D 75 -23.83 25.46 -40.28
N SER D 76 -22.93 25.59 -41.22
CA SER D 76 -21.52 25.45 -40.94
C SER D 76 -21.05 26.50 -39.93
N TYR D 77 -21.72 27.65 -39.85
CA TYR D 77 -21.42 28.65 -38.83
C TYR D 77 -22.35 28.66 -37.62
N GLY D 78 -23.17 27.63 -37.47
CA GLY D 78 -24.19 27.57 -36.40
C GLY D 78 -25.53 28.24 -36.72
N GLY D 79 -25.77 28.59 -37.99
CA GLY D 79 -27.05 29.13 -38.42
C GLY D 79 -28.11 28.05 -38.67
N LEU D 80 -29.35 28.49 -38.81
CA LEU D 80 -30.47 27.56 -38.98
C LEU D 80 -30.65 27.11 -40.43
N GLU D 81 -30.11 27.88 -41.38
CA GLU D 81 -30.09 27.56 -42.82
C GLU D 81 -31.44 26.99 -43.35
N THR D 82 -32.49 27.81 -43.34
CA THR D 82 -33.83 27.39 -43.77
C THR D 82 -34.04 27.68 -45.26
N ASP D 83 -35.27 27.93 -45.67
CA ASP D 83 -35.56 28.22 -47.05
C ASP D 83 -36.43 29.48 -47.12
N VAL D 84 -36.82 29.87 -48.32
CA VAL D 84 -37.56 31.10 -48.47
C VAL D 84 -38.94 31.03 -47.82
N ARG D 85 -39.60 29.91 -47.98
CA ARG D 85 -40.93 29.76 -47.47
C ARG D 85 -40.98 29.87 -45.97
N THR D 86 -39.98 29.33 -45.28
CA THR D 86 -39.94 29.40 -43.83
C THR D 86 -39.75 30.83 -43.37
N MET D 87 -38.85 31.54 -44.04
CA MET D 87 -38.54 32.92 -43.69
C MET D 87 -39.78 33.78 -43.88
N SER D 88 -40.50 33.52 -44.97
CA SER D 88 -41.72 34.20 -45.29
C SER D 88 -42.80 34.00 -44.23
N GLU D 89 -43.02 32.75 -43.83
CA GLU D 89 -44.03 32.49 -42.83
C GLU D 89 -43.64 33.10 -41.49
N VAL D 90 -42.37 33.12 -41.16
CA VAL D 90 -41.91 33.78 -39.92
C VAL D 90 -42.18 35.30 -39.95
N ALA D 91 -41.81 35.92 -41.06
CA ALA D 91 -42.03 37.35 -41.26
C ALA D 91 -43.50 37.76 -41.11
N LYS D 92 -44.40 36.95 -41.67
CA LYS D 92 -45.83 37.24 -41.60
C LYS D 92 -46.33 37.26 -40.17
N VAL D 93 -45.87 36.30 -39.39
CA VAL D 93 -46.34 36.19 -38.01
C VAL D 93 -45.70 37.28 -37.14
N LEU D 94 -44.42 37.55 -37.38
CA LEU D 94 -43.73 38.66 -36.69
C LEU D 94 -44.44 39.98 -36.78
N SER D 95 -44.91 40.31 -37.98
CA SER D 95 -45.65 41.56 -38.23
C SER D 95 -46.87 41.79 -37.33
N HIS D 96 -47.49 40.73 -36.85
CA HIS D 96 -48.60 40.88 -35.94
C HIS D 96 -48.18 41.58 -34.67
N TYR D 97 -46.97 41.34 -34.23
CA TYR D 97 -46.50 41.88 -32.97
C TYR D 97 -45.81 43.22 -33.17
N CYS D 98 -44.91 43.30 -34.15
CA CYS D 98 -44.26 44.56 -34.49
C CYS D 98 -43.80 44.54 -35.94
N PRO D 99 -44.47 45.31 -36.81
CA PRO D 99 -44.06 45.32 -38.21
C PRO D 99 -42.62 45.81 -38.44
N SER D 100 -42.15 46.72 -37.60
CA SER D 100 -40.76 47.20 -37.69
C SER D 100 -39.71 46.12 -37.38
N THR D 101 -39.97 45.33 -36.33
CA THR D 101 -39.15 44.20 -35.94
C THR D 101 -39.13 43.20 -37.07
N SER D 102 -40.32 42.89 -37.60
CA SER D 102 -40.41 41.98 -38.74
C SER D 102 -39.58 42.50 -39.90
N TRP D 103 -39.71 43.77 -40.19
CA TRP D 103 -38.97 44.35 -41.29
C TRP D 103 -37.46 44.25 -41.07
N VAL D 104 -37.01 44.51 -39.84
CA VAL D 104 -35.59 44.45 -39.56
C VAL D 104 -35.08 43.01 -39.67
N VAL D 105 -35.80 42.08 -39.05
CA VAL D 105 -35.43 40.70 -39.09
C VAL D 105 -35.33 40.21 -40.54
N ASN D 106 -36.26 40.60 -41.38
CA ASN D 106 -36.27 40.25 -42.81
C ASN D 106 -35.02 40.81 -43.49
N ASN D 107 -34.69 42.06 -43.19
CA ASN D 107 -33.55 42.69 -43.80
C ASN D 107 -32.26 42.00 -43.36
N VAL D 108 -32.16 41.61 -42.10
CA VAL D 108 -30.94 40.99 -41.62
C VAL D 108 -30.67 39.64 -42.30
N ASN D 109 -31.69 38.79 -42.32
CA ASN D 109 -31.58 37.50 -43.00
C ASN D 109 -31.23 37.70 -44.46
N GLY D 110 -31.91 38.61 -45.11
CA GLY D 110 -31.60 38.86 -46.50
C GLY D 110 -30.19 39.35 -46.70
N SER D 111 -29.71 40.21 -45.82
CA SER D 111 -28.36 40.72 -45.95
C SER D 111 -27.35 39.61 -45.73
N ASN D 112 -27.63 38.76 -44.75
CA ASN D 112 -26.78 37.62 -44.49
C ASN D 112 -26.72 36.69 -45.69
N LEU D 113 -27.84 36.51 -46.38
CA LEU D 113 -27.85 35.68 -47.56
C LEU D 113 -27.00 36.32 -48.65
N LEU D 114 -27.08 37.64 -48.77
CA LEU D 114 -26.30 38.37 -49.78
C LEU D 114 -24.82 38.25 -49.52
N ALA D 115 -24.45 38.13 -48.24
CA ALA D 115 -23.05 38.01 -47.86
C ALA D 115 -22.40 36.76 -48.43
N SER D 116 -23.19 35.73 -48.70
CA SER D 116 -22.65 34.51 -49.24
C SER D 116 -22.01 34.62 -50.63
N LYS D 117 -22.21 35.72 -51.34
CA LYS D 117 -21.49 35.93 -52.60
C LYS D 117 -20.05 36.33 -52.39
N PHE D 118 -19.71 36.76 -51.18
CA PHE D 118 -18.35 37.15 -50.85
C PHE D 118 -17.45 35.93 -50.64
N PRO D 119 -16.10 36.13 -50.68
CA PRO D 119 -15.25 34.97 -50.47
C PRO D 119 -15.32 34.38 -49.09
N ARG D 120 -14.82 33.17 -48.97
CA ARG D 120 -14.82 32.45 -47.71
C ARG D 120 -14.10 33.23 -46.62
N ALA D 121 -13.03 33.92 -47.00
CA ALA D 121 -12.27 34.74 -46.07
C ALA D 121 -13.15 35.78 -45.37
N ALA D 122 -14.01 36.44 -46.14
CA ALA D 122 -14.96 37.43 -45.61
C ALA D 122 -16.00 36.76 -44.74
N LEU D 123 -16.59 35.68 -45.24
CA LEU D 123 -17.61 34.95 -44.49
C LEU D 123 -17.12 34.42 -43.15
N ASP D 124 -15.90 33.90 -43.12
CA ASP D 124 -15.25 33.47 -41.86
C ASP D 124 -15.07 34.66 -40.93
N GLU D 125 -14.59 35.78 -41.47
CA GLU D 125 -14.41 36.99 -40.66
C GLU D 125 -15.72 37.48 -40.04
N VAL D 126 -16.83 37.35 -40.77
CA VAL D 126 -18.15 37.79 -40.30
C VAL D 126 -18.82 36.81 -39.35
N PHE D 127 -18.88 35.55 -39.77
CA PHE D 127 -19.68 34.50 -39.07
C PHE D 127 -18.87 33.50 -38.22
N GLY D 128 -17.56 33.47 -38.40
CA GLY D 128 -16.65 32.53 -37.75
C GLY D 128 -16.80 32.36 -36.26
N ASP D 129 -16.87 33.47 -35.52
CA ASP D 129 -17.06 33.46 -34.05
C ASP D 129 -18.38 34.10 -33.66
N ALA D 130 -19.30 34.24 -34.60
CA ALA D 130 -20.54 35.01 -34.39
C ALA D 130 -21.66 34.34 -35.21
N PRO D 131 -22.20 33.21 -34.73
CA PRO D 131 -23.34 32.57 -35.40
C PRO D 131 -24.57 33.51 -35.57
N GLY D 132 -24.76 34.42 -34.62
CA GLY D 132 -25.82 35.44 -34.66
C GLY D 132 -25.43 36.79 -35.27
N ALA D 133 -24.44 36.80 -36.14
CA ALA D 133 -24.05 38.06 -36.79
C ALA D 133 -25.21 38.62 -37.60
N LYS D 134 -25.31 39.95 -37.58
CA LYS D 134 -26.40 40.67 -38.24
C LYS D 134 -25.90 41.73 -39.20
N LEU D 135 -26.20 41.55 -40.48
CA LEU D 135 -25.81 42.50 -41.54
C LEU D 135 -26.93 43.46 -41.97
N ALA D 136 -26.51 44.68 -42.31
CA ALA D 136 -27.27 45.62 -43.10
C ALA D 136 -26.86 45.48 -44.55
N SER D 137 -27.65 46.07 -45.42
CA SER D 137 -27.26 46.15 -46.82
C SER D 137 -28.04 47.25 -47.46
N VAL D 138 -27.33 48.15 -48.13
CA VAL D 138 -27.97 49.25 -48.84
C VAL D 138 -27.43 49.34 -50.26
N PHE D 139 -28.35 49.28 -51.21
CA PHE D 139 -28.10 49.36 -52.64
C PHE D 139 -28.66 50.70 -53.14
N ALA D 140 -29.20 51.49 -52.21
CA ALA D 140 -29.84 52.79 -52.43
C ALA D 140 -28.90 53.96 -52.73
N ALA D 141 -27.60 53.74 -52.69
CA ALA D 141 -26.65 54.77 -53.03
C ALA D 141 -25.45 54.06 -53.53
N ALA D 142 -24.62 54.86 -54.15
CA ALA D 142 -23.32 54.46 -54.47
C ALA D 142 -22.42 55.48 -53.77
N GLY D 143 -21.27 54.97 -53.39
CA GLY D 143 -20.24 55.70 -52.77
C GLY D 143 -19.19 55.54 -53.83
N THR D 144 -18.04 56.06 -53.56
CA THR D 144 -17.05 56.04 -54.55
C THR D 144 -15.84 55.39 -53.92
N ALA D 145 -15.25 54.46 -54.66
CA ALA D 145 -14.15 53.68 -54.15
C ALA D 145 -12.99 53.73 -55.12
N VAL D 146 -11.79 53.80 -54.58
CA VAL D 146 -10.61 53.86 -55.40
C VAL D 146 -9.59 52.87 -54.90
N ARG D 147 -8.85 52.27 -55.84
CA ARG D 147 -7.83 51.28 -55.48
C ARG D 147 -6.69 51.85 -54.67
N THR D 148 -6.29 51.08 -53.67
CA THR D 148 -5.18 51.42 -52.79
C THR D 148 -4.45 50.10 -52.59
N PRO D 149 -3.18 50.13 -52.10
CA PRO D 149 -2.56 48.81 -51.94
C PRO D 149 -3.24 47.97 -50.89
N GLY D 150 -3.54 46.73 -51.27
CA GLY D 150 -4.22 45.76 -50.43
C GLY D 150 -5.73 45.86 -50.40
N GLY D 151 -6.30 46.81 -51.16
CA GLY D 151 -7.72 46.97 -51.16
C GLY D 151 -8.27 48.20 -51.85
N TYR D 152 -9.15 48.90 -51.12
CA TYR D 152 -9.81 50.10 -51.62
C TYR D 152 -9.95 51.15 -50.52
N ARG D 153 -10.13 52.39 -50.95
CA ARG D 153 -10.48 53.50 -50.07
C ARG D 153 -11.88 53.92 -50.49
N LEU D 154 -12.82 53.94 -49.55
CA LEU D 154 -14.25 54.11 -49.83
C LEU D 154 -14.85 55.35 -49.14
N THR D 155 -15.55 56.14 -49.93
CA THR D 155 -16.24 57.32 -49.41
C THR D 155 -17.67 57.30 -49.96
N GLY D 156 -18.64 57.64 -49.11
CA GLY D 156 -20.01 57.73 -49.54
C GLY D 156 -21.01 58.00 -48.44
N SER D 157 -22.27 58.13 -48.85
CA SER D 157 -23.36 58.39 -47.93
C SER D 157 -24.57 57.56 -48.39
N TRP D 158 -24.97 56.58 -47.57
CA TRP D 158 -25.98 55.58 -47.96
C TRP D 158 -27.22 55.73 -47.08
N PRO D 159 -28.33 56.31 -47.61
CA PRO D 159 -29.59 56.37 -46.87
C PRO D 159 -30.34 55.02 -46.84
N TYR D 160 -31.40 54.95 -46.06
CA TYR D 160 -32.23 53.76 -45.91
C TYR D 160 -31.48 52.52 -45.37
N GLY D 161 -30.68 52.70 -44.34
CA GLY D 161 -29.89 51.60 -43.80
C GLY D 161 -30.69 50.91 -42.71
N THR D 162 -31.63 50.06 -43.11
CA THR D 162 -32.45 49.36 -42.13
C THR D 162 -31.65 48.59 -41.10
N GLY D 163 -32.01 48.84 -39.85
CA GLY D 163 -31.43 48.19 -38.69
C GLY D 163 -29.95 48.42 -38.43
N ILE D 164 -29.35 49.45 -39.04
CA ILE D 164 -27.91 49.68 -38.99
C ILE D 164 -27.41 49.94 -37.59
N LEU D 165 -28.24 50.56 -36.75
CA LEU D 165 -27.87 50.78 -35.36
C LEU D 165 -27.56 49.51 -34.58
N HIS D 166 -28.15 48.38 -34.93
CA HIS D 166 -27.92 47.10 -34.22
C HIS D 166 -27.06 46.13 -35.00
N ASP D 167 -26.53 46.56 -36.16
CA ASP D 167 -25.89 45.61 -37.08
C ASP D 167 -24.38 45.57 -36.84
N ASP D 168 -23.79 44.43 -37.16
CA ASP D 168 -22.38 44.18 -36.94
C ASP D 168 -21.58 44.56 -38.17
N TRP D 169 -22.17 44.38 -39.34
CA TRP D 169 -21.54 44.70 -40.62
C TRP D 169 -22.59 45.28 -41.58
N ALA D 170 -22.12 45.86 -42.68
CA ALA D 170 -22.99 46.45 -43.70
C ALA D 170 -22.43 46.11 -45.06
N ILE D 171 -23.31 45.71 -45.98
CA ILE D 171 -22.96 45.55 -47.39
C ILE D 171 -23.39 46.81 -48.11
N LEU D 172 -22.43 47.51 -48.68
CA LEU D 172 -22.68 48.78 -49.34
C LEU D 172 -22.25 48.75 -50.80
N VAL D 173 -23.07 49.33 -51.66
CA VAL D 173 -22.77 49.41 -53.08
C VAL D 173 -21.93 50.66 -53.39
N ALA D 174 -20.98 50.52 -54.30
CA ALA D 174 -20.15 51.64 -54.68
C ALA D 174 -19.72 51.58 -56.11
N ARG D 175 -19.21 52.70 -56.58
CA ARG D 175 -18.67 52.76 -57.92
C ARG D 175 -17.19 52.89 -57.78
N GLU D 176 -16.46 52.02 -58.44
CA GLU D 176 -15.01 52.14 -58.49
C GLU D 176 -14.63 53.24 -59.48
N VAL D 177 -13.61 54.02 -59.11
CA VAL D 177 -13.11 55.09 -59.97
C VAL D 177 -11.61 55.05 -59.96
N ASP D 178 -10.99 55.63 -60.97
CA ASP D 178 -9.54 55.67 -61.06
C ASP D 178 -8.99 56.95 -60.43
N ALA D 179 -7.69 57.16 -60.58
CA ALA D 179 -7.02 58.34 -60.06
C ALA D 179 -7.58 59.60 -60.70
N ASP D 180 -7.90 59.48 -61.98
CA ASP D 180 -8.53 60.58 -62.68
C ASP D 180 -9.92 60.84 -62.15
N GLY D 181 -10.57 59.81 -61.64
CA GLY D 181 -11.92 59.96 -61.12
C GLY D 181 -12.96 59.49 -62.12
N GLU D 182 -12.50 58.82 -63.17
CA GLU D 182 -13.37 58.23 -64.17
C GLU D 182 -13.95 56.91 -63.67
N PRO D 183 -15.19 56.59 -64.04
CA PRO D 183 -15.78 55.32 -63.58
C PRO D 183 -15.12 54.07 -64.13
N VAL D 184 -14.88 53.09 -63.27
CA VAL D 184 -14.27 51.83 -63.70
C VAL D 184 -15.27 50.70 -63.69
N GLY D 185 -16.02 50.56 -62.62
CA GLY D 185 -16.99 49.48 -62.51
C GLY D 185 -17.77 49.58 -61.22
N GLY D 186 -18.67 48.63 -61.01
CA GLY D 186 -19.49 48.59 -59.80
C GLY D 186 -18.91 47.65 -58.76
N LEU D 187 -19.08 47.98 -57.49
CA LEU D 187 -18.57 47.11 -56.41
C LEU D 187 -19.58 46.86 -55.31
N SER D 188 -19.40 45.76 -54.61
CA SER D 188 -20.12 45.50 -53.39
C SER D 188 -19.10 45.34 -52.28
N MET D 189 -19.30 46.06 -51.18
CA MET D 189 -18.29 46.10 -50.14
C MET D 189 -18.79 45.79 -48.77
N LEU D 190 -18.05 44.98 -48.07
CA LEU D 190 -18.46 44.55 -46.74
C LEU D 190 -17.64 45.30 -45.71
N VAL D 191 -18.30 46.10 -44.88
CA VAL D 191 -17.58 46.91 -43.93
C VAL D 191 -18.19 46.80 -42.54
N PRO D 192 -17.35 46.73 -41.52
CA PRO D 192 -17.77 46.53 -40.15
C PRO D 192 -18.28 47.78 -39.45
N ALA D 193 -19.00 47.55 -38.36
CA ALA D 193 -19.61 48.61 -37.58
C ALA D 193 -18.58 49.59 -37.03
N ARG D 194 -17.41 49.07 -36.65
CA ARG D 194 -16.34 49.89 -36.12
C ARG D 194 -15.89 50.96 -37.13
N ASP D 195 -15.95 50.63 -38.41
CA ASP D 195 -15.57 51.56 -39.45
C ASP D 195 -16.68 52.50 -39.89
N LEU D 196 -17.91 52.28 -39.44
CA LEU D 196 -19.05 53.10 -39.91
C LEU D 196 -19.41 54.21 -38.97
N THR D 197 -20.12 55.18 -39.52
CA THR D 197 -20.72 56.23 -38.78
C THR D 197 -22.18 56.28 -39.19
N VAL D 198 -23.06 56.52 -38.25
CA VAL D 198 -24.47 56.58 -38.56
C VAL D 198 -25.00 57.96 -38.29
N GLU D 199 -25.72 58.47 -39.26
CA GLU D 199 -26.25 59.80 -39.23
C GLU D 199 -27.76 59.68 -39.07
N ASP D 200 -28.33 60.51 -38.22
CA ASP D 200 -29.74 60.41 -37.91
C ASP D 200 -30.58 61.10 -38.98
N THR D 201 -31.10 60.32 -39.89
CA THR D 201 -31.90 60.86 -40.97
C THR D 201 -33.26 60.22 -41.16
N TRP D 202 -33.60 59.22 -40.36
CA TRP D 202 -34.85 58.49 -40.55
C TRP D 202 -35.98 59.15 -39.77
N HIS D 203 -36.74 59.98 -40.47
CA HIS D 203 -37.89 60.66 -39.90
C HIS D 203 -39.09 60.40 -40.75
N THR D 204 -39.88 59.42 -40.36
CA THR D 204 -40.99 58.97 -41.19
C THR D 204 -42.22 58.76 -40.38
N VAL D 205 -43.34 58.55 -41.08
CA VAL D 205 -44.61 58.34 -40.40
C VAL D 205 -44.96 56.87 -40.31
N GLY D 206 -44.09 55.99 -40.78
CA GLY D 206 -44.32 54.56 -40.70
C GLY D 206 -43.00 53.84 -40.70
N MET D 207 -42.99 52.63 -40.14
CA MET D 207 -41.80 51.82 -39.98
C MET D 207 -40.71 52.61 -39.23
N ARG D 208 -41.13 53.38 -38.22
CA ARG D 208 -40.21 54.24 -37.50
C ARG D 208 -39.10 53.51 -36.76
N ALA D 209 -39.43 52.41 -36.08
CA ALA D 209 -38.44 51.68 -35.31
C ALA D 209 -37.44 50.91 -36.14
N THR D 210 -37.63 50.85 -37.45
CA THR D 210 -36.66 50.19 -38.30
C THR D 210 -35.32 50.90 -38.32
N GLY D 211 -35.27 52.17 -37.92
CA GLY D 211 -34.03 52.90 -37.85
C GLY D 211 -33.23 52.90 -39.14
N SER D 212 -33.88 53.18 -40.24
CA SER D 212 -33.27 53.17 -41.55
C SER D 212 -32.51 54.47 -41.83
N HIS D 213 -31.45 54.65 -41.06
CA HIS D 213 -30.65 55.87 -41.03
C HIS D 213 -29.61 55.88 -42.13
N THR D 214 -28.80 56.94 -42.20
CA THR D 214 -27.81 57.07 -43.25
C THR D 214 -26.45 56.61 -42.73
N VAL D 215 -25.81 55.77 -43.51
CA VAL D 215 -24.46 55.30 -43.24
C VAL D 215 -23.48 56.21 -43.95
N VAL D 216 -22.50 56.71 -43.22
CA VAL D 216 -21.52 57.62 -43.76
C VAL D 216 -20.10 57.08 -43.64
N LEU D 217 -19.35 57.16 -44.74
CA LEU D 217 -17.98 56.69 -44.77
C LEU D 217 -17.11 57.75 -45.38
N ARG D 218 -15.94 57.97 -44.79
CA ARG D 218 -15.01 58.90 -45.40
C ARG D 218 -13.61 58.33 -45.46
N ASP D 219 -13.15 58.09 -46.68
CA ASP D 219 -11.81 57.57 -46.94
C ASP D 219 -11.50 56.32 -46.13
N THR D 220 -12.49 55.43 -46.05
CA THR D 220 -12.39 54.23 -45.24
C THR D 220 -11.72 53.11 -46.00
N PHE D 221 -10.79 52.43 -45.33
CA PHE D 221 -10.08 51.34 -45.97
C PHE D 221 -10.91 50.07 -45.92
N VAL D 222 -11.01 49.42 -47.06
CA VAL D 222 -11.70 48.14 -47.13
C VAL D 222 -10.77 47.18 -47.81
N PRO D 223 -10.45 46.04 -47.16
CA PRO D 223 -9.54 45.16 -47.87
C PRO D 223 -10.18 44.39 -49.01
N GLU D 224 -9.33 43.90 -49.87
CA GLU D 224 -9.68 43.21 -51.10
C GLU D 224 -10.61 42.02 -50.91
N HIS D 225 -10.41 41.23 -49.86
CA HIS D 225 -11.23 40.03 -49.65
C HIS D 225 -12.67 40.37 -49.23
N ARG D 226 -12.91 41.63 -48.86
CA ARG D 226 -14.25 42.05 -48.49
C ARG D 226 -14.89 42.93 -49.58
N VAL D 227 -14.46 42.75 -50.82
CA VAL D 227 -14.95 43.53 -51.95
C VAL D 227 -15.17 42.58 -53.11
N ILE D 228 -16.34 42.63 -53.73
CA ILE D 228 -16.59 41.86 -54.95
C ILE D 228 -17.17 42.77 -55.97
N SER D 229 -17.21 42.31 -57.21
CA SER D 229 -17.82 43.11 -58.27
C SER D 229 -19.30 43.13 -58.06
N GLY D 230 -19.92 44.19 -58.53
CA GLY D 230 -21.36 44.32 -58.52
C GLY D 230 -21.97 43.17 -59.30
N GLU D 231 -21.28 42.75 -60.37
CA GLU D 231 -21.74 41.63 -61.17
C GLU D 231 -21.81 40.33 -60.36
N LEU D 232 -20.81 40.10 -59.52
CA LEU D 232 -20.79 38.90 -58.70
C LEU D 232 -21.85 38.94 -57.60
N GLN D 233 -22.10 40.13 -57.06
CA GLN D 233 -23.09 40.30 -56.02
C GLN D 233 -24.50 39.97 -56.48
N ARG D 234 -24.81 40.25 -57.75
CA ARG D 234 -26.14 39.99 -58.29
C ARG D 234 -26.20 38.66 -59.00
N SER D 235 -25.12 37.89 -59.00
CA SER D 235 -25.01 36.68 -59.81
C SER D 235 -25.96 35.57 -59.33
N ARG D 236 -26.43 34.78 -60.29
CA ARG D 236 -27.24 33.60 -59.99
C ARG D 236 -26.55 32.35 -60.51
N GLU D 237 -25.23 32.38 -60.68
CA GLU D 237 -24.48 31.21 -61.12
C GLU D 237 -24.46 30.07 -60.12
N SER D 238 -24.69 30.37 -58.85
CA SER D 238 -24.71 29.33 -57.84
C SER D 238 -25.99 28.48 -57.86
N ALA D 239 -26.92 28.83 -58.74
CA ALA D 239 -28.19 28.12 -58.82
C ALA D 239 -28.01 26.65 -59.13
N THR D 240 -27.00 26.30 -59.93
CA THR D 240 -26.75 24.92 -60.31
C THR D 240 -25.60 24.22 -59.60
N ASP D 241 -25.00 24.86 -58.60
CA ASP D 241 -23.84 24.32 -57.91
C ASP D 241 -24.24 23.31 -56.84
N LEU D 242 -24.03 22.03 -57.16
CA LEU D 242 -24.38 20.92 -56.24
C LEU D 242 -23.52 20.88 -54.98
N GLY D 243 -22.34 21.51 -55.02
CA GLY D 243 -21.47 21.66 -53.87
C GLY D 243 -22.02 22.52 -52.75
N LEU D 244 -22.84 23.51 -53.09
CA LEU D 244 -23.46 24.39 -52.11
C LEU D 244 -24.71 23.80 -51.50
N PRO D 245 -25.02 24.15 -50.23
CA PRO D 245 -26.33 23.74 -49.74
C PRO D 245 -27.46 24.44 -50.50
N PRO D 246 -28.69 23.88 -50.47
CA PRO D 246 -29.73 24.54 -51.30
C PRO D 246 -30.01 26.01 -51.06
N LEU D 247 -29.96 26.52 -49.83
CA LEU D 247 -30.22 27.93 -49.58
C LEU D 247 -29.29 28.86 -50.35
N PHE D 248 -28.04 28.46 -50.52
CA PHE D 248 -27.09 29.30 -51.22
C PHE D 248 -27.20 29.18 -52.74
N ARG D 249 -28.09 28.34 -53.21
CA ARG D 249 -28.39 28.26 -54.62
C ARG D 249 -29.53 29.18 -55.01
N THR D 250 -30.28 29.68 -54.00
CA THR D 250 -31.49 30.47 -54.17
C THR D 250 -31.17 31.78 -54.84
N ALA D 251 -32.09 32.25 -55.66
CA ALA D 251 -31.98 33.58 -56.27
C ALA D 251 -32.19 34.64 -55.17
N ALA D 252 -31.09 35.23 -54.71
CA ALA D 252 -31.10 35.92 -53.42
C ALA D 252 -31.93 37.21 -53.40
N ILE D 253 -31.79 38.00 -54.44
CA ILE D 253 -32.48 39.28 -54.54
C ILE D 253 -33.98 39.07 -54.64
N ALA D 254 -34.39 38.09 -55.41
CA ALA D 254 -35.80 37.76 -55.51
C ALA D 254 -36.31 37.25 -54.18
N ALA D 255 -35.50 36.47 -53.48
CA ALA D 255 -35.91 35.92 -52.19
C ALA D 255 -36.13 36.99 -51.17
N MET D 256 -35.27 38.00 -51.21
CA MET D 256 -35.34 39.12 -50.30
C MET D 256 -36.63 39.91 -50.54
N ALA D 257 -36.96 40.13 -51.80
CA ALA D 257 -38.19 40.81 -52.15
C ALA D 257 -39.43 40.04 -51.69
N VAL D 258 -39.41 38.71 -51.79
CA VAL D 258 -40.53 37.90 -51.33
C VAL D 258 -40.73 38.04 -49.82
N VAL D 259 -39.67 38.06 -49.04
CA VAL D 259 -39.83 38.21 -47.58
C VAL D 259 -40.19 39.65 -47.17
N CYS D 260 -39.76 40.64 -47.94
CA CYS D 260 -40.20 42.03 -47.69
C CYS D 260 -41.71 42.13 -47.87
N ALA D 261 -42.20 41.53 -48.96
CA ALA D 261 -43.62 41.44 -49.19
C ALA D 261 -44.34 40.72 -48.05
N SER D 262 -43.71 39.69 -47.50
CA SER D 262 -44.32 38.94 -46.39
C SER D 262 -44.52 39.79 -45.15
N VAL D 263 -43.60 40.71 -44.90
CA VAL D 263 -43.71 41.65 -43.77
C VAL D 263 -44.98 42.49 -43.94
N VAL D 264 -45.14 43.04 -45.13
CA VAL D 264 -46.33 43.82 -45.44
C VAL D 264 -47.61 43.00 -45.33
N LEU D 265 -47.58 41.83 -45.95
CA LEU D 265 -48.71 40.93 -45.94
C LEU D 265 -49.17 40.62 -44.52
N GLY D 266 -48.23 40.23 -43.68
CA GLY D 266 -48.53 39.90 -42.30
C GLY D 266 -49.21 41.03 -41.54
N ALA D 267 -48.80 42.28 -41.80
CA ALA D 267 -49.43 43.43 -41.15
C ALA D 267 -50.88 43.55 -41.58
N GLY D 268 -51.11 43.29 -42.86
CA GLY D 268 -52.45 43.29 -43.42
C GLY D 268 -53.32 42.24 -42.80
N GLN D 269 -52.76 41.05 -42.64
CA GLN D 269 -53.49 39.96 -42.01
C GLN D 269 -53.81 40.27 -40.57
N ALA D 270 -52.88 40.91 -39.86
CA ALA D 270 -53.16 41.32 -38.47
C ALA D 270 -54.30 42.34 -38.40
N ALA D 271 -54.29 43.29 -39.35
CA ALA D 271 -55.34 44.26 -39.50
C ALA D 271 -56.68 43.58 -39.71
N ARG D 272 -56.73 42.58 -40.58
CA ARG D 272 -57.97 41.86 -40.83
C ARG D 272 -58.47 41.17 -39.56
N ALA D 273 -57.59 40.45 -38.88
CA ALA D 273 -57.95 39.77 -37.62
C ALA D 273 -58.52 40.73 -36.60
N LEU D 274 -57.93 41.92 -36.52
CA LEU D 274 -58.39 42.95 -35.58
C LEU D 274 -59.81 43.46 -35.88
N VAL D 275 -60.06 43.79 -37.14
CA VAL D 275 -61.40 44.20 -37.58
C VAL D 275 -62.44 43.10 -37.31
N VAL D 276 -62.08 41.84 -37.54
CA VAL D 276 -62.96 40.71 -37.21
C VAL D 276 -63.22 40.59 -35.71
N GLU D 277 -62.18 40.78 -34.91
CA GLU D 277 -62.26 40.74 -33.47
C GLU D 277 -63.19 41.77 -32.89
N LYS D 278 -63.14 42.98 -33.41
CA LYS D 278 -63.90 44.10 -32.89
C LYS D 278 -65.30 44.30 -33.44
N ALA D 279 -65.63 43.67 -34.56
CA ALA D 279 -66.87 43.93 -35.26
C ALA D 279 -68.11 43.60 -34.47
N PRO D 280 -68.09 42.52 -33.65
CA PRO D 280 -69.33 42.28 -32.90
C PRO D 280 -69.66 43.28 -31.81
N THR D 281 -68.70 44.08 -31.36
CA THR D 281 -68.99 45.05 -30.30
C THR D 281 -69.01 46.53 -30.71
N ARG D 282 -69.03 46.84 -32.00
CA ARG D 282 -69.11 48.24 -32.45
C ARG D 282 -70.19 48.30 -33.48
N GLY D 283 -70.64 49.51 -33.76
CA GLY D 283 -71.64 49.80 -34.76
C GLY D 283 -71.08 50.57 -35.94
N ILE D 284 -71.99 50.91 -36.84
CA ILE D 284 -71.69 51.70 -38.04
C ILE D 284 -72.52 52.96 -37.97
N ALA D 285 -71.88 54.02 -37.50
CA ALA D 285 -72.56 55.30 -37.39
C ALA D 285 -72.77 55.90 -38.75
N PRO D 286 -73.91 56.57 -38.93
CA PRO D 286 -75.02 56.81 -37.99
C PRO D 286 -76.19 55.91 -38.31
N SER D 287 -75.89 54.70 -38.75
CA SER D 287 -76.94 53.81 -39.24
C SER D 287 -77.65 53.17 -38.07
N LYS D 288 -78.71 52.45 -38.40
CA LYS D 288 -79.40 51.59 -37.45
C LYS D 288 -78.59 50.36 -37.01
N TYR D 289 -77.50 50.03 -37.72
CA TYR D 289 -76.65 48.90 -37.36
C TYR D 289 -75.79 49.18 -36.13
N THR D 290 -76.28 48.81 -34.95
CA THR D 290 -75.54 49.03 -33.71
C THR D 290 -74.41 48.01 -33.55
N ARG D 291 -74.50 46.89 -34.26
CA ARG D 291 -73.44 45.88 -34.34
C ARG D 291 -73.02 45.76 -35.80
N GLN D 292 -71.71 45.80 -36.07
CA GLN D 292 -71.20 45.75 -37.47
C GLN D 292 -71.62 44.47 -38.20
N THR D 293 -71.64 43.37 -37.45
CA THR D 293 -72.00 42.03 -37.93
C THR D 293 -73.46 41.91 -38.33
N ASP D 294 -74.30 42.82 -37.85
CA ASP D 294 -75.70 42.88 -38.27
C ASP D 294 -75.89 43.40 -39.66
N SER D 295 -74.91 44.12 -40.19
CA SER D 295 -74.98 44.65 -41.50
C SER D 295 -74.42 43.69 -42.53
N ARG D 296 -75.27 43.25 -43.44
CA ARG D 296 -74.84 42.35 -44.46
C ARG D 296 -73.92 43.01 -45.46
N THR D 297 -74.06 44.31 -45.69
CA THR D 297 -73.13 45.01 -46.54
C THR D 297 -71.74 44.96 -45.93
N PHE D 298 -71.67 45.13 -44.63
CA PHE D 298 -70.39 45.05 -43.92
C PHE D 298 -69.81 43.66 -44.02
N VAL D 299 -70.63 42.65 -43.78
CA VAL D 299 -70.15 41.28 -43.78
C VAL D 299 -69.64 40.86 -45.14
N SER D 300 -70.40 41.14 -46.18
CA SER D 300 -70.00 40.74 -47.53
C SER D 300 -68.79 41.54 -48.01
N SER D 301 -68.68 42.79 -47.61
CA SER D 301 -67.51 43.57 -47.96
C SER D 301 -66.27 43.02 -47.33
N LEU D 302 -66.39 42.60 -46.10
CA LEU D 302 -65.28 42.06 -45.38
C LEU D 302 -64.83 40.74 -45.99
N GLY D 303 -65.78 39.97 -46.49
CA GLY D 303 -65.45 38.75 -47.18
C GLY D 303 -64.63 39.02 -48.42
N ARG D 304 -65.02 40.05 -49.15
CA ARG D 304 -64.29 40.43 -50.34
C ARG D 304 -62.86 40.91 -50.03
N THR D 305 -62.72 41.70 -48.98
CA THR D 305 -61.45 42.22 -48.59
C THR D 305 -60.57 41.10 -48.15
N ALA D 306 -61.14 40.18 -47.41
CA ALA D 306 -60.41 39.04 -46.94
C ALA D 306 -59.93 38.21 -48.10
N LEU D 307 -60.76 37.99 -49.12
CA LEU D 307 -60.27 37.25 -50.31
C LEU D 307 -59.14 37.97 -51.07
N SER D 308 -59.12 39.31 -51.15
CA SER D 308 -57.91 39.98 -51.72
C SER D 308 -56.66 39.70 -50.94
N ILE D 309 -56.76 39.77 -49.62
CA ILE D 309 -55.62 39.47 -48.76
C ILE D 309 -55.18 38.02 -48.93
N ASP D 310 -56.17 37.11 -49.05
CA ASP D 310 -55.89 35.68 -49.36
C ASP D 310 -55.13 35.53 -50.69
N ALA D 311 -55.52 36.31 -51.68
CA ALA D 311 -54.82 36.29 -52.95
C ALA D 311 -53.40 36.78 -52.80
N ALA D 312 -53.18 37.81 -51.99
CA ALA D 312 -51.84 38.33 -51.79
C ALA D 312 -50.99 37.28 -51.15
N GLU D 313 -51.56 36.56 -50.21
CA GLU D 313 -50.87 35.49 -49.52
C GLU D 313 -50.42 34.39 -50.49
N MET D 314 -51.30 34.02 -51.40
CA MET D 314 -50.99 33.00 -52.39
C MET D 314 -49.92 33.45 -53.37
N HIS D 315 -49.92 34.73 -53.76
CA HIS D 315 -48.90 35.27 -54.65
C HIS D 315 -47.53 35.14 -53.99
N VAL D 316 -47.49 35.45 -52.71
CA VAL D 316 -46.26 35.40 -51.96
C VAL D 316 -45.79 33.97 -51.81
N ALA D 317 -46.72 33.08 -51.45
CA ALA D 317 -46.38 31.68 -51.26
C ALA D 317 -45.94 31.04 -52.58
N ARG D 318 -46.60 31.38 -53.68
CA ARG D 318 -46.23 30.80 -54.98
C ARG D 318 -44.81 31.18 -55.31
N ALA D 319 -44.45 32.43 -55.10
CA ALA D 319 -43.10 32.89 -55.43
C ALA D 319 -42.06 32.23 -54.53
N ALA D 320 -42.39 32.14 -53.25
CA ALA D 320 -41.49 31.45 -52.34
C ALA D 320 -41.22 30.01 -52.76
N THR D 321 -42.28 29.32 -53.14
CA THR D 321 -42.21 27.93 -53.59
C THR D 321 -41.44 27.77 -54.87
N ALA D 322 -41.62 28.67 -55.81
CA ALA D 322 -40.85 28.62 -57.04
C ALA D 322 -39.36 28.74 -56.73
N LEU D 323 -39.03 29.66 -55.83
CA LEU D 323 -37.63 29.88 -55.46
C LEU D 323 -37.03 28.67 -54.75
N ASP D 324 -37.78 28.09 -53.82
CA ASP D 324 -37.31 26.92 -53.10
C ASP D 324 -37.22 25.67 -53.94
N ASP D 325 -38.18 25.45 -54.84
CA ASP D 325 -38.14 24.28 -55.69
C ASP D 325 -36.92 24.32 -56.56
N ALA D 326 -36.60 25.49 -57.10
CA ALA D 326 -35.44 25.61 -57.96
C ALA D 326 -34.14 25.40 -57.19
N ALA D 327 -34.06 25.91 -55.98
CA ALA D 327 -32.86 25.73 -55.17
C ALA D 327 -32.65 24.28 -54.77
N TYR D 328 -33.71 23.60 -54.39
CA TYR D 328 -33.64 22.20 -54.02
C TYR D 328 -33.27 21.31 -55.22
N ASP D 329 -33.77 21.63 -56.39
CA ASP D 329 -33.47 20.84 -57.57
C ASP D 329 -32.20 21.27 -58.22
N ALA D 330 -31.56 22.31 -57.71
CA ALA D 330 -30.35 22.83 -58.35
C ALA D 330 -30.51 23.24 -59.82
N VAL D 331 -31.68 23.77 -60.16
CA VAL D 331 -31.90 24.35 -61.49
C VAL D 331 -31.95 25.89 -61.41
N ALA D 332 -31.53 26.50 -62.50
CA ALA D 332 -31.61 27.95 -62.68
C ALA D 332 -33.02 28.31 -63.05
N LEU D 333 -33.57 29.32 -62.37
CA LEU D 333 -34.83 29.91 -62.78
C LEU D 333 -34.60 30.70 -64.04
N PRO D 334 -35.41 30.47 -65.08
CA PRO D 334 -35.26 31.33 -66.25
C PRO D 334 -35.74 32.75 -65.92
N ASP D 335 -35.36 33.69 -66.77
CA ASP D 335 -35.74 35.09 -66.58
C ASP D 335 -37.24 35.27 -66.45
N SER D 336 -38.02 34.54 -67.24
CA SER D 336 -39.46 34.69 -67.22
C SER D 336 -40.05 34.35 -65.85
N GLU D 337 -39.48 33.39 -65.16
CA GLU D 337 -39.96 33.04 -63.85
C GLU D 337 -39.62 34.12 -62.83
N LEU D 338 -38.45 34.73 -62.94
CA LEU D 338 -38.04 35.81 -62.04
C LEU D 338 -38.85 37.07 -62.25
N LEU D 339 -39.20 37.33 -63.51
CA LEU D 339 -40.00 38.47 -63.85
C LEU D 339 -41.39 38.32 -63.28
N ARG D 340 -41.90 37.10 -63.31
CA ARG D 340 -43.18 36.79 -62.70
C ARG D 340 -43.14 36.97 -61.18
N ILE D 341 -42.04 36.59 -60.55
CA ILE D 341 -41.93 36.75 -59.12
C ILE D 341 -41.95 38.23 -58.75
N ARG D 342 -41.32 39.07 -59.57
CA ARG D 342 -41.33 40.51 -59.32
C ARG D 342 -42.73 41.07 -59.41
N GLY D 343 -43.51 40.55 -60.36
CA GLY D 343 -44.90 40.91 -60.50
C GLY D 343 -45.72 40.45 -59.33
N ASP D 344 -45.51 39.23 -58.86
CA ASP D 344 -46.26 38.69 -57.74
C ASP D 344 -46.09 39.54 -56.49
N VAL D 345 -44.87 39.94 -56.18
CA VAL D 345 -44.61 40.68 -54.94
C VAL D 345 -45.20 42.06 -54.94
N GLY D 346 -45.11 42.78 -56.06
CA GLY D 346 -45.71 44.09 -56.18
C GLY D 346 -47.22 44.00 -56.12
N GLN D 347 -47.75 43.01 -56.80
CA GLN D 347 -49.17 42.78 -56.80
C GLN D 347 -49.66 42.41 -55.40
N ALA D 348 -48.93 41.59 -54.67
CA ALA D 348 -49.38 41.21 -53.31
C ALA D 348 -49.45 42.43 -52.40
N VAL D 349 -48.40 43.26 -52.42
CA VAL D 349 -48.38 44.43 -51.50
C VAL D 349 -49.40 45.48 -51.90
N SER D 350 -49.63 45.59 -53.19
CA SER D 350 -50.67 46.47 -53.70
C SER D 350 -52.09 46.04 -53.27
N LEU D 351 -52.30 44.75 -53.33
CA LEU D 351 -53.52 44.16 -52.83
C LEU D 351 -53.66 44.43 -51.32
N VAL D 352 -52.56 44.35 -50.57
CA VAL D 352 -52.61 44.59 -49.14
C VAL D 352 -52.91 46.05 -48.79
N THR D 353 -52.32 47.01 -49.52
CA THR D 353 -52.59 48.39 -49.25
C THR D 353 -54.02 48.78 -49.57
N THR D 354 -54.58 48.23 -50.66
CA THR D 354 -55.97 48.49 -51.01
C THR D 354 -56.86 47.87 -49.95
N ALA D 355 -56.52 46.68 -49.49
CA ALA D 355 -57.33 46.02 -48.47
C ALA D 355 -57.30 46.77 -47.14
N LEU D 356 -56.18 47.38 -46.79
CA LEU D 356 -56.10 48.17 -45.56
C LEU D 356 -57.01 49.38 -45.62
N ASP D 357 -57.11 50.01 -46.78
CA ASP D 357 -58.01 51.12 -46.98
C ASP D 357 -59.43 50.66 -46.74
N GLU D 358 -59.75 49.47 -47.23
CA GLU D 358 -61.03 48.84 -47.02
C GLU D 358 -61.30 48.51 -45.56
N LEU D 359 -60.27 48.07 -44.84
CA LEU D 359 -60.46 47.74 -43.43
C LEU D 359 -60.73 48.97 -42.57
N LEU D 360 -60.17 50.12 -42.94
CA LEU D 360 -60.45 51.37 -42.25
C LEU D 360 -61.89 51.79 -42.47
N TRP D 361 -62.40 51.57 -43.68
CA TRP D 361 -63.80 51.85 -43.97
C TRP D 361 -64.69 50.95 -43.15
N ALA D 362 -64.27 49.73 -42.95
CA ALA D 362 -65.03 48.81 -42.13
C ALA D 362 -65.03 49.19 -40.66
N HIS D 363 -63.86 49.49 -40.14
CA HIS D 363 -63.72 49.78 -38.73
C HIS D 363 -64.26 51.13 -38.31
N GLY D 364 -64.01 52.16 -39.12
CA GLY D 364 -64.52 53.50 -38.80
C GLY D 364 -63.44 54.46 -38.34
N ALA D 365 -63.90 55.61 -37.87
CA ALA D 365 -63.02 56.69 -37.44
C ALA D 365 -62.09 56.33 -36.28
N ALA D 366 -62.54 55.42 -35.42
CA ALA D 366 -61.75 54.97 -34.29
C ALA D 366 -60.45 54.31 -34.69
N SER D 367 -60.36 53.88 -35.93
CA SER D 367 -59.14 53.23 -36.38
C SER D 367 -57.95 54.18 -36.41
N PHE D 368 -58.18 55.48 -36.42
CA PHE D 368 -57.07 56.45 -36.49
C PHE D 368 -56.63 56.94 -35.14
N ALA D 369 -57.19 56.41 -34.05
CA ALA D 369 -56.71 56.77 -32.73
C ALA D 369 -55.32 56.18 -32.48
N GLU D 370 -54.46 56.91 -31.78
CA GLU D 370 -53.11 56.42 -31.48
C GLU D 370 -53.16 55.12 -30.68
N SER D 371 -54.19 54.95 -29.87
CA SER D 371 -54.33 53.72 -29.11
C SER D 371 -54.77 52.50 -29.93
N ASN D 372 -55.22 52.69 -31.17
CA ASN D 372 -55.71 51.58 -31.97
C ASN D 372 -54.59 50.97 -32.85
N PRO D 373 -54.31 49.67 -32.70
CA PRO D 373 -53.27 49.05 -33.55
C PRO D 373 -53.56 49.09 -35.06
N LEU D 374 -54.80 49.33 -35.45
CA LEU D 374 -55.16 49.32 -36.84
C LEU D 374 -54.40 50.37 -37.67
N GLN D 375 -54.25 51.59 -37.15
CA GLN D 375 -53.51 52.61 -37.84
C GLN D 375 -52.01 52.33 -37.89
N ARG D 376 -51.50 51.58 -36.93
CA ARG D 376 -50.10 51.17 -36.95
C ARG D 376 -49.81 50.22 -38.08
N TYR D 377 -50.69 49.24 -38.26
CA TYR D 377 -50.51 48.31 -39.36
C TYR D 377 -50.64 49.06 -40.67
N TRP D 378 -51.57 50.00 -40.72
CA TRP D 378 -51.83 50.79 -41.90
C TRP D 378 -50.62 51.64 -42.28
N ARG D 379 -50.03 52.32 -41.31
CA ARG D 379 -48.88 53.14 -41.60
C ARG D 379 -47.62 52.32 -41.92
N ASP D 380 -47.36 51.25 -41.20
CA ASP D 380 -46.18 50.44 -41.46
C ASP D 380 -46.21 49.68 -42.76
N ALA D 381 -47.34 49.08 -43.08
CA ALA D 381 -47.49 48.35 -44.32
C ALA D 381 -47.41 49.27 -45.53
N ASN D 382 -48.04 50.44 -45.43
CA ASN D 382 -48.01 51.39 -46.52
C ASN D 382 -46.63 51.96 -46.80
N THR D 383 -45.86 52.23 -45.74
CA THR D 383 -44.52 52.74 -45.87
C THR D 383 -43.61 51.71 -46.51
N ALA D 384 -43.63 50.50 -45.97
CA ALA D 384 -42.78 49.42 -46.45
C ALA D 384 -43.12 48.96 -47.86
N ALA D 385 -44.37 49.03 -48.23
CA ALA D 385 -44.81 48.60 -49.53
C ALA D 385 -44.17 49.36 -50.68
N ARG D 386 -43.77 50.61 -50.44
CA ARG D 386 -43.18 51.44 -51.49
C ARG D 386 -41.68 51.28 -51.60
N HIS D 387 -41.13 50.28 -50.95
CA HIS D 387 -39.76 49.90 -51.17
C HIS D 387 -39.60 49.58 -52.64
N ALA D 388 -38.46 49.96 -53.20
CA ALA D 388 -38.20 49.81 -54.64
C ALA D 388 -38.37 48.41 -55.23
N MET D 389 -38.01 47.38 -54.49
CA MET D 389 -38.10 46.03 -54.96
C MET D 389 -39.52 45.51 -54.92
N LEU D 390 -40.43 46.29 -54.37
CA LEU D 390 -41.83 45.96 -54.33
C LEU D 390 -42.69 46.84 -55.21
N ASN D 391 -42.12 47.64 -56.10
CA ASN D 391 -42.92 48.62 -56.84
C ASN D 391 -43.90 47.90 -57.74
N VAL D 392 -45.17 48.20 -57.56
CA VAL D 392 -46.23 47.48 -58.27
C VAL D 392 -46.23 47.76 -59.79
N HIS D 393 -46.07 49.02 -60.15
CA HIS D 393 -46.05 49.42 -61.56
C HIS D 393 -44.84 48.83 -62.31
N VAL D 394 -43.70 48.78 -61.64
CA VAL D 394 -42.52 48.15 -62.23
C VAL D 394 -42.74 46.66 -62.40
N GLY D 395 -43.32 46.02 -61.39
CA GLY D 395 -43.61 44.61 -61.46
C GLY D 395 -44.55 44.27 -62.59
N HIS D 396 -45.58 45.09 -62.78
CA HIS D 396 -46.54 44.91 -63.85
C HIS D 396 -45.86 44.98 -65.19
N GLU D 397 -44.96 45.94 -65.35
CA GLU D 397 -44.27 46.12 -66.59
C GLU D 397 -43.30 44.98 -66.84
N LEU D 398 -42.62 44.51 -65.81
CA LEU D 398 -41.70 43.39 -65.95
C LEU D 398 -42.39 42.08 -66.33
N TYR D 399 -43.52 41.78 -65.70
CA TYR D 399 -44.20 40.57 -65.97
C TYR D 399 -44.83 40.61 -67.35
N GLY D 400 -45.40 41.75 -67.70
CA GLY D 400 -46.02 41.94 -69.00
C GLY D 400 -45.01 41.79 -70.09
N GLY D 401 -43.83 42.30 -69.84
CA GLY D 401 -42.73 42.28 -70.77
C GLY D 401 -42.21 40.89 -71.05
N SER D 402 -42.27 40.03 -70.05
CA SER D 402 -41.82 38.66 -70.16
C SER D 402 -42.59 37.88 -71.19
N PHE D 403 -43.85 38.20 -71.38
CA PHE D 403 -44.68 37.54 -72.39
C PHE D 403 -44.20 37.71 -73.82
N PHE D 404 -43.43 38.78 -74.07
CA PHE D 404 -42.92 39.13 -75.40
C PHE D 404 -41.39 39.19 -75.46
N GLY D 405 -40.71 38.82 -74.38
CA GLY D 405 -39.26 38.88 -74.30
C GLY D 405 -38.64 40.27 -74.46
N LEU D 406 -39.29 41.31 -73.93
CA LEU D 406 -38.77 42.68 -73.99
C LEU D 406 -37.59 42.82 -73.04
N ASP D 407 -36.74 43.82 -73.29
CA ASP D 407 -35.60 44.06 -72.39
C ASP D 407 -36.13 44.50 -71.05
N PRO D 408 -35.69 43.84 -69.95
CA PRO D 408 -36.25 44.32 -68.69
C PRO D 408 -35.87 45.74 -68.33
N ILE D 409 -36.75 46.40 -67.57
CA ILE D 409 -36.58 47.78 -67.21
C ILE D 409 -35.79 47.93 -65.91
N VAL D 410 -35.33 46.82 -65.35
CA VAL D 410 -34.49 46.88 -64.18
C VAL D 410 -33.17 46.26 -64.53
N PRO D 411 -32.06 46.69 -63.88
CA PRO D 411 -30.80 46.11 -64.32
C PRO D 411 -30.55 44.65 -63.91
N SER D 412 -31.05 44.20 -62.76
CA SER D 412 -30.83 42.80 -62.38
C SER D 412 -32.09 42.15 -61.87
N LEU D 413 -32.12 40.83 -61.98
CA LEU D 413 -33.25 40.04 -61.53
C LEU D 413 -32.84 39.09 -60.42
N THR E 18 -32.72 8.62 -35.18
CA THR E 18 -31.39 8.08 -34.78
C THR E 18 -30.61 9.14 -34.01
N ASP E 19 -31.29 10.18 -33.54
CA ASP E 19 -30.62 11.25 -32.84
C ASP E 19 -30.05 10.68 -31.51
N ILE E 20 -30.89 9.91 -30.81
CA ILE E 20 -30.51 9.29 -29.54
C ILE E 20 -29.45 8.21 -29.79
N ARG E 21 -29.62 7.48 -30.89
CA ARG E 21 -28.70 6.42 -31.25
C ARG E 21 -27.32 7.05 -31.40
N SER E 22 -27.27 8.24 -31.98
CA SER E 22 -26.00 8.90 -32.17
C SER E 22 -25.39 9.33 -30.85
N GLU E 23 -26.25 9.83 -29.97
CA GLU E 23 -25.88 10.33 -28.67
C GLU E 23 -25.30 9.23 -27.79
N THR E 24 -25.97 8.09 -27.82
CA THR E 24 -25.57 6.96 -27.00
C THR E 24 -24.22 6.42 -27.48
N ALA E 25 -24.02 6.41 -28.79
CA ALA E 25 -22.75 6.01 -29.35
C ALA E 25 -21.65 7.00 -29.01
N GLU E 26 -21.97 8.28 -28.99
CA GLU E 26 -20.97 9.29 -28.65
C GLU E 26 -20.48 9.16 -27.22
N LEU E 27 -21.41 8.87 -26.32
CA LEU E 27 -21.07 8.73 -24.92
C LEU E 27 -20.21 7.51 -24.70
N ARG E 28 -20.55 6.43 -25.38
CA ARG E 28 -19.80 5.20 -25.25
C ARG E 28 -18.36 5.40 -25.66
N ALA E 29 -18.15 6.10 -26.75
CA ALA E 29 -16.81 6.37 -27.22
C ALA E 29 -16.04 7.19 -26.21
N GLU E 30 -16.69 8.17 -25.62
CA GLU E 30 -16.08 9.02 -24.62
C GLU E 30 -15.68 8.19 -23.40
N LEU E 31 -16.56 7.28 -22.98
CA LEU E 31 -16.26 6.44 -21.84
C LEU E 31 -15.16 5.46 -22.13
N VAL E 32 -15.11 4.95 -23.34
CA VAL E 32 -14.03 4.06 -23.72
C VAL E 32 -12.72 4.83 -23.69
N GLU E 33 -12.74 6.08 -24.13
CA GLU E 33 -11.54 6.87 -24.09
C GLU E 33 -11.14 7.15 -22.63
N ARG E 34 -12.09 7.30 -21.73
CA ARG E 34 -11.74 7.45 -20.32
C ARG E 34 -11.00 6.27 -19.75
N VAL E 35 -11.44 5.08 -20.14
CA VAL E 35 -10.77 3.85 -19.74
C VAL E 35 -9.32 3.90 -20.17
N HIS E 36 -9.06 4.33 -21.41
CA HIS E 36 -7.69 4.41 -21.90
C HIS E 36 -6.87 5.43 -21.13
N LYS E 37 -7.50 6.52 -20.76
CA LYS E 37 -6.84 7.57 -20.03
C LYS E 37 -6.43 7.13 -18.61
N PHE E 38 -7.36 6.48 -17.92
CA PHE E 38 -7.11 6.04 -16.56
C PHE E 38 -6.51 4.66 -16.48
N GLY E 39 -6.41 3.97 -17.62
CA GLY E 39 -5.92 2.62 -17.66
C GLY E 39 -4.52 2.44 -17.12
N PRO E 40 -3.58 3.34 -17.45
CA PRO E 40 -2.24 3.19 -16.90
C PRO E 40 -2.19 3.20 -15.36
N VAL E 41 -3.13 3.88 -14.68
CA VAL E 41 -3.18 3.88 -13.20
C VAL E 41 -3.58 2.49 -12.71
N PHE E 42 -4.63 1.94 -13.31
CA PHE E 42 -5.11 0.62 -12.94
C PHE E 42 -4.02 -0.42 -13.17
N ALA E 43 -3.33 -0.31 -14.31
CA ALA E 43 -2.27 -1.25 -14.65
C ALA E 43 -1.13 -1.18 -13.67
N ASP E 44 -0.82 0.01 -13.24
CA ASP E 44 0.23 0.26 -12.29
C ASP E 44 0.03 -0.35 -10.93
N GLY E 45 -1.22 -0.49 -10.52
CA GLY E 45 -1.55 -1.09 -9.26
C GLY E 45 -1.82 -2.58 -9.30
N VAL E 46 -1.50 -3.26 -10.39
CA VAL E 46 -1.77 -4.69 -10.51
C VAL E 46 -0.94 -5.47 -9.50
N ALA E 47 0.33 -5.15 -9.38
CA ALA E 47 1.19 -5.89 -8.48
C ALA E 47 0.79 -5.75 -7.02
N GLU E 48 0.43 -4.55 -6.61
CA GLU E 48 -0.01 -4.34 -5.26
C GLU E 48 -1.32 -5.06 -5.00
N GLY E 49 -2.24 -4.98 -5.94
CA GLY E 49 -3.53 -5.62 -5.80
C GLY E 49 -3.44 -7.11 -5.64
N GLU E 50 -2.54 -7.72 -6.39
CA GLU E 50 -2.31 -9.15 -6.36
C GLU E 50 -1.78 -9.60 -5.00
N ARG E 51 -0.87 -8.80 -4.49
CA ARG E 51 -0.19 -8.96 -3.22
C ARG E 51 -1.11 -8.76 -2.02
N GLU E 52 -1.95 -7.75 -2.06
CA GLU E 52 -2.83 -7.40 -0.94
C GLU E 52 -4.27 -7.89 -1.02
N ARG E 53 -4.69 -8.38 -2.17
CA ARG E 53 -6.06 -8.88 -2.37
C ARG E 53 -7.14 -7.80 -2.19
N ARG E 54 -6.81 -6.59 -2.60
CA ARG E 54 -7.75 -5.45 -2.58
C ARG E 54 -7.22 -4.49 -3.60
N LEU E 55 -8.06 -3.57 -4.06
CA LEU E 55 -7.63 -2.59 -5.06
C LEU E 55 -6.81 -1.52 -4.37
N PRO E 56 -5.69 -1.09 -4.97
CA PRO E 56 -4.93 0.02 -4.37
C PRO E 56 -5.70 1.32 -4.28
N ASP E 57 -5.28 2.21 -3.40
CA ASP E 57 -5.95 3.50 -3.24
C ASP E 57 -5.99 4.30 -4.53
N ALA E 58 -4.91 4.26 -5.30
CA ALA E 58 -4.87 5.03 -6.55
C ALA E 58 -5.95 4.54 -7.52
N THR E 59 -6.16 3.23 -7.56
CA THR E 59 -7.17 2.64 -8.44
C THR E 59 -8.57 3.07 -8.03
N VAL E 60 -8.83 3.07 -6.73
CA VAL E 60 -10.13 3.49 -6.25
C VAL E 60 -10.35 4.96 -6.58
N ARG E 61 -9.30 5.76 -6.43
CA ARG E 61 -9.40 7.16 -6.76
C ARG E 61 -9.73 7.34 -8.24
N ALA E 62 -9.06 6.59 -9.09
CA ALA E 62 -9.28 6.68 -10.52
C ALA E 62 -10.70 6.24 -10.89
N ILE E 63 -11.23 5.23 -10.21
CA ILE E 63 -12.58 4.80 -10.45
C ILE E 63 -13.54 5.92 -10.12
N ASP E 64 -13.32 6.63 -9.01
CA ASP E 64 -14.22 7.74 -8.63
C ASP E 64 -14.11 8.95 -9.57
N GLN E 65 -12.88 9.31 -9.95
CA GLN E 65 -12.69 10.43 -10.88
C GLN E 65 -13.22 10.16 -12.28
N SER E 66 -13.01 8.95 -12.80
CA SER E 66 -13.47 8.57 -14.16
C SER E 66 -14.99 8.46 -14.29
N GLN E 67 -15.66 8.32 -13.16
CA GLN E 67 -17.11 8.13 -13.08
C GLN E 67 -17.54 6.75 -13.65
N LEU E 68 -16.61 5.80 -13.78
CA LEU E 68 -16.92 4.48 -14.34
C LEU E 68 -17.80 3.58 -13.46
N ALA E 69 -17.89 3.94 -12.18
CA ALA E 69 -18.87 3.34 -11.29
C ALA E 69 -20.28 3.92 -11.43
N MET E 70 -20.44 4.93 -12.28
CA MET E 70 -21.69 5.70 -12.36
C MET E 70 -22.53 5.44 -13.63
N LEU E 71 -22.08 4.50 -14.45
CA LEU E 71 -22.78 4.19 -15.68
C LEU E 71 -24.21 3.78 -15.46
N TRP E 72 -24.49 3.03 -14.41
CA TRP E 72 -25.86 2.59 -14.17
C TRP E 72 -26.55 3.32 -13.00
N THR E 73 -26.06 4.52 -12.72
CA THR E 73 -26.64 5.40 -11.71
C THR E 73 -27.52 6.39 -12.45
N ALA E 74 -28.67 6.70 -11.88
CA ALA E 74 -29.62 7.61 -12.52
C ALA E 74 -29.13 9.04 -12.71
N LYS E 75 -29.58 9.66 -13.80
CA LYS E 75 -29.26 11.03 -14.15
C LYS E 75 -29.79 12.00 -13.13
N SER E 76 -30.94 11.67 -12.56
CA SER E 76 -31.56 12.51 -11.56
C SER E 76 -30.64 12.67 -10.33
N TYR E 77 -29.76 11.72 -10.06
CA TYR E 77 -28.76 11.83 -9.00
C TYR E 77 -27.35 12.21 -9.43
N GLY E 78 -27.21 12.64 -10.69
CA GLY E 78 -25.89 12.97 -11.27
C GLY E 78 -25.12 11.80 -11.88
N GLY E 79 -25.80 10.68 -12.08
CA GLY E 79 -25.21 9.53 -12.77
C GLY E 79 -25.25 9.63 -14.30
N LEU E 80 -24.50 8.78 -14.96
CA LEU E 80 -24.38 8.82 -16.41
C LEU E 80 -25.53 8.11 -17.12
N GLU E 81 -26.22 7.21 -16.41
CA GLU E 81 -27.41 6.48 -16.88
C GLU E 81 -27.31 5.97 -18.34
N THR E 82 -26.39 5.04 -18.59
CA THR E 82 -26.16 4.51 -19.95
C THR E 82 -27.04 3.25 -20.20
N ASP E 83 -26.56 2.34 -21.04
CA ASP E 83 -27.31 1.14 -21.33
C ASP E 83 -26.38 -0.06 -21.17
N VAL E 84 -26.91 -1.24 -21.42
CA VAL E 84 -26.12 -2.44 -21.23
C VAL E 84 -24.91 -2.52 -22.17
N ARG E 85 -25.12 -2.17 -23.41
CA ARG E 85 -24.07 -2.26 -24.38
C ARG E 85 -22.90 -1.37 -24.04
N THR E 86 -23.15 -0.19 -23.52
CA THR E 86 -22.07 0.70 -23.16
C THR E 86 -21.26 0.15 -22.01
N MET E 87 -21.95 -0.39 -21.02
CA MET E 87 -21.31 -0.92 -19.84
C MET E 87 -20.45 -2.10 -20.22
N SER E 88 -20.96 -2.92 -21.14
CA SER E 88 -20.26 -4.06 -21.65
C SER E 88 -18.99 -3.68 -22.39
N GLU E 89 -19.06 -2.71 -23.28
CA GLU E 89 -17.88 -2.29 -24.01
C GLU E 89 -16.85 -1.67 -23.06
N VAL E 90 -17.29 -0.97 -22.03
CA VAL E 90 -16.37 -0.41 -21.04
C VAL E 90 -15.64 -1.50 -20.25
N ALA E 91 -16.41 -2.48 -19.80
CA ALA E 91 -15.86 -3.62 -19.06
C ALA E 91 -14.79 -4.39 -19.86
N LYS E 92 -15.04 -4.58 -21.16
CA LYS E 92 -14.09 -5.31 -22.03
C LYS E 92 -12.77 -4.58 -22.11
N VAL E 93 -12.81 -3.27 -22.24
CA VAL E 93 -11.59 -2.48 -22.36
C VAL E 93 -10.87 -2.38 -21.03
N LEU E 94 -11.64 -2.21 -19.95
CA LEU E 94 -11.05 -2.19 -18.60
C LEU E 94 -10.20 -3.41 -18.28
N SER E 95 -10.70 -4.59 -18.66
CA SER E 95 -9.97 -5.84 -18.44
C SER E 95 -8.56 -5.89 -19.00
N HIS E 96 -8.31 -5.14 -20.06
CA HIS E 96 -6.95 -5.11 -20.60
C HIS E 96 -5.97 -4.57 -19.59
N TYR E 97 -6.40 -3.65 -18.77
CA TYR E 97 -5.51 -3.00 -17.84
C TYR E 97 -5.51 -3.72 -16.51
N CYS E 98 -6.68 -4.04 -15.99
CA CYS E 98 -6.77 -4.81 -14.75
C CYS E 98 -8.10 -5.56 -14.72
N PRO E 99 -8.07 -6.89 -14.90
CA PRO E 99 -9.34 -7.64 -14.84
C PRO E 99 -10.08 -7.53 -13.50
N SER E 100 -9.34 -7.41 -12.40
CA SER E 100 -9.99 -7.22 -11.08
C SER E 100 -10.75 -5.88 -10.93
N THR E 101 -10.16 -4.79 -11.43
CA THR E 101 -10.79 -3.49 -11.48
C THR E 101 -12.02 -3.57 -12.34
N SER E 102 -11.89 -4.18 -13.52
CA SER E 102 -13.03 -4.37 -14.40
C SER E 102 -14.13 -5.11 -13.68
N TRP E 103 -13.77 -6.18 -13.00
CA TRP E 103 -14.75 -6.96 -12.28
C TRP E 103 -15.45 -6.16 -11.18
N VAL E 104 -14.69 -5.35 -10.45
CA VAL E 104 -15.27 -4.57 -9.39
C VAL E 104 -16.21 -3.51 -9.96
N VAL E 105 -15.74 -2.79 -10.97
CA VAL E 105 -16.53 -1.76 -11.60
C VAL E 105 -17.84 -2.35 -12.13
N ASN E 106 -17.79 -3.52 -12.73
CA ASN E 106 -18.97 -4.19 -13.24
C ASN E 106 -19.93 -4.52 -12.09
N ASN E 107 -19.39 -5.01 -10.98
CA ASN E 107 -20.21 -5.35 -9.84
C ASN E 107 -20.87 -4.11 -9.26
N VAL E 108 -20.14 -3.00 -9.19
CA VAL E 108 -20.71 -1.79 -8.60
C VAL E 108 -21.90 -1.27 -9.40
N ASN E 109 -21.69 -1.14 -10.71
CA ASN E 109 -22.77 -0.70 -11.59
C ASN E 109 -23.95 -1.61 -11.49
N GLY E 110 -23.69 -2.90 -11.53
CA GLY E 110 -24.81 -3.85 -11.42
C GLY E 110 -25.53 -3.74 -10.10
N SER E 111 -24.78 -3.53 -9.02
CA SER E 111 -25.41 -3.39 -7.71
C SER E 111 -26.24 -2.13 -7.63
N ASN E 112 -25.71 -1.06 -8.21
CA ASN E 112 -26.44 0.20 -8.26
C ASN E 112 -27.72 0.03 -9.04
N LEU E 113 -27.70 -0.73 -10.13
CA LEU E 113 -28.90 -0.94 -10.90
C LEU E 113 -29.90 -1.73 -10.07
N LEU E 114 -29.43 -2.71 -9.31
CA LEU E 114 -30.30 -3.51 -8.46
C LEU E 114 -30.97 -2.67 -7.39
N ALA E 115 -30.27 -1.63 -6.95
CA ALA E 115 -30.79 -0.74 -5.92
C ALA E 115 -32.08 -0.04 -6.34
N SER E 116 -32.26 0.16 -7.64
CA SER E 116 -33.43 0.82 -8.14
C SER E 116 -34.76 0.10 -7.87
N LYS E 117 -34.74 -1.15 -7.45
CA LYS E 117 -35.96 -1.82 -7.03
C LYS E 117 -36.45 -1.36 -5.67
N PHE E 118 -35.56 -0.74 -4.91
CA PHE E 118 -35.90 -0.24 -3.58
C PHE E 118 -36.71 1.05 -3.66
N PRO E 119 -37.39 1.43 -2.54
CA PRO E 119 -38.18 2.65 -2.62
C PRO E 119 -37.35 3.91 -2.79
N ARG E 120 -38.03 4.98 -3.19
CA ARG E 120 -37.37 6.25 -3.40
C ARG E 120 -36.66 6.75 -2.16
N ALA E 121 -37.25 6.48 -1.00
CA ALA E 121 -36.65 6.84 0.27
C ALA E 121 -35.24 6.27 0.43
N ALA E 122 -35.08 5.00 0.08
CA ALA E 122 -33.77 4.33 0.13
C ALA E 122 -32.83 4.90 -0.91
N LEU E 123 -33.31 5.05 -2.12
CA LEU E 123 -32.49 5.60 -3.21
C LEU E 123 -31.97 7.01 -2.92
N ASP E 124 -32.83 7.85 -2.36
CA ASP E 124 -32.42 9.19 -1.92
C ASP E 124 -31.37 9.09 -0.84
N GLU E 125 -31.58 8.21 0.14
CA GLU E 125 -30.60 8.02 1.21
C GLU E 125 -29.23 7.57 0.68
N VAL E 126 -29.22 6.74 -0.36
CA VAL E 126 -27.98 6.24 -0.95
C VAL E 126 -27.30 7.24 -1.89
N PHE E 127 -28.07 7.77 -2.85
CA PHE E 127 -27.55 8.57 -3.99
C PHE E 127 -27.76 10.10 -3.88
N GLY E 128 -28.63 10.52 -2.96
CA GLY E 128 -29.01 11.92 -2.78
C GLY E 128 -27.89 12.93 -2.69
N ASP E 129 -26.87 12.65 -1.88
CA ASP E 129 -25.70 13.52 -1.74
C ASP E 129 -24.43 12.80 -2.20
N ALA E 130 -24.55 11.75 -2.98
CA ALA E 130 -23.43 10.89 -3.37
C ALA E 130 -23.69 10.36 -4.78
N PRO E 131 -23.48 11.20 -5.82
CA PRO E 131 -23.61 10.73 -7.22
C PRO E 131 -22.71 9.52 -7.56
N GLY E 132 -21.54 9.46 -6.92
CA GLY E 132 -20.59 8.35 -7.06
C GLY E 132 -20.70 7.25 -6.02
N ALA E 133 -21.88 7.07 -5.42
CA ALA E 133 -22.07 5.98 -4.47
C ALA E 133 -21.80 4.63 -5.12
N LYS E 134 -21.20 3.73 -4.33
CA LYS E 134 -20.80 2.41 -4.78
C LYS E 134 -21.38 1.31 -3.92
N LEU E 135 -22.21 0.47 -4.52
CA LEU E 135 -22.83 -0.68 -3.82
C LEU E 135 -22.16 -2.02 -4.12
N ALA E 136 -22.14 -2.88 -3.10
CA ALA E 136 -21.94 -4.31 -3.21
C ALA E 136 -23.30 -4.99 -3.27
N SER E 137 -23.28 -6.24 -3.63
CA SER E 137 -24.49 -7.04 -3.56
C SER E 137 -24.10 -8.49 -3.55
N VAL E 138 -24.62 -9.23 -2.58
CA VAL E 138 -24.36 -10.64 -2.47
C VAL E 138 -25.65 -11.41 -2.29
N PHE E 139 -25.86 -12.34 -3.22
CA PHE E 139 -27.02 -13.22 -3.25
C PHE E 139 -26.56 -14.66 -2.89
N ALA E 140 -25.27 -14.78 -2.59
CA ALA E 140 -24.56 -16.01 -2.27
C ALA E 140 -24.82 -16.60 -0.89
N ALA E 141 -25.58 -15.91 -0.05
CA ALA E 141 -25.95 -16.41 1.26
C ALA E 141 -27.24 -15.79 1.59
N ALA E 142 -27.84 -16.38 2.58
CA ALA E 142 -28.94 -15.81 3.22
C ALA E 142 -28.51 -15.66 4.68
N GLY E 143 -29.06 -14.63 5.27
CA GLY E 143 -28.87 -14.30 6.63
C GLY E 143 -30.29 -14.48 7.09
N THR E 144 -30.51 -14.18 8.33
CA THR E 144 -31.79 -14.41 8.86
C THR E 144 -32.24 -13.08 9.45
N ALA E 145 -33.46 -12.70 9.13
CA ALA E 145 -34.02 -11.44 9.54
C ALA E 145 -35.34 -11.64 10.26
N VAL E 146 -35.55 -10.86 11.29
CA VAL E 146 -36.78 -10.96 12.04
C VAL E 146 -37.37 -9.58 12.25
N ARG E 147 -38.70 -9.49 12.23
CA ARG E 147 -39.39 -8.22 12.41
C ARG E 147 -39.19 -7.62 13.77
N THR E 148 -38.97 -6.32 13.78
CA THR E 148 -38.79 -5.53 14.99
C THR E 148 -39.56 -4.25 14.71
N PRO E 149 -39.89 -3.43 15.76
CA PRO E 149 -40.65 -2.23 15.39
C PRO E 149 -39.83 -1.27 14.56
N GLY E 150 -40.45 -0.84 13.45
CA GLY E 150 -39.83 0.08 12.50
C GLY E 150 -38.95 -0.59 11.46
N GLY E 151 -38.82 -1.90 11.50
CA GLY E 151 -37.99 -2.59 10.56
C GLY E 151 -37.70 -4.05 10.81
N TYR E 152 -36.42 -4.40 10.77
CA TYR E 152 -35.94 -5.76 10.95
C TYR E 152 -34.62 -5.78 11.73
N ARG E 153 -34.34 -6.94 12.31
CA ARG E 153 -33.05 -7.24 12.95
C ARG E 153 -32.44 -8.34 12.10
N LEU E 154 -31.23 -8.11 11.61
CA LEU E 154 -30.59 -8.96 10.59
C LEU E 154 -29.27 -9.56 11.09
N THR E 155 -29.14 -10.87 10.92
CA THR E 155 -27.92 -11.58 11.27
C THR E 155 -27.56 -12.49 10.11
N GLY E 156 -26.27 -12.56 9.78
CA GLY E 156 -25.80 -13.45 8.75
C GLY E 156 -24.33 -13.31 8.40
N SER E 157 -23.89 -14.17 7.49
CA SER E 157 -22.52 -14.16 7.01
C SER E 157 -22.54 -14.41 5.50
N TRP E 158 -22.12 -13.41 4.73
CA TRP E 158 -22.26 -13.41 3.27
C TRP E 158 -20.88 -13.43 2.63
N PRO E 159 -20.44 -14.59 2.07
CA PRO E 159 -19.16 -14.64 1.32
C PRO E 159 -19.28 -14.04 -0.08
N TYR E 160 -18.13 -13.94 -0.75
CA TYR E 160 -18.06 -13.40 -2.12
C TYR E 160 -18.56 -11.94 -2.27
N GLY E 161 -18.16 -11.08 -1.35
CA GLY E 161 -18.63 -9.69 -1.39
C GLY E 161 -17.68 -8.86 -2.21
N THR E 162 -17.81 -8.94 -3.53
CA THR E 162 -16.92 -8.18 -4.40
C THR E 162 -16.89 -6.70 -4.08
N GLY E 163 -15.67 -6.21 -3.94
CA GLY E 163 -15.39 -4.79 -3.73
C GLY E 163 -15.92 -4.17 -2.45
N ILE E 164 -16.28 -4.99 -1.46
CA ILE E 164 -16.94 -4.55 -0.24
C ILE E 164 -16.06 -3.59 0.57
N LEU E 165 -14.75 -3.80 0.53
CA LEU E 165 -13.83 -2.89 1.20
C LEU E 165 -13.93 -1.43 0.76
N HIS E 166 -14.32 -1.15 -0.48
CA HIS E 166 -14.45 0.22 -0.99
C HIS E 166 -15.89 0.69 -1.11
N ASP E 167 -16.84 -0.13 -0.68
CA ASP E 167 -18.24 0.15 -0.99
C ASP E 167 -18.91 0.93 0.14
N ASP E 168 -19.92 1.70 -0.22
CA ASP E 168 -20.62 2.57 0.70
C ASP E 168 -21.81 1.85 1.29
N TRP E 169 -22.43 0.97 0.50
CA TRP E 169 -23.59 0.18 0.92
C TRP E 169 -23.50 -1.23 0.34
N ALA E 170 -24.34 -2.13 0.85
CA ALA E 170 -24.37 -3.52 0.38
C ALA E 170 -25.82 -3.96 0.32
N ILE E 171 -26.19 -4.63 -0.77
CA ILE E 171 -27.48 -5.31 -0.89
C ILE E 171 -27.26 -6.76 -0.53
N LEU E 172 -27.93 -7.20 0.53
CA LEU E 172 -27.78 -8.56 1.02
C LEU E 172 -29.10 -9.30 1.04
N VAL E 173 -29.05 -10.57 0.64
CA VAL E 173 -30.25 -11.43 0.64
C VAL E 173 -30.43 -12.09 2.00
N ALA E 174 -31.67 -12.22 2.44
CA ALA E 174 -31.95 -12.86 3.70
C ALA E 174 -33.27 -13.55 3.72
N ARG E 175 -33.44 -14.38 4.73
CA ARG E 175 -34.70 -15.08 4.90
C ARG E 175 -35.35 -14.49 6.11
N GLU E 176 -36.58 -14.04 5.95
CA GLU E 176 -37.35 -13.59 7.09
C GLU E 176 -37.86 -14.79 7.90
N VAL E 177 -37.83 -14.65 9.21
CA VAL E 177 -38.31 -15.71 10.10
C VAL E 177 -39.13 -15.07 11.20
N ASP E 178 -39.99 -15.86 11.82
CA ASP E 178 -40.82 -15.36 12.90
C ASP E 178 -40.15 -15.59 14.26
N ALA E 179 -40.89 -15.30 15.32
CA ALA E 179 -40.39 -15.46 16.68
C ALA E 179 -40.05 -16.91 16.94
N ASP E 180 -40.86 -17.79 16.39
CA ASP E 180 -40.61 -19.22 16.50
C ASP E 180 -39.35 -19.60 15.75
N GLY E 181 -39.03 -18.85 14.70
CA GLY E 181 -37.85 -19.14 13.91
C GLY E 181 -38.21 -19.90 12.64
N GLU E 182 -39.50 -19.95 12.34
CA GLU E 182 -39.99 -20.57 11.13
C GLU E 182 -39.85 -19.62 9.94
N PRO E 183 -39.57 -20.15 8.75
CA PRO E 183 -39.42 -19.26 7.59
C PRO E 183 -40.69 -18.54 7.16
N VAL E 184 -40.57 -17.26 6.86
CA VAL E 184 -41.71 -16.46 6.41
C VAL E 184 -41.62 -16.11 4.95
N GLY E 185 -40.46 -15.64 4.52
CA GLY E 185 -40.30 -15.25 3.13
C GLY E 185 -38.90 -14.78 2.85
N GLY E 186 -38.65 -14.38 1.61
CA GLY E 186 -37.32 -13.92 1.21
C GLY E 186 -37.23 -12.40 1.24
N LEU E 187 -36.08 -11.86 1.59
CA LEU E 187 -35.90 -10.41 1.61
C LEU E 187 -34.63 -9.93 0.93
N SER E 188 -34.66 -8.68 0.50
CA SER E 188 -33.47 -8.02 0.03
C SER E 188 -33.26 -6.80 0.90
N MET E 189 -32.07 -6.63 1.42
CA MET E 189 -31.83 -5.58 2.39
C MET E 189 -30.66 -4.69 2.08
N LEU E 190 -30.87 -3.41 2.24
CA LEU E 190 -29.85 -2.45 1.91
C LEU E 190 -29.23 -1.93 3.20
N VAL E 191 -27.94 -2.17 3.40
CA VAL E 191 -27.31 -1.80 4.65
C VAL E 191 -25.99 -1.09 4.39
N PRO E 192 -25.72 -0.03 5.15
CA PRO E 192 -24.56 0.81 4.99
C PRO E 192 -23.28 0.26 5.54
N ALA E 193 -22.18 0.82 5.08
CA ALA E 193 -20.84 0.40 5.48
C ALA E 193 -20.62 0.51 6.97
N ARG E 194 -21.17 1.56 7.57
CA ARG E 194 -21.04 1.79 9.01
C ARG E 194 -21.59 0.63 9.83
N ASP E 195 -22.64 -0.01 9.33
CA ASP E 195 -23.23 -1.15 10.00
C ASP E 195 -22.59 -2.47 9.70
N LEU E 196 -21.68 -2.55 8.75
CA LEU E 196 -21.08 -3.83 8.34
C LEU E 196 -19.75 -4.09 8.96
N THR E 197 -19.39 -5.35 8.96
CA THR E 197 -18.08 -5.80 9.35
C THR E 197 -17.58 -6.68 8.23
N VAL E 198 -16.30 -6.59 7.92
CA VAL E 198 -15.74 -7.38 6.85
C VAL E 198 -14.71 -8.32 7.41
N GLU E 199 -14.84 -9.57 7.01
CA GLU E 199 -13.99 -10.61 7.48
C GLU E 199 -13.08 -11.02 6.33
N ASP E 200 -11.80 -11.24 6.61
CA ASP E 200 -10.86 -11.55 5.56
C ASP E 200 -10.91 -13.02 5.17
N THR E 201 -11.63 -13.32 4.11
CA THR E 201 -11.76 -14.69 3.65
C THR E 201 -11.41 -14.93 2.20
N TRP E 202 -11.03 -13.90 1.45
CA TRP E 202 -10.79 -14.05 0.03
C TRP E 202 -9.34 -14.43 -0.25
N HIS E 203 -9.10 -15.72 -0.41
CA HIS E 203 -7.78 -16.25 -0.70
C HIS E 203 -7.86 -17.12 -1.92
N THR E 204 -7.53 -16.54 -3.07
CA THR E 204 -7.73 -17.21 -4.33
C THR E 204 -6.55 -17.05 -5.21
N VAL E 205 -6.54 -17.81 -6.30
CA VAL E 205 -5.44 -17.75 -7.24
C VAL E 205 -5.75 -16.88 -8.45
N GLY E 206 -6.93 -16.28 -8.47
CA GLY E 206 -7.31 -15.37 -9.55
C GLY E 206 -8.32 -14.37 -9.01
N MET E 207 -8.40 -13.23 -9.68
CA MET E 207 -9.25 -12.12 -9.29
C MET E 207 -8.97 -11.71 -7.84
N ARG E 208 -7.69 -11.73 -7.45
CA ARG E 208 -7.32 -11.45 -6.08
C ARG E 208 -7.67 -10.05 -5.60
N ALA E 209 -7.43 -9.04 -6.43
CA ALA E 209 -7.69 -7.65 -6.01
C ALA E 209 -9.17 -7.29 -5.93
N THR E 210 -10.06 -8.17 -6.37
CA THR E 210 -11.47 -7.91 -6.24
C THR E 210 -11.92 -7.86 -4.80
N GLY E 211 -11.15 -8.41 -3.87
CA GLY E 211 -11.49 -8.35 -2.45
C GLY E 211 -12.86 -8.86 -2.11
N SER E 212 -13.21 -10.01 -2.64
CA SER E 212 -14.52 -10.60 -2.44
C SER E 212 -14.62 -11.33 -1.09
N HIS E 213 -14.55 -10.52 -0.04
CA HIS E 213 -14.47 -10.99 1.34
C HIS E 213 -15.84 -11.28 1.90
N THR E 214 -15.91 -11.69 3.16
CA THR E 214 -17.19 -12.05 3.79
C THR E 214 -17.72 -10.88 4.59
N VAL E 215 -19.00 -10.57 4.36
CA VAL E 215 -19.71 -9.55 5.10
C VAL E 215 -20.40 -10.23 6.28
N VAL E 216 -20.18 -9.69 7.48
CA VAL E 216 -20.75 -10.23 8.69
C VAL E 216 -21.66 -9.25 9.41
N LEU E 217 -22.83 -9.71 9.79
CA LEU E 217 -23.80 -8.88 10.50
C LEU E 217 -24.31 -9.61 11.71
N ARG E 218 -24.42 -8.92 12.83
CA ARG E 218 -25.00 -9.55 13.99
C ARG E 218 -26.02 -8.66 14.65
N ASP E 219 -27.29 -9.09 14.60
CA ASP E 219 -28.40 -8.38 15.20
C ASP E 219 -28.46 -6.92 14.77
N THR E 220 -28.22 -6.68 13.49
CA THR E 220 -28.17 -5.34 12.94
C THR E 220 -29.54 -4.83 12.58
N PHE E 221 -29.83 -3.60 12.96
CA PHE E 221 -31.12 -3.01 12.64
C PHE E 221 -31.14 -2.49 11.22
N VAL E 222 -32.18 -2.83 10.50
CA VAL E 222 -32.38 -2.33 9.16
C VAL E 222 -33.78 -1.78 9.09
N PRO E 223 -33.92 -0.48 8.71
CA PRO E 223 -35.30 0.00 8.67
C PRO E 223 -36.10 -0.50 7.49
N GLU E 224 -37.40 -0.39 7.64
CA GLU E 224 -38.38 -0.87 6.68
C GLU E 224 -38.21 -0.36 5.26
N HIS E 225 -37.87 0.93 5.11
CA HIS E 225 -37.74 1.51 3.76
C HIS E 225 -36.51 0.98 3.01
N ARG E 226 -35.59 0.31 3.70
CA ARG E 226 -34.43 -0.27 3.06
C ARG E 226 -34.53 -1.80 2.96
N VAL E 227 -35.75 -2.31 2.91
CA VAL E 227 -36.01 -3.75 2.84
C VAL E 227 -37.12 -3.97 1.83
N ILE E 228 -36.92 -4.86 0.88
CA ILE E 228 -38.00 -5.25 -0.06
C ILE E 228 -38.07 -6.75 -0.09
N SER E 229 -39.16 -7.26 -0.65
CA SER E 229 -39.28 -8.71 -0.77
C SER E 229 -38.31 -9.16 -1.82
N GLY E 230 -37.89 -10.41 -1.69
CA GLY E 230 -37.05 -11.04 -2.67
C GLY E 230 -37.77 -11.05 -4.00
N GLU E 231 -39.09 -11.21 -3.98
CA GLU E 231 -39.88 -11.18 -5.20
C GLU E 231 -39.75 -9.84 -5.93
N LEU E 232 -39.77 -8.75 -5.18
CA LEU E 232 -39.65 -7.43 -5.77
C LEU E 232 -38.26 -7.16 -6.31
N GLN E 233 -37.25 -7.67 -5.63
CA GLN E 233 -35.87 -7.52 -6.05
C GLN E 233 -35.59 -8.17 -7.40
N ARG E 234 -36.22 -9.30 -7.69
CA ARG E 234 -36.02 -9.99 -8.93
C ARG E 234 -37.04 -9.62 -9.97
N SER E 235 -37.93 -8.70 -9.66
CA SER E 235 -39.07 -8.38 -10.54
C SER E 235 -38.64 -7.74 -11.86
N ARG E 236 -39.41 -8.01 -12.90
CA ARG E 236 -39.22 -7.39 -14.21
C ARG E 236 -40.49 -6.65 -14.62
N GLU E 237 -41.31 -6.26 -13.64
CA GLU E 237 -42.52 -5.48 -13.95
C GLU E 237 -42.23 -4.08 -14.49
N SER E 238 -41.06 -3.55 -14.22
CA SER E 238 -40.72 -2.21 -14.70
C SER E 238 -40.37 -2.20 -16.18
N ALA E 239 -40.35 -3.36 -16.81
CA ALA E 239 -40.03 -3.45 -18.23
C ALA E 239 -40.94 -2.62 -19.11
N THR E 240 -42.21 -2.52 -18.75
CA THR E 240 -43.18 -1.76 -19.54
C THR E 240 -43.57 -0.39 -19.00
N ASP E 241 -42.90 0.07 -17.95
CA ASP E 241 -43.24 1.33 -17.30
C ASP E 241 -42.65 2.54 -18.06
N LEU E 242 -43.49 3.24 -18.79
CA LEU E 242 -43.08 4.41 -19.57
C LEU E 242 -42.64 5.61 -18.72
N GLY E 243 -43.06 5.63 -17.45
CA GLY E 243 -42.63 6.62 -16.49
C GLY E 243 -41.15 6.57 -16.13
N LEU E 244 -40.57 5.38 -16.15
CA LEU E 244 -39.15 5.19 -15.85
C LEU E 244 -38.25 5.47 -17.03
N PRO E 245 -37.01 5.94 -16.79
CA PRO E 245 -36.10 6.00 -17.94
C PRO E 245 -35.78 4.61 -18.46
N PRO E 246 -35.29 4.50 -19.72
CA PRO E 246 -35.08 3.12 -20.21
C PRO E 246 -34.16 2.20 -19.43
N LEU E 247 -33.08 2.70 -18.82
CA LEU E 247 -32.19 1.84 -18.06
C LEU E 247 -32.90 1.10 -16.93
N PHE E 248 -33.86 1.75 -16.31
CA PHE E 248 -34.54 1.13 -15.18
C PHE E 248 -35.66 0.19 -15.62
N ARG E 249 -35.86 0.08 -16.93
CA ARG E 249 -36.78 -0.90 -17.48
C ARG E 249 -36.07 -2.21 -17.81
N THR E 250 -34.73 -2.18 -17.83
CA THR E 250 -33.87 -3.30 -18.23
C THR E 250 -34.02 -4.46 -17.29
N ALA E 251 -33.94 -5.67 -17.83
CA ALA E 251 -33.91 -6.87 -17.02
C ALA E 251 -32.57 -6.93 -16.28
N ALA E 252 -32.58 -6.59 -15.00
CA ALA E 252 -31.35 -6.21 -14.30
C ALA E 252 -30.38 -7.36 -14.08
N ILE E 253 -30.92 -8.51 -13.67
CA ILE E 253 -30.10 -9.67 -13.37
C ILE E 253 -29.43 -10.20 -14.62
N ALA E 254 -30.16 -10.21 -15.71
CA ALA E 254 -29.60 -10.62 -16.98
C ALA E 254 -28.54 -9.63 -17.43
N ALA E 255 -28.79 -8.34 -17.21
CA ALA E 255 -27.84 -7.33 -17.61
C ALA E 255 -26.53 -7.45 -16.87
N MET E 256 -26.63 -7.78 -15.59
CA MET E 256 -25.47 -7.94 -14.74
C MET E 256 -24.62 -9.13 -15.22
N ALA E 257 -25.29 -10.22 -15.58
CA ALA E 257 -24.62 -11.38 -16.11
C ALA E 257 -23.90 -11.07 -17.43
N VAL E 258 -24.51 -10.27 -18.28
CA VAL E 258 -23.90 -9.89 -19.56
C VAL E 258 -22.61 -9.09 -19.33
N VAL E 259 -22.59 -8.19 -18.38
CA VAL E 259 -21.37 -7.40 -18.13
C VAL E 259 -20.31 -8.21 -17.37
N CYS E 260 -20.70 -9.18 -16.56
CA CYS E 260 -19.72 -10.07 -15.95
C CYS E 260 -19.00 -10.88 -17.04
N ALA E 261 -19.78 -11.37 -18.00
CA ALA E 261 -19.21 -12.04 -19.15
C ALA E 261 -18.27 -11.13 -19.93
N SER E 262 -18.64 -9.86 -20.04
CA SER E 262 -17.77 -8.90 -20.75
C SER E 262 -16.41 -8.73 -20.10
N VAL E 263 -16.34 -8.80 -18.78
CA VAL E 263 -15.07 -8.71 -18.03
C VAL E 263 -14.19 -9.87 -18.47
N VAL E 264 -14.75 -11.06 -18.46
CA VAL E 264 -14.01 -12.25 -18.87
C VAL E 264 -13.57 -12.14 -20.34
N LEU E 265 -14.52 -11.76 -21.17
CA LEU E 265 -14.26 -11.63 -22.61
C LEU E 265 -13.08 -10.68 -22.88
N GLY E 266 -13.13 -9.52 -22.28
CA GLY E 266 -12.08 -8.55 -22.43
C GLY E 266 -10.69 -9.07 -22.05
N ALA E 267 -10.60 -9.88 -20.99
CA ALA E 267 -9.32 -10.47 -20.58
C ALA E 267 -8.81 -11.41 -21.66
N GLY E 268 -9.73 -12.15 -22.25
CA GLY E 268 -9.41 -13.04 -23.35
C GLY E 268 -8.89 -12.30 -24.56
N GLN E 269 -9.57 -11.21 -24.88
CA GLN E 269 -9.13 -10.39 -26.00
C GLN E 269 -7.77 -9.79 -25.74
N ALA E 270 -7.50 -9.38 -24.50
CA ALA E 270 -6.16 -8.86 -24.18
C ALA E 270 -5.07 -9.93 -24.34
N ALA E 271 -5.40 -11.15 -23.91
CA ALA E 271 -4.55 -12.31 -24.08
C ALA E 271 -4.24 -12.54 -25.56
N ARG E 272 -5.27 -12.46 -26.41
CA ARG E 272 -5.07 -12.63 -27.85
C ARG E 272 -4.14 -11.56 -28.41
N ALA E 273 -4.40 -10.30 -28.08
CA ALA E 273 -3.54 -9.20 -28.56
C ALA E 273 -2.09 -9.39 -28.15
N LEU E 274 -1.86 -9.88 -26.94
CA LEU E 274 -0.51 -10.12 -26.43
C LEU E 274 0.24 -11.22 -27.20
N VAL E 275 -0.44 -12.35 -27.41
CA VAL E 275 0.12 -13.43 -28.22
C VAL E 275 0.46 -12.96 -29.65
N VAL E 276 -0.40 -12.15 -30.25
CA VAL E 276 -0.14 -11.54 -31.57
C VAL E 276 1.07 -10.60 -31.55
N GLU E 277 1.16 -9.79 -30.50
CA GLU E 277 2.24 -8.86 -30.31
C GLU E 277 3.60 -9.54 -30.20
N LYS E 278 3.66 -10.65 -29.47
CA LYS E 278 4.91 -11.34 -29.22
C LYS E 278 5.34 -12.38 -30.23
N ALA E 279 4.45 -12.82 -31.10
CA ALA E 279 4.73 -13.93 -31.98
C ALA E 279 5.86 -13.70 -32.95
N PRO E 280 6.04 -12.46 -33.48
CA PRO E 280 7.14 -12.32 -34.41
C PRO E 280 8.53 -12.38 -33.79
N THR E 281 8.66 -12.23 -32.48
CA THR E 281 9.98 -12.31 -31.86
C THR E 281 10.28 -13.54 -31.01
N ARG E 282 9.46 -14.58 -31.06
CA ARG E 282 9.72 -15.82 -30.31
C ARG E 282 9.56 -16.96 -31.27
N GLY E 283 10.10 -18.10 -30.87
CA GLY E 283 10.03 -19.33 -31.62
C GLY E 283 9.17 -20.38 -30.93
N ILE E 284 9.12 -21.56 -31.56
CA ILE E 284 8.39 -22.71 -31.07
C ILE E 284 9.40 -23.81 -30.86
N ALA E 285 9.84 -23.94 -29.62
CA ALA E 285 10.79 -24.97 -29.27
C ALA E 285 10.13 -26.32 -29.30
N PRO E 286 10.90 -27.33 -29.73
CA PRO E 286 12.29 -27.32 -30.21
C PRO E 286 12.33 -27.40 -31.71
N SER E 287 11.35 -26.78 -32.37
CA SER E 287 11.22 -26.94 -33.80
C SER E 287 12.21 -26.05 -34.52
N LYS E 288 12.26 -26.21 -35.83
CA LYS E 288 12.98 -25.32 -36.71
C LYS E 288 12.35 -23.92 -36.84
N TYR E 289 11.13 -23.74 -36.38
CA TYR E 289 10.46 -22.42 -36.41
C TYR E 289 11.03 -21.47 -35.35
N THR E 290 12.02 -20.67 -35.73
CA THR E 290 12.62 -19.70 -34.80
C THR E 290 11.71 -18.48 -34.58
N ARG E 291 10.78 -18.26 -35.50
CA ARG E 291 9.74 -17.24 -35.40
C ARG E 291 8.39 -17.92 -35.45
N GLN E 292 7.50 -17.61 -34.52
CA GLN E 292 6.17 -18.27 -34.44
C GLN E 292 5.36 -18.08 -35.73
N THR E 293 5.49 -16.86 -36.29
CA THR E 293 4.78 -16.46 -37.51
C THR E 293 5.25 -17.23 -38.75
N ASP E 294 6.41 -17.86 -38.68
CA ASP E 294 6.89 -18.72 -39.76
C ASP E 294 6.15 -20.04 -39.83
N SER E 295 5.52 -20.44 -38.75
CA SER E 295 4.80 -21.68 -38.72
C SER E 295 3.35 -21.51 -39.12
N ARG E 296 2.97 -22.12 -40.22
CA ARG E 296 1.63 -22.03 -40.69
C ARG E 296 0.64 -22.74 -39.78
N THR E 297 1.07 -23.78 -39.09
CA THR E 297 0.22 -24.44 -38.11
C THR E 297 -0.11 -23.46 -36.99
N PHE E 298 0.88 -22.69 -36.57
CA PHE E 298 0.68 -21.68 -35.54
C PHE E 298 -0.27 -20.60 -36.04
N VAL E 299 -0.05 -20.12 -37.26
CA VAL E 299 -0.84 -19.03 -37.78
C VAL E 299 -2.30 -19.43 -37.95
N SER E 300 -2.55 -20.59 -38.53
CA SER E 300 -3.91 -21.05 -38.75
C SER E 300 -4.60 -21.39 -37.43
N SER E 301 -3.88 -21.91 -36.47
CA SER E 301 -4.46 -22.18 -35.16
C SER E 301 -4.89 -20.91 -34.48
N LEU E 302 -4.06 -19.87 -34.62
CA LEU E 302 -4.36 -18.60 -34.02
C LEU E 302 -5.58 -17.98 -34.65
N GLY E 303 -5.75 -18.17 -35.95
CA GLY E 303 -6.93 -17.70 -36.63
C GLY E 303 -8.18 -18.34 -36.09
N ARG E 304 -8.10 -19.64 -35.85
CA ARG E 304 -9.23 -20.36 -35.28
C ARG E 304 -9.57 -19.90 -33.85
N THR E 305 -8.56 -19.70 -33.03
CA THR E 305 -8.74 -19.27 -31.67
C THR E 305 -9.32 -17.89 -31.65
N ALA E 306 -8.84 -17.04 -32.53
CA ALA E 306 -9.36 -15.71 -32.65
C ALA E 306 -10.84 -15.75 -33.06
N LEU E 307 -11.22 -16.61 -34.01
CA LEU E 307 -12.67 -16.71 -34.35
C LEU E 307 -13.53 -17.20 -33.20
N SER E 308 -13.06 -18.10 -32.34
CA SER E 308 -13.88 -18.44 -31.14
C SER E 308 -14.10 -17.23 -30.24
N ILE E 309 -13.04 -16.47 -30.00
CA ILE E 309 -13.15 -15.26 -29.18
C ILE E 309 -14.11 -14.25 -29.85
N ASP E 310 -14.00 -14.12 -31.18
CA ASP E 310 -14.96 -13.28 -31.95
C ASP E 310 -16.41 -13.76 -31.75
N ALA E 311 -16.62 -15.05 -31.74
CA ALA E 311 -17.94 -15.58 -31.47
C ALA E 311 -18.41 -15.25 -30.07
N ALA E 312 -17.52 -15.32 -29.09
CA ALA E 312 -17.88 -15.00 -27.74
C ALA E 312 -18.30 -13.54 -27.65
N GLU E 313 -17.58 -12.69 -28.36
CA GLU E 313 -17.89 -11.28 -28.41
C GLU E 313 -19.29 -11.02 -28.99
N MET E 314 -19.63 -11.72 -30.05
CA MET E 314 -20.94 -11.59 -30.67
C MET E 314 -22.06 -12.09 -29.78
N HIS E 315 -21.85 -13.15 -29.04
CA HIS E 315 -22.84 -13.67 -28.10
C HIS E 315 -23.15 -12.62 -27.05
N VAL E 316 -22.10 -11.98 -26.54
CA VAL E 316 -22.24 -10.97 -25.53
C VAL E 316 -22.95 -9.76 -26.10
N ALA E 317 -22.54 -9.32 -27.29
CA ALA E 317 -23.15 -8.16 -27.90
C ALA E 317 -24.60 -8.40 -28.25
N ARG E 318 -24.92 -9.59 -28.74
CA ARG E 318 -26.30 -9.90 -29.09
C ARG E 318 -27.17 -9.80 -27.85
N ALA E 319 -26.73 -10.35 -26.75
CA ALA E 319 -27.52 -10.32 -25.53
C ALA E 319 -27.67 -8.89 -25.01
N ALA E 320 -26.59 -8.14 -25.04
CA ALA E 320 -26.67 -6.74 -24.65
C ALA E 320 -27.72 -5.97 -25.48
N THR E 321 -27.69 -6.20 -26.78
CA THR E 321 -28.62 -5.54 -27.71
C THR E 321 -30.05 -5.95 -27.49
N ALA E 322 -30.29 -7.23 -27.22
CA ALA E 322 -31.64 -7.67 -26.94
C ALA E 322 -32.17 -6.96 -25.69
N LEU E 323 -31.33 -6.85 -24.67
CA LEU E 323 -31.72 -6.20 -23.41
C LEU E 323 -31.99 -4.72 -23.60
N ASP E 324 -31.13 -4.03 -24.35
CA ASP E 324 -31.33 -2.61 -24.63
C ASP E 324 -32.51 -2.32 -25.51
N ASP E 325 -32.73 -3.14 -26.53
CA ASP E 325 -33.84 -2.91 -27.45
C ASP E 325 -35.15 -3.01 -26.69
N ALA E 326 -35.25 -3.98 -25.80
CA ALA E 326 -36.45 -4.16 -25.02
C ALA E 326 -36.68 -3.00 -24.06
N ALA E 327 -35.62 -2.52 -23.44
CA ALA E 327 -35.74 -1.40 -22.51
C ALA E 327 -36.15 -0.12 -23.21
N TYR E 328 -35.57 0.15 -24.37
CA TYR E 328 -35.90 1.32 -25.15
C TYR E 328 -37.33 1.27 -25.69
N ASP E 329 -37.81 0.10 -26.07
CA ASP E 329 -39.15 -0.03 -26.59
C ASP E 329 -40.16 -0.22 -25.49
N ALA E 330 -39.71 -0.32 -24.25
CA ALA E 330 -40.63 -0.58 -23.14
C ALA E 330 -41.46 -1.86 -23.29
N VAL E 331 -40.87 -2.89 -23.89
CA VAL E 331 -41.49 -4.21 -23.93
C VAL E 331 -40.79 -5.17 -22.96
N ALA E 332 -41.58 -6.13 -22.47
CA ALA E 332 -41.08 -7.20 -21.62
C ALA E 332 -40.43 -8.24 -22.52
N LEU E 333 -39.24 -8.67 -22.13
CA LEU E 333 -38.61 -9.83 -22.75
C LEU E 333 -39.36 -11.07 -22.30
N PRO E 334 -39.77 -11.93 -23.26
CA PRO E 334 -40.38 -13.17 -22.83
C PRO E 334 -39.31 -14.08 -22.21
N ASP E 335 -39.76 -15.09 -21.47
CA ASP E 335 -38.85 -16.03 -20.82
C ASP E 335 -37.87 -16.66 -21.78
N SER E 336 -38.33 -17.01 -22.97
CA SER E 336 -37.47 -17.65 -23.94
C SER E 336 -36.28 -16.79 -24.31
N GLU E 337 -36.48 -15.48 -24.40
CA GLU E 337 -35.39 -14.60 -24.72
C GLU E 337 -34.37 -14.49 -23.59
N LEU E 338 -34.85 -14.51 -22.34
CA LEU E 338 -33.97 -14.46 -21.17
C LEU E 338 -33.19 -15.74 -21.00
N LEU E 339 -33.82 -16.86 -21.30
CA LEU E 339 -33.17 -18.16 -21.23
C LEU E 339 -32.07 -18.24 -22.26
N ARG E 340 -32.31 -17.66 -23.42
CA ARG E 340 -31.29 -17.58 -24.45
C ARG E 340 -30.11 -16.70 -24.01
N ILE E 341 -30.38 -15.61 -23.32
CA ILE E 341 -29.32 -14.74 -22.85
C ILE E 341 -28.45 -15.48 -21.84
N ARG E 342 -29.05 -16.29 -20.99
CA ARG E 342 -28.30 -17.06 -20.03
C ARG E 342 -27.37 -18.05 -20.73
N GLY E 343 -27.86 -18.65 -21.79
CA GLY E 343 -27.05 -19.52 -22.62
C GLY E 343 -25.94 -18.80 -23.33
N ASP E 344 -26.21 -17.63 -23.87
CA ASP E 344 -25.17 -16.85 -24.55
C ASP E 344 -24.01 -16.50 -23.62
N VAL E 345 -24.29 -16.09 -22.38
CA VAL E 345 -23.22 -15.66 -21.49
C VAL E 345 -22.34 -16.81 -21.02
N GLY E 346 -22.93 -17.95 -20.71
CA GLY E 346 -22.15 -19.10 -20.33
C GLY E 346 -21.33 -19.61 -21.48
N GLN E 347 -21.93 -19.63 -22.65
CA GLN E 347 -21.25 -20.04 -23.84
C GLN E 347 -20.12 -19.09 -24.17
N ALA E 348 -20.31 -17.80 -24.03
CA ALA E 348 -19.21 -16.86 -24.34
C ALA E 348 -18.02 -17.09 -23.44
N VAL E 349 -18.26 -17.22 -22.12
CA VAL E 349 -17.12 -17.38 -21.20
C VAL E 349 -16.45 -18.73 -21.34
N SER E 350 -17.24 -19.72 -21.70
CA SER E 350 -16.70 -21.06 -22.01
C SER E 350 -15.77 -21.06 -23.24
N LEU E 351 -16.22 -20.36 -24.23
CA LEU E 351 -15.42 -20.13 -25.42
C LEU E 351 -14.13 -19.39 -25.05
N VAL E 352 -14.20 -18.42 -24.16
CA VAL E 352 -13.02 -17.66 -23.74
C VAL E 352 -12.02 -18.49 -22.95
N THR E 353 -12.49 -19.34 -22.03
CA THR E 353 -11.58 -20.17 -21.27
C THR E 353 -10.90 -21.21 -22.14
N THR E 354 -11.61 -21.78 -23.12
CA THR E 354 -11.02 -22.72 -24.03
C THR E 354 -10.00 -22.00 -24.89
N ALA E 355 -10.32 -20.81 -25.33
CA ALA E 355 -9.39 -20.03 -26.16
C ALA E 355 -8.12 -19.65 -25.40
N LEU E 356 -8.23 -19.38 -24.10
CA LEU E 356 -7.07 -19.06 -23.31
C LEU E 356 -6.11 -20.23 -23.21
N ASP E 357 -6.66 -21.43 -23.09
CA ASP E 357 -5.88 -22.64 -23.06
C ASP E 357 -5.12 -22.76 -24.39
N GLU E 358 -5.79 -22.45 -25.47
CA GLU E 358 -5.19 -22.42 -26.79
C GLU E 358 -4.09 -21.36 -26.92
N LEU E 359 -4.30 -20.19 -26.32
CA LEU E 359 -3.28 -19.14 -26.38
C LEU E 359 -2.01 -19.49 -25.62
N LEU E 360 -2.12 -20.25 -24.53
CA LEU E 360 -0.97 -20.73 -23.81
C LEU E 360 -0.18 -21.73 -24.63
N TRP E 361 -0.88 -22.58 -25.39
CA TRP E 361 -0.23 -23.50 -26.28
C TRP E 361 0.52 -22.75 -27.36
N ALA E 362 -0.06 -21.65 -27.82
CA ALA E 362 0.59 -20.84 -28.82
C ALA E 362 1.84 -20.15 -28.28
N HIS E 363 1.69 -19.53 -27.12
CA HIS E 363 2.77 -18.72 -26.57
C HIS E 363 3.91 -19.55 -25.99
N GLY E 364 3.60 -20.63 -25.30
CA GLY E 364 4.64 -21.48 -24.74
C GLY E 364 4.78 -21.37 -23.24
N ALA E 365 5.84 -22.00 -22.74
CA ALA E 365 6.09 -22.10 -21.31
C ALA E 365 6.32 -20.76 -20.64
N ALA E 366 6.81 -19.78 -21.38
CA ALA E 366 7.06 -18.45 -20.87
C ALA E 366 5.80 -17.77 -20.40
N SER E 367 4.65 -18.25 -20.86
CA SER E 367 3.41 -17.63 -20.48
C SER E 367 3.11 -17.79 -18.99
N PHE E 368 3.77 -18.73 -18.32
CA PHE E 368 3.49 -18.97 -16.90
C PHE E 368 4.45 -18.22 -15.98
N ALA E 369 5.33 -17.39 -16.54
CA ALA E 369 6.20 -16.59 -15.68
C ALA E 369 5.38 -15.50 -14.99
N GLU E 370 5.73 -15.16 -13.76
CA GLU E 370 5.03 -14.12 -13.01
C GLU E 370 5.13 -12.78 -13.71
N SER E 371 6.22 -12.57 -14.43
CA SER E 371 6.37 -11.34 -15.20
C SER E 371 5.50 -11.25 -16.48
N ASN E 372 4.88 -12.35 -16.91
CA ASN E 372 4.12 -12.34 -18.15
C ASN E 372 2.64 -12.06 -17.91
N PRO E 373 2.08 -11.01 -18.51
CA PRO E 373 0.62 -10.74 -18.31
C PRO E 373 -0.31 -11.85 -18.79
N LEU E 374 0.17 -12.76 -19.61
CA LEU E 374 -0.66 -13.79 -20.15
C LEU E 374 -1.27 -14.70 -19.08
N GLN E 375 -0.47 -15.10 -18.10
CA GLN E 375 -1.00 -15.93 -17.01
C GLN E 375 -1.96 -15.18 -16.10
N ARG E 376 -1.84 -13.86 -16.02
CA ARG E 376 -2.77 -13.04 -15.26
C ARG E 376 -4.14 -13.05 -15.89
N TYR E 377 -4.19 -12.88 -17.20
CA TYR E 377 -5.47 -12.90 -17.90
C TYR E 377 -6.07 -14.30 -17.76
N TRP E 378 -5.22 -15.31 -17.85
CA TRP E 378 -5.64 -16.69 -17.75
C TRP E 378 -6.22 -16.99 -16.37
N ARG E 379 -5.56 -16.57 -15.31
CA ARG E 379 -6.07 -16.85 -13.97
C ARG E 379 -7.31 -16.03 -13.64
N ASP E 380 -7.35 -14.76 -14.01
CA ASP E 380 -8.51 -13.93 -13.72
C ASP E 380 -9.76 -14.30 -14.49
N ALA E 381 -9.62 -14.55 -15.78
CA ALA E 381 -10.77 -14.94 -16.60
C ALA E 381 -11.31 -16.29 -16.19
N ASN E 382 -10.43 -17.23 -15.86
CA ASN E 382 -10.86 -18.55 -15.42
C ASN E 382 -11.60 -18.55 -14.10
N THR E 383 -11.12 -17.75 -13.14
CA THR E 383 -11.77 -17.61 -11.85
C THR E 383 -13.13 -16.98 -11.97
N ALA E 384 -13.20 -15.87 -12.67
CA ALA E 384 -14.45 -15.13 -12.85
C ALA E 384 -15.50 -15.86 -13.67
N ALA E 385 -15.06 -16.65 -14.63
CA ALA E 385 -15.95 -17.39 -15.48
C ALA E 385 -16.84 -18.38 -14.73
N ARG E 386 -16.40 -18.87 -13.58
CA ARG E 386 -17.16 -19.86 -12.80
C ARG E 386 -18.12 -19.23 -11.82
N HIS E 387 -18.34 -17.95 -11.95
CA HIS E 387 -19.39 -17.30 -11.21
C HIS E 387 -20.68 -17.98 -11.58
N ALA E 388 -21.58 -18.12 -10.63
CA ALA E 388 -22.83 -18.85 -10.80
C ALA E 388 -23.73 -18.39 -11.93
N MET E 389 -23.79 -17.08 -12.17
CA MET E 389 -24.62 -16.54 -13.22
C MET E 389 -24.02 -16.76 -14.60
N LEU E 390 -22.80 -17.26 -14.64
CA LEU E 390 -22.15 -17.58 -15.89
C LEU E 390 -21.97 -19.08 -16.13
N ASN E 391 -22.61 -19.94 -15.35
CA ASN E 391 -22.35 -21.40 -15.46
C ASN E 391 -22.77 -21.88 -16.82
N VAL E 392 -21.82 -22.46 -17.55
CA VAL E 392 -22.06 -22.88 -18.93
C VAL E 392 -23.05 -24.04 -19.07
N HIS E 393 -22.93 -25.03 -18.21
CA HIS E 393 -23.82 -26.20 -18.19
C HIS E 393 -25.25 -25.82 -17.83
N VAL E 394 -25.41 -24.90 -16.88
CA VAL E 394 -26.75 -24.41 -16.52
C VAL E 394 -27.34 -23.63 -17.70
N GLY E 395 -26.53 -22.81 -18.35
CA GLY E 395 -26.99 -22.04 -19.49
C GLY E 395 -27.45 -22.93 -20.64
N HIS E 396 -26.70 -23.99 -20.88
CA HIS E 396 -27.04 -24.96 -21.94
C HIS E 396 -28.36 -25.60 -21.65
N GLU E 397 -28.59 -25.94 -20.38
CA GLU E 397 -29.81 -26.59 -19.98
C GLU E 397 -30.98 -25.63 -20.07
N LEU E 398 -30.78 -24.39 -19.68
CA LEU E 398 -31.83 -23.37 -19.74
C LEU E 398 -32.27 -23.05 -21.16
N TYR E 399 -31.31 -22.89 -22.06
CA TYR E 399 -31.61 -22.56 -23.42
C TYR E 399 -32.26 -23.74 -24.11
N GLY E 400 -31.75 -24.93 -23.85
CA GLY E 400 -32.31 -26.13 -24.45
C GLY E 400 -33.72 -26.35 -24.02
N GLY E 401 -33.99 -26.05 -22.75
CA GLY E 401 -35.27 -26.19 -22.16
C GLY E 401 -36.31 -25.26 -22.72
N SER E 402 -35.89 -24.09 -23.13
CA SER E 402 -36.78 -23.08 -23.69
C SER E 402 -37.42 -23.55 -24.97
N PHE E 403 -36.73 -24.38 -25.73
CA PHE E 403 -37.29 -24.93 -26.97
C PHE E 403 -38.54 -25.78 -26.76
N PHE E 404 -38.70 -26.32 -25.56
CA PHE E 404 -39.82 -27.20 -25.20
C PHE E 404 -40.69 -26.67 -24.06
N GLY E 405 -40.40 -25.47 -23.57
CA GLY E 405 -41.11 -24.88 -22.45
C GLY E 405 -41.02 -25.66 -21.14
N LEU E 406 -39.86 -26.23 -20.85
CA LEU E 406 -39.64 -26.94 -19.59
C LEU E 406 -39.53 -25.96 -18.44
N ASP E 407 -39.79 -26.42 -17.22
CA ASP E 407 -39.64 -25.55 -16.05
C ASP E 407 -38.19 -25.18 -15.91
N PRO E 408 -37.87 -23.87 -15.81
CA PRO E 408 -36.44 -23.59 -15.65
C PRO E 408 -35.82 -24.13 -14.37
N ILE E 409 -34.53 -24.42 -14.45
CA ILE E 409 -33.79 -25.00 -13.35
C ILE E 409 -33.21 -23.95 -12.43
N VAL E 410 -33.48 -22.69 -12.70
CA VAL E 410 -33.04 -21.63 -11.80
C VAL E 410 -34.28 -20.93 -11.29
N PRO E 411 -34.22 -20.35 -10.07
CA PRO E 411 -35.47 -19.76 -9.59
C PRO E 411 -35.89 -18.44 -10.28
N SER E 412 -34.96 -17.60 -10.72
CA SER E 412 -35.35 -16.38 -11.38
C SER E 412 -34.56 -16.13 -12.64
N LEU E 413 -35.15 -15.35 -13.54
CA LEU E 413 -34.51 -14.99 -14.80
C LEU E 413 -34.30 -13.50 -14.87
N THR F 18 -32.55 7.21 -41.60
CA THR F 18 -32.88 5.74 -41.54
C THR F 18 -34.06 5.46 -42.48
N ASP F 19 -34.34 6.36 -43.41
CA ASP F 19 -35.43 6.16 -44.33
C ASP F 19 -35.11 4.94 -45.22
N ILE F 20 -33.88 4.93 -45.74
CA ILE F 20 -33.41 3.83 -46.60
C ILE F 20 -33.27 2.54 -45.79
N ARG F 21 -32.81 2.68 -44.55
CA ARG F 21 -32.65 1.55 -43.69
C ARG F 21 -34.02 0.88 -43.52
N SER F 22 -35.05 1.69 -43.42
CA SER F 22 -36.39 1.14 -43.26
C SER F 22 -36.85 0.43 -44.51
N GLU F 23 -36.53 1.04 -45.64
CA GLU F 23 -36.92 0.54 -46.96
C GLU F 23 -36.27 -0.79 -47.25
N THR F 24 -35.00 -0.90 -46.94
CA THR F 24 -34.25 -2.10 -47.21
C THR F 24 -34.77 -3.24 -46.33
N ALA F 25 -35.12 -2.92 -45.10
CA ALA F 25 -35.71 -3.91 -44.20
C ALA F 25 -37.08 -4.34 -44.67
N GLU F 26 -37.84 -3.41 -45.23
CA GLU F 26 -39.18 -3.76 -45.72
C GLU F 26 -39.13 -4.70 -46.90
N LEU F 27 -38.17 -4.49 -47.79
CA LEU F 27 -38.02 -5.33 -48.95
C LEU F 27 -37.59 -6.72 -48.55
N ARG F 28 -36.67 -6.80 -47.60
CA ARG F 28 -36.17 -8.07 -47.15
C ARG F 28 -37.30 -8.91 -46.59
N ALA F 29 -38.16 -8.30 -45.81
CA ALA F 29 -39.29 -9.01 -45.23
C ALA F 29 -40.21 -9.52 -46.31
N GLU F 30 -40.43 -8.71 -47.33
CA GLU F 30 -41.28 -9.09 -48.43
C GLU F 30 -40.68 -10.28 -49.19
N LEU F 31 -39.37 -10.25 -49.39
CA LEU F 31 -38.69 -11.34 -50.07
C LEU F 31 -38.69 -12.60 -49.26
N VAL F 32 -38.57 -12.47 -47.96
CA VAL F 32 -38.62 -13.63 -47.09
C VAL F 32 -40.02 -14.23 -47.17
N GLU F 33 -41.03 -13.38 -47.22
CA GLU F 33 -42.39 -13.88 -47.33
C GLU F 33 -42.59 -14.57 -48.69
N ARG F 34 -41.95 -14.09 -49.75
CA ARG F 34 -42.03 -14.79 -51.03
C ARG F 34 -41.47 -16.20 -50.99
N VAL F 35 -40.36 -16.36 -50.28
CA VAL F 35 -39.77 -17.68 -50.09
C VAL F 35 -40.79 -18.62 -49.43
N HIS F 36 -41.49 -18.12 -48.42
CA HIS F 36 -42.50 -18.95 -47.76
C HIS F 36 -43.66 -19.30 -48.66
N LYS F 37 -44.04 -18.35 -49.52
CA LYS F 37 -45.11 -18.57 -50.45
C LYS F 37 -44.76 -19.62 -51.51
N PHE F 38 -43.57 -19.52 -52.08
CA PHE F 38 -43.14 -20.44 -53.12
C PHE F 38 -42.46 -21.67 -52.58
N GLY F 39 -42.20 -21.71 -51.28
CA GLY F 39 -41.50 -22.80 -50.67
C GLY F 39 -42.12 -24.15 -50.84
N PRO F 40 -43.45 -24.27 -50.69
CA PRO F 40 -44.08 -25.57 -50.94
C PRO F 40 -43.85 -26.17 -52.33
N VAL F 41 -43.65 -25.33 -53.36
CA VAL F 41 -43.34 -25.81 -54.72
C VAL F 41 -41.94 -26.43 -54.74
N PHE F 42 -40.98 -25.71 -54.17
CA PHE F 42 -39.60 -26.20 -54.10
C PHE F 42 -39.53 -27.49 -53.31
N ALA F 43 -40.25 -27.55 -52.20
CA ALA F 43 -40.26 -28.72 -51.36
C ALA F 43 -40.84 -29.92 -52.09
N ASP F 44 -41.87 -29.67 -52.87
CA ASP F 44 -42.53 -30.69 -53.63
C ASP F 44 -41.67 -31.36 -54.66
N GLY F 45 -40.71 -30.63 -55.20
CA GLY F 45 -39.84 -31.16 -56.21
C GLY F 45 -38.54 -31.73 -55.70
N VAL F 46 -38.40 -31.92 -54.39
CA VAL F 46 -37.17 -32.44 -53.81
C VAL F 46 -36.92 -33.87 -54.30
N ALA F 47 -37.94 -34.71 -54.31
CA ALA F 47 -37.74 -36.09 -54.71
C ALA F 47 -37.33 -36.24 -56.16
N GLU F 48 -37.94 -35.47 -57.03
CA GLU F 48 -37.58 -35.51 -58.44
C GLU F 48 -36.17 -34.98 -58.64
N GLY F 49 -35.84 -33.91 -57.94
CA GLY F 49 -34.53 -33.31 -58.07
C GLY F 49 -33.40 -34.23 -57.65
N GLU F 50 -33.64 -34.98 -56.59
CA GLU F 50 -32.71 -35.94 -56.05
C GLU F 50 -32.46 -37.09 -57.04
N ARG F 51 -33.54 -37.52 -57.64
CA ARG F 51 -33.59 -38.59 -58.63
C ARG F 51 -32.95 -38.21 -59.96
N GLU F 52 -33.21 -37.00 -60.45
CA GLU F 52 -32.72 -36.56 -61.75
C GLU F 52 -31.46 -35.71 -61.75
N ARG F 53 -31.02 -35.24 -60.60
CA ARG F 53 -29.84 -34.39 -60.49
C ARG F 53 -29.97 -33.05 -61.25
N ARG F 54 -31.17 -32.50 -61.25
CA ARG F 54 -31.45 -31.19 -61.85
C ARG F 54 -32.71 -30.68 -61.17
N LEU F 55 -32.96 -29.40 -61.23
CA LEU F 55 -34.16 -28.83 -60.60
C LEU F 55 -35.36 -29.14 -61.47
N PRO F 56 -36.48 -29.53 -60.88
CA PRO F 56 -37.69 -29.73 -61.70
C PRO F 56 -38.19 -28.48 -62.39
N ASP F 57 -38.96 -28.65 -63.45
CA ASP F 57 -39.51 -27.50 -64.18
C ASP F 57 -40.34 -26.57 -63.30
N ALA F 58 -41.12 -27.13 -62.39
CA ALA F 58 -41.95 -26.30 -61.52
C ALA F 58 -41.09 -25.39 -60.63
N THR F 59 -39.97 -25.91 -60.14
CA THR F 59 -39.05 -25.15 -59.32
C THR F 59 -38.43 -24.00 -60.10
N VAL F 60 -38.03 -24.27 -61.32
CA VAL F 60 -37.44 -23.24 -62.16
C VAL F 60 -38.49 -22.16 -62.42
N ARG F 61 -39.73 -22.58 -62.66
CA ARG F 61 -40.80 -21.63 -62.89
C ARG F 61 -41.00 -20.75 -61.68
N ALA F 62 -41.01 -21.36 -60.51
CA ALA F 62 -41.18 -20.63 -59.26
C ALA F 62 -40.04 -19.65 -59.02
N ILE F 63 -38.82 -20.03 -59.37
CA ILE F 63 -37.69 -19.14 -59.22
C ILE F 63 -37.88 -17.93 -60.11
N ASP F 64 -38.37 -18.12 -61.33
CA ASP F 64 -38.57 -16.99 -62.25
C ASP F 64 -39.73 -16.08 -61.82
N GLN F 65 -40.84 -16.68 -61.38
CA GLN F 65 -41.98 -15.90 -60.89
C GLN F 65 -41.70 -15.13 -59.62
N SER F 66 -41.00 -15.76 -58.67
CA SER F 66 -40.67 -15.11 -57.37
C SER F 66 -39.67 -13.96 -57.48
N GLN F 67 -38.93 -13.94 -58.57
CA GLN F 67 -37.87 -12.97 -58.84
C GLN F 67 -36.66 -13.16 -57.91
N LEU F 68 -36.54 -14.33 -57.27
CA LEU F 68 -35.44 -14.60 -56.33
C LEU F 68 -34.06 -14.74 -56.98
N ALA F 69 -34.04 -14.92 -58.29
CA ALA F 69 -32.81 -14.83 -59.07
C ALA F 69 -32.39 -13.39 -59.39
N MET F 70 -33.23 -12.42 -59.02
CA MET F 70 -33.04 -11.03 -59.46
C MET F 70 -32.55 -10.07 -58.34
N LEU F 71 -32.26 -10.62 -57.16
CA LEU F 71 -31.82 -9.80 -56.04
C LEU F 71 -30.56 -9.01 -56.34
N TRP F 72 -29.63 -9.57 -57.08
CA TRP F 72 -28.41 -8.87 -57.40
C TRP F 72 -28.33 -8.38 -58.85
N THR F 73 -29.49 -8.20 -59.45
CA THR F 73 -29.61 -7.65 -60.79
C THR F 73 -29.95 -6.18 -60.62
N ALA F 74 -29.38 -5.34 -61.47
CA ALA F 74 -29.59 -3.89 -61.37
C ALA F 74 -31.03 -3.43 -61.64
N LYS F 75 -31.42 -2.38 -60.95
CA LYS F 75 -32.73 -1.75 -61.09
C LYS F 75 -32.94 -1.18 -62.47
N SER F 76 -31.86 -0.71 -63.07
CA SER F 76 -31.93 -0.15 -64.41
C SER F 76 -32.39 -1.20 -65.41
N TYR F 77 -32.16 -2.48 -65.15
CA TYR F 77 -32.69 -3.57 -66.00
C TYR F 77 -33.95 -4.26 -65.49
N GLY F 78 -34.59 -3.69 -64.48
CA GLY F 78 -35.76 -4.30 -63.84
C GLY F 78 -35.48 -5.29 -62.72
N GLY F 79 -34.24 -5.32 -62.24
CA GLY F 79 -33.85 -6.13 -61.07
C GLY F 79 -34.19 -5.49 -59.73
N LEU F 80 -34.11 -6.28 -58.68
CA LEU F 80 -34.48 -5.82 -57.34
C LEU F 80 -33.34 -5.06 -56.64
N GLU F 81 -32.10 -5.29 -57.09
CA GLU F 81 -30.88 -4.61 -56.61
C GLU F 81 -30.84 -4.43 -55.07
N THR F 82 -30.74 -5.56 -54.33
CA THR F 82 -30.72 -5.53 -52.86
C THR F 82 -29.28 -5.46 -52.34
N ASP F 83 -29.04 -6.00 -51.15
CA ASP F 83 -27.70 -5.97 -50.58
C ASP F 83 -27.33 -7.36 -50.13
N VAL F 84 -26.15 -7.51 -49.55
CA VAL F 84 -25.69 -8.84 -49.17
C VAL F 84 -26.55 -9.45 -48.07
N ARG F 85 -26.92 -8.65 -47.10
CA ARG F 85 -27.69 -9.14 -45.98
C ARG F 85 -29.03 -9.67 -46.40
N THR F 86 -29.68 -9.03 -47.35
CA THR F 86 -30.97 -9.50 -47.81
C THR F 86 -30.84 -10.83 -48.52
N MET F 87 -29.81 -10.96 -49.35
CA MET F 87 -29.59 -12.16 -50.13
C MET F 87 -29.30 -13.31 -49.18
N SER F 88 -28.53 -13.03 -48.14
CA SER F 88 -28.19 -13.99 -47.12
C SER F 88 -29.40 -14.48 -46.37
N GLU F 89 -30.27 -13.58 -45.94
CA GLU F 89 -31.46 -14.00 -45.21
C GLU F 89 -32.40 -14.79 -46.11
N VAL F 90 -32.46 -14.45 -47.39
CA VAL F 90 -33.29 -15.22 -48.34
C VAL F 90 -32.75 -16.65 -48.53
N ALA F 91 -31.44 -16.75 -48.70
CA ALA F 91 -30.78 -18.06 -48.86
C ALA F 91 -31.01 -18.99 -47.67
N LYS F 92 -30.96 -18.43 -46.47
CA LYS F 92 -31.17 -19.22 -45.26
C LYS F 92 -32.55 -19.83 -45.20
N VAL F 93 -33.54 -19.04 -45.57
CA VAL F 93 -34.92 -19.50 -45.52
C VAL F 93 -35.21 -20.48 -46.65
N LEU F 94 -34.66 -20.20 -47.83
CA LEU F 94 -34.79 -21.12 -48.97
C LEU F 94 -34.34 -22.54 -48.66
N SER F 95 -33.19 -22.65 -47.98
CA SER F 95 -32.63 -23.96 -47.58
C SER F 95 -33.58 -24.86 -46.80
N HIS F 96 -34.51 -24.28 -46.06
CA HIS F 96 -35.48 -25.08 -45.33
C HIS F 96 -36.31 -25.91 -46.28
N TYR F 97 -36.59 -25.39 -47.45
CA TYR F 97 -37.49 -26.05 -48.39
C TYR F 97 -36.69 -26.93 -49.33
N CYS F 98 -35.63 -26.39 -49.89
CA CYS F 98 -34.75 -27.18 -50.77
C CYS F 98 -33.35 -26.59 -50.78
N PRO F 99 -32.39 -27.26 -50.13
CA PRO F 99 -31.02 -26.72 -50.12
C PRO F 99 -30.39 -26.57 -51.52
N SER F 100 -30.75 -27.47 -52.45
CA SER F 100 -30.26 -27.35 -53.83
C SER F 100 -30.76 -26.10 -54.57
N THR F 101 -32.06 -25.79 -54.42
CA THR F 101 -32.68 -24.60 -54.95
C THR F 101 -32.00 -23.38 -54.35
N SER F 102 -31.83 -23.39 -53.03
CA SER F 102 -31.13 -22.29 -52.36
C SER F 102 -29.74 -22.11 -52.93
N TRP F 103 -29.03 -23.21 -53.11
CA TRP F 103 -27.69 -23.13 -53.66
C TRP F 103 -27.66 -22.56 -55.08
N VAL F 104 -28.62 -22.98 -55.90
CA VAL F 104 -28.68 -22.51 -57.27
C VAL F 104 -29.00 -21.01 -57.30
N VAL F 105 -30.02 -20.62 -56.55
CA VAL F 105 -30.44 -19.25 -56.48
C VAL F 105 -29.27 -18.36 -56.03
N ASN F 106 -28.51 -18.81 -55.05
CA ASN F 106 -27.34 -18.09 -54.55
C ASN F 106 -26.29 -17.96 -55.66
N ASN F 107 -26.05 -19.02 -56.38
CA ASN F 107 -25.08 -19.00 -57.45
C ASN F 107 -25.52 -18.04 -58.57
N VAL F 108 -26.79 -18.02 -58.90
CA VAL F 108 -27.27 -17.16 -59.98
C VAL F 108 -27.09 -15.67 -59.65
N ASN F 109 -27.54 -15.29 -58.46
CA ASN F 109 -27.36 -13.90 -58.00
C ASN F 109 -25.90 -13.54 -57.96
N GLY F 110 -25.09 -14.41 -57.41
CA GLY F 110 -23.68 -14.13 -57.38
C GLY F 110 -23.06 -14.00 -58.76
N SER F 111 -23.49 -14.84 -59.70
CA SER F 111 -22.95 -14.76 -61.05
C SER F 111 -23.39 -13.47 -61.71
N ASN F 112 -24.64 -13.09 -61.49
CA ASN F 112 -25.16 -11.85 -62.03
C ASN F 112 -24.38 -10.66 -61.47
N LEU F 113 -24.01 -10.71 -60.20
CA LEU F 113 -23.23 -9.64 -59.64
C LEU F 113 -21.86 -9.59 -60.28
N LEU F 114 -21.28 -10.76 -60.56
CA LEU F 114 -19.96 -10.83 -61.19
C LEU F 114 -19.98 -10.26 -62.58
N ALA F 115 -21.13 -10.38 -63.25
CA ALA F 115 -21.30 -9.88 -64.60
C ALA F 115 -21.12 -8.38 -64.69
N SER F 116 -21.39 -7.67 -63.60
CA SER F 116 -21.23 -6.23 -63.59
C SER F 116 -19.81 -5.71 -63.81
N LYS F 117 -18.79 -6.55 -63.74
CA LYS F 117 -17.45 -6.13 -64.11
C LYS F 117 -17.25 -6.02 -65.61
N PHE F 118 -18.15 -6.62 -66.38
CA PHE F 118 -18.08 -6.57 -67.84
C PHE F 118 -18.55 -5.21 -68.38
N PRO F 119 -18.22 -4.90 -69.66
CA PRO F 119 -18.67 -3.62 -70.17
C PRO F 119 -20.17 -3.52 -70.33
N ARG F 120 -20.64 -2.30 -70.48
CA ARG F 120 -22.07 -2.03 -70.62
C ARG F 120 -22.66 -2.75 -71.82
N ALA F 121 -21.88 -2.88 -72.88
CA ALA F 121 -22.30 -3.59 -74.06
C ALA F 121 -22.70 -5.05 -73.75
N ALA F 122 -21.91 -5.72 -72.93
CA ALA F 122 -22.20 -7.08 -72.51
C ALA F 122 -23.41 -7.12 -71.59
N LEU F 123 -23.45 -6.22 -70.63
CA LEU F 123 -24.58 -6.15 -69.69
C LEU F 123 -25.92 -5.90 -70.38
N ASP F 124 -25.92 -5.00 -71.35
CA ASP F 124 -27.10 -4.74 -72.17
C ASP F 124 -27.50 -6.01 -72.94
N GLU F 125 -26.52 -6.67 -73.54
CA GLU F 125 -26.79 -7.91 -74.28
C GLU F 125 -27.41 -9.00 -73.40
N VAL F 126 -26.98 -9.07 -72.14
CA VAL F 126 -27.47 -10.09 -71.18
C VAL F 126 -28.82 -9.71 -70.57
N PHE F 127 -28.92 -8.49 -70.03
CA PHE F 127 -30.06 -8.05 -69.20
C PHE F 127 -31.06 -7.12 -69.88
N GLY F 128 -30.68 -6.56 -71.01
CA GLY F 128 -31.48 -5.59 -71.75
C GLY F 128 -32.92 -5.92 -72.01
N ASP F 129 -33.20 -7.14 -72.48
CA ASP F 129 -34.58 -7.61 -72.71
C ASP F 129 -34.92 -8.79 -71.81
N ALA F 130 -34.16 -8.98 -70.72
CA ALA F 130 -34.29 -10.17 -69.85
C ALA F 130 -33.97 -9.74 -68.41
N PRO F 131 -34.93 -9.07 -67.73
CA PRO F 131 -34.74 -8.72 -66.31
C PRO F 131 -34.44 -9.95 -65.41
N GLY F 132 -35.02 -11.10 -65.76
CA GLY F 132 -34.78 -12.37 -65.07
C GLY F 132 -33.68 -13.25 -65.64
N ALA F 133 -32.70 -12.66 -66.30
CA ALA F 133 -31.58 -13.43 -66.83
C ALA F 133 -30.83 -14.13 -65.70
N LYS F 134 -30.36 -15.35 -65.99
CA LYS F 134 -29.70 -16.20 -65.01
C LYS F 134 -28.35 -16.67 -65.50
N LEU F 135 -27.29 -16.26 -64.81
CA LEU F 135 -25.92 -16.67 -65.14
C LEU F 135 -25.37 -17.80 -64.26
N ALA F 136 -24.55 -18.64 -64.89
CA ALA F 136 -23.60 -19.51 -64.22
C ALA F 136 -22.25 -18.82 -64.16
N SER F 137 -21.37 -19.38 -63.36
CA SER F 137 -20.00 -18.92 -63.34
C SER F 137 -19.13 -19.99 -62.75
N VAL F 138 -18.07 -20.35 -63.48
CA VAL F 138 -17.14 -21.34 -63.00
C VAL F 138 -15.72 -20.84 -63.12
N PHE F 139 -15.03 -20.85 -61.98
CA PHE F 139 -13.65 -20.42 -61.84
C PHE F 139 -12.79 -21.66 -61.59
N ALA F 140 -13.44 -22.83 -61.56
CA ALA F 140 -12.88 -24.16 -61.29
C ALA F 140 -12.02 -24.77 -62.39
N ALA F 141 -11.92 -24.11 -63.54
CA ALA F 141 -11.07 -24.59 -64.61
C ALA F 141 -10.67 -23.39 -65.36
N ALA F 142 -9.67 -23.61 -66.16
CA ALA F 142 -9.31 -22.70 -67.15
C ALA F 142 -9.42 -23.47 -68.47
N GLY F 143 -9.75 -22.71 -69.48
CA GLY F 143 -9.89 -23.18 -70.81
C GLY F 143 -8.78 -22.35 -71.42
N THR F 144 -8.65 -22.48 -72.71
CA THR F 144 -7.58 -21.82 -73.34
C THR F 144 -8.21 -20.97 -74.44
N ALA F 145 -7.76 -19.73 -74.51
CA ALA F 145 -8.32 -18.78 -75.44
C ALA F 145 -7.23 -18.13 -76.26
N VAL F 146 -7.50 -17.91 -77.52
CA VAL F 146 -6.52 -17.31 -78.39
C VAL F 146 -7.17 -16.19 -79.20
N ARG F 147 -6.41 -15.12 -79.44
CA ARG F 147 -6.91 -13.98 -80.18
C ARG F 147 -7.25 -14.30 -81.61
N THR F 148 -8.38 -13.76 -82.05
CA THR F 148 -8.87 -13.91 -83.41
C THR F 148 -9.42 -12.54 -83.76
N PRO F 149 -9.64 -12.24 -85.07
CA PRO F 149 -10.17 -10.89 -85.31
C PRO F 149 -11.55 -10.69 -84.74
N GLY F 150 -11.70 -9.60 -84.01
CA GLY F 150 -12.96 -9.23 -83.36
C GLY F 150 -13.19 -9.86 -82.01
N GLY F 151 -12.25 -10.69 -81.55
CA GLY F 151 -12.42 -11.36 -80.28
C GLY F 151 -11.44 -12.46 -79.94
N TYR F 152 -12.00 -13.60 -79.54
CA TYR F 152 -11.21 -14.75 -79.12
C TYR F 152 -11.88 -16.06 -79.59
N ARG F 153 -11.05 -17.10 -79.67
CA ARG F 153 -11.52 -18.47 -79.91
C ARG F 153 -11.21 -19.23 -78.62
N LEU F 154 -12.22 -19.86 -78.04
CA LEU F 154 -12.15 -20.44 -76.69
C LEU F 154 -12.42 -21.93 -76.69
N THR F 155 -11.53 -22.68 -76.04
CA THR F 155 -11.69 -24.12 -75.89
C THR F 155 -11.45 -24.47 -74.42
N GLY F 156 -12.27 -25.35 -73.87
CA GLY F 156 -12.07 -25.82 -72.51
C GLY F 156 -13.15 -26.73 -71.98
N SER F 157 -12.93 -27.21 -70.77
CA SER F 157 -13.87 -28.07 -70.08
C SER F 157 -13.95 -27.64 -68.61
N TRP F 158 -15.13 -27.15 -68.21
CA TRP F 158 -15.31 -26.52 -66.89
C TRP F 158 -16.26 -27.35 -66.04
N PRO F 159 -15.75 -28.11 -65.04
CA PRO F 159 -16.64 -28.82 -64.10
C PRO F 159 -17.28 -27.90 -63.05
N TYR F 160 -18.20 -28.46 -62.27
CA TYR F 160 -18.90 -27.73 -61.22
C TYR F 160 -19.72 -26.53 -61.69
N GLY F 161 -20.46 -26.70 -62.77
CA GLY F 161 -21.24 -25.60 -63.34
C GLY F 161 -22.61 -25.57 -62.71
N THR F 162 -22.71 -25.05 -61.50
CA THR F 162 -24.00 -25.00 -60.82
C THR F 162 -25.09 -24.31 -61.63
N GLY F 163 -26.21 -25.02 -61.71
CA GLY F 163 -27.41 -24.55 -62.39
C GLY F 163 -27.31 -24.29 -63.89
N ILE F 164 -26.28 -24.82 -64.56
CA ILE F 164 -25.98 -24.54 -65.96
C ILE F 164 -27.10 -24.98 -66.89
N LEU F 165 -27.78 -26.07 -66.55
CA LEU F 165 -28.92 -26.52 -67.33
C LEU F 165 -30.05 -25.52 -67.48
N HIS F 166 -30.23 -24.62 -66.50
CA HIS F 166 -31.31 -23.60 -66.57
C HIS F 166 -30.80 -22.21 -66.87
N ASP F 167 -29.50 -22.08 -67.15
CA ASP F 167 -28.89 -20.74 -67.21
C ASP F 167 -28.86 -20.22 -68.64
N ASP F 168 -28.89 -18.91 -68.77
CA ASP F 168 -28.95 -18.22 -70.06
C ASP F 168 -27.55 -17.92 -70.55
N TRP F 169 -26.64 -17.63 -69.62
CA TRP F 169 -25.24 -17.33 -69.93
C TRP F 169 -24.33 -17.96 -68.86
N ALA F 170 -23.03 -17.98 -69.14
CA ALA F 170 -22.04 -18.54 -68.22
C ALA F 170 -20.81 -17.66 -68.25
N ILE F 171 -20.25 -17.37 -67.07
CA ILE F 171 -18.97 -16.69 -66.97
C ILE F 171 -17.93 -17.75 -66.72
N LEU F 172 -16.99 -17.87 -67.64
CA LEU F 172 -15.96 -18.90 -67.58
C LEU F 172 -14.57 -18.31 -67.57
N VAL F 173 -13.70 -18.87 -66.74
CA VAL F 173 -12.32 -18.43 -66.64
C VAL F 173 -11.44 -19.12 -67.66
N ALA F 174 -10.50 -18.40 -68.24
CA ALA F 174 -9.60 -18.98 -69.21
C ALA F 174 -8.26 -18.36 -69.20
N ARG F 175 -7.33 -19.04 -69.84
CA ARG F 175 -5.98 -18.52 -69.97
C ARG F 175 -5.80 -18.14 -71.41
N GLU F 176 -5.39 -16.92 -71.65
CA GLU F 176 -5.06 -16.49 -73.00
C GLU F 176 -3.69 -17.05 -73.39
N VAL F 177 -3.56 -17.46 -74.64
CA VAL F 177 -2.31 -17.99 -75.15
C VAL F 177 -2.09 -17.41 -76.53
N ASP F 178 -0.84 -17.42 -76.96
CA ASP F 178 -0.51 -16.89 -78.29
C ASP F 178 -0.51 -18.03 -79.33
N ALA F 179 -0.08 -17.69 -80.54
CA ALA F 179 -0.01 -18.64 -81.63
C ALA F 179 0.92 -19.77 -81.29
N ASP F 180 2.01 -19.43 -80.61
CA ASP F 180 2.94 -20.43 -80.15
C ASP F 180 2.32 -21.32 -79.09
N GLY F 181 1.36 -20.78 -78.35
CA GLY F 181 0.71 -21.55 -77.29
C GLY F 181 1.28 -21.22 -75.93
N GLU F 182 2.07 -20.16 -75.87
CA GLU F 182 2.62 -19.68 -74.63
C GLU F 182 1.60 -18.85 -73.86
N PRO F 183 1.61 -18.91 -72.53
CA PRO F 183 0.63 -18.13 -71.75
C PRO F 183 0.79 -16.62 -71.85
N VAL F 184 -0.32 -15.92 -72.03
CA VAL F 184 -0.28 -14.46 -72.11
C VAL F 184 -0.88 -13.81 -70.89
N GLY F 185 -2.04 -14.27 -70.46
CA GLY F 185 -2.69 -13.68 -69.30
C GLY F 185 -3.96 -14.42 -68.97
N GLY F 186 -4.65 -13.96 -67.92
CA GLY F 186 -5.91 -14.57 -67.50
C GLY F 186 -7.10 -13.83 -68.06
N LEU F 187 -8.18 -14.54 -68.36
CA LEU F 187 -9.40 -13.90 -68.87
C LEU F 187 -10.67 -14.36 -68.21
N SER F 188 -11.69 -13.52 -68.25
CA SER F 188 -13.01 -13.90 -67.87
C SER F 188 -13.92 -13.71 -69.05
N MET F 189 -14.69 -14.73 -69.39
CA MET F 189 -15.47 -14.69 -70.63
C MET F 189 -16.91 -15.00 -70.46
N LEU F 190 -17.73 -14.20 -71.10
CA LEU F 190 -19.16 -14.35 -70.98
C LEU F 190 -19.69 -15.02 -72.23
N VAL F 191 -20.29 -16.20 -72.10
CA VAL F 191 -20.74 -16.93 -73.26
C VAL F 191 -22.14 -17.46 -73.05
N PRO F 192 -22.96 -17.38 -74.09
CA PRO F 192 -24.37 -17.74 -74.03
C PRO F 192 -24.65 -19.23 -74.12
N ALA F 193 -25.85 -19.59 -73.72
CA ALA F 193 -26.28 -20.97 -73.67
C ALA F 193 -26.25 -21.63 -75.05
N ARG F 194 -26.59 -20.85 -76.07
CA ARG F 194 -26.59 -21.35 -77.44
C ARG F 194 -25.21 -21.85 -77.87
N ASP F 195 -24.16 -21.21 -77.36
CA ASP F 195 -22.80 -21.61 -77.66
C ASP F 195 -22.24 -22.72 -76.80
N LEU F 196 -22.94 -23.10 -75.74
CA LEU F 196 -22.41 -24.09 -74.79
C LEU F 196 -22.93 -25.49 -75.04
N THR F 197 -22.18 -26.44 -74.51
CA THR F 197 -22.59 -27.82 -74.48
C THR F 197 -22.44 -28.26 -73.03
N VAL F 198 -23.37 -29.06 -72.56
CA VAL F 198 -23.31 -29.53 -71.19
C VAL F 198 -23.14 -31.03 -71.19
N GLU F 199 -22.17 -31.46 -70.39
CA GLU F 199 -21.82 -32.85 -70.29
C GLU F 199 -22.27 -33.33 -68.92
N ASP F 200 -22.84 -34.51 -68.86
CA ASP F 200 -23.39 -35.02 -67.62
C ASP F 200 -22.31 -35.63 -66.74
N THR F 201 -21.83 -34.87 -65.78
CA THR F 201 -20.79 -35.33 -64.91
C THR F 201 -21.07 -35.20 -63.42
N TRP F 202 -22.23 -34.68 -63.05
CA TRP F 202 -22.51 -34.41 -61.65
C TRP F 202 -23.19 -35.63 -61.01
N HIS F 203 -22.38 -36.45 -60.36
CA HIS F 203 -22.86 -37.63 -59.65
C HIS F 203 -22.37 -37.59 -58.24
N THR F 204 -23.22 -37.12 -57.35
CA THR F 204 -22.81 -36.86 -55.97
C THR F 204 -23.83 -37.36 -55.01
N VAL F 205 -23.46 -37.37 -53.73
CA VAL F 205 -24.37 -37.86 -52.70
C VAL F 205 -25.04 -36.71 -51.97
N GLY F 206 -24.77 -35.47 -52.39
CA GLY F 206 -25.42 -34.30 -51.81
C GLY F 206 -25.47 -33.20 -52.82
N MET F 207 -26.43 -32.28 -52.65
CA MET F 207 -26.67 -31.18 -53.54
C MET F 207 -26.88 -31.70 -54.98
N ARG F 208 -27.57 -32.83 -55.10
CA ARG F 208 -27.77 -33.47 -56.39
C ARG F 208 -28.54 -32.62 -57.41
N ALA F 209 -29.61 -31.96 -56.98
CA ALA F 209 -30.43 -31.17 -57.90
C ALA F 209 -29.77 -29.88 -58.37
N THR F 210 -28.64 -29.51 -57.80
CA THR F 210 -27.93 -28.34 -58.27
C THR F 210 -27.42 -28.48 -59.69
N GLY F 211 -27.31 -29.71 -60.20
CA GLY F 211 -26.90 -29.92 -61.58
C GLY F 211 -25.59 -29.28 -61.96
N SER F 212 -24.59 -29.44 -61.12
CA SER F 212 -23.29 -28.84 -61.32
C SER F 212 -22.42 -29.65 -62.30
N HIS F 213 -22.88 -29.63 -63.54
CA HIS F 213 -22.34 -30.45 -64.62
C HIS F 213 -21.16 -29.76 -65.28
N THR F 214 -20.58 -30.39 -66.30
CA THR F 214 -19.39 -29.85 -66.96
C THR F 214 -19.80 -29.09 -68.21
N VAL F 215 -19.29 -27.89 -68.35
CA VAL F 215 -19.48 -27.05 -69.52
C VAL F 215 -18.33 -27.32 -70.47
N VAL F 216 -18.66 -27.60 -71.72
CA VAL F 216 -17.66 -27.90 -72.73
C VAL F 216 -17.73 -26.95 -73.91
N LEU F 217 -16.58 -26.43 -74.30
CA LEU F 217 -16.47 -25.51 -75.42
C LEU F 217 -15.39 -25.96 -76.36
N ARG F 218 -15.64 -25.91 -77.64
CA ARG F 218 -14.59 -26.22 -78.59
C ARG F 218 -14.50 -25.21 -79.70
N ASP F 219 -13.39 -24.47 -79.72
CA ASP F 219 -13.13 -23.45 -80.71
C ASP F 219 -14.27 -22.44 -80.86
N THR F 220 -14.83 -22.05 -79.74
CA THR F 220 -16.00 -21.17 -79.71
C THR F 220 -15.59 -19.71 -79.79
N PHE F 221 -16.29 -18.97 -80.63
CA PHE F 221 -15.99 -17.57 -80.80
C PHE F 221 -16.63 -16.75 -79.70
N VAL F 222 -15.85 -15.88 -79.11
CA VAL F 222 -16.36 -14.98 -78.09
C VAL F 222 -15.92 -13.58 -78.48
N PRO F 223 -16.89 -12.65 -78.64
CA PRO F 223 -16.41 -11.33 -79.03
C PRO F 223 -15.75 -10.57 -77.90
N GLU F 224 -14.98 -9.57 -78.30
CA GLU F 224 -14.18 -8.74 -77.43
C GLU F 224 -14.94 -8.09 -76.29
N HIS F 225 -16.15 -7.60 -76.53
CA HIS F 225 -16.92 -6.89 -75.51
C HIS F 225 -17.43 -7.83 -74.41
N ARG F 226 -17.35 -9.14 -74.63
CA ARG F 226 -17.76 -10.11 -73.64
C ARG F 226 -16.55 -10.82 -73.01
N VAL F 227 -15.40 -10.14 -73.00
CA VAL F 227 -14.16 -10.69 -72.45
C VAL F 227 -13.50 -9.59 -71.65
N ILE F 228 -13.11 -9.88 -70.41
CA ILE F 228 -12.32 -8.94 -69.61
C ILE F 228 -11.15 -9.67 -69.06
N SER F 229 -10.17 -8.93 -68.55
CA SER F 229 -9.01 -9.55 -67.93
C SER F 229 -9.46 -10.15 -66.63
N GLY F 230 -8.74 -11.18 -66.22
CA GLY F 230 -8.95 -11.82 -64.94
C GLY F 230 -8.74 -10.80 -63.84
N GLU F 231 -7.81 -9.88 -64.05
CA GLU F 231 -7.56 -8.83 -63.08
C GLU F 231 -8.79 -7.93 -62.88
N LEU F 232 -9.47 -7.60 -63.98
CA LEU F 232 -10.65 -6.77 -63.89
C LEU F 232 -11.83 -7.50 -63.23
N GLN F 233 -11.94 -8.79 -63.50
CA GLN F 233 -13.00 -9.61 -62.93
C GLN F 233 -12.92 -9.68 -61.40
N ARG F 234 -11.72 -9.70 -60.85
CA ARG F 234 -11.54 -9.77 -59.41
C ARG F 234 -11.38 -8.43 -58.77
N SER F 235 -11.48 -7.36 -59.55
CA SER F 235 -11.16 -6.00 -59.07
C SER F 235 -12.16 -5.50 -58.03
N ARG F 236 -11.66 -4.69 -57.11
CA ARG F 236 -12.50 -4.03 -56.11
C ARG F 236 -12.35 -2.52 -56.23
N GLU F 237 -11.96 -2.02 -57.40
CA GLU F 237 -11.86 -0.58 -57.64
C GLU F 237 -13.20 0.14 -57.61
N SER F 238 -14.29 -0.56 -57.84
CA SER F 238 -15.60 0.07 -57.83
C SER F 238 -16.10 0.35 -56.41
N ALA F 239 -15.33 -0.05 -55.41
CA ALA F 239 -15.72 0.16 -54.02
C ALA F 239 -15.94 1.61 -53.67
N THR F 240 -15.16 2.51 -54.27
CA THR F 240 -15.27 3.94 -54.00
C THR F 240 -15.99 4.78 -55.04
N ASP F 241 -16.57 4.14 -56.06
CA ASP F 241 -17.19 4.85 -57.17
C ASP F 241 -18.62 5.30 -56.81
N LEU F 242 -18.76 6.60 -56.55
CA LEU F 242 -20.06 7.18 -56.19
C LEU F 242 -21.08 7.17 -57.32
N GLY F 243 -20.61 7.05 -58.55
CA GLY F 243 -21.48 6.92 -59.73
C GLY F 243 -22.28 5.63 -59.77
N LEU F 244 -21.74 4.56 -59.22
CA LEU F 244 -22.41 3.27 -59.17
C LEU F 244 -23.41 3.16 -58.03
N PRO F 245 -24.50 2.39 -58.20
CA PRO F 245 -25.32 2.13 -57.02
C PRO F 245 -24.56 1.32 -55.98
N PRO F 246 -25.00 1.34 -54.69
CA PRO F 246 -24.17 0.63 -53.70
C PRO F 246 -23.91 -0.85 -53.91
N LEU F 247 -24.84 -1.62 -54.46
CA LEU F 247 -24.59 -3.04 -54.70
C LEU F 247 -23.38 -3.30 -55.59
N PHE F 248 -23.16 -2.44 -56.58
CA PHE F 248 -22.06 -2.67 -57.50
C PHE F 248 -20.74 -2.15 -56.95
N ARG F 249 -20.77 -1.59 -55.74
CA ARG F 249 -19.55 -1.23 -55.05
C ARG F 249 -19.05 -2.36 -54.16
N THR F 250 -19.92 -3.34 -53.89
CA THR F 250 -19.67 -4.45 -52.97
C THR F 250 -18.52 -5.30 -53.44
N ALA F 251 -17.75 -5.81 -52.48
CA ALA F 251 -16.71 -6.78 -52.79
C ALA F 251 -17.35 -8.11 -53.21
N ALA F 252 -17.38 -8.38 -54.51
CA ALA F 252 -18.31 -9.36 -55.07
C ALA F 252 -18.01 -10.80 -54.68
N ILE F 253 -16.74 -11.16 -54.74
CA ILE F 253 -16.30 -12.52 -54.44
C ILE F 253 -16.53 -12.85 -52.98
N ALA F 254 -16.26 -11.90 -52.11
CA ALA F 254 -16.53 -12.09 -50.70
C ALA F 254 -18.02 -12.20 -50.45
N ALA F 255 -18.82 -11.41 -51.17
CA ALA F 255 -20.26 -11.43 -51.00
C ALA F 255 -20.85 -12.78 -51.40
N MET F 256 -20.30 -13.34 -52.46
CA MET F 256 -20.74 -14.62 -52.97
C MET F 256 -20.45 -15.73 -51.95
N ALA F 257 -19.28 -15.68 -51.33
CA ALA F 257 -18.90 -16.62 -50.31
C ALA F 257 -19.80 -16.50 -49.08
N VAL F 258 -20.20 -15.31 -48.70
CA VAL F 258 -21.11 -15.11 -47.57
C VAL F 258 -22.48 -15.74 -47.85
N VAL F 259 -23.00 -15.61 -49.05
CA VAL F 259 -24.32 -16.21 -49.35
C VAL F 259 -24.23 -17.73 -49.54
N CYS F 260 -23.08 -18.25 -50.00
CA CYS F 260 -22.88 -19.70 -50.07
C CYS F 260 -22.92 -20.29 -48.65
N ALA F 261 -22.23 -19.62 -47.74
CA ALA F 261 -22.31 -19.99 -46.34
C ALA F 261 -23.73 -19.93 -45.80
N SER F 262 -24.49 -18.94 -46.22
CA SER F 262 -25.90 -18.82 -45.76
C SER F 262 -26.76 -20.00 -46.17
N VAL F 263 -26.50 -20.55 -47.35
CA VAL F 263 -27.22 -21.76 -47.84
C VAL F 263 -26.97 -22.90 -46.86
N VAL F 264 -25.71 -23.12 -46.54
CA VAL F 264 -25.32 -24.16 -45.58
C VAL F 264 -25.94 -23.92 -44.22
N LEU F 265 -25.80 -22.68 -43.74
CA LEU F 265 -26.33 -22.30 -42.44
C LEU F 265 -27.82 -22.59 -42.33
N GLY F 266 -28.58 -22.14 -43.32
CA GLY F 266 -30.02 -22.36 -43.34
C GLY F 266 -30.41 -23.84 -43.26
N ALA F 267 -29.64 -24.72 -43.90
CA ALA F 267 -29.91 -26.16 -43.82
C ALA F 267 -29.72 -26.68 -42.40
N GLY F 268 -28.68 -26.15 -41.76
CA GLY F 268 -28.39 -26.48 -40.38
C GLY F 268 -29.50 -26.02 -39.45
N GLN F 269 -29.98 -24.82 -39.66
CA GLN F 269 -31.08 -24.30 -38.88
C GLN F 269 -32.34 -25.11 -39.10
N ALA F 270 -32.61 -25.53 -40.33
CA ALA F 270 -33.79 -26.40 -40.59
C ALA F 270 -33.67 -27.74 -39.85
N ALA F 271 -32.47 -28.30 -39.85
CA ALA F 271 -32.15 -29.52 -39.12
C ALA F 271 -32.43 -29.34 -37.64
N ARG F 272 -32.00 -28.21 -37.06
CA ARG F 272 -32.25 -27.94 -35.65
C ARG F 272 -33.74 -27.88 -35.37
N ALA F 273 -34.47 -27.12 -36.16
CA ALA F 273 -35.93 -26.99 -35.97
C ALA F 273 -36.62 -28.35 -36.01
N LEU F 274 -36.17 -29.23 -36.91
CA LEU F 274 -36.73 -30.56 -37.04
C LEU F 274 -36.51 -31.44 -35.81
N VAL F 275 -35.27 -31.46 -35.32
CA VAL F 275 -34.93 -32.20 -34.09
C VAL F 275 -35.75 -31.67 -32.90
N VAL F 276 -35.95 -30.37 -32.80
CA VAL F 276 -36.82 -29.77 -31.76
C VAL F 276 -38.28 -30.19 -31.92
N GLU F 277 -38.75 -30.20 -33.15
CA GLU F 277 -40.11 -30.59 -33.48
C GLU F 277 -40.42 -32.01 -33.08
N LYS F 278 -39.48 -32.91 -33.32
CA LYS F 278 -39.69 -34.34 -33.08
C LYS F 278 -39.34 -34.88 -31.71
N ALA F 279 -38.61 -34.12 -30.90
CA ALA F 279 -38.10 -34.59 -29.64
C ALA F 279 -39.14 -34.98 -28.63
N PRO F 280 -40.28 -34.24 -28.57
CA PRO F 280 -41.26 -34.68 -27.57
C PRO F 280 -41.96 -36.01 -27.88
N THR F 281 -41.91 -36.49 -29.12
CA THR F 281 -42.57 -37.77 -29.44
C THR F 281 -41.67 -38.97 -29.71
N ARG F 282 -40.38 -38.88 -29.41
CA ARG F 282 -39.47 -40.02 -29.60
C ARG F 282 -38.69 -40.17 -28.34
N GLY F 283 -38.06 -41.33 -28.20
CA GLY F 283 -37.22 -41.67 -27.08
C GLY F 283 -35.77 -41.83 -27.48
N ILE F 284 -34.96 -42.20 -26.49
CA ILE F 284 -33.53 -42.44 -26.65
C ILE F 284 -33.27 -43.87 -26.27
N ALA F 285 -33.21 -44.72 -27.28
CA ALA F 285 -32.96 -46.14 -27.04
C ALA F 285 -31.53 -46.37 -26.65
N PRO F 286 -31.32 -47.33 -25.75
CA PRO F 286 -32.29 -48.19 -25.06
C PRO F 286 -32.52 -47.73 -23.65
N SER F 287 -32.51 -46.41 -23.44
CA SER F 287 -32.55 -45.87 -22.10
C SER F 287 -33.98 -45.88 -21.58
N LYS F 288 -34.10 -45.53 -20.32
CA LYS F 288 -35.41 -45.29 -19.72
C LYS F 288 -36.13 -44.02 -20.22
N TYR F 289 -35.42 -43.15 -20.94
CA TYR F 289 -36.01 -41.93 -21.51
C TYR F 289 -36.88 -42.24 -22.73
N THR F 290 -38.18 -42.42 -22.49
CA THR F 290 -39.12 -42.68 -23.59
C THR F 290 -39.44 -41.42 -24.39
N ARG F 291 -39.20 -40.26 -23.78
CA ARG F 291 -39.32 -38.95 -24.44
C ARG F 291 -37.97 -38.27 -24.37
N GLN F 292 -37.49 -37.76 -25.50
CA GLN F 292 -36.14 -37.14 -25.56
C GLN F 292 -36.01 -35.95 -24.60
N THR F 293 -37.11 -35.19 -24.49
CA THR F 293 -37.20 -34.00 -23.65
C THR F 293 -37.14 -34.31 -22.16
N ASP F 294 -37.37 -35.56 -21.78
CA ASP F 294 -37.22 -35.99 -20.39
C ASP F 294 -35.77 -36.11 -19.98
N SER F 295 -34.87 -36.25 -20.94
CA SER F 295 -33.47 -36.38 -20.65
C SER F 295 -32.78 -35.03 -20.61
N ARG F 296 -32.26 -34.69 -19.45
CA ARG F 296 -31.57 -33.44 -19.30
C ARG F 296 -30.26 -33.38 -20.04
N THR F 297 -29.61 -34.52 -20.22
CA THR F 297 -28.41 -34.57 -21.03
C THR F 297 -28.75 -34.21 -22.47
N PHE F 298 -29.87 -34.70 -22.95
CA PHE F 298 -30.35 -34.38 -24.30
C PHE F 298 -30.66 -32.91 -24.40
N VAL F 299 -31.38 -32.37 -23.43
CA VAL F 299 -31.80 -30.99 -23.50
C VAL F 299 -30.62 -30.04 -23.45
N SER F 300 -29.69 -30.27 -22.54
CA SER F 300 -28.54 -29.39 -22.43
C SER F 300 -27.61 -29.52 -23.63
N SER F 301 -27.49 -30.71 -24.18
CA SER F 301 -26.68 -30.88 -25.38
C SER F 301 -27.25 -30.11 -26.53
N LEU F 302 -28.57 -30.15 -26.66
CA LEU F 302 -29.24 -29.46 -27.72
C LEU F 302 -29.07 -27.95 -27.58
N GLY F 303 -29.06 -27.45 -26.35
CA GLY F 303 -28.82 -26.06 -26.11
C GLY F 303 -27.44 -25.65 -26.59
N ARG F 304 -26.45 -26.49 -26.33
CA ARG F 304 -25.10 -26.23 -26.78
C ARG F 304 -24.97 -26.24 -28.30
N THR F 305 -25.61 -27.19 -28.96
CA THR F 305 -25.57 -27.31 -30.38
C THR F 305 -26.25 -26.12 -31.00
N ALA F 306 -27.37 -25.71 -30.42
CA ALA F 306 -28.07 -24.59 -30.91
C ALA F 306 -27.21 -23.34 -30.78
N LEU F 307 -26.48 -23.15 -29.67
CA LEU F 307 -25.60 -21.98 -29.58
C LEU F 307 -24.46 -21.98 -30.59
N SER F 308 -23.90 -23.14 -30.97
CA SER F 308 -22.92 -23.15 -32.11
C SER F 308 -23.54 -22.67 -33.41
N ILE F 309 -24.73 -23.14 -33.69
CA ILE F 309 -25.44 -22.71 -34.90
C ILE F 309 -25.74 -21.21 -34.82
N ASP F 310 -26.15 -20.73 -33.64
CA ASP F 310 -26.34 -19.27 -33.41
C ASP F 310 -25.03 -18.49 -33.68
N ALA F 311 -23.91 -19.03 -33.26
CA ALA F 311 -22.64 -18.41 -33.55
C ALA F 311 -22.35 -18.37 -35.03
N ALA F 312 -22.66 -19.44 -35.75
CA ALA F 312 -22.44 -19.48 -37.18
C ALA F 312 -23.27 -18.42 -37.85
N GLU F 313 -24.50 -18.26 -37.39
CA GLU F 313 -25.39 -17.25 -37.91
C GLU F 313 -24.83 -15.83 -37.72
N MET F 314 -24.28 -15.56 -36.55
CA MET F 314 -23.69 -14.26 -36.28
C MET F 314 -22.44 -13.98 -37.10
N HIS F 315 -21.61 -15.00 -37.35
CA HIS F 315 -20.43 -14.86 -38.20
C HIS F 315 -20.86 -14.45 -39.60
N VAL F 316 -21.91 -15.07 -40.10
CA VAL F 316 -22.40 -14.80 -41.42
C VAL F 316 -22.99 -13.41 -41.47
N ALA F 317 -23.80 -13.06 -40.47
CA ALA F 317 -24.42 -11.75 -40.44
C ALA F 317 -23.38 -10.63 -40.30
N ARG F 318 -22.35 -10.85 -39.49
CA ARG F 318 -21.32 -9.84 -39.30
C ARG F 318 -20.62 -9.56 -40.61
N ALA F 319 -20.30 -10.61 -41.36
CA ALA F 319 -19.61 -10.44 -42.64
C ALA F 319 -20.49 -9.75 -43.65
N ALA F 320 -21.76 -10.14 -43.68
CA ALA F 320 -22.70 -9.47 -44.57
C ALA F 320 -22.79 -7.97 -44.28
N THR F 321 -22.88 -7.64 -43.01
CA THR F 321 -22.97 -6.24 -42.57
C THR F 321 -21.71 -5.45 -42.87
N ALA F 322 -20.55 -6.05 -42.70
CA ALA F 322 -19.31 -5.37 -43.03
C ALA F 322 -19.30 -5.04 -44.52
N LEU F 323 -19.73 -5.99 -45.35
CA LEU F 323 -19.75 -5.79 -46.79
C LEU F 323 -20.74 -4.71 -47.19
N ASP F 324 -21.93 -4.72 -46.62
CA ASP F 324 -22.94 -3.72 -46.91
C ASP F 324 -22.60 -2.33 -46.41
N ASP F 325 -22.03 -2.23 -45.22
CA ASP F 325 -21.66 -0.94 -44.68
C ASP F 325 -20.63 -0.28 -45.56
N ALA F 326 -19.66 -1.04 -46.04
CA ALA F 326 -18.65 -0.49 -46.90
C ALA F 326 -19.21 -0.04 -48.23
N ALA F 327 -20.11 -0.82 -48.81
CA ALA F 327 -20.72 -0.46 -50.08
C ALA F 327 -21.58 0.80 -49.97
N TYR F 328 -22.34 0.91 -48.91
CA TYR F 328 -23.18 2.08 -48.69
C TYR F 328 -22.36 3.34 -48.44
N ASP F 329 -21.24 3.21 -47.73
CA ASP F 329 -20.40 4.36 -47.46
C ASP F 329 -19.43 4.61 -48.56
N ALA F 330 -19.41 3.77 -49.58
CA ALA F 330 -18.44 3.94 -50.67
C ALA F 330 -16.98 3.94 -50.21
N VAL F 331 -16.67 3.14 -49.20
CA VAL F 331 -15.27 2.93 -48.78
C VAL F 331 -14.81 1.53 -49.21
N ALA F 332 -13.51 1.43 -49.45
CA ALA F 332 -12.84 0.18 -49.73
C ALA F 332 -12.61 -0.55 -48.41
N LEU F 333 -12.95 -1.83 -48.40
CA LEU F 333 -12.58 -2.70 -47.31
C LEU F 333 -11.09 -2.96 -47.39
N PRO F 334 -10.35 -2.76 -46.28
CA PRO F 334 -8.95 -3.14 -46.33
C PRO F 334 -8.82 -4.66 -46.39
N ASP F 335 -7.63 -5.13 -46.76
CA ASP F 335 -7.36 -6.55 -46.86
C ASP F 335 -7.65 -7.29 -45.57
N SER F 336 -7.32 -6.70 -44.43
CA SER F 336 -7.55 -7.35 -43.17
C SER F 336 -9.02 -7.67 -42.92
N GLU F 337 -9.90 -6.78 -43.36
CA GLU F 337 -11.31 -7.02 -43.19
C GLU F 337 -11.81 -8.15 -44.09
N LEU F 338 -11.29 -8.23 -45.31
CA LEU F 338 -11.64 -9.31 -46.25
C LEU F 338 -11.13 -10.66 -45.79
N LEU F 339 -9.93 -10.66 -45.20
CA LEU F 339 -9.35 -11.87 -44.70
C LEU F 339 -10.16 -12.39 -43.52
N ARG F 340 -10.67 -11.47 -42.72
CA ARG F 340 -11.54 -11.84 -41.62
C ARG F 340 -12.85 -12.42 -42.14
N ILE F 341 -13.40 -11.87 -43.22
CA ILE F 341 -14.62 -12.39 -43.77
C ILE F 341 -14.42 -13.82 -44.27
N ARG F 342 -13.26 -14.10 -44.85
CA ARG F 342 -12.96 -15.44 -45.33
C ARG F 342 -12.91 -16.42 -44.17
N GLY F 343 -12.36 -15.98 -43.06
CA GLY F 343 -12.35 -16.76 -41.85
C GLY F 343 -13.73 -16.97 -41.27
N ASP F 344 -14.56 -15.94 -41.24
CA ASP F 344 -15.93 -16.07 -40.74
C ASP F 344 -16.73 -17.10 -41.48
N VAL F 345 -16.63 -17.11 -42.81
CA VAL F 345 -17.47 -18.04 -43.61
C VAL F 345 -17.06 -19.50 -43.47
N GLY F 346 -15.76 -19.77 -43.44
CA GLY F 346 -15.28 -21.10 -43.22
C GLY F 346 -15.62 -21.60 -41.83
N GLN F 347 -15.46 -20.71 -40.85
CA GLN F 347 -15.79 -21.01 -39.50
C GLN F 347 -17.29 -21.27 -39.33
N ALA F 348 -18.13 -20.47 -39.98
CA ALA F 348 -19.58 -20.69 -39.84
C ALA F 348 -19.98 -22.06 -40.38
N VAL F 349 -19.48 -22.43 -41.56
CA VAL F 349 -19.91 -23.71 -42.17
C VAL F 349 -19.33 -24.89 -41.42
N SER F 350 -18.15 -24.70 -40.87
CA SER F 350 -17.54 -25.71 -40.02
C SER F 350 -18.33 -25.98 -38.74
N LEU F 351 -18.77 -24.88 -38.15
CA LEU F 351 -19.66 -24.94 -37.01
C LEU F 351 -20.95 -25.67 -37.38
N VAL F 352 -21.50 -25.41 -38.57
CA VAL F 352 -22.73 -26.07 -39.00
C VAL F 352 -22.56 -27.57 -39.25
N THR F 353 -21.45 -27.99 -39.86
CA THR F 353 -21.24 -29.40 -40.08
C THR F 353 -21.04 -30.16 -38.79
N THR F 354 -20.34 -29.57 -37.81
CA THR F 354 -20.16 -30.20 -36.52
C THR F 354 -21.49 -30.26 -35.81
N ALA F 355 -22.29 -29.22 -35.91
CA ALA F 355 -23.60 -29.22 -35.28
C ALA F 355 -24.56 -30.25 -35.89
N LEU F 356 -24.44 -30.49 -37.19
CA LEU F 356 -25.27 -31.50 -37.84
C LEU F 356 -24.94 -32.88 -37.32
N ASP F 357 -23.67 -33.16 -37.09
CA ASP F 357 -23.22 -34.42 -36.52
C ASP F 357 -23.86 -34.58 -35.14
N GLU F 358 -23.89 -33.51 -34.38
CA GLU F 358 -24.53 -33.47 -33.08
C GLU F 358 -26.02 -33.69 -33.16
N LEU F 359 -26.68 -33.13 -34.16
CA LEU F 359 -28.13 -33.31 -34.30
C LEU F 359 -28.51 -34.75 -34.65
N LEU F 360 -27.66 -35.46 -35.39
CA LEU F 360 -27.88 -36.87 -35.68
C LEU F 360 -27.77 -37.71 -34.42
N TRP F 361 -26.83 -37.35 -33.54
CA TRP F 361 -26.69 -38.02 -32.26
C TRP F 361 -27.93 -37.77 -31.43
N ALA F 362 -28.49 -36.59 -31.51
CA ALA F 362 -29.69 -36.28 -30.77
C ALA F 362 -30.90 -37.04 -31.30
N HIS F 363 -31.07 -37.04 -32.62
CA HIS F 363 -32.25 -37.64 -33.22
C HIS F 363 -32.21 -39.17 -33.24
N GLY F 364 -31.07 -39.76 -33.52
CA GLY F 364 -30.95 -41.21 -33.53
C GLY F 364 -30.84 -41.80 -34.92
N ALA F 365 -30.94 -43.12 -34.96
CA ALA F 365 -30.79 -43.88 -36.19
C ALA F 365 -31.83 -43.56 -37.24
N ALA F 366 -33.01 -43.15 -36.82
CA ALA F 366 -34.09 -42.80 -37.73
C ALA F 366 -33.73 -41.65 -38.64
N SER F 367 -32.75 -40.87 -38.25
CA SER F 367 -32.37 -39.73 -39.06
C SER F 367 -31.79 -40.13 -40.42
N PHE F 368 -31.35 -41.38 -40.56
CA PHE F 368 -30.75 -41.82 -41.83
C PHE F 368 -31.75 -42.48 -42.77
N ALA F 369 -33.03 -42.49 -42.41
CA ALA F 369 -34.01 -43.02 -43.33
C ALA F 369 -34.22 -42.07 -44.50
N GLU F 370 -34.46 -42.61 -45.68
CA GLU F 370 -34.68 -41.79 -46.87
C GLU F 370 -35.89 -40.87 -46.69
N SER F 371 -36.87 -41.31 -45.91
CA SER F 371 -38.03 -40.49 -45.66
C SER F 371 -37.80 -39.33 -44.68
N ASN F 372 -36.67 -39.31 -43.98
CA ASN F 372 -36.43 -38.28 -42.99
C ASN F 372 -35.67 -37.08 -43.59
N PRO F 373 -36.23 -35.87 -43.53
CA PRO F 373 -35.49 -34.70 -44.06
C PRO F 373 -34.14 -34.41 -43.37
N LEU F 374 -33.91 -34.96 -42.20
CA LEU F 374 -32.70 -34.69 -41.48
C LEU F 374 -31.43 -35.11 -42.23
N GLN F 375 -31.44 -36.29 -42.84
CA GLN F 375 -30.30 -36.73 -43.61
C GLN F 375 -30.10 -35.91 -44.91
N ARG F 376 -31.16 -35.33 -45.45
CA ARG F 376 -31.06 -34.47 -46.61
C ARG F 376 -30.33 -33.20 -46.27
N TYR F 377 -30.67 -32.59 -45.14
CA TYR F 377 -29.98 -31.38 -44.74
C TYR F 377 -28.53 -31.72 -44.44
N TRP F 378 -28.31 -32.88 -43.84
CA TRP F 378 -26.98 -33.34 -43.51
C TRP F 378 -26.12 -33.54 -44.76
N ARG F 379 -26.66 -34.21 -45.76
CA ARG F 379 -25.89 -34.46 -46.99
C ARG F 379 -25.68 -33.18 -47.82
N ASP F 380 -26.69 -32.34 -47.96
CA ASP F 380 -26.54 -31.12 -48.73
C ASP F 380 -25.62 -30.08 -48.10
N ALA F 381 -25.75 -29.88 -46.80
CA ALA F 381 -24.91 -28.91 -46.12
C ALA F 381 -23.46 -29.37 -46.11
N ASN F 382 -23.23 -30.66 -45.90
CA ASN F 382 -21.88 -31.19 -45.89
C ASN F 382 -21.18 -31.10 -47.24
N THR F 383 -21.90 -31.38 -48.31
CA THR F 383 -21.37 -31.30 -49.66
C THR F 383 -21.01 -29.87 -50.02
N ALA F 384 -21.96 -28.97 -49.80
CA ALA F 384 -21.77 -27.55 -50.13
C ALA F 384 -20.71 -26.84 -49.30
N ALA F 385 -20.55 -27.26 -48.06
CA ALA F 385 -19.58 -26.66 -47.16
C ALA F 385 -18.14 -26.79 -47.64
N ARG F 386 -17.84 -27.82 -48.44
CA ARG F 386 -16.49 -28.05 -48.93
C ARG F 386 -16.20 -27.35 -50.24
N HIS F 387 -17.07 -26.44 -50.64
CA HIS F 387 -16.77 -25.55 -51.73
C HIS F 387 -15.50 -24.78 -51.36
N ALA F 388 -14.66 -24.54 -52.35
CA ALA F 388 -13.35 -23.91 -52.16
C ALA F 388 -13.35 -22.57 -51.43
N MET F 389 -14.34 -21.73 -51.68
CA MET F 389 -14.42 -20.42 -51.08
C MET F 389 -14.89 -20.49 -49.65
N LEU F 390 -15.27 -21.67 -49.18
CA LEU F 390 -15.65 -21.87 -47.81
C LEU F 390 -14.67 -22.73 -47.02
N ASN F 391 -13.46 -22.97 -47.53
CA ASN F 391 -12.56 -23.93 -46.86
C ASN F 391 -12.17 -23.39 -45.51
N VAL F 392 -12.43 -24.17 -44.47
CA VAL F 392 -12.22 -23.70 -43.11
C VAL F 392 -10.75 -23.53 -42.73
N HIS F 393 -9.93 -24.47 -43.13
CA HIS F 393 -8.50 -24.42 -42.88
C HIS F 393 -7.82 -23.25 -43.61
N VAL F 394 -8.25 -22.99 -44.84
CA VAL F 394 -7.72 -21.83 -45.58
C VAL F 394 -8.16 -20.53 -44.89
N GLY F 395 -9.42 -20.47 -44.46
CA GLY F 395 -9.92 -19.31 -43.79
C GLY F 395 -9.17 -19.00 -42.51
N HIS F 396 -8.87 -20.06 -41.75
CA HIS F 396 -8.10 -19.94 -40.52
C HIS F 396 -6.73 -19.40 -40.78
N GLU F 397 -6.09 -19.87 -41.83
CA GLU F 397 -4.77 -19.42 -42.19
C GLU F 397 -4.78 -17.98 -42.69
N LEU F 398 -5.79 -17.61 -43.45
CA LEU F 398 -5.93 -16.24 -43.94
C LEU F 398 -6.17 -15.22 -42.83
N TYR F 399 -7.05 -15.55 -41.88
CA TYR F 399 -7.36 -14.63 -40.82
C TYR F 399 -6.18 -14.51 -39.88
N GLY F 400 -5.54 -15.63 -39.60
CA GLY F 400 -4.40 -15.65 -38.71
C GLY F 400 -3.27 -14.84 -39.28
N GLY F 401 -3.10 -14.95 -40.59
CA GLY F 401 -2.08 -14.26 -41.32
C GLY F 401 -2.25 -12.75 -41.31
N SER F 402 -3.49 -12.29 -41.30
CA SER F 402 -3.80 -10.88 -41.30
C SER F 402 -3.27 -10.18 -40.07
N PHE F 403 -3.21 -10.87 -38.95
CA PHE F 403 -2.66 -10.30 -37.73
C PHE F 403 -1.19 -9.87 -37.82
N PHE F 404 -0.45 -10.48 -38.77
CA PHE F 404 0.98 -10.24 -38.97
C PHE F 404 1.32 -9.71 -40.37
N GLY F 405 0.30 -9.44 -41.19
CA GLY F 405 0.48 -9.00 -42.56
C GLY F 405 1.24 -9.96 -43.48
N LEU F 406 1.02 -11.25 -43.33
CA LEU F 406 1.66 -12.26 -44.17
C LEU F 406 1.06 -12.23 -45.55
N ASP F 407 1.80 -12.72 -46.54
CA ASP F 407 1.25 -12.79 -47.90
C ASP F 407 0.09 -13.75 -47.92
N PRO F 408 -1.08 -13.33 -48.44
CA PRO F 408 -2.15 -14.32 -48.42
C PRO F 408 -1.89 -15.55 -49.27
N ILE F 409 -2.50 -16.65 -48.87
CA ILE F 409 -2.31 -17.93 -49.53
C ILE F 409 -3.31 -18.14 -50.65
N VAL F 410 -4.14 -17.15 -50.92
CA VAL F 410 -5.06 -17.24 -52.04
C VAL F 410 -4.72 -16.11 -52.98
N PRO F 411 -4.98 -16.28 -54.30
CA PRO F 411 -4.58 -15.19 -55.18
C PRO F 411 -5.45 -13.92 -55.11
N SER F 412 -6.73 -14.03 -54.84
CA SER F 412 -7.56 -12.82 -54.75
C SER F 412 -8.46 -12.84 -53.54
N LEU F 413 -8.86 -11.65 -53.11
CA LEU F 413 -9.75 -11.48 -51.98
C LEU F 413 -11.04 -10.82 -52.42
N THR G 18 2.00 -68.70 -21.73
CA THR G 18 1.66 -67.86 -22.92
C THR G 18 1.48 -68.75 -24.15
N ASP G 19 1.31 -70.05 -23.95
CA ASP G 19 1.15 -70.95 -25.06
C ASP G 19 -0.17 -70.62 -25.78
N ILE G 20 -1.23 -70.46 -24.98
CA ILE G 20 -2.57 -70.12 -25.50
C ILE G 20 -2.55 -68.69 -26.08
N ARG G 21 -1.84 -67.81 -25.42
CA ARG G 21 -1.74 -66.44 -25.86
C ARG G 21 -1.15 -66.45 -27.26
N SER G 22 -0.19 -67.33 -27.50
CA SER G 22 0.44 -67.40 -28.81
C SER G 22 -0.51 -67.94 -29.84
N GLU G 23 -1.28 -68.94 -29.44
CA GLU G 23 -2.24 -69.62 -30.28
C GLU G 23 -3.34 -68.68 -30.73
N THR G 24 -3.85 -67.91 -29.79
CA THR G 24 -4.95 -67.00 -30.06
C THR G 24 -4.48 -65.91 -31.03
N ALA G 25 -3.25 -65.45 -30.85
CA ALA G 25 -2.65 -64.48 -31.75
C ALA G 25 -2.44 -65.05 -33.13
N GLU G 26 -2.06 -66.31 -33.21
CA GLU G 26 -1.84 -66.93 -34.50
C GLU G 26 -3.10 -67.05 -35.30
N LEU G 27 -4.19 -67.40 -34.63
CA LEU G 27 -5.47 -67.54 -35.27
C LEU G 27 -5.98 -66.20 -35.78
N ARG G 28 -5.81 -65.18 -34.97
CA ARG G 28 -6.26 -63.86 -35.34
C ARG G 28 -5.57 -63.39 -36.61
N ALA G 29 -4.27 -63.62 -36.71
CA ALA G 29 -3.53 -63.25 -37.89
C ALA G 29 -4.03 -64.00 -39.11
N GLU G 30 -4.33 -65.27 -38.94
CA GLU G 30 -4.84 -66.07 -40.03
C GLU G 30 -6.18 -65.53 -40.50
N LEU G 31 -7.05 -65.17 -39.54
CA LEU G 31 -8.35 -64.64 -39.88
C LEU G 31 -8.26 -63.32 -40.55
N VAL G 32 -7.32 -62.50 -40.12
CA VAL G 32 -7.13 -61.21 -40.75
C VAL G 32 -6.67 -61.44 -42.17
N GLU G 33 -5.81 -62.41 -42.39
CA GLU G 33 -5.35 -62.70 -43.74
C GLU G 33 -6.51 -63.22 -44.59
N ARG G 34 -7.45 -63.96 -44.01
CA ARG G 34 -8.63 -64.36 -44.77
C ARG G 34 -9.47 -63.20 -45.25
N VAL G 35 -9.62 -62.20 -44.40
CA VAL G 35 -10.32 -60.98 -44.77
C VAL G 35 -9.66 -60.36 -46.00
N HIS G 36 -8.34 -60.31 -46.01
CA HIS G 36 -7.63 -59.75 -47.16
C HIS G 36 -7.83 -60.57 -48.41
N LYS G 37 -7.87 -61.88 -48.25
CA LYS G 37 -8.08 -62.77 -49.37
C LYS G 37 -9.46 -62.64 -49.99
N PHE G 38 -10.48 -62.60 -49.17
CA PHE G 38 -11.85 -62.50 -49.64
C PHE G 38 -12.32 -61.08 -49.82
N GLY G 39 -11.51 -60.11 -49.40
CA GLY G 39 -11.89 -58.73 -49.47
C GLY G 39 -12.22 -58.21 -50.85
N PRO G 40 -11.44 -58.58 -51.88
CA PRO G 40 -11.78 -58.13 -53.23
C PRO G 40 -13.18 -58.57 -53.71
N VAL G 41 -13.70 -59.69 -53.22
CA VAL G 41 -15.07 -60.13 -53.56
C VAL G 41 -16.09 -59.17 -52.92
N PHE G 42 -15.91 -58.91 -51.64
CA PHE G 42 -16.81 -58.00 -50.92
C PHE G 42 -16.78 -56.62 -51.55
N ALA G 43 -15.60 -56.15 -51.89
CA ALA G 43 -15.46 -54.85 -52.52
C ALA G 43 -16.15 -54.78 -53.87
N ASP G 44 -16.05 -55.85 -54.61
CA ASP G 44 -16.67 -55.96 -55.90
C ASP G 44 -18.17 -55.86 -55.90
N GLY G 45 -18.80 -56.31 -54.82
CA GLY G 45 -20.23 -56.25 -54.71
C GLY G 45 -20.78 -55.03 -54.01
N VAL G 46 -19.97 -54.00 -53.79
CA VAL G 46 -20.42 -52.81 -53.12
C VAL G 46 -21.48 -52.11 -53.93
N ALA G 47 -21.27 -51.97 -55.25
CA ALA G 47 -22.23 -51.24 -56.07
C ALA G 47 -23.58 -51.93 -56.15
N GLU G 48 -23.58 -53.25 -56.27
CA GLU G 48 -24.82 -53.98 -56.30
C GLU G 48 -25.54 -53.88 -54.96
N GLY G 49 -24.78 -53.99 -53.88
CA GLY G 49 -25.36 -53.93 -52.55
C GLY G 49 -26.03 -52.62 -52.25
N GLU G 50 -25.42 -51.55 -52.70
CA GLU G 50 -25.92 -50.20 -52.52
C GLU G 50 -27.24 -50.00 -53.27
N ARG G 51 -27.27 -50.54 -54.48
CA ARG G 51 -28.39 -50.51 -55.40
C ARG G 51 -29.57 -51.38 -54.93
N GLU G 52 -29.30 -52.57 -54.42
CA GLU G 52 -30.35 -53.52 -54.03
C GLU G 52 -30.69 -53.57 -52.54
N ARG G 53 -29.89 -52.95 -51.70
CA ARG G 53 -30.12 -52.96 -50.25
C ARG G 53 -30.06 -54.36 -49.62
N ARG G 54 -29.19 -55.20 -50.15
CA ARG G 54 -28.95 -56.54 -49.62
C ARG G 54 -27.56 -56.92 -50.08
N LEU G 55 -26.94 -57.89 -49.45
CA LEU G 55 -25.61 -58.33 -49.86
C LEU G 55 -25.72 -59.17 -51.12
N PRO G 56 -24.84 -58.99 -52.08
CA PRO G 56 -24.87 -59.87 -53.26
C PRO G 56 -24.60 -61.33 -52.97
N ASP G 57 -25.03 -62.22 -53.86
CA ASP G 57 -24.80 -63.65 -53.65
C ASP G 57 -23.33 -64.01 -53.49
N ALA G 58 -22.46 -63.37 -54.25
CA ALA G 58 -21.04 -63.68 -54.16
C ALA G 58 -20.49 -63.36 -52.77
N THR G 59 -20.96 -62.26 -52.18
CA THR G 59 -20.53 -61.85 -50.85
C THR G 59 -20.98 -62.84 -49.80
N VAL G 60 -22.21 -63.31 -49.92
CA VAL G 60 -22.72 -64.29 -48.97
C VAL G 60 -21.92 -65.56 -49.10
N ARG G 61 -21.59 -65.95 -50.34
CA ARG G 61 -20.79 -67.14 -50.56
C ARG G 61 -19.44 -67.01 -49.90
N ALA G 62 -18.82 -65.85 -50.07
CA ALA G 62 -17.51 -65.59 -49.49
C ALA G 62 -17.57 -65.60 -47.97
N ILE G 63 -18.64 -65.09 -47.38
CA ILE G 63 -18.79 -65.14 -45.94
C ILE G 63 -18.85 -66.57 -45.47
N ASP G 64 -19.56 -67.43 -46.19
CA ASP G 64 -19.67 -68.85 -45.78
C ASP G 64 -18.36 -69.62 -45.96
N GLN G 65 -17.67 -69.39 -47.09
CA GLN G 65 -16.38 -70.03 -47.33
C GLN G 65 -15.28 -69.58 -46.39
N SER G 66 -15.20 -68.28 -46.08
CA SER G 66 -14.17 -67.74 -45.18
C SER G 66 -14.33 -68.15 -43.72
N GLN G 67 -15.54 -68.59 -43.37
CA GLN G 67 -15.91 -68.95 -42.01
C GLN G 67 -15.96 -67.74 -41.06
N LEU G 68 -16.04 -66.53 -41.60
CA LEU G 68 -16.04 -65.30 -40.78
C LEU G 68 -17.33 -65.08 -39.98
N ALA G 69 -18.38 -65.80 -40.34
CA ALA G 69 -19.58 -65.87 -39.51
C ALA G 69 -19.46 -66.84 -38.33
N MET G 70 -18.34 -67.54 -38.24
CA MET G 70 -18.20 -68.67 -37.30
C MET G 70 -17.27 -68.37 -36.11
N LEU G 71 -16.77 -67.15 -36.02
CA LEU G 71 -15.86 -66.78 -34.96
C LEU G 71 -16.45 -66.96 -33.57
N TRP G 72 -17.74 -66.72 -33.39
CA TRP G 72 -18.35 -66.89 -32.10
C TRP G 72 -19.27 -68.12 -32.00
N THR G 73 -19.01 -69.10 -32.86
CA THR G 73 -19.71 -70.38 -32.84
C THR G 73 -18.82 -71.35 -32.11
N ALA G 74 -19.42 -72.23 -31.31
CA ALA G 74 -18.65 -73.19 -30.51
C ALA G 74 -17.87 -74.22 -31.32
N LYS G 75 -16.72 -74.61 -30.80
CA LYS G 75 -15.85 -75.63 -31.38
C LYS G 75 -16.52 -76.97 -31.45
N SER G 76 -17.36 -77.25 -30.46
CA SER G 76 -18.07 -78.49 -30.40
C SER G 76 -18.98 -78.66 -31.63
N TYR G 77 -19.44 -77.56 -32.23
CA TYR G 77 -20.22 -77.61 -33.47
C TYR G 77 -19.44 -77.32 -34.76
N GLY G 78 -18.10 -77.30 -34.68
CA GLY G 78 -17.23 -76.97 -35.82
C GLY G 78 -16.96 -75.47 -36.03
N GLY G 79 -17.30 -74.66 -35.03
CA GLY G 79 -16.99 -73.22 -35.04
C GLY G 79 -15.55 -72.90 -34.63
N LEU G 80 -15.14 -71.68 -34.89
CA LEU G 80 -13.77 -71.25 -34.60
C LEU G 80 -13.58 -70.83 -33.13
N GLU G 81 -14.68 -70.49 -32.46
CA GLU G 81 -14.70 -70.14 -31.02
C GLU G 81 -13.52 -69.23 -30.56
N THR G 82 -13.48 -68.00 -31.07
CA THR G 82 -12.39 -67.04 -30.76
C THR G 82 -12.76 -66.18 -29.53
N ASP G 83 -12.24 -64.97 -29.48
CA ASP G 83 -12.53 -64.07 -28.37
C ASP G 83 -12.98 -62.73 -28.92
N VAL G 84 -13.25 -61.79 -28.04
CA VAL G 84 -13.75 -60.50 -28.48
C VAL G 84 -12.73 -59.73 -29.31
N ARG G 85 -11.49 -59.77 -28.87
CA ARG G 85 -10.46 -59.03 -29.54
C ARG G 85 -10.24 -59.48 -30.95
N THR G 86 -10.33 -60.77 -31.20
CA THR G 86 -10.16 -61.27 -32.55
C THR G 86 -11.28 -60.82 -33.45
N MET G 87 -12.50 -60.87 -32.94
CA MET G 87 -13.67 -60.51 -33.70
C MET G 87 -13.60 -59.05 -34.06
N SER G 88 -13.14 -58.25 -33.10
CA SER G 88 -12.97 -56.82 -33.28
C SER G 88 -11.94 -56.50 -34.35
N GLU G 89 -10.80 -57.14 -34.32
CA GLU G 89 -9.78 -56.88 -35.32
C GLU G 89 -10.26 -57.32 -36.70
N VAL G 90 -11.02 -58.40 -36.78
CA VAL G 90 -11.58 -58.84 -38.07
C VAL G 90 -12.58 -57.83 -38.64
N ALA G 91 -13.47 -57.36 -37.77
CA ALA G 91 -14.49 -56.37 -38.15
C ALA G 91 -13.86 -55.07 -38.69
N LYS G 92 -12.78 -54.64 -38.06
CA LYS G 92 -12.10 -53.41 -38.50
C LYS G 92 -11.55 -53.55 -39.91
N VAL G 93 -10.96 -54.70 -40.19
CA VAL G 93 -10.36 -54.91 -41.51
C VAL G 93 -11.42 -55.13 -42.56
N LEU G 94 -12.47 -55.85 -42.20
CA LEU G 94 -13.62 -56.04 -43.12
C LEU G 94 -14.20 -54.75 -43.64
N SER G 95 -14.38 -53.77 -42.74
CA SER G 95 -14.92 -52.46 -43.11
C SER G 95 -14.18 -51.74 -44.23
N HIS G 96 -12.89 -52.01 -44.39
CA HIS G 96 -12.15 -51.39 -45.48
C HIS G 96 -12.73 -51.80 -46.83
N TYR G 97 -13.22 -53.03 -46.91
CA TYR G 97 -13.69 -53.56 -48.17
C TYR G 97 -15.17 -53.29 -48.33
N CYS G 98 -15.96 -53.58 -47.31
CA CYS G 98 -17.39 -53.28 -47.34
C CYS G 98 -17.93 -53.11 -45.93
N PRO G 99 -18.23 -51.86 -45.52
CA PRO G 99 -18.76 -51.66 -44.15
C PRO G 99 -20.08 -52.41 -43.87
N SER G 100 -20.92 -52.57 -44.90
CA SER G 100 -22.17 -53.35 -44.72
C SER G 100 -21.93 -54.85 -44.43
N THR G 101 -20.99 -55.44 -45.15
CA THR G 101 -20.57 -56.83 -44.94
C THR G 101 -20.01 -56.97 -43.55
N SER G 102 -19.12 -56.04 -43.17
CA SER G 102 -18.57 -56.03 -41.82
C SER G 102 -19.68 -55.96 -40.79
N TRP G 103 -20.64 -55.09 -41.00
CA TRP G 103 -21.73 -54.96 -40.08
C TRP G 103 -22.56 -56.23 -39.97
N VAL G 104 -22.82 -56.87 -41.10
CA VAL G 104 -23.61 -58.08 -41.08
C VAL G 104 -22.85 -59.19 -40.36
N VAL G 105 -21.58 -59.38 -40.73
CA VAL G 105 -20.76 -60.39 -40.13
C VAL G 105 -20.70 -60.20 -38.62
N ASN G 106 -20.56 -58.97 -38.14
CA ASN G 106 -20.54 -58.65 -36.72
C ASN G 106 -21.87 -59.03 -36.07
N ASN G 107 -22.97 -58.72 -36.73
CA ASN G 107 -24.27 -59.04 -36.19
C ASN G 107 -24.47 -60.55 -36.11
N VAL G 108 -24.01 -61.29 -37.10
CA VAL G 108 -24.20 -62.74 -37.11
C VAL G 108 -23.47 -63.41 -35.94
N ASN G 109 -22.20 -63.07 -35.80
CA ASN G 109 -21.40 -63.61 -34.70
C ASN G 109 -22.02 -63.25 -33.38
N GLY G 110 -22.41 -62.00 -33.24
CA GLY G 110 -23.04 -61.59 -31.99
C GLY G 110 -24.33 -62.33 -31.72
N SER G 111 -25.12 -62.55 -32.75
CA SER G 111 -26.38 -63.28 -32.57
C SER G 111 -26.11 -64.72 -32.17
N ASN G 112 -25.12 -65.31 -32.81
CA ASN G 112 -24.73 -66.67 -32.51
C ASN G 112 -24.27 -66.76 -31.06
N LEU G 113 -23.55 -65.77 -30.57
CA LEU G 113 -23.12 -65.79 -29.20
C LEU G 113 -24.32 -65.69 -28.26
N LEU G 114 -25.31 -64.87 -28.64
CA LEU G 114 -26.53 -64.72 -27.84
C LEU G 114 -27.30 -66.00 -27.76
N ALA G 115 -27.22 -66.81 -28.81
CA ALA G 115 -27.92 -68.07 -28.87
C ALA G 115 -27.49 -69.04 -27.77
N SER G 116 -26.25 -68.91 -27.31
CA SER G 116 -25.76 -69.78 -26.27
C SER G 116 -26.48 -69.69 -24.92
N LYS G 117 -27.32 -68.69 -24.71
CA LYS G 117 -28.14 -68.67 -23.52
C LYS G 117 -29.30 -69.63 -23.58
N PHE G 118 -29.63 -70.10 -24.78
CA PHE G 118 -30.72 -71.03 -24.97
C PHE G 118 -30.32 -72.45 -24.57
N PRO G 119 -31.32 -73.35 -24.35
CA PRO G 119 -30.92 -74.71 -23.96
C PRO G 119 -30.19 -75.47 -25.03
N ARG G 120 -29.54 -76.55 -24.62
CA ARG G 120 -28.77 -77.38 -25.52
C ARG G 120 -29.61 -77.92 -26.65
N ALA G 121 -30.87 -78.22 -26.36
CA ALA G 121 -31.81 -78.68 -27.37
C ALA G 121 -31.94 -77.72 -28.55
N ALA G 122 -32.05 -76.43 -28.23
CA ALA G 122 -32.12 -75.38 -29.24
C ALA G 122 -30.80 -75.25 -30.00
N LEU G 123 -29.71 -75.22 -29.26
CA LEU G 123 -28.38 -75.10 -29.86
C LEU G 123 -28.05 -76.24 -30.83
N ASP G 124 -28.40 -77.46 -30.43
CA ASP G 124 -28.27 -78.63 -31.30
C ASP G 124 -29.12 -78.46 -32.55
N GLU G 125 -30.36 -78.04 -32.38
CA GLU G 125 -31.26 -77.84 -33.52
C GLU G 125 -30.72 -76.79 -34.50
N VAL G 126 -30.05 -75.75 -33.98
CA VAL G 126 -29.48 -74.67 -34.82
C VAL G 126 -28.15 -75.05 -35.47
N PHE G 127 -27.21 -75.53 -34.64
CA PHE G 127 -25.79 -75.72 -35.04
C PHE G 127 -25.37 -77.18 -35.29
N GLY G 128 -26.19 -78.13 -34.88
CA GLY G 128 -25.92 -79.57 -34.97
C GLY G 128 -25.44 -80.09 -36.31
N ASP G 129 -26.13 -79.70 -37.40
CA ASP G 129 -25.76 -80.10 -38.77
C ASP G 129 -25.37 -78.88 -39.60
N ALA G 130 -25.05 -77.76 -38.96
CA ALA G 130 -24.83 -76.48 -39.64
C ALA G 130 -23.77 -75.70 -38.88
N PRO G 131 -22.49 -76.06 -39.02
CA PRO G 131 -21.40 -75.30 -38.38
C PRO G 131 -21.39 -73.79 -38.76
N GLY G 132 -21.81 -73.50 -40.00
CA GLY G 132 -21.93 -72.14 -40.54
C GLY G 132 -23.30 -71.51 -40.41
N ALA G 133 -24.09 -71.94 -39.42
CA ALA G 133 -25.39 -71.32 -39.20
C ALA G 133 -25.23 -69.83 -38.88
N LYS G 134 -26.18 -69.04 -39.39
CA LYS G 134 -26.19 -67.59 -39.26
C LYS G 134 -27.47 -67.07 -38.65
N LEU G 135 -27.36 -66.45 -37.47
CA LEU G 135 -28.53 -65.86 -36.78
C LEU G 135 -28.64 -64.35 -36.93
N ALA G 136 -29.89 -63.87 -36.98
CA ALA G 136 -30.27 -62.50 -36.73
C ALA G 136 -30.67 -62.37 -35.28
N SER G 137 -30.79 -61.14 -34.84
CA SER G 137 -31.34 -60.89 -33.53
C SER G 137 -31.81 -59.47 -33.46
N VAL G 138 -33.06 -59.28 -33.05
CA VAL G 138 -33.63 -57.96 -32.92
C VAL G 138 -34.28 -57.79 -31.57
N PHE G 139 -33.83 -56.77 -30.85
CA PHE G 139 -34.30 -56.40 -29.51
C PHE G 139 -35.08 -55.07 -29.64
N ALA G 140 -35.19 -54.59 -30.87
CA ALA G 140 -35.82 -53.32 -31.25
C ALA G 140 -37.35 -53.29 -31.23
N ALA G 141 -37.97 -54.43 -30.96
CA ALA G 141 -39.42 -54.49 -30.83
C ALA G 141 -39.69 -55.60 -29.90
N ALA G 142 -40.92 -55.58 -29.47
CA ALA G 142 -41.48 -56.67 -28.80
C ALA G 142 -42.70 -57.07 -29.64
N GLY G 143 -42.96 -58.35 -29.59
CA GLY G 143 -44.05 -58.96 -30.24
C GLY G 143 -44.77 -59.45 -29.01
N THR G 144 -45.84 -60.15 -29.23
CA THR G 144 -46.62 -60.55 -28.14
C THR G 144 -46.77 -62.07 -28.27
N ALA G 145 -46.54 -62.74 -27.16
CA ALA G 145 -46.54 -64.19 -27.13
C ALA G 145 -47.47 -64.69 -26.06
N VAL G 146 -48.17 -65.77 -26.37
CA VAL G 146 -49.09 -66.33 -25.42
C VAL G 146 -48.88 -67.83 -25.32
N ARG G 147 -49.04 -68.37 -24.12
CA ARG G 147 -48.86 -69.80 -23.90
C ARG G 147 -49.87 -70.66 -24.63
N THR G 148 -49.36 -71.74 -25.21
CA THR G 148 -50.15 -72.72 -25.93
C THR G 148 -49.56 -74.05 -25.52
N PRO G 149 -50.28 -75.19 -25.73
CA PRO G 149 -49.63 -76.41 -25.28
C PRO G 149 -48.38 -76.73 -26.06
N GLY G 150 -47.31 -77.02 -25.33
CA GLY G 150 -46.01 -77.35 -25.89
C GLY G 150 -45.15 -76.16 -26.22
N GLY G 151 -45.64 -74.94 -25.97
CA GLY G 151 -44.89 -73.77 -26.29
C GLY G 151 -45.60 -72.44 -26.21
N TYR G 152 -45.46 -71.66 -27.28
CA TYR G 152 -46.06 -70.32 -27.38
C TYR G 152 -46.57 -70.05 -28.79
N ARG G 153 -47.49 -69.09 -28.88
CA ARG G 153 -47.96 -68.55 -30.14
C ARG G 153 -47.48 -67.10 -30.16
N LEU G 154 -46.75 -66.72 -31.21
CA LEU G 154 -46.03 -65.44 -31.27
C LEU G 154 -46.48 -64.57 -32.44
N THR G 155 -46.79 -63.32 -32.15
CA THR G 155 -47.18 -62.35 -33.16
C THR G 155 -46.38 -61.07 -32.91
N GLY G 156 -45.89 -60.47 -34.00
CA GLY G 156 -45.17 -59.20 -33.88
C GLY G 156 -44.58 -58.71 -35.18
N SER G 157 -43.98 -57.53 -35.08
CA SER G 157 -43.32 -56.90 -36.20
C SER G 157 -42.02 -56.25 -35.70
N TRP G 158 -40.89 -56.77 -36.16
CA TRP G 158 -39.57 -56.40 -35.64
C TRP G 158 -38.75 -55.69 -36.73
N PRO G 159 -38.59 -54.34 -36.64
CA PRO G 159 -37.71 -53.61 -37.58
C PRO G 159 -36.23 -53.79 -37.26
N TYR G 160 -35.38 -53.29 -38.16
CA TYR G 160 -33.92 -53.35 -38.01
C TYR G 160 -33.33 -54.76 -37.93
N GLY G 161 -33.80 -55.65 -38.78
CA GLY G 161 -33.34 -57.04 -38.75
C GLY G 161 -32.13 -57.20 -39.63
N THR G 162 -30.97 -56.80 -39.13
CA THR G 162 -29.75 -56.91 -39.91
C THR G 162 -29.49 -58.30 -40.45
N GLY G 163 -29.23 -58.35 -41.74
CA GLY G 163 -28.88 -59.58 -42.45
C GLY G 163 -29.93 -60.68 -42.50
N ILE G 164 -31.19 -60.36 -42.21
CA ILE G 164 -32.27 -61.34 -42.07
C ILE G 164 -32.53 -62.10 -43.36
N LEU G 165 -32.35 -61.44 -44.50
CA LEU G 165 -32.48 -62.11 -45.78
C LEU G 165 -31.57 -63.30 -46.00
N HIS G 166 -30.39 -63.34 -45.37
CA HIS G 166 -29.44 -64.45 -45.52
C HIS G 166 -29.38 -65.34 -44.29
N ASP G 167 -30.24 -65.09 -43.30
CA ASP G 167 -30.08 -65.75 -42.00
C ASP G 167 -30.95 -67.01 -41.93
N ASP G 168 -30.49 -67.95 -41.12
CA ASP G 168 -31.14 -69.26 -40.97
C ASP G 168 -32.13 -69.22 -39.84
N TRP G 169 -31.83 -68.44 -38.80
CA TRP G 169 -32.70 -68.28 -37.63
C TRP G 169 -32.66 -66.81 -37.15
N ALA G 170 -33.59 -66.45 -36.27
CA ALA G 170 -33.67 -65.11 -35.72
C ALA G 170 -34.01 -65.22 -34.24
N ILE G 171 -33.31 -64.43 -33.42
CA ILE G 171 -33.66 -64.27 -32.01
C ILE G 171 -34.49 -63.00 -31.89
N LEU G 172 -35.72 -63.15 -31.45
CA LEU G 172 -36.65 -62.03 -31.34
C LEU G 172 -37.14 -61.86 -29.92
N VAL G 173 -37.25 -60.61 -29.48
CA VAL G 173 -37.74 -60.30 -28.15
C VAL G 173 -39.26 -60.17 -28.17
N ALA G 174 -39.91 -60.62 -27.11
CA ALA G 174 -41.34 -60.53 -27.02
C ALA G 174 -41.83 -60.39 -25.61
N ARG G 175 -43.08 -59.99 -25.48
CA ARG G 175 -43.68 -59.87 -24.18
C ARG G 175 -44.69 -60.98 -24.09
N GLU G 176 -44.60 -61.77 -23.04
CA GLU G 176 -45.60 -62.78 -22.78
C GLU G 176 -46.86 -62.12 -22.21
N VAL G 177 -48.01 -62.62 -22.62
CA VAL G 177 -49.28 -62.11 -22.12
C VAL G 177 -50.19 -63.28 -21.85
N ASP G 178 -51.19 -63.07 -21.02
CA ASP G 178 -52.14 -64.12 -20.69
C ASP G 178 -53.36 -64.07 -21.63
N ALA G 179 -54.34 -64.90 -21.33
CA ALA G 179 -55.56 -64.96 -22.10
C ALA G 179 -56.29 -63.63 -22.07
N ASP G 180 -56.23 -62.99 -20.92
CA ASP G 180 -56.80 -61.67 -20.78
C ASP G 180 -56.04 -60.65 -21.62
N GLY G 181 -54.76 -60.90 -21.84
CA GLY G 181 -53.94 -59.98 -22.61
C GLY G 181 -53.11 -59.08 -21.72
N GLU G 182 -53.06 -59.41 -20.44
CA GLU G 182 -52.26 -58.70 -19.48
C GLU G 182 -50.81 -59.14 -19.56
N PRO G 183 -49.85 -58.24 -19.32
CA PRO G 183 -48.43 -58.63 -19.40
C PRO G 183 -47.99 -59.61 -18.32
N VAL G 184 -47.24 -60.63 -18.72
CA VAL G 184 -46.73 -61.61 -17.77
C VAL G 184 -45.24 -61.47 -17.55
N GLY G 185 -44.48 -61.36 -18.63
CA GLY G 185 -43.04 -61.26 -18.50
C GLY G 185 -42.40 -61.08 -19.84
N GLY G 186 -41.08 -60.99 -19.85
CA GLY G 186 -40.33 -60.81 -21.10
C GLY G 186 -39.79 -62.13 -21.61
N LEU G 187 -39.72 -62.29 -22.92
CA LEU G 187 -39.17 -63.52 -23.49
C LEU G 187 -38.19 -63.29 -24.61
N SER G 188 -37.32 -64.27 -24.82
CA SER G 188 -36.47 -64.29 -25.98
C SER G 188 -36.77 -65.55 -26.76
N MET G 189 -36.99 -65.42 -28.06
CA MET G 189 -37.47 -66.55 -28.84
C MET G 189 -36.68 -66.81 -30.06
N LEU G 190 -36.39 -68.07 -30.28
CA LEU G 190 -35.58 -68.47 -31.42
C LEU G 190 -36.48 -69.06 -32.48
N VAL G 191 -36.53 -68.44 -33.65
CA VAL G 191 -37.43 -68.91 -34.68
C VAL G 191 -36.72 -69.00 -36.02
N PRO G 192 -37.01 -70.04 -36.77
CA PRO G 192 -36.36 -70.34 -38.04
C PRO G 192 -36.87 -69.53 -39.21
N ALA G 193 -36.06 -69.50 -40.26
CA ALA G 193 -36.35 -68.76 -41.48
C ALA G 193 -37.64 -69.22 -42.13
N ARG G 194 -37.91 -70.51 -42.09
CA ARG G 194 -39.12 -71.08 -42.68
C ARG G 194 -40.38 -70.49 -42.04
N ASP G 195 -40.31 -70.17 -40.75
CA ASP G 195 -41.44 -69.57 -40.08
C ASP G 195 -41.55 -68.07 -40.21
N LEU G 196 -40.54 -67.39 -40.78
CA LEU G 196 -40.54 -65.93 -40.86
C LEU G 196 -40.98 -65.40 -42.18
N THR G 197 -41.40 -64.15 -42.16
CA THR G 197 -41.70 -63.38 -43.34
C THR G 197 -40.90 -62.10 -43.23
N VAL G 198 -40.37 -61.63 -44.34
CA VAL G 198 -39.59 -60.42 -44.33
C VAL G 198 -40.28 -59.37 -45.15
N GLU G 199 -40.39 -58.19 -44.58
CA GLU G 199 -41.06 -57.10 -45.19
C GLU G 199 -40.01 -56.06 -45.58
N ASP G 200 -40.14 -55.48 -46.77
CA ASP G 200 -39.13 -54.58 -47.26
C ASP G 200 -39.32 -53.17 -46.69
N THR G 201 -38.55 -52.88 -45.67
CA THR G 201 -38.66 -51.59 -45.01
C THR G 201 -37.37 -50.83 -44.87
N TRP G 202 -36.25 -51.37 -45.30
CA TRP G 202 -34.95 -50.75 -45.08
C TRP G 202 -34.62 -49.81 -46.24
N HIS G 203 -34.91 -48.52 -46.04
CA HIS G 203 -34.62 -47.50 -47.02
C HIS G 203 -33.82 -46.40 -46.34
N THR G 204 -32.51 -46.47 -46.51
CA THR G 204 -31.62 -45.59 -45.79
C THR G 204 -30.56 -45.06 -46.69
N VAL G 205 -29.82 -44.07 -46.18
CA VAL G 205 -28.76 -43.47 -46.95
C VAL G 205 -27.39 -44.01 -46.58
N GLY G 206 -27.34 -44.97 -45.67
CA GLY G 206 -26.09 -45.59 -45.27
C GLY G 206 -26.36 -46.99 -44.79
N MET G 207 -25.35 -47.85 -44.87
CA MET G 207 -25.45 -49.24 -44.50
C MET G 207 -26.58 -49.92 -45.27
N ARG G 208 -26.75 -49.56 -46.53
CA ARG G 208 -27.85 -50.05 -47.34
C ARG G 208 -27.85 -51.58 -47.55
N ALA G 209 -26.68 -52.16 -47.82
CA ALA G 209 -26.59 -53.58 -48.09
C ALA G 209 -26.78 -54.47 -46.86
N THR G 210 -26.84 -53.88 -45.69
CA THR G 210 -27.09 -54.66 -44.49
C THR G 210 -28.48 -55.28 -44.48
N GLY G 211 -29.41 -54.76 -45.27
CA GLY G 211 -30.73 -55.34 -45.38
C GLY G 211 -31.46 -55.50 -44.08
N SER G 212 -31.44 -54.45 -43.29
CA SER G 212 -32.05 -54.46 -41.97
C SER G 212 -33.56 -54.23 -42.05
N HIS G 213 -34.23 -55.23 -42.63
CA HIS G 213 -35.65 -55.18 -42.95
C HIS G 213 -36.49 -55.56 -41.75
N THR G 214 -37.82 -55.59 -41.92
CA THR G 214 -38.72 -55.91 -40.83
C THR G 214 -39.12 -57.37 -40.89
N VAL G 215 -39.00 -58.04 -39.75
CA VAL G 215 -39.44 -59.42 -39.57
C VAL G 215 -40.88 -59.41 -39.08
N VAL G 216 -41.73 -60.16 -39.76
CA VAL G 216 -43.13 -60.23 -39.41
C VAL G 216 -43.59 -61.64 -39.07
N LEU G 217 -44.31 -61.77 -37.97
CA LEU G 217 -44.81 -63.06 -37.51
C LEU G 217 -46.27 -62.93 -37.17
N ARG G 218 -47.06 -63.91 -37.58
CA ARG G 218 -48.45 -63.89 -37.18
C ARG G 218 -48.91 -65.24 -36.66
N ASP G 219 -49.23 -65.28 -35.38
CA ASP G 219 -49.69 -66.48 -34.71
C ASP G 219 -48.78 -67.69 -34.94
N THR G 220 -47.48 -67.44 -34.88
CA THR G 220 -46.47 -68.45 -35.16
C THR G 220 -46.16 -69.29 -33.95
N PHE G 221 -46.11 -70.61 -34.13
CA PHE G 221 -45.83 -71.50 -33.03
C PHE G 221 -44.34 -71.58 -32.77
N VAL G 222 -43.98 -71.44 -31.52
CA VAL G 222 -42.59 -71.57 -31.13
C VAL G 222 -42.55 -72.54 -29.97
N PRO G 223 -41.76 -73.63 -30.11
CA PRO G 223 -41.78 -74.55 -28.98
C PRO G 223 -41.00 -74.06 -27.78
N GLU G 224 -41.31 -74.66 -26.64
CA GLU G 224 -40.78 -74.31 -25.34
C GLU G 224 -39.27 -74.30 -25.27
N HIS G 225 -38.60 -75.26 -25.89
CA HIS G 225 -37.14 -75.35 -25.80
C HIS G 225 -36.43 -74.24 -26.58
N ARG G 226 -37.16 -73.50 -27.41
CA ARG G 226 -36.60 -72.40 -28.14
C ARG G 226 -37.07 -71.04 -27.58
N VAL G 227 -37.41 -71.01 -26.31
CA VAL G 227 -37.90 -69.81 -25.64
C VAL G 227 -37.23 -69.72 -24.28
N ILE G 228 -36.66 -68.58 -23.95
CA ILE G 228 -36.11 -68.35 -22.61
C ILE G 228 -36.64 -67.06 -22.10
N SER G 229 -36.48 -66.82 -20.80
CA SER G 229 -36.91 -65.55 -20.24
C SER G 229 -35.97 -64.50 -20.71
N GLY G 230 -36.48 -63.28 -20.76
CA GLY G 230 -35.68 -62.13 -21.08
C GLY G 230 -34.56 -61.99 -20.06
N GLU G 231 -34.86 -62.34 -18.81
CA GLU G 231 -33.85 -62.31 -17.77
C GLU G 231 -32.68 -63.25 -18.05
N LEU G 232 -32.97 -64.44 -18.55
CA LEU G 232 -31.93 -65.39 -18.87
C LEU G 232 -31.10 -64.97 -20.09
N GLN G 233 -31.75 -64.34 -21.05
CA GLN G 233 -31.09 -63.86 -22.26
C GLN G 233 -30.04 -62.79 -21.96
N ARG G 234 -30.29 -61.95 -20.97
CA ARG G 234 -29.36 -60.89 -20.62
C ARG G 234 -28.45 -61.28 -19.50
N SER G 235 -28.53 -62.52 -19.04
CA SER G 235 -27.81 -62.96 -17.83
C SER G 235 -26.30 -63.00 -18.05
N ARG G 236 -25.56 -62.73 -16.97
CA ARG G 236 -24.11 -62.85 -16.98
C ARG G 236 -23.67 -63.86 -15.92
N GLU G 237 -24.55 -64.78 -15.53
CA GLU G 237 -24.19 -65.82 -14.56
C GLU G 237 -23.14 -66.78 -15.06
N SER G 238 -23.02 -66.94 -16.37
CA SER G 238 -22.03 -67.85 -16.93
C SER G 238 -20.61 -67.30 -16.83
N ALA G 239 -20.45 -66.09 -16.34
CA ALA G 239 -19.13 -65.49 -16.23
C ALA G 239 -18.16 -66.29 -15.37
N THR G 240 -18.67 -66.95 -14.34
CA THR G 240 -17.84 -67.75 -13.44
C THR G 240 -17.89 -69.26 -13.65
N ASP G 241 -18.57 -69.73 -14.68
CA ASP G 241 -18.77 -71.16 -14.91
C ASP G 241 -17.54 -71.80 -15.59
N LEU G 242 -16.74 -72.52 -14.80
CA LEU G 242 -15.53 -73.17 -15.31
C LEU G 242 -15.81 -74.32 -16.30
N GLY G 243 -17.03 -74.86 -16.26
CA GLY G 243 -17.48 -75.87 -17.21
C GLY G 243 -17.60 -75.39 -18.65
N LEU G 244 -17.91 -74.12 -18.83
CA LEU G 244 -18.03 -73.52 -20.15
C LEU G 244 -16.69 -73.10 -20.73
N PRO G 245 -16.55 -73.14 -22.08
CA PRO G 245 -15.33 -72.54 -22.62
C PRO G 245 -15.29 -71.03 -22.39
N PRO G 246 -14.09 -70.39 -22.46
CA PRO G 246 -14.11 -68.95 -22.12
C PRO G 246 -15.02 -68.04 -22.90
N LEU G 247 -15.23 -68.26 -24.20
CA LEU G 247 -16.09 -67.40 -24.99
C LEU G 247 -17.51 -67.33 -24.44
N PHE G 248 -18.01 -68.42 -23.92
CA PHE G 248 -19.38 -68.44 -23.41
C PHE G 248 -19.48 -67.88 -22.00
N ARG G 249 -18.37 -67.49 -21.42
CA ARG G 249 -18.37 -66.80 -20.15
C ARG G 249 -18.41 -65.28 -20.34
N THR G 250 -18.14 -64.82 -21.57
CA THR G 250 -18.04 -63.40 -21.94
C THR G 250 -19.36 -62.70 -21.73
N ALA G 251 -19.29 -61.45 -21.31
CA ALA G 251 -20.47 -60.60 -21.23
C ALA G 251 -20.95 -60.28 -22.64
N ALA G 252 -22.00 -60.96 -23.07
CA ALA G 252 -22.32 -61.03 -24.50
C ALA G 252 -22.78 -59.71 -25.13
N ILE G 253 -23.65 -59.01 -24.42
CA ILE G 253 -24.22 -57.78 -24.94
C ILE G 253 -23.15 -56.71 -25.06
N ALA G 254 -22.28 -56.66 -24.06
CA ALA G 254 -21.16 -55.73 -24.12
C ALA G 254 -20.21 -56.09 -25.24
N ALA G 255 -19.99 -57.38 -25.44
CA ALA G 255 -19.10 -57.83 -26.50
C ALA G 255 -19.62 -57.45 -27.87
N MET G 256 -20.92 -57.56 -28.04
CA MET G 256 -21.57 -57.25 -29.29
C MET G 256 -21.43 -55.75 -29.60
N ALA G 257 -21.60 -54.92 -28.58
CA ALA G 257 -21.43 -53.49 -28.73
C ALA G 257 -19.99 -53.12 -29.10
N VAL G 258 -19.01 -53.81 -28.54
CA VAL G 258 -17.61 -53.56 -28.87
C VAL G 258 -17.32 -53.88 -30.33
N VAL G 259 -17.86 -54.96 -30.86
CA VAL G 259 -17.61 -55.29 -32.27
C VAL G 259 -18.42 -54.39 -33.23
N CYS G 260 -19.58 -53.90 -32.81
CA CYS G 260 -20.32 -52.93 -33.62
C CYS G 260 -19.50 -51.66 -33.76
N ALA G 261 -18.92 -51.21 -32.64
CA ALA G 261 -18.01 -50.08 -32.66
C ALA G 261 -16.81 -50.34 -33.58
N SER G 262 -16.31 -51.57 -33.58
CA SER G 262 -15.17 -51.91 -34.44
C SER G 262 -15.46 -51.74 -35.92
N VAL G 263 -16.70 -52.02 -36.31
CA VAL G 263 -17.14 -51.87 -37.71
C VAL G 263 -17.01 -50.39 -38.07
N VAL G 264 -17.57 -49.54 -37.23
CA VAL G 264 -17.49 -48.09 -37.44
C VAL G 264 -16.04 -47.60 -37.46
N LEU G 265 -15.27 -48.04 -36.48
CA LEU G 265 -13.87 -47.66 -36.37
C LEU G 265 -13.09 -48.00 -37.64
N GLY G 266 -13.24 -49.23 -38.09
CA GLY G 266 -12.56 -49.68 -39.30
C GLY G 266 -12.87 -48.82 -40.53
N ALA G 267 -14.12 -48.37 -40.67
CA ALA G 267 -14.51 -47.50 -41.79
C ALA G 267 -13.78 -46.17 -41.71
N GLY G 268 -13.66 -45.68 -40.48
CA GLY G 268 -12.92 -44.45 -40.21
C GLY G 268 -11.46 -44.59 -40.56
N GLN G 269 -10.88 -45.72 -40.19
CA GLN G 269 -9.49 -45.97 -40.51
C GLN G 269 -9.28 -46.08 -41.99
N ALA G 270 -10.21 -46.70 -42.70
CA ALA G 270 -10.11 -46.78 -44.16
C ALA G 270 -10.16 -45.39 -44.82
N ALA G 271 -11.05 -44.54 -44.28
CA ALA G 271 -11.17 -43.16 -44.68
C ALA G 271 -9.85 -42.43 -44.50
N ARG G 272 -9.21 -42.64 -43.36
CA ARG G 272 -7.93 -41.99 -43.08
C ARG G 272 -6.87 -42.43 -44.09
N ALA G 273 -6.76 -43.73 -44.29
CA ALA G 273 -5.79 -44.26 -45.25
C ALA G 273 -5.99 -43.70 -46.65
N LEU G 274 -7.24 -43.53 -47.06
CA LEU G 274 -7.58 -42.97 -48.38
C LEU G 274 -7.15 -41.51 -48.55
N VAL G 275 -7.46 -40.68 -47.56
CA VAL G 275 -7.02 -39.27 -47.54
C VAL G 275 -5.50 -39.18 -47.59
N VAL G 276 -4.80 -40.04 -46.86
CA VAL G 276 -3.32 -40.11 -46.92
C VAL G 276 -2.80 -40.51 -48.28
N GLU G 277 -3.46 -41.49 -48.88
CA GLU G 277 -3.11 -41.99 -50.19
C GLU G 277 -3.22 -40.93 -51.28
N LYS G 278 -4.28 -40.14 -51.23
CA LYS G 278 -4.57 -39.15 -52.25
C LYS G 278 -3.94 -37.76 -52.08
N ALA G 279 -3.45 -37.45 -50.89
CA ALA G 279 -3.00 -36.10 -50.56
C ALA G 279 -1.84 -35.62 -51.40
N PRO G 280 -0.88 -36.51 -51.76
CA PRO G 280 0.20 -35.97 -52.57
C PRO G 280 -0.17 -35.59 -54.01
N THR G 281 -1.30 -36.04 -54.51
CA THR G 281 -1.69 -35.68 -55.88
C THR G 281 -2.87 -34.73 -56.04
N ARG G 282 -3.31 -34.09 -54.98
CA ARG G 282 -4.41 -33.11 -55.09
C ARG G 282 -3.97 -31.88 -54.36
N GLY G 283 -4.69 -30.79 -54.63
CA GLY G 283 -4.44 -29.50 -53.99
C GLY G 283 -5.59 -29.09 -53.09
N ILE G 284 -5.44 -27.88 -52.55
CA ILE G 284 -6.43 -27.25 -51.68
C ILE G 284 -6.86 -25.97 -52.37
N ALA G 285 -7.98 -26.05 -53.07
CA ALA G 285 -8.52 -24.89 -53.75
C ALA G 285 -9.10 -23.92 -52.75
N PRO G 286 -8.94 -22.62 -53.05
CA PRO G 286 -8.26 -21.99 -54.21
C PRO G 286 -6.90 -21.49 -53.81
N SER G 287 -6.24 -22.20 -52.91
CA SER G 287 -5.00 -21.70 -52.34
C SER G 287 -3.85 -21.91 -53.31
N LYS G 288 -2.70 -21.37 -52.94
CA LYS G 288 -1.45 -21.66 -53.61
C LYS G 288 -0.94 -23.09 -53.41
N TYR G 289 -1.49 -23.83 -52.46
CA TYR G 289 -1.08 -25.22 -52.21
C TYR G 289 -1.63 -26.17 -53.29
N THR G 290 -0.84 -26.41 -54.31
CA THR G 290 -1.25 -27.32 -55.39
C THR G 290 -1.15 -28.79 -54.96
N ARG G 291 -0.37 -29.07 -53.93
CA ARG G 291 -0.27 -30.39 -53.30
C ARG G 291 -0.67 -30.26 -51.85
N GLN G 292 -1.57 -31.12 -51.37
CA GLN G 292 -2.08 -31.04 -49.99
C GLN G 292 -0.98 -31.13 -48.93
N THR G 293 0.00 -31.98 -49.24
CA THR G 293 1.16 -32.26 -48.37
C THR G 293 2.11 -31.06 -48.23
N ASP G 294 2.02 -30.09 -49.13
CA ASP G 294 2.76 -28.84 -49.03
C ASP G 294 2.24 -27.93 -47.96
N SER G 295 0.99 -28.12 -47.57
CA SER G 295 0.38 -27.28 -46.57
C SER G 295 0.58 -27.86 -45.19
N ARG G 296 1.29 -27.11 -44.35
CA ARG G 296 1.53 -27.53 -43.01
C ARG G 296 0.28 -27.53 -42.16
N THR G 297 -0.67 -26.65 -42.45
CA THR G 297 -1.93 -26.66 -41.76
C THR G 297 -2.66 -27.95 -42.04
N PHE G 298 -2.61 -28.40 -43.29
CA PHE G 298 -3.21 -29.66 -43.67
C PHE G 298 -2.53 -30.83 -42.97
N VAL G 299 -1.20 -30.83 -42.97
CA VAL G 299 -0.46 -31.94 -42.41
C VAL G 299 -0.68 -32.05 -40.91
N SER G 300 -0.60 -30.94 -40.19
CA SER G 300 -0.81 -30.96 -38.75
C SER G 300 -2.25 -31.29 -38.37
N SER G 301 -3.20 -30.85 -39.15
CA SER G 301 -4.58 -31.18 -38.92
C SER G 301 -4.82 -32.66 -39.07
N LEU G 302 -4.18 -33.25 -40.07
CA LEU G 302 -4.33 -34.66 -40.33
C LEU G 302 -3.72 -35.48 -39.22
N GLY G 303 -2.63 -34.98 -38.64
CA GLY G 303 -2.01 -35.63 -37.51
C GLY G 303 -2.96 -35.67 -36.34
N ARG G 304 -3.65 -34.58 -36.11
CA ARG G 304 -4.61 -34.49 -35.03
C ARG G 304 -5.80 -35.43 -35.23
N THR G 305 -6.30 -35.47 -36.44
CA THR G 305 -7.43 -36.29 -36.76
C THR G 305 -7.04 -37.75 -36.62
N ALA G 306 -5.85 -38.08 -37.06
CA ALA G 306 -5.35 -39.41 -36.92
C ALA G 306 -5.24 -39.80 -35.46
N LEU G 307 -4.74 -38.91 -34.60
CA LEU G 307 -4.68 -39.25 -33.17
C LEU G 307 -6.06 -39.43 -32.52
N SER G 308 -7.10 -38.70 -32.94
CA SER G 308 -8.47 -39.05 -32.44
C SER G 308 -8.90 -40.46 -32.81
N ILE G 309 -8.67 -40.83 -34.06
CA ILE G 309 -9.01 -42.17 -34.53
C ILE G 309 -8.17 -43.21 -33.75
N ASP G 310 -6.88 -42.90 -33.52
CA ASP G 310 -6.02 -43.77 -32.68
C ASP G 310 -6.61 -43.93 -31.27
N ALA G 311 -7.13 -42.86 -30.71
CA ALA G 311 -7.77 -42.96 -29.42
C ALA G 311 -9.01 -43.82 -29.46
N ALA G 312 -9.79 -43.70 -30.52
CA ALA G 312 -10.99 -44.52 -30.65
C ALA G 312 -10.59 -45.99 -30.72
N GLU G 313 -9.51 -46.28 -31.42
CA GLU G 313 -9.01 -47.63 -31.53
C GLU G 313 -8.60 -48.22 -30.17
N MET G 314 -7.93 -47.41 -29.36
CA MET G 314 -7.54 -47.83 -28.04
C MET G 314 -8.73 -48.05 -27.11
N HIS G 315 -9.77 -47.22 -27.19
CA HIS G 315 -10.98 -47.39 -26.40
C HIS G 315 -11.62 -48.74 -26.70
N VAL G 316 -11.67 -49.07 -27.98
CA VAL G 316 -12.25 -50.30 -28.43
C VAL G 316 -11.41 -51.48 -27.96
N ALA G 317 -10.10 -51.40 -28.14
CA ALA G 317 -9.21 -52.47 -27.75
C ALA G 317 -9.22 -52.66 -26.24
N ARG G 318 -9.24 -51.58 -25.47
CA ARG G 318 -9.28 -51.71 -24.02
C ARG G 318 -10.52 -52.47 -23.58
N ALA G 319 -11.66 -52.15 -24.14
CA ALA G 319 -12.91 -52.79 -23.77
C ALA G 319 -12.89 -54.27 -24.17
N ALA G 320 -12.40 -54.54 -25.36
CA ALA G 320 -12.25 -55.91 -25.78
C ALA G 320 -11.39 -56.74 -24.83
N THR G 321 -10.28 -56.15 -24.43
CA THR G 321 -9.34 -56.80 -23.51
C THR G 321 -9.91 -57.01 -22.13
N ALA G 322 -10.66 -56.05 -21.63
CA ALA G 322 -11.30 -56.22 -20.34
C ALA G 322 -12.27 -57.40 -20.40
N LEU G 323 -13.03 -57.50 -21.49
CA LEU G 323 -14.01 -58.57 -21.65
C LEU G 323 -13.35 -59.93 -21.78
N ASP G 324 -12.29 -60.02 -22.57
CA ASP G 324 -11.54 -61.26 -22.70
C ASP G 324 -10.81 -61.68 -21.46
N ASP G 325 -10.19 -60.76 -20.75
CA ASP G 325 -9.45 -61.10 -19.54
C ASP G 325 -10.40 -61.69 -18.52
N ALA G 326 -11.58 -61.11 -18.38
CA ALA G 326 -12.55 -61.62 -17.44
C ALA G 326 -13.05 -63.00 -17.83
N ALA G 327 -13.30 -63.23 -19.10
CA ALA G 327 -13.76 -64.54 -19.57
C ALA G 327 -12.71 -65.62 -19.36
N TYR G 328 -11.46 -65.32 -19.64
CA TYR G 328 -10.38 -66.26 -19.47
C TYR G 328 -10.13 -66.57 -17.99
N ASP G 329 -10.27 -65.60 -17.12
CA ASP G 329 -10.06 -65.82 -15.71
C ASP G 329 -11.29 -66.32 -15.04
N ALA G 330 -12.40 -66.43 -15.75
CA ALA G 330 -13.66 -66.85 -15.15
C ALA G 330 -14.13 -65.97 -13.97
N VAL G 331 -13.87 -64.68 -14.07
CA VAL G 331 -14.41 -63.70 -13.11
C VAL G 331 -15.54 -62.88 -13.76
N ALA G 332 -16.47 -62.47 -12.91
CA ALA G 332 -17.54 -61.58 -13.29
C ALA G 332 -16.99 -60.16 -13.32
N LEU G 333 -17.31 -59.45 -14.40
CA LEU G 333 -17.06 -58.02 -14.48
C LEU G 333 -18.03 -57.32 -13.58
N PRO G 334 -17.53 -56.44 -12.68
CA PRO G 334 -18.48 -55.69 -11.89
C PRO G 334 -19.21 -54.68 -12.78
N ASP G 335 -20.32 -54.14 -12.27
CA ASP G 335 -21.11 -53.18 -13.01
C ASP G 335 -20.30 -51.98 -13.47
N SER G 336 -19.40 -51.51 -12.62
CA SER G 336 -18.61 -50.34 -12.96
C SER G 336 -17.74 -50.57 -14.20
N GLU G 337 -17.23 -51.77 -14.37
CA GLU G 337 -16.44 -52.06 -15.53
C GLU G 337 -17.29 -52.10 -16.80
N LEU G 338 -18.50 -52.63 -16.70
CA LEU G 338 -19.43 -52.68 -17.84
C LEU G 338 -19.91 -51.30 -18.24
N LEU G 339 -20.14 -50.44 -17.26
CA LEU G 339 -20.58 -49.08 -17.50
C LEU G 339 -19.48 -48.31 -18.21
N ARG G 340 -18.24 -48.58 -17.85
CA ARG G 340 -17.11 -48.00 -18.51
C ARG G 340 -17.01 -48.48 -19.95
N ILE G 341 -17.29 -49.75 -20.21
CA ILE G 341 -17.24 -50.29 -21.57
C ILE G 341 -18.28 -49.60 -22.43
N ARG G 342 -19.46 -49.33 -21.87
CA ARG G 342 -20.50 -48.67 -22.60
C ARG G 342 -20.08 -47.26 -22.99
N GLY G 343 -19.38 -46.60 -22.07
CA GLY G 343 -18.80 -45.29 -22.35
C GLY G 343 -17.73 -45.34 -23.40
N ASP G 344 -16.84 -46.32 -23.35
CA ASP G 344 -15.77 -46.45 -24.34
C ASP G 344 -16.29 -46.60 -25.75
N VAL G 345 -17.32 -47.41 -25.94
CA VAL G 345 -17.82 -47.66 -27.29
C VAL G 345 -18.52 -46.45 -27.90
N GLY G 346 -19.33 -45.73 -27.12
CA GLY G 346 -19.98 -44.54 -27.60
C GLY G 346 -18.98 -43.46 -27.89
N GLN G 347 -18.00 -43.34 -27.02
CA GLN G 347 -16.93 -42.39 -27.19
C GLN G 347 -16.10 -42.71 -28.43
N ALA G 348 -15.78 -43.98 -28.66
CA ALA G 348 -14.97 -44.32 -29.85
C ALA G 348 -15.70 -43.95 -31.13
N VAL G 349 -17.00 -44.27 -31.23
CA VAL G 349 -17.73 -44.00 -32.48
C VAL G 349 -17.98 -42.54 -32.68
N SER G 350 -18.16 -41.84 -31.59
CA SER G 350 -18.27 -40.38 -31.62
C SER G 350 -16.98 -39.68 -32.14
N LEU G 351 -15.87 -40.17 -31.65
CA LEU G 351 -14.58 -39.76 -32.11
C LEU G 351 -14.43 -40.06 -33.61
N VAL G 352 -14.92 -41.20 -34.06
CA VAL G 352 -14.82 -41.55 -35.47
C VAL G 352 -15.69 -40.67 -36.37
N THR G 353 -16.93 -40.36 -35.96
CA THR G 353 -17.77 -39.51 -36.77
C THR G 353 -17.22 -38.08 -36.83
N THR G 354 -16.64 -37.56 -35.75
CA THR G 354 -16.04 -36.25 -35.77
C THR G 354 -14.82 -36.28 -36.69
N ALA G 355 -14.04 -37.34 -36.63
CA ALA G 355 -12.87 -37.46 -37.46
C ALA G 355 -13.22 -37.55 -38.94
N LEU G 356 -14.33 -38.19 -39.28
CA LEU G 356 -14.77 -38.29 -40.65
C LEU G 356 -15.13 -36.93 -41.21
N ASP G 357 -15.75 -36.09 -40.40
CA ASP G 357 -16.07 -34.73 -40.77
C ASP G 357 -14.79 -33.99 -41.09
N GLU G 358 -13.78 -34.21 -40.28
CA GLU G 358 -12.46 -33.65 -40.48
C GLU G 358 -11.79 -34.16 -41.75
N LEU G 359 -11.96 -35.43 -42.06
CA LEU G 359 -11.35 -35.99 -43.27
C LEU G 359 -11.98 -35.43 -44.56
N LEU G 360 -13.27 -35.11 -44.53
CA LEU G 360 -13.91 -34.47 -45.65
C LEU G 360 -13.39 -33.06 -45.86
N TRP G 361 -13.11 -32.35 -44.77
CA TRP G 361 -12.51 -31.03 -44.87
C TRP G 361 -11.13 -31.14 -45.46
N ALA G 362 -10.41 -32.19 -45.11
CA ALA G 362 -9.10 -32.40 -45.67
C ALA G 362 -9.12 -32.72 -47.16
N HIS G 363 -10.00 -33.63 -47.53
CA HIS G 363 -10.04 -34.11 -48.90
C HIS G 363 -10.68 -33.13 -49.87
N GLY G 364 -11.76 -32.46 -49.47
CA GLY G 364 -12.41 -31.47 -50.32
C GLY G 364 -13.73 -31.94 -50.88
N ALA G 365 -14.24 -31.15 -51.82
CA ALA G 365 -15.54 -31.39 -52.45
C ALA G 365 -15.62 -32.72 -53.20
N ALA G 366 -14.51 -33.18 -53.73
CA ALA G 366 -14.45 -34.44 -54.46
C ALA G 366 -14.85 -35.63 -53.63
N SER G 367 -14.79 -35.48 -52.31
CA SER G 367 -15.12 -36.59 -51.46
C SER G 367 -16.59 -36.98 -51.55
N PHE G 368 -17.45 -36.09 -52.05
CA PHE G 368 -18.87 -36.39 -52.14
C PHE G 368 -19.30 -36.98 -53.50
N ALA G 369 -18.35 -37.25 -54.38
CA ALA G 369 -18.69 -37.88 -55.63
C ALA G 369 -19.08 -39.34 -55.38
N GLU G 370 -20.02 -39.86 -56.14
CA GLU G 370 -20.43 -41.25 -55.99
C GLU G 370 -19.27 -42.20 -56.28
N SER G 371 -18.36 -41.79 -57.13
CA SER G 371 -17.20 -42.62 -57.41
C SER G 371 -16.14 -42.64 -56.31
N ASN G 372 -16.22 -41.75 -55.33
CA ASN G 372 -15.23 -41.70 -54.28
C ASN G 372 -15.61 -42.56 -53.07
N PRO G 373 -14.75 -43.52 -52.67
CA PRO G 373 -15.07 -44.34 -51.47
C PRO G 373 -15.18 -43.57 -50.16
N LEU G 374 -14.66 -42.34 -50.12
CA LEU G 374 -14.68 -41.58 -48.90
C LEU G 374 -16.11 -41.30 -48.40
N GLN G 375 -17.03 -40.92 -49.28
CA GLN G 375 -18.39 -40.67 -48.87
C GLN G 375 -19.12 -41.96 -48.45
N ARG G 376 -18.70 -43.10 -48.96
CA ARG G 376 -19.26 -44.37 -48.54
C ARG G 376 -18.91 -44.68 -47.11
N TYR G 377 -17.66 -44.48 -46.74
CA TYR G 377 -17.23 -44.73 -45.39
C TYR G 377 -17.95 -43.74 -44.47
N TRP G 378 -18.09 -42.51 -44.93
CA TRP G 378 -18.74 -41.46 -44.19
C TRP G 378 -20.22 -41.79 -43.94
N ARG G 379 -20.94 -42.23 -44.97
CA ARG G 379 -22.34 -42.55 -44.79
C ARG G 379 -22.55 -43.82 -43.95
N ASP G 380 -21.76 -44.86 -44.18
CA ASP G 380 -21.94 -46.10 -43.43
C ASP G 380 -21.57 -46.00 -41.97
N ALA G 381 -20.45 -45.36 -41.68
CA ALA G 381 -20.03 -45.19 -40.30
C ALA G 381 -20.99 -44.32 -39.52
N ASN G 382 -21.47 -43.26 -40.13
CA ASN G 382 -22.42 -42.36 -39.47
C ASN G 382 -23.76 -43.01 -39.18
N THR G 383 -24.27 -43.82 -40.10
CA THR G 383 -25.50 -44.53 -39.92
C THR G 383 -25.37 -45.55 -38.80
N ALA G 384 -24.34 -46.37 -38.87
CA ALA G 384 -24.13 -47.43 -37.87
C ALA G 384 -23.82 -46.92 -36.47
N ALA G 385 -23.16 -45.78 -36.40
CA ALA G 385 -22.79 -45.21 -35.11
C ALA G 385 -23.97 -44.87 -34.23
N ARG G 386 -25.13 -44.58 -34.82
CA ARG G 386 -26.34 -44.21 -34.07
C ARG G 386 -27.17 -45.41 -33.65
N HIS G 387 -26.61 -46.60 -33.76
CA HIS G 387 -27.22 -47.76 -33.17
C HIS G 387 -27.34 -47.52 -31.68
N ALA G 388 -28.41 -47.98 -31.09
CA ALA G 388 -28.72 -47.74 -29.69
C ALA G 388 -27.66 -48.15 -28.67
N MET G 389 -26.98 -49.26 -28.92
CA MET G 389 -25.96 -49.73 -28.03
C MET G 389 -24.68 -48.94 -28.14
N LEU G 390 -24.62 -48.03 -29.10
CA LEU G 390 -23.47 -47.16 -29.26
C LEU G 390 -23.76 -45.71 -28.93
N ASN G 391 -24.89 -45.39 -28.30
CA ASN G 391 -25.28 -43.99 -28.12
C ASN G 391 -24.27 -43.30 -27.22
N VAL G 392 -23.67 -42.23 -27.73
CA VAL G 392 -22.59 -41.55 -27.00
C VAL G 392 -23.05 -40.84 -25.72
N HIS G 393 -24.19 -40.15 -25.80
CA HIS G 393 -24.76 -39.45 -24.67
C HIS G 393 -25.19 -40.42 -23.54
N VAL G 394 -25.75 -41.56 -23.92
CA VAL G 394 -26.12 -42.58 -22.93
C VAL G 394 -24.86 -43.14 -22.28
N GLY G 395 -23.83 -43.39 -23.08
CA GLY G 395 -22.58 -43.93 -22.56
C GLY G 395 -21.94 -42.99 -21.57
N HIS G 396 -21.97 -41.70 -21.89
CA HIS G 396 -21.41 -40.67 -21.01
C HIS G 396 -22.13 -40.65 -19.70
N GLU G 397 -23.45 -40.78 -19.73
CA GLU G 397 -24.25 -40.76 -18.54
C GLU G 397 -24.04 -42.01 -17.72
N LEU G 398 -23.90 -43.15 -18.36
CA LEU G 398 -23.64 -44.40 -17.67
C LEU G 398 -22.28 -44.42 -16.97
N TYR G 399 -21.24 -43.97 -17.66
CA TYR G 399 -19.91 -44.00 -17.10
C TYR G 399 -19.81 -43.00 -15.97
N GLY G 400 -20.41 -41.84 -16.15
CA GLY G 400 -20.40 -40.79 -15.14
C GLY G 400 -21.11 -41.24 -13.90
N GLY G 401 -22.19 -41.96 -14.10
CA GLY G 401 -23.00 -42.47 -13.04
C GLY G 401 -22.29 -43.51 -12.19
N SER G 402 -21.42 -44.27 -12.81
CA SER G 402 -20.68 -45.31 -12.13
C SER G 402 -19.79 -44.77 -11.05
N PHE G 403 -19.28 -43.57 -11.23
CA PHE G 403 -18.45 -42.94 -10.22
C PHE G 403 -19.14 -42.69 -8.89
N PHE G 404 -20.48 -42.63 -8.91
CA PHE G 404 -21.30 -42.34 -7.74
C PHE G 404 -22.30 -43.46 -7.40
N GLY G 405 -22.24 -44.56 -8.15
CA GLY G 405 -23.18 -45.68 -7.99
C GLY G 405 -24.64 -45.32 -8.21
N LEU G 406 -24.95 -44.47 -9.18
CA LEU G 406 -26.33 -44.12 -9.51
C LEU G 406 -27.02 -45.27 -10.21
N ASP G 407 -28.34 -45.31 -10.18
CA ASP G 407 -29.07 -46.36 -10.90
C ASP G 407 -28.82 -46.19 -12.38
N PRO G 408 -28.38 -47.28 -13.07
CA PRO G 408 -28.20 -47.04 -14.51
C PRO G 408 -29.47 -46.70 -15.26
N ILE G 409 -29.30 -45.98 -16.36
CA ILE G 409 -30.40 -45.51 -17.17
C ILE G 409 -30.78 -46.49 -18.26
N VAL G 410 -30.12 -47.64 -18.30
CA VAL G 410 -30.48 -48.67 -19.24
C VAL G 410 -30.90 -49.88 -18.44
N PRO G 411 -31.78 -50.73 -19.00
CA PRO G 411 -32.21 -51.85 -18.15
C PRO G 411 -31.18 -52.97 -17.96
N SER G 412 -30.31 -53.25 -18.93
CA SER G 412 -29.32 -54.29 -18.73
C SER G 412 -27.95 -53.86 -19.18
N LEU G 413 -26.94 -54.51 -18.63
CA LEU G 413 -25.56 -54.24 -18.97
C LEU G 413 -24.89 -55.45 -19.58
N THR H 18 7.23 -65.65 -19.71
CA THR H 18 6.60 -64.50 -18.98
C THR H 18 7.17 -64.39 -17.56
N ASP H 19 8.31 -65.04 -17.30
CA ASP H 19 8.89 -65.01 -15.99
C ASP H 19 9.34 -63.55 -15.70
N ILE H 20 10.01 -62.94 -16.67
CA ILE H 20 10.49 -61.55 -16.55
C ILE H 20 9.29 -60.58 -16.53
N ARG H 21 8.28 -60.89 -17.33
CA ARG H 21 7.10 -60.08 -17.41
C ARG H 21 6.49 -60.02 -16.01
N SER H 22 6.53 -61.14 -15.30
CA SER H 22 5.96 -61.19 -13.98
C SER H 22 6.78 -60.37 -12.99
N GLU H 23 8.09 -60.47 -13.15
CA GLU H 23 9.06 -59.80 -12.30
C GLU H 23 8.94 -58.29 -12.43
N THR H 24 8.83 -57.83 -13.66
CA THR H 24 8.77 -56.41 -13.94
C THR H 24 7.48 -55.84 -13.36
N ALA H 25 6.40 -56.60 -13.47
CA ALA H 25 5.13 -56.19 -12.90
C ALA H 25 5.19 -56.15 -11.38
N GLU H 26 5.89 -57.10 -10.79
CA GLU H 26 6.01 -57.14 -9.33
C GLU H 26 6.76 -55.93 -8.80
N LEU H 27 7.80 -55.53 -9.49
CA LEU H 27 8.60 -54.41 -9.07
C LEU H 27 7.80 -53.12 -9.19
N ARG H 28 7.06 -52.99 -10.27
CA ARG H 28 6.26 -51.81 -10.48
C ARG H 28 5.26 -51.62 -9.36
N ALA H 29 4.61 -52.69 -8.96
CA ALA H 29 3.65 -52.63 -7.88
C ALA H 29 4.30 -52.20 -6.60
N GLU H 30 5.49 -52.72 -6.34
CA GLU H 30 6.24 -52.38 -5.14
C GLU H 30 6.58 -50.89 -5.15
N LEU H 31 7.01 -50.39 -6.30
CA LEU H 31 7.36 -48.99 -6.42
C LEU H 31 6.16 -48.09 -6.28
N VAL H 32 5.02 -48.53 -6.80
CA VAL H 32 3.81 -47.76 -6.66
C VAL H 32 3.45 -47.72 -5.17
N GLU H 33 3.63 -48.82 -4.47
CA GLU H 33 3.33 -48.83 -3.05
C GLU H 33 4.29 -47.92 -2.30
N ARG H 34 5.54 -47.80 -2.74
CA ARG H 34 6.46 -46.85 -2.10
C ARG H 34 6.00 -45.41 -2.23
N VAL H 35 5.48 -45.06 -3.40
CA VAL H 35 4.92 -43.75 -3.62
C VAL H 35 3.83 -43.48 -2.60
N HIS H 36 2.95 -44.45 -2.37
CA HIS H 36 1.87 -44.27 -1.40
C HIS H 36 2.40 -44.11 0.00
N LYS H 37 3.46 -44.83 0.32
CA LYS H 37 4.07 -44.76 1.62
C LYS H 37 4.72 -43.41 1.90
N PHE H 38 5.47 -42.91 0.94
CA PHE H 38 6.17 -41.64 1.09
C PHE H 38 5.33 -40.46 0.67
N GLY H 39 4.18 -40.70 0.08
CA GLY H 39 3.33 -39.65 -0.42
C GLY H 39 2.91 -38.62 0.60
N PRO H 40 2.51 -39.04 1.82
CA PRO H 40 2.15 -38.04 2.83
C PRO H 40 3.26 -37.04 3.18
N VAL H 41 4.54 -37.42 3.05
CA VAL H 41 5.67 -36.49 3.25
C VAL H 41 5.68 -35.45 2.15
N PHE H 42 5.59 -35.90 0.91
CA PHE H 42 5.58 -34.99 -0.23
C PHE H 42 4.39 -34.05 -0.15
N ALA H 43 3.24 -34.56 0.21
CA ALA H 43 2.05 -33.74 0.33
C ALA H 43 2.20 -32.68 1.41
N ASP H 44 2.84 -33.06 2.49
CA ASP H 44 3.06 -32.18 3.60
C ASP H 44 3.91 -30.98 3.28
N GLY H 45 4.84 -31.13 2.36
CA GLY H 45 5.71 -30.07 1.97
C GLY H 45 5.24 -29.23 0.80
N VAL H 46 3.99 -29.38 0.37
CA VAL H 46 3.47 -28.64 -0.76
C VAL H 46 3.45 -27.15 -0.45
N ALA H 47 2.98 -26.76 0.72
CA ALA H 47 2.89 -25.34 1.06
C ALA H 47 4.24 -24.66 1.12
N GLU H 48 5.22 -25.31 1.70
CA GLU H 48 6.54 -24.74 1.77
C GLU H 48 7.16 -24.66 0.38
N GLY H 49 6.96 -25.69 -0.43
CA GLY H 49 7.50 -25.70 -1.78
C GLY H 49 6.98 -24.59 -2.65
N GLU H 50 5.70 -24.32 -2.50
CA GLU H 50 5.01 -23.28 -3.23
C GLU H 50 5.53 -21.88 -2.87
N ARG H 51 5.76 -21.72 -1.58
CA ARG H 51 6.27 -20.52 -0.96
C ARG H 51 7.74 -20.24 -1.30
N GLU H 52 8.57 -21.27 -1.28
CA GLU H 52 10.02 -21.12 -1.48
C GLU H 52 10.54 -21.44 -2.89
N ARG H 53 9.70 -22.02 -3.74
CA ARG H 53 10.11 -22.39 -5.10
C ARG H 53 11.25 -23.40 -5.16
N ARG H 54 11.27 -24.32 -4.21
CA ARG H 54 12.25 -25.42 -4.17
C ARG H 54 11.58 -26.51 -3.36
N LEU H 55 12.07 -27.73 -3.47
CA LEU H 55 11.50 -28.83 -2.69
C LEU H 55 12.00 -28.75 -1.27
N PRO H 56 11.13 -28.95 -0.27
CA PRO H 56 11.61 -28.98 1.11
C PRO H 56 12.61 -30.08 1.39
N ASP H 57 13.41 -29.92 2.45
CA ASP H 57 14.40 -30.93 2.81
C ASP H 57 13.79 -32.31 3.07
N ALA H 58 12.62 -32.34 3.70
CA ALA H 58 11.99 -33.62 3.99
C ALA H 58 11.65 -34.38 2.70
N THR H 59 11.20 -33.64 1.68
CA THR H 59 10.85 -34.23 0.39
C THR H 59 12.07 -34.80 -0.28
N VAL H 60 13.17 -34.07 -0.25
CA VAL H 60 14.39 -34.56 -0.84
C VAL H 60 14.85 -35.81 -0.12
N ARG H 61 14.72 -35.82 1.20
CA ARG H 61 15.10 -36.99 1.99
C ARG H 61 14.28 -38.18 1.57
N ALA H 62 12.98 -37.98 1.43
CA ALA H 62 12.06 -39.04 1.05
C ALA H 62 12.37 -39.57 -0.36
N ILE H 63 12.77 -38.69 -1.27
CA ILE H 63 13.14 -39.11 -2.60
C ILE H 63 14.36 -40.01 -2.53
N ASP H 64 15.33 -39.66 -1.70
CA ASP H 64 16.55 -40.50 -1.58
C ASP H 64 16.29 -41.85 -0.89
N GLN H 65 15.50 -41.84 0.19
CA GLN H 65 15.15 -43.07 0.87
C GLN H 65 14.28 -44.01 0.05
N SER H 66 13.30 -43.48 -0.68
CA SER H 66 12.38 -44.30 -1.52
C SER H 66 13.06 -44.93 -2.73
N GLN H 67 14.20 -44.38 -3.11
CA GLN H 67 14.96 -44.77 -4.30
C GLN H 67 14.23 -44.43 -5.61
N LEU H 68 13.25 -43.52 -5.56
CA LEU H 68 12.47 -43.16 -6.74
C LEU H 68 13.25 -42.35 -7.81
N ALA H 69 14.39 -41.81 -7.41
CA ALA H 69 15.33 -41.23 -8.35
C ALA H 69 16.20 -42.27 -9.04
N MET H 70 16.08 -43.53 -8.67
CA MET H 70 17.02 -44.57 -9.12
C MET H 70 16.43 -45.56 -10.14
N LEU H 71 15.20 -45.31 -10.57
CA LEU H 71 14.53 -46.19 -11.51
C LEU H 71 15.29 -46.35 -12.82
N TRP H 72 15.93 -45.30 -13.30
CA TRP H 72 16.68 -45.40 -14.55
C TRP H 72 18.18 -45.39 -14.37
N THR H 73 18.63 -45.80 -13.18
CA THR H 73 20.04 -45.96 -12.86
C THR H 73 20.35 -47.44 -13.01
N ALA H 74 21.53 -47.74 -13.54
CA ALA H 74 21.93 -49.12 -13.79
C ALA H 74 22.11 -49.97 -12.54
N LYS H 75 21.77 -51.25 -12.67
CA LYS H 75 21.90 -52.23 -11.60
C LYS H 75 23.33 -52.43 -11.19
N SER H 76 24.24 -52.30 -12.14
CA SER H 76 25.65 -52.45 -11.86
C SER H 76 26.12 -51.40 -10.84
N TYR H 77 25.46 -50.25 -10.77
CA TYR H 77 25.77 -49.24 -9.76
C TYR H 77 24.82 -49.21 -8.54
N GLY H 78 24.00 -50.26 -8.39
CA GLY H 78 23.00 -50.31 -7.33
C GLY H 78 21.65 -49.65 -7.63
N GLY H 79 21.42 -49.31 -8.89
CA GLY H 79 20.14 -48.77 -9.32
C GLY H 79 19.07 -49.82 -9.58
N LEU H 80 17.83 -49.38 -9.70
CA LEU H 80 16.71 -50.30 -9.86
C LEU H 80 16.52 -50.76 -11.31
N GLU H 81 17.06 -50.00 -12.27
CA GLU H 81 17.06 -50.32 -13.71
C GLU H 81 15.71 -50.90 -14.22
N THR H 82 14.65 -50.08 -14.21
CA THR H 82 13.31 -50.50 -14.63
C THR H 82 13.11 -50.20 -16.13
N ASP H 83 11.88 -49.96 -16.53
CA ASP H 83 11.57 -49.67 -17.91
C ASP H 83 10.71 -48.41 -17.97
N VAL H 84 10.31 -48.02 -19.16
CA VAL H 84 9.56 -46.79 -19.32
C VAL H 84 8.19 -46.86 -18.66
N ARG H 85 7.53 -47.98 -18.82
CA ARG H 85 6.20 -48.12 -18.30
C ARG H 85 6.18 -48.00 -16.79
N THR H 86 7.18 -48.54 -16.11
CA THR H 86 7.22 -48.47 -14.66
C THR H 86 7.43 -47.04 -14.20
N MET H 87 8.31 -46.33 -14.88
CA MET H 87 8.61 -44.97 -14.54
C MET H 87 7.38 -44.09 -14.73
N SER H 88 6.65 -44.35 -15.80
CA SER H 88 5.44 -43.67 -16.11
C SER H 88 4.36 -43.87 -15.05
N GLU H 89 4.14 -45.12 -14.63
CA GLU H 89 3.13 -45.38 -13.64
C GLU H 89 3.52 -44.76 -12.30
N VAL H 90 4.80 -44.75 -11.98
CA VAL H 90 5.25 -44.08 -10.75
C VAL H 90 5.01 -42.57 -10.78
N ALA H 91 5.35 -41.94 -11.89
CA ALA H 91 5.14 -40.51 -12.09
C ALA H 91 3.69 -40.11 -11.95
N LYS H 92 2.78 -40.91 -12.49
CA LYS H 92 1.35 -40.61 -12.42
C LYS H 92 0.88 -40.59 -10.98
N VAL H 93 1.33 -41.55 -10.20
CA VAL H 93 0.87 -41.66 -8.82
C VAL H 93 1.52 -40.57 -7.96
N LEU H 94 2.79 -40.30 -8.20
CA LEU H 94 3.48 -39.20 -7.52
C LEU H 94 2.77 -37.87 -7.62
N SER H 95 2.30 -37.53 -8.81
CA SER H 95 1.55 -36.29 -9.07
C SER H 95 0.34 -36.06 -8.16
N HIS H 96 -0.28 -37.11 -7.67
CA HIS H 96 -1.39 -36.95 -6.75
C HIS H 96 -0.96 -36.26 -5.48
N TYR H 97 0.27 -36.51 -5.05
CA TYR H 97 0.74 -35.97 -3.80
C TYR H 97 1.43 -34.64 -4.01
N CYS H 98 2.30 -34.56 -4.99
CA CYS H 98 2.97 -33.30 -5.33
C CYS H 98 3.42 -33.31 -6.79
N PRO H 99 2.74 -32.53 -7.66
CA PRO H 99 3.15 -32.54 -9.07
C PRO H 99 4.58 -32.06 -9.30
N SER H 100 5.06 -31.14 -8.46
CA SER H 100 6.45 -30.67 -8.57
C SER H 100 7.49 -31.75 -8.26
N THR H 101 7.23 -32.52 -7.21
CA THR H 101 8.08 -33.65 -6.82
C THR H 101 8.08 -34.64 -7.95
N SER H 102 6.89 -34.96 -8.47
CA SER H 102 6.79 -35.88 -9.61
C SER H 102 7.61 -35.37 -10.77
N TRP H 103 7.49 -34.09 -11.07
CA TRP H 103 8.23 -33.52 -12.17
C TRP H 103 9.74 -33.62 -11.96
N VAL H 104 10.19 -33.36 -10.74
CA VAL H 104 11.62 -33.41 -10.46
C VAL H 104 12.12 -34.85 -10.57
N VAL H 105 11.40 -35.78 -9.94
CA VAL H 105 11.76 -37.17 -9.98
C VAL H 105 11.86 -37.66 -11.42
N ASN H 106 10.93 -37.27 -12.27
CA ASN H 106 10.92 -37.62 -13.68
C ASN H 106 12.15 -37.06 -14.37
N ASN H 107 12.50 -35.82 -14.08
CA ASN H 107 13.63 -35.19 -14.70
C ASN H 107 14.91 -35.88 -14.26
N VAL H 108 15.02 -36.26 -13.00
CA VAL H 108 16.24 -36.90 -12.52
C VAL H 108 16.50 -38.25 -13.20
N ASN H 109 15.47 -39.09 -13.22
CA ASN H 109 15.58 -40.38 -13.91
C ASN H 109 15.93 -40.19 -15.36
N GLY H 110 15.24 -39.26 -16.01
CA GLY H 110 15.55 -39.02 -17.41
C GLY H 110 16.96 -38.53 -17.63
N SER H 111 17.44 -37.68 -16.73
CA SER H 111 18.80 -37.18 -16.87
C SER H 111 19.80 -38.27 -16.66
N ASN H 112 19.52 -39.13 -15.68
CA ASN H 112 20.38 -40.26 -15.41
C ASN H 112 20.43 -41.20 -16.62
N LEU H 113 19.30 -41.39 -17.30
CA LEU H 113 19.30 -42.22 -18.47
C LEU H 113 20.13 -41.58 -19.58
N LEU H 114 20.06 -40.26 -19.71
CA LEU H 114 20.84 -39.54 -20.71
C LEU H 114 22.32 -39.66 -20.45
N ALA H 115 22.69 -39.78 -19.18
CA ALA H 115 24.08 -39.90 -18.79
C ALA H 115 24.74 -41.13 -19.37
N SER H 116 23.96 -42.18 -19.63
CA SER H 116 24.49 -43.39 -20.17
C SER H 116 25.12 -43.28 -21.56
N LYS H 117 24.92 -42.18 -22.27
CA LYS H 117 25.63 -41.98 -23.52
C LYS H 117 27.08 -41.59 -23.34
N PHE H 118 27.42 -41.16 -22.13
CA PHE H 118 28.79 -40.77 -21.81
C PHE H 118 29.69 -42.00 -21.62
N PRO H 119 31.04 -41.79 -21.64
CA PRO H 119 31.88 -42.95 -21.44
C PRO H 119 31.82 -43.53 -20.06
N ARG H 120 32.32 -44.75 -19.93
CA ARG H 120 32.32 -45.46 -18.67
C ARG H 120 33.06 -44.69 -17.60
N ALA H 121 34.12 -44.00 -17.98
CA ALA H 121 34.88 -43.19 -17.06
C ALA H 121 34.01 -42.14 -16.35
N ALA H 122 33.15 -41.48 -17.12
CA ALA H 122 32.21 -40.49 -16.59
C ALA H 122 31.17 -41.16 -15.71
N LEU H 123 30.58 -42.24 -16.21
CA LEU H 123 29.55 -42.97 -15.46
C LEU H 123 30.05 -43.48 -14.11
N ASP H 124 31.27 -44.00 -14.09
CA ASP H 124 31.92 -44.43 -12.84
C ASP H 124 32.10 -43.24 -11.91
N GLU H 125 32.60 -42.12 -12.45
CA GLU H 125 32.78 -40.92 -11.63
C GLU H 125 31.47 -40.42 -11.01
N VAL H 126 30.35 -40.56 -11.73
CA VAL H 126 29.04 -40.10 -11.27
C VAL H 126 28.38 -41.09 -10.31
N PHE H 127 28.31 -42.35 -10.72
CA PHE H 127 27.51 -43.39 -10.02
C PHE H 127 28.32 -44.40 -9.17
N GLY H 128 29.63 -44.42 -9.37
CA GLY H 128 30.53 -45.38 -8.71
C GLY H 128 30.40 -45.53 -7.22
N ASP H 129 30.33 -44.42 -6.48
CA ASP H 129 30.16 -44.42 -5.01
C ASP H 129 28.84 -43.76 -4.61
N ALA H 130 27.91 -43.63 -5.56
CA ALA H 130 26.67 -42.87 -5.35
C ALA H 130 25.55 -43.53 -6.16
N PRO H 131 25.01 -44.66 -5.67
CA PRO H 131 23.87 -45.31 -6.34
C PRO H 131 22.64 -44.36 -6.51
N GLY H 132 22.45 -43.45 -5.55
CA GLY H 132 21.39 -42.44 -5.58
C GLY H 132 21.77 -41.09 -6.20
N ALA H 133 22.78 -41.07 -7.07
CA ALA H 133 23.16 -39.82 -7.73
C ALA H 133 22.00 -39.26 -8.53
N LYS H 134 21.89 -37.93 -8.53
CA LYS H 134 20.79 -37.21 -9.17
C LYS H 134 21.30 -36.17 -10.14
N LEU H 135 20.98 -36.33 -11.43
CA LEU H 135 21.38 -35.38 -12.48
C LEU H 135 20.27 -34.43 -12.91
N ALA H 136 20.67 -33.20 -13.25
CA ALA H 136 19.90 -32.27 -14.04
C ALA H 136 20.31 -32.41 -15.49
N SER H 137 19.52 -31.82 -16.37
CA SER H 137 19.90 -31.76 -17.76
C SER H 137 19.12 -30.64 -18.40
N VAL H 138 19.83 -29.75 -19.09
CA VAL H 138 19.19 -28.66 -19.78
C VAL H 138 19.72 -28.57 -21.21
N PHE H 139 18.78 -28.64 -22.14
CA PHE H 139 19.02 -28.55 -23.57
C PHE H 139 18.46 -27.22 -24.08
N ALA H 140 17.93 -26.43 -23.15
CA ALA H 140 17.29 -25.12 -23.37
C ALA H 140 18.24 -23.96 -23.70
N ALA H 141 19.55 -24.17 -23.64
CA ALA H 141 20.50 -23.14 -24.00
C ALA H 141 21.69 -23.86 -24.49
N ALA H 142 22.52 -23.06 -25.12
CA ALA H 142 23.82 -23.47 -25.45
C ALA H 142 24.74 -22.44 -24.77
N GLY H 143 25.88 -22.95 -24.39
CA GLY H 143 26.90 -22.22 -23.76
C GLY H 143 27.95 -22.40 -24.83
N THR H 144 29.10 -21.87 -24.57
CA THR H 144 30.09 -21.88 -25.57
C THR H 144 31.31 -22.55 -24.94
N ALA H 145 31.89 -23.48 -25.67
CA ALA H 145 33.00 -24.26 -25.18
C ALA H 145 34.15 -24.19 -26.14
N VAL H 146 35.35 -24.13 -25.62
CA VAL H 146 36.53 -24.07 -26.45
C VAL H 146 37.55 -25.07 -25.94
N ARG H 147 38.29 -25.67 -26.88
CA ARG H 147 39.30 -26.68 -26.53
C ARG H 147 40.44 -26.11 -25.73
N THR H 148 40.84 -26.87 -24.72
CA THR H 148 41.95 -26.53 -23.85
C THR H 148 42.69 -27.84 -23.65
N PRO H 149 43.97 -27.81 -23.17
CA PRO H 149 44.58 -29.13 -23.01
C PRO H 149 43.91 -29.97 -21.95
N GLY H 150 43.61 -31.20 -22.33
CA GLY H 150 42.94 -32.17 -21.46
C GLY H 150 41.43 -32.06 -21.44
N GLY H 151 40.86 -31.13 -22.19
CA GLY H 151 39.42 -30.96 -22.20
C GLY H 151 38.88 -29.73 -22.88
N TYR H 152 38.00 -29.03 -22.16
CA TYR H 152 37.33 -27.83 -22.66
C TYR H 152 37.20 -26.78 -21.56
N ARG H 153 37.01 -25.54 -21.99
CA ARG H 153 36.67 -24.43 -21.12
C ARG H 153 35.26 -24.01 -21.53
N LEU H 154 34.34 -23.98 -20.58
CA LEU H 154 32.91 -23.82 -20.85
C LEU H 154 32.32 -22.59 -20.17
N THR H 155 31.61 -21.79 -20.94
CA THR H 155 30.92 -20.61 -20.43
C THR H 155 29.50 -20.62 -20.97
N GLY H 156 28.53 -20.30 -20.11
CA GLY H 156 27.15 -20.19 -20.54
C GLY H 156 26.16 -19.91 -19.43
N SER H 157 24.90 -19.76 -19.83
CA SER H 157 23.82 -19.52 -18.91
C SER H 157 22.61 -20.35 -19.37
N TRP H 158 22.21 -21.32 -18.56
CA TRP H 158 21.19 -22.32 -18.93
C TRP H 158 19.97 -22.18 -18.05
N PRO H 159 18.85 -21.61 -18.58
CA PRO H 159 17.58 -21.54 -17.82
C PRO H 159 16.84 -22.87 -17.79
N TYR H 160 15.78 -22.92 -17.00
CA TYR H 160 14.94 -24.12 -16.84
C TYR H 160 15.69 -25.37 -16.31
N GLY H 161 16.50 -25.17 -15.28
CA GLY H 161 17.28 -26.28 -14.72
C GLY H 161 16.49 -26.96 -13.64
N THR H 162 15.56 -27.82 -14.04
CA THR H 162 14.75 -28.52 -13.05
C THR H 162 15.55 -29.27 -12.03
N GLY H 163 15.19 -29.04 -10.77
CA GLY H 163 15.79 -29.69 -9.62
C GLY H 163 17.27 -29.46 -9.37
N ILE H 164 17.86 -28.42 -9.98
CA ILE H 164 19.30 -28.19 -9.95
C ILE H 164 19.81 -27.92 -8.54
N LEU H 165 18.99 -27.30 -7.70
CA LEU H 165 19.36 -27.10 -6.31
C LEU H 165 19.68 -28.37 -5.54
N HIS H 166 19.08 -29.50 -5.88
CA HIS H 166 19.31 -30.78 -5.18
C HIS H 166 20.17 -31.75 -5.96
N ASP H 167 20.67 -31.33 -7.11
CA ASP H 167 21.33 -32.27 -8.03
C ASP H 167 22.84 -32.31 -7.80
N ASP H 168 23.43 -33.46 -8.11
CA ASP H 168 24.85 -33.71 -7.89
C ASP H 168 25.63 -33.35 -9.12
N TRP H 169 25.03 -33.52 -10.29
CA TRP H 169 25.64 -33.20 -11.59
C TRP H 169 24.60 -32.62 -12.53
N ALA H 170 25.05 -32.04 -13.64
CA ALA H 170 24.19 -31.46 -14.65
C ALA H 170 24.74 -31.80 -16.03
N ILE H 171 23.85 -32.19 -16.93
CA ILE H 171 24.19 -32.35 -18.35
C ILE H 171 23.77 -31.09 -19.05
N LEU H 172 24.72 -30.39 -19.64
CA LEU H 172 24.45 -29.13 -20.31
C LEU H 172 24.89 -29.17 -21.77
N VAL H 173 24.09 -28.59 -22.63
CA VAL H 173 24.38 -28.51 -24.05
C VAL H 173 25.22 -27.28 -24.36
N ALA H 174 26.16 -27.41 -25.28
CA ALA H 174 26.98 -26.30 -25.67
C ALA H 174 27.43 -26.37 -27.09
N ARG H 175 27.92 -25.24 -27.57
CA ARG H 175 28.46 -25.17 -28.91
C ARG H 175 29.93 -25.04 -28.79
N GLU H 176 30.66 -25.92 -29.45
CA GLU H 176 32.11 -25.80 -29.50
C GLU H 176 32.49 -24.70 -30.49
N VAL H 177 33.51 -23.93 -30.14
CA VAL H 177 34.00 -22.87 -31.01
C VAL H 177 35.51 -22.90 -30.99
N ASP H 178 36.12 -22.32 -32.02
CA ASP H 178 37.57 -22.29 -32.11
C ASP H 178 38.12 -21.00 -31.49
N ALA H 179 39.42 -20.80 -31.66
CA ALA H 179 40.10 -19.62 -31.14
C ALA H 179 39.53 -18.37 -31.78
N ASP H 180 39.20 -18.48 -33.06
CA ASP H 180 38.57 -17.38 -33.76
C ASP H 180 37.18 -17.12 -33.23
N GLY H 181 36.53 -18.14 -32.69
CA GLY H 181 35.18 -18.00 -32.17
C GLY H 181 34.14 -18.47 -33.16
N GLU H 182 34.60 -19.15 -34.20
CA GLU H 182 33.72 -19.72 -35.19
C GLU H 182 33.14 -21.05 -34.71
N PRO H 183 31.90 -21.37 -35.07
CA PRO H 183 31.31 -22.64 -34.60
C PRO H 183 31.97 -23.89 -35.16
N VAL H 184 32.21 -24.87 -34.30
CA VAL H 184 32.81 -26.13 -34.72
C VAL H 184 31.82 -27.26 -34.70
N GLY H 185 31.06 -27.38 -33.62
CA GLY H 185 30.10 -28.47 -33.51
C GLY H 185 29.32 -28.37 -32.22
N GLY H 186 28.43 -29.32 -32.00
CA GLY H 186 27.62 -29.35 -30.79
C GLY H 186 28.21 -30.29 -29.75
N LEU H 187 28.05 -29.96 -28.48
CA LEU H 187 28.54 -30.83 -27.41
C LEU H 187 27.55 -31.07 -26.30
N SER H 188 27.73 -32.17 -25.58
CA SER H 188 27.02 -32.41 -24.37
C SER H 188 28.03 -32.58 -23.26
N MET H 189 27.84 -31.87 -22.15
CA MET H 189 28.86 -31.83 -21.12
C MET H 189 28.36 -32.12 -19.76
N LEU H 190 29.11 -32.94 -19.04
CA LEU H 190 28.70 -33.36 -17.72
C LEU H 190 29.53 -32.62 -16.70
N VAL H 191 28.87 -31.81 -15.86
CA VAL H 191 29.61 -31.00 -14.91
C VAL H 191 29.00 -31.09 -13.53
N PRO H 192 29.84 -31.17 -12.51
CA PRO H 192 29.43 -31.37 -11.13
C PRO H 192 28.92 -30.14 -10.44
N ALA H 193 28.21 -30.37 -9.35
CA ALA H 193 27.61 -29.30 -8.55
C ALA H 193 28.65 -28.32 -8.03
N ARG H 194 29.81 -28.83 -7.65
CA ARG H 194 30.90 -27.99 -7.13
C ARG H 194 31.34 -26.94 -8.14
N ASP H 195 31.27 -27.27 -9.43
CA ASP H 195 31.64 -26.33 -10.46
C ASP H 195 30.54 -25.42 -10.91
N LEU H 196 29.31 -25.61 -10.45
CA LEU H 196 28.17 -24.80 -10.91
C LEU H 196 27.82 -23.68 -9.97
N THR H 197 27.12 -22.72 -10.53
CA THR H 197 26.50 -21.65 -9.79
C THR H 197 25.05 -21.61 -10.19
N VAL H 198 24.16 -21.37 -9.25
CA VAL H 198 22.75 -21.32 -9.55
C VAL H 198 22.23 -19.93 -9.29
N GLU H 199 21.51 -19.42 -10.26
CA GLU H 199 20.98 -18.10 -10.21
C GLU H 199 19.47 -18.20 -10.04
N ASP H 200 18.90 -17.39 -9.19
CA ASP H 200 17.49 -17.48 -8.88
C ASP H 200 16.64 -16.79 -9.93
N THR H 201 16.11 -17.57 -10.85
CA THR H 201 15.32 -17.04 -11.92
C THR H 201 13.96 -17.65 -12.09
N TRP H 202 13.61 -18.65 -11.29
CA TRP H 202 12.37 -19.38 -11.48
C TRP H 202 11.23 -18.72 -10.70
N HIS H 203 10.47 -17.89 -11.40
CA HIS H 203 9.32 -17.20 -10.83
C HIS H 203 8.13 -17.47 -11.69
N THR H 204 7.33 -18.44 -11.29
CA THR H 204 6.22 -18.91 -12.10
C THR H 204 4.99 -19.11 -11.29
N VAL H 205 3.87 -19.33 -11.97
CA VAL H 205 2.60 -19.53 -11.28
C VAL H 205 2.24 -21.00 -11.19
N GLY H 206 3.10 -21.88 -11.69
CA GLY H 206 2.88 -23.30 -11.60
C GLY H 206 4.20 -24.02 -11.58
N MET H 207 4.21 -25.23 -11.02
CA MET H 207 5.40 -26.04 -10.86
C MET H 207 6.49 -25.24 -10.13
N ARG H 208 6.09 -24.47 -9.12
CA ARG H 208 7.01 -23.62 -8.39
C ARG H 208 8.12 -24.36 -7.66
N ALA H 209 7.79 -25.46 -6.98
CA ALA H 209 8.79 -26.19 -6.21
C ALA H 209 9.79 -26.96 -7.04
N THR H 210 9.59 -27.03 -8.35
CA THR H 210 10.55 -27.68 -9.21
C THR H 210 11.89 -26.97 -9.24
N GLY H 211 11.95 -25.70 -8.85
CA GLY H 211 13.19 -24.98 -8.78
C GLY H 211 13.99 -24.97 -10.06
N SER H 212 13.32 -24.69 -11.16
CA SER H 212 13.93 -24.71 -12.47
C SER H 212 14.69 -23.41 -12.76
N HIS H 213 15.75 -23.23 -11.99
CA HIS H 213 16.55 -22.00 -11.97
C HIS H 213 17.60 -22.02 -13.07
N THR H 214 18.41 -20.95 -13.15
CA THR H 214 19.40 -20.82 -14.21
C THR H 214 20.75 -21.29 -13.70
N VAL H 215 21.39 -22.13 -14.49
CA VAL H 215 22.73 -22.61 -14.22
C VAL H 215 23.71 -21.69 -14.94
N VAL H 216 24.70 -21.19 -14.21
CA VAL H 216 25.68 -20.27 -14.75
C VAL H 216 27.11 -20.80 -14.64
N LEU H 217 27.84 -20.73 -15.73
CA LEU H 217 29.21 -21.20 -15.78
C LEU H 217 30.09 -20.15 -16.40
N ARG H 218 31.26 -19.94 -15.82
CA ARG H 218 32.18 -19.01 -16.43
C ARG H 218 33.57 -19.59 -16.49
N ASP H 219 34.03 -19.83 -17.72
CA ASP H 219 35.36 -20.35 -17.97
C ASP H 219 35.67 -21.61 -17.16
N THR H 220 34.69 -22.49 -17.08
CA THR H 220 34.79 -23.69 -16.28
C THR H 220 35.46 -24.81 -17.03
N PHE H 221 36.39 -25.48 -16.37
CA PHE H 221 37.09 -26.59 -17.01
C PHE H 221 36.26 -27.85 -16.95
N VAL H 222 36.16 -28.51 -18.09
CA VAL H 222 35.46 -29.78 -18.16
C VAL H 222 36.39 -30.75 -18.84
N PRO H 223 36.72 -31.88 -18.18
CA PRO H 223 37.63 -32.77 -18.89
C PRO H 223 36.98 -33.53 -20.03
N GLU H 224 37.84 -34.03 -20.89
CA GLU H 224 37.46 -34.72 -22.11
C GLU H 224 36.53 -35.90 -21.93
N HIS H 225 36.74 -36.70 -20.88
CA HIS H 225 35.92 -37.89 -20.66
C HIS H 225 34.48 -37.55 -20.23
N ARG H 226 34.23 -36.30 -19.85
CA ARG H 226 32.91 -35.86 -19.49
C ARG H 226 32.27 -34.97 -20.56
N VAL H 227 32.69 -35.17 -21.81
CA VAL H 227 32.18 -34.40 -22.94
C VAL H 227 31.95 -35.35 -24.10
N ILE H 228 30.78 -35.31 -24.71
CA ILE H 228 30.52 -36.09 -25.92
C ILE H 228 29.94 -35.17 -26.95
N SER H 229 29.88 -35.63 -28.19
CA SER H 229 29.27 -34.82 -29.24
C SER H 229 27.80 -34.81 -29.02
N GLY H 230 27.17 -33.75 -29.50
CA GLY H 230 25.74 -33.62 -29.48
C GLY H 230 25.13 -34.76 -30.26
N GLU H 231 25.81 -35.19 -31.33
CA GLU H 231 25.35 -36.31 -32.12
C GLU H 231 25.27 -37.60 -31.31
N LEU H 232 26.28 -37.84 -30.47
CA LEU H 232 26.30 -39.02 -29.65
C LEU H 232 25.25 -38.99 -28.55
N GLN H 233 25.00 -37.81 -28.00
CA GLN H 233 24.01 -37.62 -26.95
C GLN H 233 22.60 -37.95 -27.42
N ARG H 234 22.29 -37.66 -28.68
CA ARG H 234 20.97 -37.94 -29.21
C ARG H 234 20.88 -39.26 -29.94
N SER H 235 21.97 -40.02 -29.94
CA SER H 235 22.07 -41.24 -30.74
C SER H 235 21.12 -42.34 -30.25
N ARG H 236 20.64 -43.15 -31.20
CA ARG H 236 19.84 -44.32 -30.89
C ARG H 236 20.52 -45.57 -31.42
N GLU H 237 21.84 -45.53 -31.60
CA GLU H 237 22.59 -46.73 -32.04
C GLU H 237 22.60 -47.86 -31.03
N SER H 238 22.38 -47.56 -29.75
CA SER H 238 22.37 -48.59 -28.75
C SER H 238 21.09 -49.42 -28.76
N ALA H 239 20.16 -49.08 -29.63
CA ALA H 239 18.90 -49.80 -29.71
C ALA H 239 19.08 -51.28 -30.02
N THR H 240 20.07 -51.62 -30.81
CA THR H 240 20.32 -53.00 -31.20
C THR H 240 21.47 -53.70 -30.48
N ASP H 241 22.07 -53.06 -29.50
CA ASP H 241 23.24 -53.60 -28.81
C ASP H 241 22.83 -54.63 -27.74
N LEU H 242 23.04 -55.90 -28.06
CA LEU H 242 22.69 -57.00 -27.14
C LEU H 242 23.58 -57.04 -25.87
N GLY H 243 24.74 -56.40 -25.92
CA GLY H 243 25.63 -56.27 -24.77
C GLY H 243 25.09 -55.39 -23.66
N LEU H 244 24.28 -54.41 -23.99
CA LEU H 244 23.65 -53.52 -23.02
C LEU H 244 22.41 -54.11 -22.41
N PRO H 245 22.10 -53.76 -21.14
CA PRO H 245 20.78 -54.17 -20.64
C PRO H 245 19.66 -53.46 -21.39
N PRO H 246 18.42 -54.01 -21.35
CA PRO H 246 17.38 -53.35 -22.17
C PRO H 246 17.10 -51.87 -21.94
N LEU H 247 17.17 -51.38 -20.71
CA LEU H 247 16.91 -49.97 -20.46
C LEU H 247 17.83 -49.04 -21.26
N PHE H 248 19.07 -49.44 -21.43
CA PHE H 248 20.02 -48.60 -22.13
C PHE H 248 19.92 -48.73 -23.64
N ARG H 249 19.03 -49.58 -24.10
CA ARG H 249 18.73 -49.66 -25.51
C ARG H 249 17.56 -48.73 -25.90
N THR H 250 16.83 -48.23 -24.90
CA THR H 250 15.62 -47.43 -25.05
C THR H 250 15.94 -46.12 -25.73
N ALA H 251 15.00 -45.65 -26.55
CA ALA H 251 15.11 -44.33 -27.15
C ALA H 251 14.92 -43.27 -26.06
N ALA H 252 16.01 -42.68 -25.61
CA ALA H 252 16.01 -41.98 -24.32
C ALA H 252 15.19 -40.70 -24.29
N ILE H 253 15.32 -39.90 -25.34
CA ILE H 253 14.63 -38.63 -25.43
C ILE H 253 13.12 -38.85 -25.53
N ALA H 254 12.71 -39.83 -26.29
CA ALA H 254 11.30 -40.15 -26.39
C ALA H 254 10.81 -40.65 -25.04
N ALA H 255 11.61 -41.45 -24.34
CA ALA H 255 11.21 -42.00 -23.05
C ALA H 255 11.00 -40.91 -22.04
N MET H 256 11.85 -39.90 -22.08
CA MET H 256 11.80 -38.78 -21.17
C MET H 256 10.52 -37.98 -21.41
N ALA H 257 10.18 -37.78 -22.67
CA ALA H 257 8.95 -37.09 -23.02
C ALA H 257 7.71 -37.85 -22.55
N VAL H 258 7.73 -39.18 -22.64
CA VAL H 258 6.61 -39.99 -22.17
C VAL H 258 6.40 -39.84 -20.66
N VAL H 259 7.47 -39.81 -19.88
CA VAL H 259 7.32 -39.66 -18.43
C VAL H 259 6.96 -38.23 -18.02
N CYS H 260 7.39 -37.23 -18.80
CA CYS H 260 6.95 -35.86 -18.53
C CYS H 260 5.45 -35.73 -18.73
N ALA H 261 4.95 -36.35 -19.81
CA ALA H 261 3.51 -36.43 -20.03
C ALA H 261 2.81 -37.14 -18.88
N SER H 262 3.44 -38.17 -18.33
CA SER H 262 2.83 -38.92 -17.20
C SER H 262 2.63 -38.07 -15.97
N VAL H 263 3.56 -37.14 -15.74
CA VAL H 263 3.46 -36.21 -14.61
C VAL H 263 2.18 -35.38 -14.78
N VAL H 264 2.01 -34.83 -15.96
CA VAL H 264 0.83 -34.03 -16.27
C VAL H 264 -0.45 -34.86 -16.15
N LEU H 265 -0.42 -36.04 -16.76
CA LEU H 265 -1.56 -36.94 -16.74
C LEU H 265 -2.00 -37.24 -15.31
N GLY H 266 -1.05 -37.63 -14.49
CA GLY H 266 -1.34 -37.95 -13.10
C GLY H 266 -2.03 -36.83 -12.34
N ALA H 267 -1.64 -35.58 -12.60
CA ALA H 267 -2.26 -34.42 -11.95
C ALA H 267 -3.70 -34.30 -12.39
N GLY H 268 -3.93 -34.57 -13.66
CA GLY H 268 -5.28 -34.56 -14.23
C GLY H 268 -6.15 -35.62 -13.60
N GLN H 269 -5.58 -36.80 -13.43
CA GLN H 269 -6.32 -37.88 -12.79
C GLN H 269 -6.62 -37.56 -11.35
N ALA H 270 -5.68 -36.92 -10.64
CA ALA H 270 -5.95 -36.51 -9.26
C ALA H 270 -7.09 -35.50 -9.18
N ALA H 271 -7.09 -34.56 -10.14
CA ALA H 271 -8.15 -33.58 -10.28
C ALA H 271 -9.48 -34.26 -10.48
N ARG H 272 -9.53 -35.27 -11.34
CA ARG H 272 -10.78 -35.98 -11.59
C ARG H 272 -11.27 -36.67 -10.32
N ALA H 273 -10.38 -37.38 -9.64
CA ALA H 273 -10.74 -38.06 -8.38
C ALA H 273 -11.31 -37.09 -7.35
N LEU H 274 -10.72 -35.90 -7.27
CA LEU H 274 -11.17 -34.88 -6.34
C LEU H 274 -12.59 -34.36 -6.62
N VAL H 275 -12.84 -34.04 -7.89
CA VAL H 275 -14.19 -33.64 -8.32
C VAL H 275 -15.23 -34.71 -8.04
N VAL H 276 -14.87 -35.98 -8.27
CA VAL H 276 -15.76 -37.11 -7.94
C VAL H 276 -16.01 -37.22 -6.44
N GLU H 277 -14.96 -37.05 -5.66
CA GLU H 277 -15.04 -37.09 -4.21
C GLU H 277 -15.96 -36.05 -3.61
N LYS H 278 -15.90 -34.83 -4.14
CA LYS H 278 -16.66 -33.72 -3.63
C LYS H 278 -18.07 -33.51 -4.17
N ALA H 279 -18.40 -34.15 -5.28
CA ALA H 279 -19.65 -33.89 -5.97
C ALA H 279 -20.89 -34.22 -5.18
N PRO H 280 -20.88 -35.28 -4.35
CA PRO H 280 -22.12 -35.53 -3.61
C PRO H 280 -22.43 -34.51 -2.51
N THR H 281 -21.46 -33.72 -2.07
CA THR H 281 -21.73 -32.75 -1.02
C THR H 281 -21.76 -31.27 -1.42
N ARG H 282 -21.78 -30.97 -2.71
CA ARG H 282 -21.87 -29.57 -3.17
C ARG H 282 -22.96 -29.52 -4.19
N GLY H 283 -23.40 -28.29 -4.47
CA GLY H 283 -24.41 -28.02 -5.47
C GLY H 283 -23.85 -27.24 -6.64
N ILE H 284 -24.75 -26.90 -7.55
CA ILE H 284 -24.47 -26.12 -8.75
C ILE H 284 -25.30 -24.85 -8.65
N ALA H 285 -24.66 -23.79 -8.19
CA ALA H 285 -25.34 -22.51 -8.10
C ALA H 285 -25.55 -21.92 -9.46
N PRO H 286 -26.69 -21.25 -9.64
CA PRO H 286 -27.80 -21.00 -8.70
C PRO H 286 -28.97 -21.90 -9.02
N SER H 287 -28.66 -23.12 -9.43
CA SER H 287 -29.72 -24.00 -9.91
C SER H 287 -30.43 -24.64 -8.74
N LYS H 288 -31.49 -25.37 -9.07
CA LYS H 288 -32.17 -26.23 -8.11
C LYS H 288 -31.36 -27.46 -7.69
N TYR H 289 -30.27 -27.77 -8.40
CA TYR H 289 -29.42 -28.91 -8.05
C TYR H 289 -28.56 -28.63 -6.83
N THR H 290 -29.05 -28.98 -5.65
CA THR H 290 -28.30 -28.77 -4.39
C THR H 290 -27.18 -29.79 -4.24
N ARG H 291 -27.26 -30.90 -4.96
CA ARG H 291 -26.21 -31.92 -5.04
C ARG H 291 -25.79 -32.05 -6.49
N GLN H 292 -24.49 -32.02 -6.77
CA GLN H 292 -23.99 -32.07 -8.17
C GLN H 292 -24.41 -33.36 -8.89
N THR H 293 -24.44 -34.45 -8.13
CA THR H 293 -24.79 -35.78 -8.62
C THR H 293 -26.25 -35.90 -9.02
N ASP H 294 -27.09 -34.98 -8.54
CA ASP H 294 -28.49 -34.93 -8.94
C ASP H 294 -28.68 -34.42 -10.34
N SER H 295 -27.71 -33.70 -10.86
CA SER H 295 -27.79 -33.16 -12.19
C SER H 295 -27.22 -34.13 -13.20
N ARG H 296 -28.08 -34.58 -14.10
CA ARG H 296 -27.66 -35.49 -15.12
C ARG H 296 -26.74 -34.83 -16.13
N THR H 297 -26.89 -33.53 -16.36
CA THR H 297 -25.97 -32.81 -17.23
C THR H 297 -24.58 -32.86 -16.63
N PHE H 298 -24.48 -32.69 -15.33
CA PHE H 298 -23.22 -32.78 -14.63
C PHE H 298 -22.63 -34.17 -14.72
N VAL H 299 -23.45 -35.18 -14.47
CA VAL H 299 -22.97 -36.55 -14.47
C VAL H 299 -22.48 -36.98 -15.84
N SER H 300 -23.25 -36.69 -16.87
CA SER H 300 -22.86 -37.09 -18.22
C SER H 300 -21.64 -36.30 -18.71
N SER H 301 -21.52 -35.05 -18.32
CA SER H 301 -20.35 -34.27 -18.68
C SER H 301 -19.11 -34.83 -18.06
N LEU H 302 -19.23 -35.26 -16.81
CA LEU H 302 -18.12 -35.79 -16.10
C LEU H 302 -17.68 -37.10 -16.73
N GLY H 303 -18.63 -37.88 -17.23
CA GLY H 303 -18.31 -39.11 -17.92
C GLY H 303 -17.49 -38.84 -19.14
N ARG H 304 -17.87 -37.82 -19.88
CA ARG H 304 -17.15 -37.46 -21.07
C ARG H 304 -15.72 -36.97 -20.76
N THR H 305 -15.58 -36.15 -19.74
CA THR H 305 -14.29 -35.63 -19.35
C THR H 305 -13.41 -36.75 -18.90
N ALA H 306 -13.97 -37.67 -18.13
CA ALA H 306 -13.25 -38.82 -17.67
C ALA H 306 -12.77 -39.65 -18.85
N LEU H 307 -13.60 -39.86 -19.86
CA LEU H 307 -13.12 -40.61 -21.06
C LEU H 307 -12.00 -39.90 -21.82
N SER H 308 -11.98 -38.57 -21.89
CA SER H 308 -10.79 -37.89 -22.47
C SER H 308 -9.52 -38.15 -21.70
N ILE H 309 -9.62 -38.09 -20.38
CA ILE H 309 -8.47 -38.38 -19.53
C ILE H 309 -8.04 -39.85 -19.70
N ASP H 310 -9.03 -40.75 -19.81
CA ASP H 310 -8.75 -42.20 -20.12
C ASP H 310 -8.00 -42.33 -21.45
N ALA H 311 -8.40 -41.56 -22.44
CA ALA H 311 -7.71 -41.59 -23.72
C ALA H 311 -6.29 -41.10 -23.58
N ALA H 312 -6.06 -40.06 -22.79
CA ALA H 312 -4.72 -39.54 -22.59
C ALA H 312 -3.85 -40.59 -21.94
N GLU H 313 -4.42 -41.30 -20.99
CA GLU H 313 -3.73 -42.38 -20.30
C GLU H 313 -3.30 -43.49 -21.27
N MET H 314 -4.19 -43.86 -22.18
CA MET H 314 -3.88 -44.86 -23.17
C MET H 314 -2.80 -44.41 -24.16
N HIS H 315 -2.80 -43.15 -24.56
CA HIS H 315 -1.78 -42.61 -25.45
C HIS H 315 -0.41 -42.74 -24.80
N VAL H 316 -0.35 -42.43 -23.52
CA VAL H 316 0.88 -42.49 -22.78
C VAL H 316 1.33 -43.92 -22.61
N ALA H 317 0.40 -44.80 -22.24
CA ALA H 317 0.74 -46.22 -22.07
C ALA H 317 1.16 -46.85 -23.38
N ARG H 318 0.51 -46.51 -24.47
CA ARG H 318 0.86 -47.07 -25.77
C ARG H 318 2.29 -46.73 -26.12
N ALA H 319 2.65 -45.47 -25.91
CA ALA H 319 4.00 -45.01 -26.25
C ALA H 319 5.03 -45.67 -25.36
N ALA H 320 4.71 -45.75 -24.09
CA ALA H 320 5.61 -46.45 -23.16
C ALA H 320 5.88 -47.90 -23.59
N THR H 321 4.81 -48.58 -23.98
CA THR H 321 4.89 -49.97 -24.42
C THR H 321 5.65 -50.13 -25.69
N ALA H 322 5.46 -49.23 -26.65
CA ALA H 322 6.22 -49.30 -27.88
C ALA H 322 7.72 -49.18 -27.58
N LEU H 323 8.07 -48.24 -26.68
CA LEU H 323 9.46 -48.03 -26.30
C LEU H 323 10.07 -49.22 -25.60
N ASP H 324 9.34 -49.80 -24.66
CA ASP H 324 9.81 -50.98 -23.94
C ASP H 324 9.90 -52.22 -24.79
N ASP H 325 8.93 -52.44 -25.67
CA ASP H 325 8.96 -53.62 -26.50
C ASP H 325 10.19 -53.59 -27.40
N ALA H 326 10.49 -52.42 -27.94
CA ALA H 326 11.64 -52.29 -28.81
C ALA H 326 12.95 -52.52 -28.04
N ALA H 327 13.04 -52.00 -26.83
CA ALA H 327 14.24 -52.17 -26.04
C ALA H 327 14.46 -53.63 -25.64
N TYR H 328 13.39 -54.32 -25.26
CA TYR H 328 13.46 -55.71 -24.88
C TYR H 328 13.82 -56.59 -26.07
N ASP H 329 13.32 -56.29 -27.24
CA ASP H 329 13.61 -57.07 -28.43
C ASP H 329 14.88 -56.64 -29.08
N ALA H 330 15.52 -55.60 -28.58
CA ALA H 330 16.74 -55.09 -29.21
C ALA H 330 16.56 -54.68 -30.69
N VAL H 331 15.39 -54.15 -31.03
CA VAL H 331 15.15 -53.57 -32.35
C VAL H 331 15.11 -52.04 -32.28
N ALA H 332 15.52 -51.42 -33.38
CA ALA H 332 15.45 -49.98 -33.55
C ALA H 332 14.02 -49.62 -33.92
N LEU H 333 13.47 -48.62 -33.24
CA LEU H 333 12.22 -48.02 -33.62
C LEU H 333 12.44 -47.22 -34.89
N PRO H 334 11.62 -47.45 -35.93
CA PRO H 334 11.78 -46.61 -37.10
C PRO H 334 11.30 -45.19 -36.78
N ASP H 335 11.68 -44.25 -37.63
CA ASP H 335 11.30 -42.85 -37.43
C ASP H 335 9.80 -42.66 -37.30
N SER H 336 9.02 -43.38 -38.10
CA SER H 336 7.59 -43.24 -38.06
C SER H 336 7.00 -43.56 -36.69
N GLU H 337 7.59 -44.53 -36.01
CA GLU H 337 7.10 -44.88 -34.70
C GLU H 337 7.44 -43.80 -33.67
N LEU H 338 8.62 -43.20 -33.79
CA LEU H 338 9.03 -42.12 -32.89
C LEU H 338 8.21 -40.85 -33.11
N LEU H 339 7.88 -40.58 -34.36
CA LEU H 339 7.07 -39.44 -34.69
C LEU H 339 5.68 -39.59 -34.13
N ARG H 340 5.16 -40.83 -34.15
CA ARG H 340 3.90 -41.12 -33.54
C ARG H 340 3.95 -40.92 -32.02
N ILE H 341 5.04 -41.30 -31.38
CA ILE H 341 5.17 -41.14 -29.95
C ILE H 341 5.15 -39.66 -29.58
N ARG H 342 5.78 -38.82 -30.41
CA ARG H 342 5.78 -37.40 -30.17
C ARG H 342 4.36 -36.84 -30.27
N GLY H 343 3.59 -37.35 -31.21
CA GLY H 343 2.20 -36.98 -31.33
C GLY H 343 1.37 -37.45 -30.16
N ASP H 344 1.59 -38.67 -29.69
CA ASP H 344 0.83 -39.19 -28.56
C ASP H 344 1.03 -38.35 -27.32
N VAL H 345 2.26 -37.95 -27.02
CA VAL H 345 2.52 -37.21 -25.78
C VAL H 345 1.93 -35.82 -25.77
N GLY H 346 2.00 -35.11 -26.89
CA GLY H 346 1.40 -33.81 -27.01
C GLY H 346 -0.11 -33.89 -26.95
N GLN H 347 -0.64 -34.88 -27.63
CA GLN H 347 -2.06 -35.10 -27.61
C GLN H 347 -2.54 -35.47 -26.21
N ALA H 348 -1.81 -36.30 -25.48
CA ALA H 348 -2.25 -36.67 -24.12
C ALA H 348 -2.30 -35.45 -23.20
N VAL H 349 -1.27 -34.61 -23.24
CA VAL H 349 -1.24 -33.45 -22.32
C VAL H 349 -2.25 -32.40 -22.71
N SER H 350 -2.50 -32.28 -24.00
CA SER H 350 -3.54 -31.41 -24.51
C SER H 350 -4.96 -31.83 -24.07
N LEU H 351 -5.18 -33.13 -24.13
CA LEU H 351 -6.39 -33.72 -23.63
C LEU H 351 -6.53 -33.43 -22.13
N VAL H 352 -5.42 -33.51 -21.38
CA VAL H 352 -5.46 -33.27 -19.94
C VAL H 352 -5.75 -31.82 -19.59
N THR H 353 -5.17 -30.87 -20.32
CA THR H 353 -5.44 -29.46 -20.05
C THR H 353 -6.87 -29.09 -20.39
N THR H 354 -7.43 -29.64 -21.46
CA THR H 354 -8.82 -29.38 -21.81
C THR H 354 -9.71 -30.00 -20.74
N ALA H 355 -9.38 -31.20 -20.28
CA ALA H 355 -10.17 -31.84 -19.26
C ALA H 355 -10.14 -31.09 -17.92
N LEU H 356 -9.01 -30.47 -17.60
CA LEU H 356 -8.92 -29.68 -16.38
C LEU H 356 -9.84 -28.47 -16.41
N ASP H 357 -9.95 -27.85 -17.57
CA ASP H 357 -10.85 -26.73 -17.76
C ASP H 357 -12.27 -27.21 -17.52
N GLU H 358 -12.57 -28.39 -18.00
CA GLU H 358 -13.86 -29.02 -17.79
C GLU H 358 -14.12 -29.35 -16.34
N LEU H 359 -13.11 -29.80 -15.62
CA LEU H 359 -13.28 -30.13 -14.21
C LEU H 359 -13.55 -28.88 -13.34
N LEU H 360 -12.98 -27.72 -13.72
CA LEU H 360 -13.26 -26.47 -13.02
C LEU H 360 -14.69 -26.04 -13.25
N TRP H 361 -15.21 -26.27 -14.45
CA TRP H 361 -16.61 -25.98 -14.73
C TRP H 361 -17.49 -26.89 -13.91
N ALA H 362 -17.08 -28.12 -13.71
CA ALA H 362 -17.84 -29.03 -12.88
C ALA H 362 -17.84 -28.63 -11.41
N HIS H 363 -16.66 -28.33 -10.90
CA HIS H 363 -16.50 -28.05 -9.48
C HIS H 363 -17.04 -26.69 -9.05
N GLY H 364 -16.80 -25.66 -9.87
CA GLY H 364 -17.30 -24.33 -9.56
C GLY H 364 -16.22 -23.38 -9.12
N ALA H 365 -16.67 -22.23 -8.64
CA ALA H 365 -15.79 -21.14 -8.21
C ALA H 365 -14.86 -21.50 -7.07
N ALA H 366 -15.29 -22.41 -6.21
CA ALA H 366 -14.51 -22.86 -5.10
C ALA H 366 -13.20 -23.50 -5.49
N SER H 367 -13.12 -23.94 -6.72
CA SER H 367 -11.91 -24.60 -7.17
C SER H 367 -10.71 -23.65 -7.22
N PHE H 368 -10.95 -22.34 -7.21
CA PHE H 368 -9.84 -21.38 -7.29
C PHE H 368 -9.36 -20.90 -5.93
N ALA H 369 -9.92 -21.44 -4.85
CA ALA H 369 -9.44 -21.05 -3.54
C ALA H 369 -8.05 -21.64 -3.30
N GLU H 370 -7.20 -20.92 -2.58
CA GLU H 370 -5.85 -21.40 -2.28
C GLU H 370 -5.87 -22.68 -1.47
N SER H 371 -6.91 -22.86 -0.68
CA SER H 371 -7.05 -24.09 0.08
C SER H 371 -7.48 -25.30 -0.74
N ASN H 372 -7.93 -25.13 -1.98
CA ASN H 372 -8.44 -26.24 -2.76
C ASN H 372 -7.34 -26.85 -3.64
N PRO H 373 -7.06 -28.15 -3.49
CA PRO H 373 -6.02 -28.77 -4.35
C PRO H 373 -6.32 -28.74 -5.86
N LEU H 374 -7.56 -28.50 -6.24
CA LEU H 374 -7.92 -28.51 -7.62
C LEU H 374 -7.16 -27.47 -8.45
N GLN H 375 -7.02 -26.25 -7.94
CA GLN H 375 -6.28 -25.22 -8.64
C GLN H 375 -4.78 -25.51 -8.71
N ARG H 376 -4.26 -26.26 -7.75
CA ARG H 376 -2.87 -26.67 -7.78
C ARG H 376 -2.60 -27.63 -8.91
N TYR H 377 -3.47 -28.60 -9.08
CA TYR H 377 -3.29 -29.53 -10.16
C TYR H 377 -3.42 -28.78 -11.48
N TRP H 378 -4.37 -27.85 -11.53
CA TRP H 378 -4.63 -27.06 -12.70
C TRP H 378 -3.43 -26.21 -13.10
N ARG H 379 -2.84 -25.53 -12.13
CA ARG H 379 -1.69 -24.71 -12.45
C ARG H 379 -0.44 -25.52 -12.77
N ASP H 380 -0.18 -26.59 -12.04
CA ASP H 380 1.02 -27.40 -12.31
C ASP H 380 0.98 -28.17 -13.62
N ALA H 381 -0.16 -28.77 -13.92
CA ALA H 381 -0.32 -29.52 -15.17
C ALA H 381 -0.25 -28.59 -16.38
N ASN H 382 -0.88 -27.43 -16.28
CA ASN H 382 -0.86 -26.48 -17.38
C ASN H 382 0.53 -25.93 -17.66
N THR H 383 1.30 -25.63 -16.61
CA THR H 383 2.65 -25.13 -16.74
C THR H 383 3.56 -26.16 -17.38
N ALA H 384 3.53 -27.37 -16.85
CA ALA H 384 4.37 -28.46 -17.32
C ALA H 384 4.05 -28.92 -18.72
N ALA H 385 2.79 -28.85 -19.10
CA ALA H 385 2.34 -29.29 -20.39
C ALA H 385 2.97 -28.53 -21.53
N ARG H 386 3.38 -27.27 -21.31
CA ARG H 386 3.97 -26.45 -22.36
C ARG H 386 5.45 -26.62 -22.47
N HIS H 387 6.01 -27.62 -21.83
CA HIS H 387 7.39 -27.99 -22.06
C HIS H 387 7.55 -28.31 -23.52
N ALA H 388 8.67 -27.96 -24.09
CA ALA H 388 8.92 -28.09 -25.52
C ALA H 388 8.73 -29.49 -26.11
N MET H 389 9.12 -30.51 -25.37
CA MET H 389 9.02 -31.86 -25.84
C MET H 389 7.60 -32.37 -25.78
N LEU H 390 6.69 -31.59 -25.22
CA LEU H 390 5.30 -31.93 -25.19
C LEU H 390 4.41 -31.05 -26.05
N ASN H 391 4.98 -30.23 -26.93
CA ASN H 391 4.18 -29.27 -27.69
C ASN H 391 3.21 -30.00 -28.58
N VAL H 392 1.93 -29.70 -28.41
CA VAL H 392 0.87 -30.42 -29.12
C VAL H 392 0.85 -30.14 -30.63
N HIS H 393 1.03 -28.89 -31.00
CA HIS H 393 1.04 -28.49 -32.40
C HIS H 393 2.23 -29.09 -33.14
N VAL H 394 3.38 -29.13 -32.48
CA VAL H 394 4.57 -29.75 -33.09
C VAL H 394 4.34 -31.25 -33.26
N GLY H 395 3.77 -31.88 -32.23
CA GLY H 395 3.48 -33.29 -32.31
C GLY H 395 2.53 -33.64 -33.45
N HIS H 396 1.49 -32.82 -33.63
CA HIS H 396 0.52 -33.00 -34.69
C HIS H 396 1.18 -32.93 -36.03
N GLU H 397 2.09 -31.98 -36.20
CA GLU H 397 2.78 -31.79 -37.44
C GLU H 397 3.76 -32.93 -37.70
N LEU H 398 4.44 -33.40 -36.67
CA LEU H 398 5.36 -34.52 -36.81
C LEU H 398 4.66 -35.83 -37.18
N TYR H 399 3.55 -36.13 -36.53
CA TYR H 399 2.84 -37.35 -36.80
C TYR H 399 2.21 -37.30 -38.18
N GLY H 400 1.64 -36.16 -38.54
CA GLY H 400 1.00 -35.99 -39.82
C GLY H 400 2.03 -36.14 -40.93
N GLY H 401 3.21 -35.61 -40.69
CA GLY H 401 4.30 -35.66 -41.62
C GLY H 401 4.80 -37.05 -41.89
N SER H 402 4.75 -37.91 -40.88
CA SER H 402 5.20 -39.27 -41.00
C SER H 402 4.43 -40.05 -42.03
N PHE H 403 3.16 -39.73 -42.20
CA PHE H 403 2.33 -40.39 -43.22
C PHE H 403 2.81 -40.21 -44.65
N PHE H 404 3.57 -39.15 -44.90
CA PHE H 404 4.09 -38.78 -46.23
C PHE H 404 5.62 -38.74 -46.30
N GLY H 405 6.30 -39.12 -45.22
CA GLY H 405 7.76 -39.06 -45.15
C GLY H 405 8.37 -37.67 -45.32
N LEU H 406 7.74 -36.64 -44.79
CA LEU H 406 8.26 -35.27 -44.85
C LEU H 406 9.44 -35.14 -43.92
N ASP H 407 10.30 -34.15 -44.18
CA ASP H 407 11.43 -33.90 -43.28
C ASP H 407 10.90 -33.45 -41.94
N PRO H 408 11.33 -34.11 -40.84
CA PRO H 408 10.78 -33.62 -39.57
C PRO H 408 11.16 -32.20 -39.22
N ILE H 409 10.30 -31.55 -38.47
CA ILE H 409 10.47 -30.15 -38.09
C ILE H 409 11.28 -30.00 -36.81
N VAL H 410 11.73 -31.10 -36.24
CA VAL H 410 12.58 -31.04 -35.07
C VAL H 410 13.90 -31.65 -35.44
N PRO H 411 15.00 -31.23 -34.78
CA PRO H 411 16.27 -31.81 -35.22
C PRO H 411 16.52 -33.26 -34.82
N SER H 412 16.03 -33.72 -33.68
CA SER H 412 16.24 -35.11 -33.30
C SER H 412 14.98 -35.77 -32.79
N LEU H 413 14.94 -37.09 -32.90
CA LEU H 413 13.82 -37.88 -32.43
C LEU H 413 14.25 -38.81 -31.30
N THR I 18 17.73 -87.78 55.07
CA THR I 18 18.06 -86.47 54.42
C THR I 18 19.15 -86.68 53.36
N ASP I 19 19.39 -87.92 52.95
CA ASP I 19 20.42 -88.20 51.99
C ASP I 19 20.02 -87.54 50.64
N ILE I 20 18.75 -87.76 50.26
CA ILE I 20 18.21 -87.19 49.02
C ILE I 20 18.12 -85.66 49.12
N ARG I 21 17.74 -85.20 50.30
CA ARG I 21 17.62 -83.79 50.55
C ARG I 21 18.98 -83.15 50.29
N SER I 22 20.04 -83.83 50.69
CA SER I 22 21.37 -83.29 50.48
C SER I 22 21.74 -83.26 49.01
N GLU I 23 21.36 -84.33 48.33
CA GLU I 23 21.65 -84.53 46.92
C GLU I 23 20.96 -83.47 46.06
N THR I 24 19.71 -83.22 46.38
CA THR I 24 18.91 -82.26 45.62
C THR I 24 19.49 -80.86 45.82
N ALA I 25 19.92 -80.56 47.03
CA ALA I 25 20.56 -79.29 47.31
C ALA I 25 21.88 -79.15 46.59
N GLU I 26 22.63 -80.24 46.50
CA GLU I 26 23.92 -80.19 45.83
C GLU I 26 23.78 -79.91 44.35
N LEU I 27 22.77 -80.50 43.73
CA LEU I 27 22.52 -80.31 42.32
C LEU I 27 22.10 -78.89 42.05
N ARG I 28 21.23 -78.36 42.90
CA ARG I 28 20.75 -77.01 42.73
C ARG I 28 21.90 -76.02 42.74
N ALA I 29 22.82 -76.20 43.67
CA ALA I 29 23.97 -75.32 43.77
C ALA I 29 24.82 -75.40 42.52
N GLU I 30 24.99 -76.60 41.99
CA GLU I 30 25.76 -76.81 40.78
C GLU I 30 25.09 -76.09 39.61
N LEU I 31 23.77 -76.20 39.52
CA LEU I 31 23.02 -75.55 38.46
C LEU I 31 23.07 -74.06 38.56
N VAL I 32 23.02 -73.55 39.79
CA VAL I 32 23.11 -72.13 39.98
C VAL I 32 24.49 -71.67 39.54
N GLU I 33 25.52 -72.45 39.83
CA GLU I 33 26.86 -72.10 39.41
C GLU I 33 26.96 -72.13 37.88
N ARG I 34 26.25 -73.03 37.22
CA ARG I 34 26.24 -73.02 35.75
C ARG I 34 25.66 -71.75 35.15
N VAL I 35 24.60 -71.26 35.78
CA VAL I 35 24.00 -70.00 35.37
C VAL I 35 25.04 -68.88 35.44
N HIS I 36 25.83 -68.85 36.51
CA HIS I 36 26.87 -67.84 36.63
C HIS I 36 27.95 -67.99 35.59
N LYS I 37 28.28 -69.21 35.26
CA LYS I 37 29.27 -69.49 34.26
C LYS I 37 28.86 -69.05 32.86
N PHE I 38 27.63 -69.38 32.49
CA PHE I 38 27.12 -69.07 31.17
C PHE I 38 26.45 -67.70 31.11
N GLY I 39 26.29 -67.06 32.26
CA GLY I 39 25.60 -65.80 32.33
C GLY I 39 26.20 -64.68 31.48
N PRO I 40 27.54 -64.53 31.48
CA PRO I 40 28.13 -63.52 30.61
C PRO I 40 27.79 -63.65 29.12
N VAL I 41 27.54 -64.87 28.63
CA VAL I 41 27.14 -65.08 27.22
C VAL I 41 25.72 -64.52 27.01
N PHE I 42 24.82 -64.88 27.90
CA PHE I 42 23.45 -64.40 27.82
C PHE I 42 23.40 -62.88 27.90
N ALA I 43 24.20 -62.31 28.81
CA ALA I 43 24.23 -60.87 28.99
C ALA I 43 24.75 -60.18 27.74
N ASP I 44 25.73 -60.80 27.11
CA ASP I 44 26.34 -60.27 25.92
C ASP I 44 25.41 -60.16 24.75
N GLY I 45 24.42 -61.04 24.67
CA GLY I 45 23.47 -61.02 23.61
C GLY I 45 22.19 -60.24 23.87
N VAL I 46 22.16 -59.44 24.94
CA VAL I 46 20.95 -58.70 25.28
C VAL I 46 20.65 -57.68 24.20
N ALA I 47 21.64 -56.95 23.74
CA ALA I 47 21.40 -55.91 22.74
C ALA I 47 20.91 -56.47 21.42
N GLU I 48 21.47 -57.58 20.97
CA GLU I 48 21.01 -58.19 19.74
C GLU I 48 19.61 -58.73 19.91
N GLY I 49 19.33 -59.35 21.04
CA GLY I 49 18.02 -59.90 21.29
C GLY I 49 16.92 -58.87 21.30
N GLU I 50 17.22 -57.71 21.85
CA GLU I 50 16.30 -56.61 21.94
C GLU I 50 15.96 -56.06 20.57
N ARG I 51 17.00 -55.98 19.75
CA ARG I 51 16.97 -55.50 18.39
C ARG I 51 16.24 -56.46 17.43
N GLU I 52 16.48 -57.75 17.55
CA GLU I 52 15.92 -58.75 16.65
C GLU I 52 14.68 -59.49 17.14
N ARG I 53 14.32 -59.34 18.39
CA ARG I 53 13.16 -60.03 18.98
C ARG I 53 13.25 -61.56 18.94
N ARG I 54 14.46 -62.07 19.12
CA ARG I 54 14.71 -63.51 19.20
C ARG I 54 16.03 -63.65 19.95
N LEU I 55 16.30 -64.83 20.49
CA LEU I 55 17.54 -65.04 21.22
C LEU I 55 18.68 -65.20 20.24
N PRO I 56 19.84 -64.61 20.50
CA PRO I 56 20.99 -64.83 19.60
C PRO I 56 21.46 -66.26 19.55
N ASP I 57 22.16 -66.65 18.49
CA ASP I 57 22.67 -68.01 18.36
C ASP I 57 23.56 -68.41 19.52
N ALA I 58 24.38 -67.50 20.01
CA ALA I 58 25.28 -67.84 21.11
C ALA I 58 24.52 -68.22 22.36
N THR I 59 23.41 -67.51 22.62
CA THR I 59 22.57 -67.77 23.77
C THR I 59 21.91 -69.14 23.66
N VAL I 60 21.42 -69.48 22.48
CA VAL I 60 20.81 -70.77 22.28
C VAL I 60 21.86 -71.85 22.48
N ARG I 61 23.06 -71.63 21.99
CA ARG I 61 24.14 -72.59 22.17
C ARG I 61 24.42 -72.80 23.64
N ALA I 62 24.49 -71.70 24.39
CA ALA I 62 24.77 -71.76 25.81
C ALA I 62 23.66 -72.48 26.56
N ILE I 63 22.41 -72.30 26.15
CA ILE I 63 21.31 -73.00 26.78
C ILE I 63 21.46 -74.49 26.55
N ASP I 64 21.86 -74.90 25.35
CA ASP I 64 22.03 -76.33 25.08
C ASP I 64 23.22 -76.95 25.81
N GLN I 65 24.35 -76.25 25.83
CA GLN I 65 25.53 -76.72 26.56
C GLN I 65 25.35 -76.78 28.07
N SER I 66 24.69 -75.77 28.65
CA SER I 66 24.46 -75.73 30.12
C SER I 66 23.49 -76.79 30.64
N GLN I 67 22.68 -77.32 29.73
CA GLN I 67 21.60 -78.26 30.03
C GLN I 67 20.47 -77.62 30.83
N LEU I 68 20.35 -76.29 30.84
CA LEU I 68 19.32 -75.59 31.61
C LEU I 68 17.89 -75.75 31.07
N ALA I 69 17.78 -76.20 29.83
CA ALA I 69 16.50 -76.63 29.28
C ALA I 69 16.09 -78.05 29.71
N MET I 70 16.96 -78.74 30.44
CA MET I 70 16.77 -80.16 30.72
C MET I 70 16.38 -80.47 32.18
N LEU I 71 16.17 -79.43 32.98
CA LEU I 71 15.81 -79.61 34.38
C LEU I 71 14.53 -80.42 34.58
N TRP I 72 13.55 -80.25 33.71
CA TRP I 72 12.31 -81.01 33.85
C TRP I 72 12.15 -82.13 32.82
N THR I 73 13.26 -82.60 32.28
CA THR I 73 13.31 -83.71 31.36
C THR I 73 13.68 -84.93 32.18
N ALA I 74 13.07 -86.07 31.86
CA ALA I 74 13.31 -87.30 32.61
C ALA I 74 14.73 -87.86 32.51
N LYS I 75 15.18 -88.46 33.60
CA LYS I 75 16.49 -89.10 33.69
C LYS I 75 16.62 -90.24 32.73
N SER I 76 15.53 -90.93 32.50
CA SER I 76 15.52 -92.05 31.59
C SER I 76 15.90 -91.62 30.17
N TYR I 77 15.68 -90.37 29.81
CA TYR I 77 16.11 -89.82 28.52
C TYR I 77 17.39 -88.98 28.56
N GLY I 78 18.12 -89.03 29.67
CA GLY I 78 19.33 -88.19 29.87
C GLY I 78 19.09 -86.79 30.43
N GLY I 79 17.87 -86.53 30.91
CA GLY I 79 17.55 -85.26 31.56
C GLY I 79 17.97 -85.20 33.03
N LEU I 80 17.97 -84.00 33.58
CA LEU I 80 18.43 -83.77 34.94
C LEU I 80 17.34 -84.09 35.99
N GLU I 81 16.08 -84.08 35.56
CA GLU I 81 14.91 -84.45 36.40
C GLU I 81 14.97 -83.86 37.84
N THR I 82 14.89 -82.54 37.96
CA THR I 82 14.97 -81.86 39.27
C THR I 82 13.58 -81.65 39.86
N ASP I 83 13.40 -80.62 40.66
CA ASP I 83 12.11 -80.34 41.26
C ASP I 83 11.75 -78.88 41.01
N VAL I 84 10.61 -78.46 41.53
CA VAL I 84 10.15 -77.11 41.28
C VAL I 84 11.07 -76.06 41.90
N ARG I 85 11.51 -76.32 43.11
CA ARG I 85 12.33 -75.37 43.80
C ARG I 85 13.64 -75.12 43.09
N THR I 86 14.24 -76.14 42.51
CA THR I 86 15.48 -75.97 41.80
C THR I 86 15.30 -75.13 40.56
N MET I 87 14.21 -75.38 39.85
CA MET I 87 13.92 -74.69 38.61
C MET I 87 13.67 -73.23 38.92
N SER I 88 12.99 -72.98 40.01
CA SER I 88 12.70 -71.63 40.48
C SER I 88 13.95 -70.87 40.83
N GLU I 89 14.85 -71.48 41.58
CA GLU I 89 16.09 -70.79 41.94
C GLU I 89 16.95 -70.53 40.69
N VAL I 90 16.93 -71.43 39.73
CA VAL I 90 17.67 -71.22 38.49
C VAL I 90 17.11 -70.05 37.67
N ALA I 91 15.79 -70.01 37.55
CA ALA I 91 15.11 -68.93 36.84
C ALA I 91 15.39 -67.54 37.44
N LYS I 92 15.42 -67.46 38.77
CA LYS I 92 15.70 -66.19 39.45
C LYS I 92 17.09 -65.67 39.11
N VAL I 93 18.06 -66.56 39.10
CA VAL I 93 19.43 -66.15 38.83
C VAL I 93 19.62 -65.83 37.36
N LEU I 94 19.00 -66.63 36.49
CA LEU I 94 19.04 -66.35 35.04
C LEU I 94 18.60 -64.96 34.67
N SER I 95 17.50 -64.51 35.30
CA SER I 95 16.95 -63.18 35.05
C SER I 95 17.95 -62.02 35.26
N HIS I 96 18.93 -62.20 36.13
CA HIS I 96 19.93 -61.16 36.31
C HIS I 96 20.69 -60.89 35.04
N TYR I 97 20.90 -61.92 34.24
CA TYR I 97 21.71 -61.80 33.04
C TYR I 97 20.85 -61.48 31.84
N CYS I 98 19.76 -62.20 31.67
CA CYS I 98 18.81 -61.88 30.60
C CYS I 98 17.41 -62.36 30.96
N PRO I 99 16.48 -61.44 31.27
CA PRO I 99 15.13 -61.90 31.64
C PRO I 99 14.41 -62.67 30.52
N SER I 100 14.68 -62.32 29.26
CA SER I 100 14.11 -63.07 28.13
C SER I 100 14.59 -64.54 28.04
N THR I 101 15.89 -64.75 28.23
CA THR I 101 16.49 -66.07 28.29
C THR I 101 15.88 -66.85 29.41
N SER I 102 15.80 -66.22 30.60
CA SER I 102 15.17 -66.86 31.75
C SER I 102 13.75 -67.27 31.41
N TRP I 103 13.01 -66.37 30.79
CA TRP I 103 11.64 -66.66 30.43
C TRP I 103 11.53 -67.83 29.46
N VAL I 104 12.43 -67.88 28.48
CA VAL I 104 12.39 -68.94 27.49
C VAL I 104 12.73 -70.28 28.15
N VAL I 105 13.81 -70.28 28.94
CA VAL I 105 14.25 -71.47 29.63
C VAL I 105 13.13 -72.02 30.51
N ASN I 106 12.42 -71.14 31.21
CA ASN I 106 11.30 -71.52 32.06
C ASN I 106 10.19 -72.15 31.23
N ASN I 107 9.89 -71.55 30.08
CA ASN I 107 8.85 -72.06 29.22
C ASN I 107 9.22 -73.43 28.66
N VAL I 108 10.48 -73.63 28.30
CA VAL I 108 10.89 -74.90 27.74
C VAL I 108 10.75 -76.06 28.74
N ASN I 109 11.29 -75.86 29.94
CA ASN I 109 11.16 -76.84 31.00
C ASN I 109 9.71 -77.13 31.30
N GLY I 110 8.91 -76.08 31.42
CA GLY I 110 7.51 -76.29 31.69
C GLY I 110 6.81 -77.05 30.57
N SER I 111 7.16 -76.75 29.33
CA SER I 111 6.56 -77.45 28.21
C SER I 111 6.95 -78.92 28.21
N ASN I 112 8.22 -79.17 28.51
CA ASN I 112 8.73 -80.51 28.57
C ASN I 112 8.01 -81.29 29.68
N LEU I 113 7.73 -80.64 30.81
CA LEU I 113 7.00 -81.32 31.86
C LEU I 113 5.58 -81.63 31.41
N LEU I 114 4.96 -80.73 30.65
CA LEU I 114 3.61 -80.93 30.15
C LEU I 114 3.55 -82.10 29.18
N ALA I 115 4.66 -82.34 28.47
CA ALA I 115 4.74 -83.41 27.51
C ALA I 115 4.57 -84.78 28.15
N SER I 116 4.92 -84.89 29.42
CA SER I 116 4.81 -86.15 30.11
C SER I 116 3.38 -86.70 30.25
N LYS I 117 2.36 -85.90 29.99
CA LYS I 117 1.00 -86.42 29.96
C LYS I 117 0.71 -87.23 28.71
N PHE I 118 1.54 -87.07 27.69
CA PHE I 118 1.37 -87.80 26.43
C PHE I 118 1.84 -89.25 26.56
N PRO I 119 1.41 -90.12 25.61
CA PRO I 119 1.87 -91.49 25.73
C PRO I 119 3.36 -91.68 25.56
N ARG I 120 3.84 -92.84 25.98
CA ARG I 120 5.25 -93.17 25.88
C ARG I 120 5.75 -93.11 24.45
N ALA I 121 4.90 -93.50 23.50
CA ALA I 121 5.23 -93.43 22.10
C ALA I 121 5.63 -92.02 21.65
N ALA I 122 4.87 -91.03 22.10
CA ALA I 122 5.17 -89.62 21.82
C ALA I 122 6.45 -89.18 22.51
N LEU I 123 6.56 -89.51 23.80
CA LEU I 123 7.74 -89.15 24.59
C LEU I 123 9.04 -89.72 24.01
N ASP I 124 8.99 -90.97 23.57
CA ASP I 124 10.12 -91.61 22.90
C ASP I 124 10.45 -90.87 21.62
N GLU I 125 9.44 -90.56 20.82
CA GLU I 125 9.64 -89.82 19.57
C GLU I 125 10.29 -88.43 19.80
N VAL I 126 9.95 -87.78 20.90
CA VAL I 126 10.47 -86.45 21.23
C VAL I 126 11.86 -86.50 21.86
N PHE I 127 12.01 -87.32 22.91
CA PHE I 127 13.22 -87.32 23.77
C PHE I 127 14.19 -88.51 23.55
N GLY I 128 13.73 -89.53 22.84
CA GLY I 128 14.49 -90.75 22.60
C GLY I 128 15.91 -90.61 22.11
N ASP I 129 16.15 -89.75 21.12
CA ASP I 129 17.50 -89.47 20.60
C ASP I 129 17.88 -88.02 20.82
N ALA I 130 17.19 -87.33 21.73
CA ALA I 130 17.35 -85.88 21.92
C ALA I 130 17.15 -85.55 23.40
N PRO I 131 18.14 -85.83 24.25
CA PRO I 131 18.06 -85.47 25.68
C PRO I 131 17.79 -83.95 25.91
N GLY I 132 18.32 -83.11 25.02
CA GLY I 132 18.13 -81.67 25.05
C GLY I 132 16.97 -81.14 24.21
N ALA I 133 15.97 -81.97 23.96
CA ALA I 133 14.81 -81.50 23.20
C ALA I 133 14.12 -80.34 23.91
N LYS I 134 13.63 -79.39 23.11
CA LYS I 134 13.01 -78.17 23.60
C LYS I 134 11.62 -77.97 23.05
N LEU I 135 10.62 -77.98 23.93
CA LEU I 135 9.22 -77.75 23.52
C LEU I 135 8.71 -76.34 23.79
N ALA I 136 7.82 -75.88 22.90
CA ALA I 136 6.91 -74.78 23.14
C ALA I 136 5.59 -75.32 23.60
N SER I 137 4.74 -74.44 24.09
CA SER I 137 3.39 -74.82 24.42
C SER I 137 2.55 -73.57 24.48
N VAL I 138 1.44 -73.58 23.76
CA VAL I 138 0.52 -72.47 23.76
C VAL I 138 -0.89 -72.95 23.99
N PHE I 139 -1.50 -72.38 25.03
CA PHE I 139 -2.87 -72.66 25.45
C PHE I 139 -3.73 -71.43 25.16
N ALA I 140 -3.10 -70.42 24.57
CA ALA I 140 -3.67 -69.10 24.23
C ALA I 140 -4.61 -69.08 23.02
N ALA I 141 -4.77 -70.19 22.33
CA ALA I 141 -5.69 -70.27 21.22
C ALA I 141 -6.11 -71.68 21.16
N ALA I 142 -7.18 -71.84 20.40
CA ALA I 142 -7.58 -73.12 19.99
C ALA I 142 -7.57 -73.05 18.46
N GLY I 143 -7.29 -74.20 17.91
CA GLY I 143 -7.26 -74.42 16.50
C GLY I 143 -8.38 -75.42 16.43
N THR I 144 -8.61 -75.91 15.25
CA THR I 144 -9.70 -76.77 15.07
C THR I 144 -9.15 -78.05 14.46
N ALA I 145 -9.55 -79.17 15.03
CA ALA I 145 -9.05 -80.46 14.62
C ALA I 145 -10.19 -81.39 14.28
N VAL I 146 -10.00 -82.19 13.24
CA VAL I 146 -11.02 -83.12 12.83
C VAL I 146 -10.40 -84.49 12.63
N ARG I 147 -11.16 -85.53 12.97
CA ARG I 147 -10.68 -86.90 12.82
C ARG I 147 -10.44 -87.30 11.38
N THR I 148 -9.33 -87.99 11.18
CA THR I 148 -8.94 -88.51 9.88
C THR I 148 -8.39 -89.89 10.18
N PRO I 149 -8.25 -90.78 9.15
CA PRO I 149 -7.73 -92.10 9.55
C PRO I 149 -6.30 -92.04 10.05
N GLY I 150 -6.10 -92.66 11.20
CA GLY I 150 -4.79 -92.70 11.86
C GLY I 150 -4.48 -91.50 12.74
N GLY I 151 -5.40 -90.53 12.81
CA GLY I 151 -5.15 -89.36 13.61
C GLY I 151 -6.13 -88.21 13.45
N TYR I 152 -5.56 -87.03 13.23
CA TYR I 152 -6.33 -85.80 13.10
C TYR I 152 -5.73 -84.88 12.02
N ARG I 153 -6.57 -83.98 11.51
CA ARG I 153 -6.14 -82.89 10.63
C ARG I 153 -6.38 -81.62 11.42
N LEU I 154 -5.33 -80.80 11.57
CA LEU I 154 -5.33 -79.65 12.50
C LEU I 154 -5.07 -78.33 11.77
N THR I 155 -5.92 -77.36 12.04
CA THR I 155 -5.79 -76.02 11.48
C THR I 155 -5.97 -75.01 12.62
N GLY I 156 -5.12 -73.98 12.63
CA GLY I 156 -5.23 -72.94 13.62
C GLY I 156 -4.14 -71.91 13.58
N SER I 157 -4.28 -70.91 14.45
CA SER I 157 -3.31 -69.84 14.57
C SER I 157 -3.12 -69.53 16.06
N TRP I 158 -1.92 -69.79 16.58
CA TRP I 158 -1.64 -69.73 18.02
C TRP I 158 -0.65 -68.60 18.30
N PRO I 159 -1.11 -67.45 18.85
CA PRO I 159 -0.16 -66.39 19.29
C PRO I 159 0.56 -66.71 20.61
N TYR I 160 1.51 -65.88 20.96
CA TYR I 160 2.30 -66.02 22.19
C TYR I 160 3.11 -67.33 22.30
N GLY I 161 3.77 -67.70 21.20
CA GLY I 161 4.51 -68.95 21.19
C GLY I 161 5.92 -68.69 21.66
N THR I 162 6.12 -68.59 22.96
CA THR I 162 7.45 -68.35 23.51
C THR I 162 8.49 -69.34 23.04
N GLY I 163 9.59 -68.78 22.57
CA GLY I 163 10.75 -69.54 22.10
C GLY I 163 10.57 -70.46 20.92
N ILE I 164 9.48 -70.30 20.17
CA ILE I 164 9.10 -71.21 19.08
C ILE I 164 10.14 -71.27 17.97
N LEU I 165 10.82 -70.16 17.72
CA LEU I 165 11.90 -70.16 16.74
C LEU I 165 13.04 -71.13 17.02
N HIS I 166 13.30 -71.47 18.28
CA HIS I 166 14.39 -72.41 18.64
C HIS I 166 13.87 -73.77 19.07
N ASP I 167 12.56 -74.00 18.98
CA ASP I 167 11.98 -75.19 19.59
C ASP I 167 11.89 -76.33 18.58
N ASP I 168 11.92 -77.55 19.08
CA ASP I 168 11.89 -78.76 18.28
C ASP I 168 10.47 -79.23 18.08
N TRP I 169 9.63 -79.02 19.08
CA TRP I 169 8.22 -79.41 19.05
C TRP I 169 7.35 -78.33 19.72
N ALA I 170 6.04 -78.42 19.55
CA ALA I 170 5.10 -77.50 20.17
C ALA I 170 3.89 -78.27 20.64
N ILE I 171 3.43 -77.96 21.85
CA ILE I 171 2.16 -78.48 22.36
C ILE I 171 1.12 -77.41 22.14
N LEU I 172 0.11 -77.73 21.33
CA LEU I 172 -0.93 -76.77 20.97
C LEU I 172 -2.29 -77.27 21.35
N VAL I 173 -3.11 -76.37 21.88
CA VAL I 173 -4.48 -76.69 22.27
C VAL I 173 -5.42 -76.54 21.08
N ALA I 174 -6.39 -77.43 20.98
CA ALA I 174 -7.37 -77.36 19.90
C ALA I 174 -8.70 -77.88 20.29
N ARG I 175 -9.69 -77.56 19.48
CA ARG I 175 -11.02 -78.06 19.69
C ARG I 175 -11.29 -79.07 18.62
N GLU I 176 -11.69 -80.26 19.02
CA GLU I 176 -12.11 -81.27 18.06
C GLU I 176 -13.50 -80.93 17.54
N VAL I 177 -13.72 -81.16 16.26
CA VAL I 177 -15.02 -80.92 15.64
C VAL I 177 -15.33 -82.07 14.71
N ASP I 178 -16.59 -82.25 14.41
CA ASP I 178 -17.01 -83.32 13.51
C ASP I 178 -17.09 -82.82 12.07
N ALA I 179 -17.58 -83.68 11.19
CA ALA I 179 -17.74 -83.35 9.78
C ALA I 179 -18.67 -82.17 9.62
N ASP I 180 -19.69 -82.13 10.45
CA ASP I 180 -20.62 -81.02 10.44
C ASP I 180 -19.94 -79.75 10.90
N GLY I 181 -18.93 -79.88 11.75
CA GLY I 181 -18.22 -78.72 12.26
C GLY I 181 -18.69 -78.37 13.65
N GLU I 182 -19.46 -79.25 14.27
CA GLU I 182 -19.93 -79.08 15.62
C GLU I 182 -18.84 -79.46 16.62
N PRO I 183 -18.77 -78.78 17.77
CA PRO I 183 -17.73 -79.13 18.75
C PRO I 183 -17.87 -80.50 19.39
N VAL I 184 -16.77 -81.23 19.49
CA VAL I 184 -16.78 -82.55 20.11
C VAL I 184 -16.10 -82.55 21.45
N GLY I 185 -14.92 -81.96 21.54
CA GLY I 185 -14.19 -81.94 22.78
C GLY I 185 -12.91 -81.17 22.65
N GLY I 186 -12.15 -81.11 23.73
CA GLY I 186 -10.87 -80.38 23.73
C GLY I 186 -9.70 -81.33 23.51
N LEU I 187 -8.66 -80.85 22.84
CA LEU I 187 -7.48 -81.69 22.62
C LEU I 187 -6.16 -80.99 22.89
N SER I 188 -5.14 -81.76 23.19
CA SER I 188 -3.79 -81.26 23.26
C SER I 188 -2.96 -82.01 22.25
N MET I 189 -2.24 -81.28 21.43
CA MET I 189 -1.54 -81.90 20.31
C MET I 189 -0.09 -81.59 20.22
N LEU I 190 0.69 -82.61 19.99
CA LEU I 190 2.13 -82.45 19.93
C LEU I 190 2.57 -82.47 18.47
N VAL I 191 3.14 -81.36 17.99
CA VAL I 191 3.51 -81.28 16.60
C VAL I 191 4.91 -80.75 16.43
N PRO I 192 5.67 -81.32 15.51
CA PRO I 192 7.07 -80.99 15.30
C PRO I 192 7.32 -79.73 14.51
N ALA I 193 8.54 -79.23 14.63
CA ALA I 193 8.97 -78.00 13.98
C ALA I 193 8.82 -78.08 12.47
N ARG I 194 9.11 -79.25 11.90
CA ARG I 194 9.00 -79.46 10.45
C ARG I 194 7.59 -79.19 9.95
N ASP I 195 6.59 -79.51 10.76
CA ASP I 195 5.21 -79.27 10.38
C ASP I 195 4.69 -77.89 10.65
N LEU I 196 5.45 -77.05 11.37
CA LEU I 196 4.97 -75.71 11.76
C LEU I 196 5.45 -74.62 10.87
N THR I 197 4.72 -73.52 10.91
CA THR I 197 5.11 -72.29 10.26
C THR I 197 5.06 -71.22 11.33
N VAL I 198 6.00 -70.30 11.30
CA VAL I 198 6.02 -69.24 12.29
C VAL I 198 5.82 -67.91 11.62
N GLU I 199 4.90 -67.14 12.16
CA GLU I 199 4.53 -65.87 11.62
C GLU I 199 5.06 -64.79 12.55
N ASP I 200 5.62 -63.73 12.00
CA ASP I 200 6.25 -62.72 12.82
C ASP I 200 5.21 -61.74 13.37
N THR I 201 4.82 -61.96 14.61
CA THR I 201 3.82 -61.12 15.23
C THR I 201 4.21 -60.56 16.58
N TRP I 202 5.39 -60.86 17.08
CA TRP I 202 5.78 -60.42 18.41
C TRP I 202 6.46 -59.06 18.37
N HIS I 203 5.67 -58.02 18.60
CA HIS I 203 6.17 -56.64 18.63
C HIS I 203 5.78 -56.01 19.94
N THR I 204 6.71 -56.02 20.88
CA THR I 204 6.39 -55.58 22.23
C THR I 204 7.47 -54.70 22.78
N VAL I 205 7.19 -54.08 23.91
CA VAL I 205 8.16 -53.20 24.54
C VAL I 205 8.90 -53.88 25.66
N GLY I 206 8.60 -55.14 25.91
CA GLY I 206 9.30 -55.91 26.93
C GLY I 206 9.31 -57.37 26.56
N MET I 207 10.29 -58.10 27.08
CA MET I 207 10.48 -59.51 26.79
C MET I 207 10.58 -59.73 25.28
N ARG I 208 11.26 -58.82 24.59
CA ARG I 208 11.36 -58.86 23.15
C ARG I 208 12.07 -60.11 22.61
N ALA I 209 13.19 -60.50 23.23
CA ALA I 209 13.97 -61.64 22.75
C ALA I 209 13.30 -63.00 22.98
N THR I 210 12.19 -63.03 23.72
CA THR I 210 11.48 -64.27 23.91
C THR I 210 10.88 -64.80 22.63
N GLY I 211 10.72 -63.96 21.60
CA GLY I 211 10.22 -64.40 20.32
C GLY I 211 8.90 -65.14 20.37
N SER I 212 7.95 -64.57 21.09
CA SER I 212 6.65 -65.18 21.29
C SER I 212 5.71 -64.92 20.10
N HIS I 213 6.10 -65.53 18.98
CA HIS I 213 5.46 -65.31 17.69
C HIS I 213 4.24 -66.20 17.52
N THR I 214 3.58 -66.13 16.36
CA THR I 214 2.38 -66.90 16.11
C THR I 214 2.72 -68.16 15.35
N VAL I 215 2.22 -69.28 15.84
CA VAL I 215 2.35 -70.57 15.19
C VAL I 215 1.13 -70.78 14.30
N VAL I 216 1.38 -71.11 13.04
CA VAL I 216 0.31 -71.31 12.08
C VAL I 216 0.31 -72.70 11.49
N LEU I 217 -0.86 -73.31 11.46
CA LEU I 217 -1.01 -74.65 10.92
C LEU I 217 -2.17 -74.67 9.96
N ARG I 218 -1.99 -75.34 8.83
CA ARG I 218 -3.11 -75.49 7.92
C ARG I 218 -3.26 -76.92 7.45
N ASP I 219 -4.35 -77.55 7.84
CA ASP I 219 -4.67 -78.91 7.47
C ASP I 219 -3.51 -79.90 7.72
N THR I 220 -2.87 -79.72 8.87
CA THR I 220 -1.69 -80.50 9.22
C THR I 220 -2.07 -81.82 9.86
N PHE I 221 -1.42 -82.88 9.43
CA PHE I 221 -1.72 -84.20 9.97
C PHE I 221 -0.99 -84.41 11.27
N VAL I 222 -1.72 -84.87 12.26
CA VAL I 222 -1.14 -85.21 13.54
C VAL I 222 -1.58 -86.61 13.89
N PRO I 223 -0.61 -87.52 14.14
CA PRO I 223 -1.09 -88.84 14.46
C PRO I 223 -1.67 -89.00 15.85
N GLU I 224 -2.43 -90.05 16.02
CA GLU I 224 -3.17 -90.36 17.22
C GLU I 224 -2.33 -90.40 18.49
N HIS I 225 -1.13 -90.97 18.42
CA HIS I 225 -0.29 -91.11 19.60
C HIS I 225 0.29 -89.79 20.09
N ARG I 226 0.18 -88.74 19.30
CA ARG I 226 0.63 -87.41 19.69
C ARG I 226 -0.56 -86.48 19.98
N VAL I 227 -1.69 -87.05 20.39
CA VAL I 227 -2.89 -86.29 20.68
C VAL I 227 -3.48 -86.85 21.96
N ILE I 228 -3.79 -86.00 22.93
CA ILE I 228 -4.52 -86.44 24.14
C ILE I 228 -5.67 -85.52 24.35
N SER I 229 -6.59 -85.92 25.21
CA SER I 229 -7.72 -85.05 25.53
C SER I 229 -7.20 -83.91 26.36
N GLY I 230 -7.91 -82.80 26.29
CA GLY I 230 -7.63 -81.64 27.09
C GLY I 230 -7.74 -82.03 28.55
N GLU I 231 -8.68 -82.91 28.87
CA GLU I 231 -8.84 -83.38 30.23
C GLU I 231 -7.59 -84.09 30.74
N LEU I 232 -6.97 -84.90 29.90
CA LEU I 232 -5.77 -85.62 30.28
C LEU I 232 -4.58 -84.70 30.44
N GLN I 233 -4.50 -83.68 29.59
CA GLN I 233 -3.42 -82.71 29.63
C GLN I 233 -3.39 -81.91 30.95
N ARG I 234 -4.55 -81.62 31.51
CA ARG I 234 -4.63 -80.88 32.75
C ARG I 234 -4.75 -81.76 33.96
N SER I 235 -4.69 -83.07 33.77
CA SER I 235 -4.95 -84.02 34.86
C SER I 235 -3.88 -83.98 35.94
N ARG I 236 -4.30 -84.26 37.17
CA ARG I 236 -3.39 -84.38 38.30
C ARG I 236 -3.52 -85.77 38.92
N GLU I 237 -3.98 -86.75 38.15
CA GLU I 237 -4.07 -88.14 38.65
C GLU I 237 -2.73 -88.78 38.92
N SER I 238 -1.66 -88.29 38.30
CA SER I 238 -0.35 -88.86 38.54
C SER I 238 0.24 -88.44 39.89
N ALA I 239 -0.46 -87.60 40.63
CA ALA I 239 0.02 -87.15 41.91
C ALA I 239 0.29 -88.26 42.90
N THR I 240 -0.52 -89.32 42.85
CA THR I 240 -0.37 -90.45 43.76
C THR I 240 0.29 -91.70 43.16
N ASP I 241 0.79 -91.63 41.94
CA ASP I 241 1.36 -92.78 41.25
C ASP I 241 2.81 -93.05 41.70
N LEU I 242 2.98 -94.07 42.54
CA LEU I 242 4.31 -94.43 43.06
C LEU I 242 5.27 -94.97 41.99
N GLY I 243 4.72 -95.44 40.87
CA GLY I 243 5.48 -95.90 39.71
C GLY I 243 6.27 -94.81 39.01
N LEU I 244 5.75 -93.59 39.04
CA LEU I 244 6.41 -92.45 38.42
C LEU I 244 7.48 -91.84 39.31
N PRO I 245 8.53 -91.24 38.71
CA PRO I 245 9.43 -90.47 39.58
C PRO I 245 8.74 -89.25 40.16
N PRO I 246 9.27 -88.68 41.28
CA PRO I 246 8.49 -87.55 41.87
C PRO I 246 8.18 -86.35 41.00
N LEU I 247 9.07 -85.95 40.10
CA LEU I 247 8.79 -84.81 39.23
C LEU I 247 7.52 -84.98 38.41
N PHE I 248 7.26 -86.18 37.95
CA PHE I 248 6.09 -86.41 37.12
C PHE I 248 4.81 -86.58 37.93
N ARG I 249 4.93 -86.50 39.25
CA ARG I 249 3.75 -86.48 40.11
C ARG I 249 3.30 -85.05 40.41
N THR I 250 4.16 -84.07 40.10
CA THR I 250 3.97 -82.66 40.41
C THR I 250 2.77 -82.11 39.68
N ALA I 251 2.05 -81.20 40.31
CA ALA I 251 0.99 -80.48 39.66
C ALA I 251 1.59 -79.51 38.62
N ALA I 252 1.54 -79.89 37.35
CA ALA I 252 2.40 -79.30 36.34
C ALA I 252 2.10 -77.84 36.02
N ILE I 253 0.83 -77.52 35.88
CA ILE I 253 0.39 -76.17 35.52
C ILE I 253 0.71 -75.20 36.63
N ALA I 254 0.51 -75.61 37.86
CA ALA I 254 0.87 -74.79 38.99
C ALA I 254 2.37 -74.62 39.05
N ALA I 255 3.13 -75.66 38.76
CA ALA I 255 4.58 -75.58 38.80
C ALA I 255 5.11 -74.61 37.77
N MET I 256 4.50 -74.61 36.61
CA MET I 256 4.88 -73.72 35.53
C MET I 256 4.64 -72.26 35.93
N ALA I 257 3.50 -71.99 36.57
CA ALA I 257 3.18 -70.68 37.04
C ALA I 257 4.17 -70.20 38.10
N VAL I 258 4.61 -71.09 38.98
CA VAL I 258 5.59 -70.74 39.99
C VAL I 258 6.93 -70.33 39.39
N VAL I 259 7.38 -71.02 38.36
CA VAL I 259 8.67 -70.66 37.73
C VAL I 259 8.53 -69.41 36.84
N CYS I 260 7.36 -69.16 36.28
CA CYS I 260 7.14 -67.90 35.53
C CYS I 260 7.26 -66.73 36.49
N ALA I 261 6.65 -66.86 37.66
CA ALA I 261 6.79 -65.87 38.72
C ALA I 261 8.25 -65.69 39.14
N SER I 262 9.01 -66.79 39.17
CA SER I 262 10.43 -66.70 39.54
C SER I 262 11.24 -65.86 38.56
N VAL I 263 10.89 -65.92 37.27
CA VAL I 263 11.56 -65.11 36.24
C VAL I 263 11.36 -63.65 36.58
N VAL I 264 10.11 -63.28 36.83
CA VAL I 264 9.78 -61.91 37.20
C VAL I 264 10.51 -61.47 38.48
N LEU I 265 10.40 -62.33 39.49
CA LEU I 265 11.02 -62.07 40.79
C LEU I 265 12.52 -61.79 40.66
N GLY I 266 13.21 -62.67 39.96
CA GLY I 266 14.63 -62.52 39.73
C GLY I 266 15.01 -61.18 39.08
N ALA I 267 14.20 -60.69 38.14
CA ALA I 267 14.46 -59.39 37.50
C ALA I 267 14.34 -58.26 38.52
N GLY I 268 13.35 -58.40 39.40
CA GLY I 268 13.16 -57.46 40.48
C GLY I 268 14.34 -57.44 41.44
N GLN I 269 14.82 -58.62 41.78
CA GLN I 269 15.99 -58.72 42.64
C GLN I 269 17.21 -58.13 42.00
N ALA I 270 17.38 -58.34 40.69
CA ALA I 270 18.52 -57.72 39.99
C ALA I 270 18.44 -56.19 40.01
N ALA I 271 17.22 -55.68 39.81
CA ALA I 271 16.92 -54.26 39.92
C ALA I 271 17.31 -53.72 41.29
N ARG I 272 16.95 -54.43 42.35
CA ARG I 272 17.29 -54.01 43.70
C ARG I 272 18.80 -53.96 43.89
N ALA I 273 19.49 -55.03 43.50
CA ALA I 273 20.96 -55.07 43.62
C ALA I 273 21.63 -53.91 42.89
N LEU I 274 21.11 -53.55 41.71
CA LEU I 274 21.64 -52.43 40.93
C LEU I 274 21.48 -51.08 41.62
N VAL I 275 20.28 -50.81 42.14
CA VAL I 275 20.01 -49.57 42.88
C VAL I 275 20.92 -49.48 44.11
N VAL I 276 21.14 -50.59 44.80
CA VAL I 276 22.08 -50.65 45.92
C VAL I 276 23.53 -50.38 45.51
N GLU I 277 23.92 -50.96 44.39
CA GLU I 277 25.24 -50.80 43.84
C GLU I 277 25.57 -49.35 43.49
N LYS I 278 24.60 -48.66 42.89
CA LYS I 278 24.79 -47.29 42.42
C LYS I 278 24.52 -46.16 43.40
N ALA I 279 23.87 -46.45 44.52
CA ALA I 279 23.43 -45.42 45.45
C ALA I 279 24.54 -44.62 46.08
N PRO I 280 25.70 -45.25 46.37
CA PRO I 280 26.73 -44.42 46.99
C PRO I 280 27.40 -43.41 46.05
N THR I 281 27.26 -43.57 44.74
CA THR I 281 27.87 -42.61 43.83
C THR I 281 26.93 -41.67 43.07
N ARG I 282 25.66 -41.58 43.46
CA ARG I 282 24.73 -40.64 42.81
C ARG I 282 24.03 -39.91 43.91
N GLY I 283 23.39 -38.81 43.52
CA GLY I 283 22.61 -37.96 44.42
C GLY I 283 21.14 -37.99 44.08
N ILE I 284 20.39 -37.19 44.83
CA ILE I 284 18.96 -37.01 44.65
C ILE I 284 18.71 -35.55 44.34
N ALA I 285 18.57 -35.29 43.04
CA ALA I 285 18.31 -33.92 42.59
C ALA I 285 16.90 -33.52 42.92
N PRO I 286 16.73 -32.24 43.28
CA PRO I 286 17.73 -31.16 43.40
C PRO I 286 18.08 -30.91 44.86
N SER I 287 18.09 -31.97 45.65
CA SER I 287 18.23 -31.81 47.09
C SER I 287 19.68 -31.59 47.44
N LYS I 288 19.90 -31.30 48.72
CA LYS I 288 21.25 -31.25 49.29
C LYS I 288 21.93 -32.62 49.40
N TYR I 289 21.19 -33.71 49.22
CA TYR I 289 21.77 -35.06 49.26
C TYR I 289 22.56 -35.41 48.00
N THR I 290 23.86 -35.16 48.02
CA THR I 290 24.72 -35.45 46.88
C THR I 290 25.01 -36.95 46.75
N ARG I 291 24.83 -37.67 47.85
CA ARG I 291 24.93 -39.14 47.87
C ARG I 291 23.60 -39.69 48.33
N GLN I 292 23.04 -40.65 47.61
CA GLN I 292 21.71 -41.21 47.95
C GLN I 292 21.67 -41.82 49.35
N THR I 293 22.79 -42.44 49.74
CA THR I 293 22.96 -43.09 51.04
C THR I 293 22.98 -42.13 52.21
N ASP I 294 23.22 -40.86 51.93
CA ASP I 294 23.14 -39.81 52.96
C ASP I 294 21.72 -39.48 53.35
N SER I 295 20.76 -39.80 52.50
CA SER I 295 19.38 -39.52 52.79
C SER I 295 18.73 -40.68 53.52
N ARG I 296 18.29 -40.41 54.73
CA ARG I 296 17.63 -41.42 55.51
C ARG I 296 16.27 -41.80 54.94
N THR I 297 15.59 -40.86 54.29
CA THR I 297 14.34 -41.18 53.64
C THR I 297 14.58 -42.18 52.54
N PHE I 298 15.66 -42.00 51.80
CA PHE I 298 16.04 -42.93 50.75
C PHE I 298 16.37 -44.29 51.32
N VAL I 299 17.16 -44.32 52.39
CA VAL I 299 17.61 -45.58 52.95
C VAL I 299 16.45 -46.37 53.53
N SER I 300 15.57 -45.71 54.26
CA SER I 300 14.44 -46.41 54.86
C SER I 300 13.44 -46.85 53.81
N SER I 301 13.27 -46.07 52.76
CA SER I 301 12.38 -46.47 51.69
C SER I 301 12.89 -47.70 51.01
N LEU I 302 14.20 -47.76 50.81
CA LEU I 302 14.81 -48.87 50.15
C LEU I 302 14.67 -50.13 50.99
N GLY I 303 14.73 -49.99 52.29
CA GLY I 303 14.52 -51.10 53.20
C GLY I 303 13.12 -51.65 53.05
N ARG I 304 12.14 -50.78 52.93
CA ARG I 304 10.78 -51.20 52.75
C ARG I 304 10.56 -51.92 51.42
N THR I 305 11.13 -51.39 50.35
CA THR I 305 11.00 -51.96 49.04
C THR I 305 11.65 -53.31 49.01
N ALA I 306 12.80 -53.40 49.66
CA ALA I 306 13.51 -54.65 49.73
C ALA I 306 12.68 -55.69 50.49
N LEU I 307 12.02 -55.30 51.59
CA LEU I 307 11.15 -56.28 52.28
C LEU I 307 9.95 -56.72 51.45
N SER I 308 9.37 -55.87 50.59
CA SER I 308 8.31 -56.38 49.67
C SER I 308 8.84 -57.43 48.73
N ILE I 309 10.00 -57.19 48.17
CA ILE I 309 10.62 -58.15 47.26
C ILE I 309 10.95 -59.45 48.03
N ASP I 310 11.43 -59.31 49.26
CA ASP I 310 11.66 -60.48 50.14
C ASP I 310 10.36 -61.28 50.37
N ALA I 311 9.26 -60.58 50.56
CA ALA I 311 7.99 -61.25 50.68
C ALA I 311 7.60 -61.98 49.41
N ALA I 312 7.85 -61.38 48.26
CA ALA I 312 7.52 -62.01 47.00
C ALA I 312 8.33 -63.29 46.86
N GLU I 313 9.60 -63.23 47.27
CA GLU I 313 10.47 -64.38 47.22
C GLU I 313 9.95 -65.53 48.08
N MET I 314 9.46 -65.21 49.27
CA MET I 314 8.92 -66.20 50.17
C MET I 314 7.63 -66.82 49.66
N HIS I 315 6.77 -66.03 49.01
CA HIS I 315 5.54 -66.53 48.41
C HIS I 315 5.87 -67.57 47.35
N VAL I 316 6.88 -67.27 46.55
CA VAL I 316 7.29 -68.15 45.48
C VAL I 316 7.90 -69.41 46.06
N ALA I 317 8.78 -69.26 47.04
CA ALA I 317 9.42 -70.42 47.65
C ALA I 317 8.40 -71.30 48.37
N ARG I 318 7.45 -70.71 49.07
CA ARG I 318 6.43 -71.48 49.78
C ARG I 318 5.64 -72.35 48.78
N ALA I 319 5.25 -71.77 47.66
CA ALA I 319 4.49 -72.50 46.66
C ALA I 319 5.31 -73.62 46.03
N ALA I 320 6.56 -73.30 45.73
CA ALA I 320 7.45 -74.33 45.22
C ALA I 320 7.59 -75.52 46.18
N THR I 321 7.74 -75.22 47.45
CA THR I 321 7.90 -76.23 48.49
C THR I 321 6.64 -77.04 48.69
N ALA I 322 5.49 -76.40 48.64
CA ALA I 322 4.26 -77.14 48.74
C ALA I 322 4.13 -78.14 47.58
N LEU I 323 4.49 -77.71 46.38
CA LEU I 323 4.42 -78.56 45.20
C LEU I 323 5.40 -79.72 45.29
N ASP I 324 6.62 -79.45 45.71
CA ASP I 324 7.62 -80.51 45.85
C ASP I 324 7.32 -81.48 46.97
N ASP I 325 6.83 -80.99 48.10
CA ASP I 325 6.54 -81.86 49.23
C ASP I 325 5.46 -82.85 48.84
N ALA I 326 4.45 -82.38 48.12
CA ALA I 326 3.39 -83.26 47.68
C ALA I 326 3.88 -84.30 46.69
N ALA I 327 4.74 -83.90 45.75
CA ALA I 327 5.26 -84.83 44.76
C ALA I 327 6.14 -85.90 45.39
N TYR I 328 6.97 -85.52 46.33
CA TYR I 328 7.84 -86.45 47.02
C TYR I 328 7.04 -87.42 47.89
N ASP I 329 5.99 -86.96 48.52
CA ASP I 329 5.17 -87.81 49.35
C ASP I 329 4.14 -88.55 48.56
N ALA I 330 4.05 -88.30 47.27
CA ALA I 330 3.02 -88.94 46.46
C ALA I 330 1.58 -88.70 46.96
N VAL I 331 1.32 -87.51 47.50
CA VAL I 331 -0.05 -87.10 47.86
C VAL I 331 -0.57 -86.05 46.88
N ALA I 332 -1.89 -86.07 46.70
CA ALA I 332 -2.59 -85.09 45.90
C ALA I 332 -2.74 -83.82 46.72
N LEU I 333 -2.41 -82.69 46.11
CA LEU I 333 -2.72 -81.39 46.68
C LEU I 333 -4.22 -81.18 46.57
N PRO I 334 -4.87 -80.80 47.69
CA PRO I 334 -6.28 -80.49 47.56
C PRO I 334 -6.45 -79.18 46.80
N ASP I 335 -7.66 -78.93 46.33
CA ASP I 335 -7.95 -77.72 45.59
C ASP I 335 -7.58 -76.46 46.35
N SER I 336 -7.84 -76.44 47.65
CA SER I 336 -7.54 -75.26 48.44
C SER I 336 -6.06 -74.90 48.41
N GLU I 337 -5.20 -75.90 48.40
CA GLU I 337 -3.79 -75.64 48.34
C GLU I 337 -3.37 -75.07 46.98
N LEU I 338 -3.98 -75.56 45.90
CA LEU I 338 -3.68 -75.06 44.56
C LEU I 338 -4.18 -73.64 44.35
N LEU I 339 -5.35 -73.34 44.93
CA LEU I 339 -5.93 -72.02 44.84
C LEU I 339 -5.05 -71.02 45.58
N ARG I 340 -4.47 -71.46 46.69
CA ARG I 340 -3.53 -70.64 47.40
C ARG I 340 -2.26 -70.40 46.60
N ILE I 341 -1.78 -71.40 45.87
CA ILE I 341 -0.58 -71.24 45.06
C ILE I 341 -0.83 -70.20 43.97
N ARG I 342 -2.03 -70.20 43.40
CA ARG I 342 -2.39 -69.25 42.37
C ARG I 342 -2.38 -67.82 42.92
N GLY I 343 -2.85 -67.68 44.14
CA GLY I 343 -2.80 -66.42 44.85
C GLY I 343 -1.38 -65.97 45.17
N ASP I 344 -0.54 -66.90 45.62
CA ASP I 344 0.86 -66.57 45.92
C ASP I 344 1.60 -66.03 44.72
N VAL I 345 1.42 -66.64 43.54
CA VAL I 345 2.20 -66.22 42.37
C VAL I 345 1.77 -64.86 41.84
N GLY I 346 0.48 -64.58 41.82
CA GLY I 346 0.00 -63.29 41.39
C GLY I 346 0.40 -62.22 42.35
N GLN I 347 0.31 -62.53 43.62
CA GLN I 347 0.73 -61.62 44.65
C GLN I 347 2.22 -61.35 44.59
N ALA I 348 3.04 -62.37 44.34
CA ALA I 348 4.50 -62.14 44.27
C ALA I 348 4.84 -61.20 43.13
N VAL I 349 4.26 -61.42 41.95
CA VAL I 349 4.61 -60.59 40.77
C VAL I 349 4.08 -59.19 40.92
N SER I 350 2.94 -59.07 41.57
CA SER I 350 2.36 -57.76 41.87
C SER I 350 3.22 -56.93 42.84
N LEU I 351 3.72 -57.61 43.83
CA LEU I 351 4.68 -57.06 44.76
C LEU I 351 5.95 -56.62 44.00
N VAL I 352 6.41 -57.41 43.04
CA VAL I 352 7.59 -57.07 42.27
C VAL I 352 7.38 -55.86 41.36
N THR I 353 6.24 -55.76 40.70
CA THR I 353 6.00 -54.61 39.83
C THR I 353 5.85 -53.33 40.64
N THR I 354 5.24 -53.38 41.82
CA THR I 354 5.14 -52.23 42.68
C THR I 354 6.52 -51.83 43.17
N ALA I 355 7.33 -52.81 43.52
CA ALA I 355 8.68 -52.54 43.99
C ALA I 355 9.56 -51.94 42.89
N LEU I 356 9.36 -52.33 41.63
CA LEU I 356 10.14 -51.77 40.54
C LEU I 356 9.82 -50.29 40.35
N ASP I 357 8.55 -49.93 40.52
CA ASP I 357 8.14 -48.55 40.46
C ASP I 357 8.85 -47.76 41.56
N GLU I 358 8.94 -48.36 42.73
CA GLU I 358 9.68 -47.79 43.85
C GLU I 358 11.17 -47.65 43.57
N LEU I 359 11.77 -48.63 42.90
CA LEU I 359 13.19 -48.58 42.61
C LEU I 359 13.53 -47.47 41.60
N LEU I 360 12.63 -47.17 40.67
CA LEU I 360 12.80 -46.08 39.74
C LEU I 360 12.76 -44.74 40.45
N TRP I 361 11.89 -44.63 41.46
CA TRP I 361 11.84 -43.42 42.26
C TRP I 361 13.11 -43.26 43.03
N ALA I 362 13.68 -44.35 43.50
CA ALA I 362 14.94 -44.30 44.20
C ALA I 362 16.11 -43.90 43.30
N HIS I 363 16.19 -44.53 42.13
CA HIS I 363 17.32 -44.31 41.23
C HIS I 363 17.27 -42.99 40.49
N GLY I 364 16.09 -42.57 40.04
CA GLY I 364 15.93 -41.30 39.36
C GLY I 364 15.72 -41.43 37.86
N ALA I 365 15.80 -40.28 37.19
CA ALA I 365 15.56 -40.20 35.76
C ALA I 365 16.53 -41.00 34.91
N ALA I 366 17.74 -41.18 35.39
CA ALA I 366 18.75 -41.94 34.69
C ALA I 366 18.35 -43.39 34.45
N SER I 367 17.41 -43.86 35.23
CA SER I 367 17.01 -45.24 35.09
C SER I 367 16.34 -45.52 33.75
N PHE I 368 15.87 -44.48 33.07
CA PHE I 368 15.18 -44.68 31.79
C PHE I 368 16.10 -44.58 30.58
N ALA I 369 17.39 -44.41 30.80
CA ALA I 369 18.32 -44.38 29.68
C ALA I 369 18.46 -45.77 29.08
N GLU I 370 18.63 -45.86 27.78
CA GLU I 370 18.79 -47.16 27.12
C GLU I 370 20.01 -47.89 27.60
N SER I 371 21.03 -47.15 28.02
CA SER I 371 22.22 -47.77 28.57
C SER I 371 22.06 -48.34 29.98
N ASN I 372 20.98 -48.02 30.69
CA ASN I 372 20.82 -48.44 32.08
C ASN I 372 20.03 -49.77 32.16
N PRO I 373 20.62 -50.81 32.77
CA PRO I 373 19.87 -52.09 32.90
C PRO I 373 18.58 -52.00 33.72
N LEU I 374 18.41 -50.95 34.50
CA LEU I 374 17.26 -50.83 35.34
C LEU I 374 15.94 -50.79 34.57
N GLN I 375 15.90 -50.05 33.47
CA GLN I 375 14.69 -50.00 32.65
C GLN I 375 14.42 -51.32 31.93
N ARG I 376 15.46 -52.11 31.67
CA ARG I 376 15.29 -53.42 31.06
C ARG I 376 14.59 -54.36 32.01
N TYR I 377 15.01 -54.37 33.26
CA TYR I 377 14.37 -55.24 34.24
C TYR I 377 12.95 -54.77 34.43
N TRP I 378 12.75 -53.46 34.42
CA TRP I 378 11.43 -52.86 34.58
C TRP I 378 10.49 -53.25 33.43
N ARG I 379 10.95 -53.15 32.20
CA ARG I 379 10.09 -53.50 31.07
C ARG I 379 9.85 -55.01 30.96
N ASP I 380 10.86 -55.84 31.17
CA ASP I 380 10.68 -57.28 31.07
C ASP I 380 9.83 -57.89 32.17
N ALA I 381 10.04 -57.46 33.40
CA ALA I 381 9.26 -57.97 34.53
C ALA I 381 7.80 -57.54 34.42
N ASN I 382 7.57 -56.29 34.01
CA ASN I 382 6.21 -55.80 33.87
C ASN I 382 5.43 -56.50 32.75
N THR I 383 6.08 -56.78 31.62
CA THR I 383 5.46 -57.47 30.52
C THR I 383 5.09 -58.89 30.90
N ALA I 384 6.06 -59.61 31.46
CA ALA I 384 5.88 -61.01 31.84
C ALA I 384 4.89 -61.21 32.97
N ALA I 385 4.81 -60.26 33.88
CA ALA I 385 3.91 -60.34 35.01
C ALA I 385 2.46 -60.44 34.62
N ARG I 386 2.07 -59.89 33.48
CA ARG I 386 0.67 -59.91 33.02
C ARG I 386 0.29 -61.16 32.24
N HIS I 387 1.14 -62.15 32.28
CA HIS I 387 0.79 -63.44 31.75
C HIS I 387 -0.44 -63.92 32.49
N ALA I 388 -1.33 -64.58 31.80
CA ALA I 388 -2.60 -65.01 32.36
C ALA I 388 -2.55 -65.87 33.62
N MET I 389 -1.56 -66.74 33.72
CA MET I 389 -1.41 -67.61 34.86
C MET I 389 -0.85 -66.86 36.07
N LEU I 390 -0.45 -65.62 35.88
CA LEU I 390 0.03 -64.78 36.96
C LEU I 390 -0.92 -63.64 37.31
N ASN I 391 -2.15 -63.64 36.82
CA ASN I 391 -3.04 -62.50 37.03
C ASN I 391 -3.33 -62.32 38.49
N VAL I 392 -3.02 -61.15 39.03
CA VAL I 392 -3.12 -60.90 40.46
C VAL I 392 -4.56 -60.85 40.96
N HIS I 393 -5.42 -60.19 40.20
CA HIS I 393 -6.84 -60.09 40.54
C HIS I 393 -7.56 -61.45 40.52
N VAL I 394 -7.20 -62.28 39.54
CA VAL I 394 -7.76 -63.64 39.47
C VAL I 394 -7.26 -64.45 40.65
N GLY I 395 -5.98 -64.32 40.98
CA GLY I 395 -5.40 -65.04 42.10
C GLY I 395 -6.07 -64.69 43.41
N HIS I 396 -6.32 -63.40 43.60
CA HIS I 396 -6.99 -62.90 44.79
C HIS I 396 -8.37 -63.49 44.91
N GLU I 397 -9.09 -63.56 43.80
CA GLU I 397 -10.42 -64.11 43.79
C GLU I 397 -10.42 -65.61 44.04
N LEU I 398 -9.46 -66.31 43.47
CA LEU I 398 -9.34 -67.75 43.67
C LEU I 398 -9.02 -68.12 45.12
N TYR I 399 -8.08 -67.42 45.73
CA TYR I 399 -7.68 -67.72 47.08
C TYR I 399 -8.79 -67.36 48.05
N GLY I 400 -9.43 -66.22 47.81
CA GLY I 400 -10.52 -65.76 48.65
C GLY I 400 -11.67 -66.73 48.60
N GLY I 401 -11.93 -67.26 47.41
CA GLY I 401 -12.98 -68.18 47.18
C GLY I 401 -12.79 -69.50 47.88
N SER I 402 -11.55 -69.93 48.01
CA SER I 402 -11.21 -71.19 48.66
C SER I 402 -11.64 -71.21 50.12
N PHE I 403 -11.64 -70.07 50.77
CA PHE I 403 -12.10 -70.00 52.16
C PHE I 403 -13.56 -70.38 52.37
N PHE I 404 -14.37 -70.30 51.32
CA PHE I 404 -15.81 -70.59 51.35
C PHE I 404 -16.21 -71.72 50.39
N GLY I 405 -15.25 -72.33 49.71
CA GLY I 405 -15.53 -73.37 48.72
C GLY I 405 -16.37 -72.94 47.53
N LEU I 406 -16.16 -71.73 47.04
CA LEU I 406 -16.87 -71.24 45.85
C LEU I 406 -16.36 -71.95 44.60
N ASP I 407 -17.17 -71.96 43.54
CA ASP I 407 -16.71 -72.54 42.28
C ASP I 407 -15.56 -71.71 41.75
N PRO I 408 -14.40 -72.35 41.43
CA PRO I 408 -13.36 -71.49 40.90
C PRO I 408 -13.70 -70.81 39.59
N ILE I 409 -13.08 -69.66 39.37
CA ILE I 409 -13.34 -68.84 38.21
C ILE I 409 -12.43 -69.20 37.06
N VAL I 410 -11.58 -70.21 37.23
CA VAL I 410 -10.76 -70.68 36.13
C VAL I 410 -11.15 -72.11 35.86
N PRO I 411 -10.98 -72.59 34.60
CA PRO I 411 -11.42 -73.97 34.39
C PRO I 411 -10.53 -75.06 34.99
N SER I 412 -9.21 -74.88 35.10
CA SER I 412 -8.38 -75.92 35.69
C SER I 412 -7.38 -75.35 36.67
N LEU I 413 -6.95 -76.19 37.59
CA LEU I 413 -5.97 -75.82 38.60
C LEU I 413 -4.70 -76.63 38.43
N THR J 18 18.29 -86.04 61.32
CA THR J 18 16.99 -85.34 61.52
C THR J 18 16.27 -85.92 62.76
N ASP J 19 17.00 -86.63 63.62
CA ASP J 19 16.39 -87.22 64.77
C ASP J 19 15.91 -86.08 65.71
N ILE J 20 16.79 -85.10 65.91
CA ILE J 20 16.49 -83.94 66.76
C ILE J 20 15.41 -83.07 66.09
N ARG J 21 15.49 -82.95 64.77
CA ARG J 21 14.54 -82.18 64.02
C ARG J 21 13.15 -82.77 64.28
N SER J 22 13.08 -84.09 64.35
CA SER J 22 11.81 -84.73 64.57
C SER J 22 11.29 -84.48 65.98
N GLU J 23 12.22 -84.51 66.92
CA GLU J 23 11.95 -84.34 68.33
C GLU J 23 11.43 -82.93 68.62
N THR J 24 12.07 -81.96 68.02
CA THR J 24 11.71 -80.57 68.23
C THR J 24 10.32 -80.31 67.65
N ALA J 25 10.03 -80.91 66.51
CA ALA J 25 8.71 -80.80 65.91
C ALA J 25 7.66 -81.47 66.74
N GLU J 26 8.00 -82.59 67.36
CA GLU J 26 7.04 -83.31 68.19
C GLU J 26 6.67 -82.50 69.42
N LEU J 27 7.64 -81.84 70.02
CA LEU J 27 7.41 -81.05 71.20
C LEU J 27 6.54 -79.86 70.89
N ARG J 28 6.82 -79.23 69.76
CA ARG J 28 6.06 -78.06 69.34
C ARG J 28 4.60 -78.40 69.17
N ALA J 29 4.32 -79.53 68.56
CA ALA J 29 2.95 -79.96 68.36
C ALA J 29 2.27 -80.19 69.69
N GLU J 30 2.98 -80.79 70.63
CA GLU J 30 2.45 -81.06 71.95
C GLU J 30 2.12 -79.74 72.65
N LEU J 31 3.00 -78.76 72.53
CA LEU J 31 2.80 -77.47 73.15
C LEU J 31 1.65 -76.74 72.54
N VAL J 32 1.50 -76.86 71.23
CA VAL J 32 0.40 -76.22 70.55
C VAL J 32 -0.90 -76.86 71.04
N GLU J 33 -0.89 -78.17 71.22
CA GLU J 33 -2.08 -78.82 71.72
C GLU J 33 -2.37 -78.38 73.16
N ARG J 34 -1.36 -78.12 73.96
CA ARG J 34 -1.62 -77.56 75.30
C ARG J 34 -2.32 -76.23 75.28
N VAL J 35 -1.91 -75.37 74.36
CA VAL J 35 -2.57 -74.09 74.17
C VAL J 35 -4.06 -74.30 73.90
N HIS J 36 -4.40 -75.25 73.04
CA HIS J 36 -5.80 -75.53 72.74
C HIS J 36 -6.55 -76.06 73.94
N LYS J 37 -5.88 -76.87 74.74
CA LYS J 37 -6.47 -77.42 75.93
C LYS J 37 -6.77 -76.36 76.99
N PHE J 38 -5.82 -75.48 77.24
CA PHE J 38 -5.97 -74.44 78.23
C PHE J 38 -6.60 -73.18 77.69
N GLY J 39 -6.78 -73.11 76.38
CA GLY J 39 -7.32 -71.93 75.74
C GLY J 39 -8.67 -71.47 76.22
N PRO J 40 -9.62 -72.40 76.41
CA PRO J 40 -10.92 -71.99 76.94
C PRO J 40 -10.87 -71.27 78.30
N VAL J 41 -9.86 -71.56 79.14
CA VAL J 41 -9.69 -70.87 80.44
C VAL J 41 -9.28 -69.42 80.19
N PHE J 42 -8.28 -69.25 79.34
CA PHE J 42 -7.80 -67.92 79.00
C PHE J 42 -8.91 -67.10 78.39
N ALA J 43 -9.67 -67.70 77.48
CA ALA J 43 -10.77 -67.01 76.81
C ALA J 43 -11.84 -66.59 77.80
N ASP J 44 -12.09 -67.43 78.77
CA ASP J 44 -13.08 -67.17 79.77
C ASP J 44 -12.79 -65.98 80.65
N GLY J 45 -11.52 -65.70 80.85
CA GLY J 45 -11.11 -64.58 81.67
C GLY J 45 -10.84 -63.29 80.92
N VAL J 46 -11.23 -63.21 79.64
CA VAL J 46 -11.01 -62.01 78.85
C VAL J 46 -11.78 -60.83 79.41
N ALA J 47 -13.04 -61.03 79.76
CA ALA J 47 -13.85 -59.93 80.26
C ALA J 47 -13.35 -59.38 81.58
N GLU J 48 -12.94 -60.25 82.49
CA GLU J 48 -12.40 -59.79 83.76
C GLU J 48 -11.09 -59.08 83.55
N GLY J 49 -10.25 -59.61 82.68
CA GLY J 49 -8.96 -59.01 82.42
C GLY J 49 -9.04 -57.61 81.86
N GLU J 50 -10.01 -57.42 80.99
CA GLU J 50 -10.27 -56.15 80.34
C GLU J 50 -10.71 -55.10 81.36
N ARG J 51 -11.57 -55.55 82.26
CA ARG J 51 -12.15 -54.78 83.35
C ARG J 51 -11.14 -54.40 84.44
N GLU J 52 -10.28 -55.34 84.81
CA GLU J 52 -9.33 -55.13 85.90
C GLU J 52 -7.91 -54.78 85.49
N ARG J 53 -7.58 -54.88 84.22
CA ARG J 53 -6.22 -54.58 83.74
C ARG J 53 -5.13 -55.46 84.33
N ARG J 54 -5.46 -56.72 84.57
CA ARG J 54 -4.50 -57.73 85.05
C ARG J 54 -5.09 -59.07 84.64
N LEU J 55 -4.27 -60.10 84.62
CA LEU J 55 -4.75 -61.42 84.24
C LEU J 55 -5.53 -62.02 85.41
N PRO J 56 -6.66 -62.67 85.15
CA PRO J 56 -7.37 -63.33 86.26
C PRO J 56 -6.59 -64.45 86.90
N ASP J 57 -6.93 -64.82 88.13
CA ASP J 57 -6.23 -65.89 88.83
C ASP J 57 -6.28 -67.23 88.07
N ALA J 58 -7.41 -67.53 87.44
CA ALA J 58 -7.52 -68.79 86.72
C ALA J 58 -6.52 -68.85 85.55
N THR J 59 -6.32 -67.73 84.87
CA THR J 59 -5.40 -67.64 83.76
C THR J 59 -3.97 -67.85 84.23
N VAL J 60 -3.61 -67.23 85.34
CA VAL J 60 -2.28 -67.40 85.89
C VAL J 60 -2.07 -68.85 86.26
N ARG J 61 -3.09 -69.47 86.85
CA ARG J 61 -3.00 -70.87 87.22
C ARG J 61 -2.77 -71.72 86.00
N ALA J 62 -3.51 -71.45 84.94
CA ALA J 62 -3.38 -72.20 83.70
C ALA J 62 -1.99 -72.02 83.07
N ILE J 63 -1.42 -70.83 83.17
CA ILE J 63 -0.10 -70.59 82.65
C ILE J 63 0.90 -71.44 83.41
N ASP J 64 0.75 -71.54 84.72
CA ASP J 64 1.69 -72.34 85.52
C ASP J 64 1.55 -73.84 85.26
N GLN J 65 0.30 -74.33 85.19
CA GLN J 65 0.04 -75.74 84.91
C GLN J 65 0.47 -76.17 83.52
N SER J 66 0.22 -75.35 82.50
CA SER J 66 0.58 -75.67 81.10
C SER J 66 2.07 -75.68 80.82
N GLN J 67 2.82 -75.03 81.71
CA GLN J 67 4.26 -74.85 81.58
C GLN J 67 4.64 -73.92 80.39
N LEU J 68 3.70 -73.12 79.91
CA LEU J 68 3.95 -72.23 78.76
C LEU J 68 4.87 -71.04 79.07
N ALA J 69 5.06 -70.76 80.35
CA ALA J 69 6.09 -69.82 80.79
C ALA J 69 7.49 -70.43 80.84
N MET J 70 7.61 -71.73 80.57
CA MET J 70 8.87 -72.46 80.77
C MET J 70 9.59 -72.85 79.48
N LEU J 71 9.08 -72.40 78.34
CA LEU J 71 9.69 -72.74 77.06
C LEU J 71 11.13 -72.29 76.95
N TRP J 72 11.48 -71.14 77.51
CA TRP J 72 12.85 -70.67 77.43
C TRP J 72 13.61 -70.77 78.76
N THR J 73 13.16 -71.69 79.61
CA THR J 73 13.83 -72.00 80.85
C THR J 73 14.67 -73.24 80.60
N ALA J 74 15.86 -73.28 81.19
CA ALA J 74 16.78 -74.40 80.98
C ALA J 74 16.29 -75.73 81.52
N LYS J 75 16.67 -76.79 80.82
CA LYS J 75 16.35 -78.17 81.19
C LYS J 75 16.96 -78.54 82.51
N SER J 76 18.15 -78.01 82.77
CA SER J 76 18.84 -78.29 84.01
C SER J 76 18.03 -77.84 85.23
N TYR J 77 17.15 -76.85 85.07
CA TYR J 77 16.24 -76.43 86.13
C TYR J 77 14.79 -76.95 86.02
N GLY J 78 14.57 -77.91 85.14
CA GLY J 78 13.21 -78.44 84.87
C GLY J 78 12.39 -77.68 83.83
N GLY J 79 13.04 -76.81 83.07
CA GLY J 79 12.39 -76.11 81.96
C GLY J 79 12.33 -76.93 80.68
N LEU J 80 11.52 -76.47 79.74
CA LEU J 80 11.31 -77.18 78.49
C LEU J 80 12.39 -76.90 77.46
N GLU J 81 13.12 -75.80 77.62
CA GLU J 81 14.26 -75.42 76.76
C GLU J 81 14.03 -75.67 75.25
N THR J 82 13.09 -74.94 74.65
CA THR J 82 12.76 -75.10 73.22
C THR J 82 13.59 -74.14 72.36
N ASP J 83 13.06 -73.71 71.23
CA ASP J 83 13.77 -72.80 70.36
C ASP J 83 12.84 -71.64 70.00
N VAL J 84 13.32 -70.72 69.19
CA VAL J 84 12.53 -69.57 68.85
C VAL J 84 11.26 -69.92 68.08
N ARG J 85 11.39 -70.81 67.13
CA ARG J 85 10.27 -71.16 66.28
C ARG J 85 9.14 -71.76 67.08
N THR J 86 9.45 -72.57 68.08
CA THR J 86 8.41 -73.18 68.88
C THR J 86 7.67 -72.13 69.71
N MET J 87 8.42 -71.20 70.28
CA MET J 87 7.86 -70.16 71.10
C MET J 87 6.96 -69.28 70.25
N SER J 88 7.40 -69.00 69.03
CA SER J 88 6.64 -68.23 68.08
C SER J 88 5.34 -68.88 67.71
N GLU J 89 5.36 -70.17 67.39
CA GLU J 89 4.13 -70.84 67.03
C GLU J 89 3.18 -70.91 68.22
N VAL J 90 3.71 -71.06 69.41
CA VAL J 90 2.86 -71.07 70.63
C VAL J 90 2.18 -69.71 70.85
N ALA J 91 2.95 -68.65 70.73
CA ALA J 91 2.44 -67.29 70.87
C ALA J 91 1.31 -66.98 69.88
N LYS J 92 1.47 -67.42 68.64
CA LYS J 92 0.44 -67.18 67.61
C LYS J 92 -0.87 -67.82 67.98
N VAL J 93 -0.81 -69.04 68.48
CA VAL J 93 -2.03 -69.76 68.82
C VAL J 93 -2.65 -69.22 70.09
N LEU J 94 -1.82 -68.86 71.05
CA LEU J 94 -2.30 -68.22 72.29
C LEU J 94 -3.14 -66.99 72.05
N SER J 95 -2.69 -66.14 71.13
CA SER J 95 -3.42 -64.92 70.78
C SER J 95 -4.87 -65.12 70.36
N HIS J 96 -5.19 -66.27 69.79
CA HIS J 96 -6.57 -66.52 69.41
C HIS J 96 -7.47 -66.51 70.63
N TYR J 97 -6.96 -66.94 71.76
CA TYR J 97 -7.78 -67.05 72.95
C TYR J 97 -7.71 -65.77 73.78
N CYS J 98 -6.51 -65.29 74.01
CA CYS J 98 -6.33 -64.02 74.74
C CYS J 98 -5.01 -63.36 74.33
N PRO J 99 -5.07 -62.28 73.53
CA PRO J 99 -3.83 -61.63 73.14
C PRO J 99 -2.98 -61.10 74.32
N SER J 100 -3.64 -60.68 75.39
CA SER J 100 -2.91 -60.23 76.59
C SER J 100 -2.10 -61.36 77.28
N THR J 101 -2.73 -62.53 77.40
CA THR J 101 -2.08 -63.71 77.94
C THR J 101 -0.90 -64.08 77.07
N SER J 102 -1.13 -64.11 75.75
CA SER J 102 -0.04 -64.38 74.81
C SER J 102 1.09 -63.41 75.00
N TRP J 103 0.75 -62.13 75.12
CA TRP J 103 1.78 -61.13 75.32
C TRP J 103 2.57 -61.33 76.61
N VAL J 104 1.86 -61.68 77.69
CA VAL J 104 2.53 -61.88 78.97
C VAL J 104 3.43 -63.11 78.90
N VAL J 105 2.90 -64.21 78.38
CA VAL J 105 3.66 -65.42 78.26
C VAL J 105 4.93 -65.19 77.43
N ASN J 106 4.83 -64.45 76.34
CA ASN J 106 5.97 -64.10 75.50
C ASN J 106 6.99 -63.29 76.30
N ASN J 107 6.51 -62.33 77.08
CA ASN J 107 7.40 -61.52 77.87
C ASN J 107 8.11 -62.34 78.94
N VAL J 108 7.41 -63.26 79.57
CA VAL J 108 8.02 -64.07 80.60
C VAL J 108 9.17 -64.95 80.06
N ASN J 109 8.88 -65.67 78.98
CA ASN J 109 9.90 -66.50 78.35
C ASN J 109 11.08 -65.67 77.92
N GLY J 110 10.79 -64.54 77.29
CA GLY J 110 11.89 -63.68 76.88
C GLY J 110 12.70 -63.17 78.05
N SER J 111 12.04 -62.83 79.14
CA SER J 111 12.76 -62.34 80.31
C SER J 111 13.62 -63.43 80.91
N ASN J 112 13.07 -64.63 80.94
CA ASN J 112 13.79 -65.78 81.45
C ASN J 112 15.03 -66.04 80.58
N LEU J 113 14.92 -65.88 79.28
CA LEU J 113 16.06 -66.08 78.42
C LEU J 113 17.10 -65.02 78.71
N LEU J 114 16.67 -63.78 78.95
CA LEU J 114 17.60 -62.69 79.26
C LEU J 114 18.35 -62.95 80.53
N ALA J 115 17.70 -63.64 81.47
CA ALA J 115 18.30 -63.95 82.74
C ALA J 115 19.55 -64.80 82.62
N SER J 116 19.64 -65.58 81.56
CA SER J 116 20.80 -66.42 81.35
C SER J 116 22.13 -65.69 81.17
N LYS J 117 22.11 -64.39 80.94
CA LYS J 117 23.36 -63.64 80.92
C LYS J 117 23.94 -63.41 82.30
N PHE J 118 23.12 -63.58 83.33
CA PHE J 118 23.56 -63.40 84.70
C PHE J 118 24.40 -64.59 85.18
N PRO J 119 25.14 -64.40 86.30
CA PRO J 119 25.94 -65.53 86.75
C PRO J 119 25.13 -66.70 87.27
N ARG J 120 25.79 -67.84 87.40
CA ARG J 120 25.14 -69.05 87.85
C ARG J 120 24.53 -68.88 89.22
N ALA J 121 25.19 -68.11 90.06
CA ALA J 121 24.68 -67.82 91.39
C ALA J 121 23.28 -67.21 91.36
N ALA J 122 23.07 -66.26 90.46
CA ALA J 122 21.77 -65.62 90.27
C ALA J 122 20.77 -66.60 89.69
N LEU J 123 21.17 -67.32 88.66
CA LEU J 123 20.28 -68.29 88.01
C LEU J 123 19.80 -69.39 88.97
N ASP J 124 20.71 -69.87 89.82
CA ASP J 124 20.36 -70.84 90.86
C ASP J 124 19.37 -70.21 91.83
N GLU J 125 19.63 -68.99 92.26
CA GLU J 125 18.72 -68.30 93.18
C GLU J 125 17.31 -68.12 92.60
N VAL J 126 17.22 -67.89 91.29
CA VAL J 126 15.93 -67.69 90.61
C VAL J 126 15.22 -69.00 90.31
N PHE J 127 15.93 -69.93 89.66
CA PHE J 127 15.33 -71.17 89.09
C PHE J 127 15.58 -72.47 89.88
N GLY J 128 16.51 -72.43 90.82
CA GLY J 128 16.91 -73.59 91.62
C GLY J 128 15.83 -74.42 92.25
N ASP J 129 14.86 -73.77 92.90
CA ASP J 129 13.70 -74.45 93.52
C ASP J 129 12.39 -74.02 92.86
N ALA J 130 12.46 -73.45 91.66
CA ALA J 130 11.30 -72.86 90.99
C ALA J 130 11.45 -73.06 89.48
N PRO J 131 11.18 -74.27 88.99
CA PRO J 131 11.22 -74.52 87.53
C PRO J 131 10.26 -73.57 86.72
N GLY J 132 9.13 -73.21 87.33
CA GLY J 132 8.16 -72.28 86.76
C GLY J 132 8.34 -70.82 87.12
N ALA J 133 9.54 -70.41 87.49
CA ALA J 133 9.79 -69.00 87.81
C ALA J 133 9.45 -68.11 86.62
N LYS J 134 8.90 -66.93 86.93
CA LYS J 134 8.46 -65.98 85.93
C LYS J 134 9.09 -64.61 86.14
N LEU J 135 9.87 -64.17 85.15
CA LEU J 135 10.52 -62.84 85.18
C LEU J 135 9.81 -61.77 84.35
N ALA J 136 9.85 -60.55 84.83
CA ALA J 136 9.62 -59.33 84.07
C ALA J 136 10.95 -58.78 83.60
N SER J 137 10.89 -57.86 82.68
CA SER J 137 12.10 -57.16 82.28
C SER J 137 11.69 -55.86 81.63
N VAL J 138 12.26 -54.76 82.12
CA VAL J 138 11.98 -53.45 81.54
C VAL J 138 13.28 -52.73 81.24
N PHE J 139 13.41 -52.33 79.99
CA PHE J 139 14.57 -51.60 79.46
C PHE J 139 14.11 -50.16 79.15
N ALA J 140 12.84 -49.88 79.43
CA ALA J 140 12.14 -48.61 79.18
C ALA J 140 12.50 -47.44 80.10
N ALA J 141 13.32 -47.69 81.11
CA ALA J 141 13.78 -46.64 81.99
C ALA J 141 15.10 -47.06 82.48
N ALA J 142 15.76 -46.09 83.04
CA ALA J 142 16.91 -46.32 83.80
C ALA J 142 16.59 -45.74 85.17
N GLY J 143 17.19 -46.37 86.14
CA GLY J 143 17.08 -46.03 87.52
C GLY J 143 18.52 -45.71 87.74
N THR J 144 18.83 -45.38 88.96
CA THR J 144 20.14 -44.95 89.22
C THR J 144 20.66 -45.85 90.35
N ALA J 145 21.87 -46.34 90.16
CA ALA J 145 22.46 -47.27 91.09
C ALA J 145 23.82 -46.79 91.52
N VAL J 146 24.13 -47.01 92.78
CA VAL J 146 25.40 -46.59 93.31
C VAL J 146 26.02 -47.72 94.10
N ARG J 147 27.35 -47.83 94.02
CA ARG J 147 28.06 -48.89 94.74
C ARG J 147 27.97 -48.77 96.24
N THR J 148 27.78 -49.91 96.87
CA THR J 148 27.69 -50.02 98.32
C THR J 148 28.45 -51.30 98.63
N PRO J 149 28.87 -51.52 99.92
CA PRO J 149 29.60 -52.78 100.10
C PRO J 149 28.74 -53.99 99.88
N GLY J 150 29.29 -54.91 99.08
CA GLY J 150 28.62 -56.16 98.71
C GLY J 150 27.67 -56.05 97.55
N GLY J 151 27.52 -54.86 96.97
CA GLY J 151 26.61 -54.69 95.87
C GLY J 151 26.32 -53.27 95.44
N TYR J 152 25.03 -52.98 95.32
CA TYR J 152 24.56 -51.67 94.86
C TYR J 152 23.30 -51.26 95.63
N ARG J 153 23.04 -49.95 95.61
CA ARG J 153 21.80 -49.36 96.12
C ARG J 153 21.11 -48.76 94.90
N LEU J 154 19.86 -49.17 94.65
CA LEU J 154 19.15 -48.88 93.39
C LEU J 154 17.87 -48.11 93.64
N THR J 155 17.70 -47.03 92.88
CA THR J 155 16.49 -46.21 92.95
C THR J 155 16.03 -45.95 91.52
N GLY J 156 14.73 -46.01 91.29
CA GLY J 156 14.17 -45.72 89.99
C GLY J 156 12.69 -45.95 89.86
N SER J 157 12.17 -45.61 88.69
CA SER J 157 10.77 -45.82 88.35
C SER J 157 10.68 -46.33 86.90
N TRP J 158 10.23 -47.57 86.74
CA TRP J 158 10.26 -48.26 85.44
C TRP J 158 8.84 -48.52 84.95
N PRO J 159 8.34 -47.75 83.95
CA PRO J 159 7.03 -48.03 83.34
C PRO J 159 7.05 -49.22 82.39
N TYR J 160 5.87 -49.62 81.92
CA TYR J 160 5.70 -50.74 80.99
C TYR J 160 6.21 -52.09 81.51
N GLY J 161 5.88 -52.42 82.74
CA GLY J 161 6.37 -53.66 83.35
C GLY J 161 5.37 -54.75 83.07
N THR J 162 5.41 -55.31 81.87
CA THR J 162 4.47 -56.38 81.52
C THR J 162 4.49 -57.53 82.49
N GLY J 163 3.28 -57.89 82.93
CA GLY J 163 3.06 -59.02 83.82
C GLY J 163 3.67 -58.97 85.21
N ILE J 164 4.08 -57.78 85.66
CA ILE J 164 4.84 -57.61 86.90
C ILE J 164 4.04 -58.05 88.12
N LEU J 165 2.72 -57.85 88.08
CA LEU J 165 1.87 -58.33 89.16
C LEU J 165 1.95 -59.82 89.47
N HIS J 166 2.26 -60.65 88.47
CA HIS J 166 2.37 -62.11 88.67
C HIS J 166 3.80 -62.62 88.68
N ASP J 167 4.77 -61.72 88.62
CA ASP J 167 6.16 -62.14 88.38
C ASP J 167 6.91 -62.30 89.70
N ASP J 168 7.90 -63.17 89.67
CA ASP J 168 8.69 -63.52 90.84
C ASP J 168 9.90 -62.64 90.95
N TRP J 169 10.44 -62.24 89.78
CA TRP J 169 11.62 -61.38 89.70
C TRP J 169 11.45 -60.40 88.54
N ALA J 170 12.32 -59.39 88.50
CA ALA J 170 12.32 -58.39 87.43
C ALA J 170 13.73 -58.05 87.06
N ILE J 171 14.01 -57.97 85.76
CA ILE J 171 15.29 -57.48 85.26
C ILE J 171 15.07 -56.02 84.90
N LEU J 172 15.80 -55.14 85.57
CA LEU J 172 15.67 -53.70 85.38
C LEU J 172 16.98 -53.07 84.95
N VAL J 173 16.91 -52.15 84.00
CA VAL J 173 18.07 -51.42 83.52
C VAL J 173 18.34 -50.20 84.39
N ALA J 174 19.61 -49.91 84.62
CA ALA J 174 19.96 -48.76 85.41
C ALA J 174 21.27 -48.16 85.01
N ARG J 175 21.51 -46.95 85.48
CA ARG J 175 22.76 -46.29 85.22
C ARG J 175 23.51 -46.26 86.52
N GLU J 176 24.73 -46.73 86.51
CA GLU J 176 25.59 -46.62 87.68
C GLU J 176 26.13 -45.20 87.79
N VAL J 177 26.20 -44.69 89.00
CA VAL J 177 26.73 -43.36 89.24
C VAL J 177 27.63 -43.42 90.45
N ASP J 178 28.52 -42.44 90.56
CA ASP J 178 29.44 -42.39 91.70
C ASP J 178 28.85 -41.54 92.83
N ALA J 179 29.67 -41.31 93.85
CA ALA J 179 29.26 -40.52 95.00
C ALA J 179 28.92 -39.11 94.57
N ASP J 180 29.68 -38.61 93.61
CA ASP J 180 29.41 -37.30 93.06
C ASP J 180 28.10 -37.28 92.30
N GLY J 181 27.71 -38.43 91.76
CA GLY J 181 26.48 -38.53 90.99
C GLY J 181 26.74 -38.47 89.50
N GLU J 182 28.01 -38.59 89.13
CA GLU J 182 28.41 -38.63 87.73
C GLU J 182 28.20 -40.01 87.14
N PRO J 183 27.83 -40.11 85.87
CA PRO J 183 27.61 -41.44 85.27
C PRO J 183 28.85 -42.30 85.13
N VAL J 184 28.73 -43.58 85.50
CA VAL J 184 29.86 -44.51 85.41
C VAL J 184 29.67 -45.52 84.31
N GLY J 185 28.49 -46.11 84.23
CA GLY J 185 28.23 -47.11 83.21
C GLY J 185 26.82 -47.60 83.28
N GLY J 186 26.48 -48.53 82.40
CA GLY J 186 25.13 -49.10 82.35
C GLY J 186 25.07 -50.42 83.10
N LEU J 187 23.95 -50.71 83.74
CA LEU J 187 23.80 -51.99 84.45
C LEU J 187 22.49 -52.70 84.19
N SER J 188 22.50 -54.01 84.38
CA SER J 188 21.29 -54.78 84.37
C SER J 188 21.15 -55.46 85.70
N MET J 189 19.99 -55.33 86.32
CA MET J 189 19.85 -55.79 87.70
C MET J 189 18.68 -56.67 87.93
N LEU J 190 18.91 -57.73 88.67
CA LEU J 190 17.88 -58.72 88.90
C LEU J 190 17.37 -58.56 90.32
N VAL J 191 16.09 -58.22 90.46
CA VAL J 191 15.55 -57.95 91.77
C VAL J 191 14.23 -58.66 91.99
N PRO J 192 14.05 -59.21 93.18
CA PRO J 192 12.88 -60.03 93.51
C PRO J 192 11.63 -59.24 93.83
N ALA J 193 10.51 -59.94 93.76
CA ALA J 193 9.20 -59.37 94.00
C ALA J 193 9.07 -58.75 95.37
N ARG J 194 9.68 -59.41 96.35
CA ARG J 194 9.65 -58.93 97.74
C ARG J 194 10.25 -57.53 97.87
N ASP J 195 11.26 -57.23 97.06
CA ASP J 195 11.88 -55.92 97.08
C ASP J 195 11.20 -54.87 96.24
N LEU J 196 10.22 -55.24 95.42
CA LEU J 196 9.57 -54.30 94.49
C LEU J 196 8.28 -53.74 95.01
N THR J 197 7.91 -52.62 94.44
CA THR J 197 6.62 -52.01 94.66
C THR J 197 6.03 -51.77 93.29
N VAL J 198 4.74 -51.96 93.16
CA VAL J 198 4.10 -51.76 91.89
C VAL J 198 3.11 -50.63 92.00
N GLU J 199 3.18 -49.73 91.06
CA GLU J 199 2.35 -48.56 91.04
C GLU J 199 1.37 -48.72 89.89
N ASP J 200 0.11 -48.38 90.12
CA ASP J 200 -0.91 -48.59 89.11
C ASP J 200 -0.92 -47.47 88.07
N THR J 201 -0.28 -47.73 86.94
CA THR J 201 -0.19 -46.74 85.90
C THR J 201 -0.65 -47.20 84.52
N TRP J 202 -1.07 -48.46 84.38
CA TRP J 202 -1.41 -48.99 83.07
C TRP J 202 -2.88 -48.75 82.77
N HIS J 203 -3.15 -47.68 82.03
CA HIS J 203 -4.50 -47.33 81.60
C HIS J 203 -4.50 -47.14 80.11
N THR J 204 -4.91 -48.18 79.41
CA THR J 204 -4.81 -48.19 77.96
C THR J 204 -6.05 -48.72 77.35
N VAL J 205 -6.15 -48.59 76.04
CA VAL J 205 -7.32 -49.05 75.31
C VAL J 205 -7.07 -50.39 74.64
N GLY J 206 -5.88 -50.95 74.82
CA GLY J 206 -5.57 -52.27 74.28
C GLY J 206 -4.53 -52.92 75.15
N MET J 207 -4.48 -54.24 75.09
CA MET J 207 -3.58 -55.05 75.90
C MET J 207 -3.74 -54.70 77.39
N ARG J 208 -4.97 -54.46 77.81
CA ARG J 208 -5.26 -54.06 79.18
C ARG J 208 -4.86 -55.10 80.24
N ALA J 209 -5.15 -56.37 80.00
CA ALA J 209 -4.84 -57.40 80.99
C ALA J 209 -3.36 -57.71 81.13
N THR J 210 -2.52 -57.16 80.28
CA THR J 210 -1.10 -57.37 80.41
C THR J 210 -0.53 -56.73 81.68
N GLY J 211 -1.24 -55.80 82.29
CA GLY J 211 -0.81 -55.21 83.54
C GLY J 211 0.57 -54.61 83.51
N SER J 212 0.86 -53.85 82.48
CA SER J 212 2.19 -53.26 82.28
C SER J 212 2.36 -51.98 83.11
N HIS J 213 2.38 -52.19 84.42
CA HIS J 213 2.38 -51.14 85.42
C HIS J 213 3.80 -50.65 85.68
N THR J 214 3.95 -49.69 86.60
CA THR J 214 5.26 -49.10 86.89
C THR J 214 5.87 -49.77 88.10
N VAL J 215 7.13 -50.17 87.97
CA VAL J 215 7.90 -50.73 89.05
C VAL J 215 8.66 -49.59 89.72
N VAL J 216 8.55 -49.51 91.03
CA VAL J 216 9.19 -48.47 91.80
C VAL J 216 10.15 -49.03 92.84
N LEU J 217 11.35 -48.46 92.89
CA LEU J 217 12.37 -48.87 93.83
C LEU J 217 12.93 -47.67 94.51
N ARG J 218 13.13 -47.76 95.82
CA ARG J 218 13.79 -46.67 96.51
C ARG J 218 14.89 -47.16 97.43
N ASP J 219 16.13 -46.83 97.09
CA ASP J 219 17.29 -47.20 97.87
C ASP J 219 17.35 -48.69 98.18
N THR J 220 17.03 -49.49 97.19
CA THR J 220 16.96 -50.93 97.34
C THR J 220 18.30 -51.58 97.16
N PHE J 221 18.63 -52.50 98.05
CA PHE J 221 19.90 -53.19 97.98
C PHE J 221 19.83 -54.32 96.98
N VAL J 222 20.82 -54.38 96.10
CA VAL J 222 20.92 -55.47 95.15
C VAL J 222 22.32 -56.01 95.26
N PRO J 223 22.46 -57.34 95.54
CA PRO J 223 23.82 -57.80 95.65
C PRO J 223 24.53 -57.94 94.31
N GLU J 224 25.84 -57.99 94.39
CA GLU J 224 26.75 -58.04 93.26
C GLU J 224 26.47 -59.16 92.26
N HIS J 225 26.13 -60.36 92.74
CA HIS J 225 25.93 -61.49 91.86
C HIS J 225 24.64 -61.38 91.04
N ARG J 226 23.78 -60.44 91.38
CA ARG J 226 22.56 -60.19 90.63
C ARG J 226 22.63 -58.90 89.82
N VAL J 227 23.84 -58.49 89.44
CA VAL J 227 24.06 -57.27 88.67
C VAL J 227 25.09 -57.59 87.61
N ILE J 228 24.82 -57.25 86.36
CA ILE J 228 25.82 -57.37 85.29
C ILE J 228 25.87 -56.07 84.55
N SER J 229 26.91 -55.90 83.74
CA SER J 229 27.01 -54.70 82.93
C SER J 229 25.97 -54.77 81.86
N GLY J 230 25.55 -53.59 81.41
CA GLY J 230 24.63 -53.46 80.31
C GLY J 230 25.25 -54.11 79.09
N GLU J 231 26.57 -53.99 78.95
CA GLU J 231 27.28 -54.60 77.85
C GLU J 231 27.12 -56.12 77.84
N LEU J 232 27.21 -56.73 79.01
CA LEU J 232 27.07 -58.17 79.11
C LEU J 232 25.65 -58.64 78.85
N GLN J 233 24.67 -57.84 79.29
CA GLN J 233 23.26 -58.15 79.09
C GLN J 233 22.87 -58.21 77.62
N ARG J 234 23.47 -57.36 76.79
CA ARG J 234 23.17 -57.33 75.37
C ARG J 234 24.13 -58.17 74.55
N SER J 235 25.05 -58.85 75.21
CA SER J 235 26.13 -59.58 74.51
C SER J 235 25.63 -60.76 73.69
N ARG J 236 26.31 -61.01 72.58
CA ARG J 236 26.03 -62.18 71.76
C ARG J 236 27.28 -63.06 71.66
N GLU J 237 28.17 -62.97 72.64
CA GLU J 237 29.37 -63.82 72.66
C GLU J 237 29.07 -65.30 72.87
N SER J 238 27.91 -65.62 73.45
CA SER J 238 27.56 -67.01 73.68
C SER J 238 27.10 -67.71 72.39
N ALA J 239 27.04 -66.98 71.29
CA ALA J 239 26.61 -67.56 70.03
C ALA J 239 27.47 -68.72 69.57
N THR J 240 28.76 -68.67 69.85
CA THR J 240 29.69 -69.73 69.45
C THR J 240 30.11 -70.71 70.55
N ASP J 241 29.52 -70.60 71.73
CA ASP J 241 29.93 -71.42 72.87
C ASP J 241 29.31 -72.82 72.82
N LEU J 242 30.12 -73.81 72.45
CA LEU J 242 29.66 -75.19 72.34
C LEU J 242 29.30 -75.83 73.69
N GLY J 243 29.80 -75.25 74.79
CA GLY J 243 29.46 -75.69 76.15
C GLY J 243 28.02 -75.43 76.53
N LEU J 244 27.42 -74.38 75.99
CA LEU J 244 26.03 -74.05 76.25
C LEU J 244 25.05 -74.85 75.41
N PRO J 245 23.84 -75.12 75.93
CA PRO J 245 22.84 -75.67 75.01
C PRO J 245 22.45 -74.68 73.92
N PRO J 246 21.88 -75.17 72.79
CA PRO J 246 21.62 -74.19 71.71
C PRO J 246 20.74 -72.99 72.04
N LEU J 247 19.72 -73.11 72.86
CA LEU J 247 18.87 -71.97 73.20
C LEU J 247 19.64 -70.81 73.80
N PHE J 248 20.65 -71.11 74.61
CA PHE J 248 21.41 -70.04 75.24
C PHE J 248 22.48 -69.45 74.33
N ARG J 249 22.59 -69.97 73.12
CA ARG J 249 23.45 -69.39 72.11
C ARG J 249 22.71 -68.36 71.26
N THR J 250 21.37 -68.38 71.33
CA THR J 250 20.47 -67.57 70.52
C THR J 250 20.68 -66.10 70.79
N ALA J 251 20.54 -65.30 69.75
CA ALA J 251 20.54 -63.84 69.90
C ALA J 251 19.25 -63.40 70.61
N ALA J 252 19.36 -63.11 71.90
CA ALA J 252 18.19 -63.10 72.78
C ALA J 252 17.21 -61.96 72.49
N ILE J 253 17.75 -60.77 72.28
CA ILE J 253 16.94 -59.59 72.04
C ILE J 253 16.19 -59.70 70.74
N ALA J 254 16.86 -60.21 69.72
CA ALA J 254 16.20 -60.45 68.44
C ALA J 254 15.13 -61.51 68.58
N ALA J 255 15.40 -62.54 69.36
CA ALA J 255 14.43 -63.61 69.57
C ALA J 255 13.18 -63.11 70.25
N MET J 256 13.36 -62.22 71.20
CA MET J 256 12.26 -61.66 71.96
C MET J 256 11.37 -60.83 71.04
N ALA J 257 12.01 -60.05 70.16
CA ALA J 257 11.27 -59.26 69.19
C ALA J 257 10.47 -60.13 68.23
N VAL J 258 11.03 -61.26 67.81
CA VAL J 258 10.33 -62.18 66.93
C VAL J 258 9.08 -62.74 67.59
N VAL J 259 9.15 -63.08 68.88
CA VAL J 259 7.95 -63.63 69.54
C VAL J 259 6.93 -62.54 69.89
N CYS J 260 7.38 -61.32 70.10
CA CYS J 260 6.44 -60.21 70.30
C CYS J 260 5.63 -60.00 69.01
N ALA J 261 6.33 -60.02 67.88
CA ALA J 261 5.66 -59.98 66.59
C ALA J 261 4.68 -61.14 66.42
N SER J 262 5.04 -62.32 66.90
CA SER J 262 4.15 -63.47 66.78
C SER J 262 2.84 -63.29 67.52
N VAL J 263 2.88 -62.60 68.66
CA VAL J 263 1.66 -62.29 69.44
C VAL J 263 0.72 -61.47 68.58
N VAL J 264 1.26 -60.42 67.98
CA VAL J 264 0.48 -59.55 67.09
C VAL J 264 -0.05 -60.33 65.90
N LEU J 265 0.84 -61.09 65.26
CA LEU J 265 0.48 -61.87 64.08
C LEU J 265 -0.70 -62.80 64.38
N GLY J 266 -0.58 -63.55 65.47
CA GLY J 266 -1.63 -64.47 65.85
C GLY J 266 -2.99 -63.80 66.03
N ALA J 267 -3.02 -62.58 66.58
CA ALA J 267 -4.27 -61.84 66.75
C ALA J 267 -4.88 -61.51 65.40
N GLY J 268 -4.01 -61.16 64.46
CA GLY J 268 -4.42 -60.88 63.10
C GLY J 268 -5.01 -62.11 62.42
N GLN J 269 -4.34 -63.23 62.61
CA GLN J 269 -4.85 -64.47 62.06
C GLN J 269 -6.18 -64.85 62.66
N ALA J 270 -6.36 -64.62 63.96
CA ALA J 270 -7.67 -64.90 64.58
C ALA J 270 -8.79 -64.01 64.00
N ALA J 271 -8.43 -62.74 63.78
CA ALA J 271 -9.32 -61.78 63.14
C ALA J 271 -9.72 -62.27 61.75
N ARG J 272 -8.76 -62.76 60.99
CA ARG J 272 -9.06 -63.28 59.65
C ARG J 272 -10.03 -64.46 59.72
N ALA J 273 -9.70 -65.43 60.57
CA ALA J 273 -10.58 -66.60 60.74
C ALA J 273 -12.01 -66.20 61.11
N LEU J 274 -12.16 -65.20 61.98
CA LEU J 274 -13.48 -64.70 62.39
C LEU J 274 -14.30 -64.09 61.25
N VAL J 275 -13.66 -63.21 60.48
CA VAL J 275 -14.30 -62.63 59.29
C VAL J 275 -14.72 -63.71 58.29
N VAL J 276 -13.88 -64.74 58.09
CA VAL J 276 -14.23 -65.88 57.24
C VAL J 276 -15.42 -66.68 57.78
N GLU J 277 -15.42 -66.89 59.09
CA GLU J 277 -16.47 -67.60 59.77
C GLU J 277 -17.82 -66.94 59.63
N LYS J 278 -17.85 -65.62 59.76
CA LYS J 278 -19.10 -64.86 59.74
C LYS J 278 -19.62 -64.41 58.39
N ALA J 279 -18.80 -64.45 57.35
CA ALA J 279 -19.14 -63.88 56.06
C ALA J 279 -20.34 -64.52 55.39
N PRO J 280 -20.52 -65.85 55.54
CA PRO J 280 -21.70 -66.39 54.84
C PRO J 280 -23.04 -66.01 55.47
N THR J 281 -23.07 -65.52 56.71
CA THR J 281 -24.33 -65.14 57.31
C THR J 281 -24.60 -63.64 57.49
N ARG J 282 -23.80 -62.77 56.89
CA ARG J 282 -24.03 -61.32 56.99
C ARG J 282 -23.97 -60.78 55.60
N GLY J 283 -24.49 -59.56 55.46
CA GLY J 283 -24.47 -58.84 54.19
C GLY J 283 -23.58 -57.61 54.25
N ILE J 284 -23.59 -56.88 53.15
CA ILE J 284 -22.84 -55.64 52.98
C ILE J 284 -23.86 -54.54 52.71
N ALA J 285 -24.20 -53.82 53.79
CA ALA J 285 -25.14 -52.73 53.67
C ALA J 285 -24.51 -51.57 52.96
N PRO J 286 -25.32 -50.86 52.17
CA PRO J 286 -26.75 -51.09 51.85
C PRO J 286 -26.91 -51.73 50.49
N SER J 287 -25.96 -52.60 50.14
CA SER J 287 -25.93 -53.13 48.78
C SER J 287 -26.95 -54.24 48.63
N LYS J 288 -27.09 -54.70 47.41
CA LYS J 288 -27.86 -55.89 47.10
C LYS J 288 -27.24 -57.20 47.60
N TYR J 289 -25.97 -57.18 48.02
CA TYR J 289 -25.30 -58.37 48.55
C TYR J 289 -25.76 -58.69 49.98
N THR J 290 -26.77 -59.55 50.10
CA THR J 290 -27.29 -59.95 51.41
C THR J 290 -26.35 -60.95 52.12
N ARG J 291 -25.49 -61.60 51.34
CA ARG J 291 -24.43 -62.47 51.85
C ARG J 291 -23.10 -61.92 51.38
N GLN J 292 -22.14 -61.78 52.30
CA GLN J 292 -20.82 -61.19 51.96
C GLN J 292 -20.09 -61.98 50.87
N THR J 293 -20.24 -63.31 50.96
CA THR J 293 -19.62 -64.25 50.01
C THR J 293 -20.17 -64.15 48.60
N ASP J 294 -21.34 -63.55 48.44
CA ASP J 294 -21.91 -63.29 47.11
C ASP J 294 -21.20 -62.18 46.37
N SER J 295 -20.51 -61.32 47.10
CA SER J 295 -19.80 -60.22 46.50
C SER J 295 -18.38 -60.60 46.13
N ARG J 296 -18.09 -60.57 44.84
CA ARG J 296 -16.79 -60.92 44.38
C ARG J 296 -15.75 -59.90 44.77
N THR J 297 -16.14 -58.64 44.93
CA THR J 297 -15.24 -57.62 45.41
C THR J 297 -14.81 -57.95 46.83
N PHE J 298 -15.75 -58.41 47.63
CA PHE J 298 -15.47 -58.82 48.99
C PHE J 298 -14.54 -60.02 49.00
N VAL J 299 -14.83 -61.01 48.17
CA VAL J 299 -14.06 -62.23 48.19
C VAL J 299 -12.63 -61.99 47.76
N SER J 300 -12.44 -61.26 46.67
CA SER J 300 -11.10 -61.00 46.18
C SER J 300 -10.32 -60.08 47.12
N SER J 301 -10.98 -59.14 47.77
CA SER J 301 -10.33 -58.30 48.75
C SER J 301 -9.82 -59.12 49.91
N LEU J 302 -10.64 -60.06 50.35
CA LEU J 302 -10.27 -60.89 51.46
C LEU J 302 -9.09 -61.77 51.11
N GLY J 303 -9.02 -62.22 49.86
CA GLY J 303 -7.89 -62.99 49.40
C GLY J 303 -6.62 -62.20 49.50
N ARG J 304 -6.69 -60.93 49.10
CA ARG J 304 -5.55 -60.07 49.17
C ARG J 304 -5.09 -59.80 50.61
N THR J 305 -6.05 -59.55 51.50
CA THR J 305 -5.76 -59.29 52.89
C THR J 305 -5.15 -60.51 53.51
N ALA J 306 -5.69 -61.67 53.18
CA ALA J 306 -5.16 -62.90 53.66
C ALA J 306 -3.73 -63.11 53.19
N LEU J 307 -3.42 -62.80 51.94
CA LEU J 307 -2.02 -62.93 51.49
C LEU J 307 -1.06 -61.97 52.20
N SER J 308 -1.48 -60.75 52.56
CA SER J 308 -0.59 -59.91 53.40
C SER J 308 -0.29 -60.54 54.73
N ILE J 309 -1.32 -61.08 55.37
CA ILE J 309 -1.13 -61.76 56.67
C ILE J 309 -0.21 -62.98 56.49
N ASP J 310 -0.40 -63.71 55.39
CA ASP J 310 0.49 -64.85 55.05
C ASP J 310 1.96 -64.37 54.90
N ALA J 311 2.15 -63.22 54.27
CA ALA J 311 3.49 -62.67 54.17
C ALA J 311 4.06 -62.31 55.52
N ALA J 312 3.24 -61.75 56.40
CA ALA J 312 3.71 -61.40 57.74
C ALA J 312 4.15 -62.66 58.46
N GLU J 313 3.38 -63.72 58.29
CA GLU J 313 3.70 -65.00 58.90
C GLU J 313 5.06 -65.55 58.42
N MET J 314 5.31 -65.44 57.13
CA MET J 314 6.57 -65.87 56.56
C MET J 314 7.75 -65.04 57.03
N HIS J 315 7.58 -63.73 57.18
CA HIS J 315 8.62 -62.86 57.70
C HIS J 315 9.02 -63.30 59.10
N VAL J 316 8.02 -63.61 59.91
CA VAL J 316 8.25 -64.03 61.28
C VAL J 316 8.92 -65.37 61.31
N ALA J 317 8.43 -66.32 60.51
CA ALA J 317 9.03 -67.63 60.48
C ALA J 317 10.46 -67.61 59.94
N ARG J 318 10.73 -66.80 58.92
CA ARG J 318 12.07 -66.71 58.39
C ARG J 318 13.03 -66.24 59.45
N ALA J 319 12.65 -65.22 60.20
CA ALA J 319 13.53 -64.69 61.24
C ALA J 319 13.73 -65.71 62.36
N ALA J 320 12.66 -66.37 62.74
CA ALA J 320 12.79 -67.42 63.74
C ALA J 320 13.78 -68.51 63.31
N THR J 321 13.67 -68.92 62.07
CA THR J 321 14.54 -69.96 61.51
C THR J 321 15.97 -69.51 61.40
N ALA J 322 16.21 -68.26 61.01
CA ALA J 322 17.57 -67.77 60.96
C ALA J 322 18.20 -67.82 62.36
N LEU J 323 17.42 -67.43 63.37
CA LEU J 323 17.92 -67.41 64.74
C LEU J 323 18.21 -68.81 65.26
N ASP J 324 17.30 -69.75 64.99
CA ASP J 324 17.50 -71.14 65.40
C ASP J 324 18.62 -71.83 64.67
N ASP J 325 18.76 -71.60 63.37
CA ASP J 325 19.80 -72.26 62.61
C ASP J 325 21.15 -71.84 63.13
N ALA J 326 21.30 -70.57 63.44
CA ALA J 326 22.56 -70.07 63.96
C ALA J 326 22.87 -70.65 65.32
N ALA J 327 21.86 -70.74 66.18
CA ALA J 327 22.07 -71.28 67.51
C ALA J 327 22.46 -72.76 67.47
N TYR J 328 21.79 -73.52 66.63
CA TYR J 328 22.09 -74.94 66.48
C TYR J 328 23.46 -75.18 65.89
N ASP J 329 23.89 -74.36 64.96
CA ASP J 329 25.20 -74.51 64.34
C ASP J 329 26.27 -73.85 65.15
N ALA J 330 25.91 -73.16 66.23
CA ALA J 330 26.90 -72.43 67.02
C ALA J 330 27.70 -71.39 66.24
N VAL J 331 27.05 -70.75 65.27
CA VAL J 331 27.65 -69.61 64.55
C VAL J 331 27.01 -68.30 65.00
N ALA J 332 27.83 -67.25 64.93
CA ALA J 332 27.37 -65.90 65.19
C ALA J 332 26.66 -65.39 63.96
N LEU J 333 25.48 -64.80 64.18
CA LEU J 333 24.79 -64.06 63.14
C LEU J 333 25.55 -62.77 62.89
N PRO J 334 25.89 -62.48 61.62
CA PRO J 334 26.50 -61.19 61.38
C PRO J 334 25.47 -60.07 61.58
N ASP J 335 25.96 -58.85 61.69
CA ASP J 335 25.09 -57.69 61.89
C ASP J 335 24.04 -57.56 60.82
N SER J 336 24.40 -57.81 59.57
CA SER J 336 23.46 -57.68 58.48
C SER J 336 22.26 -58.60 58.63
N GLU J 337 22.47 -59.79 59.16
CA GLU J 337 21.38 -60.71 59.36
C GLU J 337 20.44 -60.23 60.48
N LEU J 338 21.01 -59.66 61.55
CA LEU J 338 20.21 -59.12 62.65
C LEU J 338 19.42 -57.89 62.24
N LEU J 339 20.01 -57.07 61.39
CA LEU J 339 19.36 -55.89 60.90
C LEU J 339 18.18 -56.26 60.03
N ARG J 340 18.34 -57.33 59.27
CA ARG J 340 17.25 -57.86 58.48
C ARG J 340 16.13 -58.39 59.36
N ILE J 341 16.47 -59.04 60.45
CA ILE J 341 15.44 -59.57 61.36
C ILE J 341 14.64 -58.42 61.95
N ARG J 342 15.31 -57.32 62.28
CA ARG J 342 14.60 -56.17 62.83
C ARG J 342 13.63 -55.60 61.81
N GLY J 343 14.02 -55.59 60.55
CA GLY J 343 13.15 -55.20 59.47
C GLY J 343 11.99 -56.15 59.27
N ASP J 344 12.23 -57.46 59.33
CA ASP J 344 11.16 -58.43 59.18
C ASP J 344 10.07 -58.27 60.22
N VAL J 345 10.46 -58.06 61.47
CA VAL J 345 9.45 -57.99 62.54
C VAL J 345 8.58 -56.74 62.48
N GLY J 346 9.19 -55.60 62.17
CA GLY J 346 8.42 -54.38 62.01
C GLY J 346 7.51 -54.45 60.82
N GLN J 347 8.03 -55.02 59.75
CA GLN J 347 7.27 -55.21 58.54
C GLN J 347 6.11 -56.16 58.79
N ALA J 348 6.32 -57.25 59.52
CA ALA J 348 5.23 -58.20 59.75
C ALA J 348 4.09 -57.55 60.52
N VAL J 349 4.42 -56.81 61.59
CA VAL J 349 3.35 -56.21 62.41
C VAL J 349 2.66 -55.08 61.69
N SER J 350 3.40 -54.38 60.85
CA SER J 350 2.81 -53.34 60.01
C SER J 350 1.82 -53.90 58.98
N LEU J 351 2.21 -55.00 58.40
CA LEU J 351 1.32 -55.75 57.52
C LEU J 351 0.07 -56.19 58.28
N VAL J 352 0.22 -56.63 59.54
CA VAL J 352 -0.92 -57.07 60.32
C VAL J 352 -1.87 -55.94 60.69
N THR J 353 -1.34 -54.77 61.07
CA THR J 353 -2.21 -53.65 61.40
C THR J 353 -2.97 -53.15 60.19
N THR J 354 -2.32 -53.13 59.01
CA THR J 354 -3.00 -52.72 57.79
C THR J 354 -4.08 -53.74 57.45
N ALA J 355 -3.75 -55.01 57.62
CA ALA J 355 -4.74 -56.06 57.34
C ALA J 355 -5.95 -56.01 58.27
N LEU J 356 -5.74 -55.63 59.52
CA LEU J 356 -6.84 -55.50 60.46
C LEU J 356 -7.79 -54.41 60.05
N ASP J 357 -7.25 -53.30 59.54
CA ASP J 357 -8.06 -52.22 59.05
C ASP J 357 -8.91 -52.73 57.88
N GLU J 358 -8.31 -53.53 57.03
CA GLU J 358 -9.02 -54.16 55.93
C GLU J 358 -10.10 -55.13 56.40
N LEU J 359 -9.84 -55.88 57.46
CA LEU J 359 -10.84 -56.82 57.97
C LEU J 359 -12.05 -56.11 58.56
N LEU J 360 -11.87 -54.94 59.15
CA LEU J 360 -12.98 -54.14 59.65
C LEU J 360 -13.84 -53.62 58.52
N TRP J 361 -13.20 -53.26 57.40
CA TRP J 361 -13.94 -52.86 56.22
C TRP J 361 -14.75 -54.02 55.69
N ALA J 362 -14.19 -55.21 55.75
CA ALA J 362 -14.89 -56.39 55.30
C ALA J 362 -16.08 -56.72 56.20
N HIS J 363 -15.86 -56.71 57.50
CA HIS J 363 -16.88 -57.12 58.44
C HIS J 363 -18.00 -56.11 58.63
N GLY J 364 -17.66 -54.83 58.70
CA GLY J 364 -18.66 -53.79 58.85
C GLY J 364 -18.69 -53.18 60.22
N ALA J 365 -19.71 -52.37 60.44
CA ALA J 365 -19.87 -51.62 61.69
C ALA J 365 -20.03 -52.48 62.93
N ALA J 366 -20.57 -53.67 62.76
CA ALA J 366 -20.74 -54.61 63.85
C ALA J 366 -19.43 -55.00 64.52
N SER J 367 -18.33 -54.83 63.79
CA SER J 367 -17.06 -55.21 64.33
C SER J 367 -16.65 -54.38 65.54
N PHE J 368 -17.28 -53.22 65.73
CA PHE J 368 -16.91 -52.35 66.86
C PHE J 368 -17.78 -52.55 68.09
N ALA J 369 -18.67 -53.51 68.06
CA ALA J 369 -19.46 -53.81 69.24
C ALA J 369 -18.59 -54.45 70.31
N GLU J 370 -18.86 -54.15 71.57
CA GLU J 370 -18.10 -54.74 72.66
C GLU J 370 -18.23 -56.26 72.69
N SER J 371 -19.36 -56.77 72.22
CA SER J 371 -19.54 -58.21 72.15
C SER J 371 -18.77 -58.90 71.02
N ASN J 372 -18.21 -58.15 70.08
CA ASN J 372 -17.54 -58.76 68.94
C ASN J 372 -16.04 -58.92 69.19
N PRO J 373 -15.51 -60.15 69.11
CA PRO J 373 -14.04 -60.32 69.31
C PRO J 373 -13.15 -59.58 68.30
N LEU J 374 -13.71 -59.16 67.18
CA LEU J 374 -12.92 -58.53 66.15
C LEU J 374 -12.26 -57.23 66.62
N GLN J 375 -12.99 -56.40 67.36
CA GLN J 375 -12.42 -55.18 67.88
C GLN J 375 -11.37 -55.42 68.97
N ARG J 376 -11.47 -56.53 69.67
CA ARG J 376 -10.47 -56.90 70.66
C ARG J 376 -9.16 -57.24 70.01
N TYR J 377 -9.19 -58.00 68.94
CA TYR J 377 -7.96 -58.34 68.25
C TYR J 377 -7.38 -57.06 67.66
N TRP J 378 -8.25 -56.20 67.16
CA TRP J 378 -7.86 -54.95 66.57
C TRP J 378 -7.18 -54.04 67.58
N ARG J 379 -7.75 -53.89 68.75
CA ARG J 379 -7.15 -53.04 69.77
C ARG J 379 -5.88 -53.61 70.37
N ASP J 380 -5.84 -54.91 70.64
CA ASP J 380 -4.65 -55.52 71.20
C ASP J 380 -3.46 -55.59 70.27
N ALA J 381 -3.69 -55.98 69.02
CA ALA J 381 -2.62 -56.06 68.05
C ALA J 381 -2.06 -54.68 67.74
N ASN J 382 -2.93 -53.68 67.63
CA ASN J 382 -2.48 -52.34 67.34
C ASN J 382 -1.65 -51.72 68.47
N THR J 383 -2.06 -51.96 69.73
CA THR J 383 -1.34 -51.47 70.88
C THR J 383 0.03 -52.10 70.97
N ALA J 384 0.07 -53.43 70.88
CA ALA J 384 1.32 -54.19 70.99
C ALA J 384 2.30 -53.95 69.85
N ALA J 385 1.77 -53.69 68.68
CA ALA J 385 2.60 -53.46 67.51
C ALA J 385 3.53 -52.27 67.65
N ARG J 386 3.15 -51.29 68.45
CA ARG J 386 3.94 -50.06 68.61
C ARG J 386 4.99 -50.16 69.69
N HIS J 387 5.23 -51.37 70.16
CA HIS J 387 6.34 -51.62 71.06
C HIS J 387 7.60 -51.22 70.31
N ALA J 388 8.55 -50.65 71.03
CA ALA J 388 9.77 -50.12 70.45
C ALA J 388 10.59 -51.08 69.60
N MET J 389 10.66 -52.35 69.99
CA MET J 389 11.44 -53.33 69.27
C MET J 389 10.74 -53.78 68.02
N LEU J 390 9.48 -53.36 67.83
CA LEU J 390 8.75 -53.65 66.62
C LEU J 390 8.53 -52.41 65.73
N ASN J 391 9.22 -51.30 65.95
CA ASN J 391 8.92 -50.08 65.19
C ASN J 391 9.25 -50.30 63.74
N VAL J 392 8.26 -50.09 62.88
CA VAL J 392 8.39 -50.40 61.45
C VAL J 392 9.35 -49.45 60.70
N HIS J 393 9.26 -48.17 61.00
CA HIS J 393 10.13 -47.17 60.40
C HIS J 393 11.59 -47.37 60.81
N VAL J 394 11.83 -47.74 62.07
CA VAL J 394 13.20 -48.01 62.52
C VAL J 394 13.72 -49.25 61.81
N GLY J 395 12.87 -50.27 61.70
CA GLY J 395 13.25 -51.50 61.03
C GLY J 395 13.64 -51.27 59.58
N HIS J 396 12.86 -50.44 58.89
CA HIS J 396 13.10 -50.10 57.51
C HIS J 396 14.43 -49.43 57.37
N GLU J 397 14.74 -48.51 58.27
CA GLU J 397 15.99 -47.78 58.24
C GLU J 397 17.16 -48.68 58.56
N LEU J 398 17.01 -49.60 59.50
CA LEU J 398 18.06 -50.54 59.84
C LEU J 398 18.40 -51.50 58.71
N TYR J 399 17.37 -52.05 58.05
CA TYR J 399 17.59 -52.99 57.00
C TYR J 399 18.16 -52.30 55.79
N GLY J 400 17.65 -51.12 55.48
CA GLY J 400 18.14 -50.35 54.35
C GLY J 400 19.59 -49.99 54.54
N GLY J 401 19.94 -49.65 55.77
CA GLY J 401 21.27 -49.28 56.13
C GLY J 401 22.28 -50.39 55.98
N SER J 402 21.85 -51.62 56.23
CA SER J 402 22.71 -52.78 56.15
C SER J 402 23.25 -52.98 54.77
N PHE J 403 22.49 -52.60 53.76
CA PHE J 403 22.97 -52.70 52.37
C PHE J 403 24.23 -51.89 52.06
N PHE J 404 24.47 -50.84 52.86
CA PHE J 404 25.60 -49.91 52.68
C PHE J 404 26.56 -49.87 53.89
N GLY J 405 26.31 -50.71 54.90
CA GLY J 405 27.11 -50.71 56.12
C GLY J 405 27.10 -49.40 56.91
N LEU J 406 25.95 -48.74 56.97
CA LEU J 406 25.81 -47.51 57.76
C LEU J 406 25.79 -47.82 59.24
N ASP J 407 26.13 -46.85 60.08
CA ASP J 407 26.07 -47.06 61.53
C ASP J 407 24.63 -47.27 61.92
N PRO J 408 24.34 -48.39 62.65
CA PRO J 408 22.93 -48.52 63.01
C PRO J 408 22.39 -47.43 63.91
N ILE J 409 21.10 -47.19 63.80
CA ILE J 409 20.44 -46.14 64.54
C ILE J 409 19.93 -46.61 65.89
N VAL J 410 20.22 -47.86 66.24
CA VAL J 410 19.86 -48.35 67.56
C VAL J 410 21.15 -48.74 68.25
N PRO J 411 21.17 -48.69 69.61
CA PRO J 411 22.46 -49.02 70.23
C PRO J 411 22.84 -50.51 70.23
N SER J 412 21.89 -51.43 70.28
CA SER J 412 22.26 -52.85 70.26
C SER J 412 21.38 -53.65 69.32
N LEU J 413 21.91 -54.76 68.87
CA LEU J 413 21.20 -55.67 67.97
C LEU J 413 21.00 -57.01 68.62
N THR K 18 -21.46 -12.44 42.63
CA THR K 18 -20.75 -13.14 43.76
C THR K 18 -21.23 -12.55 45.10
N ASP K 19 -22.34 -11.84 45.10
CA ASP K 19 -22.83 -11.24 46.32
C ASP K 19 -23.23 -12.36 47.29
N ILE K 20 -23.96 -13.34 46.76
CA ILE K 20 -24.42 -14.50 47.56
C ILE K 20 -23.21 -15.37 47.95
N ARG K 21 -22.27 -15.49 47.03
CA ARG K 21 -21.09 -16.27 47.26
C ARG K 21 -20.37 -15.68 48.48
N SER K 22 -20.36 -14.36 48.56
CA SER K 22 -19.70 -13.70 49.67
C SER K 22 -20.43 -13.94 50.99
N GLU K 23 -21.75 -13.89 50.89
CA GLU K 23 -22.65 -14.05 52.03
C GLU K 23 -22.53 -15.44 52.61
N THR K 24 -22.51 -16.43 51.74
CA THR K 24 -22.44 -17.82 52.16
C THR K 24 -21.11 -18.08 52.84
N ALA K 25 -20.04 -17.50 52.31
CA ALA K 25 -18.73 -17.61 52.93
C ALA K 25 -18.68 -16.93 54.27
N GLU K 26 -19.35 -15.80 54.40
CA GLU K 26 -19.34 -15.08 55.67
C GLU K 26 -20.04 -15.85 56.77
N LEU K 27 -21.13 -16.51 56.41
CA LEU K 27 -21.88 -17.29 57.37
C LEU K 27 -21.07 -18.50 57.83
N ARG K 28 -20.41 -19.14 56.89
CA ARG K 28 -19.62 -20.30 57.21
C ARG K 28 -18.52 -19.96 58.19
N ALA K 29 -17.87 -18.84 58.00
CA ALA K 29 -16.83 -18.41 58.90
C ALA K 29 -17.38 -18.17 60.29
N GLU K 30 -18.56 -17.55 60.35
CA GLU K 30 -19.20 -17.28 61.62
C GLU K 30 -19.53 -18.58 62.33
N LEU K 31 -20.04 -19.56 61.59
CA LEU K 31 -20.38 -20.84 62.18
C LEU K 31 -19.16 -21.60 62.63
N VAL K 32 -18.07 -21.50 61.89
CA VAL K 32 -16.85 -22.14 62.30
C VAL K 32 -16.36 -21.48 63.59
N GLU K 33 -16.50 -20.17 63.70
CA GLU K 33 -16.11 -19.49 64.92
C GLU K 33 -17.00 -19.92 66.08
N ARG K 34 -18.27 -20.20 65.83
CA ARG K 34 -19.12 -20.71 66.91
C ARG K 34 -18.66 -22.04 67.45
N VAL K 35 -18.23 -22.92 66.55
CA VAL K 35 -17.66 -24.20 66.94
C VAL K 35 -16.48 -23.98 67.89
N HIS K 36 -15.60 -23.04 67.56
CA HIS K 36 -14.48 -22.77 68.43
C HIS K 36 -14.89 -22.23 69.77
N LYS K 37 -15.94 -21.42 69.79
CA LYS K 37 -16.44 -20.84 71.00
C LYS K 37 -17.05 -21.88 71.94
N PHE K 38 -17.86 -22.76 71.39
CA PHE K 38 -18.53 -23.78 72.17
C PHE K 38 -17.72 -25.05 72.30
N GLY K 39 -16.61 -25.14 71.58
CA GLY K 39 -15.79 -26.33 71.57
C GLY K 39 -15.28 -26.77 72.92
N PRO K 40 -14.80 -25.85 73.76
CA PRO K 40 -14.35 -26.25 75.09
C PRO K 40 -15.42 -26.95 75.95
N VAL K 41 -16.72 -26.64 75.74
CA VAL K 41 -17.81 -27.33 76.46
C VAL K 41 -17.90 -28.78 75.99
N PHE K 42 -17.90 -28.96 74.67
CA PHE K 42 -17.96 -30.30 74.10
C PHE K 42 -16.76 -31.13 74.53
N ALA K 43 -15.59 -30.53 74.52
CA ALA K 43 -14.37 -31.22 74.93
C ALA K 43 -14.42 -31.64 76.39
N ASP K 44 -14.99 -30.78 77.21
CA ASP K 44 -15.11 -31.02 78.62
C ASP K 44 -15.97 -32.20 78.98
N GLY K 45 -16.96 -32.50 78.13
CA GLY K 45 -17.86 -33.59 78.38
C GLY K 45 -17.47 -34.89 77.70
N VAL K 46 -16.25 -34.99 77.17
CA VAL K 46 -15.82 -36.20 76.48
C VAL K 46 -15.76 -37.36 77.46
N ALA K 47 -15.20 -37.16 78.65
CA ALA K 47 -15.04 -38.25 79.59
C ALA K 47 -16.37 -38.80 80.08
N GLU K 48 -17.32 -37.92 80.35
CA GLU K 48 -18.63 -38.36 80.77
C GLU K 48 -19.34 -39.09 79.63
N GLY K 49 -19.22 -38.57 78.43
CA GLY K 49 -19.87 -39.17 77.28
C GLY K 49 -19.39 -40.58 77.01
N GLU K 50 -18.11 -40.78 77.16
CA GLU K 50 -17.46 -42.07 76.95
C GLU K 50 -17.94 -43.09 77.97
N ARG K 51 -18.06 -42.64 79.19
CA ARG K 51 -18.51 -43.39 80.35
C ARG K 51 -19.99 -43.75 80.30
N GLU K 52 -20.84 -42.81 79.90
CA GLU K 52 -22.29 -43.01 79.88
C GLU K 52 -22.92 -43.37 78.54
N ARG K 53 -22.17 -43.28 77.46
CA ARG K 53 -22.66 -43.59 76.12
C ARG K 53 -23.84 -42.71 75.68
N ARG K 54 -23.78 -41.45 76.06
CA ARG K 54 -24.76 -40.44 75.64
C ARG K 54 -24.06 -39.10 75.80
N LEU K 55 -24.56 -38.07 75.15
CA LEU K 55 -23.95 -36.75 75.27
C LEU K 55 -24.33 -36.13 76.60
N PRO K 56 -23.40 -35.48 77.30
CA PRO K 56 -23.77 -34.80 78.54
C PRO K 56 -24.76 -33.68 78.37
N ASP K 57 -25.48 -33.30 79.42
CA ASP K 57 -26.45 -32.22 79.33
C ASP K 57 -25.84 -30.90 78.86
N ALA K 58 -24.63 -30.60 79.30
CA ALA K 58 -24.00 -29.34 78.91
C ALA K 58 -23.76 -29.30 77.40
N THR K 59 -23.39 -30.44 76.83
CA THR K 59 -23.15 -30.55 75.39
C THR K 59 -24.44 -30.32 74.61
N VAL K 60 -25.51 -30.93 75.09
CA VAL K 60 -26.79 -30.76 74.42
C VAL K 60 -27.21 -29.31 74.49
N ARG K 61 -26.98 -28.67 75.64
CA ARG K 61 -27.31 -27.26 75.79
C ARG K 61 -26.54 -26.42 74.82
N ALA K 62 -25.25 -26.70 74.69
CA ALA K 62 -24.39 -25.97 73.79
C ALA K 62 -24.82 -26.16 72.33
N ILE K 63 -25.26 -27.36 71.97
CA ILE K 63 -25.73 -27.61 70.62
C ILE K 63 -26.96 -26.76 70.35
N ASP K 64 -27.85 -26.65 71.32
CA ASP K 64 -29.06 -25.82 71.12
C ASP K 64 -28.78 -24.32 71.06
N GLN K 65 -27.90 -23.83 71.95
CA GLN K 65 -27.51 -22.42 71.94
C GLN K 65 -26.73 -22.02 70.71
N SER K 66 -25.80 -22.86 70.25
CA SER K 66 -24.97 -22.57 69.06
C SER K 66 -25.73 -22.56 67.75
N GLN K 67 -26.89 -23.20 67.76
CA GLN K 67 -27.75 -23.38 66.59
C GLN K 67 -27.11 -24.32 65.55
N LEU K 68 -26.12 -25.14 65.94
CA LEU K 68 -25.42 -26.03 65.02
C LEU K 68 -26.25 -27.22 64.52
N ALA K 69 -27.36 -27.49 65.21
CA ALA K 69 -28.37 -28.41 64.72
C ALA K 69 -29.31 -27.80 63.68
N MET K 70 -29.16 -26.52 63.40
CA MET K 70 -30.13 -25.78 62.59
C MET K 70 -29.63 -25.41 61.19
N LEU K 71 -28.44 -25.88 60.84
CA LEU K 71 -27.86 -25.55 59.54
C LEU K 71 -28.71 -26.01 58.37
N TRP K 72 -29.39 -27.16 58.50
CA TRP K 72 -30.22 -27.63 57.40
C TRP K 72 -31.72 -27.52 57.69
N THR K 73 -32.07 -26.59 58.56
CA THR K 73 -33.45 -26.28 58.87
C THR K 73 -33.80 -25.03 58.06
N ALA K 74 -35.02 -24.99 57.54
CA ALA K 74 -35.45 -23.88 56.70
C ALA K 74 -35.54 -22.52 57.40
N LYS K 75 -35.23 -21.48 56.66
CA LYS K 75 -35.30 -20.10 57.12
C LYS K 75 -36.70 -19.70 57.52
N SER K 76 -37.68 -20.23 56.81
CA SER K 76 -39.06 -19.94 57.07
C SER K 76 -39.44 -20.37 58.49
N TYR K 77 -38.77 -21.37 59.05
CA TYR K 77 -38.98 -21.78 60.45
C TYR K 77 -37.95 -21.25 61.46
N GLY K 78 -37.13 -20.29 61.05
CA GLY K 78 -36.05 -19.77 61.89
C GLY K 78 -34.71 -20.52 61.84
N GLY K 79 -34.57 -21.42 60.87
CA GLY K 79 -33.32 -22.14 60.65
C GLY K 79 -32.29 -21.33 59.85
N LEU K 80 -31.06 -21.80 59.86
CA LEU K 80 -29.98 -21.10 59.19
C LEU K 80 -29.90 -21.38 57.70
N GLU K 81 -30.51 -22.49 57.26
CA GLU K 81 -30.61 -22.89 55.85
C GLU K 81 -29.31 -22.68 55.01
N THR K 82 -28.26 -23.41 55.34
CA THR K 82 -26.94 -23.25 54.67
C THR K 82 -26.84 -24.23 53.48
N ASP K 83 -25.62 -24.66 53.17
CA ASP K 83 -25.42 -25.58 52.07
C ASP K 83 -24.57 -26.73 52.54
N VAL K 84 -24.26 -27.66 51.65
CA VAL K 84 -23.50 -28.83 52.04
C VAL K 84 -22.09 -28.48 52.49
N ARG K 85 -21.46 -27.58 51.77
CA ARG K 85 -20.11 -27.23 52.07
C ARG K 85 -19.95 -26.64 53.45
N THR K 86 -20.91 -25.82 53.86
CA THR K 86 -20.83 -25.20 55.17
C THR K 86 -20.98 -26.24 56.27
N MET K 87 -21.91 -27.17 56.07
CA MET K 87 -22.18 -28.20 57.06
C MET K 87 -20.96 -29.08 57.20
N SER K 88 -20.31 -29.36 56.08
CA SER K 88 -19.10 -30.15 56.04
C SER K 88 -17.96 -29.50 56.80
N GLU K 89 -17.73 -28.22 56.55
CA GLU K 89 -16.65 -27.53 57.24
C GLU K 89 -16.94 -27.45 58.73
N VAL K 90 -18.19 -27.29 59.12
CA VAL K 90 -18.54 -27.27 60.55
C VAL K 90 -18.28 -28.62 61.23
N ALA K 91 -18.70 -29.69 60.56
CA ALA K 91 -18.48 -31.06 61.05
C ALA K 91 -17.01 -31.38 61.26
N LYS K 92 -16.16 -30.94 60.34
CA LYS K 92 -14.71 -31.20 60.44
C LYS K 92 -14.14 -30.56 61.68
N VAL K 93 -14.54 -29.33 61.94
CA VAL K 93 -13.99 -28.58 63.08
C VAL K 93 -14.56 -29.13 64.39
N LEU K 94 -15.84 -29.46 64.38
CA LEU K 94 -16.46 -30.09 65.57
C LEU K 94 -15.74 -31.33 66.05
N SER K 95 -15.34 -32.19 65.13
CA SER K 95 -14.62 -33.43 65.45
C SER K 95 -13.35 -33.22 66.26
N HIS K 96 -12.71 -32.08 66.15
CA HIS K 96 -11.52 -31.82 66.94
C HIS K 96 -11.86 -31.84 68.42
N TYR K 97 -13.03 -31.37 68.77
CA TYR K 97 -13.39 -31.24 70.16
C TYR K 97 -14.09 -32.49 70.66
N CYS K 98 -15.05 -33.00 69.90
CA CYS K 98 -15.72 -34.25 70.25
C CYS K 98 -16.27 -34.93 69.00
N PRO K 99 -15.64 -36.03 68.56
CA PRO K 99 -16.16 -36.70 67.35
C PRO K 99 -17.60 -37.21 67.46
N SER K 100 -17.99 -37.62 68.66
CA SER K 100 -19.38 -38.03 68.89
C SER K 100 -20.41 -36.90 68.73
N THR K 101 -20.10 -35.72 69.28
CA THR K 101 -20.92 -34.54 69.14
C THR K 101 -21.02 -34.19 67.67
N SER K 102 -19.88 -34.18 66.98
CA SER K 102 -19.87 -33.92 65.54
C SER K 102 -20.76 -34.89 64.82
N TRP K 103 -20.64 -36.16 65.15
CA TRP K 103 -21.47 -37.17 64.51
C TRP K 103 -22.95 -36.94 64.76
N VAL K 104 -23.31 -36.58 65.99
CA VAL K 104 -24.71 -36.36 66.31
C VAL K 104 -25.25 -35.15 65.57
N VAL K 105 -24.50 -34.06 65.63
CA VAL K 105 -24.89 -32.84 64.97
C VAL K 105 -25.11 -33.10 63.48
N ASN K 106 -24.21 -33.86 62.85
CA ASN K 106 -24.32 -34.21 61.44
C ASN K 106 -25.59 -35.00 61.17
N ASN K 107 -25.88 -35.96 62.04
CA ASN K 107 -27.06 -36.77 61.90
C ASN K 107 -28.32 -35.94 62.04
N VAL K 108 -28.34 -35.00 62.98
CA VAL K 108 -29.53 -34.19 63.18
C VAL K 108 -29.86 -33.32 61.96
N ASN K 109 -28.86 -32.61 61.46
CA ASN K 109 -29.03 -31.78 60.28
C ASN K 109 -29.48 -32.62 59.11
N GLY K 110 -28.82 -33.75 58.92
CA GLY K 110 -29.22 -34.62 57.83
C GLY K 110 -30.64 -35.12 57.98
N SER K 111 -31.05 -35.45 59.19
CA SER K 111 -32.40 -35.93 59.41
C SER K 111 -33.40 -34.82 59.14
N ASN K 112 -33.07 -33.62 59.58
CA ASN K 112 -33.92 -32.48 59.34
C ASN K 112 -34.06 -32.23 57.84
N LEU K 113 -33.00 -32.40 57.08
CA LEU K 113 -33.09 -32.23 55.64
C LEU K 113 -33.99 -33.29 55.04
N LEU K 114 -33.91 -34.51 55.55
CA LEU K 114 -34.75 -35.60 55.05
C LEU K 114 -36.20 -35.35 55.33
N ALA K 115 -36.48 -34.64 56.41
CA ALA K 115 -37.85 -34.32 56.79
C ALA K 115 -38.56 -33.48 55.74
N SER K 116 -37.81 -32.70 54.98
CA SER K 116 -38.40 -31.87 53.96
C SER K 116 -39.12 -32.61 52.84
N LYS K 117 -38.96 -33.91 52.72
CA LYS K 117 -39.76 -34.68 51.77
C LYS K 117 -41.19 -34.88 52.21
N PHE K 118 -41.43 -34.69 53.50
CA PHE K 118 -42.76 -34.85 54.07
C PHE K 118 -43.66 -33.65 53.74
N PRO K 119 -45.00 -33.83 53.91
CA PRO K 119 -45.86 -32.69 53.59
C PRO K 119 -45.69 -31.52 54.52
N ARG K 120 -46.20 -30.38 54.09
CA ARG K 120 -46.11 -29.17 54.87
C ARG K 120 -46.77 -29.32 56.23
N ALA K 121 -47.83 -30.09 56.29
CA ALA K 121 -48.51 -30.35 57.55
C ALA K 121 -47.58 -30.96 58.59
N ALA K 122 -46.76 -31.92 58.17
CA ALA K 122 -45.78 -32.56 59.04
C ALA K 122 -44.68 -31.59 59.42
N LEU K 123 -44.15 -30.87 58.43
CA LEU K 123 -43.09 -29.91 58.69
C LEU K 123 -43.49 -28.80 59.65
N ASP K 124 -44.72 -28.31 59.51
CA ASP K 124 -45.28 -27.33 60.45
C ASP K 124 -45.38 -27.94 61.84
N GLU K 125 -45.89 -29.16 61.94
CA GLU K 125 -46.01 -29.83 63.23
C GLU K 125 -44.65 -30.01 63.92
N VAL K 126 -43.60 -30.25 63.14
CA VAL K 126 -42.25 -30.47 63.68
C VAL K 126 -41.53 -29.16 64.01
N PHE K 127 -41.50 -28.24 63.04
CA PHE K 127 -40.66 -27.01 63.11
C PHE K 127 -41.42 -25.70 63.43
N GLY K 128 -42.74 -25.73 63.35
CA GLY K 128 -43.60 -24.56 63.53
C GLY K 128 -43.36 -23.72 64.77
N ASP K 129 -43.23 -24.36 65.94
CA ASP K 129 -42.94 -23.67 67.19
C ASP K 129 -41.60 -24.11 67.77
N ALA K 130 -40.73 -24.68 66.94
CA ALA K 130 -39.47 -25.29 67.39
C ALA K 130 -38.42 -25.10 66.30
N PRO K 131 -37.85 -23.90 66.16
CA PRO K 131 -36.78 -23.67 65.17
C PRO K 131 -35.56 -24.62 65.38
N GLY K 132 -35.29 -24.97 66.64
CA GLY K 132 -34.23 -25.90 67.02
C GLY K 132 -34.64 -27.36 67.15
N ALA K 133 -35.69 -27.77 66.45
CA ALA K 133 -36.10 -29.18 66.48
C ALA K 133 -34.99 -30.08 65.97
N LYS K 134 -34.87 -31.24 66.60
CA LYS K 134 -33.82 -32.22 66.31
C LYS K 134 -34.39 -33.59 65.98
N LEU K 135 -34.16 -34.05 64.75
CA LEU K 135 -34.62 -35.38 64.31
C LEU K 135 -33.52 -36.45 64.29
N ALA K 136 -33.93 -37.68 64.60
CA ALA K 136 -33.22 -38.89 64.29
C ALA K 136 -33.73 -39.45 62.99
N SER K 137 -33.01 -40.40 62.43
CA SER K 137 -33.49 -41.10 61.26
C SER K 137 -32.75 -42.40 61.16
N VAL K 138 -33.49 -43.49 61.04
CA VAL K 138 -32.88 -44.80 60.89
C VAL K 138 -33.51 -45.55 59.73
N PHE K 139 -32.65 -45.94 58.81
CA PHE K 139 -32.99 -46.68 57.60
C PHE K 139 -32.46 -48.11 57.75
N ALA K 140 -31.84 -48.38 58.90
CA ALA K 140 -31.21 -49.65 59.28
C ALA K 140 -32.17 -50.80 59.63
N ALA K 141 -33.46 -50.55 59.65
CA ALA K 141 -34.43 -51.61 59.90
C ALA K 141 -35.66 -51.18 59.20
N ALA K 142 -36.52 -52.16 59.09
CA ALA K 142 -37.84 -51.93 58.70
C ALA K 142 -38.69 -52.49 59.84
N GLY K 143 -39.81 -51.83 60.02
CA GLY K 143 -40.78 -52.16 61.00
C GLY K 143 -41.90 -52.49 60.05
N THR K 144 -43.03 -52.82 60.61
CA THR K 144 -44.09 -53.25 59.80
C THR K 144 -45.26 -52.34 60.13
N ALA K 145 -45.91 -51.85 59.09
CA ALA K 145 -46.98 -50.90 59.23
C ALA K 145 -48.21 -51.39 58.50
N VAL K 146 -49.37 -51.15 59.08
CA VAL K 146 -50.60 -51.57 58.45
C VAL K 146 -51.59 -50.42 58.50
N ARG K 147 -52.39 -50.32 57.45
CA ARG K 147 -53.40 -49.25 57.36
C ARG K 147 -54.47 -49.36 58.40
N THR K 148 -54.82 -48.21 58.96
CA THR K 148 -55.86 -48.08 59.96
C THR K 148 -56.59 -46.80 59.57
N PRO K 149 -57.83 -46.57 60.09
CA PRO K 149 -58.45 -45.32 59.64
C PRO K 149 -57.72 -44.08 60.14
N GLY K 150 -57.46 -43.18 59.20
CA GLY K 150 -56.74 -41.95 59.46
C GLY K 150 -55.23 -42.05 59.42
N GLY K 151 -54.70 -43.25 59.17
CA GLY K 151 -53.27 -43.44 59.14
C GLY K 151 -52.76 -44.85 59.08
N TYR K 152 -51.82 -45.14 59.99
CA TYR K 152 -51.18 -46.45 60.07
C TYR K 152 -50.95 -46.86 61.53
N ARG K 153 -50.78 -48.17 61.72
CA ARG K 153 -50.35 -48.74 62.99
C ARG K 153 -48.98 -49.34 62.71
N LEU K 154 -47.99 -48.93 63.50
CA LEU K 154 -46.58 -49.24 63.24
C LEU K 154 -45.93 -50.02 64.38
N THR K 155 -45.26 -51.11 64.01
CA THR K 155 -44.53 -51.92 64.98
C THR K 155 -43.14 -52.19 64.39
N GLY K 156 -42.12 -52.11 65.24
CA GLY K 156 -40.76 -52.43 64.80
C GLY K 156 -39.69 -52.17 65.83
N SER K 157 -38.47 -52.53 65.47
CA SER K 157 -37.31 -52.32 66.31
C SER K 157 -36.15 -51.84 65.43
N TRP K 158 -35.71 -50.61 65.67
CA TRP K 158 -34.74 -49.93 64.78
C TRP K 158 -33.45 -49.69 65.55
N PRO K 159 -32.37 -50.46 65.27
CA PRO K 159 -31.06 -50.19 65.89
C PRO K 159 -30.32 -49.01 65.23
N TYR K 160 -29.20 -48.61 65.82
CA TYR K 160 -28.38 -47.50 65.33
C TYR K 160 -29.10 -46.14 65.27
N GLY K 161 -29.83 -45.80 66.32
CA GLY K 161 -30.59 -44.56 66.33
C GLY K 161 -29.74 -43.45 66.90
N THR K 162 -28.84 -42.91 66.09
CA THR K 162 -27.96 -41.84 66.56
C THR K 162 -28.70 -40.67 67.17
N GLY K 163 -28.26 -40.31 68.36
CA GLY K 163 -28.76 -39.17 69.11
C GLY K 163 -30.22 -39.21 69.54
N ILE K 164 -30.83 -40.39 69.53
CA ILE K 164 -32.27 -40.56 69.78
C ILE K 164 -32.67 -40.11 71.17
N LEU K 165 -31.78 -40.28 72.14
CA LEU K 165 -32.04 -39.80 73.49
C LEU K 165 -32.31 -38.31 73.61
N HIS K 166 -31.75 -37.49 72.72
CA HIS K 166 -31.95 -36.02 72.76
C HIS K 166 -32.89 -35.53 71.67
N ASP K 167 -33.48 -36.43 70.89
CA ASP K 167 -34.20 -36.01 69.68
C ASP K 167 -35.69 -35.83 69.97
N ASP K 168 -36.30 -34.96 69.19
CA ASP K 168 -37.71 -34.60 69.37
C ASP K 168 -38.58 -35.50 68.52
N TRP K 169 -38.07 -35.89 67.34
CA TRP K 169 -38.78 -36.77 66.42
C TRP K 169 -37.79 -37.76 65.78
N ALA K 170 -38.33 -38.78 65.11
CA ALA K 170 -37.53 -39.79 64.44
C ALA K 170 -38.18 -40.14 63.11
N ILE K 171 -37.37 -40.24 62.07
CA ILE K 171 -37.81 -40.75 60.78
C ILE K 171 -37.42 -42.21 60.71
N LEU K 172 -38.42 -43.08 60.60
CA LEU K 172 -38.19 -44.51 60.59
C LEU K 172 -38.73 -45.15 59.32
N VAL K 173 -37.96 -46.08 58.78
CA VAL K 173 -38.36 -46.82 57.59
C VAL K 173 -39.20 -48.03 57.96
N ALA K 174 -40.21 -48.32 57.16
CA ALA K 174 -41.05 -49.47 57.41
C ALA K 174 -41.59 -50.08 56.16
N ARG K 175 -42.11 -51.28 56.30
CA ARG K 175 -42.74 -51.96 55.19
C ARG K 175 -44.21 -51.98 55.48
N GLU K 176 -44.99 -51.50 54.54
CA GLU K 176 -46.44 -51.60 54.64
C GLU K 176 -46.88 -53.03 54.32
N VAL K 177 -47.87 -53.51 55.06
CA VAL K 177 -48.40 -54.85 54.84
C VAL K 177 -49.91 -54.78 54.93
N ASP K 178 -50.58 -55.76 54.35
CA ASP K 178 -52.04 -55.80 54.39
C ASP K 178 -52.53 -56.63 55.58
N ALA K 179 -53.83 -56.85 55.63
CA ALA K 179 -54.44 -57.63 56.70
C ALA K 179 -53.90 -59.04 56.69
N ASP K 180 -53.68 -59.56 55.49
CA ASP K 180 -53.08 -60.88 55.34
C ASP K 180 -51.65 -60.89 55.84
N GLY K 181 -50.98 -59.75 55.77
CA GLY K 181 -49.59 -59.66 56.20
C GLY K 181 -48.64 -59.74 55.04
N GLU K 182 -49.18 -59.63 53.84
CA GLU K 182 -48.38 -59.61 52.62
C GLU K 182 -47.79 -58.23 52.40
N PRO K 183 -46.58 -58.14 51.84
CA PRO K 183 -45.98 -56.82 51.60
C PRO K 183 -46.70 -55.96 50.57
N VAL K 184 -46.89 -54.69 50.89
CA VAL K 184 -47.53 -53.76 49.97
C VAL K 184 -46.56 -52.77 49.37
N GLY K 185 -45.73 -52.17 50.20
CA GLY K 185 -44.78 -51.18 49.71
C GLY K 185 -43.90 -50.68 50.84
N GLY K 186 -43.02 -49.76 50.51
CA GLY K 186 -42.10 -49.18 51.50
C GLY K 186 -42.62 -47.85 52.01
N LEU K 187 -42.36 -47.56 53.28
CA LEU K 187 -42.79 -46.27 53.85
C LEU K 187 -41.73 -45.55 54.64
N SER K 188 -41.87 -44.25 54.75
CA SER K 188 -41.07 -43.47 55.66
C SER K 188 -42.01 -42.78 56.63
N MET K 189 -41.74 -42.90 57.91
CA MET K 189 -42.68 -42.41 58.92
C MET K 189 -42.07 -41.52 59.94
N LEU K 190 -42.77 -40.44 60.24
CA LEU K 190 -42.28 -39.45 61.16
C LEU K 190 -43.01 -39.61 62.48
N VAL K 191 -42.29 -39.94 63.54
CA VAL K 191 -42.94 -40.19 64.82
C VAL K 191 -42.23 -39.47 65.95
N PRO K 192 -43.01 -38.91 66.87
CA PRO K 192 -42.50 -38.08 67.96
C PRO K 192 -41.93 -38.86 69.13
N ALA K 193 -41.14 -38.16 69.93
CA ALA K 193 -40.47 -38.73 71.08
C ALA K 193 -41.45 -39.33 72.08
N ARG K 194 -42.59 -38.68 72.25
CA ARG K 194 -43.61 -39.13 73.18
C ARG K 194 -44.10 -40.53 72.82
N ASP K 195 -44.15 -40.84 71.53
CA ASP K 195 -44.58 -42.16 71.08
C ASP K 195 -43.50 -43.20 71.05
N LEU K 196 -42.24 -42.84 71.27
CA LEU K 196 -41.13 -43.80 71.17
C LEU K 196 -40.68 -44.34 72.49
N THR K 197 -40.01 -45.48 72.41
CA THR K 197 -39.34 -46.08 73.54
C THR K 197 -37.92 -46.33 73.09
N VAL K 198 -36.97 -46.13 73.98
CA VAL K 198 -35.59 -46.36 73.64
C VAL K 198 -35.04 -47.47 74.48
N GLU K 199 -34.38 -48.39 73.81
CA GLU K 199 -33.83 -49.55 74.45
C GLU K 199 -32.32 -49.40 74.44
N ASP K 200 -31.67 -49.75 75.53
CA ASP K 200 -30.24 -49.54 75.66
C ASP K 200 -29.46 -50.67 74.99
N THR K 201 -29.02 -50.42 73.77
CA THR K 201 -28.29 -51.42 73.03
C THR K 201 -26.95 -50.97 72.48
N TRP K 202 -26.56 -49.72 72.69
CA TRP K 202 -25.35 -49.21 72.09
C TRP K 202 -24.14 -49.45 73.01
N HIS K 203 -23.43 -50.52 72.74
CA HIS K 203 -22.23 -50.87 73.49
C HIS K 203 -21.10 -51.09 72.51
N THR K 204 -20.29 -50.04 72.35
CA THR K 204 -19.26 -50.06 71.33
C THR K 204 -17.97 -49.53 71.87
N VAL K 205 -16.91 -49.68 71.10
CA VAL K 205 -15.60 -49.21 71.51
C VAL K 205 -15.25 -47.89 70.88
N GLY K 206 -16.17 -47.33 70.09
CA GLY K 206 -15.95 -46.02 69.49
C GLY K 206 -17.28 -45.35 69.26
N MET K 207 -17.25 -44.02 69.18
CA MET K 207 -18.44 -43.21 69.01
C MET K 207 -19.47 -43.54 70.10
N ARG K 208 -18.98 -43.75 71.32
CA ARG K 208 -19.83 -44.15 72.43
C ARG K 208 -20.90 -43.12 72.80
N ALA K 209 -20.53 -41.85 72.84
CA ALA K 209 -21.47 -40.81 73.27
C ALA K 209 -22.56 -40.50 72.23
N THR K 210 -22.44 -41.06 71.03
CA THR K 210 -23.48 -40.86 70.03
C THR K 210 -24.80 -41.47 70.44
N GLY K 211 -24.81 -42.41 71.39
CA GLY K 211 -26.04 -42.99 71.90
C GLY K 211 -26.94 -43.58 70.83
N SER K 212 -26.34 -44.36 69.94
CA SER K 212 -27.05 -44.94 68.81
C SER K 212 -27.81 -46.20 69.24
N HIS K 213 -28.81 -45.98 70.07
CA HIS K 213 -29.58 -47.03 70.72
C HIS K 213 -30.70 -47.53 69.83
N THR K 214 -31.50 -48.48 70.32
CA THR K 214 -32.59 -49.07 69.53
C THR K 214 -33.89 -48.39 69.85
N VAL K 215 -34.60 -47.99 68.80
CA VAL K 215 -35.92 -47.42 68.90
C VAL K 215 -36.93 -48.55 68.78
N VAL K 216 -37.86 -48.62 69.73
CA VAL K 216 -38.87 -49.65 69.74
C VAL K 216 -40.28 -49.10 69.69
N LEU K 217 -41.10 -49.66 68.82
CA LEU K 217 -42.48 -49.24 68.65
C LEU K 217 -43.38 -50.45 68.67
N ARG K 218 -44.50 -50.34 69.37
CA ARG K 218 -45.45 -51.41 69.33
C ARG K 218 -46.86 -50.91 69.10
N ASP K 219 -47.42 -51.26 67.95
CA ASP K 219 -48.77 -50.89 67.58
C ASP K 219 -49.03 -49.39 67.72
N THR K 220 -48.06 -48.59 67.30
CA THR K 220 -48.11 -47.16 67.45
C THR K 220 -48.85 -46.50 66.31
N PHE K 221 -49.73 -45.57 66.64
CA PHE K 221 -50.51 -44.89 65.61
C PHE K 221 -49.70 -43.76 65.00
N VAL K 222 -49.68 -43.72 63.69
CA VAL K 222 -49.01 -42.65 62.97
C VAL K 222 -49.99 -42.10 61.97
N PRO K 223 -50.28 -40.78 62.03
CA PRO K 223 -51.25 -40.31 61.06
C PRO K 223 -50.71 -40.19 59.65
N GLU K 224 -51.64 -40.14 58.71
CA GLU K 224 -51.36 -40.12 57.29
C GLU K 224 -50.43 -39.01 56.84
N HIS K 225 -50.57 -37.81 57.39
CA HIS K 225 -49.74 -36.68 56.96
C HIS K 225 -48.28 -36.81 57.41
N ARG K 226 -47.99 -37.74 58.29
CA ARG K 226 -46.62 -37.98 58.73
C ARG K 226 -46.06 -39.28 58.16
N VAL K 227 -46.56 -39.70 57.00
CA VAL K 227 -46.14 -40.93 56.34
C VAL K 227 -46.01 -40.63 54.86
N ILE K 228 -44.88 -40.99 54.25
CA ILE K 228 -44.72 -40.89 52.81
C ILE K 228 -44.21 -42.19 52.30
N SER K 229 -44.25 -42.37 50.99
CA SER K 229 -43.72 -43.59 50.39
C SER K 229 -42.23 -43.53 50.50
N GLY K 230 -41.63 -44.71 50.53
CA GLY K 230 -40.19 -44.85 50.51
C GLY K 230 -39.67 -44.21 49.24
N GLU K 231 -40.42 -44.34 48.15
CA GLU K 231 -40.03 -43.73 46.88
C GLU K 231 -39.92 -42.21 46.98
N LEU K 232 -40.86 -41.59 47.68
CA LEU K 232 -40.85 -40.14 47.84
C LEU K 232 -39.72 -39.68 48.75
N GLN K 233 -39.41 -40.47 49.77
CA GLN K 233 -38.35 -40.17 50.71
C GLN K 233 -36.98 -40.13 50.04
N ARG K 234 -36.74 -40.99 49.06
CA ARG K 234 -35.47 -41.02 48.36
C ARG K 234 -35.47 -40.21 47.10
N SER K 235 -36.56 -39.51 46.82
CA SER K 235 -36.73 -38.82 45.54
C SER K 235 -35.78 -37.64 45.37
N ARG K 236 -35.38 -37.39 44.13
CA ARG K 236 -34.57 -36.23 43.78
C ARG K 236 -35.30 -35.36 42.77
N GLU K 237 -36.63 -35.43 42.74
CA GLU K 237 -37.41 -34.59 41.83
C GLU K 237 -37.36 -33.11 42.18
N SER K 238 -37.05 -32.78 43.43
CA SER K 238 -36.98 -31.38 43.83
C SER K 238 -35.72 -30.69 43.33
N ALA K 239 -34.84 -31.44 42.67
CA ALA K 239 -33.61 -30.87 42.16
C ALA K 239 -33.83 -29.72 41.20
N THR K 240 -34.89 -29.77 40.41
CA THR K 240 -35.17 -28.71 39.44
C THR K 240 -36.27 -27.73 39.82
N ASP K 241 -36.79 -27.82 41.04
CA ASP K 241 -37.92 -26.98 41.47
C ASP K 241 -37.46 -25.59 41.90
N LEU K 242 -37.70 -24.61 41.03
CA LEU K 242 -37.31 -23.21 41.29
C LEU K 242 -38.09 -22.56 42.45
N GLY K 243 -39.24 -23.11 42.79
CA GLY K 243 -40.05 -22.68 43.92
C GLY K 243 -39.41 -22.92 45.27
N LEU K 244 -38.60 -23.97 45.38
CA LEU K 244 -37.90 -24.30 46.62
C LEU K 244 -36.63 -23.52 46.79
N PRO K 245 -36.22 -23.22 48.05
CA PRO K 245 -34.88 -22.67 48.20
C PRO K 245 -33.80 -23.68 47.79
N PRO K 246 -32.57 -23.21 47.48
CA PRO K 246 -31.59 -24.20 46.99
C PRO K 246 -31.27 -25.39 47.87
N LEU K 247 -31.23 -25.26 49.19
CA LEU K 247 -30.94 -26.39 50.07
C LEU K 247 -31.90 -27.55 49.88
N PHE K 248 -33.17 -27.25 49.63
CA PHE K 248 -34.15 -28.31 49.48
C PHE K 248 -34.17 -28.91 48.07
N ARG K 249 -33.31 -28.41 47.20
CA ARG K 249 -33.12 -29.01 45.90
C ARG K 249 -31.99 -30.03 45.93
N THR K 250 -31.17 -30.01 46.99
CA THR K 250 -29.97 -30.82 47.14
C THR K 250 -30.31 -32.29 47.18
N ALA K 251 -29.44 -33.11 46.61
CA ALA K 251 -29.57 -34.56 46.72
C ALA K 251 -29.29 -34.97 48.17
N ALA K 252 -30.34 -35.26 48.93
CA ALA K 252 -30.23 -35.26 50.39
C ALA K 252 -29.39 -36.40 50.95
N ILE K 253 -29.59 -37.60 50.41
CA ILE K 253 -28.89 -38.78 50.89
C ILE K 253 -27.41 -38.68 50.60
N ALA K 254 -27.06 -38.17 49.43
CA ALA K 254 -25.67 -37.97 49.10
C ALA K 254 -25.07 -36.89 50.01
N ALA K 255 -25.84 -35.85 50.30
CA ALA K 255 -25.36 -34.78 51.15
C ALA K 255 -25.06 -35.26 52.55
N MET K 256 -25.91 -36.14 53.04
CA MET K 256 -25.75 -36.70 54.37
C MET K 256 -24.48 -37.54 54.45
N ALA K 257 -24.24 -38.34 53.41
CA ALA K 257 -23.03 -39.13 53.34
C ALA K 257 -21.77 -38.27 53.31
N VAL K 258 -21.81 -37.14 52.60
CA VAL K 258 -20.67 -36.24 52.55
C VAL K 258 -20.35 -35.65 53.92
N VAL K 259 -21.35 -35.26 54.69
CA VAL K 259 -21.09 -34.72 56.03
C VAL K 259 -20.69 -35.81 57.04
N CYS K 260 -21.16 -37.04 56.87
CA CYS K 260 -20.70 -38.14 57.72
C CYS K 260 -19.20 -38.37 57.49
N ALA K 261 -18.80 -38.36 56.22
CA ALA K 261 -17.39 -38.42 55.89
C ALA K 261 -16.61 -37.27 56.50
N SER K 262 -17.20 -36.08 56.53
CA SER K 262 -16.52 -34.92 57.13
C SER K 262 -16.23 -35.09 58.61
N VAL K 263 -17.12 -35.77 59.32
CA VAL K 263 -16.91 -36.06 60.75
C VAL K 263 -15.65 -36.90 60.90
N VAL K 264 -15.56 -37.96 60.11
CA VAL K 264 -14.39 -38.83 60.13
C VAL K 264 -13.11 -38.06 59.75
N LEU K 265 -13.21 -37.33 58.65
CA LEU K 265 -12.09 -36.53 58.17
C LEU K 265 -11.55 -35.60 59.24
N GLY K 266 -12.43 -34.85 59.86
CA GLY K 266 -12.02 -33.92 60.90
C GLY K 266 -11.29 -34.59 62.06
N ALA K 267 -11.69 -35.79 62.45
CA ALA K 267 -11.01 -36.52 63.52
C ALA K 267 -9.59 -36.88 63.09
N GLY K 268 -9.46 -37.24 61.82
CA GLY K 268 -8.16 -37.53 61.24
C GLY K 268 -7.25 -36.31 61.23
N GLN K 269 -7.83 -35.18 60.86
CA GLN K 269 -7.07 -33.94 60.86
C GLN K 269 -6.66 -33.56 62.26
N ALA K 270 -7.53 -33.77 63.25
CA ALA K 270 -7.15 -33.49 64.64
C ALA K 270 -5.99 -34.37 65.10
N ALA K 271 -6.05 -35.64 64.71
CA ALA K 271 -4.99 -36.59 64.96
C ALA K 271 -3.68 -36.11 64.38
N ARG K 272 -3.70 -35.65 63.14
CA ARG K 272 -2.49 -35.15 62.49
C ARG K 272 -1.92 -33.96 63.26
N ALA K 273 -2.77 -32.99 63.58
CA ALA K 273 -2.33 -31.80 64.34
C ALA K 273 -1.68 -32.18 65.67
N LEU K 274 -2.25 -33.18 66.34
CA LEU K 274 -1.70 -33.65 67.62
C LEU K 274 -0.30 -34.29 67.50
N VAL K 275 -0.14 -35.18 66.53
CA VAL K 275 1.18 -35.78 66.24
C VAL K 275 2.21 -34.70 65.90
N VAL K 276 1.81 -33.69 65.13
CA VAL K 276 2.70 -32.55 64.82
C VAL K 276 3.07 -31.76 66.07
N GLU K 277 2.08 -31.52 66.92
CA GLU K 277 2.27 -30.80 68.16
C GLU K 277 3.24 -31.46 69.10
N LYS K 278 3.16 -32.77 69.22
CA LYS K 278 3.99 -33.52 70.15
C LYS K 278 5.34 -34.00 69.67
N ALA K 279 5.59 -33.96 68.37
CA ALA K 279 6.79 -34.54 67.78
C ALA K 279 8.08 -33.92 68.25
N PRO K 280 8.10 -32.59 68.48
CA PRO K 280 9.39 -32.05 68.93
C PRO K 280 9.79 -32.41 70.34
N THR K 281 8.87 -32.89 71.16
CA THR K 281 9.24 -33.27 72.53
C THR K 281 9.26 -34.76 72.87
N ARG K 282 9.19 -35.63 71.88
CA ARG K 282 9.26 -37.09 72.12
C ARG K 282 10.27 -37.64 71.18
N GLY K 283 10.72 -38.86 71.48
CA GLY K 283 11.65 -39.60 70.66
C GLY K 283 11.02 -40.83 70.05
N ILE K 284 11.85 -41.58 69.34
CA ILE K 284 11.49 -42.82 68.68
C ILE K 284 12.34 -43.91 69.29
N ALA K 285 11.74 -44.62 70.25
CA ALA K 285 12.45 -45.72 70.89
C ALA K 285 12.56 -46.90 69.97
N PRO K 286 13.70 -47.59 70.07
CA PRO K 286 14.88 -47.38 70.94
C PRO K 286 16.01 -46.75 70.15
N SER K 287 15.66 -45.89 69.21
CA SER K 287 16.67 -45.37 68.28
C SER K 287 17.46 -44.26 68.96
N LYS K 288 18.49 -43.81 68.27
CA LYS K 288 19.23 -42.61 68.65
C LYS K 288 18.43 -41.29 68.50
N TYR K 289 17.29 -41.33 67.80
CA TYR K 289 16.46 -40.13 67.62
C TYR K 289 15.68 -39.79 68.89
N THR K 290 16.25 -38.92 69.72
CA THR K 290 15.60 -38.51 70.97
C THR K 290 14.47 -37.50 70.71
N ARG K 291 14.49 -36.85 69.55
CA ARG K 291 13.41 -35.99 69.08
C ARG K 291 12.90 -36.54 67.76
N GLN K 292 11.58 -36.67 67.63
CA GLN K 292 10.98 -37.28 66.40
C GLN K 292 11.33 -36.50 65.13
N THR K 293 11.38 -35.18 65.28
CA THR K 293 11.70 -34.24 64.19
C THR K 293 13.13 -34.34 63.70
N ASP K 294 14.01 -34.94 64.49
CA ASP K 294 15.38 -35.23 64.06
C ASP K 294 15.48 -36.35 63.05
N SER K 295 14.47 -37.20 63.00
CA SER K 295 14.46 -38.31 62.09
C SER K 295 13.81 -37.93 60.77
N ARG K 296 14.60 -37.99 59.72
CA ARG K 296 14.10 -37.67 58.40
C ARG K 296 13.10 -38.70 57.89
N THR K 297 13.24 -39.95 58.30
CA THR K 297 12.28 -40.96 57.94
C THR K 297 10.94 -40.59 58.53
N PHE K 298 10.95 -40.12 59.77
CA PHE K 298 9.73 -39.69 60.45
C PHE K 298 9.11 -38.51 59.75
N VAL K 299 9.94 -37.52 59.42
CA VAL K 299 9.45 -36.30 58.82
C VAL K 299 8.84 -36.56 57.46
N SER K 300 9.54 -37.31 56.61
CA SER K 300 9.03 -37.59 55.27
C SER K 300 7.80 -38.49 55.31
N SER K 301 7.72 -39.41 56.26
CA SER K 301 6.56 -40.23 56.39
C SER K 301 5.36 -39.42 56.76
N LEU K 302 5.56 -38.46 57.65
CA LEU K 302 4.49 -37.61 58.10
C LEU K 302 3.99 -36.75 56.97
N GLY K 303 4.89 -36.31 56.09
CA GLY K 303 4.50 -35.54 54.93
C GLY K 303 3.60 -36.37 54.04
N ARG K 304 3.95 -37.63 53.85
CA ARG K 304 3.14 -38.51 53.03
C ARG K 304 1.75 -38.75 53.62
N THR K 305 1.69 -38.97 54.93
CA THR K 305 0.45 -39.22 55.62
C THR K 305 -0.42 -38.00 55.53
N ALA K 306 0.20 -36.85 55.70
CA ALA K 306 -0.52 -35.60 55.61
C ALA K 306 -1.09 -35.42 54.24
N LEU K 307 -0.33 -35.74 53.18
CA LEU K 307 -0.91 -35.62 51.82
C LEU K 307 -2.08 -36.58 51.56
N SER K 308 -2.09 -37.79 52.13
CA SER K 308 -3.31 -38.63 52.02
C SER K 308 -4.52 -37.99 52.67
N ILE K 309 -4.33 -37.43 53.86
CA ILE K 309 -5.41 -36.73 54.54
C ILE K 309 -5.87 -35.51 53.73
N ASP K 310 -4.91 -34.80 53.14
CA ASP K 310 -5.23 -33.68 52.22
C ASP K 310 -6.08 -34.16 51.02
N ALA K 311 -5.75 -35.32 50.49
CA ALA K 311 -6.54 -35.88 49.41
C ALA K 311 -7.93 -36.23 49.88
N ALA K 312 -8.08 -36.75 51.07
CA ALA K 312 -9.39 -37.09 51.57
C ALA K 312 -10.21 -35.83 51.70
N GLU K 313 -9.58 -34.75 52.16
CA GLU K 313 -10.25 -33.48 52.31
C GLU K 313 -10.77 -32.96 50.97
N MET K 314 -9.96 -33.09 49.94
CA MET K 314 -10.34 -32.65 48.62
C MET K 314 -11.47 -33.47 48.04
N HIS K 315 -11.48 -34.78 48.28
CA HIS K 315 -12.56 -35.66 47.82
C HIS K 315 -13.89 -35.21 48.43
N VAL K 316 -13.84 -34.89 49.71
CA VAL K 316 -15.02 -34.45 50.42
C VAL K 316 -15.48 -33.09 49.92
N ALA K 317 -14.55 -32.16 49.77
CA ALA K 317 -14.89 -30.83 49.28
C ALA K 317 -15.43 -30.88 47.85
N ARG K 318 -14.84 -31.70 46.99
CA ARG K 318 -15.31 -31.80 45.62
C ARG K 318 -16.75 -32.27 45.58
N ALA K 319 -17.08 -33.26 46.38
CA ALA K 319 -18.44 -33.79 46.40
C ALA K 319 -19.41 -32.77 46.95
N ALA K 320 -19.00 -32.10 48.01
CA ALA K 320 -19.85 -31.04 48.55
C ALA K 320 -20.15 -29.95 47.52
N THR K 321 -19.13 -29.55 46.79
CA THR K 321 -19.26 -28.53 45.75
C THR K 321 -20.12 -28.98 44.60
N ALA K 322 -19.97 -30.23 44.18
CA ALA K 322 -20.83 -30.74 43.12
C ALA K 322 -22.30 -30.69 43.54
N LEU K 323 -22.57 -31.06 44.79
CA LEU K 323 -23.92 -31.04 45.32
C LEU K 323 -24.50 -29.64 45.43
N ASP K 324 -23.69 -28.70 45.92
CA ASP K 324 -24.12 -27.30 46.02
C ASP K 324 -24.29 -26.62 44.70
N ASP K 325 -23.41 -26.86 43.76
CA ASP K 325 -23.50 -26.22 42.45
C ASP K 325 -24.79 -26.64 41.77
N ALA K 326 -25.13 -27.92 41.88
CA ALA K 326 -26.34 -28.41 41.26
C ALA K 326 -27.58 -27.82 41.92
N ALA K 327 -27.57 -27.70 43.24
CA ALA K 327 -28.72 -27.14 43.94
C ALA K 327 -28.93 -25.67 43.61
N TYR K 328 -27.85 -24.91 43.54
CA TYR K 328 -27.91 -23.51 43.21
C TYR K 328 -28.37 -23.27 41.78
N ASP K 329 -27.94 -24.12 40.87
CA ASP K 329 -28.33 -23.97 39.47
C ASP K 329 -29.65 -24.63 39.19
N ALA K 330 -30.24 -25.29 40.18
CA ALA K 330 -31.49 -26.02 39.95
C ALA K 330 -31.42 -27.07 38.83
N VAL K 331 -30.26 -27.73 38.70
CA VAL K 331 -30.12 -28.87 37.79
C VAL K 331 -30.05 -30.18 38.58
N ALA K 332 -30.53 -31.23 37.92
CA ALA K 332 -30.45 -32.58 38.45
C ALA K 332 -29.04 -33.11 38.20
N LEU K 333 -28.45 -33.70 39.24
CA LEU K 333 -27.22 -34.45 39.09
C LEU K 333 -27.54 -35.74 38.36
N PRO K 334 -26.79 -36.04 37.28
CA PRO K 334 -27.01 -37.34 36.67
C PRO K 334 -26.49 -38.44 37.59
N ASP K 335 -26.91 -39.67 37.30
CA ASP K 335 -26.50 -40.82 38.11
C ASP K 335 -24.99 -40.96 38.20
N SER K 336 -24.29 -40.71 37.12
CA SER K 336 -22.84 -40.85 37.12
C SER K 336 -22.17 -39.93 38.13
N GLU K 337 -22.71 -38.74 38.30
CA GLU K 337 -22.15 -37.83 39.26
C GLU K 337 -22.40 -38.29 40.70
N LEU K 338 -23.56 -38.85 40.97
CA LEU K 338 -23.89 -39.37 42.30
C LEU K 338 -23.08 -40.60 42.65
N LEU K 339 -22.83 -41.44 41.65
CA LEU K 339 -22.03 -42.62 41.84
C LEU K 339 -20.61 -42.25 42.16
N ARG K 340 -20.13 -41.19 41.53
CA ARG K 340 -18.82 -40.67 41.83
C ARG K 340 -18.74 -40.12 43.25
N ILE K 341 -19.79 -39.46 43.71
CA ILE K 341 -19.81 -38.92 45.06
C ILE K 341 -19.74 -40.06 46.06
N ARG K 342 -20.42 -41.16 45.78
CA ARG K 342 -20.38 -42.32 46.67
C ARG K 342 -18.97 -42.90 46.76
N GLY K 343 -18.28 -42.91 45.63
CA GLY K 343 -16.90 -43.31 45.59
C GLY K 343 -15.99 -42.37 46.33
N ASP K 344 -16.19 -41.07 46.18
CA ASP K 344 -15.37 -40.07 46.89
C ASP K 344 -15.45 -40.22 48.39
N VAL K 345 -16.65 -40.43 48.93
CA VAL K 345 -16.81 -40.47 50.39
C VAL K 345 -16.19 -41.72 51.01
N GLY K 346 -16.36 -42.86 50.37
CA GLY K 346 -15.75 -44.08 50.86
C GLY K 346 -14.25 -44.01 50.76
N GLN K 347 -13.77 -43.46 49.66
CA GLN K 347 -12.36 -43.30 49.47
C GLN K 347 -11.79 -42.34 50.49
N ALA K 348 -12.47 -41.24 50.79
CA ALA K 348 -11.93 -40.29 51.76
C ALA K 348 -11.78 -40.93 53.13
N VAL K 349 -12.82 -41.65 53.58
CA VAL K 349 -12.75 -42.23 54.95
C VAL K 349 -11.77 -43.37 55.02
N SER K 350 -11.62 -44.09 53.92
CA SER K 350 -10.61 -45.13 53.80
C SER K 350 -9.17 -44.59 53.90
N LEU K 351 -8.96 -43.48 53.21
CA LEU K 351 -7.73 -42.76 53.30
C LEU K 351 -7.48 -42.30 54.75
N VAL K 352 -8.51 -41.84 55.44
CA VAL K 352 -8.37 -41.37 56.82
C VAL K 352 -8.05 -42.51 57.79
N THR K 353 -8.68 -43.66 57.65
CA THR K 353 -8.36 -44.77 58.52
C THR K 353 -6.96 -45.30 58.31
N THR K 354 -6.48 -45.35 57.06
CA THR K 354 -5.13 -45.77 56.78
C THR K 354 -4.16 -44.74 57.36
N ALA K 355 -4.49 -43.47 57.25
CA ALA K 355 -3.63 -42.42 57.77
C ALA K 355 -3.54 -42.44 59.30
N LEU K 356 -4.62 -42.81 59.96
CA LEU K 356 -4.61 -42.92 61.41
C LEU K 356 -3.68 -44.02 61.87
N ASP K 357 -3.64 -45.13 61.14
CA ASP K 357 -2.76 -46.23 61.43
C ASP K 357 -1.33 -45.73 61.32
N GLU K 358 -1.08 -44.92 60.30
CA GLU K 358 0.21 -44.29 60.11
C GLU K 358 0.58 -43.32 61.23
N LEU K 359 -0.38 -42.57 61.73
CA LEU K 359 -0.11 -41.63 62.79
C LEU K 359 0.24 -42.32 64.11
N LEU K 360 -0.36 -43.49 64.38
CA LEU K 360 -0.01 -44.27 65.55
C LEU K 360 1.42 -44.79 65.45
N TRP K 361 1.84 -45.18 64.26
CA TRP K 361 3.21 -45.59 64.05
C TRP K 361 4.15 -44.44 64.30
N ALA K 362 3.74 -43.25 63.91
CA ALA K 362 4.55 -42.08 64.14
C ALA K 362 4.66 -41.74 65.62
N HIS K 363 3.52 -41.72 66.30
CA HIS K 363 3.48 -41.29 67.69
C HIS K 363 4.05 -42.31 68.67
N GLY K 364 3.76 -43.58 68.48
CA GLY K 364 4.29 -44.62 69.33
C GLY K 364 3.27 -45.23 70.26
N ALA K 365 3.77 -46.02 71.19
CA ALA K 365 2.93 -46.76 72.13
C ALA K 365 2.08 -45.88 73.02
N ALA K 366 2.57 -44.68 73.32
CA ALA K 366 1.86 -43.73 74.17
C ALA K 366 0.52 -43.33 73.61
N SER K 367 0.35 -43.52 72.30
CA SER K 367 -0.90 -43.13 71.69
C SER K 367 -2.09 -43.95 72.18
N PHE K 368 -1.82 -45.11 72.77
CA PHE K 368 -2.92 -45.97 73.23
C PHE K 368 -3.29 -45.74 74.69
N ALA K 369 -2.66 -44.78 75.36
CA ALA K 369 -3.04 -44.48 76.73
C ALA K 369 -4.42 -43.84 76.75
N GLU K 370 -5.20 -44.11 77.78
CA GLU K 370 -6.53 -43.51 77.91
C GLU K 370 -6.45 -41.99 78.01
N SER K 371 -5.37 -41.48 78.56
CA SER K 371 -5.19 -40.05 78.64
C SER K 371 -4.83 -39.37 77.30
N ASN K 372 -4.47 -40.13 76.28
CA ASN K 372 -4.04 -39.54 75.00
C ASN K 372 -5.21 -39.38 74.02
N PRO K 373 -5.50 -38.16 73.56
CA PRO K 373 -6.61 -37.99 72.59
C PRO K 373 -6.43 -38.74 71.27
N LEU K 374 -5.20 -39.16 70.96
CA LEU K 374 -4.95 -39.81 69.70
C LEU K 374 -5.74 -41.10 69.52
N GLN K 375 -5.84 -41.93 70.56
CA GLN K 375 -6.62 -43.15 70.47
C GLN K 375 -8.12 -42.89 70.39
N ARG K 376 -8.58 -41.77 70.92
CA ARG K 376 -9.98 -41.39 70.80
C ARG K 376 -10.34 -41.07 69.38
N TYR K 377 -9.51 -40.32 68.70
CA TYR K 377 -9.77 -40.00 67.31
C TYR K 377 -9.71 -41.28 66.51
N TRP K 378 -8.77 -42.14 66.84
CA TRP K 378 -8.58 -43.40 66.16
C TRP K 378 -9.81 -44.31 66.31
N ARG K 379 -10.32 -44.44 67.52
CA ARG K 379 -11.48 -45.28 67.73
C ARG K 379 -12.77 -44.70 67.14
N ASP K 380 -12.99 -43.40 67.28
CA ASP K 380 -14.21 -42.79 66.76
C ASP K 380 -14.26 -42.73 65.24
N ALA K 381 -13.16 -42.38 64.61
CA ALA K 381 -13.12 -42.31 63.16
C ALA K 381 -13.26 -43.70 62.54
N ASN K 382 -12.62 -44.69 63.14
CA ASN K 382 -12.70 -46.04 62.63
C ASN K 382 -14.10 -46.63 62.74
N THR K 383 -14.78 -46.38 63.85
CA THR K 383 -16.14 -46.85 64.06
C THR K 383 -17.09 -46.22 63.08
N ALA K 384 -17.04 -44.90 62.99
CA ALA K 384 -17.94 -44.14 62.11
C ALA K 384 -17.71 -44.41 60.63
N ALA K 385 -16.48 -44.68 60.24
CA ALA K 385 -16.14 -44.92 58.86
C ALA K 385 -16.84 -46.12 58.25
N ARG K 386 -17.21 -47.10 59.08
CA ARG K 386 -17.86 -48.32 58.60
C ARG K 386 -19.36 -48.19 58.52
N HIS K 387 -19.88 -46.99 58.63
CA HIS K 387 -21.27 -46.73 58.37
C HIS K 387 -21.53 -47.14 56.94
N ALA K 388 -22.70 -47.71 56.70
CA ALA K 388 -23.06 -48.25 55.39
C ALA K 388 -22.94 -47.29 54.21
N MET K 389 -23.27 -46.03 54.40
CA MET K 389 -23.23 -45.06 53.34
C MET K 389 -21.82 -44.63 53.04
N LEU K 390 -20.87 -45.06 53.85
CA LEU K 390 -19.47 -44.78 53.61
C LEU K 390 -18.66 -46.00 53.20
N ASN K 391 -19.27 -47.11 52.83
CA ASN K 391 -18.52 -48.33 52.58
C ASN K 391 -17.62 -48.13 51.39
N VAL K 392 -16.33 -48.35 51.59
CA VAL K 392 -15.33 -48.07 50.56
C VAL K 392 -15.41 -49.03 49.36
N HIS K 393 -15.59 -50.30 49.64
CA HIS K 393 -15.71 -51.32 48.60
C HIS K 393 -16.95 -51.13 47.74
N VAL K 394 -18.06 -50.74 48.37
CA VAL K 394 -19.30 -50.46 47.63
C VAL K 394 -19.09 -49.22 46.76
N GLY K 395 -18.45 -48.21 47.31
CA GLY K 395 -18.18 -46.99 46.56
C GLY K 395 -17.32 -47.24 45.33
N HIS K 396 -16.31 -48.07 45.50
CA HIS K 396 -15.42 -48.44 44.42
C HIS K 396 -16.18 -49.12 43.32
N GLU K 397 -17.08 -50.02 43.69
CA GLU K 397 -17.86 -50.75 42.73
C GLU K 397 -18.87 -49.84 42.03
N LEU K 398 -19.48 -48.93 42.76
CA LEU K 398 -20.42 -47.98 42.17
C LEU K 398 -19.77 -47.01 41.17
N TYR K 399 -18.61 -46.47 41.51
CA TYR K 399 -17.95 -45.55 40.65
C TYR K 399 -17.41 -46.26 39.43
N GLY K 400 -16.85 -47.45 39.62
CA GLY K 400 -16.33 -48.23 38.53
C GLY K 400 -17.42 -48.60 37.56
N GLY K 401 -18.58 -48.92 38.10
CA GLY K 401 -19.73 -49.29 37.34
C GLY K 401 -20.27 -48.19 36.47
N SER K 402 -20.17 -46.96 36.95
CA SER K 402 -20.65 -45.80 36.24
C SER K 402 -19.95 -45.61 34.91
N PHE K 403 -18.70 -46.00 34.82
CA PHE K 403 -17.94 -45.91 33.57
C PHE K 403 -18.52 -46.74 32.43
N PHE K 404 -19.30 -47.77 32.77
CA PHE K 404 -19.89 -48.71 31.81
C PHE K 404 -21.43 -48.76 31.86
N GLY K 405 -22.04 -47.91 32.69
CA GLY K 405 -23.48 -47.89 32.89
C GLY K 405 -24.09 -49.18 33.42
N LEU K 406 -23.40 -49.85 34.34
CA LEU K 406 -23.91 -51.07 34.97
C LEU K 406 -25.02 -50.72 35.94
N ASP K 407 -25.88 -51.69 36.25
CA ASP K 407 -26.95 -51.46 37.23
C ASP K 407 -26.31 -51.22 38.57
N PRO K 408 -26.67 -50.11 39.25
CA PRO K 408 -26.02 -49.97 40.56
C PRO K 408 -26.35 -51.06 41.56
N ILE K 409 -25.42 -51.29 42.48
CA ILE K 409 -25.56 -52.33 43.48
C ILE K 409 -26.25 -51.84 44.74
N VAL K 410 -26.68 -50.58 44.74
CA VAL K 410 -27.45 -50.08 45.86
C VAL K 410 -28.81 -49.67 45.35
N PRO K 411 -29.85 -49.70 46.22
CA PRO K 411 -31.16 -49.38 45.63
C PRO K 411 -31.40 -47.89 45.32
N SER K 412 -30.82 -46.97 46.07
CA SER K 412 -31.04 -45.56 45.75
C SER K 412 -29.74 -44.77 45.79
N LEU K 413 -29.74 -43.65 45.09
CA LEU K 413 -28.59 -42.77 45.05
C LEU K 413 -28.91 -41.41 45.62
N THR L 18 -16.45 -10.83 39.02
CA THR L 18 -16.17 -12.14 38.35
C THR L 18 -16.08 -11.94 36.83
N ASP L 19 -15.92 -10.69 36.38
CA ASP L 19 -15.87 -10.43 34.97
C ASP L 19 -14.59 -11.09 34.40
N ILE L 20 -13.47 -10.88 35.11
CA ILE L 20 -12.18 -11.45 34.72
C ILE L 20 -12.20 -12.98 34.87
N ARG L 21 -12.86 -13.44 35.94
CA ARG L 21 -12.97 -14.85 36.20
C ARG L 21 -13.66 -15.49 34.99
N SER L 22 -14.65 -14.80 34.44
CA SER L 22 -15.36 -15.34 33.30
C SER L 22 -14.50 -15.38 32.06
N GLU L 23 -13.72 -14.32 31.90
CA GLU L 23 -12.83 -14.14 30.76
C GLU L 23 -11.75 -15.20 30.74
N THR L 24 -11.17 -15.45 31.89
CA THR L 24 -10.09 -16.41 32.01
C THR L 24 -10.61 -17.81 31.71
N ALA L 25 -11.81 -18.10 32.17
CA ALA L 25 -12.46 -19.38 31.89
C ALA L 25 -12.77 -19.53 30.41
N GLU L 26 -13.18 -18.44 29.78
CA GLU L 26 -13.51 -18.50 28.36
C GLU L 26 -12.30 -18.79 27.51
N LEU L 27 -11.17 -18.21 27.87
CA LEU L 27 -9.94 -18.40 27.13
C LEU L 27 -9.45 -19.82 27.29
N ARG L 28 -9.54 -20.34 28.50
CA ARG L 28 -9.10 -21.69 28.76
C ARG L 28 -9.86 -22.68 27.91
N ALA L 29 -11.17 -22.50 27.80
CA ALA L 29 -12.00 -23.38 27.00
C ALA L 29 -11.60 -23.31 25.54
N GLU L 30 -11.30 -22.11 25.07
CA GLU L 30 -10.88 -21.92 23.71
C GLU L 30 -9.58 -22.64 23.45
N LEU L 31 -8.64 -22.54 24.38
CA LEU L 31 -7.35 -23.18 24.25
C LEU L 31 -7.46 -24.67 24.31
N VAL L 32 -8.38 -25.17 25.14
CA VAL L 32 -8.59 -26.59 25.21
C VAL L 32 -9.16 -27.06 23.89
N GLU L 33 -10.05 -26.28 23.28
CA GLU L 33 -10.60 -26.66 22.00
C GLU L 33 -9.51 -26.62 20.93
N ARG L 34 -8.54 -25.73 21.04
CA ARG L 34 -7.42 -25.75 20.10
C ARG L 34 -6.60 -27.03 20.15
N VAL L 35 -6.37 -27.51 21.37
CA VAL L 35 -5.69 -28.77 21.57
C VAL L 35 -6.43 -29.88 20.83
N HIS L 36 -7.75 -29.90 20.93
CA HIS L 36 -8.53 -30.92 20.23
C HIS L 36 -8.44 -30.80 18.72
N LYS L 37 -8.39 -29.56 18.25
CA LYS L 37 -8.29 -29.31 16.84
C LYS L 37 -6.96 -29.76 16.26
N PHE L 38 -5.86 -29.42 16.93
CA PHE L 38 -4.53 -29.76 16.46
C PHE L 38 -4.06 -31.11 16.95
N GLY L 39 -4.82 -31.74 17.83
CA GLY L 39 -4.43 -33.00 18.39
C GLY L 39 -4.19 -34.13 17.40
N PRO L 40 -5.06 -34.28 16.38
CA PRO L 40 -4.80 -35.32 15.38
C PRO L 40 -3.44 -35.19 14.68
N VAL L 41 -2.90 -33.97 14.53
CA VAL L 41 -1.57 -33.78 13.92
C VAL L 41 -0.51 -34.35 14.85
N PHE L 42 -0.58 -33.96 16.11
CA PHE L 42 0.38 -34.44 17.11
C PHE L 42 0.33 -35.96 17.22
N ALA L 43 -0.86 -36.52 17.22
CA ALA L 43 -1.04 -37.96 17.30
C ALA L 43 -0.45 -38.68 16.10
N ASP L 44 -0.59 -38.07 14.95
CA ASP L 44 -0.08 -38.61 13.72
C ASP L 44 1.41 -38.73 13.65
N GLY L 45 2.11 -37.84 14.35
CA GLY L 45 3.55 -37.86 14.37
C GLY L 45 4.17 -38.63 15.52
N VAL L 46 3.37 -39.40 16.26
CA VAL L 46 3.90 -40.16 17.38
C VAL L 46 4.91 -41.19 16.93
N ALA L 47 4.61 -41.93 15.87
CA ALA L 47 5.51 -42.96 15.41
C ALA L 47 6.85 -42.41 14.93
N GLU L 48 6.83 -41.32 14.21
CA GLU L 48 8.07 -40.72 13.74
C GLU L 48 8.86 -40.19 14.92
N GLY L 49 8.18 -39.57 15.87
CA GLY L 49 8.84 -38.98 17.01
C GLY L 49 9.57 -40.01 17.85
N GLU L 50 8.93 -41.16 18.00
CA GLU L 50 9.47 -42.27 18.77
C GLU L 50 10.74 -42.84 18.12
N ARG L 51 10.67 -42.93 16.81
CA ARG L 51 11.72 -43.41 15.93
C ARG L 51 12.93 -42.46 15.85
N GLU L 52 12.68 -41.16 15.74
CA GLU L 52 13.73 -40.17 15.57
C GLU L 52 14.18 -39.42 16.81
N ARG L 53 13.45 -39.55 17.91
CA ARG L 53 13.78 -38.85 19.16
C ARG L 53 13.75 -37.33 19.06
N ARG L 54 12.83 -36.82 18.25
CA ARG L 54 12.60 -35.38 18.11
C ARG L 54 11.18 -35.24 17.60
N LEU L 55 10.60 -34.06 17.75
CA LEU L 55 9.24 -33.84 17.28
C LEU L 55 9.25 -33.68 15.78
N PRO L 56 8.28 -34.29 15.07
CA PRO L 56 8.22 -34.08 13.62
C PRO L 56 7.95 -32.65 13.20
N ASP L 57 8.29 -32.29 11.97
CA ASP L 57 8.08 -30.93 11.50
C ASP L 57 6.61 -30.50 11.56
N ALA L 58 5.70 -31.40 11.26
CA ALA L 58 4.29 -31.05 11.29
C ALA L 58 3.84 -30.68 12.71
N THR L 59 4.37 -31.38 13.70
CA THR L 59 4.04 -31.10 15.10
C THR L 59 4.55 -29.74 15.52
N VAL L 60 5.77 -29.41 15.11
CA VAL L 60 6.33 -28.12 15.45
C VAL L 60 5.49 -27.04 14.79
N ARG L 61 5.08 -27.27 13.55
CA ARG L 61 4.25 -26.31 12.84
C ARG L 61 2.94 -26.09 13.58
N ALA L 62 2.33 -27.18 14.01
CA ALA L 62 1.08 -27.09 14.73
C ALA L 62 1.23 -26.37 16.07
N ILE L 63 2.35 -26.56 16.75
CA ILE L 63 2.61 -25.86 17.99
C ILE L 63 2.69 -24.36 17.72
N ASP L 64 3.33 -23.96 16.63
CA ASP L 64 3.45 -22.52 16.31
C ASP L 64 2.12 -21.90 15.89
N GLN L 65 1.35 -22.62 15.05
CA GLN L 65 0.04 -22.13 14.62
C GLN L 65 -0.98 -22.06 15.73
N SER L 66 -1.00 -23.06 16.62
CA SER L 66 -1.97 -23.09 17.75
C SER L 66 -1.72 -22.05 18.82
N GLN L 67 -0.49 -21.53 18.84
CA GLN L 67 -0.01 -20.57 19.83
C GLN L 67 0.10 -21.20 21.24
N LEU L 68 0.16 -22.53 21.32
CA LEU L 68 0.25 -23.22 22.62
C LEU L 68 1.59 -23.06 23.36
N ALA L 69 2.60 -22.62 22.61
CA ALA L 69 3.86 -22.19 23.22
C ALA L 69 3.81 -20.77 23.80
N MET L 70 2.69 -20.07 23.62
CA MET L 70 2.61 -18.64 23.94
C MET L 70 1.76 -18.32 25.19
N LEU L 71 1.29 -19.35 25.88
CA LEU L 71 0.47 -19.16 27.05
C LEU L 71 1.15 -18.34 28.15
N TRP L 72 2.44 -18.50 28.34
CA TRP L 72 3.15 -17.74 29.36
C TRP L 72 4.05 -16.64 28.81
N THR L 73 3.72 -16.18 27.60
CA THR L 73 4.40 -15.06 26.96
C THR L 73 3.54 -13.85 27.19
N ALA L 74 4.18 -12.72 27.44
CA ALA L 74 3.46 -11.48 27.75
C ALA L 74 2.62 -10.93 26.60
N LYS L 75 1.50 -10.32 26.96
CA LYS L 75 0.58 -9.67 26.03
C LYS L 75 1.23 -8.54 25.30
N SER L 76 2.13 -7.84 25.97
CA SER L 76 2.83 -6.73 25.38
C SER L 76 3.65 -7.18 24.16
N TYR L 77 4.09 -8.45 24.12
CA TYR L 77 4.77 -8.99 22.96
C TYR L 77 3.90 -9.83 22.01
N GLY L 78 2.58 -9.78 22.19
CA GLY L 78 1.64 -10.60 21.40
C GLY L 78 1.37 -12.01 21.94
N GLY L 79 1.78 -12.27 23.18
CA GLY L 79 1.49 -13.54 23.86
C GLY L 79 0.10 -13.60 24.48
N LEU L 80 -0.31 -14.79 24.87
CA LEU L 80 -1.66 -15.00 25.41
C LEU L 80 -1.74 -14.68 26.90
N GLU L 81 -0.59 -14.68 27.59
CA GLU L 81 -0.47 -14.31 29.02
C GLU L 81 -1.61 -14.87 29.91
N THR L 82 -1.65 -16.20 30.06
CA THR L 82 -2.70 -16.87 30.86
C THR L 82 -2.24 -17.05 32.32
N ASP L 83 -2.74 -18.08 32.98
CA ASP L 83 -2.36 -18.35 34.35
C ASP L 83 -1.94 -19.81 34.48
N VAL L 84 -1.59 -20.22 35.68
CA VAL L 84 -1.11 -21.58 35.87
C VAL L 84 -2.17 -22.63 35.57
N ARG L 85 -3.37 -22.37 36.03
CA ARG L 85 -4.45 -23.31 35.86
C ARG L 85 -4.75 -23.57 34.40
N THR L 86 -4.70 -22.55 33.57
CA THR L 86 -4.98 -22.74 32.16
C THR L 86 -3.91 -23.57 31.49
N MET L 87 -2.67 -23.31 31.84
CA MET L 87 -1.55 -24.03 31.27
C MET L 87 -1.62 -25.48 31.67
N SER L 88 -2.00 -25.73 32.91
CA SER L 88 -2.17 -27.06 33.44
C SER L 88 -3.26 -27.83 32.71
N GLU L 89 -4.42 -27.22 32.51
CA GLU L 89 -5.50 -27.91 31.82
C GLU L 89 -5.12 -28.18 30.37
N VAL L 90 -4.39 -27.28 29.75
CA VAL L 90 -3.92 -27.52 28.37
C VAL L 90 -2.94 -28.70 28.28
N ALA L 91 -1.98 -28.73 29.20
CA ALA L 91 -1.01 -29.81 29.27
C ALA L 91 -1.65 -31.19 29.44
N LYS L 92 -2.69 -31.25 30.29
CA LYS L 92 -3.37 -32.53 30.53
C LYS L 92 -4.01 -33.06 29.26
N VAL L 93 -4.64 -32.17 28.51
CA VAL L 93 -5.35 -32.58 27.30
C VAL L 93 -4.36 -32.92 26.20
N LEU L 94 -3.29 -32.14 26.10
CA LEU L 94 -2.22 -32.42 25.12
C LEU L 94 -1.65 -33.81 25.23
N SER L 95 -1.40 -34.25 26.48
CA SER L 95 -0.87 -35.59 26.74
C SER L 95 -1.68 -36.75 26.13
N HIS L 96 -2.98 -36.57 25.96
CA HIS L 96 -3.80 -37.60 25.33
C HIS L 96 -3.31 -37.88 23.92
N TYR L 97 -2.84 -36.85 23.23
CA TYR L 97 -2.47 -36.99 21.85
C TYR L 97 -1.00 -37.33 21.72
N CYS L 98 -0.14 -36.61 22.44
CA CYS L 98 1.29 -36.93 22.45
C CYS L 98 1.92 -36.41 23.74
N PRO L 99 2.28 -37.34 24.66
CA PRO L 99 2.90 -36.87 25.91
C PRO L 99 4.22 -36.10 25.72
N SER L 100 4.98 -36.47 24.69
CA SER L 100 6.23 -35.73 24.37
C SER L 100 6.00 -34.27 23.94
N THR L 101 5.00 -34.06 23.10
CA THR L 101 4.58 -32.73 22.66
C THR L 101 4.11 -31.94 23.86
N SER L 102 3.28 -32.56 24.69
CA SER L 102 2.81 -31.92 25.91
C SER L 102 4.00 -31.52 26.79
N TRP L 103 4.95 -32.41 26.93
CA TRP L 103 6.12 -32.11 27.73
C TRP L 103 6.92 -30.96 27.18
N VAL L 104 7.09 -30.93 25.87
CA VAL L 104 7.86 -29.87 25.25
C VAL L 104 7.14 -28.53 25.40
N VAL L 105 5.85 -28.52 25.10
CA VAL L 105 5.05 -27.33 25.19
C VAL L 105 5.10 -26.77 26.62
N ASN L 106 5.01 -27.64 27.62
CA ASN L 106 5.11 -27.25 29.03
C ASN L 106 6.46 -26.62 29.32
N ASN L 107 7.53 -27.23 28.81
CA ASN L 107 8.86 -26.73 29.04
C ASN L 107 9.04 -25.36 28.40
N VAL L 108 8.50 -25.17 27.21
CA VAL L 108 8.67 -23.91 26.51
C VAL L 108 8.01 -22.74 27.26
N ASN L 109 6.75 -22.94 27.63
CA ASN L 109 6.03 -21.92 28.40
C ASN L 109 6.75 -21.64 29.68
N GLY L 110 7.18 -22.69 30.37
CA GLY L 110 7.89 -22.48 31.62
C GLY L 110 9.19 -21.72 31.42
N SER L 111 9.90 -22.02 30.35
CA SER L 111 11.15 -21.34 30.08
C SER L 111 10.91 -19.89 29.75
N ASN L 112 9.85 -19.63 28.98
CA ASN L 112 9.48 -18.29 28.64
C ASN L 112 9.11 -17.50 29.90
N LEU L 113 8.45 -18.14 30.87
CA LEU L 113 8.12 -17.46 32.09
C LEU L 113 9.39 -17.15 32.87
N LEU L 114 10.36 -18.06 32.86
CA LEU L 114 11.62 -17.86 33.55
C LEU L 114 12.38 -16.70 32.95
N ALA L 115 12.22 -16.47 31.65
CA ALA L 115 12.91 -15.41 30.96
C ALA L 115 12.53 -14.03 31.50
N SER L 116 11.33 -13.90 32.06
CA SER L 116 10.90 -12.63 32.60
C SER L 116 11.71 -12.09 33.76
N LYS L 117 12.58 -12.89 34.37
CA LYS L 117 13.50 -12.36 35.38
C LYS L 117 14.64 -11.57 34.79
N PHE L 118 14.87 -11.73 33.49
CA PHE L 118 15.92 -11.02 32.80
C PHE L 118 15.53 -9.55 32.53
N PRO L 119 16.53 -8.70 32.21
CA PRO L 119 16.15 -7.31 31.94
C PRO L 119 15.33 -7.12 30.70
N ARG L 120 14.70 -5.96 30.60
CA ARG L 120 13.87 -5.65 29.47
C ARG L 120 14.63 -5.72 28.16
N ALA L 121 15.89 -5.35 28.19
CA ALA L 121 16.74 -5.43 27.02
C ALA L 121 16.81 -6.85 26.44
N ALA L 122 16.96 -7.82 27.31
CA ALA L 122 16.96 -9.24 26.91
C ALA L 122 15.60 -9.68 26.39
N LEU L 123 14.57 -9.33 27.13
CA LEU L 123 13.20 -9.69 26.75
C LEU L 123 12.79 -9.13 25.40
N ASP L 124 13.15 -7.88 25.14
CA ASP L 124 12.93 -7.25 23.84
C ASP L 124 13.69 -8.01 22.76
N GLU L 125 14.96 -8.33 23.02
CA GLU L 125 15.77 -9.07 22.06
C GLU L 125 15.17 -10.44 21.71
N VAL L 126 14.55 -11.09 22.69
CA VAL L 126 13.96 -12.41 22.51
C VAL L 126 12.59 -12.36 21.86
N PHE L 127 11.69 -11.54 22.43
CA PHE L 127 10.24 -11.52 22.07
C PHE L 127 9.79 -10.34 21.20
N GLY L 128 10.63 -9.33 21.05
CA GLY L 128 10.33 -8.10 20.31
C GLY L 128 9.76 -8.25 18.93
N ASP L 129 10.35 -9.12 18.10
CA ASP L 129 9.86 -9.42 16.74
C ASP L 129 9.44 -10.87 16.60
N ALA L 130 9.20 -11.56 17.71
CA ALA L 130 8.95 -13.00 17.73
C ALA L 130 7.96 -13.30 18.86
N PRO L 131 6.66 -13.01 18.66
CA PRO L 131 5.63 -13.37 19.66
C PRO L 131 5.62 -14.88 20.02
N GLY L 132 5.94 -15.73 19.04
CA GLY L 132 6.05 -17.18 19.20
C GLY L 132 7.43 -17.71 19.54
N ALA L 133 8.29 -16.89 20.14
CA ALA L 133 9.61 -17.36 20.52
C ALA L 133 9.50 -18.50 21.52
N LYS L 134 10.43 -19.45 21.38
CA LYS L 134 10.44 -20.68 22.18
C LYS L 134 11.77 -20.89 22.88
N LEU L 135 11.76 -20.88 24.21
CA LEU L 135 12.98 -21.10 25.01
C LEU L 135 13.11 -22.50 25.58
N ALA L 136 14.35 -22.96 25.66
CA ALA L 136 14.77 -24.07 26.51
C ALA L 136 15.28 -23.52 27.83
N SER L 137 15.43 -24.39 28.81
CA SER L 137 16.07 -24.00 30.03
C SER L 137 16.57 -25.24 30.72
N VAL L 138 17.85 -25.23 31.10
CA VAL L 138 18.44 -26.35 31.80
C VAL L 138 19.19 -25.87 33.02
N PHE L 139 18.79 -26.42 34.17
CA PHE L 139 19.37 -26.14 35.47
C PHE L 139 20.16 -27.37 35.94
N ALA L 140 20.18 -28.39 35.08
CA ALA L 140 20.79 -29.70 35.30
C ALA L 140 22.33 -29.74 35.23
N ALA L 141 22.96 -28.63 34.88
CA ALA L 141 24.41 -28.56 34.86
C ALA L 141 24.75 -27.15 35.14
N ALA L 142 26.00 -26.99 35.45
CA ALA L 142 26.59 -25.73 35.49
C ALA L 142 27.74 -25.81 34.48
N GLY L 143 27.98 -24.65 33.91
CA GLY L 143 29.02 -24.43 32.97
C GLY L 143 29.82 -23.44 33.76
N THR L 144 30.85 -22.97 33.16
CA THR L 144 31.72 -22.11 33.88
C THR L 144 31.83 -20.84 33.03
N ALA L 145 31.66 -19.71 33.71
CA ALA L 145 31.65 -18.44 33.06
C ALA L 145 32.66 -17.50 33.69
N VAL L 146 33.32 -16.71 32.87
CA VAL L 146 34.30 -15.77 33.37
C VAL L 146 34.07 -14.41 32.76
N ARG L 147 34.31 -13.37 33.55
CA ARG L 147 34.11 -12.00 33.09
C ARG L 147 35.04 -11.62 31.96
N THR L 148 34.48 -10.92 30.99
CA THR L 148 35.22 -10.40 29.84
C THR L 148 34.64 -9.02 29.61
N PRO L 149 35.33 -8.15 28.84
CA PRO L 149 34.70 -6.83 28.69
C PRO L 149 33.39 -6.89 27.93
N GLY L 150 32.38 -6.26 28.53
CA GLY L 150 31.03 -6.21 27.97
C GLY L 150 30.17 -7.42 28.31
N GLY L 151 30.70 -8.38 29.06
CA GLY L 151 29.92 -9.55 29.39
C GLY L 151 30.66 -10.69 30.04
N TYR L 152 30.46 -11.88 29.47
CA TYR L 152 31.06 -13.11 29.97
C TYR L 152 31.48 -14.02 28.82
N ARG L 153 32.40 -14.93 29.14
CA ARG L 153 32.80 -16.03 28.24
C ARG L 153 32.34 -17.30 28.95
N LEU L 154 31.55 -18.11 28.26
CA LEU L 154 30.83 -19.25 28.87
C LEU L 154 31.21 -20.57 28.20
N THR L 155 31.55 -21.55 29.04
CA THR L 155 31.89 -22.90 28.58
C THR L 155 31.12 -23.89 29.44
N GLY L 156 30.56 -24.92 28.82
CA GLY L 156 29.87 -25.96 29.56
C GLY L 156 29.19 -27.00 28.70
N SER L 157 28.61 -27.98 29.38
CA SER L 157 27.88 -29.06 28.74
C SER L 157 26.62 -29.37 29.57
N TRP L 158 25.46 -29.10 29.00
CA TRP L 158 24.19 -29.15 29.73
C TRP L 158 23.31 -30.27 29.16
N PRO L 159 23.17 -31.42 29.89
CA PRO L 159 22.24 -32.48 29.46
C PRO L 159 20.78 -32.15 29.77
N TYR L 160 19.88 -32.99 29.27
CA TYR L 160 18.43 -32.82 29.47
C TYR L 160 17.84 -31.53 28.91
N GLY L 161 18.24 -31.15 27.71
CA GLY L 161 17.77 -29.92 27.11
C GLY L 161 16.50 -30.17 26.35
N THR L 162 15.38 -30.25 27.06
CA THR L 162 14.09 -30.49 26.41
C THR L 162 13.76 -29.51 25.30
N GLY L 163 13.41 -30.07 24.17
CA GLY L 163 13.01 -29.32 22.99
C GLY L 163 14.04 -28.40 22.34
N ILE L 164 15.33 -28.57 22.68
CA ILE L 164 16.40 -27.67 22.26
C ILE L 164 16.55 -27.61 20.74
N LEU L 165 16.29 -28.72 20.06
CA LEU L 165 16.33 -28.74 18.61
C LEU L 165 15.39 -27.78 17.92
N HIS L 166 14.26 -27.43 18.54
CA HIS L 166 13.29 -26.48 17.93
C HIS L 166 13.31 -25.12 18.59
N ASP L 167 14.23 -24.89 19.53
CA ASP L 167 14.14 -23.68 20.37
C ASP L 167 15.00 -22.56 19.77
N ASP L 168 14.59 -21.34 20.07
CA ASP L 168 15.23 -20.14 19.54
C ASP L 168 16.31 -19.66 20.50
N TRP L 169 16.09 -19.85 21.80
CA TRP L 169 17.04 -19.46 22.85
C TRP L 169 17.05 -20.52 23.96
N ALA L 170 18.05 -20.45 24.83
CA ALA L 170 18.20 -21.37 25.95
C ALA L 170 18.64 -20.58 27.17
N ILE L 171 18.01 -20.88 28.32
CA ILE L 171 18.47 -20.36 29.61
C ILE L 171 19.30 -21.43 30.26
N LEU L 172 20.56 -21.12 30.49
CA LEU L 172 21.50 -22.08 31.05
C LEU L 172 22.11 -21.57 32.35
N VAL L 173 22.26 -22.45 33.31
CA VAL L 173 22.84 -22.13 34.60
C VAL L 173 24.36 -22.29 34.54
N ALA L 174 25.07 -21.41 35.21
CA ALA L 174 26.52 -21.49 35.25
C ALA L 174 27.10 -20.96 36.51
N ARG L 175 28.36 -21.27 36.72
CA ARG L 175 29.06 -20.77 37.88
C ARG L 175 30.06 -19.79 37.37
N GLU L 176 30.03 -18.58 37.93
CA GLU L 176 31.04 -17.58 37.61
C GLU L 176 32.33 -17.92 38.34
N VAL L 177 33.45 -17.71 37.66
CA VAL L 177 34.76 -17.94 38.25
C VAL L 177 35.67 -16.80 37.88
N ASP L 178 36.73 -16.62 38.64
CA ASP L 178 37.69 -15.55 38.35
C ASP L 178 38.83 -16.06 37.49
N ALA L 179 39.83 -15.22 37.29
CA ALA L 179 40.99 -15.55 36.49
C ALA L 179 41.73 -16.73 37.10
N ASP L 180 41.77 -16.75 38.42
CA ASP L 180 42.37 -17.87 39.12
C ASP L 180 41.56 -19.13 38.92
N GLY L 181 40.26 -18.99 38.70
CA GLY L 181 39.40 -20.15 38.50
C GLY L 181 38.64 -20.51 39.76
N GLU L 182 38.69 -19.61 40.74
CA GLU L 182 37.96 -19.77 41.98
C GLU L 182 36.50 -19.38 41.80
N PRO L 183 35.58 -20.05 42.49
CA PRO L 183 34.15 -19.70 42.34
C PRO L 183 33.78 -18.33 42.86
N VAL L 184 32.98 -17.59 42.09
CA VAL L 184 32.53 -16.27 42.49
C VAL L 184 31.06 -16.26 42.84
N GLY L 185 30.23 -16.86 42.02
CA GLY L 185 28.81 -16.87 42.28
C GLY L 185 28.08 -17.64 41.21
N GLY L 186 26.75 -17.71 41.33
CA GLY L 186 25.92 -18.42 40.38
C GLY L 186 25.33 -17.50 39.34
N LEU L 187 25.16 -17.97 38.12
CA LEU L 187 24.56 -17.15 37.07
C LEU L 187 23.49 -17.85 36.26
N SER L 188 22.61 -17.07 35.67
CA SER L 188 21.67 -17.56 34.71
C SER L 188 21.90 -16.83 33.41
N MET L 189 22.04 -17.56 32.32
CA MET L 189 22.45 -16.94 31.06
C MET L 189 21.57 -17.26 29.92
N LEU L 190 21.25 -16.25 29.15
CA LEU L 190 20.35 -16.41 28.02
C LEU L 190 21.17 -16.40 26.74
N VAL L 191 21.16 -17.50 26.00
CA VAL L 191 21.98 -17.61 24.81
C VAL L 191 21.17 -18.15 23.64
N PRO L 192 21.39 -17.58 22.46
CA PRO L 192 20.63 -17.91 21.26
C PRO L 192 21.07 -19.18 20.57
N ALA L 193 20.19 -19.68 19.72
CA ALA L 193 20.39 -20.92 18.99
C ALA L 193 21.64 -20.86 18.11
N ARG L 194 21.88 -19.70 17.52
CA ARG L 194 23.05 -19.50 16.65
C ARG L 194 24.36 -19.76 17.39
N ASP L 195 24.39 -19.44 18.68
CA ASP L 195 25.57 -19.67 19.47
C ASP L 195 25.69 -21.06 20.07
N LEU L 196 24.66 -21.89 19.97
CA LEU L 196 24.67 -23.22 20.59
C LEU L 196 25.04 -24.32 19.64
N THR L 197 25.46 -25.42 20.23
CA THR L 197 25.69 -26.66 19.53
C THR L 197 24.90 -27.72 20.28
N VAL L 198 24.31 -28.65 19.55
CA VAL L 198 23.54 -29.69 20.19
C VAL L 198 24.18 -31.02 19.91
N GLU L 199 24.35 -31.79 20.96
CA GLU L 199 25.01 -33.06 20.90
C GLU L 199 23.95 -34.13 21.11
N ASP L 200 24.00 -35.20 20.33
CA ASP L 200 22.97 -36.21 20.39
C ASP L 200 23.22 -37.18 21.55
N THR L 201 22.52 -36.96 22.64
CA THR L 201 22.71 -37.79 23.81
C THR L 201 21.43 -38.37 24.39
N TRP L 202 20.26 -38.05 23.82
CA TRP L 202 19.00 -38.47 24.39
C TRP L 202 18.59 -39.84 23.86
N HIS L 203 18.91 -40.88 24.62
CA HIS L 203 18.56 -42.25 24.26
C HIS L 203 17.84 -42.89 25.43
N THR L 204 16.52 -42.87 25.35
CA THR L 204 15.69 -43.29 26.46
C THR L 204 14.57 -44.16 25.99
N VAL L 205 13.89 -44.77 26.96
CA VAL L 205 12.78 -45.65 26.64
C VAL L 205 11.43 -44.96 26.81
N GLY L 206 11.45 -43.69 27.16
CA GLY L 206 10.21 -42.91 27.29
C GLY L 206 10.50 -41.46 27.04
N MET L 207 9.47 -40.72 26.66
CA MET L 207 9.57 -39.31 26.31
C MET L 207 10.66 -39.11 25.22
N ARG L 208 10.72 -40.02 24.26
CA ARG L 208 11.76 -39.99 23.25
C ARG L 208 11.72 -38.76 22.35
N ALA L 209 10.53 -38.35 21.92
CA ALA L 209 10.42 -37.21 21.01
C ALA L 209 10.68 -35.86 21.65
N THR L 210 10.82 -35.82 22.98
CA THR L 210 11.15 -34.58 23.64
C THR L 210 12.52 -34.05 23.25
N GLY L 211 13.39 -34.90 22.73
CA GLY L 211 14.70 -34.48 22.26
C GLY L 211 15.51 -33.74 23.28
N SER L 212 15.58 -34.30 24.49
CA SER L 212 16.27 -33.68 25.60
C SER L 212 17.78 -33.96 25.53
N HIS L 213 18.39 -33.37 24.50
CA HIS L 213 19.78 -33.59 24.15
C HIS L 213 20.71 -32.69 24.96
N THR L 214 22.01 -32.78 24.71
CA THR L 214 23.00 -32.00 25.44
C THR L 214 23.37 -30.75 24.68
N VAL L 215 23.32 -29.63 25.38
CA VAL L 215 23.75 -28.33 24.85
C VAL L 215 25.20 -28.13 25.20
N VAL L 216 26.00 -27.81 24.20
CA VAL L 216 27.43 -27.63 24.38
C VAL L 216 27.89 -26.23 23.97
N LEU L 217 28.68 -25.60 24.83
CA LEU L 217 29.20 -24.28 24.59
C LEU L 217 30.68 -24.26 24.84
N ARG L 218 31.43 -23.60 23.97
CA ARG L 218 32.84 -23.45 24.22
C ARG L 218 33.32 -22.04 24.01
N ASP L 219 33.72 -21.40 25.10
CA ASP L 219 34.23 -20.04 25.08
C ASP L 219 33.27 -19.06 24.38
N THR L 220 31.99 -19.22 24.63
CA THR L 220 30.96 -18.44 23.98
C THR L 220 30.73 -17.12 24.68
N PHE L 221 30.64 -16.05 23.90
CA PHE L 221 30.43 -14.75 24.45
C PHE L 221 28.96 -14.52 24.75
N VAL L 222 28.68 -14.04 25.94
CA VAL L 222 27.32 -13.71 26.33
C VAL L 222 27.36 -12.31 26.89
N PRO L 223 26.54 -11.39 26.32
CA PRO L 223 26.63 -10.05 26.88
C PRO L 223 25.95 -9.90 28.22
N GLU L 224 26.33 -8.85 28.90
CA GLU L 224 25.89 -8.53 30.24
C GLU L 224 24.38 -8.47 30.42
N HIS L 225 23.66 -7.90 29.46
CA HIS L 225 22.20 -7.74 29.60
C HIS L 225 21.45 -9.08 29.50
N ARG L 226 22.14 -10.13 29.06
CA ARG L 226 21.54 -11.44 28.97
C ARG L 226 22.06 -12.38 30.07
N VAL L 227 22.50 -11.81 31.19
CA VAL L 227 23.06 -12.57 32.31
C VAL L 227 22.49 -11.99 33.58
N ILE L 228 21.95 -12.83 34.45
CA ILE L 228 21.50 -12.38 35.78
C ILE L 228 22.07 -13.31 36.81
N SER L 229 22.02 -12.91 38.06
CA SER L 229 22.51 -13.77 39.13
C SER L 229 21.54 -14.90 39.28
N GLY L 230 22.07 -16.00 39.77
CA GLY L 230 21.26 -17.16 40.10
C GLY L 230 20.24 -16.76 41.13
N GLU L 231 20.60 -15.88 42.05
CA GLU L 231 19.68 -15.38 43.05
C GLU L 231 18.48 -14.67 42.44
N LEU L 232 18.71 -13.86 41.42
CA LEU L 232 17.65 -13.14 40.76
C LEU L 232 16.74 -14.06 39.96
N GLN L 233 17.33 -15.10 39.35
CA GLN L 233 16.59 -16.06 38.56
C GLN L 233 15.58 -16.84 39.40
N ARG L 234 15.92 -17.13 40.64
CA ARG L 234 15.03 -17.87 41.52
C ARG L 234 14.18 -16.98 42.38
N SER L 235 14.28 -15.67 42.20
CA SER L 235 13.64 -14.69 43.10
C SER L 235 12.12 -14.73 43.00
N ARG L 236 11.47 -14.43 44.12
CA ARG L 236 10.02 -14.30 44.16
C ARG L 236 9.63 -12.91 44.64
N GLU L 237 10.53 -11.93 44.47
CA GLU L 237 10.22 -10.55 44.86
C GLU L 237 9.13 -9.90 44.03
N SER L 238 8.91 -10.40 42.83
CA SER L 238 7.87 -9.84 41.98
C SER L 238 6.46 -10.25 42.41
N ALA L 239 6.35 -11.08 43.43
CA ALA L 239 5.06 -11.53 43.89
C ALA L 239 4.15 -10.39 44.34
N THR L 240 4.72 -9.34 44.91
CA THR L 240 3.94 -8.19 45.37
C THR L 240 3.96 -6.95 44.47
N ASP L 241 4.56 -7.05 43.30
CA ASP L 241 4.72 -5.89 42.41
C ASP L 241 3.43 -5.62 41.60
N LEU L 242 2.69 -4.60 42.01
CA LEU L 242 1.44 -4.23 41.33
C LEU L 242 1.64 -3.70 39.91
N GLY L 243 2.85 -3.25 39.60
CA GLY L 243 3.21 -2.80 38.26
C GLY L 243 3.24 -3.89 37.21
N LEU L 244 3.55 -5.11 37.63
CA LEU L 244 3.58 -6.27 36.74
C LEU L 244 2.21 -6.87 36.51
N PRO L 245 1.96 -7.48 35.32
CA PRO L 245 0.71 -8.23 35.22
C PRO L 245 0.72 -9.46 36.14
N PRO L 246 -0.46 -10.01 36.46
CA PRO L 246 -0.41 -11.13 37.44
C PRO L 246 0.46 -12.33 37.12
N LEU L 247 0.56 -12.74 35.86
CA LEU L 247 1.39 -13.90 35.52
C LEU L 247 2.83 -13.75 35.94
N PHE L 248 3.36 -12.54 35.83
CA PHE L 248 4.74 -12.31 36.18
C PHE L 248 4.97 -12.15 37.68
N ARG L 249 3.90 -12.20 38.46
CA ARG L 249 4.00 -12.21 39.89
C ARG L 249 4.07 -13.64 40.43
N THR L 250 3.73 -14.62 39.59
CA THR L 250 3.62 -16.03 39.95
C THR L 250 4.94 -16.58 40.38
N ALA L 251 4.92 -17.48 41.35
CA ALA L 251 6.12 -18.22 41.74
C ALA L 251 6.51 -19.19 40.62
N ALA L 252 7.52 -18.83 39.84
CA ALA L 252 7.71 -19.43 38.53
C ALA L 252 8.14 -20.88 38.55
N ILE L 253 9.08 -21.20 39.43
CA ILE L 253 9.63 -22.54 39.53
C ILE L 253 8.57 -23.51 40.02
N ALA L 254 7.76 -23.07 40.97
CA ALA L 254 6.67 -23.89 41.45
C ALA L 254 5.63 -24.08 40.35
N ALA L 255 5.38 -23.04 39.58
CA ALA L 255 4.40 -23.12 38.49
C ALA L 255 4.83 -24.11 37.44
N MET L 256 6.13 -24.13 37.15
CA MET L 256 6.68 -25.01 36.16
C MET L 256 6.53 -26.46 36.60
N ALA L 257 6.79 -26.72 37.88
CA ALA L 257 6.63 -28.03 38.44
C ALA L 257 5.17 -28.50 38.37
N VAL L 258 4.22 -27.60 38.61
CA VAL L 258 2.81 -27.95 38.53
C VAL L 258 2.40 -28.37 37.13
N VAL L 259 2.89 -27.67 36.11
CA VAL L 259 2.53 -28.05 34.72
C VAL L 259 3.29 -29.30 34.25
N CYS L 260 4.49 -29.56 34.78
CA CYS L 260 5.18 -30.82 34.47
C CYS L 260 4.36 -31.99 35.00
N ALA L 261 3.87 -31.84 36.24
CA ALA L 261 2.98 -32.83 36.81
C ALA L 261 1.73 -33.00 35.97
N SER L 262 1.21 -31.91 35.42
CA SER L 262 0.00 -32.00 34.57
C SER L 262 0.19 -32.83 33.32
N VAL L 263 1.39 -32.79 32.76
CA VAL L 263 1.74 -33.61 31.59
C VAL L 263 1.60 -35.08 31.98
N VAL L 264 2.21 -35.44 33.10
CA VAL L 264 2.16 -36.81 33.59
C VAL L 264 0.71 -37.23 33.89
N LEU L 265 0.01 -36.36 34.60
CA LEU L 265 -1.37 -36.61 34.98
C LEU L 265 -2.25 -36.90 33.76
N GLY L 266 -2.15 -36.04 32.76
CA GLY L 266 -2.92 -36.21 31.56
C GLY L 266 -2.69 -37.55 30.85
N ALA L 267 -1.45 -38.04 30.85
CA ALA L 267 -1.12 -39.33 30.25
C ALA L 267 -1.83 -40.46 31.02
N GLY L 268 -1.86 -40.30 32.34
CA GLY L 268 -2.56 -41.25 33.21
C GLY L 268 -4.04 -41.27 32.93
N GLN L 269 -4.61 -40.08 32.78
CA GLN L 269 -6.02 -39.98 32.47
C GLN L 269 -6.34 -40.58 31.12
N ALA L 270 -5.47 -40.39 30.14
CA ALA L 270 -5.67 -41.01 28.81
C ALA L 270 -5.64 -42.54 28.90
N ALA L 271 -4.71 -43.05 29.71
CA ALA L 271 -4.60 -44.47 30.00
C ALA L 271 -5.89 -44.99 30.60
N ARG L 272 -6.45 -44.26 31.55
CA ARG L 272 -7.70 -44.67 32.19
C ARG L 272 -8.83 -44.73 31.17
N ALA L 273 -8.98 -43.67 30.37
CA ALA L 273 -10.02 -43.63 29.34
C ALA L 273 -9.91 -44.81 28.38
N LEU L 274 -8.68 -45.18 28.01
CA LEU L 274 -8.45 -46.30 27.10
C LEU L 274 -8.87 -47.65 27.67
N VAL L 275 -8.47 -47.91 28.92
CA VAL L 275 -8.88 -49.14 29.62
C VAL L 275 -10.41 -49.22 29.73
N VAL L 276 -11.07 -48.09 30.00
CA VAL L 276 -12.53 -48.03 30.02
C VAL L 276 -13.16 -48.31 28.65
N GLU L 277 -12.56 -47.74 27.62
CA GLU L 277 -13.00 -47.92 26.26
C GLU L 277 -12.96 -49.36 25.80
N LYS L 278 -11.88 -50.06 26.14
CA LYS L 278 -11.67 -51.42 25.70
C LYS L 278 -12.24 -52.55 26.56
N ALA L 279 -12.64 -52.24 27.78
CA ALA L 279 -13.06 -53.28 28.72
C ALA L 279 -14.27 -54.07 28.30
N PRO L 280 -15.27 -53.44 27.63
CA PRO L 280 -16.40 -54.28 27.26
C PRO L 280 -16.12 -55.28 26.14
N THR L 281 -15.03 -55.13 25.40
CA THR L 281 -14.74 -56.11 24.34
C THR L 281 -13.55 -57.06 24.57
N ARG L 282 -13.03 -57.15 25.77
CA ARG L 282 -11.93 -58.08 26.08
C ARG L 282 -12.31 -58.82 27.33
N GLY L 283 -11.61 -59.92 27.56
CA GLY L 283 -11.78 -60.74 28.74
C GLY L 283 -10.56 -60.72 29.64
N ILE L 284 -10.66 -61.51 30.70
CA ILE L 284 -9.60 -61.68 31.69
C ILE L 284 -9.20 -63.14 31.67
N ALA L 285 -8.14 -63.41 30.93
CA ALA L 285 -7.64 -64.78 30.85
C ALA L 285 -6.97 -65.19 32.14
N PRO L 286 -7.14 -66.46 32.50
CA PRO L 286 -7.88 -67.53 31.83
C PRO L 286 -9.21 -67.77 32.54
N SER L 287 -9.82 -66.71 33.02
CA SER L 287 -11.01 -66.86 33.84
C SER L 287 -12.22 -67.07 32.96
N LYS L 288 -13.33 -67.36 33.61
CA LYS L 288 -14.63 -67.40 32.98
C LYS L 288 -15.16 -66.03 32.52
N TYR L 289 -14.54 -64.94 32.96
CA TYR L 289 -14.95 -63.59 32.56
C TYR L 289 -14.49 -63.28 31.13
N THR L 290 -15.35 -63.53 30.15
CA THR L 290 -15.04 -63.25 28.74
C THR L 290 -15.13 -61.75 28.43
N ARG L 291 -15.84 -61.00 29.28
CA ARG L 291 -15.92 -59.55 29.22
C ARG L 291 -15.39 -58.98 30.52
N GLN L 292 -14.48 -58.01 30.47
CA GLN L 292 -13.87 -57.45 31.69
C GLN L 292 -14.90 -56.84 32.65
N THR L 293 -15.91 -56.20 32.05
CA THR L 293 -17.00 -55.54 32.77
C THR L 293 -17.92 -56.50 33.51
N ASP L 294 -17.87 -57.78 33.16
CA ASP L 294 -18.60 -58.82 33.89
C ASP L 294 -17.98 -59.14 35.24
N SER L 295 -16.71 -58.83 35.40
CA SER L 295 -16.03 -59.10 36.64
C SER L 295 -16.14 -57.92 37.60
N ARG L 296 -16.78 -58.18 38.72
CA ARG L 296 -16.95 -57.16 39.72
C ARG L 296 -15.65 -56.79 40.38
N THR L 297 -14.71 -57.72 40.47
CA THR L 297 -13.38 -57.42 40.99
C THR L 297 -12.71 -56.41 40.09
N PHE L 298 -12.85 -56.60 38.79
CA PHE L 298 -12.29 -55.69 37.80
C PHE L 298 -12.93 -54.32 37.91
N VAL L 299 -14.25 -54.29 38.01
CA VAL L 299 -14.97 -53.03 38.03
C VAL L 299 -14.64 -52.22 39.28
N SER L 300 -14.64 -52.86 40.44
CA SER L 300 -14.36 -52.16 41.67
C SER L 300 -12.90 -51.75 41.76
N SER L 301 -11.99 -52.53 41.21
CA SER L 301 -10.59 -52.16 41.17
C SER L 301 -10.39 -50.93 40.33
N LEU L 302 -11.09 -50.86 39.21
CA LEU L 302 -10.99 -49.76 38.32
C LEU L 302 -11.52 -48.49 38.96
N GLY L 303 -12.57 -48.63 39.76
CA GLY L 303 -13.12 -47.50 40.49
C GLY L 303 -12.10 -46.94 41.45
N ARG L 304 -11.39 -47.82 42.12
CA ARG L 304 -10.35 -47.40 43.05
C ARG L 304 -9.19 -46.70 42.36
N THR L 305 -8.75 -47.23 41.23
CA THR L 305 -7.66 -46.68 40.48
C THR L 305 -8.05 -45.32 39.95
N ALA L 306 -9.29 -45.21 39.49
CA ALA L 306 -9.81 -43.97 39.00
C ALA L 306 -9.83 -42.94 40.09
N LEU L 307 -10.25 -43.32 41.31
CA LEU L 307 -10.20 -42.33 42.42
C LEU L 307 -8.79 -41.88 42.78
N SER L 308 -7.77 -42.74 42.70
CA SER L 308 -6.38 -42.23 42.89
C SER L 308 -6.00 -41.19 41.86
N ILE L 309 -6.32 -41.45 40.61
CA ILE L 309 -6.04 -40.50 39.53
C ILE L 309 -6.83 -39.20 39.76
N ASP L 310 -8.09 -39.32 40.21
CA ASP L 310 -8.90 -38.15 40.60
C ASP L 310 -8.22 -37.34 41.72
N ALA L 311 -7.64 -38.04 42.69
CA ALA L 311 -6.91 -37.35 43.74
C ALA L 311 -5.68 -36.64 43.18
N ALA L 312 -4.98 -37.25 42.25
CA ALA L 312 -3.80 -36.63 41.67
C ALA L 312 -4.21 -35.36 40.94
N GLU L 313 -5.35 -35.41 40.27
CA GLU L 313 -5.87 -34.26 39.58
C GLU L 313 -6.17 -33.09 40.53
N MET L 314 -6.77 -33.42 41.67
CA MET L 314 -7.08 -32.43 42.66
C MET L 314 -5.84 -31.81 43.30
N HIS L 315 -4.80 -32.60 43.53
CA HIS L 315 -3.53 -32.11 44.08
C HIS L 315 -2.95 -31.07 43.12
N VAL L 316 -2.99 -31.38 41.84
CA VAL L 316 -2.46 -30.50 40.82
C VAL L 316 -3.29 -29.22 40.74
N ALA L 317 -4.61 -29.38 40.71
CA ALA L 317 -5.49 -28.22 40.61
C ALA L 317 -5.36 -27.33 41.84
N ARG L 318 -5.27 -27.92 43.03
CA ARG L 318 -5.15 -27.13 44.25
C ARG L 318 -3.89 -26.28 44.20
N ALA L 319 -2.78 -26.86 43.77
CA ALA L 319 -1.52 -26.13 43.70
C ALA L 319 -1.58 -25.02 42.66
N ALA L 320 -2.17 -25.33 41.52
CA ALA L 320 -2.34 -24.31 40.50
C ALA L 320 -3.16 -23.12 41.01
N THR L 321 -4.23 -23.42 41.72
CA THR L 321 -5.11 -22.39 42.28
C THR L 321 -4.43 -21.58 43.36
N ALA L 322 -3.64 -22.21 44.20
CA ALA L 322 -2.91 -21.46 45.21
C ALA L 322 -1.95 -20.47 44.53
N LEU L 323 -1.27 -20.92 43.48
CA LEU L 323 -0.33 -20.08 42.75
C LEU L 323 -1.03 -18.92 42.06
N ASP L 324 -2.14 -19.18 41.41
CA ASP L 324 -2.91 -18.13 40.73
C ASP L 324 -3.56 -17.16 41.68
N ASP L 325 -4.11 -17.63 42.78
CA ASP L 325 -4.76 -16.74 43.73
C ASP L 325 -3.75 -15.76 44.29
N ALA L 326 -2.55 -16.23 44.59
CA ALA L 326 -1.51 -15.37 45.11
C ALA L 326 -1.07 -14.34 44.09
N ALA L 327 -0.93 -14.75 42.84
CA ALA L 327 -0.52 -13.83 41.79
C ALA L 327 -1.56 -12.75 41.53
N TYR L 328 -2.83 -13.12 41.50
CA TYR L 328 -3.91 -12.19 41.30
C TYR L 328 -4.05 -11.21 42.46
N ASP L 329 -3.84 -11.66 43.67
CA ASP L 329 -3.95 -10.80 44.84
C ASP L 329 -2.67 -10.06 45.10
N ALA L 330 -1.63 -10.34 44.34
CA ALA L 330 -0.33 -9.70 44.58
C ALA L 330 0.23 -9.93 45.99
N VAL L 331 -0.02 -11.11 46.55
CA VAL L 331 0.59 -11.53 47.82
C VAL L 331 1.68 -12.57 47.58
N ALA L 332 2.68 -12.55 48.46
CA ALA L 332 3.74 -13.54 48.48
C ALA L 332 3.20 -14.80 49.13
N LEU L 333 3.45 -15.94 48.50
CA LEU L 333 3.22 -17.23 49.11
C LEU L 333 4.26 -17.45 50.18
N PRO L 334 3.84 -17.79 51.41
CA PRO L 334 4.86 -18.10 52.40
C PRO L 334 5.54 -19.42 52.05
N ASP L 335 6.68 -19.68 52.67
CA ASP L 335 7.44 -20.89 52.40
C ASP L 335 6.60 -22.15 52.61
N SER L 336 5.77 -22.16 53.65
CA SER L 336 4.98 -23.32 53.95
C SER L 336 4.04 -23.68 52.81
N GLU L 337 3.50 -22.69 52.13
CA GLU L 337 2.62 -22.96 51.03
C GLU L 337 3.38 -23.54 49.83
N LEU L 338 4.59 -23.07 49.59
CA LEU L 338 5.42 -23.58 48.50
C LEU L 338 5.89 -25.00 48.77
N LEU L 339 6.20 -25.28 50.01
CA LEU L 339 6.63 -26.60 50.42
C LEU L 339 5.51 -27.60 50.24
N ARG L 340 4.28 -27.16 50.51
CA ARG L 340 3.13 -27.97 50.29
C ARG L 340 2.91 -28.22 48.78
N ILE L 341 3.15 -27.23 47.95
CA ILE L 341 3.00 -27.41 46.52
C ILE L 341 4.00 -28.45 46.01
N ARG L 342 5.21 -28.44 46.55
CA ARG L 342 6.21 -29.41 46.15
C ARG L 342 5.78 -30.82 46.51
N GLY L 343 5.16 -30.95 47.68
CA GLY L 343 4.58 -32.21 48.10
C GLY L 343 3.43 -32.65 47.23
N ASP L 344 2.53 -31.74 46.86
CA ASP L 344 1.40 -32.05 46.01
C ASP L 344 1.81 -32.60 44.66
N VAL L 345 2.81 -32.00 44.04
CA VAL L 345 3.21 -32.44 42.69
C VAL L 345 3.89 -33.80 42.67
N GLY L 346 4.75 -34.08 43.64
CA GLY L 346 5.38 -35.38 43.74
C GLY L 346 4.36 -36.44 44.06
N GLN L 347 3.46 -36.11 44.95
CA GLN L 347 2.40 -37.01 45.32
C GLN L 347 1.48 -37.28 44.14
N ALA L 348 1.13 -36.27 43.35
CA ALA L 348 0.24 -36.50 42.21
C ALA L 348 0.88 -37.45 41.21
N VAL L 349 2.15 -37.24 40.88
CA VAL L 349 2.80 -38.09 39.86
C VAL L 349 3.04 -39.49 40.37
N SER L 350 3.30 -39.59 41.66
CA SER L 350 3.44 -40.90 42.31
C SER L 350 2.13 -41.74 42.27
N LEU L 351 1.04 -41.05 42.55
CA LEU L 351 -0.27 -41.60 42.42
C LEU L 351 -0.52 -42.04 40.97
N VAL L 352 -0.07 -41.26 39.98
CA VAL L 352 -0.28 -41.60 38.60
C VAL L 352 0.54 -42.81 38.17
N THR L 353 1.80 -42.92 38.61
CA THR L 353 2.60 -44.08 38.24
C THR L 353 2.08 -45.35 38.87
N THR L 354 1.58 -45.29 40.10
CA THR L 354 0.98 -46.45 40.75
C THR L 354 -0.28 -46.83 40.02
N ALA L 355 -1.06 -45.83 39.62
CA ALA L 355 -2.30 -46.11 38.92
C ALA L 355 -2.06 -46.74 37.54
N LEU L 356 -0.98 -46.35 36.88
CA LEU L 356 -0.66 -46.93 35.59
C LEU L 356 -0.32 -48.41 35.72
N ASP L 357 0.37 -48.77 36.79
CA ASP L 357 0.69 -50.14 37.07
C ASP L 357 -0.60 -50.93 37.23
N GLU L 358 -1.56 -50.32 37.92
CA GLU L 358 -2.88 -50.89 38.10
C GLU L 358 -3.65 -51.03 36.79
N LEU L 359 -3.52 -50.05 35.89
CA LEU L 359 -4.22 -50.12 34.62
C LEU L 359 -3.69 -51.23 33.72
N LEU L 360 -2.39 -51.54 33.80
CA LEU L 360 -1.82 -52.64 33.06
C LEU L 360 -2.32 -53.98 33.59
N TRP L 361 -2.52 -54.08 34.90
CA TRP L 361 -3.11 -55.27 35.47
C TRP L 361 -4.53 -55.43 34.99
N ALA L 362 -5.23 -54.33 34.86
CA ALA L 362 -6.59 -54.38 34.36
C ALA L 362 -6.67 -54.78 32.89
N HIS L 363 -5.84 -54.17 32.07
CA HIS L 363 -5.90 -54.39 30.64
C HIS L 363 -5.31 -55.73 30.20
N GLY L 364 -4.19 -56.14 30.79
CA GLY L 364 -3.58 -57.42 30.47
C GLY L 364 -2.32 -57.31 29.67
N ALA L 365 -1.87 -58.47 29.20
CA ALA L 365 -0.62 -58.57 28.44
C ALA L 365 -0.60 -57.78 27.14
N ALA L 366 -1.76 -57.60 26.52
CA ALA L 366 -1.89 -56.84 25.30
C ALA L 366 -1.44 -55.38 25.44
N SER L 367 -1.43 -54.89 26.67
CA SER L 367 -1.05 -53.53 26.88
C SER L 367 0.41 -53.26 26.51
N PHE L 368 1.23 -54.29 26.43
CA PHE L 368 2.65 -54.11 26.11
C PHE L 368 2.99 -54.23 24.62
N ALA L 369 1.97 -54.40 23.78
CA ALA L 369 2.22 -54.44 22.35
C ALA L 369 2.57 -53.06 21.85
N GLU L 370 3.45 -52.97 20.88
CA GLU L 370 3.86 -51.68 20.31
C GLU L 370 2.69 -50.94 19.71
N SER L 371 1.72 -51.68 19.20
CA SER L 371 0.53 -51.06 18.65
C SER L 371 -0.46 -50.50 19.69
N ASN L 372 -0.29 -50.81 20.97
CA ASN L 372 -1.22 -50.37 21.98
C ASN L 372 -0.77 -49.04 22.62
N PRO L 373 -1.60 -47.99 22.57
CA PRO L 373 -1.20 -46.71 23.20
C PRO L 373 -0.97 -46.78 24.72
N LEU L 374 -1.48 -47.81 25.37
CA LEU L 374 -1.36 -47.92 26.79
C LEU L 374 0.09 -47.97 27.28
N GLN L 375 0.95 -48.72 26.62
CA GLN L 375 2.35 -48.77 27.00
C GLN L 375 3.08 -47.46 26.71
N ARG L 376 2.60 -46.69 25.75
CA ARG L 376 3.19 -45.38 25.47
C ARG L 376 2.93 -44.43 26.59
N TYR L 377 1.71 -44.40 27.11
CA TYR L 377 1.39 -43.54 28.21
C TYR L 377 2.19 -43.98 29.43
N TRP L 378 2.31 -45.30 29.60
CA TRP L 378 3.03 -45.89 30.70
C TRP L 378 4.52 -45.52 30.66
N ARG L 379 5.14 -45.63 29.50
CA ARG L 379 6.55 -45.28 29.41
C ARG L 379 6.80 -43.78 29.52
N ASP L 380 5.99 -42.95 28.88
CA ASP L 380 6.20 -41.51 28.95
C ASP L 380 5.93 -40.89 30.31
N ALA L 381 4.85 -41.29 30.95
CA ALA L 381 4.51 -40.78 32.28
C ALA L 381 5.54 -41.21 33.31
N ASN L 382 5.99 -42.45 33.24
CA ASN L 382 6.99 -42.95 34.16
C ASN L 382 8.34 -42.26 34.02
N THR L 383 8.78 -42.00 32.79
CA THR L 383 10.02 -41.31 32.54
C THR L 383 9.97 -39.88 33.04
N ALA L 384 8.93 -39.17 32.67
CA ALA L 384 8.75 -37.76 33.05
C ALA L 384 8.55 -37.55 34.56
N ALA L 385 7.92 -38.50 35.21
CA ALA L 385 7.64 -38.38 36.62
C ALA L 385 8.90 -38.29 37.48
N ARG L 386 10.01 -38.84 37.00
CA ARG L 386 11.26 -38.84 37.76
C ARG L 386 12.11 -37.61 37.53
N HIS L 387 11.53 -36.60 36.93
CA HIS L 387 12.17 -35.31 36.83
C HIS L 387 12.40 -34.83 38.24
N ALA L 388 13.51 -34.17 38.47
CA ALA L 388 13.92 -33.73 39.80
C ALA L 388 12.92 -32.86 40.57
N MET L 389 12.20 -32.00 39.89
CA MET L 389 11.25 -31.13 40.51
C MET L 389 9.98 -31.86 40.87
N LEU L 390 9.85 -33.10 40.47
CA LEU L 390 8.71 -33.92 40.81
C LEU L 390 9.06 -35.06 41.77
N ASN L 391 10.23 -35.07 42.38
CA ASN L 391 10.65 -36.21 43.18
C ASN L 391 9.71 -36.36 44.36
N VAL L 392 9.10 -37.53 44.49
CA VAL L 392 8.07 -37.76 45.51
C VAL L 392 8.65 -37.80 46.93
N HIS L 393 9.78 -38.46 47.10
CA HIS L 393 10.45 -38.56 48.40
C HIS L 393 10.94 -37.19 48.90
N VAL L 394 11.44 -36.37 47.99
CA VAL L 394 11.87 -35.02 48.36
C VAL L 394 10.65 -34.18 48.74
N GLY L 395 9.57 -34.31 47.97
CA GLY L 395 8.35 -33.58 48.28
C GLY L 395 7.79 -33.94 49.65
N HIS L 396 7.81 -35.22 49.97
CA HIS L 396 7.34 -35.71 51.27
C HIS L 396 8.15 -35.12 52.39
N GLU L 397 9.47 -35.04 52.19
CA GLU L 397 10.35 -34.51 53.20
C GLU L 397 10.17 -33.00 53.35
N LEU L 398 9.97 -32.30 52.26
CA LEU L 398 9.73 -30.87 52.29
C LEU L 398 8.42 -30.49 52.96
N TYR L 399 7.35 -31.20 52.65
CA TYR L 399 6.07 -30.89 53.23
C TYR L 399 6.06 -31.23 54.71
N GLY L 400 6.66 -32.36 55.05
CA GLY L 400 6.72 -32.80 56.43
C GLY L 400 7.52 -31.84 57.26
N GLY L 401 8.59 -31.31 56.67
CA GLY L 401 9.47 -30.38 57.30
C GLY L 401 8.81 -29.07 57.61
N SER L 402 7.88 -28.65 56.77
CA SER L 402 7.17 -27.40 56.94
C SER L 402 6.36 -27.36 58.20
N PHE L 403 5.85 -28.49 58.64
CA PHE L 403 5.11 -28.57 59.89
C PHE L 403 5.90 -28.15 61.13
N PHE L 404 7.23 -28.26 61.05
CA PHE L 404 8.14 -27.97 62.16
C PHE L 404 9.15 -26.86 61.85
N GLY L 405 9.03 -26.22 60.68
CA GLY L 405 9.95 -25.20 60.23
C GLY L 405 11.40 -25.64 60.09
N LEU L 406 11.64 -26.85 59.62
CA LEU L 406 13.00 -27.36 59.41
C LEU L 406 13.62 -26.67 58.19
N ASP L 407 14.94 -26.66 58.11
CA ASP L 407 15.60 -26.10 56.94
C ASP L 407 15.26 -26.93 55.73
N PRO L 408 14.76 -26.29 54.64
CA PRO L 408 14.48 -27.16 53.50
C PRO L 408 15.70 -27.84 52.90
N ILE L 409 15.46 -28.99 52.29
CA ILE L 409 16.51 -29.82 51.74
C ILE L 409 16.79 -29.46 50.29
N VAL L 410 16.11 -28.45 49.76
CA VAL L 410 16.39 -28.00 48.42
C VAL L 410 16.85 -26.56 48.53
N PRO L 411 17.69 -26.10 47.57
CA PRO L 411 18.16 -24.73 47.74
C PRO L 411 17.12 -23.62 47.45
N SER L 412 16.19 -23.82 46.53
CA SER L 412 15.20 -22.79 46.28
C SER L 412 13.81 -23.35 46.18
N LEU L 413 12.83 -22.50 46.44
CA LEU L 413 11.43 -22.86 46.36
C LEU L 413 10.73 -22.05 45.30
N THR M 18 -22.01 10.92 43.53
CA THR M 18 -21.69 12.22 42.88
C THR M 18 -20.58 12.02 41.84
N ASP M 19 -20.35 10.78 41.43
CA ASP M 19 -19.32 10.50 40.46
C ASP M 19 -19.72 11.14 39.12
N ILE M 20 -20.98 10.94 38.74
CA ILE M 20 -21.52 11.50 37.50
C ILE M 20 -21.62 13.04 37.60
N ARG M 21 -22.00 13.50 38.78
CA ARG M 21 -22.12 14.91 39.02
C ARG M 21 -20.76 15.55 38.77
N SER M 22 -19.70 14.87 39.16
CA SER M 22 -18.37 15.40 38.97
C SER M 22 -17.99 15.42 37.50
N GLU M 23 -18.37 14.36 36.81
CA GLU M 23 -18.08 14.16 35.40
C GLU M 23 -18.77 15.22 34.54
N THR M 24 -20.02 15.48 34.85
CA THR M 24 -20.81 16.43 34.09
C THR M 24 -20.24 17.83 34.29
N ALA M 25 -19.81 18.13 35.50
CA ALA M 25 -19.17 19.40 35.79
C ALA M 25 -17.85 19.54 35.07
N GLU M 26 -17.10 18.45 34.98
CA GLU M 26 -15.81 18.50 34.31
C GLU M 26 -15.94 18.78 32.83
N LEU M 27 -16.95 18.20 32.22
CA LEU M 27 -17.19 18.39 30.80
C LEU M 27 -17.62 19.81 30.52
N ARG M 28 -18.49 20.34 31.37
CA ARG M 28 -18.97 21.69 31.20
C ARG M 28 -17.82 22.68 31.24
N ALA M 29 -16.90 22.50 32.16
CA ALA M 29 -15.74 23.37 32.26
C ALA M 29 -14.90 23.30 31.01
N GLU M 30 -14.73 22.09 30.50
CA GLU M 30 -13.96 21.89 29.28
C GLU M 30 -14.62 22.60 28.11
N LEU M 31 -15.93 22.50 28.01
CA LEU M 31 -16.67 23.14 26.94
C LEU M 31 -16.63 24.63 27.06
N VAL M 32 -16.68 25.14 28.27
CA VAL M 32 -16.60 26.57 28.48
C VAL M 32 -15.22 27.03 28.04
N GLU M 33 -14.19 26.25 28.32
CA GLU M 33 -12.85 26.61 27.91
C GLU M 33 -12.74 26.57 26.38
N ARG M 34 -13.45 25.67 25.72
CA ARG M 34 -13.46 25.67 24.26
C ARG M 34 -14.02 26.95 23.66
N VAL M 35 -15.10 27.45 24.27
CA VAL M 35 -15.70 28.71 23.86
C VAL M 35 -14.65 29.83 23.94
N HIS M 36 -13.87 29.86 25.01
CA HIS M 36 -12.83 30.87 25.14
C HIS M 36 -11.75 30.73 24.11
N LYS M 37 -11.42 29.49 23.77
CA LYS M 37 -10.41 29.22 22.79
C LYS M 37 -10.82 29.65 21.38
N PHE M 38 -12.04 29.32 21.01
CA PHE M 38 -12.56 29.65 19.69
C PHE M 38 -13.22 31.01 19.61
N GLY M 39 -13.40 31.65 20.76
CA GLY M 39 -14.08 32.91 20.83
C GLY M 39 -13.48 34.03 19.99
N PRO M 40 -12.14 34.16 19.99
CA PRO M 40 -11.55 35.19 19.13
C PRO M 40 -11.89 35.06 17.63
N VAL M 41 -12.14 33.83 17.14
CA VAL M 41 -12.54 33.62 15.73
C VAL M 41 -13.94 34.19 15.52
N PHE M 42 -14.85 33.83 16.42
CA PHE M 42 -16.22 34.32 16.34
C PHE M 42 -16.27 35.84 16.41
N ALA M 43 -15.48 36.40 17.31
CA ALA M 43 -15.44 37.84 17.49
C ALA M 43 -14.92 38.54 16.24
N ASP M 44 -13.94 37.92 15.62
CA ASP M 44 -13.33 38.45 14.44
C ASP M 44 -14.26 38.55 13.25
N GLY M 45 -15.25 37.67 13.19
CA GLY M 45 -16.20 37.69 12.11
C GLY M 45 -17.47 38.46 12.38
N VAL M 46 -17.52 39.25 13.44
CA VAL M 46 -18.72 40.00 13.78
C VAL M 46 -19.02 41.02 12.70
N ALA M 47 -18.02 41.74 12.24
CA ALA M 47 -18.26 42.78 11.24
C ALA M 47 -18.76 42.24 9.92
N GLU M 48 -18.18 41.13 9.47
CA GLU M 48 -18.64 40.52 8.23
C GLU M 48 -20.05 39.99 8.39
N GLY M 49 -20.33 39.37 9.53
CA GLY M 49 -21.64 38.81 9.77
C GLY M 49 -22.74 39.84 9.76
N GLU M 50 -22.44 40.99 10.34
CA GLU M 50 -23.36 42.09 10.43
C GLU M 50 -23.69 42.65 9.04
N ARG M 51 -22.65 42.73 8.22
CA ARG M 51 -22.68 43.21 6.86
C ARG M 51 -23.39 42.26 5.90
N GLU M 52 -23.15 40.97 6.02
CA GLU M 52 -23.71 39.96 5.11
C GLU M 52 -24.96 39.23 5.60
N ARG M 53 -25.32 39.37 6.87
CA ARG M 53 -26.49 38.68 7.44
C ARG M 53 -26.39 37.15 7.40
N ARG M 54 -25.18 36.64 7.58
CA ARG M 54 -24.92 35.20 7.66
C ARG M 54 -23.62 35.07 8.43
N LEU M 55 -23.35 33.89 8.96
CA LEU M 55 -22.11 33.67 9.70
C LEU M 55 -20.97 33.51 8.72
N PRO M 56 -19.81 34.11 8.99
CA PRO M 56 -18.65 33.89 8.09
C PRO M 56 -18.18 32.45 8.05
N ASP M 57 -17.48 32.09 6.99
CA ASP M 57 -16.97 30.72 6.85
C ASP M 57 -16.08 30.29 8.01
N ALA M 58 -15.25 31.21 8.50
CA ALA M 58 -14.36 30.88 9.60
C ALA M 58 -15.15 30.51 10.87
N THR M 59 -16.25 31.22 11.12
CA THR M 59 -17.09 30.95 12.26
C THR M 59 -17.74 29.58 12.16
N VAL M 60 -18.23 29.25 10.98
CA VAL M 60 -18.84 27.95 10.77
C VAL M 60 -17.80 26.88 10.99
N ARG M 61 -16.59 27.10 10.50
CA ARG M 61 -15.53 26.14 10.68
C ARG M 61 -15.24 25.92 12.14
N ALA M 62 -15.17 27.01 12.89
CA ALA M 62 -14.89 26.95 14.32
C ALA M 62 -16.00 26.22 15.06
N ILE M 63 -17.25 26.41 14.65
CA ILE M 63 -18.36 25.72 15.26
C ILE M 63 -18.21 24.22 15.05
N ASP M 64 -17.81 23.81 13.85
CA ASP M 64 -17.64 22.38 13.57
C ASP M 64 -16.45 21.76 14.31
N GLN M 65 -15.33 22.47 14.35
CA GLN M 65 -14.14 21.98 15.07
C GLN M 65 -14.33 21.92 16.57
N SER M 66 -14.98 22.93 17.16
CA SER M 66 -15.22 22.98 18.62
C SER M 66 -16.20 21.93 19.14
N GLN M 67 -17.00 21.40 18.22
CA GLN M 67 -18.07 20.45 18.51
C GLN M 67 -19.22 21.09 19.32
N LEU M 68 -19.33 22.43 19.31
CA LEU M 68 -20.38 23.13 20.09
C LEU M 68 -21.80 22.97 19.55
N ALA M 69 -21.90 22.52 18.31
CA ALA M 69 -23.18 22.10 17.75
C ALA M 69 -23.58 20.67 18.17
N MET M 70 -22.71 19.98 18.90
CA MET M 70 -22.89 18.55 19.20
C MET M 70 -23.31 18.24 20.65
N LEU M 71 -23.52 19.29 21.44
CA LEU M 71 -23.88 19.10 22.83
C LEU M 71 -25.16 18.29 23.04
N TRP M 72 -26.14 18.46 22.17
CA TRP M 72 -27.38 17.69 22.31
C TRP M 72 -27.53 16.58 21.27
N THR M 73 -26.40 16.11 20.75
CA THR M 73 -26.36 14.99 19.82
C THR M 73 -26.00 13.77 20.63
N ALA M 74 -26.61 12.63 20.31
CA ALA M 74 -26.38 11.41 21.07
C ALA M 74 -24.95 10.85 20.97
N LYS M 75 -24.50 10.25 22.06
CA LYS M 75 -23.19 9.61 22.16
C LYS M 75 -23.04 8.45 21.21
N SER M 76 -24.15 7.76 20.97
CA SER M 76 -24.15 6.64 20.05
C SER M 76 -23.76 7.09 18.63
N TYR M 77 -24.00 8.34 18.27
CA TYR M 77 -23.56 8.90 16.99
C TYR M 77 -22.28 9.74 17.03
N GLY M 78 -21.56 9.68 18.14
CA GLY M 78 -20.36 10.52 18.35
C GLY M 78 -20.59 11.92 18.90
N GLY M 79 -21.81 12.19 19.38
CA GLY M 79 -22.13 13.45 20.03
C GLY M 79 -21.71 13.52 21.50
N LEU M 80 -21.72 14.71 22.05
CA LEU M 80 -21.27 14.93 23.41
C LEU M 80 -22.35 14.63 24.45
N GLU M 81 -23.61 14.64 24.03
CA GLU M 81 -24.78 14.26 24.86
C GLU M 81 -24.74 14.84 26.30
N THR M 82 -24.82 16.16 26.43
CA THR M 82 -24.72 16.84 27.74
C THR M 82 -26.13 17.04 28.32
N ASP M 83 -26.31 18.08 29.12
CA ASP M 83 -27.60 18.36 29.72
C ASP M 83 -27.96 19.81 29.47
N VAL M 84 -29.10 20.23 29.98
CA VAL M 84 -29.56 21.58 29.73
C VAL M 84 -28.64 22.63 30.34
N ARG M 85 -28.21 22.37 31.55
CA ARG M 85 -27.39 23.33 32.25
C ARG M 85 -26.08 23.58 31.54
N THR M 86 -25.48 22.55 30.97
CA THR M 86 -24.23 22.72 30.27
C THR M 86 -24.41 23.57 29.03
N MET M 87 -25.49 23.31 28.30
CA MET M 87 -25.77 24.00 27.07
C MET M 87 -26.03 25.46 27.37
N SER M 88 -26.73 25.71 28.47
CA SER M 88 -27.01 27.05 28.93
C SER M 88 -25.76 27.83 29.31
N GLU M 89 -24.86 27.22 30.05
CA GLU M 89 -23.63 27.91 30.41
C GLU M 89 -22.77 28.16 29.18
N VAL M 90 -22.79 27.25 28.22
CA VAL M 90 -22.04 27.47 26.97
C VAL M 90 -22.60 28.66 26.15
N ALA M 91 -23.91 28.69 26.04
CA ALA M 91 -24.60 29.77 25.33
C ALA M 91 -24.31 31.16 25.93
N LYS M 92 -24.27 31.23 27.24
CA LYS M 92 -24.00 32.51 27.93
C LYS M 92 -22.62 33.02 27.60
N VAL M 93 -21.65 32.13 27.59
CA VAL M 93 -20.27 32.54 27.32
C VAL M 93 -20.07 32.87 25.85
N LEU M 94 -20.70 32.07 24.97
CA LEU M 94 -20.65 32.35 23.52
C LEU M 94 -21.10 33.74 23.16
N SER M 95 -22.20 34.19 23.77
CA SER M 95 -22.75 35.53 23.53
C SER M 95 -21.75 36.69 23.74
N HIS M 96 -20.76 36.51 24.60
CA HIS M 96 -19.77 37.54 24.81
C HIS M 96 -19.01 37.82 23.53
N TYR M 97 -18.78 36.79 22.73
CA TYR M 97 -17.97 36.91 21.54
C TYR M 97 -18.84 37.23 20.34
N CYS M 98 -19.93 36.51 20.17
CA CYS M 98 -20.87 36.82 19.08
C CYS M 98 -22.26 36.34 19.44
N PRO M 99 -23.19 37.26 19.76
CA PRO M 99 -24.55 36.80 20.12
C PRO M 99 -25.28 36.03 19.00
N SER M 100 -25.00 36.38 17.74
CA SER M 100 -25.57 35.64 16.60
C SER M 100 -25.09 34.17 16.50
N THR M 101 -23.79 33.95 16.70
CA THR M 101 -23.18 32.62 16.75
C THR M 101 -23.81 31.85 17.89
N SER M 102 -23.89 32.47 19.07
CA SER M 102 -24.51 31.85 20.22
C SER M 102 -25.94 31.45 19.89
N TRP M 103 -26.68 32.33 19.25
CA TRP M 103 -28.04 32.04 18.89
C TRP M 103 -28.15 30.87 17.92
N VAL M 104 -27.25 30.83 16.94
CA VAL M 104 -27.28 29.77 15.96
C VAL M 104 -26.93 28.43 16.62
N VAL M 105 -25.86 28.43 17.39
CA VAL M 105 -25.42 27.24 18.09
C VAL M 105 -26.56 26.69 18.96
N ASN M 106 -27.26 27.57 19.67
CA ASN M 106 -28.38 27.19 20.51
C ASN M 106 -29.49 26.56 19.68
N ASN M 107 -29.79 27.17 18.53
CA ASN M 107 -30.83 26.66 17.67
C ASN M 107 -30.45 25.28 17.12
N VAL M 108 -29.20 25.07 16.76
CA VAL M 108 -28.78 23.80 16.20
C VAL M 108 -28.93 22.65 17.20
N ASN M 109 -28.40 22.85 18.40
CA ASN M 109 -28.51 21.86 19.45
C ASN M 109 -29.97 21.58 19.74
N GLY M 110 -30.76 22.63 19.86
CA GLY M 110 -32.18 22.41 20.13
C GLY M 110 -32.87 21.66 19.03
N SER M 111 -32.52 21.96 17.79
CA SER M 111 -33.12 21.26 16.66
C SER M 111 -32.71 19.81 16.65
N ASN M 112 -31.45 19.55 16.97
CA ASN M 112 -30.94 18.21 17.03
C ASN M 112 -31.67 17.43 18.13
N LEU M 113 -31.97 18.06 19.24
CA LEU M 113 -32.69 17.40 20.30
C LEU M 113 -34.10 17.08 19.84
N LEU M 114 -34.72 17.99 19.09
CA LEU M 114 -36.07 17.78 18.57
C LEU M 114 -36.12 16.61 17.60
N ALA M 115 -35.01 16.39 16.90
CA ALA M 115 -34.93 15.32 15.94
C ALA M 115 -35.10 13.95 16.58
N SER M 116 -34.76 13.82 17.85
CA SER M 116 -34.88 12.57 18.54
C SER M 116 -36.29 12.02 18.67
N LYS M 117 -37.32 12.81 18.41
CA LYS M 117 -38.68 12.29 18.37
C LYS M 117 -38.97 11.49 17.13
N PHE M 118 -38.14 11.65 16.12
CA PHE M 118 -38.30 10.92 14.86
C PHE M 118 -37.84 9.46 14.98
N PRO M 119 -38.25 8.59 14.04
CA PRO M 119 -37.80 7.21 14.15
C PRO M 119 -36.32 7.03 13.97
N ARG M 120 -35.84 5.87 14.40
CA ARG M 120 -34.43 5.53 14.31
C ARG M 120 -33.92 5.61 12.88
N ALA M 121 -34.77 5.23 11.93
CA ALA M 121 -34.42 5.29 10.52
C ALA M 121 -34.02 6.70 10.09
N ALA M 122 -34.78 7.69 10.53
CA ALA M 122 -34.48 9.10 10.25
C ALA M 122 -33.20 9.54 10.95
N LEU M 123 -33.10 9.21 12.24
CA LEU M 123 -31.92 9.57 13.02
C LEU M 123 -30.62 9.01 12.46
N ASP M 124 -30.67 7.75 12.02
CA ASP M 124 -29.53 7.12 11.35
C ASP M 124 -29.20 7.86 10.05
N GLU M 125 -30.22 8.17 9.27
CA GLU M 125 -30.01 8.90 8.02
C GLU M 125 -29.35 10.27 8.25
N VAL M 126 -29.70 10.94 9.35
CA VAL M 126 -29.18 12.26 9.67
C VAL M 126 -27.78 12.21 10.30
N PHE M 127 -27.65 11.40 11.36
CA PHE M 127 -26.44 11.39 12.22
C PHE M 127 -25.46 10.22 12.01
N GLY M 128 -25.91 9.19 11.28
CA GLY M 128 -25.16 7.96 11.04
C GLY M 128 -23.73 8.12 10.57
N ASP M 129 -23.49 8.98 9.57
CA ASP M 129 -22.15 9.25 9.05
C ASP M 129 -21.75 10.71 9.29
N ALA M 130 -22.44 11.40 10.20
CA ALA M 130 -22.29 12.85 10.39
C ALA M 130 -22.50 13.17 11.87
N PRO M 131 -21.50 12.89 12.72
CA PRO M 131 -21.61 13.25 14.15
C PRO M 131 -21.87 14.78 14.39
N GLY M 132 -21.33 15.61 13.50
CA GLY M 132 -21.53 17.05 13.52
C GLY M 132 -22.69 17.58 12.67
N ALA M 133 -23.69 16.75 12.40
CA ALA M 133 -24.86 17.22 11.64
C ALA M 133 -25.54 18.36 12.36
N LYS M 134 -26.04 19.31 11.56
CA LYS M 134 -26.65 20.54 12.05
C LYS M 134 -28.04 20.75 11.50
N LEU M 135 -29.05 20.74 12.37
CA LEU M 135 -30.44 20.97 11.97
C LEU M 135 -30.96 22.38 12.24
N ALA M 136 -31.84 22.83 11.36
CA ALA M 136 -32.75 23.93 11.58
C ALA M 136 -34.07 23.38 12.05
N SER M 137 -34.91 24.27 12.54
CA SER M 137 -36.26 23.89 12.86
C SER M 137 -37.10 25.14 12.91
N VAL M 138 -38.22 25.12 12.18
CA VAL M 138 -39.14 26.24 12.18
C VAL M 138 -40.55 25.76 12.41
N PHE M 139 -41.16 26.32 13.45
CA PHE M 139 -42.53 26.06 13.87
C PHE M 139 -43.40 27.29 13.58
N ALA M 140 -42.75 28.30 12.98
CA ALA M 140 -43.32 29.61 12.64
C ALA M 140 -44.26 29.64 11.42
N ALA M 141 -44.42 28.53 10.74
CA ALA M 141 -45.34 28.44 9.63
C ALA M 141 -45.77 27.04 9.56
N ALA M 142 -46.82 26.88 8.81
CA ALA M 142 -47.23 25.59 8.39
C ALA M 142 -47.23 25.66 6.87
N GLY M 143 -46.94 24.52 6.31
CA GLY M 143 -46.89 24.29 4.91
C GLY M 143 -48.02 23.30 4.83
N THR M 144 -48.24 22.81 3.65
CA THR M 144 -49.34 21.94 3.47
C THR M 144 -48.77 20.67 2.85
N ALA M 145 -49.18 19.56 3.42
CA ALA M 145 -48.67 18.26 3.00
C ALA M 145 -49.81 17.33 2.66
N VAL M 146 -49.62 16.54 1.63
CA VAL M 146 -50.65 15.60 1.21
C VAL M 146 -50.04 14.24 1.01
N ARG M 147 -50.79 13.20 1.35
CA ARG M 147 -50.31 11.83 1.20
C ARG M 147 -50.06 11.42 -0.24
N THR M 148 -48.96 10.73 -0.44
CA THR M 148 -48.56 10.22 -1.74
C THR M 148 -48.01 8.83 -1.44
N PRO M 149 -47.87 7.94 -2.46
CA PRO M 149 -47.35 6.63 -2.06
C PRO M 149 -45.93 6.69 -1.56
N GLY M 150 -45.72 6.07 -0.40
CA GLY M 150 -44.43 6.02 0.27
C GLY M 150 -44.11 7.22 1.13
N GLY M 151 -45.02 8.19 1.21
CA GLY M 151 -44.78 9.37 2.01
C GLY M 151 -45.76 10.51 1.85
N TYR M 152 -45.20 11.69 1.62
CA TYR M 152 -45.97 12.92 1.49
C TYR M 152 -45.36 13.82 0.41
N ARG M 153 -46.20 14.74 -0.09
CA ARG M 153 -45.76 15.82 -0.97
C ARG M 153 -46.00 17.11 -0.18
N LEU M 154 -44.95 17.91 -0.02
CA LEU M 154 -44.95 19.06 0.90
C LEU M 154 -44.70 20.38 0.17
N THR M 155 -45.54 21.36 0.45
CA THR M 155 -45.40 22.70 -0.11
C THR M 155 -45.57 23.70 1.04
N GLY M 156 -44.73 24.73 1.04
CA GLY M 156 -44.85 25.78 2.04
C GLY M 156 -43.76 26.82 1.99
N SER M 157 -43.90 27.81 2.86
CA SER M 157 -42.93 28.88 2.99
C SER M 157 -42.76 29.19 4.48
N TRP M 158 -41.56 28.94 5.00
CA TRP M 158 -41.30 29.01 6.44
C TRP M 158 -40.29 30.12 6.73
N PRO M 159 -40.75 31.26 7.29
CA PRO M 159 -39.81 32.33 7.72
C PRO M 159 -39.10 32.00 9.04
N TYR M 160 -38.15 32.84 9.40
CA TYR M 160 -37.36 32.69 10.63
C TYR M 160 -36.55 31.39 10.73
N GLY M 161 -35.89 31.02 9.65
CA GLY M 161 -35.14 29.77 9.63
C GLY M 161 -33.73 30.02 10.09
N THR M 162 -33.54 30.12 11.41
CA THR M 162 -32.21 30.37 11.95
C THR M 162 -31.16 29.38 11.48
N GLY M 163 -30.07 29.94 11.00
CA GLY M 163 -28.91 29.18 10.55
C GLY M 163 -29.09 28.25 9.38
N ILE M 164 -30.17 28.42 8.62
CA ILE M 164 -30.55 27.51 7.54
C ILE M 164 -29.49 27.44 6.43
N LEU M 165 -28.82 28.56 6.18
CA LEU M 165 -27.73 28.57 5.21
C LEU M 165 -26.60 27.59 5.48
N HIS M 166 -26.34 27.25 6.74
CA HIS M 166 -25.26 26.31 7.11
C HIS M 166 -25.77 24.96 7.52
N ASP M 167 -27.08 24.72 7.44
CA ASP M 167 -27.66 23.53 8.05
C ASP M 167 -27.77 22.39 7.03
N ASP M 168 -27.73 21.16 7.53
CA ASP M 168 -27.74 19.96 6.72
C ASP M 168 -29.17 19.48 6.52
N TRP M 169 -30.02 19.69 7.53
CA TRP M 169 -31.42 19.30 7.48
C TRP M 169 -32.28 20.38 8.17
N ALA M 170 -33.61 20.28 8.00
CA ALA M 170 -34.54 21.22 8.61
C ALA M 170 -35.75 20.45 9.07
N ILE M 171 -36.22 20.75 10.29
CA ILE M 171 -37.50 20.23 10.79
C ILE M 171 -38.53 21.30 10.56
N LEU M 172 -39.53 20.98 9.75
CA LEU M 172 -40.56 21.94 9.40
C LEU M 172 -41.94 21.45 9.78
N VAL M 173 -42.77 22.35 10.28
CA VAL M 173 -44.14 22.03 10.68
C VAL M 173 -45.08 22.18 9.49
N ALA M 174 -46.05 21.28 9.39
CA ALA M 174 -47.02 21.35 8.30
C ALA M 174 -48.35 20.82 8.67
N ARG M 175 -49.34 21.13 7.86
CA ARG M 175 -50.67 20.65 8.08
C ARG M 175 -50.94 19.65 7.00
N GLU M 176 -51.35 18.45 7.39
CA GLU M 176 -51.75 17.44 6.44
C GLU M 176 -53.15 17.76 5.91
N VAL M 177 -53.35 17.55 4.64
CA VAL M 177 -54.66 17.79 4.02
C VAL M 177 -54.96 16.64 3.08
N ASP M 178 -56.22 16.47 2.78
CA ASP M 178 -56.64 15.40 1.88
C ASP M 178 -56.71 15.89 0.44
N ALA M 179 -57.22 15.04 -0.44
CA ALA M 179 -57.36 15.37 -1.84
C ALA M 179 -58.29 16.54 -2.02
N ASP M 180 -59.32 16.58 -1.19
CA ASP M 180 -60.24 17.70 -1.21
C ASP M 180 -59.57 18.97 -0.74
N GLY M 181 -58.55 18.84 0.11
CA GLY M 181 -57.85 19.99 0.63
C GLY M 181 -58.32 20.36 2.02
N GLU M 182 -59.09 19.46 2.62
CA GLU M 182 -59.56 19.63 3.98
C GLU M 182 -58.49 19.24 4.98
N PRO M 183 -58.41 19.93 6.13
CA PRO M 183 -57.37 19.59 7.11
C PRO M 183 -57.52 18.22 7.75
N VAL M 184 -56.42 17.49 7.86
CA VAL M 184 -56.43 16.17 8.48
C VAL M 184 -55.75 16.16 9.82
N GLY M 185 -54.58 16.77 9.90
CA GLY M 185 -53.85 16.78 11.16
C GLY M 185 -52.57 17.56 11.03
N GLY M 186 -51.82 17.63 12.12
CA GLY M 186 -50.54 18.34 12.12
C GLY M 186 -49.36 17.39 11.90
N LEU M 187 -48.32 17.86 11.23
CA LEU M 187 -47.14 17.03 11.02
C LEU M 187 -45.82 17.74 11.30
N SER M 188 -44.81 16.95 11.59
CA SER M 188 -43.47 17.45 11.68
C SER M 188 -42.63 16.71 10.67
N MET M 189 -41.89 17.43 9.85
CA MET M 189 -41.20 16.81 8.73
C MET M 189 -39.74 17.13 8.64
N LEU M 190 -38.95 16.11 8.41
CA LEU M 190 -37.53 16.27 8.34
C LEU M 190 -37.08 16.25 6.90
N VAL M 191 -36.50 17.35 6.41
CA VAL M 191 -36.13 17.44 5.03
C VAL M 191 -34.73 17.97 4.88
N PRO M 192 -33.96 17.39 3.96
CA PRO M 192 -32.56 17.72 3.74
C PRO M 192 -32.31 18.99 2.94
N ALA M 193 -31.09 19.48 3.05
CA ALA M 193 -30.67 20.71 2.41
C ALA M 193 -30.80 20.64 0.90
N ARG M 194 -30.52 19.48 0.34
CA ARG M 194 -30.61 19.26 -1.10
C ARG M 194 -32.02 19.52 -1.62
N ASP M 195 -33.03 19.22 -0.81
CA ASP M 195 -34.40 19.45 -1.20
C ASP M 195 -34.93 20.83 -0.92
N LEU M 196 -34.17 21.67 -0.21
CA LEU M 196 -34.65 23.00 0.19
C LEU M 196 -34.18 24.10 -0.72
N THR M 197 -34.90 25.20 -0.66
CA THR M 197 -34.51 26.43 -1.31
C THR M 197 -34.57 27.50 -0.24
N VAL M 198 -33.62 28.42 -0.26
CA VAL M 198 -33.60 29.49 0.73
C VAL M 198 -33.82 30.80 0.05
N GLU M 199 -34.73 31.58 0.61
CA GLU M 199 -35.10 32.85 0.06
C GLU M 199 -34.56 33.92 1.00
N ASP M 200 -33.99 34.98 0.46
CA ASP M 200 -33.38 36.00 1.27
C ASP M 200 -34.42 36.98 1.82
N THR M 201 -34.81 36.75 3.06
CA THR M 201 -35.81 37.60 3.67
C THR M 201 -35.42 38.17 5.02
N TRP M 202 -34.24 37.87 5.53
CA TRP M 202 -33.86 38.30 6.87
C TRP M 202 -33.17 39.66 6.82
N HIS M 203 -33.96 40.70 7.06
CA HIS M 203 -33.45 42.06 7.09
C HIS M 203 -33.85 42.72 8.39
N THR M 204 -32.92 42.70 9.34
CA THR M 204 -33.24 43.13 10.68
C THR M 204 -32.17 44.02 11.23
N VAL M 205 -32.46 44.64 12.36
CA VAL M 205 -31.49 45.52 13.00
C VAL M 205 -30.75 44.84 14.13
N GLY M 206 -31.05 43.57 14.37
CA GLY M 206 -30.35 42.81 15.40
C GLY M 206 -30.35 41.35 15.02
N MET M 207 -29.37 40.61 15.55
CA MET M 207 -29.17 39.20 15.26
C MET M 207 -29.07 38.99 13.75
N ARG M 208 -28.40 39.91 13.06
CA ARG M 208 -28.28 39.85 11.61
C ARG M 208 -27.58 38.61 11.08
N ALA M 209 -26.47 38.21 11.70
CA ALA M 209 -25.70 37.07 11.20
C ALA M 209 -26.36 35.73 11.44
N THR M 210 -27.46 35.70 12.19
CA THR M 210 -28.18 34.45 12.38
C THR M 210 -28.78 33.92 11.08
N GLY M 211 -28.95 34.76 10.07
CA GLY M 211 -29.44 34.31 8.78
C GLY M 211 -30.75 33.58 8.83
N SER M 212 -31.71 34.14 9.55
CA SER M 212 -33.01 33.53 9.75
C SER M 212 -33.94 33.79 8.55
N HIS M 213 -33.55 33.19 7.43
CA HIS M 213 -34.18 33.41 6.15
C HIS M 213 -35.40 32.52 5.97
N THR M 214 -36.05 32.60 4.81
CA THR M 214 -37.27 31.83 4.56
C THR M 214 -36.92 30.57 3.79
N VAL M 215 -37.42 29.44 4.29
CA VAL M 215 -37.29 28.15 3.62
C VAL M 215 -38.50 27.95 2.74
N VAL M 216 -38.25 27.62 1.48
CA VAL M 216 -39.32 27.42 0.50
C VAL M 216 -39.32 26.03 -0.09
N LEU M 217 -40.48 25.41 -0.12
CA LEU M 217 -40.64 24.08 -0.67
C LEU M 217 -41.78 24.05 -1.63
N ARG M 218 -41.61 23.38 -2.76
CA ARG M 218 -42.72 23.23 -3.67
C ARG M 218 -42.88 21.81 -4.16
N ASP M 219 -43.98 21.18 -3.75
CA ASP M 219 -44.29 19.82 -4.14
C ASP M 219 -43.13 18.83 -3.87
N THR M 220 -42.49 19.00 -2.72
CA THR M 220 -41.33 18.22 -2.36
C THR M 220 -41.71 16.90 -1.73
N PHE M 221 -41.06 15.84 -2.15
CA PHE M 221 -41.34 14.52 -1.62
C PHE M 221 -40.62 14.31 -0.30
N VAL M 222 -41.35 13.85 0.68
CA VAL M 222 -40.77 13.52 1.96
C VAL M 222 -41.22 12.11 2.29
N PRO M 223 -40.25 11.20 2.55
CA PRO M 223 -40.73 9.86 2.87
C PRO M 223 -41.30 9.72 4.26
N GLU M 224 -42.06 8.67 4.42
CA GLU M 224 -42.81 8.36 5.63
C GLU M 224 -41.96 8.32 6.90
N HIS M 225 -40.77 7.75 6.83
CA HIS M 225 -39.94 7.61 8.02
C HIS M 225 -39.35 8.94 8.52
N ARG M 226 -39.47 9.99 7.70
CA ARG M 226 -39.03 11.30 8.11
C ARG M 226 -40.21 12.24 8.38
N VAL M 227 -41.34 11.68 8.79
CA VAL M 227 -42.54 12.45 9.10
C VAL M 227 -43.14 11.88 10.37
N ILE M 228 -43.46 12.72 11.34
CA ILE M 228 -44.18 12.27 12.54
C ILE M 228 -45.32 13.20 12.76
N SER M 229 -46.26 12.82 13.61
CA SER M 229 -47.38 13.68 13.93
C SER M 229 -46.86 14.81 14.75
N GLY M 230 -47.57 15.93 14.67
CA GLY M 230 -47.31 17.08 15.48
C GLY M 230 -47.42 16.69 16.94
N GLU M 231 -48.37 15.80 17.25
CA GLU M 231 -48.53 15.33 18.61
C GLU M 231 -47.28 14.61 19.13
N LEU M 232 -46.66 13.81 18.30
CA LEU M 232 -45.46 13.09 18.68
C LEU M 232 -44.26 14.02 18.85
N GLN M 233 -44.18 15.03 18.01
CA GLN M 233 -43.09 16.00 18.06
C GLN M 233 -43.07 16.79 19.37
N ARG M 234 -44.24 17.08 19.93
CA ARG M 234 -44.32 17.83 21.16
C ARG M 234 -44.45 16.94 22.37
N SER M 235 -44.38 15.64 22.18
CA SER M 235 -44.63 14.68 23.26
C SER M 235 -43.58 14.72 24.35
N ARG M 236 -43.99 14.44 25.58
CA ARG M 236 -43.09 14.32 26.72
C ARG M 236 -43.24 12.94 27.34
N GLU M 237 -43.69 11.95 26.57
CA GLU M 237 -43.78 10.58 27.06
C GLU M 237 -42.43 9.94 27.35
N SER M 238 -41.37 10.43 26.72
CA SER M 238 -40.05 9.86 26.96
C SER M 238 -39.45 10.27 28.29
N ALA M 239 -40.16 11.12 29.03
CA ALA M 239 -39.69 11.57 30.33
C ALA M 239 -39.43 10.44 31.31
N THR M 240 -40.23 9.38 31.25
CA THR M 240 -40.09 8.25 32.17
C THR M 240 -39.42 7.01 31.59
N ASP M 241 -38.92 7.08 30.36
CA ASP M 241 -38.35 5.92 29.67
C ASP M 241 -36.91 5.67 30.12
N LEU M 242 -36.73 4.65 30.97
CA LEU M 242 -35.40 4.28 31.48
C LEU M 242 -34.45 3.73 30.41
N GLY M 243 -35.00 3.27 29.29
CA GLY M 243 -34.22 2.82 28.14
C GLY M 243 -33.44 3.91 27.44
N LEU M 244 -33.96 5.13 27.46
CA LEU M 244 -33.30 6.27 26.85
C LEU M 244 -32.24 6.89 27.74
N PRO M 245 -31.18 7.48 27.16
CA PRO M 245 -30.28 8.23 28.03
C PRO M 245 -30.98 9.46 28.61
N PRO M 246 -30.46 10.03 29.73
CA PRO M 246 -31.23 11.14 30.31
C PRO M 246 -31.54 12.35 29.43
N LEU M 247 -30.64 12.76 28.54
CA LEU M 247 -30.92 13.89 27.67
C LEU M 247 -32.19 13.73 26.83
N PHE M 248 -32.45 12.52 26.38
CA PHE M 248 -33.62 12.30 25.55
C PHE M 248 -34.90 12.14 26.35
N ARG M 249 -34.79 12.20 27.66
CA ARG M 249 -35.95 12.22 28.53
C ARG M 249 -36.40 13.65 28.83
N THR M 250 -35.54 14.63 28.52
CA THR M 250 -35.74 16.04 28.82
C THR M 250 -36.95 16.58 28.09
N ALA M 251 -37.66 17.50 28.73
CA ALA M 251 -38.74 18.23 28.07
C ALA M 251 -38.12 19.19 27.04
N ALA M 252 -38.18 18.81 25.77
CA ALA M 252 -37.30 19.40 24.76
C ALA M 252 -37.60 20.87 24.44
N ILE M 253 -38.88 21.18 24.30
CA ILE M 253 -39.32 22.53 23.95
C ILE M 253 -39.00 23.50 25.05
N ALA M 254 -39.20 23.09 26.30
CA ALA M 254 -38.83 23.90 27.43
C ALA M 254 -37.33 24.09 27.49
N ALA M 255 -36.58 23.04 27.19
CA ALA M 255 -35.13 23.12 27.23
C ALA M 255 -34.60 24.09 26.20
N MET M 256 -35.21 24.11 25.05
CA MET M 256 -34.82 24.98 23.97
C MET M 256 -35.06 26.44 24.37
N ALA M 257 -36.20 26.70 25.01
CA ALA M 257 -36.52 28.02 25.48
C ALA M 257 -35.54 28.51 26.55
N VAL M 258 -35.10 27.62 27.43
CA VAL M 258 -34.11 27.94 28.44
C VAL M 258 -32.77 28.35 27.84
N VAL M 259 -32.33 27.67 26.80
CA VAL M 259 -31.03 28.04 26.18
C VAL M 259 -31.16 29.29 25.29
N CYS M 260 -32.34 29.54 24.73
CA CYS M 260 -32.56 30.81 23.98
C CYS M 260 -32.44 31.98 24.94
N ALA M 261 -33.06 31.84 26.11
CA ALA M 261 -32.91 32.83 27.16
C ALA M 261 -31.46 33.01 27.58
N SER M 262 -30.71 31.92 27.63
CA SER M 262 -29.27 32.00 28.00
C SER M 262 -28.45 32.84 27.03
N VAL M 263 -28.80 32.78 25.74
CA VAL M 263 -28.14 33.58 24.71
C VAL M 263 -28.33 35.06 25.04
N VAL M 264 -29.58 35.43 25.30
CA VAL M 264 -29.91 36.80 25.65
C VAL M 264 -29.19 37.22 26.95
N LEU M 265 -29.31 36.37 27.96
CA LEU M 265 -28.68 36.63 29.25
C LEU M 265 -27.19 36.90 29.11
N GLY M 266 -26.50 36.02 28.41
CA GLY M 266 -25.07 36.19 28.19
C GLY M 266 -24.68 37.52 27.57
N ALA M 267 -25.49 38.01 26.62
CA ALA M 267 -25.23 39.30 25.98
C ALA M 267 -25.36 40.43 27.00
N GLY M 268 -26.34 40.31 27.88
CA GLY M 268 -26.54 41.25 28.95
C GLY M 268 -25.38 41.27 29.92
N GLN M 269 -24.90 40.09 30.27
CA GLN M 269 -23.74 39.99 31.13
C GLN M 269 -22.51 40.57 30.48
N ALA M 270 -22.34 40.37 29.18
CA ALA M 270 -21.19 40.98 28.47
C ALA M 270 -21.26 42.52 28.49
N ALA M 271 -22.48 43.03 28.32
CA ALA M 271 -22.78 44.45 28.41
C ALA M 271 -22.40 45.00 29.77
N ARG M 272 -22.76 44.27 30.83
CA ARG M 272 -22.42 44.69 32.18
C ARG M 272 -20.91 44.75 32.37
N ALA M 273 -20.22 43.67 31.98
CA ALA M 273 -18.76 43.63 32.10
C ALA M 273 -18.09 44.80 31.38
N LEU M 274 -18.60 45.14 30.20
CA LEU M 274 -18.07 46.26 29.42
C LEU M 274 -18.23 47.63 30.12
N VAL M 275 -19.43 47.91 30.61
CA VAL M 275 -19.70 49.14 31.38
C VAL M 275 -18.79 49.22 32.61
N VAL M 276 -18.58 48.11 33.31
CA VAL M 276 -17.64 48.06 34.44
C VAL M 276 -16.19 48.32 34.02
N GLU M 277 -15.79 47.74 32.91
CA GLU M 277 -14.47 47.90 32.36
C GLU M 277 -14.15 49.35 32.01
N LYS M 278 -15.11 50.05 31.41
CA LYS M 278 -14.91 51.41 30.94
C LYS M 278 -15.18 52.54 31.92
N ALA M 279 -15.84 52.26 33.03
CA ALA M 279 -16.29 53.29 33.95
C ALA M 279 -15.17 54.08 34.60
N PRO M 280 -14.03 53.45 34.91
CA PRO M 280 -13.00 54.29 35.52
C PRO M 280 -12.33 55.28 34.59
N THR M 281 -12.47 55.13 33.27
CA THR M 281 -11.86 56.09 32.35
C THR M 281 -12.80 57.04 31.60
N ARG M 282 -14.07 57.12 31.98
CA ARG M 282 -14.99 58.06 31.34
C ARG M 282 -15.70 58.80 32.42
N GLY M 283 -16.33 59.90 32.04
CA GLY M 283 -17.11 60.75 32.92
C GLY M 283 -18.58 60.71 32.59
N ILE M 284 -19.33 61.52 33.34
CA ILE M 284 -20.77 61.70 33.17
C ILE M 284 -21.00 63.15 32.84
N ALA M 285 -21.15 63.42 31.55
CA ALA M 285 -21.41 64.77 31.11
C ALA M 285 -22.81 65.18 31.44
N PRO M 286 -22.99 66.46 31.79
CA PRO M 286 -21.99 67.54 31.92
C PRO M 286 -21.67 67.80 33.37
N SER M 287 -21.63 66.73 34.17
CA SER M 287 -21.50 66.89 35.59
C SER M 287 -20.05 67.12 35.95
N LYS M 288 -19.82 67.39 37.23
CA LYS M 288 -18.49 67.44 37.79
C LYS M 288 -17.79 66.08 37.90
N TYR M 289 -18.53 64.98 37.72
CA TYR M 289 -17.96 63.63 37.78
C TYR M 289 -17.17 63.30 36.52
N THR M 290 -15.86 63.55 36.55
CA THR M 290 -15.00 63.26 35.39
C THR M 290 -14.70 61.76 35.27
N ARG M 291 -14.89 61.02 36.36
CA ARG M 291 -14.79 59.57 36.38
C ARG M 291 -16.12 59.01 36.84
N GLN M 292 -16.68 58.03 36.12
CA GLN M 292 -18.01 57.48 36.45
C GLN M 292 -18.07 56.89 37.86
N THR M 293 -16.95 56.26 38.25
CA THR M 293 -16.79 55.59 39.55
C THR M 293 -16.77 56.57 40.72
N ASP M 294 -16.53 57.85 40.46
CA ASP M 294 -16.61 58.89 41.47
C ASP M 294 -18.02 59.22 41.86
N SER M 295 -18.98 58.90 41.01
CA SER M 295 -20.37 59.17 41.29
C SER M 295 -21.02 58.01 42.01
N ARG M 296 -21.45 58.27 43.22
CA ARG M 296 -22.12 57.26 44.00
C ARG M 296 -23.48 56.89 43.44
N THR M 297 -24.15 57.83 42.79
CA THR M 297 -25.41 57.52 42.13
C THR M 297 -25.16 56.51 41.03
N PHE M 298 -24.08 56.68 40.30
CA PHE M 298 -23.69 55.76 39.24
C PHE M 298 -23.35 54.40 39.83
N VAL M 299 -22.58 54.37 40.89
CA VAL M 299 -22.13 53.12 41.45
C VAL M 299 -23.28 52.31 42.03
N SER M 300 -24.16 52.96 42.77
CA SER M 300 -25.30 52.27 43.36
C SER M 300 -26.30 51.83 42.30
N SER M 301 -26.47 52.61 41.25
CA SER M 301 -27.36 52.22 40.17
C SER M 301 -26.86 50.99 39.49
N LEU M 302 -25.55 50.94 39.30
CA LEU M 302 -24.93 49.83 38.64
C LEU M 302 -25.09 48.57 39.47
N GLY M 303 -25.01 48.70 40.79
CA GLY M 303 -25.22 47.60 41.68
C GLY M 303 -26.61 47.03 41.52
N ARG M 304 -27.60 47.91 41.41
CA ARG M 304 -28.96 47.49 41.23
C ARG M 304 -29.20 46.78 39.90
N THR M 305 -28.62 47.30 38.83
CA THR M 305 -28.74 46.74 37.51
C THR M 305 -28.09 45.40 37.47
N ALA M 306 -26.94 45.29 38.12
CA ALA M 306 -26.24 44.04 38.21
C ALA M 306 -27.07 43.00 38.95
N LEU M 307 -27.72 43.38 40.04
CA LEU M 307 -28.58 42.41 40.73
C LEU M 307 -29.80 41.97 39.91
N SER M 308 -30.38 42.82 39.06
CA SER M 308 -31.43 42.32 38.14
C SER M 308 -30.90 41.26 37.19
N ILE M 309 -29.73 41.52 36.63
CA ILE M 309 -29.11 40.55 35.74
C ILE M 309 -28.78 39.24 36.50
N ASP M 310 -28.31 39.38 37.73
CA ASP M 310 -28.08 38.22 38.61
C ASP M 310 -29.37 37.42 38.83
N ALA M 311 -30.47 38.12 39.02
CA ALA M 311 -31.75 37.45 39.15
C ALA M 311 -32.14 36.73 37.86
N ALA M 312 -31.88 37.31 36.72
CA ALA M 312 -32.19 36.68 35.45
C ALA M 312 -31.40 35.41 35.31
N GLU M 313 -30.14 35.46 35.73
CA GLU M 313 -29.26 34.32 35.68
C GLU M 313 -29.79 33.17 36.53
N MET M 314 -30.27 33.49 37.73
CA MET M 314 -30.81 32.50 38.62
C MET M 314 -32.11 31.88 38.10
N HIS M 315 -32.96 32.66 37.45
CA HIS M 315 -34.19 32.16 36.86
C HIS M 315 -33.86 31.12 35.79
N VAL M 316 -32.85 31.43 34.98
CA VAL M 316 -32.43 30.55 33.92
C VAL M 316 -31.83 29.28 34.50
N ALA M 317 -30.96 29.43 35.49
CA ALA M 317 -30.33 28.27 36.10
C ALA M 317 -31.33 27.39 36.82
N ARG M 318 -32.29 27.98 37.52
CA ARG M 318 -33.32 27.20 38.22
C ARG M 318 -34.10 26.36 37.22
N ALA M 319 -34.47 26.92 36.09
CA ALA M 319 -35.23 26.19 35.08
C ALA M 319 -34.41 25.08 34.47
N ALA M 320 -33.16 25.39 34.18
CA ALA M 320 -32.27 24.37 33.67
C ALA M 320 -32.13 23.18 34.63
N THR M 321 -31.98 23.49 35.90
CA THR M 321 -31.84 22.47 36.94
C THR M 321 -33.09 21.67 37.13
N ALA M 322 -34.24 22.29 37.08
CA ALA M 322 -35.49 21.55 37.18
C ALA M 322 -35.61 20.55 36.03
N LEU M 323 -35.23 20.99 34.82
CA LEU M 323 -35.30 20.13 33.64
C LEU M 323 -34.32 18.97 33.72
N ASP M 324 -33.10 19.25 34.15
CA ASP M 324 -32.11 18.19 34.30
C ASP M 324 -32.40 17.22 35.41
N ASP M 325 -32.89 17.71 36.54
CA ASP M 325 -33.19 16.83 37.66
C ASP M 325 -34.26 15.84 37.26
N ALA M 326 -35.27 16.31 36.55
CA ALA M 326 -36.34 15.43 36.10
C ALA M 326 -35.86 14.39 35.11
N ALA M 327 -35.00 14.79 34.18
CA ALA M 327 -34.46 13.87 33.20
C ALA M 327 -33.59 12.79 33.83
N TYR M 328 -32.75 13.18 34.77
CA TYR M 328 -31.88 12.24 35.47
C TYR M 328 -32.67 11.27 36.35
N ASP M 329 -33.74 11.73 36.96
CA ASP M 329 -34.56 10.87 37.80
C ASP M 329 -35.58 10.13 37.00
N ALA M 330 -35.68 10.39 35.71
CA ALA M 330 -36.71 9.76 34.88
C ALA M 330 -38.15 10.01 35.38
N VAL M 331 -38.41 11.18 35.92
CA VAL M 331 -39.77 11.60 36.28
C VAL M 331 -40.29 12.64 35.28
N ALA M 332 -41.61 12.63 35.11
CA ALA M 332 -42.31 13.62 34.30
C ALA M 332 -42.46 14.88 35.14
N LEU M 333 -42.13 16.01 34.51
CA LEU M 333 -42.45 17.32 35.08
C LEU M 333 -43.93 17.54 34.97
N PRO M 334 -44.60 17.90 36.08
CA PRO M 334 -46.01 18.22 35.95
C PRO M 334 -46.18 19.52 35.21
N ASP M 335 -47.39 19.78 34.73
CA ASP M 335 -47.70 20.98 33.99
C ASP M 335 -47.32 22.25 34.76
N SER M 336 -47.57 22.26 36.06
CA SER M 336 -47.27 23.44 36.84
C SER M 336 -45.80 23.79 36.82
N GLU M 337 -44.92 22.80 36.80
CA GLU M 337 -43.51 23.06 36.75
C GLU M 337 -43.09 23.63 35.39
N LEU M 338 -43.70 23.14 34.32
CA LEU M 338 -43.40 23.64 32.96
C LEU M 338 -43.91 25.06 32.76
N LEU M 339 -45.07 25.36 33.33
CA LEU M 339 -45.65 26.68 33.23
C LEU M 339 -44.77 27.68 33.98
N ARG M 340 -44.19 27.24 35.09
CA ARG M 340 -43.26 28.06 35.82
C ARG M 340 -41.98 28.30 35.02
N ILE M 341 -41.51 27.30 34.29
CA ILE M 341 -40.30 27.47 33.49
C ILE M 341 -40.56 28.50 32.40
N ARG M 342 -41.76 28.49 31.82
CA ARG M 342 -42.10 29.45 30.79
C ARG M 342 -42.09 30.87 31.34
N GLY M 343 -42.58 31.02 32.56
CA GLY M 343 -42.53 32.28 33.26
C GLY M 343 -41.11 32.73 33.59
N ASP M 344 -40.26 31.80 34.04
CA ASP M 344 -38.86 32.11 34.34
C ASP M 344 -38.12 32.67 33.15
N VAL M 345 -38.30 32.07 31.97
CA VAL M 345 -37.54 32.47 30.80
C VAL M 345 -37.96 33.83 30.27
N GLY M 346 -39.25 34.12 30.24
CA GLY M 346 -39.72 35.41 29.81
C GLY M 346 -39.31 36.48 30.79
N GLN M 347 -39.42 36.17 32.07
CA GLN M 347 -39.00 37.08 33.10
C GLN M 347 -37.50 37.35 33.04
N ALA M 348 -36.68 36.34 32.80
CA ALA M 348 -35.23 36.57 32.72
C ALA M 348 -34.87 37.49 31.57
N VAL M 349 -35.45 37.28 30.39
CA VAL M 349 -35.09 38.11 29.22
C VAL M 349 -35.64 39.50 29.36
N SER M 350 -36.78 39.63 30.02
CA SER M 350 -37.36 40.93 30.30
C SER M 350 -36.49 41.76 31.27
N LEU M 351 -35.98 41.07 32.27
CA LEU M 351 -35.04 41.63 33.20
C LEU M 351 -33.78 42.08 32.44
N VAL M 352 -33.31 41.28 31.47
CA VAL M 352 -32.12 41.63 30.72
C VAL M 352 -32.32 42.84 29.82
N THR M 353 -33.46 42.96 29.14
CA THR M 353 -33.71 44.09 28.28
C THR M 353 -33.85 45.38 29.09
N THR M 354 -34.47 45.32 30.26
CA THR M 354 -34.58 46.48 31.12
C THR M 354 -33.21 46.87 31.62
N ALA M 355 -32.40 45.89 31.97
CA ALA M 355 -31.04 46.15 32.45
C ALA M 355 -30.16 46.76 31.37
N LEU M 356 -30.36 46.38 30.11
CA LEU M 356 -29.58 46.93 29.01
C LEU M 356 -29.89 48.40 28.83
N ASP M 357 -31.15 48.78 28.99
CA ASP M 357 -31.57 50.16 28.93
C ASP M 357 -30.86 50.95 30.03
N GLU M 358 -30.77 50.36 31.20
CA GLU M 358 -30.04 50.91 32.32
C GLU M 358 -28.55 51.03 32.06
N LEU M 359 -27.95 50.07 31.38
CA LEU M 359 -26.52 50.12 31.08
C LEU M 359 -26.18 51.23 30.08
N LEU M 360 -27.07 51.53 29.16
CA LEU M 360 -26.90 52.63 28.22
C LEU M 360 -26.94 53.96 28.96
N TRP M 361 -27.81 54.06 29.96
CA TRP M 361 -27.89 55.27 30.76
C TRP M 361 -26.61 55.43 31.54
N ALA M 362 -26.04 54.33 31.98
CA ALA M 362 -24.78 54.38 32.68
C ALA M 362 -23.62 54.80 31.79
N HIS M 363 -23.53 54.17 30.63
CA HIS M 363 -22.40 54.39 29.74
C HIS M 363 -22.45 55.72 29.00
N GLY M 364 -23.62 56.14 28.54
CA GLY M 364 -23.75 57.41 27.85
C GLY M 364 -23.97 57.27 26.36
N ALA M 365 -23.90 58.42 25.69
CA ALA M 365 -24.13 58.52 24.26
C ALA M 365 -23.15 57.72 23.41
N ALA M 366 -21.94 57.54 23.91
CA ALA M 366 -20.92 56.76 23.21
C ALA M 366 -21.32 55.32 22.96
N SER M 367 -22.28 54.84 23.73
CA SER M 367 -22.67 53.47 23.59
C SER M 367 -23.35 53.19 22.25
N PHE M 368 -23.81 54.21 21.56
CA PHE M 368 -24.50 54.02 20.28
C PHE M 368 -23.58 54.14 19.08
N ALA M 369 -22.28 54.30 19.31
CA ALA M 369 -21.36 54.33 18.19
C ALA M 369 -21.22 52.94 17.59
N GLU M 370 -21.05 52.86 16.28
CA GLU M 370 -20.88 51.56 15.63
C GLU M 370 -19.65 50.83 16.11
N SER M 371 -18.63 51.57 16.53
CA SER M 371 -17.45 50.93 17.08
C SER M 371 -17.61 50.38 18.50
N ASN M 372 -18.70 50.71 19.19
CA ASN M 372 -18.87 50.27 20.57
C ASN M 372 -19.65 48.95 20.67
N PRO M 373 -19.07 47.89 21.27
CA PRO M 373 -19.81 46.62 21.39
C PRO M 373 -21.11 46.71 22.22
N LEU M 374 -21.28 47.76 23.00
CA LEU M 374 -22.44 47.88 23.84
C LEU M 374 -23.74 47.91 23.06
N GLN M 375 -23.79 48.66 21.95
CA GLN M 375 -24.99 48.71 21.14
C GLN M 375 -25.26 47.39 20.40
N ARG M 376 -24.22 46.61 20.14
CA ARG M 376 -24.38 45.29 19.54
C ARG M 376 -25.09 44.34 20.48
N TYR M 377 -24.68 44.34 21.74
CA TYR M 377 -25.31 43.47 22.71
C TYR M 377 -26.75 43.94 22.89
N TRP M 378 -26.94 45.25 22.88
CA TRP M 378 -28.25 45.84 23.06
C TRP M 378 -29.19 45.46 21.90
N ARG M 379 -28.72 45.56 20.67
CA ARG M 379 -29.57 45.21 19.54
C ARG M 379 -29.83 43.70 19.42
N ASP M 380 -28.82 42.87 19.63
CA ASP M 380 -29.00 41.43 19.53
C ASP M 380 -29.85 40.82 20.62
N ALA M 381 -29.64 41.25 21.87
CA ALA M 381 -30.43 40.74 22.98
C ALA M 381 -31.87 41.17 22.88
N ASN M 382 -32.11 42.41 22.46
CA ASN M 382 -33.48 42.91 22.31
C ASN M 382 -34.25 42.21 21.20
N THR M 383 -33.59 41.93 20.08
CA THR M 383 -34.20 41.24 18.96
C THR M 383 -34.57 39.82 19.33
N ALA M 384 -33.62 39.10 19.91
CA ALA M 384 -33.80 37.71 20.29
C ALA M 384 -34.80 37.50 21.41
N ALA M 385 -34.88 38.45 22.32
CA ALA M 385 -35.78 38.37 23.44
C ALA M 385 -37.25 38.28 23.05
N ARG M 386 -37.61 38.81 21.89
CA ARG M 386 -39.00 38.81 21.43
C ARG M 386 -39.37 37.57 20.63
N HIS M 387 -38.53 36.57 20.68
CA HIS M 387 -38.88 35.27 20.16
C HIS M 387 -40.09 34.79 20.91
N ALA M 388 -40.99 34.13 20.21
CA ALA M 388 -42.27 33.70 20.76
C ALA M 388 -42.21 32.86 22.03
N MET M 389 -41.23 31.98 22.14
CA MET M 389 -41.10 31.11 23.28
C MET M 389 -40.56 31.84 24.49
N LEU M 390 -40.15 33.10 24.31
CA LEU M 390 -39.67 33.92 25.39
C LEU M 390 -40.61 35.07 25.72
N ASN M 391 -41.85 35.07 25.23
CA ASN M 391 -42.72 36.22 25.43
C ASN M 391 -43.03 36.38 26.91
N VAL M 392 -42.71 37.55 27.45
CA VAL M 392 -42.83 37.79 28.88
C VAL M 392 -44.27 37.84 29.37
N HIS M 393 -45.13 38.50 28.61
CA HIS M 393 -46.55 38.61 28.96
C HIS M 393 -47.25 37.25 28.92
N VAL M 394 -46.90 36.41 27.96
CA VAL M 394 -47.46 35.06 27.87
C VAL M 394 -46.96 34.24 29.06
N GLY M 395 -45.69 34.38 29.39
CA GLY M 395 -45.11 33.65 30.51
C GLY M 395 -45.79 34.01 31.83
N HIS M 396 -46.04 35.30 32.01
CA HIS M 396 -46.72 35.79 33.20
C HIS M 396 -48.10 35.20 33.31
N GLU M 397 -48.81 35.14 32.19
CA GLU M 397 -50.15 34.59 32.17
C GLU M 397 -50.15 33.08 32.41
N LEU M 398 -49.19 32.38 31.85
CA LEU M 398 -49.06 30.95 32.07
C LEU M 398 -48.76 30.57 33.52
N TYR M 399 -47.81 31.28 34.13
CA TYR M 399 -47.41 30.97 35.48
C TYR M 399 -48.53 31.35 36.45
N GLY M 400 -49.16 32.48 36.20
CA GLY M 400 -50.25 32.93 37.04
C GLY M 400 -51.40 31.97 36.99
N GLY M 401 -51.65 31.45 35.80
CA GLY M 401 -52.72 30.52 35.57
C GLY M 401 -52.53 29.19 36.28
N SER M 402 -51.28 28.76 36.42
CA SER M 402 -50.95 27.51 37.06
C SER M 402 -51.37 27.48 38.50
N PHE M 403 -51.38 28.62 39.17
CA PHE M 403 -51.84 28.70 40.56
C PHE M 403 -53.30 28.31 40.76
N PHE M 404 -54.11 28.40 39.70
CA PHE M 404 -55.55 28.11 39.71
C PHE M 404 -55.96 26.99 38.76
N GLY M 405 -54.99 26.35 38.10
CA GLY M 405 -55.26 25.32 37.10
C GLY M 405 -56.10 25.75 35.90
N LEU M 406 -55.89 26.96 35.40
CA LEU M 406 -56.61 27.44 34.23
C LEU M 406 -56.10 26.75 32.98
N ASP M 407 -56.89 26.73 31.91
CA ASP M 407 -56.42 26.15 30.65
C ASP M 407 -55.28 26.99 30.14
N PRO M 408 -54.13 26.35 29.81
CA PRO M 408 -53.08 27.21 29.29
C PRO M 408 -53.41 27.90 27.98
N ILE M 409 -52.79 29.04 27.76
CA ILE M 409 -53.04 29.86 26.60
C ILE M 409 -52.13 29.50 25.45
N VAL M 410 -51.29 28.49 25.63
CA VAL M 410 -50.46 28.03 24.53
C VAL M 410 -50.84 26.59 24.25
N PRO M 411 -50.68 26.12 23.00
CA PRO M 411 -51.10 24.74 22.78
C PRO M 411 -50.21 23.64 23.38
N SER M 412 -48.91 23.83 23.48
CA SER M 412 -48.07 22.79 24.08
C SER M 412 -47.07 23.37 25.07
N LEU M 413 -46.64 22.52 25.98
CA LEU M 413 -45.66 22.90 27.00
C LEU M 413 -44.39 22.09 26.85
N THR N 18 -21.52 12.59 49.77
CA THR N 18 -22.83 13.30 49.97
C THR N 18 -23.54 12.73 51.19
N ASP N 19 -22.82 12.02 52.05
CA ASP N 19 -23.42 11.44 53.21
C ASP N 19 -23.90 12.57 54.15
N ILE N 20 -23.02 13.56 54.35
CA ILE N 20 -23.33 14.71 55.19
C ILE N 20 -24.40 15.58 54.54
N ARG N 21 -24.33 15.70 53.21
CA ARG N 21 -25.28 16.47 52.47
C ARG N 21 -26.66 15.89 52.72
N SER N 22 -26.73 14.57 52.78
CA SER N 22 -28.00 13.92 53.00
C SER N 22 -28.52 14.17 54.40
N GLU N 23 -27.60 14.14 55.35
CA GLU N 23 -27.87 14.32 56.77
C GLU N 23 -28.40 15.72 57.05
N THR N 24 -27.76 16.70 56.45
CA THR N 24 -28.11 18.08 56.66
C THR N 24 -29.50 18.35 56.08
N ALA N 25 -29.79 17.74 54.94
CA ALA N 25 -31.10 17.86 54.33
C ALA N 25 -32.16 17.18 55.16
N GLU N 26 -31.82 16.05 55.77
CA GLU N 26 -32.79 15.35 56.60
C GLU N 26 -33.17 16.15 57.84
N LEU N 27 -32.19 16.81 58.43
CA LEU N 27 -32.44 17.59 59.62
C LEU N 27 -33.30 18.79 59.29
N ARG N 28 -33.01 19.42 58.16
CA ARG N 28 -33.76 20.58 57.75
C ARG N 28 -35.23 20.25 57.57
N ALA N 29 -35.51 19.12 56.96
CA ALA N 29 -36.88 18.69 56.76
C ALA N 29 -37.56 18.45 58.08
N GLU N 30 -36.85 17.85 59.03
CA GLU N 30 -37.39 17.60 60.34
C GLU N 30 -37.72 18.90 61.06
N LEU N 31 -36.84 19.88 60.94
CA LEU N 31 -37.05 21.17 61.55
C LEU N 31 -38.19 21.91 60.93
N VAL N 32 -38.33 21.79 59.63
CA VAL N 32 -39.43 22.43 58.94
C VAL N 32 -40.73 21.79 59.41
N GLU N 33 -40.73 20.48 59.60
CA GLU N 33 -41.92 19.82 60.10
C GLU N 33 -42.22 20.26 61.52
N ARG N 34 -41.20 20.54 62.34
CA ARG N 34 -41.47 21.08 63.68
C ARG N 34 -42.18 22.41 63.67
N VAL N 35 -41.77 23.27 62.73
CA VAL N 35 -42.42 24.56 62.54
C VAL N 35 -43.90 24.34 62.27
N HIS N 36 -44.24 23.39 61.41
CA HIS N 36 -45.64 23.12 61.10
C HIS N 36 -46.39 22.58 62.31
N LYS N 37 -45.72 21.78 63.11
CA LYS N 37 -46.32 21.24 64.30
C LYS N 37 -46.63 22.29 65.36
N PHE N 38 -45.68 23.17 65.61
CA PHE N 38 -45.84 24.20 66.61
C PHE N 38 -46.46 25.47 66.07
N GLY N 39 -46.64 25.54 64.76
CA GLY N 39 -47.15 26.72 64.12
C GLY N 39 -48.52 27.17 64.60
N PRO N 40 -49.46 26.25 64.79
CA PRO N 40 -50.77 26.67 65.31
C PRO N 40 -50.72 27.39 66.67
N VAL N 41 -49.72 27.08 67.51
CA VAL N 41 -49.56 27.78 68.81
C VAL N 41 -49.14 29.23 68.56
N PHE N 42 -48.14 29.40 67.71
CA PHE N 42 -47.66 30.73 67.37
C PHE N 42 -48.77 31.56 66.74
N ALA N 43 -49.53 30.96 65.85
CA ALA N 43 -50.62 31.64 65.18
C ALA N 43 -51.71 32.07 66.15
N ASP N 44 -51.96 31.22 67.11
CA ASP N 44 -52.95 31.47 68.13
C ASP N 44 -52.65 32.65 69.01
N GLY N 45 -51.38 32.95 69.21
CA GLY N 45 -50.97 34.06 70.04
C GLY N 45 -50.72 35.35 69.30
N VAL N 46 -51.10 35.44 68.03
CA VAL N 46 -50.86 36.64 67.23
C VAL N 46 -51.63 37.82 67.81
N ALA N 47 -52.90 37.62 68.14
CA ALA N 47 -53.70 38.73 68.64
C ALA N 47 -53.20 39.28 69.97
N GLU N 48 -52.80 38.40 70.88
CA GLU N 48 -52.27 38.84 72.14
C GLU N 48 -50.95 39.56 71.95
N GLY N 49 -50.11 39.04 71.07
CA GLY N 49 -48.81 39.63 70.82
C GLY N 49 -48.90 41.03 70.27
N GLU N 50 -49.86 41.24 69.38
CA GLU N 50 -50.12 42.50 68.74
C GLU N 50 -50.57 43.55 69.76
N ARG N 51 -51.42 43.10 70.65
CA ARG N 51 -52.01 43.87 71.73
C ARG N 51 -51.00 44.25 72.82
N GLU N 52 -50.15 43.31 73.21
CA GLU N 52 -49.19 43.51 74.31
C GLU N 52 -47.77 43.87 73.90
N ARG N 53 -47.44 43.77 72.63
CA ARG N 53 -46.07 44.07 72.14
C ARG N 53 -44.99 43.18 72.73
N ARG N 54 -45.32 41.92 72.96
CA ARG N 54 -44.37 40.92 73.45
C ARG N 54 -44.96 39.59 73.05
N LEU N 55 -44.15 38.54 73.01
CA LEU N 55 -44.63 37.21 72.63
C LEU N 55 -45.40 36.62 73.79
N PRO N 56 -46.55 35.98 73.54
CA PRO N 56 -47.25 35.30 74.64
C PRO N 56 -46.47 34.17 75.29
N ASP N 57 -46.82 33.82 76.52
CA ASP N 57 -46.12 32.73 77.21
C ASP N 57 -46.16 31.42 76.45
N ALA N 58 -47.29 31.11 75.83
CA ALA N 58 -47.41 29.85 75.10
C ALA N 58 -46.40 29.79 73.94
N THR N 59 -46.21 30.91 73.26
CA THR N 59 -45.27 31.00 72.15
C THR N 59 -43.84 30.79 72.62
N VAL N 60 -43.50 31.40 73.75
CA VAL N 60 -42.16 31.24 74.28
C VAL N 60 -41.95 29.79 74.66
N ARG N 61 -42.97 29.17 75.24
CA ARG N 61 -42.88 27.76 75.61
C ARG N 61 -42.64 26.91 74.39
N ALA N 62 -43.38 27.18 73.33
CA ALA N 62 -43.25 26.44 72.10
C ALA N 62 -41.86 26.61 71.48
N ILE N 63 -41.31 27.81 71.57
CA ILE N 63 -39.98 28.05 71.05
C ILE N 63 -38.98 27.21 71.80
N ASP N 64 -39.13 27.11 73.12
CA ASP N 64 -38.19 26.31 73.92
C ASP N 64 -38.34 24.80 73.67
N GLN N 65 -39.58 24.31 73.59
CA GLN N 65 -39.84 22.88 73.31
C GLN N 65 -39.42 22.46 71.93
N SER N 66 -39.67 23.29 70.91
CA SER N 66 -39.30 22.97 69.51
C SER N 66 -37.80 22.96 69.23
N GLN N 67 -37.05 23.60 70.12
CA GLN N 67 -35.61 23.78 70.00
C GLN N 67 -35.22 24.72 68.83
N LEU N 68 -36.16 25.51 68.33
CA LEU N 68 -35.90 26.41 67.18
C LEU N 68 -34.98 27.59 67.49
N ALA N 69 -34.79 27.88 68.78
CA ALA N 69 -33.76 28.81 69.22
C ALA N 69 -32.35 28.20 69.27
N MET N 70 -32.25 26.91 68.99
CA MET N 70 -31.00 26.18 69.21
C MET N 70 -30.27 25.78 67.92
N LEU N 71 -30.77 26.24 66.78
CA LEU N 71 -30.16 25.90 65.50
C LEU N 71 -28.72 26.33 65.39
N TRP N 72 -28.38 27.48 65.96
CA TRP N 72 -27.01 27.96 65.88
C TRP N 72 -26.24 27.86 67.21
N THR N 73 -26.69 26.95 68.06
CA THR N 73 -26.04 26.63 69.31
C THR N 73 -25.19 25.39 69.04
N ALA N 74 -24.00 25.35 69.63
CA ALA N 74 -23.08 24.23 69.43
C ALA N 74 -23.57 22.89 69.97
N LYS N 75 -23.20 21.83 69.29
CA LYS N 75 -23.52 20.46 69.66
C LYS N 75 -22.92 20.07 70.97
N SER N 76 -21.73 20.61 71.24
CA SER N 76 -21.04 20.31 72.47
C SER N 76 -21.88 20.77 73.69
N TYR N 77 -22.74 21.77 73.53
CA TYR N 77 -23.66 22.19 74.59
C TYR N 77 -25.09 21.68 74.47
N GLY N 78 -25.32 20.71 73.57
CA GLY N 78 -26.66 20.17 73.31
C GLY N 78 -27.49 20.93 72.27
N GLY N 79 -26.83 21.81 71.52
CA GLY N 79 -27.47 22.50 70.40
C GLY N 79 -27.54 21.69 69.12
N LEU N 80 -28.34 22.16 68.18
CA LEU N 80 -28.55 21.44 66.92
C LEU N 80 -27.45 21.72 65.89
N GLU N 81 -26.73 22.84 66.06
CA GLU N 81 -25.58 23.23 65.21
C GLU N 81 -25.78 23.00 63.70
N THR N 82 -26.73 23.73 63.10
CA THR N 82 -27.07 23.56 61.66
C THR N 82 -26.23 24.51 60.78
N ASP N 83 -26.77 24.94 59.67
CA ASP N 83 -26.07 25.86 58.80
C ASP N 83 -26.99 27.00 58.43
N VAL N 84 -26.50 27.92 57.62
CA VAL N 84 -27.29 29.09 57.28
C VAL N 84 -28.56 28.74 56.51
N ARG N 85 -28.42 27.85 55.56
CA ARG N 85 -29.53 27.49 54.73
C ARG N 85 -30.68 26.89 55.53
N THR N 86 -30.38 26.08 56.52
CA THR N 86 -31.42 25.47 57.31
C THR N 86 -32.15 26.52 58.13
N MET N 87 -31.40 27.45 58.71
CA MET N 87 -31.96 28.48 59.53
C MET N 87 -32.87 29.36 58.68
N SER N 88 -32.43 29.64 57.46
CA SER N 88 -33.18 30.43 56.52
C SER N 88 -34.48 29.77 56.12
N GLU N 89 -34.46 28.48 55.80
CA GLU N 89 -35.68 27.80 55.44
C GLU N 89 -36.63 27.73 56.63
N VAL N 90 -36.11 27.59 57.84
CA VAL N 90 -36.97 27.59 59.03
C VAL N 90 -37.65 28.95 59.27
N ALA N 91 -36.87 30.00 59.14
CA ALA N 91 -37.39 31.37 59.29
C ALA N 91 -38.51 31.68 58.29
N LYS N 92 -38.34 31.24 57.05
CA LYS N 92 -39.37 31.48 56.02
C LYS N 92 -40.69 30.84 56.39
N VAL N 93 -40.63 29.62 56.87
CA VAL N 93 -41.85 28.89 57.20
C VAL N 93 -42.47 29.46 58.47
N LEU N 94 -41.63 29.80 59.45
CA LEU N 94 -42.13 30.44 60.69
C LEU N 94 -42.97 31.68 60.45
N SER N 95 -42.52 32.53 59.53
CA SER N 95 -43.23 33.75 59.19
C SER N 95 -44.69 33.55 58.75
N HIS N 96 -45.01 32.40 58.18
CA HIS N 96 -46.38 32.15 57.80
C HIS N 96 -47.29 32.16 59.00
N TYR N 97 -46.79 31.72 60.15
CA TYR N 97 -47.60 31.61 61.33
C TYR N 97 -47.54 32.87 62.15
N CYS N 98 -46.35 33.38 62.39
CA CYS N 98 -46.17 34.64 63.12
C CYS N 98 -44.86 35.30 62.73
N PRO N 99 -44.92 36.38 61.94
CA PRO N 99 -43.65 37.04 61.54
C PRO N 99 -42.82 37.56 62.73
N SER N 100 -43.48 37.99 63.80
CA SER N 100 -42.74 38.43 65.00
C SER N 100 -41.94 37.30 65.70
N THR N 101 -42.57 36.12 65.82
CA THR N 101 -41.93 34.93 66.35
C THR N 101 -40.75 34.56 65.47
N SER N 102 -40.97 34.54 64.17
CA SER N 102 -39.90 34.27 63.21
C SER N 102 -38.76 35.23 63.43
N TRP N 103 -39.08 36.51 63.54
CA TRP N 103 -38.06 37.52 63.74
C TRP N 103 -37.28 37.30 65.04
N VAL N 104 -37.98 36.97 66.11
CA VAL N 104 -37.32 36.76 67.39
C VAL N 104 -36.42 35.54 67.33
N VAL N 105 -36.95 34.45 66.80
CA VAL N 105 -36.19 33.22 66.69
C VAL N 105 -34.92 33.45 65.87
N ASN N 106 -35.03 34.20 64.77
CA ASN N 106 -33.88 34.55 63.94
C ASN N 106 -32.86 35.34 64.74
N ASN N 107 -33.33 36.31 65.53
CA ASN N 107 -32.44 37.12 66.32
C ASN N 107 -31.73 36.30 67.37
N VAL N 108 -32.43 35.37 68.00
CA VAL N 108 -31.82 34.57 69.04
C VAL N 108 -30.67 33.70 68.51
N ASN N 109 -30.96 32.97 67.42
CA ASN N 109 -29.94 32.14 66.80
C ASN N 109 -28.77 32.97 66.36
N GLY N 110 -29.05 34.10 65.74
CA GLY N 110 -27.95 34.95 65.33
C GLY N 110 -27.14 35.47 66.50
N SER N 111 -27.81 35.80 67.60
CA SER N 111 -27.09 36.29 68.77
C SER N 111 -26.23 35.20 69.36
N ASN N 112 -26.79 34.00 69.40
CA ASN N 112 -26.07 32.85 69.91
C ASN N 112 -24.84 32.59 69.05
N LEU N 113 -24.94 32.77 67.74
CA LEU N 113 -23.80 32.56 66.88
C LEU N 113 -22.75 33.62 67.17
N LEU N 114 -23.18 34.85 67.43
CA LEU N 114 -22.25 35.94 67.73
C LEU N 114 -21.51 35.68 69.02
N ALA N 115 -22.15 35.00 69.94
CA ALA N 115 -21.56 34.68 71.22
C ALA N 115 -20.32 33.83 71.10
N SER N 116 -20.22 33.04 70.04
CA SER N 116 -19.07 32.20 69.83
C SER N 116 -17.73 32.93 69.64
N LYS N 117 -17.75 34.23 69.43
CA LYS N 117 -16.50 34.99 69.42
C LYS N 117 -15.92 35.22 70.81
N PHE N 118 -16.75 35.03 71.83
CA PHE N 118 -16.31 35.22 73.21
C PHE N 118 -15.48 34.04 73.69
N PRO N 119 -14.73 34.22 74.81
CA PRO N 119 -13.93 33.07 75.26
C PRO N 119 -14.75 31.91 75.76
N ARG N 120 -14.09 30.76 75.87
CA ARG N 120 -14.75 29.56 76.33
C ARG N 120 -15.37 29.72 77.70
N ALA N 121 -14.71 30.49 78.56
CA ALA N 121 -15.23 30.78 79.88
C ALA N 121 -16.63 31.40 79.85
N ALA N 122 -16.83 32.35 78.95
CA ALA N 122 -18.13 32.98 78.75
C ALA N 122 -19.13 32.01 78.17
N LEU N 123 -18.72 31.29 77.14
CA LEU N 123 -19.61 30.31 76.50
C LEU N 123 -20.09 29.22 77.44
N ASP N 124 -19.19 28.73 78.28
CA ASP N 124 -19.55 27.76 79.33
C ASP N 124 -20.54 28.39 80.30
N GLU N 125 -20.28 29.62 80.73
CA GLU N 125 -21.19 30.31 81.65
C GLU N 125 -22.59 30.48 81.07
N VAL N 126 -22.68 30.71 79.76
CA VAL N 126 -23.97 30.92 79.08
C VAL N 126 -24.69 29.61 78.76
N PHE N 127 -23.97 28.68 78.12
CA PHE N 127 -24.56 27.45 77.54
C PHE N 127 -24.33 26.14 78.34
N GLY N 128 -23.41 26.18 79.29
CA GLY N 128 -23.00 25.02 80.08
C GLY N 128 -24.10 24.18 80.70
N ASP N 129 -25.06 24.83 81.36
CA ASP N 129 -26.21 24.17 81.97
C ASP N 129 -27.52 24.61 81.31
N ALA N 130 -27.45 25.18 80.11
CA ALA N 130 -28.62 25.77 79.44
C ALA N 130 -28.46 25.56 77.93
N PRO N 131 -28.72 24.35 77.43
CA PRO N 131 -28.68 24.10 75.96
C PRO N 131 -29.62 25.04 75.17
N GLY N 132 -30.76 25.41 75.77
CA GLY N 132 -31.73 26.34 75.19
C GLY N 132 -31.56 27.81 75.57
N ALA N 133 -30.34 28.21 75.94
CA ALA N 133 -30.09 29.62 76.25
C ALA N 133 -30.42 30.51 75.07
N LYS N 134 -30.97 31.69 75.37
CA LYS N 134 -31.42 32.65 74.37
C LYS N 134 -30.80 34.02 74.57
N LEU N 135 -30.01 34.47 73.59
CA LEU N 135 -29.36 35.79 73.65
C LEU N 135 -30.08 36.86 72.79
N ALA N 136 -30.03 38.08 73.30
CA ALA N 136 -30.25 39.30 72.53
C ALA N 136 -28.92 39.84 72.07
N SER N 137 -28.98 40.77 71.15
CA SER N 137 -27.78 41.47 70.76
C SER N 137 -28.18 42.77 70.11
N VAL N 138 -27.60 43.86 70.59
CA VAL N 138 -27.87 45.17 70.03
C VAL N 138 -26.57 45.90 69.73
N PHE N 139 -26.43 46.29 68.47
CA PHE N 139 -25.29 47.03 67.94
C PHE N 139 -25.74 48.47 67.63
N ALA N 140 -27.01 48.75 67.91
CA ALA N 140 -27.71 50.02 67.66
C ALA N 140 -27.36 51.18 68.59
N ALA N 141 -26.53 50.93 69.60
CA ALA N 141 -26.08 51.99 70.48
C ALA N 141 -24.75 51.57 70.98
N ALA N 142 -24.10 52.53 71.54
CA ALA N 142 -22.95 52.30 72.30
C ALA N 142 -23.27 52.89 73.68
N GLY N 143 -22.68 52.23 74.66
CA GLY N 143 -22.79 52.58 76.03
C GLY N 143 -21.35 52.92 76.26
N THR N 144 -21.04 53.24 77.48
CA THR N 144 -19.73 53.67 77.75
C THR N 144 -19.22 52.77 78.88
N ALA N 145 -18.02 52.28 78.69
CA ALA N 145 -17.43 51.33 79.62
C ALA N 145 -16.07 51.81 80.05
N VAL N 146 -15.76 51.60 81.32
CA VAL N 146 -14.49 52.01 81.85
C VAL N 146 -13.88 50.88 82.64
N ARG N 147 -12.56 50.76 82.57
CA ARG N 147 -11.83 49.70 83.28
C ARG N 147 -11.93 49.83 84.78
N THR N 148 -12.13 48.68 85.41
CA THR N 148 -12.23 48.57 86.86
C THR N 148 -11.47 47.28 87.18
N PRO N 149 -11.06 47.07 88.46
CA PRO N 149 -10.32 45.81 88.65
C PRO N 149 -11.17 44.59 88.42
N GLY N 150 -10.64 43.67 87.63
CA GLY N 150 -11.30 42.43 87.26
C GLY N 150 -12.26 42.54 86.08
N GLY N 151 -12.40 43.74 85.50
CA GLY N 151 -13.31 43.91 84.39
C GLY N 151 -13.59 45.33 83.96
N TYR N 152 -14.88 45.63 83.83
CA TYR N 152 -15.35 46.94 83.38
C TYR N 152 -16.63 47.35 84.15
N ARG N 153 -16.86 48.65 84.13
CA ARG N 153 -18.11 49.24 84.64
C ARG N 153 -18.79 49.83 83.42
N LEU N 154 -20.04 49.42 83.17
CA LEU N 154 -20.75 49.71 81.91
C LEU N 154 -22.04 50.50 82.16
N THR N 155 -22.20 51.57 81.40
CA THR N 155 -23.39 52.41 81.45
C THR N 155 -23.85 52.67 80.02
N GLY N 156 -25.16 52.59 79.80
CA GLY N 156 -25.71 52.89 78.48
C GLY N 156 -27.19 52.65 78.35
N SER N 157 -27.70 52.98 77.18
CA SER N 157 -29.09 52.78 76.84
C SER N 157 -29.17 52.28 75.39
N TRP N 158 -29.65 51.05 75.22
CA TRP N 158 -29.60 50.35 73.92
C TRP N 158 -31.02 50.09 73.43
N PRO N 159 -31.52 50.87 72.42
CA PRO N 159 -32.85 50.59 71.82
C PRO N 159 -32.81 49.41 70.86
N TYR N 160 -34.00 49.03 70.38
CA TYR N 160 -34.15 47.90 69.44
C TYR N 160 -33.64 46.54 69.97
N GLY N 161 -33.98 46.21 71.19
CA GLY N 161 -33.50 44.97 71.81
C GLY N 161 -34.49 43.88 71.54
N THR N 162 -34.45 43.32 70.33
CA THR N 162 -35.38 42.26 69.97
C THR N 162 -35.37 41.10 70.94
N GLY N 163 -36.58 40.75 71.37
CA GLY N 163 -36.82 39.61 72.27
C GLY N 163 -36.20 39.67 73.66
N ILE N 164 -35.80 40.84 74.11
CA ILE N 164 -35.04 41.02 75.36
C ILE N 164 -35.85 40.57 76.58
N LEU N 165 -37.16 40.75 76.53
CA LEU N 165 -38.02 40.30 77.61
C LEU N 165 -37.94 38.80 77.90
N HIS N 166 -37.63 37.96 76.90
CA HIS N 166 -37.53 36.51 77.11
C HIS N 166 -36.10 36.01 77.11
N ASP N 167 -35.13 36.90 77.05
CA ASP N 167 -33.74 36.48 76.81
C ASP N 167 -33.00 36.30 78.13
N ASP N 168 -32.01 35.43 78.11
CA ASP N 168 -31.22 35.08 79.28
C ASP N 168 -30.00 35.96 79.39
N TRP N 169 -29.44 36.36 78.25
CA TRP N 169 -28.28 37.23 78.17
C TRP N 169 -28.43 38.21 77.01
N ALA N 170 -27.56 39.23 76.96
CA ALA N 170 -27.58 40.24 75.90
C ALA N 170 -26.15 40.56 75.54
N ILE N 171 -25.87 40.64 74.24
CA ILE N 171 -24.58 41.15 73.74
C ILE N 171 -24.80 42.60 73.39
N LEU N 172 -24.06 43.47 74.06
CA LEU N 172 -24.20 44.91 73.87
C LEU N 172 -22.89 45.54 73.45
N VAL N 173 -22.96 46.47 72.51
CA VAL N 173 -21.79 47.21 72.03
C VAL N 173 -21.52 48.42 72.91
N ALA N 174 -20.25 48.71 73.15
CA ALA N 174 -19.89 49.87 73.93
C ALA N 174 -18.58 50.47 73.53
N ARG N 175 -18.36 51.67 74.00
CA ARG N 175 -17.10 52.34 73.75
C ARG N 175 -16.37 52.39 75.05
N GLU N 176 -15.14 51.90 75.05
CA GLU N 176 -14.28 52.00 76.23
C GLU N 176 -13.75 53.42 76.33
N VAL N 177 -13.68 53.91 77.55
CA VAL N 177 -13.15 55.25 77.80
C VAL N 177 -12.25 55.19 79.00
N ASP N 178 -11.37 56.17 79.12
CA ASP N 178 -10.45 56.22 80.26
C ASP N 178 -11.03 57.06 81.39
N ALA N 179 -10.23 57.30 82.40
CA ALA N 179 -10.63 58.08 83.56
C ALA N 179 -10.98 59.49 83.13
N ASP N 180 -10.21 59.99 82.18
CA ASP N 180 -10.48 61.31 81.62
C ASP N 180 -11.79 61.32 80.87
N GLY N 181 -12.16 60.18 80.31
CA GLY N 181 -13.39 60.08 79.55
C GLY N 181 -13.13 60.14 78.06
N GLU N 182 -11.87 60.02 77.69
CA GLU N 182 -11.46 59.98 76.30
C GLU N 182 -11.68 58.59 75.71
N PRO N 183 -12.04 58.50 74.42
CA PRO N 183 -12.26 57.18 73.83
C PRO N 183 -11.01 56.31 73.70
N VAL N 184 -11.13 55.04 74.06
CA VAL N 184 -10.00 54.10 73.97
C VAL N 184 -10.19 53.10 72.87
N GLY N 185 -11.37 52.51 72.78
CA GLY N 185 -11.62 51.52 71.74
C GLY N 185 -13.04 51.01 71.82
N GLY N 186 -13.37 50.09 70.93
CA GLY N 186 -14.72 49.51 70.88
C GLY N 186 -14.78 48.20 71.63
N LEU N 187 -15.91 47.90 72.26
CA LEU N 187 -16.07 46.63 72.97
C LEU N 187 -17.37 45.92 72.69
N SER N 188 -17.37 44.61 72.88
CA SER N 188 -18.58 43.85 72.87
C SER N 188 -18.72 43.17 74.21
N MET N 189 -19.87 43.30 74.83
CA MET N 189 -20.01 42.84 76.21
C MET N 189 -21.19 41.95 76.42
N LEU N 190 -20.97 40.88 77.16
CA LEU N 190 -22.00 39.89 77.40
C LEU N 190 -22.52 40.06 78.81
N VAL N 191 -23.80 40.40 78.95
CA VAL N 191 -24.34 40.67 80.27
C VAL N 191 -25.66 39.95 80.47
N PRO N 192 -25.86 39.39 81.66
CA PRO N 192 -27.03 38.56 81.97
C PRO N 192 -28.28 39.35 82.29
N ALA N 193 -29.40 38.65 82.22
CA ALA N 193 -30.71 39.25 82.45
C ALA N 193 -30.84 39.86 83.83
N ARG N 194 -30.24 39.20 84.82
CA ARG N 194 -30.27 39.68 86.21
C ARG N 194 -29.66 41.06 86.33
N ASP N 195 -28.65 41.37 85.52
CA ASP N 195 -28.04 42.68 85.55
C ASP N 195 -28.72 43.72 84.71
N LEU N 196 -29.70 43.35 83.89
CA LEU N 196 -30.34 44.31 82.97
C LEU N 196 -31.62 44.88 83.50
N THR N 197 -31.99 46.00 82.93
CA THR N 197 -33.27 46.60 83.13
C THR N 197 -33.86 46.85 81.76
N VAL N 198 -35.16 46.65 81.61
CA VAL N 198 -35.80 46.87 80.33
C VAL N 198 -36.78 47.98 80.45
N GLU N 199 -36.70 48.89 79.51
CA GLU N 199 -37.54 50.06 79.49
C GLU N 199 -38.52 49.91 78.33
N ASP N 200 -39.77 50.25 78.56
CA ASP N 200 -40.79 50.05 77.55
C ASP N 200 -40.79 51.16 76.50
N THR N 201 -40.14 50.90 75.38
CA THR N 201 -40.05 51.89 74.33
C THR N 201 -40.50 51.44 72.96
N TRP N 202 -40.92 50.19 72.81
CA TRP N 202 -41.26 49.66 71.50
C TRP N 202 -42.73 49.90 71.17
N HIS N 203 -42.98 50.97 70.44
CA HIS N 203 -44.33 51.32 70.01
C HIS N 203 -44.33 51.52 68.53
N THR N 204 -44.74 50.49 67.82
CA THR N 204 -44.63 50.48 66.37
C THR N 204 -45.88 49.95 65.75
N VAL N 205 -45.98 50.08 64.44
CA VAL N 205 -47.14 49.60 63.72
C VAL N 205 -46.89 48.28 63.04
N GLY N 206 -45.70 47.71 63.24
CA GLY N 206 -45.39 46.40 62.69
C GLY N 206 -44.34 45.74 63.56
N MET N 207 -44.30 44.40 63.50
CA MET N 207 -43.40 43.59 64.30
C MET N 207 -43.58 43.95 65.80
N ARG N 208 -44.81 44.17 66.21
CA ARG N 208 -45.11 44.58 67.58
C ARG N 208 -44.71 43.55 68.64
N ALA N 209 -44.98 42.28 68.40
CA ALA N 209 -44.69 41.24 69.40
C ALA N 209 -43.20 40.93 69.55
N THR N 210 -42.36 41.49 68.69
CA THR N 210 -40.93 41.28 68.84
C THR N 210 -40.38 41.91 70.11
N GLY N 211 -41.09 42.85 70.72
CA GLY N 211 -40.68 43.45 71.97
C GLY N 211 -39.29 44.03 71.95
N SER N 212 -38.99 44.79 70.92
CA SER N 212 -37.67 45.38 70.72
C SER N 212 -37.49 46.65 71.55
N HIS N 213 -37.49 46.44 72.87
CA HIS N 213 -37.47 47.50 73.86
C HIS N 213 -36.07 47.99 74.13
N THR N 214 -35.91 48.94 75.05
CA THR N 214 -34.61 49.52 75.36
C THR N 214 -34.02 48.84 76.57
N VAL N 215 -32.76 48.43 76.43
CA VAL N 215 -31.98 47.87 77.51
C VAL N 215 -31.22 49.01 78.18
N VAL N 216 -31.34 49.09 79.51
CA VAL N 216 -30.70 50.14 80.29
C VAL N 216 -29.74 49.60 81.33
N LEU N 217 -28.55 50.16 81.38
CA LEU N 217 -27.54 49.74 82.32
C LEU N 217 -26.96 50.94 83.00
N ARG N 218 -26.76 50.85 84.31
CA ARG N 218 -26.11 51.93 84.99
C ARG N 218 -25.03 51.43 85.92
N ASP N 219 -23.79 51.78 85.58
CA ASP N 219 -22.63 51.41 86.38
C ASP N 219 -22.56 49.91 86.69
N THR N 220 -22.89 49.11 85.69
CA THR N 220 -22.97 47.67 85.85
C THR N 220 -21.62 47.01 85.67
N PHE N 221 -21.30 46.09 86.56
CA PHE N 221 -20.03 45.41 86.48
C PHE N 221 -20.08 44.28 85.49
N VAL N 222 -19.09 44.22 84.62
CA VAL N 222 -18.99 43.14 83.67
C VAL N 222 -17.59 42.59 83.78
N PRO N 223 -17.45 41.26 84.03
CA PRO N 223 -16.09 40.79 84.14
C PRO N 223 -15.38 40.65 82.82
N GLU N 224 -14.06 40.59 82.92
CA GLU N 224 -13.15 40.55 81.78
C GLU N 224 -13.42 39.44 80.79
N HIS N 225 -13.76 38.24 81.26
CA HIS N 225 -13.96 37.11 80.38
C HIS N 225 -15.24 37.22 79.54
N ARG N 226 -16.11 38.17 79.89
CA ARG N 226 -17.33 38.42 79.14
C ARG N 226 -17.25 39.71 78.34
N VAL N 227 -16.04 40.12 77.96
CA VAL N 227 -15.81 41.34 77.19
C VAL N 227 -14.79 41.03 76.12
N ILE N 228 -15.05 41.37 74.88
CA ILE N 228 -14.05 41.25 73.81
C ILE N 228 -13.99 42.55 73.07
N SER N 229 -12.95 42.73 72.28
CA SER N 229 -12.85 43.94 71.46
C SER N 229 -13.89 43.87 70.39
N GLY N 230 -14.30 45.04 69.93
CA GLY N 230 -15.21 45.17 68.84
C GLY N 230 -14.60 44.52 67.61
N GLU N 231 -13.27 44.64 67.47
CA GLU N 231 -12.57 44.02 66.36
C GLU N 231 -12.72 42.50 66.36
N LEU N 232 -12.64 41.88 67.54
CA LEU N 232 -12.77 40.45 67.64
C LEU N 232 -14.21 39.99 67.38
N GLN N 233 -15.18 40.79 67.80
CA GLN N 233 -16.58 40.48 67.61
C GLN N 233 -16.97 40.43 66.13
N ARG N 234 -16.36 41.26 65.30
CA ARG N 234 -16.67 41.30 63.89
C ARG N 234 -15.72 40.46 63.08
N SER N 235 -14.79 39.77 63.73
CA SER N 235 -13.71 39.05 63.04
C SER N 235 -14.21 37.87 62.21
N ARG N 236 -13.52 37.62 61.11
CA ARG N 236 -13.78 36.46 60.26
C ARG N 236 -12.54 35.58 60.17
N GLU N 237 -11.66 35.67 61.16
CA GLU N 237 -10.46 34.81 61.19
C GLU N 237 -10.77 33.34 61.39
N SER N 238 -11.91 33.02 61.97
CA SER N 238 -12.27 31.63 62.19
C SER N 238 -12.73 30.93 60.91
N ALA N 239 -12.79 31.65 59.80
CA ALA N 239 -13.22 31.08 58.54
C ALA N 239 -12.35 29.93 58.09
N THR N 240 -11.06 29.98 58.37
CA THR N 240 -10.13 28.92 57.98
C THR N 240 -9.71 27.95 59.08
N ASP N 241 -10.30 28.05 60.26
CA ASP N 241 -9.90 27.23 61.40
C ASP N 241 -10.53 25.82 61.34
N LEU N 242 -9.71 24.84 60.97
CA LEU N 242 -10.17 23.44 60.85
C LEU N 242 -10.53 22.81 62.20
N GLY N 243 -10.04 23.37 63.30
CA GLY N 243 -10.38 22.95 64.65
C GLY N 243 -11.82 23.20 65.04
N LEU N 244 -12.43 24.24 64.49
CA LEU N 244 -13.83 24.58 64.76
C LEU N 244 -14.79 23.79 63.92
N PRO N 245 -16.01 23.52 64.42
CA PRO N 245 -17.00 22.96 63.50
C PRO N 245 -17.38 23.95 62.41
N PRO N 246 -17.95 23.47 61.26
CA PRO N 246 -18.21 24.45 60.20
C PRO N 246 -19.09 25.66 60.52
N LEU N 247 -20.12 25.51 61.35
CA LEU N 247 -20.97 26.65 61.69
C LEU N 247 -20.19 27.82 62.29
N PHE N 248 -19.18 27.53 63.08
CA PHE N 248 -18.42 28.59 63.73
C PHE N 248 -17.35 29.17 62.83
N ARG N 249 -17.24 28.66 61.61
CA ARG N 249 -16.38 29.25 60.61
C ARG N 249 -17.13 30.27 59.74
N THR N 250 -18.47 30.26 59.82
CA THR N 250 -19.35 31.07 59.00
C THR N 250 -19.16 32.54 59.26
N ALA N 251 -19.29 33.35 58.23
CA ALA N 251 -19.28 34.79 58.38
C ALA N 251 -20.57 35.23 59.10
N ALA N 252 -20.46 35.53 60.38
CA ALA N 252 -21.65 35.54 61.25
C ALA N 252 -22.61 36.69 60.97
N ILE N 253 -22.07 37.87 60.76
CA ILE N 253 -22.87 39.05 60.53
C ILE N 253 -23.63 38.95 59.23
N ALA N 254 -22.97 38.43 58.21
CA ALA N 254 -23.61 38.20 56.93
C ALA N 254 -24.68 37.14 57.06
N ALA N 255 -24.41 36.11 57.84
CA ALA N 255 -25.38 35.04 58.04
C ALA N 255 -26.64 35.53 58.72
N MET N 256 -26.46 36.43 59.67
CA MET N 256 -27.57 36.99 60.42
C MET N 256 -28.44 37.83 59.50
N ALA N 257 -27.81 38.60 58.63
CA ALA N 257 -28.54 39.39 57.66
C ALA N 257 -29.33 38.52 56.68
N VAL N 258 -28.78 37.40 56.27
CA VAL N 258 -29.48 36.48 55.37
C VAL N 258 -30.73 35.91 56.04
N VAL N 259 -30.67 35.57 57.31
CA VAL N 259 -31.86 35.02 57.98
C VAL N 259 -32.87 36.10 58.32
N CYS N 260 -32.43 37.33 58.55
CA CYS N 260 -33.39 38.44 58.74
C CYS N 260 -34.19 38.66 57.45
N ALA N 261 -33.49 38.63 56.32
CA ALA N 261 -34.15 38.67 55.03
C ALA N 261 -35.12 37.52 54.84
N SER N 262 -34.76 36.34 55.34
CA SER N 262 -35.66 35.18 55.22
C SER N 262 -36.96 35.37 55.94
N VAL N 263 -36.92 36.06 57.08
CA VAL N 263 -38.15 36.36 57.85
C VAL N 263 -39.08 37.19 56.99
N VAL N 264 -38.53 38.24 56.39
CA VAL N 264 -39.30 39.10 55.51
C VAL N 264 -39.85 38.33 54.31
N LEU N 265 -38.96 37.59 53.67
CA LEU N 265 -39.32 36.79 52.51
C LEU N 265 -40.49 35.86 52.80
N GLY N 266 -40.38 35.12 53.88
CA GLY N 266 -41.44 34.20 54.26
C GLY N 266 -42.79 34.87 54.43
N ALA N 267 -42.82 36.09 54.98
CA ALA N 267 -44.08 36.83 55.15
C ALA N 267 -44.69 37.16 53.80
N GLY N 268 -43.81 37.52 52.87
CA GLY N 268 -44.20 37.79 51.51
C GLY N 268 -44.79 36.58 50.81
N GLN N 269 -44.15 35.44 51.01
CA GLN N 269 -44.64 34.20 50.45
C GLN N 269 -45.97 33.83 51.04
N ALA N 270 -46.16 34.06 52.34
CA ALA N 270 -47.47 33.79 52.97
C ALA N 270 -48.57 34.67 52.38
N ALA N 271 -48.23 35.94 52.16
CA ALA N 271 -49.11 36.89 51.52
C ALA N 271 -49.51 36.41 50.15
N ARG N 272 -48.56 35.92 49.37
CA ARG N 272 -48.85 35.41 48.03
C ARG N 272 -49.80 34.22 48.10
N ALA N 273 -49.49 33.26 48.95
CA ALA N 273 -50.37 32.09 49.12
C ALA N 273 -51.79 32.47 49.48
N LEU N 274 -51.94 33.48 50.35
CA LEU N 274 -53.26 33.97 50.75
C LEU N 274 -54.07 34.59 49.61
N VAL N 275 -53.44 35.47 48.86
CA VAL N 275 -54.07 36.05 47.66
C VAL N 275 -54.49 34.97 46.67
N VAL N 276 -53.65 33.95 46.46
CA VAL N 276 -54.00 32.80 45.60
C VAL N 276 -55.18 32.01 46.14
N GLU N 277 -55.19 31.79 47.44
CA GLU N 277 -56.26 31.09 48.11
C GLU N 277 -57.60 31.75 47.97
N LYS N 278 -57.65 33.07 48.10
CA LYS N 278 -58.88 33.82 48.09
C LYS N 278 -59.38 34.28 46.74
N ALA N 279 -58.56 34.26 45.71
CA ALA N 279 -58.90 34.81 44.41
C ALA N 279 -60.10 34.18 43.74
N PRO N 280 -60.30 32.86 43.88
CA PRO N 280 -61.47 32.32 43.18
C PRO N 280 -62.80 32.70 43.79
N THR N 281 -62.83 33.18 45.03
CA THR N 281 -64.11 33.56 45.64
C THR N 281 -64.36 35.05 45.83
N ARG N 282 -63.57 35.93 45.23
CA ARG N 282 -63.81 37.37 45.32
C ARG N 282 -63.75 37.92 43.94
N GLY N 283 -64.25 39.14 43.79
CA GLY N 283 -64.24 39.87 42.54
C GLY N 283 -63.35 41.09 42.60
N ILE N 284 -63.35 41.82 41.50
CA ILE N 284 -62.61 43.06 41.32
C ILE N 284 -63.62 44.16 41.07
N ALA N 285 -63.96 44.86 42.13
CA ALA N 285 -64.90 45.97 42.01
C ALA N 285 -64.25 47.14 41.32
N PRO N 286 -65.05 47.84 40.50
CA PRO N 286 -66.49 47.62 40.18
C PRO N 286 -66.64 46.97 38.81
N SER N 287 -65.71 46.09 38.47
CA SER N 287 -65.66 45.57 37.12
C SER N 287 -66.69 44.47 36.96
N LYS N 288 -66.81 44.01 35.74
CA LYS N 288 -67.59 42.82 35.42
C LYS N 288 -66.97 41.50 35.94
N TYR N 289 -65.69 41.53 36.35
CA TYR N 289 -65.03 40.35 36.89
C TYR N 289 -65.49 40.03 38.32
N THR N 290 -66.50 39.18 38.44
CA THR N 290 -67.03 38.76 39.76
C THR N 290 -66.10 37.76 40.44
N ARG N 291 -65.24 37.11 39.68
CA ARG N 291 -64.18 36.24 40.19
C ARG N 291 -62.85 36.79 39.72
N GLN N 292 -61.89 36.93 40.64
CA GLN N 292 -60.58 37.51 40.31
C GLN N 292 -59.84 36.73 39.22
N THR N 293 -59.99 35.40 39.30
CA THR N 293 -59.37 34.45 38.36
C THR N 293 -59.91 34.54 36.94
N ASP N 294 -61.08 35.15 36.78
CA ASP N 294 -61.64 35.41 35.45
C ASP N 294 -60.92 36.52 34.71
N SER N 295 -60.22 37.38 35.44
CA SER N 295 -59.51 38.48 34.84
C SER N 295 -58.09 38.09 34.49
N ARG N 296 -57.81 38.13 33.20
CA ARG N 296 -56.49 37.78 32.74
C ARG N 296 -55.46 38.81 33.14
N THR N 297 -55.85 40.06 33.29
CA THR N 297 -54.96 41.09 33.78
C THR N 297 -54.53 40.74 35.19
N PHE N 298 -55.48 40.30 36.00
CA PHE N 298 -55.20 39.88 37.37
C PHE N 298 -54.28 38.69 37.38
N VAL N 299 -54.56 37.69 36.55
CA VAL N 299 -53.80 36.46 36.56
C VAL N 299 -52.37 36.70 36.13
N SER N 300 -52.17 37.44 35.04
CA SER N 300 -50.82 37.70 34.56
C SER N 300 -50.05 38.60 35.51
N SER N 301 -50.71 39.54 36.16
CA SER N 301 -50.06 40.38 37.14
C SER N 301 -49.57 39.58 38.30
N LEU N 302 -50.38 38.63 38.73
CA LEU N 302 -50.04 37.79 39.83
C LEU N 302 -48.85 36.91 39.49
N GLY N 303 -48.77 36.47 38.25
CA GLY N 303 -47.63 35.71 37.80
C GLY N 303 -46.36 36.51 37.90
N ARG N 304 -46.44 37.77 37.51
CA ARG N 304 -45.29 38.63 37.58
C ARG N 304 -44.84 38.90 39.02
N THR N 305 -45.80 39.13 39.90
CA THR N 305 -45.51 39.40 41.29
C THR N 305 -44.90 38.18 41.91
N ALA N 306 -45.43 37.01 41.57
CA ALA N 306 -44.90 35.78 42.06
C ALA N 306 -43.47 35.58 41.59
N LEU N 307 -43.16 35.90 40.33
CA LEU N 307 -41.77 35.77 39.90
C LEU N 307 -40.80 36.73 40.61
N SER N 308 -41.24 37.94 40.98
CA SER N 308 -40.35 38.78 41.83
C SER N 308 -40.05 38.14 43.16
N ILE N 309 -41.07 37.60 43.80
CA ILE N 309 -40.89 36.94 45.08
C ILE N 309 -39.98 35.70 44.90
N ASP N 310 -40.17 34.97 43.81
CA ASP N 310 -39.26 33.83 43.47
C ASP N 310 -37.81 34.31 43.32
N ALA N 311 -37.60 35.47 42.70
CA ALA N 311 -36.27 36.01 42.60
C ALA N 311 -35.71 36.37 43.95
N ALA N 312 -36.53 36.92 44.83
CA ALA N 312 -36.07 37.27 46.17
C ALA N 312 -35.64 36.02 46.89
N GLU N 313 -36.41 34.96 46.72
CA GLU N 313 -36.08 33.68 47.32
C GLU N 313 -34.72 33.13 46.86
N MET N 314 -34.46 33.24 45.57
CA MET N 314 -33.19 32.81 45.00
C MET N 314 -32.02 33.64 45.48
N HIS N 315 -32.20 34.94 45.64
CA HIS N 315 -31.14 35.82 46.17
C HIS N 315 -30.75 35.38 47.57
N VAL N 316 -31.76 35.07 48.38
CA VAL N 316 -31.54 34.67 49.74
C VAL N 316 -30.85 33.31 49.76
N ALA N 317 -31.34 32.37 48.96
CA ALA N 317 -30.75 31.04 48.93
C ALA N 317 -29.33 31.06 48.41
N ARG N 318 -29.05 31.87 47.39
CA ARG N 318 -27.70 31.96 46.85
C ARG N 318 -26.74 32.42 47.92
N ALA N 319 -27.13 33.43 48.67
CA ALA N 319 -26.25 33.97 49.71
C ALA N 319 -26.05 32.96 50.82
N ALA N 320 -27.13 32.31 51.21
CA ALA N 320 -27.00 31.24 52.21
C ALA N 320 -26.02 30.15 51.78
N THR N 321 -26.12 29.73 50.52
CA THR N 321 -25.25 28.70 49.97
C THR N 321 -23.82 29.15 49.86
N ALA N 322 -23.58 30.39 49.49
CA ALA N 322 -22.22 30.89 49.44
C ALA N 322 -21.59 30.84 50.84
N LEU N 323 -22.37 31.24 51.84
CA LEU N 323 -21.88 31.24 53.21
C LEU N 323 -21.60 29.84 53.73
N ASP N 324 -22.50 28.91 53.45
CA ASP N 324 -22.30 27.52 53.87
C ASP N 324 -21.19 26.82 53.14
N ASP N 325 -21.05 27.05 51.85
CA ASP N 325 -20.00 26.39 51.08
C ASP N 325 -18.65 26.81 51.61
N ALA N 326 -18.51 28.09 51.92
CA ALA N 326 -17.25 28.58 52.45
C ALA N 326 -16.94 28.01 53.83
N ALA N 327 -17.95 27.91 54.67
CA ALA N 327 -17.74 27.36 56.01
C ALA N 327 -17.37 25.89 55.97
N TYR N 328 -18.01 25.12 55.11
CA TYR N 328 -17.74 23.71 54.96
C TYR N 328 -16.34 23.46 54.38
N ASP N 329 -15.92 24.29 53.46
CA ASP N 329 -14.60 24.14 52.85
C ASP N 329 -13.53 24.81 53.65
N ALA N 330 -13.90 25.49 54.72
CA ALA N 330 -12.92 26.22 55.54
C ALA N 330 -12.11 27.25 54.75
N VAL N 331 -12.76 27.90 53.78
CA VAL N 331 -12.15 29.03 53.07
C VAL N 331 -12.79 30.36 53.51
N ALA N 332 -11.98 31.41 53.46
CA ALA N 332 -12.43 32.76 53.72
C ALA N 332 -13.14 33.28 52.48
N LEU N 333 -14.31 33.87 52.68
CA LEU N 333 -15.00 34.61 51.64
C LEU N 333 -14.25 35.88 51.41
N PRO N 334 -13.90 36.18 50.13
CA PRO N 334 -13.28 37.48 49.89
C PRO N 334 -14.31 38.60 50.08
N ASP N 335 -13.82 39.82 50.22
CA ASP N 335 -14.68 40.97 50.41
C ASP N 335 -15.74 41.11 49.33
N SER N 336 -15.37 40.85 48.09
CA SER N 336 -16.30 40.98 46.99
C SER N 336 -17.52 40.06 47.14
N GLU N 337 -17.30 38.88 47.68
CA GLU N 337 -18.40 37.96 47.87
C GLU N 337 -19.33 38.43 48.99
N LEU N 338 -18.77 39.00 50.05
CA LEU N 338 -19.58 39.53 51.16
C LEU N 338 -20.37 40.77 50.75
N LEU N 339 -19.78 41.59 49.90
CA LEU N 339 -20.43 42.78 49.40
C LEU N 339 -21.60 42.40 48.52
N ARG N 340 -21.43 41.32 47.77
CA ARG N 340 -22.51 40.80 46.97
C ARG N 340 -23.64 40.26 47.84
N ILE N 341 -23.30 39.61 48.94
CA ILE N 341 -24.32 39.09 49.84
C ILE N 341 -25.14 40.23 50.43
N ARG N 342 -24.49 41.34 50.76
CA ARG N 342 -25.19 42.49 51.30
C ARG N 342 -26.16 43.06 50.28
N GLY N 343 -25.76 43.07 49.03
CA GLY N 343 -26.62 43.46 47.94
C GLY N 343 -27.78 42.51 47.74
N ASP N 344 -27.54 41.21 47.81
CA ASP N 344 -28.60 40.24 47.65
C ASP N 344 -29.70 40.40 48.68
N VAL N 345 -29.33 40.61 49.95
CA VAL N 345 -30.34 40.68 51.01
C VAL N 345 -31.20 41.92 50.94
N GLY N 346 -30.61 43.06 50.62
CA GLY N 346 -31.35 44.29 50.46
C GLY N 346 -32.25 44.20 49.27
N GLN N 347 -31.73 43.65 48.20
CA GLN N 347 -32.50 43.47 47.00
C GLN N 347 -33.66 42.50 47.23
N ALA N 348 -33.45 41.42 47.94
CA ALA N 348 -34.56 40.47 48.18
C ALA N 348 -35.69 41.13 48.96
N VAL N 349 -35.37 41.86 50.03
CA VAL N 349 -36.42 42.46 50.86
C VAL N 349 -37.12 43.59 50.13
N SER N 350 -36.37 44.29 49.30
CA SER N 350 -36.94 45.33 48.46
C SER N 350 -37.95 44.78 47.43
N LEU N 351 -37.56 43.68 46.84
CA LEU N 351 -38.44 42.94 45.95
C LEU N 351 -39.69 42.49 46.73
N VAL N 352 -39.55 42.05 47.96
CA VAL N 352 -40.69 41.59 48.73
C VAL N 352 -41.64 42.73 49.11
N THR N 353 -41.12 43.91 49.49
CA THR N 353 -41.98 45.01 49.83
C THR N 353 -42.73 45.53 48.62
N THR N 354 -42.08 45.57 47.46
CA THR N 354 -42.75 45.97 46.23
C THR N 354 -43.82 44.94 45.87
N ALA N 355 -43.52 43.67 46.05
CA ALA N 355 -44.50 42.64 45.75
C ALA N 355 -45.70 42.68 46.68
N LEU N 356 -45.50 43.06 47.93
CA LEU N 356 -46.62 43.18 48.87
C LEU N 356 -47.56 44.28 48.44
N ASP N 357 -47.03 45.38 47.94
CA ASP N 357 -47.83 46.48 47.44
C ASP N 357 -48.67 45.97 46.27
N GLU N 358 -48.06 45.16 45.43
CA GLU N 358 -48.76 44.52 44.33
C GLU N 358 -49.85 43.56 44.78
N LEU N 359 -49.60 42.80 45.84
CA LEU N 359 -50.60 41.86 46.35
C LEU N 359 -51.82 42.57 46.94
N LEU N 360 -51.64 43.75 47.54
CA LEU N 360 -52.75 44.54 48.02
C LEU N 360 -53.60 45.06 46.88
N TRP N 361 -52.95 45.41 45.77
CA TRP N 361 -53.70 45.82 44.58
C TRP N 361 -54.49 44.66 44.05
N ALA N 362 -53.93 43.47 44.13
CA ALA N 362 -54.65 42.29 43.68
C ALA N 362 -55.84 41.95 44.57
N HIS N 363 -55.62 41.97 45.87
CA HIS N 363 -56.65 41.56 46.81
C HIS N 363 -57.77 42.58 47.01
N GLY N 364 -57.43 43.86 47.07
CA GLY N 364 -58.42 44.90 47.21
C GLY N 364 -58.45 45.52 48.59
N ALA N 365 -59.49 46.33 48.81
CA ALA N 365 -59.65 47.07 50.04
C ALA N 365 -59.82 46.21 51.29
N ALA N 366 -60.34 45.01 51.12
CA ALA N 366 -60.53 44.06 52.20
C ALA N 366 -59.24 43.67 52.86
N SER N 367 -58.12 43.85 52.15
CA SER N 367 -56.86 43.45 52.70
C SER N 367 -56.46 44.28 53.91
N PHE N 368 -57.08 45.44 54.11
CA PHE N 368 -56.71 46.32 55.23
C PHE N 368 -57.57 46.12 56.46
N ALA N 369 -58.49 45.15 56.41
CA ALA N 369 -59.28 44.86 57.60
C ALA N 369 -58.41 44.21 58.67
N GLU N 370 -58.70 44.51 59.93
CA GLU N 370 -57.93 43.92 61.02
C GLU N 370 -58.06 42.41 61.05
N SER N 371 -59.18 41.90 60.58
CA SER N 371 -59.36 40.46 60.50
C SER N 371 -58.59 39.77 59.39
N ASN N 372 -58.04 40.51 58.43
CA ASN N 372 -57.36 39.90 57.29
C ASN N 372 -55.86 39.75 57.55
N PRO N 373 -55.31 38.54 57.47
CA PRO N 373 -53.85 38.36 57.68
C PRO N 373 -52.96 39.10 56.69
N LEU N 374 -53.52 39.51 55.55
CA LEU N 374 -52.72 40.15 54.52
C LEU N 374 -52.06 41.44 55.00
N GLN N 375 -52.79 42.28 55.74
CA GLN N 375 -52.22 43.50 56.26
C GLN N 375 -51.17 43.26 57.36
N ARG N 376 -51.28 42.14 58.07
CA ARG N 376 -50.29 41.77 59.04
C ARG N 376 -48.97 41.44 58.40
N TYR N 377 -49.01 40.67 57.33
CA TYR N 377 -47.78 40.32 56.64
C TYR N 377 -47.19 41.60 56.05
N TRP N 378 -48.05 42.47 55.55
CA TRP N 378 -47.65 43.72 54.95
C TRP N 378 -46.97 44.63 55.97
N ARG N 379 -47.55 44.77 57.16
CA ARG N 379 -46.95 45.64 58.17
C ARG N 379 -45.68 45.05 58.77
N ASP N 380 -45.66 43.76 59.05
CA ASP N 380 -44.46 43.14 59.62
C ASP N 380 -43.27 43.06 58.69
N ALA N 381 -43.50 42.69 57.44
CA ALA N 381 -42.44 42.60 56.46
C ALA N 381 -41.87 43.99 56.15
N ASN N 382 -42.73 44.98 56.03
CA ASN N 382 -42.27 46.33 55.74
C ASN N 382 -41.45 46.93 56.89
N THR N 383 -41.87 46.70 58.14
CA THR N 383 -41.15 47.19 59.30
C THR N 383 -39.77 46.55 59.39
N ALA N 384 -39.74 45.23 59.30
CA ALA N 384 -38.50 44.47 59.41
C ALA N 384 -37.51 44.71 58.28
N ALA N 385 -38.02 44.96 57.10
CA ALA N 385 -37.19 45.21 55.94
C ALA N 385 -36.26 46.40 56.08
N ARG N 386 -36.64 47.38 56.88
CA ARG N 386 -35.85 48.60 57.06
C ARG N 386 -34.82 48.49 58.15
N HIS N 387 -34.58 47.28 58.64
CA HIS N 387 -33.49 47.04 59.52
C HIS N 387 -32.22 47.43 58.79
N ALA N 388 -31.27 47.99 59.51
CA ALA N 388 -30.05 48.53 58.92
C ALA N 388 -29.22 47.56 58.07
N MET N 389 -29.15 46.30 58.47
CA MET N 389 -28.38 45.32 57.76
C MET N 389 -29.08 44.87 56.50
N LEU N 390 -30.32 45.30 56.30
CA LEU N 390 -31.04 45.01 55.07
C LEU N 390 -31.26 46.24 54.19
N ASN N 391 -30.57 47.34 54.41
CA ASN N 391 -30.85 48.58 53.65
C ASN N 391 -30.54 48.36 52.20
N VAL N 392 -31.53 48.58 51.34
CA VAL N 392 -31.39 48.27 49.92
C VAL N 392 -30.43 49.21 49.18
N HIS N 393 -30.51 50.50 49.48
CA HIS N 393 -29.64 51.51 48.89
C HIS N 393 -28.18 51.30 49.29
N VAL N 394 -27.94 50.92 50.55
CA VAL N 394 -26.58 50.65 51.01
C VAL N 394 -26.06 49.40 50.29
N GLY N 395 -26.92 48.39 50.17
CA GLY N 395 -26.53 47.15 49.51
C GLY N 395 -26.13 47.39 48.05
N HIS N 396 -26.91 48.23 47.37
CA HIS N 396 -26.66 48.59 45.99
C HIS N 396 -25.33 49.26 45.85
N GLU N 397 -25.02 50.17 46.77
CA GLU N 397 -23.78 50.89 46.75
C GLU N 397 -22.60 49.98 47.05
N LEU N 398 -22.76 49.07 48.01
CA LEU N 398 -21.71 48.13 48.35
C LEU N 398 -21.37 47.17 47.22
N TYR N 399 -22.39 46.61 46.56
CA TYR N 399 -22.17 45.67 45.51
C TYR N 399 -21.58 46.36 44.29
N GLY N 400 -22.09 47.55 44.00
CA GLY N 400 -21.59 48.32 42.87
C GLY N 400 -20.14 48.69 43.06
N GLY N 401 -19.79 49.03 44.28
CA GLY N 401 -18.47 49.40 44.66
C GLY N 401 -17.47 48.28 44.51
N SER N 402 -17.90 47.05 44.75
CA SER N 402 -17.04 45.89 44.67
C SER N 402 -16.50 45.67 43.29
N PHE N 403 -17.25 46.06 42.27
CA PHE N 403 -16.78 45.96 40.90
C PHE N 403 -15.53 46.78 40.58
N PHE N 404 -15.27 47.82 41.38
CA PHE N 404 -14.13 48.75 41.21
C PHE N 404 -13.19 48.78 42.41
N GLY N 405 -13.44 47.95 43.42
CA GLY N 405 -12.65 47.96 44.65
C GLY N 405 -12.67 49.26 45.45
N LEU N 406 -13.81 49.93 45.50
CA LEU N 406 -13.96 51.16 46.30
C LEU N 406 -13.97 50.83 47.78
N ASP N 407 -13.63 51.81 48.62
CA ASP N 407 -13.70 51.59 50.07
C ASP N 407 -15.13 51.37 50.46
N PRO N 408 -15.43 50.26 51.19
CA PRO N 408 -16.84 50.12 51.54
C PRO N 408 -17.38 51.22 52.44
N ILE N 409 -18.68 51.46 52.32
CA ILE N 409 -19.34 52.51 53.06
C ILE N 409 -19.86 52.03 54.40
N VAL N 410 -19.59 50.78 54.76
CA VAL N 410 -19.95 50.29 56.07
C VAL N 410 -18.67 49.89 56.78
N PRO N 411 -18.65 49.95 58.13
CA PRO N 411 -17.35 49.63 58.74
C PRO N 411 -16.97 48.13 58.75
N SER N 412 -17.91 47.21 58.81
CA SER N 412 -17.54 45.80 58.77
C SER N 412 -18.42 45.00 57.82
N LEU N 413 -17.89 43.88 57.36
CA LEU N 413 -18.60 42.99 56.47
C LEU N 413 -18.83 41.64 57.12
N THR O 18 -61.16 86.25 31.00
CA THR O 18 -60.47 85.54 32.13
C THR O 18 -60.93 86.13 33.48
N ASP O 19 -62.06 86.85 33.48
CA ASP O 19 -62.55 87.44 34.69
C ASP O 19 -62.95 86.33 35.66
N ILE O 20 -63.68 85.34 35.13
CA ILE O 20 -64.14 84.19 35.93
C ILE O 20 -62.94 83.32 36.33
N ARG O 21 -61.99 83.18 35.41
CA ARG O 21 -60.81 82.40 35.65
C ARG O 21 -60.10 83.00 36.86
N SER O 22 -60.09 84.33 36.95
CA SER O 22 -59.43 84.98 38.06
C SER O 22 -60.16 84.74 39.36
N GLU O 23 -61.49 84.79 39.27
CA GLU O 23 -62.39 84.63 40.40
C GLU O 23 -62.27 83.24 41.00
N THR O 24 -62.25 82.24 40.13
CA THR O 24 -62.18 80.86 40.55
C THR O 24 -60.85 80.59 41.23
N ALA O 25 -59.79 81.18 40.69
CA ALA O 25 -58.47 81.06 41.31
C ALA O 25 -58.43 81.74 42.65
N GLU O 26 -59.10 82.87 42.78
CA GLU O 26 -59.09 83.60 44.05
C GLU O 26 -59.77 82.80 45.14
N LEU O 27 -60.87 82.16 44.79
CA LEU O 27 -61.63 81.38 45.75
C LEU O 27 -60.82 80.18 46.21
N ARG O 28 -60.17 79.53 45.27
CA ARG O 28 -59.37 78.36 45.59
C ARG O 28 -58.28 78.70 46.57
N ALA O 29 -57.61 79.82 46.37
CA ALA O 29 -56.57 80.25 47.28
C ALA O 29 -57.14 80.51 48.67
N GLU O 30 -58.31 81.13 48.73
CA GLU O 30 -58.95 81.41 49.99
C GLU O 30 -59.28 80.11 50.71
N LEU O 31 -59.79 79.13 49.97
CA LEU O 31 -60.13 77.84 50.56
C LEU O 31 -58.91 77.09 51.02
N VAL O 32 -57.82 77.20 50.28
CA VAL O 32 -56.59 76.56 50.69
C VAL O 32 -56.11 77.21 51.97
N GLU O 33 -56.24 78.53 52.08
CA GLU O 33 -55.85 79.20 53.30
C GLU O 33 -56.74 78.77 54.46
N ARG O 34 -58.02 78.50 54.21
CA ARG O 34 -58.89 77.98 55.28
C ARG O 34 -58.43 76.64 55.83
N VAL O 35 -57.98 75.78 54.94
CA VAL O 35 -57.43 74.49 55.33
C VAL O 35 -56.24 74.69 56.27
N HIS O 36 -55.37 75.63 55.96
CA HIS O 36 -54.23 75.91 56.83
C HIS O 36 -54.65 76.46 58.16
N LYS O 37 -55.69 77.27 58.17
CA LYS O 37 -56.20 77.85 59.38
C LYS O 37 -56.81 76.80 60.32
N PHE O 38 -57.62 75.92 59.77
CA PHE O 38 -58.29 74.91 60.56
C PHE O 38 -57.48 73.64 60.68
N GLY O 39 -56.37 73.55 59.98
CA GLY O 39 -55.56 72.36 59.96
C GLY O 39 -55.05 71.91 61.31
N PRO O 40 -54.58 72.84 62.14
CA PRO O 40 -54.13 72.43 63.48
C PRO O 40 -55.21 71.73 64.32
N VAL O 41 -56.49 72.04 64.12
CA VAL O 41 -57.59 71.36 64.83
C VAL O 41 -57.67 69.92 64.37
N PHE O 42 -57.68 69.73 63.06
CA PHE O 42 -57.74 68.38 62.49
C PHE O 42 -56.53 67.55 62.92
N ALA O 43 -55.36 68.15 62.90
CA ALA O 43 -54.15 67.46 63.33
C ALA O 43 -54.20 67.05 64.79
N ASP O 44 -54.77 67.91 65.61
CA ASP O 44 -54.91 67.67 67.01
C ASP O 44 -55.76 66.50 67.36
N GLY O 45 -56.74 66.20 66.53
CA GLY O 45 -57.65 65.11 66.76
C GLY O 45 -57.26 63.81 66.10
N VAL O 46 -56.04 63.70 65.57
CA VAL O 46 -55.61 62.51 64.89
C VAL O 46 -55.54 61.33 65.86
N ALA O 47 -54.99 61.53 67.04
CA ALA O 47 -54.84 60.44 67.98
C ALA O 47 -56.18 59.89 68.46
N GLU O 48 -57.13 60.77 68.74
CA GLU O 48 -58.44 60.33 69.15
C GLU O 48 -59.14 59.62 68.02
N GLY O 49 -59.02 60.13 66.82
CA GLY O 49 -59.67 59.54 65.67
C GLY O 49 -59.20 58.12 65.38
N GLU O 50 -57.90 57.92 65.54
CA GLU O 50 -57.27 56.63 65.34
C GLU O 50 -57.75 55.60 66.36
N ARG O 51 -57.88 56.06 67.58
CA ARG O 51 -58.33 55.32 68.74
C ARG O 51 -59.81 54.95 68.69
N GLU O 52 -60.66 55.90 68.29
CA GLU O 52 -62.10 55.70 68.28
C GLU O 52 -62.73 55.32 66.93
N ARG O 53 -61.97 55.40 65.85
CA ARG O 53 -62.48 55.09 64.50
C ARG O 53 -63.64 55.99 64.04
N ARG O 54 -63.59 57.25 64.44
CA ARG O 54 -64.57 58.25 64.02
C ARG O 54 -63.86 59.60 64.18
N LEU O 55 -64.36 60.63 63.54
CA LEU O 55 -63.76 61.95 63.65
C LEU O 55 -64.15 62.56 64.98
N PRO O 56 -63.20 63.20 65.69
CA PRO O 56 -63.59 63.89 66.94
C PRO O 56 -64.58 65.01 66.75
N ASP O 57 -65.28 65.38 67.81
CA ASP O 57 -66.25 66.48 67.72
C ASP O 57 -65.63 67.80 67.25
N ALA O 58 -64.41 68.09 67.69
CA ALA O 58 -63.79 69.34 67.30
C ALA O 58 -63.56 69.39 65.78
N THR O 59 -63.17 68.25 65.20
CA THR O 59 -62.94 68.14 63.77
C THR O 59 -64.22 68.36 62.99
N VAL O 60 -65.30 67.77 63.45
CA VAL O 60 -66.58 67.94 62.79
C VAL O 60 -67.00 69.39 62.86
N ARG O 61 -66.77 70.02 64.01
CA ARG O 61 -67.10 71.42 64.17
C ARG O 61 -66.33 72.26 63.19
N ALA O 62 -65.04 71.99 63.06
CA ALA O 62 -64.17 72.72 62.16
C ALA O 62 -64.60 72.53 60.71
N ILE O 63 -65.04 71.35 60.35
CA ILE O 63 -65.51 71.09 59.00
C ILE O 63 -66.74 71.94 58.73
N ASP O 64 -67.64 72.06 59.70
CA ASP O 64 -68.85 72.87 59.49
C ASP O 64 -68.55 74.37 59.43
N GLN O 65 -67.69 74.86 60.33
CA GLN O 65 -67.30 76.27 60.31
C GLN O 65 -66.52 76.68 59.07
N SER O 66 -65.58 75.84 58.62
CA SER O 66 -64.73 76.13 57.44
C SER O 66 -65.49 76.14 56.11
N GLN O 67 -66.66 75.50 56.13
CA GLN O 67 -67.50 75.32 54.94
C GLN O 67 -66.87 74.37 53.91
N LEU O 68 -65.89 73.57 54.31
CA LEU O 68 -65.19 72.67 53.39
C LEU O 68 -66.03 71.48 52.90
N ALA O 69 -67.12 71.21 53.58
CA ALA O 69 -68.13 70.28 53.09
C ALA O 69 -69.08 70.89 52.05
N MET O 70 -68.93 72.18 51.77
CA MET O 70 -69.89 72.91 50.95
C MET O 70 -69.39 73.29 49.56
N LEU O 71 -68.20 72.82 49.21
CA LEU O 71 -67.61 73.14 47.91
C LEU O 71 -68.47 72.68 46.74
N TRP O 72 -69.15 71.54 46.88
CA TRP O 72 -69.98 71.07 45.78
C TRP O 72 -71.47 71.19 46.06
N THR O 73 -71.82 72.11 46.94
CA THR O 73 -73.20 72.44 47.23
C THR O 73 -73.55 73.67 46.43
N ALA O 74 -74.77 73.71 45.90
CA ALA O 74 -75.22 74.83 45.06
C ALA O 74 -75.29 76.17 45.76
N LYS O 75 -74.99 77.23 45.02
CA LYS O 75 -75.05 78.60 45.49
C LYS O 75 -76.46 79.00 45.87
N SER O 76 -77.43 78.47 45.16
CA SER O 76 -78.81 78.76 45.43
C SER O 76 -79.20 78.32 46.85
N TYR O 77 -78.52 77.33 47.41
CA TYR O 77 -78.74 76.93 48.81
C TYR O 77 -77.72 77.47 49.82
N GLY O 78 -76.90 78.43 49.41
CA GLY O 78 -75.81 78.95 50.25
C GLY O 78 -74.49 78.18 50.19
N GLY O 79 -74.34 77.29 49.23
CA GLY O 79 -73.08 76.58 49.01
C GLY O 79 -72.05 77.38 48.21
N LEU O 80 -70.82 76.91 48.22
CA LEU O 80 -69.72 77.61 47.57
C LEU O 80 -69.64 77.31 46.06
N GLU O 81 -70.24 76.21 45.63
CA GLU O 81 -70.35 75.81 44.22
C GLU O 81 -69.06 76.02 43.39
N THR O 82 -68.01 75.28 43.71
CA THR O 82 -66.69 75.43 43.05
C THR O 82 -66.59 74.46 41.85
N ASP O 83 -65.38 74.02 41.54
CA ASP O 83 -65.17 73.10 40.45
C ASP O 83 -64.31 71.94 40.92
N VAL O 84 -64.01 71.03 40.04
CA VAL O 84 -63.25 69.85 40.42
C VAL O 84 -61.84 70.19 40.87
N ARG O 85 -61.20 71.09 40.16
CA ARG O 85 -59.85 71.44 40.47
C ARG O 85 -59.72 72.04 41.84
N THR O 86 -60.67 72.86 42.25
CA THR O 86 -60.59 73.48 43.56
C THR O 86 -60.74 72.44 44.65
N MET O 87 -61.67 71.52 44.46
CA MET O 87 -61.93 70.48 45.44
C MET O 87 -60.72 69.59 45.57
N SER O 88 -60.07 69.29 44.46
CA SER O 88 -58.86 68.52 44.44
C SER O 88 -57.72 69.18 45.19
N GLU O 89 -57.48 70.46 44.93
CA GLU O 89 -56.41 71.14 45.63
C GLU O 89 -56.69 71.23 47.12
N VAL O 90 -57.94 71.39 47.51
CA VAL O 90 -58.30 71.41 48.93
C VAL O 90 -58.04 70.07 49.61
N ALA O 91 -58.46 69.00 48.96
CA ALA O 91 -58.25 67.62 49.45
C ALA O 91 -56.77 67.28 49.65
N LYS O 92 -55.93 67.74 48.73
CA LYS O 92 -54.49 67.48 48.84
C LYS O 92 -53.90 68.12 50.07
N VAL O 93 -54.30 69.35 50.34
CA VAL O 93 -53.75 70.08 51.47
C VAL O 93 -54.32 69.53 52.77
N LEU O 94 -55.60 69.21 52.78
CA LEU O 94 -56.23 68.59 53.95
C LEU O 94 -55.52 67.35 54.45
N SER O 95 -55.13 66.48 53.52
CA SER O 95 -54.40 65.26 53.86
C SER O 95 -53.13 65.45 54.66
N HIS O 96 -52.48 66.61 54.54
CA HIS O 96 -51.29 66.87 55.33
C HIS O 96 -51.62 66.86 56.81
N TYR O 97 -52.80 67.30 57.17
CA TYR O 97 -53.17 67.44 58.56
C TYR O 97 -53.85 66.18 59.04
N CYS O 98 -54.81 65.68 58.28
CA CYS O 98 -55.50 64.42 58.64
C CYS O 98 -56.05 63.74 57.39
N PRO O 99 -55.42 62.64 56.94
CA PRO O 99 -55.94 61.99 55.72
C PRO O 99 -57.38 61.47 55.84
N SER O 100 -57.78 61.06 57.04
CA SER O 100 -59.17 60.65 57.28
C SER O 100 -60.19 61.78 57.12
N THR O 101 -59.88 62.97 57.66
CA THR O 101 -60.69 64.16 57.52
C THR O 101 -60.79 64.50 56.04
N SER O 102 -59.66 64.50 55.36
CA SER O 102 -59.64 64.76 53.93
C SER O 102 -60.54 63.80 53.20
N TRP O 103 -60.42 62.53 53.53
CA TRP O 103 -61.25 61.52 52.89
C TRP O 103 -62.73 61.75 53.14
N VAL O 104 -63.08 62.11 54.37
CA VAL O 104 -64.49 62.33 54.69
C VAL O 104 -65.02 63.55 53.95
N VAL O 105 -64.27 64.64 54.01
CA VAL O 105 -64.66 65.86 53.34
C VAL O 105 -64.86 65.60 51.84
N ASN O 106 -63.97 64.84 51.22
CA ASN O 106 -64.08 64.48 49.81
C ASN O 106 -65.35 63.68 49.55
N ASN O 107 -65.65 62.73 50.43
CA ASN O 107 -66.82 61.92 50.27
C ASN O 107 -68.09 62.77 50.40
N VAL O 108 -68.11 63.70 51.34
CA VAL O 108 -69.30 64.52 51.56
C VAL O 108 -69.63 65.39 50.33
N ASN O 109 -68.61 66.10 49.85
CA ASN O 109 -68.79 66.92 48.65
C ASN O 109 -69.24 66.08 47.50
N GLY O 110 -68.59 64.94 47.31
CA GLY O 110 -68.99 64.08 46.21
C GLY O 110 -70.41 63.57 46.35
N SER O 111 -70.81 63.25 47.57
CA SER O 111 -72.17 62.78 47.78
C SER O 111 -73.17 63.87 47.52
N ASN O 112 -72.83 65.08 47.95
CA ASN O 112 -73.68 66.22 47.72
C ASN O 112 -73.82 66.46 46.23
N LEU O 113 -72.76 66.27 45.46
CA LEU O 113 -72.84 66.47 44.03
C LEU O 113 -73.75 65.41 43.42
N LEU O 114 -73.68 64.19 43.93
CA LEU O 114 -74.52 63.09 43.43
C LEU O 114 -75.97 63.36 43.69
N ALA O 115 -76.25 64.07 44.77
CA ALA O 115 -77.62 64.40 45.15
C ALA O 115 -78.32 65.24 44.11
N SER O 116 -77.57 66.00 43.34
CA SER O 116 -78.16 66.84 42.32
C SER O 116 -78.89 66.11 41.20
N LYS O 117 -78.73 64.80 41.08
CA LYS O 117 -79.53 64.04 40.12
C LYS O 117 -80.95 63.82 40.59
N PHE O 118 -81.19 64.03 41.87
CA PHE O 118 -82.53 63.86 42.45
C PHE O 118 -83.43 65.06 42.11
N PRO O 119 -84.77 64.88 42.28
CA PRO O 119 -85.62 66.01 41.95
C PRO O 119 -85.45 67.19 42.87
N ARG O 120 -85.97 68.34 42.44
CA ARG O 120 -85.88 69.55 43.21
C ARG O 120 -86.53 69.41 44.57
N ALA O 121 -87.61 68.64 44.63
CA ALA O 121 -88.28 68.39 45.90
C ALA O 121 -87.35 67.77 46.94
N ALA O 122 -86.53 66.81 46.52
CA ALA O 122 -85.55 66.17 47.38
C ALA O 122 -84.45 67.14 47.78
N LEU O 123 -83.92 67.84 46.79
CA LEU O 123 -82.85 68.81 47.04
C LEU O 123 -83.25 69.91 48.01
N ASP O 124 -84.48 70.41 47.86
CA ASP O 124 -85.04 71.39 48.80
C ASP O 124 -85.15 70.78 50.19
N GLU O 125 -85.66 69.56 50.28
CA GLU O 125 -85.78 68.89 51.58
C GLU O 125 -84.41 68.71 52.27
N VAL O 126 -83.35 68.46 51.50
CA VAL O 126 -82.01 68.25 52.03
C VAL O 126 -81.29 69.57 52.37
N PHE O 127 -81.26 70.49 51.40
CA PHE O 127 -80.42 71.72 51.47
C PHE O 127 -81.18 73.03 51.78
N GLY O 128 -82.51 72.99 51.70
CA GLY O 128 -83.38 74.16 51.89
C GLY O 128 -83.13 75.00 53.14
N ASP O 129 -83.00 74.36 54.30
CA ASP O 129 -82.70 75.05 55.56
C ASP O 129 -81.36 74.62 56.13
N ALA O 130 -80.50 74.03 55.30
CA ALA O 130 -79.24 73.42 55.74
C ALA O 130 -78.20 73.60 54.64
N PRO O 131 -77.63 74.83 54.51
CA PRO O 131 -76.55 75.04 53.54
C PRO O 131 -75.34 74.10 53.75
N GLY O 132 -75.07 73.73 55.01
CA GLY O 132 -74.00 72.80 55.38
C GLY O 132 -74.41 71.35 55.50
N ALA O 133 -75.47 70.94 54.83
CA ALA O 133 -75.89 69.53 54.86
C ALA O 133 -74.78 68.62 54.34
N LYS O 134 -74.65 67.46 54.98
CA LYS O 134 -73.60 66.49 54.68
C LYS O 134 -74.17 65.12 54.35
N LEU O 135 -73.94 64.65 53.12
CA LEU O 135 -74.40 63.33 52.67
C LEU O 135 -73.30 62.26 52.66
N ALA O 136 -73.72 61.03 52.97
CA ALA O 136 -73.00 59.82 52.67
C ALA O 136 -73.52 59.27 51.35
N SER O 137 -72.79 58.31 50.80
CA SER O 137 -73.27 57.60 49.64
C SER O 137 -72.51 56.31 49.54
N VAL O 138 -73.26 55.21 49.41
CA VAL O 138 -72.68 53.90 49.27
C VAL O 138 -73.29 53.15 48.11
N PHE O 139 -72.43 52.75 47.19
CA PHE O 139 -72.77 52.01 45.97
C PHE O 139 -72.24 50.58 46.12
N ALA O 140 -71.63 50.31 47.28
CA ALA O 140 -70.99 49.04 47.66
C ALA O 140 -71.94 47.89 48.01
N ALA O 141 -73.24 48.14 48.03
CA ALA O 141 -74.22 47.10 48.27
C ALA O 141 -75.45 47.52 47.58
N ALA O 142 -76.31 46.54 47.45
CA ALA O 142 -77.63 46.78 47.08
C ALA O 142 -78.48 46.23 48.22
N GLY O 143 -79.60 46.89 48.39
CA GLY O 143 -80.58 46.55 49.36
C GLY O 143 -81.69 46.22 48.42
N THR O 144 -82.81 45.91 48.98
CA THR O 144 -83.88 45.48 48.16
C THR O 144 -85.06 46.39 48.49
N ALA O 145 -85.69 46.89 47.44
CA ALA O 145 -86.77 47.82 47.59
C ALA O 145 -87.99 47.34 46.84
N VAL O 146 -89.15 47.56 47.43
CA VAL O 146 -90.39 47.16 46.81
C VAL O 146 -91.37 48.31 46.84
N ARG O 147 -92.18 48.41 45.79
CA ARG O 147 -93.18 49.47 45.69
C ARG O 147 -94.26 49.37 46.75
N THR O 148 -94.60 50.52 47.29
CA THR O 148 -95.65 50.65 48.30
C THR O 148 -96.37 51.93 47.92
N PRO O 149 -97.61 52.18 48.43
CA PRO O 149 -98.23 53.42 47.98
C PRO O 149 -97.50 54.65 48.48
N GLY O 150 -97.23 55.55 47.54
CA GLY O 150 -96.51 56.79 47.79
C GLY O 150 -94.99 56.67 47.76
N GLY O 151 -94.48 55.48 47.50
CA GLY O 151 -93.04 55.29 47.49
C GLY O 151 -92.54 53.87 47.43
N TYR O 152 -91.61 53.58 48.34
CA TYR O 152 -90.97 52.27 48.41
C TYR O 152 -90.74 51.86 49.89
N ARG O 153 -90.58 50.55 50.07
CA ARG O 153 -90.14 49.99 51.34
C ARG O 153 -88.78 49.38 51.07
N LEU O 154 -87.79 49.79 51.85
CA LEU O 154 -86.37 49.48 51.59
C LEU O 154 -85.72 48.70 52.74
N THR O 155 -85.05 47.61 52.37
CA THR O 155 -84.31 46.80 53.33
C THR O 155 -82.93 46.53 52.75
N GLY O 156 -81.92 46.61 53.60
CA GLY O 156 -80.56 46.29 53.17
C GLY O 156 -79.49 46.55 54.20
N SER O 157 -78.27 46.19 53.83
CA SER O 157 -77.11 46.39 54.68
C SER O 157 -75.95 46.86 53.81
N TRP O 158 -75.51 48.10 54.05
CA TRP O 158 -74.54 48.78 53.16
C TRP O 158 -73.24 49.03 53.93
N PRO O 159 -72.16 48.26 53.65
CA PRO O 159 -70.85 48.52 54.27
C PRO O 159 -70.13 49.70 53.61
N TYR O 160 -68.99 50.08 54.20
CA TYR O 160 -68.16 51.21 53.71
C TYR O 160 -68.89 52.57 53.65
N GLY O 161 -69.61 52.90 54.70
CA GLY O 161 -70.38 54.14 54.72
C GLY O 161 -69.52 55.25 55.28
N THR O 162 -68.62 55.79 54.47
CA THR O 162 -67.73 56.85 54.94
C THR O 162 -68.49 58.02 55.55
N GLY O 163 -68.03 58.39 56.73
CA GLY O 163 -68.54 59.53 57.49
C GLY O 163 -70.00 59.49 57.91
N ILE O 164 -70.62 58.31 57.91
CA ILE O 164 -72.06 58.16 58.14
C ILE O 164 -72.47 58.60 59.54
N LEU O 165 -71.58 58.43 60.51
CA LEU O 165 -71.83 58.90 61.86
C LEU O 165 -72.09 60.39 61.97
N HIS O 166 -71.53 61.22 61.08
CA HIS O 166 -71.74 62.67 61.13
C HIS O 166 -72.66 63.18 60.05
N ASP O 167 -73.25 62.28 59.26
CA ASP O 167 -73.96 62.70 58.06
C ASP O 167 -75.46 62.87 58.34
N ASP O 168 -76.07 63.76 57.57
CA ASP O 168 -77.48 64.11 57.74
C ASP O 168 -78.35 63.22 56.88
N TRP O 169 -77.84 62.81 55.72
CA TRP O 169 -78.56 61.95 54.77
C TRP O 169 -77.57 60.95 54.15
N ALA O 170 -78.12 59.93 53.48
CA ALA O 170 -77.32 58.91 52.80
C ALA O 170 -77.97 58.57 51.49
N ILE O 171 -77.15 58.46 50.43
CA ILE O 171 -77.60 57.95 49.14
C ILE O 171 -77.20 56.49 49.09
N LEU O 172 -78.19 55.63 48.98
CA LEU O 172 -77.96 54.20 48.96
C LEU O 172 -78.51 53.56 47.69
N VAL O 173 -77.75 52.62 47.15
CA VAL O 173 -78.14 51.89 45.96
C VAL O 173 -78.99 50.68 46.34
N ALA O 174 -79.99 50.39 45.52
CA ALA O 174 -80.84 49.24 45.77
C ALA O 174 -81.39 48.63 44.53
N ARG O 175 -81.90 47.43 44.67
CA ARG O 175 -82.53 46.76 43.56
C ARG O 175 -83.99 46.74 43.83
N GLU O 176 -84.78 47.22 42.89
CA GLU O 176 -86.23 47.11 43.01
C GLU O 176 -86.66 45.69 42.68
N VAL O 177 -87.65 45.20 43.42
CA VAL O 177 -88.19 43.87 43.19
C VAL O 177 -89.70 43.94 43.28
N ASP O 178 -90.36 42.96 42.70
CA ASP O 178 -91.83 42.93 42.74
C ASP O 178 -92.32 42.10 43.93
N ALA O 179 -93.61 41.88 43.98
CA ALA O 179 -94.23 41.10 45.04
C ALA O 179 -93.69 39.68 45.03
N ASP O 180 -93.46 39.16 43.83
CA ASP O 180 -92.88 37.84 43.69
C ASP O 180 -91.44 37.83 44.19
N GLY O 181 -90.77 38.97 44.12
CA GLY O 181 -89.39 39.06 44.56
C GLY O 181 -88.42 38.99 43.40
N GLU O 182 -88.96 39.10 42.19
CA GLU O 182 -88.17 39.12 40.98
C GLU O 182 -87.58 40.50 40.75
N PRO O 183 -86.37 40.58 40.19
CA PRO O 183 -85.76 41.89 39.95
C PRO O 183 -86.48 42.76 38.92
N VAL O 184 -86.67 44.03 39.23
CA VAL O 184 -87.31 44.97 38.31
C VAL O 184 -86.33 45.95 37.73
N GLY O 185 -85.50 46.55 38.57
CA GLY O 185 -84.55 47.53 38.08
C GLY O 185 -83.68 48.04 39.21
N GLY O 186 -82.78 48.96 38.88
CA GLY O 186 -81.87 49.54 39.86
C GLY O 186 -82.40 50.87 40.37
N LEU O 187 -82.14 51.17 41.64
CA LEU O 187 -82.57 52.44 42.21
C LEU O 187 -81.51 53.16 43.01
N SER O 188 -81.65 54.47 43.12
CA SER O 188 -80.85 55.24 44.03
C SER O 188 -81.79 55.93 44.99
N MET O 189 -81.52 55.81 46.28
CA MET O 189 -82.46 56.30 47.29
C MET O 189 -81.85 57.19 48.31
N LEU O 190 -82.56 58.26 48.59
CA LEU O 190 -82.05 59.25 49.52
C LEU O 190 -82.79 59.10 50.83
N VAL O 191 -82.08 58.78 51.91
CA VAL O 191 -82.73 58.54 53.17
C VAL O 191 -82.01 59.27 54.30
N PRO O 192 -82.79 59.83 55.22
CA PRO O 192 -82.28 60.65 56.31
C PRO O 192 -81.70 59.86 57.48
N ALA O 193 -80.93 60.56 58.29
CA ALA O 193 -80.26 59.97 59.43
C ALA O 193 -81.23 59.39 60.43
N ARG O 194 -82.37 60.04 60.60
CA ARG O 194 -83.40 59.59 61.53
C ARG O 194 -83.91 58.20 61.16
N ASP O 195 -83.94 57.88 59.87
CA ASP O 195 -84.37 56.58 59.43
C ASP O 195 -83.29 55.52 59.39
N LEU O 196 -82.04 55.88 59.62
CA LEU O 196 -80.92 54.92 59.52
C LEU O 196 -80.49 54.37 60.85
N THR O 197 -79.82 53.24 60.78
CA THR O 197 -79.15 52.65 61.90
C THR O 197 -77.73 52.39 61.45
N VAL O 198 -76.78 52.59 62.34
CA VAL O 198 -75.40 52.36 62.00
C VAL O 198 -74.85 51.24 62.85
N GLU O 199 -74.18 50.32 62.18
CA GLU O 199 -73.62 49.17 62.82
C GLU O 199 -72.11 49.32 62.82
N ASP O 200 -71.47 48.97 63.91
CA ASP O 200 -70.05 49.16 64.03
C ASP O 200 -69.27 48.04 63.36
N THR O 201 -68.82 48.29 62.15
CA THR O 201 -68.09 47.28 61.41
C THR O 201 -66.76 47.72 60.86
N TRP O 202 -66.36 48.97 61.07
CA TRP O 202 -65.15 49.48 60.47
C TRP O 202 -63.95 49.24 61.40
N HIS O 203 -63.23 48.16 61.13
CA HIS O 203 -62.04 47.81 61.88
C HIS O 203 -60.90 47.60 60.92
N THR O 204 -60.10 48.63 60.76
CA THR O 204 -59.05 48.62 59.73
C THR O 204 -57.78 49.15 60.27
N VAL O 205 -56.71 48.99 59.50
CA VAL O 205 -55.40 49.46 59.92
C VAL O 205 -55.04 50.80 59.26
N GLY O 206 -55.96 51.36 58.50
CA GLY O 206 -55.74 52.66 57.88
C GLY O 206 -57.07 53.34 57.65
N MET O 207 -57.05 54.66 57.55
CA MET O 207 -58.24 55.48 57.39
C MET O 207 -59.25 55.16 58.49
N ARG O 208 -58.78 54.93 59.70
CA ARG O 208 -59.63 54.54 60.81
C ARG O 208 -60.69 55.57 61.18
N ALA O 209 -60.33 56.85 61.23
CA ALA O 209 -61.27 57.89 61.65
C ALA O 209 -62.35 58.19 60.61
N THR O 210 -62.24 57.62 59.43
CA THR O 210 -63.28 57.82 58.42
C THR O 210 -64.59 57.22 58.83
N GLY O 211 -64.60 56.29 59.78
CA GLY O 211 -65.83 55.70 60.27
C GLY O 211 -66.72 55.11 59.22
N SER O 212 -66.14 54.34 58.31
CA SER O 212 -66.85 53.75 57.20
C SER O 212 -67.59 52.50 57.61
N HIS O 213 -68.60 52.72 58.44
CA HIS O 213 -69.38 51.67 59.10
C HIS O 213 -70.50 51.16 58.20
N THR O 214 -71.30 50.23 58.69
CA THR O 214 -72.38 49.63 57.90
C THR O 214 -73.70 50.31 58.22
N VAL O 215 -74.40 50.72 57.18
CA VAL O 215 -75.73 51.29 57.28
C VAL O 215 -76.74 50.16 57.15
N VAL O 216 -77.67 50.10 58.10
CA VAL O 216 -78.68 49.07 58.13
C VAL O 216 -80.09 49.63 58.06
N LEU O 217 -80.91 49.06 57.19
CA LEU O 217 -82.29 49.49 57.02
C LEU O 217 -83.19 48.29 57.03
N ARG O 218 -84.31 48.39 57.72
CA ARG O 218 -85.25 47.31 57.69
C ARG O 218 -86.67 47.81 57.46
N ASP O 219 -87.23 47.45 56.30
CA ASP O 219 -88.57 47.83 55.93
C ASP O 219 -88.83 49.34 56.06
N THR O 220 -87.86 50.13 55.66
CA THR O 220 -87.91 51.57 55.80
C THR O 220 -88.65 52.22 54.66
N PHE O 221 -89.53 53.15 54.98
CA PHE O 221 -90.29 53.84 53.96
C PHE O 221 -89.49 54.96 53.36
N VAL O 222 -89.46 55.00 52.04
CA VAL O 222 -88.79 56.08 51.33
C VAL O 222 -89.78 56.63 50.32
N PRO O 223 -90.07 57.95 50.38
CA PRO O 223 -91.03 58.42 49.41
C PRO O 223 -90.48 58.54 48.00
N GLU O 224 -91.40 58.59 47.06
CA GLU O 224 -91.13 58.61 45.64
C GLU O 224 -90.19 59.72 45.19
N HIS O 225 -90.34 60.92 45.73
CA HIS O 225 -89.52 62.05 45.31
C HIS O 225 -88.05 61.92 45.75
N ARG O 226 -87.76 60.98 46.64
CA ARG O 226 -86.40 60.74 47.09
C ARG O 226 -85.84 59.43 46.50
N VAL O 227 -86.34 59.03 45.35
CA VAL O 227 -85.91 57.79 44.70
C VAL O 227 -85.77 58.08 43.22
N ILE O 228 -84.65 57.72 42.62
CA ILE O 228 -84.48 57.83 41.16
C ILE O 228 -83.96 56.52 40.66
N SER O 229 -84.01 56.34 39.34
CA SER O 229 -83.48 55.12 38.75
C SER O 229 -82.00 55.17 38.86
N GLY O 230 -81.39 54.00 38.89
CA GLY O 230 -79.96 53.86 38.88
C GLY O 230 -79.43 54.50 37.60
N GLU O 231 -80.18 54.37 36.51
CA GLU O 231 -79.79 54.97 35.25
C GLU O 231 -79.68 56.49 35.35
N LEU O 232 -80.62 57.13 36.04
CA LEU O 232 -80.61 58.57 36.20
C LEU O 232 -79.48 59.02 37.12
N GLN O 233 -79.17 58.24 38.13
CA GLN O 233 -78.10 58.53 39.07
C GLN O 233 -76.73 58.56 38.42
N ARG O 234 -76.51 57.71 37.42
CA ARG O 234 -75.23 57.67 36.73
C ARG O 234 -75.22 58.50 35.48
N SER O 235 -76.31 59.21 35.19
CA SER O 235 -76.48 59.89 33.90
C SER O 235 -75.53 61.07 33.74
N ARG O 236 -75.13 61.31 32.49
CA ARG O 236 -74.32 62.46 32.14
C ARG O 236 -75.05 63.34 31.13
N GLU O 237 -76.37 63.26 31.09
CA GLU O 237 -77.17 64.11 30.19
C GLU O 237 -77.11 65.59 30.54
N SER O 238 -76.80 65.93 31.78
CA SER O 238 -76.72 67.32 32.19
C SER O 238 -75.46 68.01 31.70
N ALA O 239 -74.58 67.27 31.04
CA ALA O 239 -73.34 67.83 30.53
C ALA O 239 -73.56 68.98 29.57
N THR O 240 -74.60 68.94 28.77
CA THR O 240 -74.89 69.98 27.80
C THR O 240 -76.01 70.97 28.18
N ASP O 241 -76.52 70.88 29.40
CA ASP O 241 -77.65 71.70 29.83
C ASP O 241 -77.17 73.11 30.26
N LEU O 242 -77.41 74.09 29.38
CA LEU O 242 -77.02 75.49 29.65
C LEU O 242 -77.81 76.13 30.80
N GLY O 243 -78.97 75.57 31.13
CA GLY O 243 -79.78 76.02 32.27
C GLY O 243 -79.15 75.76 33.62
N LEU O 244 -78.34 74.72 33.73
CA LEU O 244 -77.64 74.39 34.98
C LEU O 244 -76.36 75.17 35.16
N PRO O 245 -75.96 75.46 36.41
CA PRO O 245 -74.62 76.01 36.56
C PRO O 245 -73.54 75.01 36.16
N PRO O 246 -72.29 75.48 35.85
CA PRO O 246 -71.32 74.49 35.37
C PRO O 246 -71.01 73.30 36.25
N LEU O 247 -70.97 73.45 37.57
CA LEU O 247 -70.69 72.32 38.44
C LEU O 247 -71.65 71.16 38.25
N PHE O 248 -72.91 71.44 37.99
CA PHE O 248 -73.89 70.39 37.84
C PHE O 248 -73.90 69.78 36.45
N ARG O 249 -73.06 70.28 35.57
CA ARG O 249 -72.86 69.69 34.28
C ARG O 249 -71.72 68.66 34.30
N THR O 250 -70.91 68.68 35.36
CA THR O 250 -69.72 67.87 35.53
C THR O 250 -70.06 66.39 35.56
N ALA O 251 -69.18 65.58 35.00
CA ALA O 251 -69.32 64.12 35.10
C ALA O 251 -69.04 63.71 36.55
N ALA O 252 -70.09 63.42 37.30
CA ALA O 252 -69.99 63.41 38.76
C ALA O 252 -69.14 62.29 39.33
N ILE O 253 -69.34 61.09 38.79
CA ILE O 253 -68.65 59.91 39.27
C ILE O 253 -67.16 60.01 38.98
N ALA O 254 -66.82 60.51 37.81
CA ALA O 254 -65.43 60.72 37.48
C ALA O 254 -64.84 61.79 38.39
N ALA O 255 -65.60 62.82 38.69
CA ALA O 255 -65.10 63.91 39.54
C ALA O 255 -64.80 63.42 40.92
N MET O 256 -65.66 62.54 41.42
CA MET O 256 -65.50 61.98 42.74
C MET O 256 -64.23 61.14 42.83
N ALA O 257 -63.98 60.36 41.79
CA ALA O 257 -62.78 59.56 41.72
C ALA O 257 -61.51 60.42 41.68
N VAL O 258 -61.55 61.53 40.97
CA VAL O 258 -60.42 62.43 40.92
C VAL O 258 -60.10 63.03 42.30
N VAL O 259 -61.11 63.39 43.08
CA VAL O 259 -60.84 63.96 44.42
C VAL O 259 -60.45 62.87 45.42
N CYS O 260 -60.92 61.64 45.24
CA CYS O 260 -60.46 60.53 46.09
C CYS O 260 -58.95 60.30 45.87
N ALA O 261 -58.55 60.31 44.61
CA ALA O 261 -57.14 60.24 44.27
C ALA O 261 -56.36 61.40 44.89
N SER O 262 -56.96 62.58 44.92
CA SER O 262 -56.28 63.77 45.52
C SER O 262 -55.99 63.58 46.99
N VAL O 263 -56.88 62.91 47.70
CA VAL O 263 -56.68 62.61 49.13
C VAL O 263 -55.43 61.79 49.28
N VAL O 264 -55.34 60.73 48.49
CA VAL O 264 -54.17 59.85 48.52
C VAL O 264 -52.89 60.61 48.15
N LEU O 265 -52.98 61.35 47.05
CA LEU O 265 -51.86 62.13 46.56
C LEU O 265 -51.31 63.07 47.64
N GLY O 266 -52.20 63.82 48.25
CA GLY O 266 -51.81 64.75 49.31
C GLY O 266 -51.06 64.10 50.46
N ALA O 267 -51.47 62.88 50.85
CA ALA O 267 -50.79 62.16 51.91
C ALA O 267 -49.37 61.80 51.49
N GLY O 268 -49.23 61.43 50.23
CA GLY O 268 -47.93 61.14 49.64
C GLY O 268 -47.03 62.35 49.63
N GLN O 269 -47.61 63.48 49.25
CA GLN O 269 -46.83 64.72 49.27
C GLN O 269 -46.43 65.12 50.67
N ALA O 270 -47.30 64.90 51.65
CA ALA O 270 -46.93 65.18 53.04
C ALA O 270 -45.77 64.30 53.52
N ALA O 271 -45.83 63.04 53.12
CA ALA O 271 -44.77 62.07 53.38
C ALA O 271 -43.46 62.56 52.80
N ARG O 272 -43.49 63.02 51.56
CA ARG O 272 -42.27 63.52 50.91
C ARG O 272 -41.70 64.71 51.68
N ALA O 273 -42.55 65.68 52.00
CA ALA O 273 -42.10 66.86 52.75
C ALA O 273 -41.46 66.49 54.08
N LEU O 274 -42.02 65.49 54.76
CA LEU O 274 -41.47 65.01 56.03
C LEU O 274 -40.08 64.37 55.92
N VAL O 275 -39.91 63.49 54.94
CA VAL O 275 -38.60 62.89 54.67
C VAL O 275 -37.57 63.97 54.33
N VAL O 276 -37.95 64.98 53.56
CA VAL O 276 -37.07 66.11 53.25
C VAL O 276 -36.70 66.91 54.50
N GLU O 277 -37.69 67.15 55.34
CA GLU O 277 -37.52 67.86 56.58
C GLU O 277 -36.54 67.20 57.53
N LYS O 278 -36.62 65.89 57.65
CA LYS O 278 -35.80 65.13 58.58
C LYS O 278 -34.45 64.65 58.10
N ALA O 279 -34.20 64.70 56.80
CA ALA O 279 -32.99 64.10 56.23
C ALA O 279 -31.71 64.74 56.69
N PRO O 280 -31.69 66.08 56.93
CA PRO O 280 -30.40 66.61 57.38
C PRO O 280 -30.00 66.24 58.78
N THR O 281 -30.93 65.76 59.61
CA THR O 281 -30.56 65.39 60.97
C THR O 281 -30.54 63.90 61.31
N ARG O 282 -30.61 63.03 60.32
CA ARG O 282 -30.52 61.58 60.58
C ARG O 282 -29.51 61.03 59.63
N GLY O 283 -29.07 59.81 59.93
CA GLY O 283 -28.14 59.06 59.10
C GLY O 283 -28.76 57.84 58.48
N ILE O 284 -27.93 57.09 57.78
CA ILE O 284 -28.31 55.84 57.13
C ILE O 284 -27.46 54.74 57.74
N ALA O 285 -28.06 54.05 58.70
CA ALA O 285 -27.36 52.95 59.34
C ALA O 285 -27.25 51.77 58.43
N PRO O 286 -26.10 51.06 58.51
CA PRO O 286 -24.93 51.28 59.38
C PRO O 286 -23.80 51.92 58.62
N SER O 287 -24.14 52.77 57.66
CA SER O 287 -23.13 53.29 56.75
C SER O 287 -22.34 54.40 57.42
N LYS O 288 -21.31 54.86 56.73
CA LYS O 288 -20.56 56.03 57.11
C LYS O 288 -21.36 57.35 56.95
N TYR O 289 -22.50 57.33 56.25
CA TYR O 289 -23.33 58.51 56.07
C TYR O 289 -24.10 58.85 57.34
N THR O 290 -23.53 59.72 58.17
CA THR O 290 -24.18 60.14 59.43
C THR O 290 -25.32 61.15 59.16
N ARG O 291 -25.29 61.79 58.00
CA ARG O 291 -26.36 62.66 57.52
C ARG O 291 -26.88 62.10 56.21
N GLN O 292 -28.21 61.97 56.07
CA GLN O 292 -28.80 61.38 54.86
C GLN O 292 -28.45 62.16 53.58
N THR O 293 -28.38 63.48 53.75
CA THR O 293 -28.08 64.42 52.66
C THR O 293 -26.65 64.31 52.16
N ASP O 294 -25.77 63.70 52.96
CA ASP O 294 -24.40 63.42 52.51
C ASP O 294 -24.30 62.30 51.51
N SER O 295 -25.32 61.45 51.45
CA SER O 295 -25.32 60.35 50.54
C SER O 295 -25.97 60.73 49.23
N ARG O 296 -25.18 60.67 48.17
CA ARG O 296 -25.68 60.99 46.86
C ARG O 296 -26.67 59.96 46.35
N THR O 297 -26.53 58.71 46.77
CA THR O 297 -27.49 57.69 46.40
C THR O 297 -28.84 58.06 46.99
N PHE O 298 -28.84 58.52 48.23
CA PHE O 298 -30.06 58.96 48.90
C PHE O 298 -30.67 60.17 48.21
N VAL O 299 -29.84 61.15 47.88
CA VAL O 299 -30.33 62.36 47.28
C VAL O 299 -30.93 62.11 45.89
N SER O 300 -30.23 61.35 45.06
CA SER O 300 -30.73 61.06 43.72
C SER O 300 -31.97 60.16 43.76
N SER O 301 -32.04 59.25 44.71
CA SER O 301 -33.21 58.43 44.85
C SER O 301 -34.41 59.24 45.21
N LEU O 302 -34.21 60.20 46.09
CA LEU O 302 -35.28 61.06 46.53
C LEU O 302 -35.78 61.93 45.40
N GLY O 303 -34.88 62.35 44.52
CA GLY O 303 -35.26 63.10 43.36
C GLY O 303 -36.16 62.30 42.47
N ARG O 304 -35.82 61.04 42.29
CA ARG O 304 -36.63 60.17 41.47
C ARG O 304 -38.01 59.95 42.06
N THR O 305 -38.08 59.72 43.36
CA THR O 305 -39.31 59.46 44.03
C THR O 305 -40.18 60.68 43.96
N ALA O 306 -39.57 61.83 44.15
CA ALA O 306 -40.27 63.07 44.06
C ALA O 306 -40.86 63.27 42.68
N LEU O 307 -40.10 62.96 41.61
CA LEU O 307 -40.67 63.05 40.26
C LEU O 307 -41.84 62.10 40.01
N SER O 308 -41.85 60.89 40.58
CA SER O 308 -43.07 60.04 40.44
C SER O 308 -44.27 60.68 41.08
N ILE O 309 -44.09 61.23 42.28
CA ILE O 309 -45.19 61.93 42.97
C ILE O 309 -45.65 63.15 42.14
N ASP O 310 -44.69 63.88 41.56
CA ASP O 310 -45.00 64.99 40.64
C ASP O 310 -45.83 64.51 39.45
N ALA O 311 -45.50 63.36 38.90
CA ALA O 311 -46.29 62.79 37.83
C ALA O 311 -47.69 62.46 38.28
N ALA O 312 -47.83 61.92 39.47
CA ALA O 312 -49.15 61.59 39.99
C ALA O 312 -49.98 62.84 40.12
N GLU O 313 -49.34 63.91 40.58
CA GLU O 313 -50.01 65.19 40.72
C GLU O 313 -50.53 65.72 39.38
N MET O 314 -49.71 65.59 38.34
CA MET O 314 -50.10 66.02 37.01
C MET O 314 -51.23 65.20 36.44
N HIS O 315 -51.23 63.89 36.67
CA HIS O 315 -52.32 63.02 36.21
C HIS O 315 -53.63 63.47 36.83
N VAL O 316 -53.59 63.80 38.11
CA VAL O 316 -54.76 64.23 38.82
C VAL O 316 -55.23 65.58 38.32
N ALA O 317 -54.30 66.51 38.16
CA ALA O 317 -54.63 67.84 37.67
C ALA O 317 -55.17 67.78 36.25
N ARG O 318 -54.60 66.96 35.39
CA ARG O 318 -55.06 66.86 34.01
C ARG O 318 -56.49 66.40 33.98
N ALA O 319 -56.81 65.41 34.78
CA ALA O 319 -58.18 64.88 34.80
C ALA O 319 -59.15 65.91 35.34
N ALA O 320 -58.75 66.57 36.40
CA ALA O 320 -59.59 67.64 36.95
C ALA O 320 -59.89 68.73 35.91
N THR O 321 -58.85 69.12 35.18
CA THR O 321 -58.98 70.14 34.14
C THR O 321 -59.85 69.69 33.00
N ALA O 322 -59.71 68.45 32.57
CA ALA O 322 -60.56 67.95 31.51
C ALA O 322 -62.04 68.02 31.94
N LEU O 323 -62.32 67.63 33.18
CA LEU O 323 -63.67 67.64 33.69
C LEU O 323 -64.23 69.04 33.81
N ASP O 324 -63.45 69.98 34.31
CA ASP O 324 -63.87 71.37 34.41
C ASP O 324 -64.03 72.06 33.08
N ASP O 325 -63.13 71.82 32.15
CA ASP O 325 -63.23 72.47 30.84
C ASP O 325 -64.51 72.04 30.16
N ALA O 326 -64.86 70.78 30.27
CA ALA O 326 -66.07 70.28 29.64
C ALA O 326 -67.31 70.87 30.30
N ALA O 327 -67.31 70.98 31.61
CA ALA O 327 -68.46 71.55 32.31
C ALA O 327 -68.66 73.03 31.98
N TYR O 328 -67.57 73.78 31.92
CA TYR O 328 -67.63 75.19 31.60
C TYR O 328 -68.09 75.42 30.17
N ASP O 329 -67.66 74.58 29.24
CA ASP O 329 -68.05 74.72 27.85
C ASP O 329 -69.37 74.07 27.56
N ALA O 330 -69.95 73.40 28.55
CA ALA O 330 -71.20 72.67 28.32
C ALA O 330 -71.13 71.63 27.21
N VAL O 331 -69.98 70.97 27.07
CA VAL O 331 -69.84 69.83 26.16
C VAL O 331 -69.79 68.51 26.96
N ALA O 332 -70.27 67.46 26.31
CA ALA O 332 -70.18 66.09 26.83
C ALA O 332 -68.77 65.58 26.57
N LEU O 333 -68.17 65.00 27.61
CA LEU O 333 -66.94 64.26 27.46
C LEU O 333 -67.25 62.98 26.75
N PRO O 334 -66.51 62.65 25.66
CA PRO O 334 -66.73 61.35 25.04
C PRO O 334 -66.21 60.24 25.96
N ASP O 335 -66.64 59.02 25.68
CA ASP O 335 -66.23 57.87 26.49
C ASP O 335 -64.75 57.73 26.59
N SER O 336 -64.03 57.98 25.50
CA SER O 336 -62.59 57.84 25.51
C SER O 336 -61.92 58.75 26.51
N GLU O 337 -62.46 59.94 26.68
CA GLU O 337 -61.88 60.87 27.65
C GLU O 337 -62.13 60.40 29.09
N LEU O 338 -63.31 59.84 29.35
CA LEU O 338 -63.64 59.32 30.67
C LEU O 338 -62.83 58.08 31.02
N LEU O 339 -62.57 57.25 30.03
CA LEU O 339 -61.78 56.05 30.21
C LEU O 339 -60.35 56.42 30.54
N ARG O 340 -59.86 57.49 29.91
CA ARG O 340 -58.55 58.00 30.21
C ARG O 340 -58.48 58.54 31.63
N ILE O 341 -59.53 59.21 32.10
CA ILE O 341 -59.55 59.76 33.45
C ILE O 341 -59.47 58.62 34.45
N ARG O 342 -60.16 57.52 34.16
CA ARG O 342 -60.13 56.36 35.05
C ARG O 342 -58.72 55.78 35.15
N GLY O 343 -58.02 55.76 34.02
CA GLY O 343 -56.65 55.36 33.98
C GLY O 343 -55.73 56.31 34.73
N ASP O 344 -55.94 57.62 34.59
CA ASP O 344 -55.12 58.60 35.29
C ASP O 344 -55.20 58.46 36.79
N VAL O 345 -56.39 58.25 37.32
CA VAL O 345 -56.56 58.20 38.79
C VAL O 345 -55.95 56.96 39.41
N GLY O 346 -56.12 55.82 38.77
CA GLY O 346 -55.51 54.59 39.26
C GLY O 346 -54.00 54.66 39.15
N GLN O 347 -53.54 55.21 38.06
CA GLN O 347 -52.12 55.39 37.87
C GLN O 347 -51.53 56.36 38.88
N ALA O 348 -52.21 57.45 39.18
CA ALA O 348 -51.68 58.40 40.17
C ALA O 348 -51.54 57.75 41.54
N VAL O 349 -52.57 57.03 41.98
CA VAL O 349 -52.52 56.45 43.34
C VAL O 349 -51.53 55.31 43.42
N SER O 350 -51.37 54.61 42.32
CA SER O 350 -50.36 53.56 42.22
C SER O 350 -48.92 54.10 42.31
N LEU O 351 -48.71 55.20 41.63
CA LEU O 351 -47.48 55.93 41.71
C LEU O 351 -47.23 56.39 43.15
N VAL O 352 -48.26 56.87 43.84
CA VAL O 352 -48.12 57.32 45.23
C VAL O 352 -47.81 56.18 46.19
N THR O 353 -48.45 55.02 46.05
CA THR O 353 -48.13 53.90 46.93
C THR O 353 -46.74 53.37 46.72
N THR O 354 -46.25 53.34 45.48
CA THR O 354 -44.90 52.90 45.21
C THR O 354 -43.94 53.92 45.79
N ALA O 355 -44.25 55.19 45.66
CA ALA O 355 -43.39 56.24 46.18
C ALA O 355 -43.31 56.23 47.72
N LEU O 356 -44.40 55.86 48.37
CA LEU O 356 -44.40 55.74 49.82
C LEU O 356 -43.48 54.65 50.28
N ASP O 357 -43.43 53.54 49.54
CA ASP O 357 -42.54 52.43 49.85
C ASP O 357 -41.11 52.92 49.74
N GLU O 358 -40.86 53.73 48.74
CA GLU O 358 -39.57 54.36 48.54
C GLU O 358 -39.21 55.33 49.66
N LEU O 359 -40.17 56.08 50.16
CA LEU O 359 -39.90 57.04 51.23
C LEU O 359 -39.56 56.34 52.55
N LEU O 360 -40.14 55.17 52.80
CA LEU O 360 -39.79 54.39 53.97
C LEU O 360 -38.38 53.88 53.88
N TRP O 361 -37.95 53.49 52.68
CA TRP O 361 -36.57 53.08 52.48
C TRP O 361 -35.64 54.24 52.74
N ALA O 362 -36.05 55.43 52.35
CA ALA O 362 -35.24 56.60 52.58
C ALA O 362 -35.13 56.95 54.06
N HIS O 363 -36.27 56.96 54.74
CA HIS O 363 -36.32 57.38 56.12
C HIS O 363 -35.76 56.36 57.11
N GLY O 364 -36.04 55.09 56.90
CA GLY O 364 -35.50 54.04 57.76
C GLY O 364 -36.53 53.43 58.68
N ALA O 365 -36.03 52.64 59.61
CA ALA O 365 -36.88 51.89 60.56
C ALA O 365 -37.71 52.77 61.46
N ALA O 366 -37.23 53.97 61.76
CA ALA O 366 -37.93 54.93 62.58
C ALA O 366 -39.27 55.34 62.02
N SER O 367 -39.45 55.15 60.73
CA SER O 367 -40.69 55.53 60.10
C SER O 367 -41.88 54.72 60.59
N PHE O 368 -41.63 53.56 61.18
CA PHE O 368 -42.73 52.70 61.64
C PHE O 368 -43.09 52.92 63.10
N ALA O 369 -42.46 53.88 63.77
CA ALA O 369 -42.85 54.18 65.13
C ALA O 369 -44.23 54.83 65.16
N GLU O 370 -45.01 54.57 66.19
CA GLU O 370 -46.34 55.18 66.33
C GLU O 370 -46.26 56.69 66.43
N SER O 371 -45.17 57.20 66.98
CA SER O 371 -44.99 58.63 67.05
C SER O 371 -44.64 59.30 65.72
N ASN O 372 -44.28 58.54 64.69
CA ASN O 372 -43.85 59.13 63.42
C ASN O 372 -45.03 59.29 62.44
N PRO O 373 -45.29 60.51 61.96
CA PRO O 373 -46.41 60.68 61.00
C PRO O 373 -46.22 59.94 59.66
N LEU O 374 -45.00 59.52 59.36
CA LEU O 374 -44.75 58.85 58.11
C LEU O 374 -45.53 57.56 57.94
N GLN O 375 -45.62 56.74 58.98
CA GLN O 375 -46.40 55.52 58.89
C GLN O 375 -47.91 55.77 58.80
N ARG O 376 -48.37 56.90 59.33
CA ARG O 376 -49.77 57.29 59.21
C ARG O 376 -50.14 57.59 57.78
N TYR O 377 -49.29 58.37 57.11
CA TYR O 377 -49.55 58.68 55.72
C TYR O 377 -49.50 57.39 54.90
N TRP O 378 -48.56 56.53 55.24
CA TRP O 378 -48.37 55.26 54.56
C TRP O 378 -49.60 54.36 54.72
N ARG O 379 -50.12 54.24 55.92
CA ARG O 379 -51.27 53.38 56.13
C ARG O 379 -52.55 53.98 55.54
N ASP O 380 -52.78 55.28 55.68
CA ASP O 380 -54.00 55.89 55.16
C ASP O 380 -54.05 55.94 53.64
N ALA O 381 -52.94 56.30 53.01
CA ALA O 381 -52.88 56.36 51.56
C ALA O 381 -53.04 54.99 50.94
N ASN O 382 -52.41 53.99 51.53
CA ASN O 382 -52.49 52.64 51.01
C ASN O 382 -53.88 52.06 51.14
N THR O 383 -54.56 52.30 52.24
CA THR O 383 -55.92 51.82 52.46
C THR O 383 -56.87 52.46 51.47
N ALA O 384 -56.82 53.78 51.38
CA ALA O 384 -57.71 54.52 50.50
C ALA O 384 -57.47 54.27 49.01
N ALA O 385 -56.25 54.00 48.64
CA ALA O 385 -55.90 53.76 47.26
C ALA O 385 -56.61 52.57 46.65
N ARG O 386 -56.98 51.58 47.46
CA ARG O 386 -57.64 50.37 46.98
C ARG O 386 -59.14 50.50 46.89
N HIS O 387 -59.66 51.70 47.01
CA HIS O 387 -61.05 51.96 46.74
C HIS O 387 -61.30 51.54 45.31
N ALA O 388 -62.47 50.98 45.07
CA ALA O 388 -62.82 50.43 43.75
C ALA O 388 -62.72 51.40 42.58
N MET O 389 -63.05 52.66 42.77
CA MET O 389 -63.00 53.63 41.72
C MET O 389 -61.60 54.07 41.43
N LEU O 390 -60.63 53.63 42.22
CA LEU O 390 -59.23 53.91 41.99
C LEU O 390 -58.43 52.69 41.58
N ASN O 391 -59.06 51.58 41.21
CA ASN O 391 -58.31 50.35 40.97
C ASN O 391 -57.39 50.53 39.78
N VAL O 392 -56.10 50.32 40.00
CA VAL O 392 -55.10 50.60 38.96
C VAL O 392 -55.17 49.65 37.76
N HIS O 393 -55.33 48.37 38.04
CA HIS O 393 -55.46 47.36 36.99
C HIS O 393 -56.71 47.55 36.13
N VAL O 394 -57.81 47.93 36.76
CA VAL O 394 -59.06 48.21 36.01
C VAL O 394 -58.84 49.45 35.14
N GLY O 395 -58.20 50.47 35.71
CA GLY O 395 -57.94 51.69 34.95
C GLY O 395 -57.07 51.44 33.74
N HIS O 396 -56.05 50.61 33.90
CA HIS O 396 -55.17 50.24 32.81
C HIS O 396 -55.92 49.55 31.70
N GLU O 397 -56.82 48.65 32.07
CA GLU O 397 -57.60 47.93 31.11
C GLU O 397 -58.61 48.85 30.41
N LEU O 398 -59.22 49.77 31.13
CA LEU O 398 -60.17 50.71 30.56
C LEU O 398 -59.51 51.66 29.56
N TYR O 399 -58.36 52.20 29.90
CA TYR O 399 -57.68 53.13 29.04
C TYR O 399 -57.14 52.43 27.82
N GLY O 400 -56.59 51.25 28.02
CA GLY O 400 -56.06 50.46 26.93
C GLY O 400 -57.15 50.10 25.94
N GLY O 401 -58.31 49.77 26.48
CA GLY O 401 -59.46 49.40 25.71
C GLY O 401 -60.00 50.50 24.85
N SER O 402 -59.88 51.73 25.32
CA SER O 402 -60.36 52.89 24.61
C SER O 402 -59.67 53.08 23.29
N PHE O 403 -58.42 52.69 23.20
CA PHE O 403 -57.67 52.78 21.95
C PHE O 403 -58.25 51.95 20.81
N PHE O 404 -59.03 50.92 21.14
CA PHE O 404 -59.64 49.98 20.19
C PHE O 404 -61.16 49.95 20.23
N GLY O 405 -61.76 50.81 21.06
CA GLY O 405 -63.21 50.80 21.26
C GLY O 405 -63.80 49.50 21.79
N LEU O 406 -63.13 48.83 22.71
CA LEU O 406 -63.64 47.62 23.35
C LEU O 406 -64.75 47.97 24.32
N ASP O 407 -65.61 47.00 24.62
CA ASP O 407 -66.68 47.23 25.62
C ASP O 407 -66.03 47.48 26.95
N PRO O 408 -66.41 48.58 27.64
CA PRO O 408 -65.76 48.73 28.94
C PRO O 408 -66.10 47.64 29.95
N ILE O 409 -65.17 47.40 30.87
CA ILE O 409 -65.31 46.36 31.86
C ILE O 409 -66.00 46.85 33.12
N VAL O 410 -66.45 48.10 33.13
CA VAL O 410 -67.21 48.62 34.24
C VAL O 410 -68.57 49.00 33.71
N PRO O 411 -69.61 48.97 34.57
CA PRO O 411 -70.91 49.31 34.00
C PRO O 411 -71.15 50.80 33.69
N SER O 412 -70.57 51.73 34.44
CA SER O 412 -70.78 53.14 34.13
C SER O 412 -69.49 53.92 34.17
N LEU O 413 -69.48 55.04 33.46
CA LEU O 413 -68.34 55.93 33.43
C LEU O 413 -68.70 57.28 34.00
N THR P 18 -56.18 87.85 27.42
CA THR P 18 -55.90 86.55 26.75
C THR P 18 -55.81 86.74 25.23
N ASP P 19 -55.65 87.98 24.78
CA ASP P 19 -55.58 88.26 23.37
C ASP P 19 -54.30 87.60 22.81
N ILE P 20 -53.19 87.81 23.53
CA ILE P 20 -51.89 87.23 23.13
C ILE P 20 -51.92 85.70 23.28
N ARG P 21 -52.57 85.24 24.34
CA ARG P 21 -52.68 83.83 24.60
C ARG P 21 -53.37 83.19 23.39
N SER P 22 -54.36 83.88 22.85
CA SER P 22 -55.07 83.34 21.70
C SER P 22 -54.20 83.30 20.47
N GLU P 23 -53.42 84.37 20.31
CA GLU P 23 -52.53 84.56 19.17
C GLU P 23 -51.45 83.49 19.15
N THR P 24 -50.86 83.24 20.30
CA THR P 24 -49.78 82.29 20.41
C THR P 24 -50.30 80.89 20.12
N ALA P 25 -51.51 80.59 20.58
CA ALA P 25 -52.14 79.31 20.29
C ALA P 25 -52.46 79.17 18.82
N GLU P 26 -52.86 80.25 18.18
CA GLU P 26 -53.18 80.19 16.76
C GLU P 26 -51.97 79.90 15.92
N LEU P 27 -50.84 80.50 16.28
CA LEU P 27 -49.62 80.30 15.55
C LEU P 27 -49.13 78.87 15.70
N ARG P 28 -49.21 78.35 16.91
CA ARG P 28 -48.77 77.01 17.18
C ARG P 28 -49.53 76.02 16.32
N ALA P 29 -50.84 76.19 16.21
CA ALA P 29 -51.66 75.32 15.41
C ALA P 29 -51.26 75.38 13.95
N GLU P 30 -50.97 76.58 13.47
CA GLU P 30 -50.54 76.78 12.11
C GLU P 30 -49.23 76.07 11.86
N LEU P 31 -48.29 76.17 12.80
CA LEU P 31 -47.01 75.52 12.66
C LEU P 31 -47.12 74.03 12.72
N VAL P 32 -48.03 73.52 13.56
CA VAL P 32 -48.24 72.10 13.63
C VAL P 32 -48.81 71.63 12.29
N GLU P 33 -49.69 72.41 11.69
CA GLU P 33 -50.24 72.04 10.41
C GLU P 33 -49.14 72.08 9.34
N ARG P 34 -48.17 72.97 9.45
CA ARG P 34 -47.05 72.95 8.51
C ARG P 34 -46.23 71.69 8.56
N VAL P 35 -46.01 71.20 9.78
CA VAL P 35 -45.33 69.93 9.98
C VAL P 35 -46.06 68.83 9.24
N HIS P 36 -47.38 68.80 9.34
CA HIS P 36 -48.16 67.78 8.63
C HIS P 36 -48.06 67.91 7.14
N LYS P 37 -48.02 69.14 6.67
CA LYS P 37 -47.91 69.41 5.26
C LYS P 37 -46.58 68.96 4.67
N PHE P 38 -45.50 69.29 5.35
CA PHE P 38 -44.16 68.95 4.88
C PHE P 38 -43.69 67.60 5.37
N GLY P 39 -44.44 66.96 6.24
CA GLY P 39 -44.06 65.71 6.81
C GLY P 39 -43.81 64.59 5.82
N PRO P 40 -44.67 64.44 4.79
CA PRO P 40 -44.40 63.41 3.80
C PRO P 40 -43.05 63.53 3.08
N VAL P 41 -42.50 64.75 2.95
CA VAL P 41 -41.17 64.95 2.34
C VAL P 41 -40.11 64.38 3.28
N PHE P 42 -40.20 64.76 4.55
CA PHE P 42 -39.24 64.27 5.55
C PHE P 42 -39.28 62.76 5.64
N ALA P 43 -40.48 62.21 5.63
CA ALA P 43 -40.65 60.76 5.71
C ALA P 43 -40.05 60.05 4.51
N ASP P 44 -40.20 60.65 3.36
CA ASP P 44 -39.68 60.13 2.13
C ASP P 44 -38.19 60.01 2.07
N GLY P 45 -37.49 60.90 2.78
CA GLY P 45 -36.05 60.87 2.80
C GLY P 45 -35.44 60.09 3.94
N VAL P 46 -36.22 59.31 4.68
CA VAL P 46 -35.70 58.57 5.82
C VAL P 46 -34.70 57.54 5.37
N ALA P 47 -34.99 56.80 4.32
CA ALA P 47 -34.07 55.77 3.87
C ALA P 47 -32.74 56.31 3.39
N GLU P 48 -32.76 57.41 2.65
CA GLU P 48 -31.51 58.01 2.19
C GLU P 48 -30.73 58.56 3.37
N GLY P 49 -31.42 59.18 4.32
CA GLY P 49 -30.77 59.76 5.47
C GLY P 49 -30.05 58.73 6.32
N GLU P 50 -30.67 57.58 6.46
CA GLU P 50 -30.14 56.47 7.23
C GLU P 50 -28.87 55.91 6.59
N ARG P 51 -28.93 55.82 5.27
CA ARG P 51 -27.87 55.34 4.41
C ARG P 51 -26.67 56.29 4.32
N GLU P 52 -26.92 57.58 4.21
CA GLU P 52 -25.86 58.58 4.04
C GLU P 52 -25.42 59.32 5.31
N ARG P 53 -26.16 59.20 6.40
CA ARG P 53 -25.83 59.89 7.65
C ARG P 53 -25.87 61.41 7.54
N ARG P 54 -26.79 61.92 6.74
CA ARG P 54 -27.02 63.36 6.59
C ARG P 54 -28.43 63.50 6.09
N LEU P 55 -29.02 64.67 6.23
CA LEU P 55 -30.39 64.89 5.76
C LEU P 55 -30.37 65.05 4.24
N PRO P 56 -31.32 64.45 3.55
CA PRO P 56 -31.38 64.66 2.08
C PRO P 56 -31.65 66.09 1.68
N ASP P 57 -31.30 66.45 0.45
CA ASP P 57 -31.52 67.81 -0.02
C ASP P 57 -32.98 68.24 0.04
N ALA P 58 -33.89 67.33 -0.28
CA ALA P 58 -35.31 67.67 -0.25
C ALA P 58 -35.76 68.05 1.17
N THR P 59 -35.24 67.36 2.16
CA THR P 59 -35.56 67.63 3.56
C THR P 59 -35.06 69.00 3.98
N VAL P 60 -33.85 69.32 3.58
CA VAL P 60 -33.29 70.62 3.91
C VAL P 60 -34.13 71.70 3.26
N ARG P 61 -34.54 71.46 2.01
CA ARG P 61 -35.36 72.43 1.31
C ARG P 61 -36.67 72.64 2.03
N ALA P 62 -37.29 71.55 2.46
CA ALA P 62 -38.55 71.63 3.17
C ALA P 62 -38.39 72.37 4.51
N ILE P 63 -37.27 72.18 5.20
CA ILE P 63 -37.02 72.88 6.44
C ILE P 63 -36.95 74.37 6.17
N ASP P 64 -36.30 74.77 5.09
CA ASP P 64 -36.18 76.20 4.78
C ASP P 64 -37.51 76.82 4.33
N GLN P 65 -38.27 76.11 3.50
CA GLN P 65 -39.58 76.59 3.06
C GLN P 65 -40.61 76.66 4.17
N SER P 66 -40.64 75.65 5.06
CA SER P 66 -41.61 75.62 6.18
C SER P 66 -41.36 76.68 7.25
N GLN P 67 -40.14 77.20 7.28
CA GLN P 67 -39.67 78.15 8.28
C GLN P 67 -39.56 77.52 9.69
N LEU P 68 -39.49 76.20 9.78
CA LEU P 68 -39.41 75.49 11.07
C LEU P 68 -38.07 75.65 11.80
N ALA P 69 -37.06 76.10 11.07
CA ALA P 69 -35.80 76.52 11.69
C ALA P 69 -35.86 77.94 12.27
N MET P 70 -36.97 78.63 12.09
CA MET P 70 -37.06 80.07 12.41
C MET P 70 -37.92 80.39 13.65
N LEU P 71 -38.39 79.36 14.34
CA LEU P 71 -39.21 79.56 15.51
C LEU P 71 -38.54 80.36 16.61
N TRP P 72 -37.24 80.20 16.79
CA TRP P 72 -36.53 80.97 17.82
C TRP P 72 -35.65 82.07 17.26
N THR P 73 -35.97 82.53 16.06
CA THR P 73 -35.29 83.65 15.42
C THR P 73 -36.14 84.87 15.66
N ALA P 74 -35.50 86.01 15.91
CA ALA P 74 -36.22 87.24 16.21
C ALA P 74 -37.07 87.79 15.07
N LYS P 75 -38.19 88.40 15.42
CA LYS P 75 -39.11 89.04 14.49
C LYS P 75 -38.46 90.18 13.76
N SER P 76 -37.57 90.87 14.44
CA SER P 76 -36.86 92.00 13.85
C SER P 76 -36.04 91.54 12.62
N TYR P 77 -35.61 90.27 12.59
CA TYR P 77 -34.92 89.73 11.42
C TYR P 77 -35.78 88.87 10.48
N GLY P 78 -37.11 88.94 10.64
CA GLY P 78 -38.04 88.11 9.86
C GLY P 78 -38.31 86.70 10.41
N GLY P 79 -37.90 86.45 11.65
CA GLY P 79 -38.19 85.18 12.32
C GLY P 79 -39.57 85.12 12.94
N LEU P 80 -39.99 83.93 13.33
CA LEU P 80 -41.32 83.71 13.86
C LEU P 80 -41.42 84.04 15.35
N GLU P 81 -40.28 84.05 16.05
CA GLU P 81 -40.16 84.40 17.47
C GLU P 81 -41.29 83.83 18.37
N THR P 82 -41.35 82.51 18.51
CA THR P 82 -42.40 81.84 19.30
C THR P 82 -41.94 81.65 20.76
N ASP P 83 -42.44 80.62 21.42
CA ASP P 83 -42.06 80.35 22.79
C ASP P 83 -41.64 78.89 22.92
N VAL P 84 -41.30 78.47 24.12
CA VAL P 84 -40.81 77.11 24.30
C VAL P 84 -41.88 76.07 24.02
N ARG P 85 -43.08 76.33 24.47
CA ARG P 85 -44.15 75.39 24.29
C ARG P 85 -44.46 75.12 22.83
N THR P 86 -44.41 76.14 22.00
CA THR P 86 -44.68 75.96 20.59
C THR P 86 -43.62 75.11 19.93
N MET P 87 -42.36 75.38 20.27
CA MET P 87 -41.24 74.68 19.72
C MET P 87 -41.31 73.22 20.11
N SER P 88 -41.68 72.97 21.35
CA SER P 88 -41.86 71.64 21.87
C SER P 88 -42.95 70.86 21.15
N GLU P 89 -44.11 71.47 20.94
CA GLU P 89 -45.18 70.78 20.25
C GLU P 89 -44.81 70.51 18.80
N VAL P 90 -44.06 71.41 18.18
CA VAL P 90 -43.59 71.18 16.80
C VAL P 90 -42.62 70.01 16.71
N ALA P 91 -41.67 69.98 17.63
CA ALA P 91 -40.67 68.90 17.70
C ALA P 91 -41.32 67.53 17.88
N LYS P 92 -42.36 67.45 18.72
CA LYS P 92 -43.05 66.18 18.97
C LYS P 92 -43.68 65.65 17.69
N VAL P 93 -44.30 66.53 16.93
CA VAL P 93 -45.01 66.11 15.73
C VAL P 93 -44.02 65.77 14.62
N LEU P 94 -42.95 66.56 14.52
CA LEU P 94 -41.87 66.28 13.56
C LEU P 94 -41.29 64.89 13.67
N SER P 95 -41.06 64.45 14.90
CA SER P 95 -40.52 63.11 15.17
C SER P 95 -41.32 61.96 14.57
N HIS P 96 -42.62 62.14 14.38
CA HIS P 96 -43.43 61.10 13.75
C HIS P 96 -42.96 60.83 12.34
N TYR P 97 -42.49 61.85 11.65
CA TYR P 97 -42.10 61.73 10.27
C TYR P 97 -40.63 61.39 10.15
N CYS P 98 -39.78 62.09 10.86
CA CYS P 98 -38.34 61.77 10.88
C CYS P 98 -37.71 62.28 12.18
N PRO P 99 -37.36 61.37 13.09
CA PRO P 99 -36.74 61.82 14.35
C PRO P 99 -35.43 62.60 14.17
N SER P 100 -34.66 62.24 13.15
CA SER P 100 -33.41 63.00 12.85
C SER P 100 -33.65 64.45 12.41
N THR P 101 -34.65 64.66 11.56
CA THR P 101 -35.08 65.97 11.13
C THR P 101 -35.53 66.77 12.31
N SER P 102 -36.39 66.15 13.14
CA SER P 102 -36.86 66.79 14.38
C SER P 102 -35.67 67.20 15.23
N TRP P 103 -34.72 66.30 15.39
CA TRP P 103 -33.55 66.59 16.21
C TRP P 103 -32.74 67.76 15.65
N VAL P 104 -32.58 67.79 14.34
CA VAL P 104 -31.79 68.85 13.72
C VAL P 104 -32.52 70.18 13.88
N VAL P 105 -33.81 70.19 13.56
CA VAL P 105 -34.61 71.38 13.66
C VAL P 105 -34.56 71.94 15.07
N ASN P 106 -34.64 71.08 16.07
CA ASN P 106 -34.56 71.46 17.48
C ASN P 106 -33.20 72.09 17.79
N ASN P 107 -32.14 71.48 17.28
CA ASN P 107 -30.81 71.98 17.53
C ASN P 107 -30.63 73.35 16.88
N VAL P 108 -31.17 73.54 15.68
CA VAL P 108 -30.99 74.81 14.99
C VAL P 108 -31.66 75.97 15.75
N ASN P 109 -32.91 75.77 16.11
CA ASN P 109 -33.64 76.78 16.87
C ASN P 109 -32.92 77.07 18.17
N GLY P 110 -32.51 76.03 18.85
CA GLY P 110 -31.79 76.24 20.11
C GLY P 110 -30.49 76.98 19.92
N SER P 111 -29.79 76.68 18.85
CA SER P 111 -28.53 77.37 18.57
C SER P 111 -28.78 78.83 18.25
N ASN P 112 -29.83 79.08 17.48
CA ASN P 112 -30.21 80.43 17.14
C ASN P 112 -30.58 81.21 18.40
N LEU P 113 -31.23 80.58 19.35
CA LEU P 113 -31.57 81.24 20.57
C LEU P 113 -30.31 81.57 21.36
N LEU P 114 -29.34 80.66 21.34
CA LEU P 114 -28.07 80.87 22.04
C LEU P 114 -27.31 82.03 21.45
N ALA P 115 -27.48 82.25 20.15
CA ALA P 115 -26.80 83.32 19.45
C ALA P 115 -27.17 84.69 19.99
N SER P 116 -28.37 84.82 20.55
CA SER P 116 -28.81 86.08 21.09
C SER P 116 -27.99 86.63 22.27
N LYS P 117 -27.14 85.83 22.88
CA LYS P 117 -26.23 86.35 23.89
C LYS P 117 -25.08 87.15 23.30
N PHE P 118 -24.84 86.99 22.00
CA PHE P 118 -23.78 87.72 21.33
C PHE P 118 -24.17 89.17 21.05
N PRO P 119 -23.17 90.04 20.73
CA PRO P 119 -23.55 91.41 20.45
C PRO P 119 -24.38 91.61 19.20
N ARG P 120 -25.00 92.77 19.11
CA ARG P 120 -25.85 93.08 17.98
C ARG P 120 -25.08 93.01 16.67
N ALA P 121 -23.82 93.39 16.70
CA ALA P 121 -22.96 93.31 15.54
C ALA P 121 -22.89 91.89 14.96
N ALA P 122 -22.74 90.91 15.83
CA ALA P 122 -22.74 89.50 15.43
C ALA P 122 -24.09 89.06 14.91
N LEU P 123 -25.13 89.40 15.66
CA LEU P 123 -26.50 89.04 15.25
C LEU P 123 -26.90 89.60 13.90
N ASP P 124 -26.53 90.85 13.64
CA ASP P 124 -26.76 91.47 12.34
C ASP P 124 -25.99 90.73 11.26
N GLU P 125 -24.73 90.41 11.53
CA GLU P 125 -23.91 89.67 10.57
C GLU P 125 -24.50 88.30 10.22
N VAL P 126 -25.12 87.64 11.20
CA VAL P 126 -25.72 86.31 11.01
C VAL P 126 -27.11 86.37 10.35
N PHE P 127 -27.99 87.19 10.91
CA PHE P 127 -29.43 87.20 10.56
C PHE P 127 -29.89 88.38 9.68
N GLY P 128 -29.05 89.40 9.54
CA GLY P 128 -29.36 90.63 8.79
C GLY P 128 -29.94 90.46 7.41
N ASP P 129 -29.31 89.59 6.59
CA ASP P 129 -29.80 89.31 5.22
C ASP P 129 -30.21 87.84 5.08
N ALA P 130 -30.45 87.16 6.19
CA ALA P 130 -30.71 85.71 6.22
C ALA P 130 -31.70 85.41 7.34
N PRO P 131 -33.00 85.69 7.12
CA PRO P 131 -34.03 85.35 8.13
C PRO P 131 -34.04 83.84 8.49
N GLY P 132 -33.72 82.99 7.50
CA GLY P 132 -33.62 81.54 7.68
C GLY P 132 -32.22 81.01 8.01
N ALA P 133 -31.37 81.83 8.62
CA ALA P 133 -30.04 81.37 9.01
C ALA P 133 -30.16 80.22 10.00
N LYS P 134 -29.23 79.26 9.86
CA LYS P 134 -29.21 78.04 10.67
C LYS P 134 -27.89 77.85 11.36
N LEU P 135 -27.90 77.85 12.69
CA LEU P 135 -26.69 77.63 13.51
C LEU P 135 -26.57 76.22 14.08
N ALA P 136 -25.32 75.76 14.18
CA ALA P 136 -24.90 74.65 15.02
C ALA P 136 -24.41 75.22 16.33
N SER P 137 -24.24 74.34 17.30
CA SER P 137 -23.60 74.73 18.54
C SER P 137 -23.11 73.49 19.22
N VAL P 138 -21.83 73.49 19.60
CA VAL P 138 -21.25 72.37 20.31
C VAL P 138 -20.50 72.86 21.53
N PHE P 139 -20.90 72.31 22.67
CA PHE P 139 -20.33 72.59 23.99
C PHE P 139 -19.55 71.35 24.45
N ALA P 140 -19.53 70.35 23.60
CA ALA P 140 -18.89 69.03 23.81
C ALA P 140 -17.36 68.99 23.75
N ALA P 141 -16.73 70.10 23.42
CA ALA P 141 -15.29 70.18 23.40
C ALA P 141 -14.96 71.58 23.69
N ALA P 142 -13.69 71.75 24.00
CA ALA P 142 -13.10 73.02 24.03
C ALA P 142 -11.96 72.95 23.03
N GLY P 143 -11.71 74.09 22.45
CA GLY P 143 -10.67 74.30 21.52
C GLY P 143 -9.89 75.30 22.31
N THR P 144 -8.84 75.78 21.72
CA THR P 144 -7.99 76.65 22.44
C THR P 144 -7.88 77.92 21.60
N ALA P 145 -8.04 79.04 22.27
CA ALA P 145 -8.06 80.32 21.62
C ALA P 145 -7.05 81.27 22.27
N VAL P 146 -6.39 82.05 21.45
CA VAL P 146 -5.42 82.98 21.95
C VAL P 146 -5.66 84.35 21.33
N ARG P 147 -5.41 85.39 22.12
CA ARG P 147 -5.60 86.76 21.66
C ARG P 147 -4.67 87.16 20.54
N THR P 148 -5.22 87.85 19.56
CA THR P 148 -4.48 88.35 18.42
C THR P 148 -5.07 89.74 18.19
N PRO P 149 -4.37 90.62 17.41
CA PRO P 149 -5.01 91.93 17.27
C PRO P 149 -6.31 91.87 16.50
N GLY P 150 -7.33 92.50 17.08
CA GLY P 150 -8.68 92.55 16.54
C GLY P 150 -9.54 91.35 16.87
N GLY P 151 -9.00 90.37 17.60
CA GLY P 151 -9.78 89.20 17.94
C GLY P 151 -9.02 88.06 18.59
N TYR P 152 -9.23 86.87 18.02
CA TYR P 152 -8.63 85.65 18.54
C TYR P 152 -8.21 84.73 17.38
N ARG P 153 -7.28 83.83 17.70
CA ARG P 153 -6.89 82.73 16.81
C ARG P 153 -7.35 81.46 17.51
N LEU P 154 -8.14 80.65 16.81
CA LEU P 154 -8.86 79.50 17.41
C LEU P 154 -8.47 78.18 16.75
N THR P 155 -8.14 77.21 17.59
CA THR P 155 -7.80 75.86 17.13
C THR P 155 -8.57 74.87 18.00
N GLY P 156 -9.12 73.84 17.38
CA GLY P 156 -9.81 72.79 18.12
C GLY P 156 -10.48 71.74 17.26
N SER P 157 -11.05 70.76 17.93
CA SER P 157 -11.79 69.69 17.28
C SER P 157 -13.03 69.39 18.11
N TRP P 158 -14.21 69.65 17.54
CA TRP P 158 -15.49 69.61 18.27
C TRP P 158 -16.36 68.48 17.70
N PRO P 159 -16.50 67.33 18.42
CA PRO P 159 -17.43 66.27 17.98
C PRO P 159 -18.88 66.59 18.28
N TYR P 160 -19.78 65.76 17.77
CA TYR P 160 -21.23 65.92 17.98
C TYR P 160 -21.82 67.22 17.42
N GLY P 161 -21.42 67.58 16.22
CA GLY P 161 -21.90 68.82 15.63
C GLY P 161 -23.17 68.58 14.86
N THR P 162 -24.28 68.48 15.56
CA THR P 162 -25.57 68.24 14.90
C THR P 162 -25.89 69.23 13.80
N GLY P 163 -26.23 68.66 12.66
CA GLY P 163 -26.64 69.42 11.48
C GLY P 163 -25.62 70.33 10.84
N ILE P 164 -24.34 70.15 11.16
CA ILE P 164 -23.25 71.07 10.75
C ILE P 164 -23.09 71.12 9.24
N LEU P 165 -23.34 70.01 8.56
CA LEU P 165 -23.30 70.00 7.11
C LEU P 165 -24.25 70.96 6.42
N HIS P 166 -25.38 71.31 7.03
CA HIS P 166 -26.35 72.25 6.44
C HIS P 166 -26.33 73.62 7.09
N ASP P 167 -25.42 73.84 8.02
CA ASP P 167 -25.50 75.05 8.87
C ASP P 167 -24.64 76.17 8.28
N ASP P 168 -25.05 77.40 8.58
CA ASP P 168 -24.42 78.60 8.04
C ASP P 168 -23.34 79.08 9.00
N TRP P 169 -23.57 78.89 10.30
CA TRP P 169 -22.61 79.27 11.34
C TRP P 169 -22.60 78.20 12.45
N ALA P 170 -21.61 78.28 13.34
CA ALA P 170 -21.48 77.37 14.46
C ALA P 170 -21.05 78.14 15.68
N ILE P 171 -21.66 77.84 16.83
CA ILE P 171 -21.23 78.37 18.13
C ILE P 171 -20.38 77.30 18.77
N LEU P 172 -19.12 77.61 19.00
CA LEU P 172 -18.19 76.66 19.57
C LEU P 172 -17.59 77.17 20.88
N VAL P 173 -17.44 76.28 21.84
CA VAL P 173 -16.85 76.60 23.13
C VAL P 173 -15.33 76.44 23.08
N ALA P 174 -14.63 77.34 23.75
CA ALA P 174 -13.18 77.25 23.78
C ALA P 174 -12.60 77.79 25.06
N ARG P 175 -11.35 77.47 25.27
CA ARG P 175 -10.65 77.97 26.42
C ARG P 175 -9.65 78.97 25.94
N GLU P 176 -9.69 80.16 26.49
CA GLU P 176 -8.69 81.17 26.17
C GLU P 176 -7.39 80.83 26.90
N VAL P 177 -6.27 81.04 26.22
CA VAL P 177 -4.95 80.80 26.81
C VAL P 177 -4.04 81.95 26.44
N ASP P 178 -2.99 82.13 27.22
CA ASP P 178 -2.04 83.20 26.94
C ASP P 178 -0.89 82.69 26.08
N ALA P 179 0.11 83.55 25.88
CA ALA P 179 1.27 83.21 25.09
C ALA P 179 2.01 82.04 25.70
N ASP P 180 2.04 82.01 27.02
CA ASP P 180 2.64 80.89 27.72
C ASP P 180 1.84 79.63 27.53
N GLY P 181 0.54 79.76 27.30
CA GLY P 181 -0.31 78.61 27.10
C GLY P 181 -1.07 78.24 28.36
N GLU P 182 -1.03 79.15 29.33
CA GLU P 182 -1.76 78.99 30.56
C GLU P 182 -3.23 79.38 30.38
N PRO P 183 -4.16 78.70 31.07
CA PRO P 183 -5.58 79.05 30.92
C PRO P 183 -5.97 80.42 31.44
N VAL P 184 -6.75 81.15 30.65
CA VAL P 184 -7.21 82.48 31.05
C VAL P 184 -8.67 82.49 31.41
N GLY P 185 -9.50 81.88 30.57
CA GLY P 185 -10.93 81.88 30.83
C GLY P 185 -11.66 81.11 29.76
N GLY P 186 -12.97 81.06 29.88
CA GLY P 186 -13.80 80.32 28.92
C GLY P 186 -14.39 81.26 27.88
N LEU P 187 -14.56 80.77 26.65
CA LEU P 187 -15.16 81.59 25.61
C LEU P 187 -16.23 80.90 24.80
N SER P 188 -17.11 81.67 24.20
CA SER P 188 -18.04 81.17 23.24
C SER P 188 -17.81 81.92 21.94
N MET P 189 -17.67 81.18 20.85
CA MET P 189 -17.25 81.81 19.60
C MET P 189 -18.12 81.47 18.44
N LEU P 190 -18.44 82.49 17.67
CA LEU P 190 -19.33 82.33 16.54
C LEU P 190 -18.52 82.33 15.27
N VAL P 191 -18.52 81.22 14.53
CA VAL P 191 -17.69 81.13 13.34
C VAL P 191 -18.50 80.59 12.17
N PRO P 192 -18.28 81.15 10.99
CA PRO P 192 -19.01 80.83 9.78
C PRO P 192 -18.59 79.55 9.09
N ALA P 193 -19.46 79.06 8.23
CA ALA P 193 -19.25 77.83 7.50
C ALA P 193 -18.00 77.89 6.63
N ARG P 194 -17.75 79.05 6.04
CA ARG P 194 -16.59 79.25 5.18
C ARG P 194 -15.28 79.00 5.92
N ASP P 195 -15.25 79.32 7.21
CA ASP P 195 -14.07 79.08 8.02
C ASP P 195 -13.96 77.69 8.61
N LEU P 196 -14.99 76.86 8.50
CA LEU P 196 -14.98 75.53 9.13
C LEU P 196 -14.61 74.42 8.18
N THR P 197 -14.19 73.33 8.77
CA THR P 197 -13.95 72.10 8.06
C THR P 197 -14.73 71.03 8.82
N VAL P 198 -15.33 70.11 8.09
CA VAL P 198 -16.10 69.06 8.71
C VAL P 198 -15.45 67.73 8.43
N GLU P 199 -15.29 66.96 9.48
CA GLU P 199 -14.63 65.68 9.42
C GLU P 199 -15.70 64.61 9.63
N ASP P 200 -15.65 63.55 8.85
CA ASP P 200 -16.67 62.54 8.91
C ASP P 200 -16.41 61.57 10.07
N THR P 201 -17.11 61.80 11.17
CA THR P 201 -16.94 60.96 12.33
C THR P 201 -18.21 60.37 12.91
N TRP P 202 -19.36 60.68 12.33
CA TRP P 202 -20.63 60.26 12.91
C TRP P 202 -21.05 58.90 12.36
N HIS P 203 -20.73 57.86 13.12
CA HIS P 203 -21.07 56.50 12.77
C HIS P 203 -21.81 55.86 13.93
N THR P 204 -23.13 55.87 13.85
CA THR P 204 -23.95 55.45 14.96
C THR P 204 -25.05 54.57 14.47
N VAL P 205 -25.76 53.96 15.43
CA VAL P 205 -26.86 53.08 15.10
C VAL P 205 -28.20 53.77 15.27
N GLY P 206 -28.18 55.04 15.64
CA GLY P 206 -29.43 55.81 15.77
C GLY P 206 -29.14 57.28 15.52
N MET P 207 -30.16 58.01 15.12
CA MET P 207 -30.07 59.41 14.77
C MET P 207 -28.98 59.62 13.70
N ARG P 208 -28.91 58.70 12.74
CA ARG P 208 -27.86 58.73 11.73
C ARG P 208 -27.90 59.97 10.83
N ALA P 209 -29.10 60.38 10.39
CA ALA P 209 -29.22 61.51 9.48
C ALA P 209 -28.95 62.87 10.13
N THR P 210 -28.81 62.91 11.45
CA THR P 210 -28.50 64.15 12.12
C THR P 210 -27.13 64.67 11.74
N GLY P 211 -26.25 63.83 11.21
CA GLY P 211 -24.93 64.25 10.76
C GLY P 211 -24.12 64.99 11.78
N SER P 212 -24.07 64.44 12.98
CA SER P 212 -23.38 65.06 14.10
C SER P 212 -21.87 64.79 14.04
N HIS P 213 -21.26 65.37 13.02
CA HIS P 213 -19.86 65.16 12.67
C HIS P 213 -18.94 66.05 13.48
N THR P 214 -17.64 65.96 13.23
CA THR P 214 -16.66 66.75 13.97
C THR P 214 -16.29 68.00 13.22
N VAL P 215 -16.34 69.12 13.91
CA VAL P 215 -15.91 70.41 13.38
C VAL P 215 -14.44 70.62 13.73
N VAL P 216 -13.65 70.95 12.72
CA VAL P 216 -12.22 71.13 12.90
C VAL P 216 -11.75 72.52 12.51
N LEU P 217 -10.97 73.14 13.37
CA LEU P 217 -10.46 74.47 13.14
C LEU P 217 -8.98 74.49 13.39
N ARG P 218 -8.23 75.16 12.53
CA ARG P 218 -6.82 75.30 12.79
C ARG P 218 -6.36 76.73 12.58
N ASP P 219 -5.95 77.36 13.67
CA ASP P 219 -5.45 78.72 13.64
C ASP P 219 -6.40 79.71 12.93
N THR P 220 -7.68 79.54 13.19
CA THR P 220 -8.71 80.33 12.53
C THR P 220 -8.94 81.64 13.23
N PHE P 221 -9.03 82.71 12.44
CA PHE P 221 -9.25 84.02 13.00
C PHE P 221 -10.72 84.24 13.30
N VAL P 222 -10.99 84.72 14.49
CA VAL P 222 -12.35 85.05 14.87
C VAL P 222 -12.33 86.45 15.43
N PRO P 223 -13.15 87.36 14.86
CA PRO P 223 -13.06 88.70 15.42
C PRO P 223 -13.74 88.85 16.76
N GLU P 224 -13.37 89.89 17.44
CA GLU P 224 -13.82 90.21 18.79
C GLU P 224 -15.33 90.27 18.95
N HIS P 225 -16.04 90.84 17.99
CA HIS P 225 -17.49 91.00 18.12
C HIS P 225 -18.25 89.66 18.01
N ARG P 226 -17.56 88.61 17.57
CA ARG P 226 -18.15 87.29 17.50
C ARG P 226 -17.62 86.36 18.60
N VAL P 227 -17.20 86.93 19.72
CA VAL P 227 -16.65 86.17 20.84
C VAL P 227 -17.22 86.74 22.12
N ILE P 228 -17.77 85.91 22.98
CA ILE P 228 -18.21 86.37 24.31
C ILE P 228 -17.64 85.44 25.33
N SER P 229 -17.71 85.83 26.59
CA SER P 229 -17.22 84.97 27.67
C SER P 229 -18.18 83.83 27.80
N GLY P 230 -17.66 82.74 28.30
CA GLY P 230 -18.47 81.58 28.62
C GLY P 230 -19.50 81.97 29.65
N GLU P 231 -19.13 82.87 30.58
CA GLU P 231 -20.05 83.34 31.58
C GLU P 231 -21.26 84.06 30.95
N LEU P 232 -21.02 84.87 29.93
CA LEU P 232 -22.09 85.59 29.27
C LEU P 232 -22.99 84.66 28.47
N GLN P 233 -22.40 83.63 27.87
CA GLN P 233 -23.14 82.66 27.07
C GLN P 233 -24.14 81.88 27.90
N ARG P 234 -23.82 81.59 29.15
CA ARG P 234 -24.71 80.86 30.02
C ARG P 234 -25.54 81.76 30.89
N SER P 235 -25.44 83.07 30.70
CA SER P 235 -26.10 84.02 31.61
C SER P 235 -27.62 84.00 31.50
N ARG P 236 -28.28 84.27 32.62
CA ARG P 236 -29.72 84.40 32.65
C ARG P 236 -30.11 85.79 33.14
N GLU P 237 -29.22 86.77 32.99
CA GLU P 237 -29.53 88.15 33.37
C GLU P 237 -30.63 88.79 32.53
N SER P 238 -30.84 88.30 31.32
CA SER P 238 -31.87 88.86 30.46
C SER P 238 -33.29 88.46 30.89
N ALA P 239 -33.40 87.62 31.91
CA ALA P 239 -34.69 87.18 32.38
C ALA P 239 -35.61 88.30 32.80
N THR P 240 -35.04 89.37 33.37
CA THR P 240 -35.82 90.50 33.84
C THR P 240 -35.83 91.73 32.95
N ASP P 241 -35.20 91.66 31.79
CA ASP P 241 -35.04 92.81 30.89
C ASP P 241 -36.31 93.07 30.07
N LEU P 242 -37.06 94.10 30.48
CA LEU P 242 -38.31 94.47 29.80
C LEU P 242 -38.11 95.00 28.37
N GLY P 243 -36.89 95.45 28.07
CA GLY P 243 -36.53 95.90 26.73
C GLY P 243 -36.49 94.82 25.68
N LEU P 244 -36.19 93.60 26.10
CA LEU P 244 -36.15 92.44 25.21
C LEU P 244 -37.52 91.84 24.98
N PRO P 245 -37.76 91.23 23.79
CA PRO P 245 -39.01 90.47 23.68
C PRO P 245 -39.00 89.24 24.60
N PRO P 246 -40.19 88.67 24.92
CA PRO P 246 -40.13 87.57 25.89
C PRO P 246 -39.27 86.36 25.58
N LEU P 247 -39.15 85.95 24.32
CA LEU P 247 -38.32 84.80 23.97
C LEU P 247 -36.89 84.97 24.41
N PHE P 248 -36.36 86.17 24.31
CA PHE P 248 -34.97 86.40 24.66
C PHE P 248 -34.75 86.58 26.15
N ARG P 249 -35.82 86.51 26.92
CA ARG P 249 -35.72 86.50 28.36
C ARG P 249 -35.66 85.07 28.90
N THR P 250 -36.01 84.09 28.05
CA THR P 250 -36.12 82.67 28.41
C THR P 250 -34.78 82.12 28.84
N ALA P 251 -34.81 81.21 29.81
CA ALA P 251 -33.60 80.48 30.21
C ALA P 251 -33.20 79.53 29.09
N ALA P 252 -32.19 79.90 28.32
CA ALA P 252 -32.00 79.28 27.00
C ALA P 252 -31.56 77.82 27.04
N ILE P 253 -30.62 77.51 27.92
CA ILE P 253 -30.09 76.17 28.02
C ILE P 253 -31.15 75.20 28.51
N ALA P 254 -31.96 75.64 29.47
CA ALA P 254 -33.06 74.82 29.92
C ALA P 254 -34.08 74.64 28.81
N ALA P 255 -34.33 75.68 28.03
CA ALA P 255 -35.30 75.59 26.95
C ALA P 255 -34.87 74.60 25.89
N MET P 256 -33.58 74.58 25.61
CA MET P 256 -33.01 73.70 24.63
C MET P 256 -33.16 72.24 25.08
N ALA P 257 -32.91 71.99 26.35
CA ALA P 257 -33.08 70.66 26.90
C ALA P 257 -34.54 70.20 26.84
N VAL P 258 -35.49 71.09 27.07
CA VAL P 258 -36.90 70.75 26.99
C VAL P 258 -37.30 70.34 25.58
N VAL P 259 -36.80 71.02 24.57
CA VAL P 259 -37.15 70.65 23.19
C VAL P 259 -36.40 69.41 22.72
N CYS P 260 -35.20 69.14 23.24
CA CYS P 260 -34.50 67.89 22.93
C CYS P 260 -35.32 66.72 23.47
N ALA P 261 -35.81 66.87 24.70
CA ALA P 261 -36.70 65.87 25.27
C ALA P 261 -37.96 65.70 24.41
N SER P 262 -38.49 66.79 23.85
CA SER P 262 -39.69 66.70 23.01
C SER P 262 -39.48 65.87 21.76
N VAL P 263 -38.28 65.92 21.21
CA VAL P 263 -37.92 65.10 20.04
C VAL P 263 -38.06 63.62 20.42
N VAL P 264 -37.46 63.26 21.54
CA VAL P 264 -37.52 61.90 22.04
C VAL P 264 -38.97 61.48 22.32
N LEU P 265 -39.67 62.34 23.04
CA LEU P 265 -41.05 62.10 23.40
C LEU P 265 -41.92 61.79 22.19
N GLY P 266 -41.83 62.67 21.20
CA GLY P 266 -42.58 62.50 19.98
C GLY P 266 -42.35 61.15 19.28
N ALA P 267 -41.11 60.66 19.28
CA ALA P 267 -40.78 59.35 18.68
C ALA P 267 -41.48 58.24 19.44
N GLY P 268 -41.52 58.39 20.76
CA GLY P 268 -42.22 57.45 21.63
C GLY P 268 -43.71 57.43 21.34
N GLN P 269 -44.29 58.62 21.19
CA GLN P 269 -45.70 58.73 20.87
C GLN P 269 -46.00 58.12 19.52
N ALA P 270 -45.12 58.31 18.55
CA ALA P 270 -45.32 57.70 17.23
C ALA P 270 -45.29 56.16 17.32
N ALA P 271 -44.36 55.64 18.12
CA ALA P 271 -44.25 54.23 18.41
C ALA P 271 -45.54 53.69 19.02
N ARG P 272 -46.11 54.43 19.96
CA ARG P 272 -47.37 54.01 20.59
C ARG P 272 -48.50 53.96 19.57
N ALA P 273 -48.64 55.01 18.77
CA ALA P 273 -49.68 55.06 17.73
C ALA P 273 -49.57 53.89 16.77
N LEU P 274 -48.34 53.51 16.42
CA LEU P 274 -48.08 52.40 15.50
C LEU P 274 -48.51 51.05 16.07
N VAL P 275 -48.11 50.79 17.31
CA VAL P 275 -48.52 49.56 18.00
C VAL P 275 -50.05 49.48 18.11
N VAL P 276 -50.71 50.61 18.40
CA VAL P 276 -52.18 50.68 18.42
C VAL P 276 -52.79 50.38 17.04
N GLU P 277 -52.20 50.94 16.01
CA GLU P 277 -52.64 50.76 14.65
C GLU P 277 -52.59 49.33 14.19
N LYS P 278 -51.52 48.62 14.54
CA LYS P 278 -51.29 47.27 14.09
C LYS P 278 -51.87 46.14 14.95
N ALA P 279 -52.28 46.44 16.17
CA ALA P 279 -52.69 45.42 17.11
C ALA P 279 -53.91 44.62 16.67
N PRO P 280 -54.90 45.25 16.00
CA PRO P 280 -56.03 44.41 15.61
C PRO P 280 -55.75 43.40 14.51
N THR P 281 -54.66 43.54 13.77
CA THR P 281 -54.36 42.58 12.72
C THR P 281 -53.17 41.64 12.94
N ARG P 282 -52.66 41.55 14.15
CA ARG P 282 -51.55 40.62 14.45
C ARG P 282 -51.93 39.88 15.70
N GLY P 283 -51.23 38.78 15.93
CA GLY P 283 -51.41 37.96 17.12
C GLY P 283 -50.19 38.00 18.02
N ILE P 284 -50.30 37.19 19.08
CA ILE P 284 -49.24 37.02 20.06
C ILE P 284 -48.84 35.57 20.04
N ALA P 285 -47.77 35.29 19.32
CA ALA P 285 -47.26 33.93 19.24
C ALA P 285 -46.61 33.53 20.54
N PRO P 286 -46.77 32.25 20.89
CA PRO P 286 -47.52 31.17 20.22
C PRO P 286 -48.84 30.94 20.90
N SER P 287 -49.46 32.00 21.39
CA SER P 287 -50.65 31.85 22.21
C SER P 287 -51.85 31.63 21.34
N LYS P 288 -52.97 31.33 21.99
CA LYS P 288 -54.27 31.29 21.35
C LYS P 288 -54.80 32.66 20.89
N TYR P 289 -54.18 33.76 21.33
CA TYR P 289 -54.60 35.10 20.92
C TYR P 289 -54.13 35.42 19.50
N THR P 290 -55.00 35.17 18.53
CA THR P 290 -54.67 35.44 17.11
C THR P 290 -54.76 36.94 16.79
N ARG P 291 -55.48 37.68 17.62
CA ARG P 291 -55.55 39.15 17.58
C ARG P 291 -55.03 39.70 18.89
N GLN P 292 -54.12 40.67 18.84
CA GLN P 292 -53.52 41.23 20.07
C GLN P 292 -54.55 41.84 21.01
N THR P 293 -55.56 42.46 20.40
CA THR P 293 -56.65 43.14 21.11
C THR P 293 -57.57 42.18 21.86
N ASP P 294 -57.52 40.90 21.51
CA ASP P 294 -58.26 39.87 22.24
C ASP P 294 -57.64 39.55 23.59
N SER P 295 -56.36 39.86 23.75
CA SER P 295 -55.69 39.60 24.99
C SER P 295 -55.80 40.76 25.96
N ARG P 296 -56.45 40.50 27.07
CA ARG P 296 -56.62 41.52 28.06
C ARG P 296 -55.30 41.89 28.74
N THR P 297 -54.37 40.96 28.84
CA THR P 297 -53.06 41.26 29.36
C THR P 297 -52.38 42.27 28.45
N PHE P 298 -52.52 42.08 27.15
CA PHE P 298 -51.96 43.00 26.18
C PHE P 298 -52.61 44.37 26.29
N VAL P 299 -53.93 44.39 26.38
CA VAL P 299 -54.65 45.65 26.39
C VAL P 299 -54.33 46.45 27.64
N SER P 300 -54.34 45.81 28.81
CA SER P 300 -54.06 46.51 30.05
C SER P 300 -52.58 46.94 30.13
N SER P 301 -51.68 46.16 29.59
CA SER P 301 -50.29 46.54 29.55
C SER P 301 -50.09 47.77 28.73
N LEU P 302 -50.79 47.83 27.60
CA LEU P 302 -50.66 48.94 26.70
C LEU P 302 -51.22 50.20 27.33
N GLY P 303 -52.27 50.06 28.13
CA GLY P 303 -52.82 51.18 28.87
C GLY P 303 -51.78 51.74 29.83
N ARG P 304 -51.08 50.86 30.51
CA ARG P 304 -50.05 51.28 31.44
C ARG P 304 -48.89 51.99 30.74
N THR P 305 -48.45 51.45 29.62
CA THR P 305 -47.36 52.01 28.87
C THR P 305 -47.74 53.36 28.35
N ALA P 306 -48.97 53.48 27.88
CA ALA P 306 -49.49 54.71 27.39
C ALA P 306 -49.52 55.74 28.49
N LEU P 307 -49.94 55.37 29.70
CA LEU P 307 -49.91 56.35 30.81
C LEU P 307 -48.49 56.80 31.19
N SER P 308 -47.46 55.94 31.11
CA SER P 308 -46.07 56.45 31.31
C SER P 308 -45.70 57.50 30.28
N ILE P 309 -46.03 57.24 29.02
CA ILE P 309 -45.74 58.19 27.95
C ILE P 309 -46.53 59.49 28.17
N ASP P 310 -47.79 59.38 28.63
CA ASP P 310 -48.60 60.55 29.01
C ASP P 310 -47.91 61.35 30.13
N ALA P 311 -47.34 60.66 31.10
CA ALA P 311 -46.62 61.33 32.14
C ALA P 311 -45.40 62.04 31.60
N ALA P 312 -44.69 61.44 30.67
CA ALA P 312 -43.52 62.06 30.10
C ALA P 312 -43.92 63.33 29.39
N GLU P 313 -45.05 63.28 28.69
CA GLU P 313 -45.58 64.43 28.00
C GLU P 313 -45.90 65.59 28.95
N MET P 314 -46.49 65.28 30.09
CA MET P 314 -46.81 66.26 31.09
C MET P 314 -45.58 66.88 31.72
N HIS P 315 -44.53 66.09 31.95
CA HIS P 315 -43.27 66.59 32.51
C HIS P 315 -42.67 67.61 31.56
N VAL P 316 -42.72 67.31 30.27
CA VAL P 316 -42.19 68.18 29.25
C VAL P 316 -43.01 69.45 29.16
N ALA P 317 -44.32 69.31 29.13
CA ALA P 317 -45.20 70.46 29.03
C ALA P 317 -45.09 71.35 30.27
N ARG P 318 -44.98 70.77 31.44
CA ARG P 318 -44.85 71.55 32.67
C ARG P 318 -43.61 72.40 32.62
N ALA P 319 -42.50 71.84 32.18
CA ALA P 319 -41.25 72.56 32.12
C ALA P 319 -41.32 73.67 31.10
N ALA P 320 -41.89 73.36 29.96
CA ALA P 320 -42.07 74.37 28.93
C ALA P 320 -42.88 75.57 29.43
N THR P 321 -43.95 75.26 30.14
CA THR P 321 -44.83 76.28 30.69
C THR P 321 -44.16 77.11 31.78
N ALA P 322 -43.37 76.48 32.63
CA ALA P 322 -42.65 77.22 33.64
C ALA P 322 -41.69 78.21 32.97
N LEU P 323 -41.02 77.78 31.91
CA LEU P 323 -40.08 78.62 31.20
C LEU P 323 -40.75 79.78 30.50
N ASP P 324 -41.87 79.51 29.84
CA ASP P 324 -42.63 80.56 29.17
C ASP P 324 -43.30 81.54 30.11
N ASP P 325 -43.84 81.06 31.22
CA ASP P 325 -44.50 81.95 32.16
C ASP P 325 -43.50 82.93 32.71
N ALA P 326 -42.30 82.45 33.02
CA ALA P 326 -41.27 83.32 33.57
C ALA P 326 -40.81 84.35 32.54
N ALA P 327 -40.66 83.94 31.29
CA ALA P 327 -40.25 84.87 30.25
C ALA P 327 -41.30 85.95 29.98
N TYR P 328 -42.57 85.57 29.95
CA TYR P 328 -43.65 86.50 29.73
C TYR P 328 -43.80 87.48 30.89
N ASP P 329 -43.59 87.02 32.11
CA ASP P 329 -43.70 87.89 33.27
C ASP P 329 -42.43 88.62 33.54
N ALA P 330 -41.38 88.37 32.78
CA ALA P 330 -40.08 88.99 33.04
C ALA P 330 -39.53 88.76 34.45
N VAL P 331 -39.79 87.58 35.01
CA VAL P 331 -39.18 87.16 36.28
C VAL P 331 -38.09 86.12 36.04
N ALA P 332 -37.09 86.14 36.92
CA ALA P 332 -36.03 85.15 36.94
C ALA P 332 -36.56 83.89 37.60
N LEU P 333 -36.31 82.76 36.97
CA LEU P 333 -36.54 81.47 37.58
C LEU P 333 -35.50 81.26 38.66
N PRO P 334 -35.93 80.91 39.88
CA PRO P 334 -34.92 80.59 40.88
C PRO P 334 -34.24 79.27 40.51
N ASP P 335 -33.09 79.01 41.13
CA ASP P 335 -32.34 77.80 40.87
C ASP P 335 -33.16 76.54 41.11
N SER P 336 -33.99 76.53 42.14
CA SER P 336 -34.78 75.37 42.43
C SER P 336 -35.72 75.00 41.29
N GLU P 337 -36.26 76.00 40.60
CA GLU P 337 -37.15 75.72 39.50
C GLU P 337 -36.38 75.15 38.31
N LEU P 338 -35.17 75.64 38.07
CA LEU P 338 -34.33 75.12 36.97
C LEU P 338 -33.87 73.70 37.23
N LEU P 339 -33.56 73.40 38.48
CA LEU P 339 -33.13 72.09 38.87
C LEU P 339 -34.25 71.09 38.68
N ARG P 340 -35.46 71.53 38.98
CA ARG P 340 -36.62 70.72 38.74
C ARG P 340 -36.84 70.45 37.24
N ILE P 341 -36.60 71.45 36.41
CA ILE P 341 -36.75 71.29 34.97
C ILE P 341 -35.75 70.25 34.46
N ARG P 342 -34.53 70.26 35.00
CA ARG P 342 -33.52 69.30 34.60
C ARG P 342 -33.96 67.88 34.97
N GLY P 343 -34.59 67.74 36.13
CA GLY P 343 -35.15 66.50 36.55
C GLY P 343 -36.31 66.04 35.68
N ASP P 344 -37.20 66.96 35.30
CA ASP P 344 -38.34 66.63 34.45
C ASP P 344 -37.91 66.08 33.10
N VAL P 345 -36.91 66.69 32.48
CA VAL P 345 -36.52 66.27 31.14
C VAL P 345 -35.83 64.91 31.13
N GLY P 346 -34.97 64.62 32.09
CA GLY P 346 -34.34 63.32 32.22
C GLY P 346 -35.35 62.26 32.53
N GLN P 347 -36.27 62.59 33.41
CA GLN P 347 -37.33 61.68 33.77
C GLN P 347 -38.23 61.41 32.59
N ALA P 348 -38.59 62.43 31.80
CA ALA P 348 -39.48 62.19 30.66
C ALA P 348 -38.83 61.24 29.65
N VAL P 349 -37.55 61.46 29.33
CA VAL P 349 -36.90 60.62 28.32
C VAL P 349 -36.65 59.22 28.82
N SER P 350 -36.40 59.10 30.10
CA SER P 350 -36.27 57.80 30.74
C SER P 350 -37.56 56.98 30.70
N LEU P 351 -38.65 57.67 30.96
CA LEU P 351 -39.97 57.10 30.85
C LEU P 351 -40.22 56.66 29.41
N VAL P 352 -39.78 57.44 28.42
CA VAL P 352 -39.98 57.09 27.02
C VAL P 352 -39.16 55.88 26.60
N THR P 353 -37.90 55.77 27.04
CA THR P 353 -37.09 54.62 26.67
C THR P 353 -37.61 53.34 27.30
N THR P 354 -38.11 53.41 28.53
CA THR P 354 -38.70 52.26 29.18
C THR P 354 -39.98 51.87 28.45
N ALA P 355 -40.76 52.85 28.05
CA ALA P 355 -42.00 52.58 27.34
C ALA P 355 -41.75 51.95 25.97
N LEU P 356 -40.67 52.34 25.30
CA LEU P 356 -40.34 51.77 24.01
C LEU P 356 -39.99 50.30 24.13
N ASP P 357 -39.31 49.94 25.20
CA ASP P 357 -38.99 48.54 25.50
C ASP P 357 -40.29 47.77 25.66
N GLU P 358 -41.24 48.37 26.35
CA GLU P 358 -42.56 47.81 26.51
C GLU P 358 -43.33 47.68 25.21
N LEU P 359 -43.20 48.65 24.32
CA LEU P 359 -43.88 48.58 23.04
C LEU P 359 -43.34 47.46 22.13
N LEU P 360 -42.05 47.16 22.22
CA LEU P 360 -41.47 46.06 21.48
C LEU P 360 -41.99 44.73 22.00
N TRP P 361 -42.19 44.63 23.31
CA TRP P 361 -42.78 43.43 23.88
C TRP P 361 -44.19 43.27 23.40
N ALA P 362 -44.90 44.37 23.25
CA ALA P 362 -46.25 44.32 22.76
C ALA P 362 -46.33 43.92 21.30
N HIS P 363 -45.49 44.53 20.48
CA HIS P 363 -45.54 44.31 19.05
C HIS P 363 -44.95 42.97 18.61
N GLY P 364 -43.84 42.55 19.21
CA GLY P 364 -43.24 41.27 18.90
C GLY P 364 -41.97 41.39 18.07
N ALA P 365 -41.51 40.24 17.59
CA ALA P 365 -40.27 40.13 16.84
C ALA P 365 -40.24 40.94 15.54
N ALA P 366 -41.40 41.12 14.93
CA ALA P 366 -41.53 41.88 13.71
C ALA P 366 -41.07 43.32 13.84
N SER P 367 -41.06 43.81 15.06
CA SER P 367 -40.68 45.19 15.29
C SER P 367 -39.22 45.46 14.92
N PHE P 368 -38.40 44.42 14.85
CA PHE P 368 -36.97 44.61 14.54
C PHE P 368 -36.64 44.48 13.05
N ALA P 369 -37.66 44.31 12.21
CA ALA P 369 -37.41 44.27 10.77
C ALA P 369 -37.04 45.67 10.28
N GLU P 370 -36.16 45.75 9.30
CA GLU P 370 -35.75 47.03 8.75
C GLU P 370 -36.92 47.77 8.13
N SER P 371 -37.90 47.03 7.62
CA SER P 371 -39.07 47.65 7.06
C SER P 371 -40.06 48.23 8.11
N ASN P 372 -39.88 47.92 9.39
CA ASN P 372 -40.82 48.36 10.40
C ASN P 372 -40.38 49.69 11.05
N PRO P 373 -41.22 50.74 11.00
CA PRO P 373 -40.82 52.01 11.63
C PRO P 373 -40.60 51.93 13.14
N LEU P 374 -41.11 50.88 13.79
CA LEU P 374 -41.00 50.78 15.21
C LEU P 374 -39.56 50.75 15.71
N GLN P 375 -38.69 49.99 15.04
CA GLN P 375 -37.29 49.93 15.43
C GLN P 375 -36.55 51.25 15.15
N ARG P 376 -37.02 52.02 14.19
CA ARG P 376 -36.45 53.34 13.92
C ARG P 376 -36.72 54.29 15.05
N TYR P 377 -37.95 54.31 15.55
CA TYR P 377 -38.27 55.17 16.66
C TYR P 377 -37.47 54.72 17.87
N TRP P 378 -37.34 53.41 18.03
CA TRP P 378 -36.62 52.82 19.13
C TRP P 378 -35.14 53.20 19.10
N ARG P 379 -34.51 53.09 17.97
CA ARG P 379 -33.10 53.43 17.87
C ARG P 379 -32.84 54.94 17.98
N ASP P 380 -33.67 55.77 17.35
CA ASP P 380 -33.45 57.21 17.41
C ASP P 380 -33.74 57.83 18.77
N ALA P 381 -34.82 57.42 19.40
CA ALA P 381 -35.16 57.94 20.72
C ALA P 381 -34.13 57.50 21.75
N ASN P 382 -33.68 56.26 21.69
CA ASN P 382 -32.69 55.77 22.63
C ASN P 382 -31.34 56.46 22.50
N THR P 383 -30.90 56.71 21.26
CA THR P 383 -29.65 57.41 21.01
C THR P 383 -29.70 58.83 21.52
N ALA P 384 -30.75 59.55 21.15
CA ALA P 384 -30.92 60.95 21.53
C ALA P 384 -31.13 61.17 23.02
N ALA P 385 -31.78 60.22 23.67
CA ALA P 385 -32.04 60.32 25.08
C ALA P 385 -30.79 60.43 25.94
N ARG P 386 -29.67 59.88 25.48
CA ARG P 386 -28.43 59.87 26.24
C ARG P 386 -27.58 61.10 26.02
N HIS P 387 -28.16 62.11 25.39
CA HIS P 387 -27.53 63.40 25.32
C HIS P 387 -27.29 63.88 26.74
N ALA P 388 -26.19 64.55 26.97
CA ALA P 388 -25.78 65.00 28.29
C ALA P 388 -26.79 65.86 29.06
N MET P 389 -27.51 66.72 28.37
CA MET P 389 -28.46 67.59 28.99
C MET P 389 -29.73 66.86 29.35
N LEU P 390 -29.85 65.61 28.94
CA LEU P 390 -30.99 64.79 29.28
C LEU P 390 -30.66 63.65 30.24
N ASN P 391 -29.48 63.64 30.86
CA ASN P 391 -29.07 62.50 31.66
C ASN P 391 -29.99 62.34 32.86
N VAL P 392 -30.62 61.18 32.96
CA VAL P 392 -31.63 60.95 33.98
C VAL P 392 -31.07 60.92 35.39
N HIS P 393 -29.94 60.24 35.57
CA HIS P 393 -29.28 60.15 36.87
C HIS P 393 -28.79 61.51 37.39
N VAL P 394 -28.28 62.33 36.48
CA VAL P 394 -27.86 63.68 36.85
C VAL P 394 -29.07 64.50 37.23
N GLY P 395 -30.15 64.37 36.46
CA GLY P 395 -31.39 65.10 36.75
C GLY P 395 -31.96 64.75 38.11
N HIS P 396 -31.94 63.47 38.43
CA HIS P 396 -32.41 62.99 39.73
C HIS P 396 -31.59 63.58 40.85
N GLU P 397 -30.28 63.65 40.66
CA GLU P 397 -29.41 64.19 41.67
C GLU P 397 -29.58 65.69 41.83
N LEU P 398 -29.78 66.40 40.73
CA LEU P 398 -30.01 67.83 40.76
C LEU P 398 -31.31 68.20 41.44
N TYR P 399 -32.40 67.48 41.13
CA TYR P 399 -33.68 67.79 41.70
C TYR P 399 -33.69 67.46 43.17
N GLY P 400 -33.10 66.33 43.51
CA GLY P 400 -33.04 65.88 44.89
C GLY P 400 -32.25 66.85 45.74
N GLY P 401 -31.19 67.36 45.15
CA GLY P 401 -30.31 68.31 45.79
C GLY P 401 -30.97 69.63 46.09
N SER P 402 -31.89 70.04 45.24
CA SER P 402 -32.60 71.29 45.40
C SER P 402 -33.42 71.34 46.66
N PHE P 403 -33.91 70.20 47.10
CA PHE P 403 -34.67 70.13 48.35
C PHE P 403 -33.88 70.54 49.59
N PHE P 404 -32.56 70.44 49.52
CA PHE P 404 -31.65 70.73 50.63
C PHE P 404 -30.64 71.84 50.32
N GLY P 405 -30.75 72.47 49.15
CA GLY P 405 -29.82 73.50 48.72
C GLY P 405 -28.38 73.05 48.58
N LEU P 406 -28.14 71.85 48.09
CA LEU P 406 -26.78 71.35 47.89
C LEU P 406 -26.17 72.02 46.68
N ASP P 407 -24.83 72.04 46.60
CA ASP P 407 -24.17 72.61 45.43
C ASP P 407 -24.50 71.78 44.22
N PRO P 408 -25.00 72.42 43.13
CA PRO P 408 -25.29 71.55 42.00
C PRO P 408 -24.06 70.86 41.40
N ILE P 409 -24.31 69.71 40.80
CA ILE P 409 -23.26 68.89 40.23
C ILE P 409 -22.97 69.23 38.79
N VAL P 410 -23.64 70.24 38.25
CA VAL P 410 -23.34 70.70 36.92
C VAL P 410 -22.89 72.14 37.02
N PRO P 411 -22.05 72.61 36.08
CA PRO P 411 -21.59 73.98 36.25
C PRO P 411 -22.63 75.09 35.98
N SER P 412 -23.55 74.88 35.05
CA SER P 412 -24.54 75.92 34.79
C SER P 412 -25.94 75.36 34.68
N LEU P 413 -26.92 76.21 34.94
CA LEU P 413 -28.31 75.84 34.85
C LEU P 413 -29.01 76.66 33.79
N THR Q 18 50.60 -8.73 -3.48
CA THR Q 18 49.44 -8.18 -4.23
C THR Q 18 48.33 -9.24 -4.35
N ASP Q 19 48.41 -10.28 -3.52
CA ASP Q 19 47.43 -11.33 -3.58
C ASP Q 19 46.07 -10.76 -3.17
N ILE Q 20 46.07 -10.00 -2.07
CA ILE Q 20 44.85 -9.37 -1.54
C ILE Q 20 44.36 -8.27 -2.51
N ARG Q 21 45.32 -7.55 -3.08
CA ARG Q 21 45.02 -6.49 -4.00
C ARG Q 21 44.24 -7.12 -5.17
N SER Q 22 44.64 -8.32 -5.58
CA SER Q 22 43.97 -8.97 -6.67
C SER Q 22 42.56 -9.40 -6.29
N GLU Q 23 42.45 -9.89 -5.07
CA GLU Q 23 41.20 -10.40 -4.52
C GLU Q 23 40.17 -9.28 -4.40
N THR Q 24 40.61 -8.15 -3.90
CA THR Q 24 39.73 -7.02 -3.68
C THR Q 24 39.24 -6.49 -5.02
N ALA Q 25 40.11 -6.47 -6.01
CA ALA Q 25 39.73 -6.08 -7.36
C ALA Q 25 38.75 -7.05 -7.97
N GLU Q 26 38.94 -8.33 -7.71
CA GLU Q 26 38.04 -9.33 -8.27
C GLU Q 26 36.63 -9.18 -7.73
N LEU Q 27 36.52 -8.90 -6.44
CA LEU Q 27 35.24 -8.77 -5.79
C LEU Q 27 34.52 -7.55 -6.31
N ARG Q 28 35.26 -6.47 -6.47
CA ARG Q 28 34.67 -5.24 -6.95
C ARG Q 28 34.06 -5.42 -8.33
N ALA Q 29 34.77 -6.12 -9.20
CA ALA Q 29 34.27 -6.39 -10.53
C ALA Q 29 32.99 -7.21 -10.47
N GLU Q 30 32.96 -8.20 -9.59
CA GLU Q 30 31.80 -9.04 -9.43
C GLU Q 30 30.61 -8.20 -8.95
N LEU Q 31 30.85 -7.31 -8.00
CA LEU Q 31 29.80 -6.46 -7.49
C LEU Q 31 29.31 -5.47 -8.52
N VAL Q 32 30.21 -4.98 -9.34
CA VAL Q 32 29.81 -4.08 -10.41
C VAL Q 32 28.95 -4.85 -11.39
N GLU Q 33 29.29 -6.09 -11.67
CA GLU Q 33 28.49 -6.89 -12.56
C GLU Q 33 27.11 -7.16 -11.93
N ARG Q 34 27.04 -7.32 -10.62
CA ARG Q 34 25.72 -7.48 -9.99
C ARG Q 34 24.81 -6.28 -10.19
N VAL Q 35 25.40 -5.09 -10.08
CA VAL Q 35 24.66 -3.86 -10.34
C VAL Q 35 24.06 -3.88 -11.73
N HIS Q 36 24.84 -4.31 -12.72
CA HIS Q 36 24.33 -4.39 -14.10
C HIS Q 36 23.23 -5.42 -14.23
N LYS Q 37 23.35 -6.52 -13.51
CA LYS Q 37 22.36 -7.57 -13.54
C LYS Q 37 21.03 -7.12 -12.95
N PHE Q 38 21.09 -6.47 -11.80
CA PHE Q 38 19.88 -6.03 -11.11
C PHE Q 38 19.44 -4.64 -11.52
N GLY Q 39 20.24 -3.96 -12.32
CA GLY Q 39 19.95 -2.62 -12.72
C GLY Q 39 18.64 -2.42 -13.45
N PRO Q 40 18.28 -3.32 -14.38
CA PRO Q 40 16.99 -3.18 -15.03
C PRO Q 40 15.78 -3.18 -14.09
N VAL Q 41 15.87 -3.86 -12.94
CA VAL Q 41 14.79 -3.85 -11.93
C VAL Q 41 14.67 -2.47 -11.31
N PHE Q 42 15.80 -1.93 -10.89
CA PHE Q 42 15.83 -0.60 -10.30
C PHE Q 42 15.33 0.43 -11.28
N ALA Q 43 15.74 0.34 -12.54
CA ALA Q 43 15.32 1.27 -13.56
C ALA Q 43 13.82 1.20 -13.80
N ASP Q 44 13.29 0.00 -13.75
CA ASP Q 44 11.89 -0.24 -13.95
C ASP Q 44 11.00 0.40 -12.93
N GLY Q 45 11.50 0.54 -11.71
CA GLY Q 45 10.73 1.11 -10.64
C GLY Q 45 10.94 2.61 -10.44
N VAL Q 46 11.59 3.28 -11.38
CA VAL Q 46 11.84 4.70 -11.25
C VAL Q 46 10.54 5.47 -11.25
N ALA Q 47 9.62 5.16 -12.16
CA ALA Q 47 8.38 5.92 -12.23
C ALA Q 47 7.53 5.78 -10.99
N GLU Q 48 7.44 4.58 -10.44
CA GLU Q 48 6.67 4.38 -9.22
C GLU Q 48 7.32 5.10 -8.06
N GLY Q 49 8.64 5.02 -7.98
CA GLY Q 49 9.37 5.65 -6.89
C GLY Q 49 9.21 7.15 -6.85
N GLU Q 50 9.20 7.75 -8.03
CA GLU Q 50 9.03 9.18 -8.20
C GLU Q 50 7.65 9.63 -7.73
N ARG Q 51 6.67 8.83 -8.09
CA ARG Q 51 5.26 9.01 -7.79
C ARG Q 51 4.94 8.81 -6.31
N GLU Q 52 5.51 7.79 -5.69
CA GLU Q 52 5.20 7.44 -4.30
C GLU Q 52 6.19 7.93 -3.24
N ARG Q 53 7.35 8.43 -3.66
CA ARG Q 53 8.38 8.90 -2.73
C ARG Q 53 8.93 7.82 -1.80
N ARG Q 54 9.04 6.61 -2.30
CA ARG Q 54 9.62 5.48 -1.58
C ARG Q 54 10.07 4.50 -2.65
N LEU Q 55 10.95 3.59 -2.31
CA LEU Q 55 11.43 2.61 -3.27
C LEU Q 55 10.35 1.54 -3.47
N PRO Q 56 10.11 1.11 -4.69
CA PRO Q 56 9.15 0.01 -4.90
C PRO Q 56 9.57 -1.29 -4.26
N ASP Q 57 8.61 -2.19 -4.02
CA ASP Q 57 8.94 -3.48 -3.42
C ASP Q 57 9.94 -4.28 -4.23
N ALA Q 58 9.84 -4.24 -5.54
CA ALA Q 58 10.76 -5.01 -6.36
C ALA Q 58 12.21 -4.53 -6.16
N THR Q 59 12.39 -3.23 -6.03
CA THR Q 59 13.71 -2.64 -5.82
C THR Q 59 14.30 -3.06 -4.48
N VAL Q 60 13.47 -3.05 -3.45
CA VAL Q 60 13.94 -3.47 -2.15
C VAL Q 60 14.33 -4.94 -2.20
N ARG Q 61 13.54 -5.75 -2.90
CA ARG Q 61 13.85 -7.15 -3.04
C ARG Q 61 15.18 -7.34 -3.72
N ALA Q 62 15.41 -6.59 -4.79
CA ALA Q 62 16.64 -6.68 -5.54
C ALA Q 62 17.83 -6.26 -4.70
N ILE Q 63 17.66 -5.25 -3.86
CA ILE Q 63 18.72 -4.81 -2.99
C ILE Q 63 19.09 -5.93 -2.02
N ASP Q 64 18.09 -6.63 -1.48
CA ASP Q 64 18.37 -7.73 -0.54
C ASP Q 64 19.01 -8.94 -1.23
N GLN Q 65 18.52 -9.32 -2.41
CA GLN Q 65 19.12 -10.43 -3.18
C GLN Q 65 20.52 -10.17 -3.66
N SER Q 66 20.78 -8.95 -4.17
CA SER Q 66 22.11 -8.59 -4.69
C SER Q 66 23.20 -8.48 -3.62
N GLN Q 67 22.77 -8.33 -2.37
CA GLN Q 67 23.63 -8.14 -1.22
C GLN Q 67 24.35 -6.77 -1.25
N LEU Q 68 23.87 -5.82 -2.03
CA LEU Q 68 24.49 -4.50 -2.16
C LEU Q 68 24.37 -3.61 -0.92
N ALA Q 69 23.46 -3.96 -0.03
CA ALA Q 69 23.41 -3.36 1.31
C ALA Q 69 24.44 -3.94 2.28
N MET Q 70 25.19 -4.95 1.86
CA MET Q 70 26.04 -5.73 2.77
C MET Q 70 27.55 -5.48 2.59
N LEU Q 71 27.90 -4.54 1.73
CA LEU Q 71 29.29 -4.24 1.46
C LEU Q 71 30.05 -3.80 2.71
N TRP Q 72 29.42 -3.06 3.60
CA TRP Q 72 30.10 -2.63 4.81
C TRP Q 72 29.66 -3.36 6.09
N THR Q 73 29.12 -4.57 5.89
CA THR Q 73 28.73 -5.44 6.98
C THR Q 73 29.85 -6.43 7.18
N ALA Q 74 30.15 -6.77 8.42
CA ALA Q 74 31.26 -7.66 8.74
C ALA Q 74 31.09 -9.10 8.24
N LYS Q 75 32.20 -9.71 7.87
CA LYS Q 75 32.27 -11.09 7.40
C LYS Q 75 31.82 -12.06 8.46
N SER Q 76 32.12 -11.73 9.71
CA SER Q 76 31.74 -12.57 10.81
C SER Q 76 30.22 -12.74 10.90
N TYR Q 77 29.45 -11.76 10.41
CA TYR Q 77 28.00 -11.87 10.33
C TYR Q 77 27.42 -12.28 8.96
N GLY Q 78 28.29 -12.73 8.05
CA GLY Q 78 27.89 -13.03 6.67
C GLY Q 78 27.89 -11.86 5.69
N GLY Q 79 28.48 -10.74 6.09
CA GLY Q 79 28.63 -9.58 5.19
C GLY Q 79 29.81 -9.68 4.24
N LEU Q 80 29.83 -8.82 3.25
CA LEU Q 80 30.87 -8.86 2.21
C LEU Q 80 32.16 -8.14 2.64
N GLU Q 81 32.05 -7.25 3.64
CA GLU Q 81 33.19 -6.54 4.26
C GLU Q 81 34.23 -6.02 3.24
N THR Q 82 33.84 -5.08 2.38
CA THR Q 82 34.72 -4.55 1.32
C THR Q 82 35.47 -3.30 1.82
N ASP Q 83 35.80 -2.39 0.92
CA ASP Q 83 36.51 -1.19 1.29
C ASP Q 83 35.79 0.02 0.71
N VAL Q 84 36.34 1.19 0.93
CA VAL Q 84 35.67 2.41 0.46
C VAL Q 84 35.62 2.48 -1.05
N ARG Q 85 36.71 2.13 -1.69
CA ARG Q 85 36.79 2.22 -3.12
C ARG Q 85 35.77 1.32 -3.79
N THR Q 86 35.53 0.14 -3.26
CA THR Q 86 34.57 -0.76 -3.86
C THR Q 86 33.15 -0.21 -3.74
N MET Q 87 32.84 0.34 -2.59
CA MET Q 87 31.54 0.88 -2.32
C MET Q 87 31.29 2.06 -3.24
N SER Q 88 32.31 2.87 -3.44
CA SER Q 88 32.25 4.01 -4.30
C SER Q 88 32.01 3.63 -5.74
N GLU Q 89 32.74 2.65 -6.25
CA GLU Q 89 32.53 2.23 -7.63
C GLU Q 89 31.14 1.62 -7.82
N VAL Q 90 30.63 0.93 -6.82
CA VAL Q 90 29.28 0.38 -6.89
C VAL Q 90 28.20 1.48 -6.93
N ALA Q 91 28.36 2.47 -6.06
CA ALA Q 91 27.43 3.61 -5.99
C ALA Q 91 27.37 4.38 -7.31
N LYS Q 92 28.52 4.55 -7.95
CA LYS Q 92 28.56 5.27 -9.24
C LYS Q 92 27.75 4.55 -10.30
N VAL Q 93 27.89 3.24 -10.36
CA VAL Q 93 27.21 2.46 -11.38
C VAL Q 93 25.73 2.37 -11.07
N LEU Q 94 25.39 2.20 -9.80
CA LEU Q 94 23.98 2.19 -9.37
C LEU Q 94 23.19 3.40 -9.81
N SER Q 95 23.79 4.58 -9.67
CA SER Q 95 23.16 5.84 -10.09
C SER Q 95 22.70 5.89 -11.53
N HIS Q 96 23.34 5.13 -12.41
CA HIS Q 96 22.90 5.11 -13.81
C HIS Q 96 21.48 4.58 -13.91
N TYR Q 97 21.13 3.65 -13.04
CA TYR Q 97 19.85 3.00 -13.12
C TYR Q 97 18.83 3.74 -12.26
N CYS Q 98 19.19 4.05 -11.03
CA CYS Q 98 18.29 4.82 -10.15
C CYS Q 98 19.10 5.57 -9.10
N PRO Q 99 19.23 6.91 -9.24
CA PRO Q 99 20.02 7.65 -8.25
C PRO Q 99 19.47 7.54 -6.82
N SER Q 100 18.14 7.42 -6.68
CA SER Q 100 17.56 7.22 -5.35
C SER Q 100 17.95 5.90 -4.67
N THR Q 101 17.94 4.81 -5.44
CA THR Q 101 18.37 3.50 -5.00
C THR Q 101 19.83 3.58 -4.60
N SER Q 102 20.65 4.18 -5.45
CA SER Q 102 22.06 4.37 -5.15
C SER Q 102 22.23 5.11 -3.85
N TRP Q 103 21.48 6.17 -3.68
CA TRP Q 103 21.55 6.96 -2.47
C TRP Q 103 21.17 6.15 -1.23
N VAL Q 104 20.12 5.36 -1.35
CA VAL Q 104 19.67 4.57 -0.22
C VAL Q 104 20.71 3.51 0.12
N VAL Q 105 21.19 2.80 -0.90
CA VAL Q 105 22.17 1.76 -0.70
C VAL Q 105 23.41 2.33 -0.02
N ASN Q 106 23.84 3.51 -0.44
CA ASN Q 106 25.00 4.19 0.14
C ASN Q 106 24.74 4.51 1.61
N ASN Q 107 23.55 4.99 1.91
CA ASN Q 107 23.20 5.33 3.27
C ASN Q 107 23.17 4.09 4.14
N VAL Q 108 22.64 2.98 3.64
CA VAL Q 108 22.55 1.77 4.43
C VAL Q 108 23.92 1.23 4.83
N ASN Q 109 24.80 1.11 3.83
CA ASN Q 109 26.15 0.65 4.10
C ASN Q 109 26.84 1.56 5.08
N GLY Q 110 26.71 2.86 4.86
CA GLY Q 110 27.34 3.80 5.77
C GLY Q 110 26.78 3.70 7.18
N SER Q 111 25.49 3.50 7.30
CA SER Q 111 24.90 3.36 8.62
C SER Q 111 25.36 2.10 9.30
N ASN Q 112 25.46 1.02 8.53
CA ASN Q 112 25.96 -0.23 9.05
C ASN Q 112 27.40 -0.07 9.53
N LEU Q 113 28.20 0.70 8.81
CA LEU Q 113 29.57 0.90 9.23
C LEU Q 113 29.59 1.69 10.54
N LEU Q 114 28.69 2.66 10.68
CA LEU Q 114 28.62 3.46 11.90
C LEU Q 114 28.22 2.62 13.08
N ALA Q 115 27.44 1.58 12.83
CA ALA Q 115 26.98 0.69 13.89
C ALA Q 115 28.13 -0.01 14.59
N SER Q 116 29.24 -0.20 13.90
CA SER Q 116 30.38 -0.86 14.48
C SER Q 116 31.04 -0.16 15.66
N LYS Q 117 30.69 1.10 15.91
CA LYS Q 117 31.16 1.75 17.13
C LYS Q 117 30.42 1.29 18.38
N PHE Q 118 29.28 0.67 18.19
CA PHE Q 118 28.48 0.18 19.30
C PHE Q 118 29.06 -1.12 19.89
N PRO Q 119 28.63 -1.49 21.12
CA PRO Q 119 29.20 -2.71 21.66
C PRO Q 119 28.78 -3.97 20.92
N ARG Q 120 29.51 -5.04 21.18
CA ARG Q 120 29.27 -6.31 20.55
C ARG Q 120 27.86 -6.80 20.80
N ALA Q 121 27.34 -6.53 21.99
CA ALA Q 121 25.98 -6.90 22.34
C ALA Q 121 24.95 -6.32 21.37
N ALA Q 122 25.12 -5.06 21.01
CA ALA Q 122 24.25 -4.38 20.04
C ALA Q 122 24.44 -4.95 18.66
N LEU Q 123 25.69 -5.11 18.24
CA LEU Q 123 26.00 -5.65 16.92
C LEU Q 123 25.43 -7.06 16.70
N ASP Q 124 25.55 -7.90 17.72
CA ASP Q 124 24.96 -9.24 17.70
C ASP Q 124 23.44 -9.12 17.58
N GLU Q 125 22.83 -8.24 18.37
CA GLU Q 125 21.38 -8.06 18.32
C GLU Q 125 20.91 -7.61 16.92
N VAL Q 126 21.69 -6.79 16.25
CA VAL Q 126 21.36 -6.27 14.91
C VAL Q 126 21.64 -7.27 13.79
N PHE Q 127 22.86 -7.81 13.76
CA PHE Q 127 23.39 -8.62 12.63
C PHE Q 127 23.45 -10.14 12.86
N GLY Q 128 23.29 -10.56 14.11
CA GLY Q 128 23.39 -11.96 14.53
C GLY Q 128 22.62 -12.98 13.72
N ASP Q 129 21.34 -12.70 13.46
CA ASP Q 129 20.47 -13.57 12.64
C ASP Q 129 20.02 -12.86 11.38
N ALA Q 130 20.70 -11.79 10.99
CA ALA Q 130 20.27 -10.93 9.88
C ALA Q 130 21.52 -10.40 9.16
N PRO Q 131 22.18 -11.23 8.33
CA PRO Q 131 23.34 -10.76 7.55
C PRO Q 131 23.01 -9.54 6.64
N GLY Q 132 21.77 -9.47 6.15
CA GLY Q 132 21.27 -8.37 5.33
C GLY Q 132 20.54 -7.27 6.08
N ALA Q 133 20.84 -7.09 7.37
CA ALA Q 133 20.23 -6.02 8.14
C ALA Q 133 20.56 -4.66 7.52
N LYS Q 134 19.58 -3.76 7.56
CA LYS Q 134 19.68 -2.43 6.97
C LYS Q 134 19.39 -1.33 7.97
N LEU Q 135 20.40 -0.50 8.23
CA LEU Q 135 20.26 0.65 9.15
C LEU Q 135 20.06 2.00 8.46
N ALA Q 136 19.26 2.86 9.10
CA ALA Q 136 19.21 4.27 8.86
C ALA Q 136 20.13 4.95 9.87
N SER Q 137 20.41 6.22 9.62
CA SER Q 137 21.14 7.01 10.59
C SER Q 137 20.88 8.46 10.30
N VAL Q 138 20.47 9.19 11.33
CA VAL Q 138 20.23 10.61 11.20
C VAL Q 138 20.92 11.39 12.30
N PHE Q 139 21.76 12.32 11.88
CA PHE Q 139 22.55 13.21 12.74
C PHE Q 139 21.98 14.62 12.62
N ALA Q 140 20.93 14.75 11.81
CA ALA Q 140 20.21 16.00 11.49
C ALA Q 140 19.33 16.58 12.58
N ALA Q 141 19.18 15.88 13.70
CA ALA Q 141 18.41 16.38 14.83
C ALA Q 141 19.00 15.75 16.03
N ALA Q 142 18.62 16.35 17.12
CA ALA Q 142 18.84 15.77 18.39
C ALA Q 142 17.46 15.64 19.00
N GLY Q 143 17.34 14.60 19.79
CA GLY Q 143 16.17 14.27 20.51
C GLY Q 143 16.73 14.44 21.89
N THR Q 144 15.92 14.14 22.85
CA THR Q 144 16.34 14.38 24.18
C THR Q 144 16.16 13.05 24.91
N ALA Q 145 17.19 12.67 25.65
CA ALA Q 145 17.22 11.41 26.33
C ALA Q 145 17.52 11.61 27.79
N VAL Q 146 16.87 10.83 28.64
CA VAL Q 146 17.10 10.92 30.06
C VAL Q 146 17.32 9.53 30.63
N ARG Q 147 18.20 9.45 31.62
CA ARG Q 147 18.51 8.16 32.26
C ARG Q 147 17.33 7.57 33.00
N THR Q 148 17.19 6.26 32.83
CA THR Q 148 16.13 5.48 33.47
C THR Q 148 16.84 4.19 33.88
N PRO Q 149 16.24 3.38 34.80
CA PRO Q 149 17.01 2.18 35.14
C PRO Q 149 17.13 1.20 34.00
N GLY Q 150 18.35 0.77 33.76
CA GLY Q 150 18.70 -0.13 32.66
C GLY Q 150 18.92 0.53 31.32
N GLY Q 151 18.81 1.86 31.24
CA GLY Q 151 19.01 2.53 29.99
C GLY Q 151 18.61 3.99 29.94
N TYR Q 152 17.83 4.33 28.92
CA TYR Q 152 17.39 5.70 28.68
C TYR Q 152 15.94 5.72 28.19
N ARG Q 153 15.32 6.90 28.36
CA ARG Q 153 14.01 7.19 27.78
C ARG Q 153 14.25 8.30 26.77
N LEU Q 154 13.86 8.08 25.52
CA LEU Q 154 14.23 8.94 24.37
C LEU Q 154 13.00 9.54 23.69
N THR Q 155 13.04 10.85 23.48
CA THR Q 155 11.99 11.56 22.77
C THR Q 155 12.66 12.46 21.74
N GLY Q 156 12.07 12.52 20.55
CA GLY Q 156 12.58 13.42 19.51
C GLY Q 156 11.89 13.28 18.17
N SER Q 157 12.30 14.13 17.24
CA SER Q 157 11.78 14.13 15.90
C SER Q 157 12.94 14.38 14.94
N TRP Q 158 13.26 13.38 14.12
CA TRP Q 158 14.47 13.38 13.28
C TRP Q 158 14.08 13.42 11.82
N PRO Q 159 14.24 14.56 11.13
CA PRO Q 159 14.01 14.62 9.67
C PRO Q 159 15.14 14.02 8.85
N TYR Q 160 14.93 13.92 7.54
CA TYR Q 160 15.93 13.38 6.60
C TYR Q 160 16.36 11.92 6.90
N GLY Q 161 15.40 11.05 7.18
CA GLY Q 161 15.71 9.68 7.50
C GLY Q 161 15.73 8.86 6.24
N THR Q 162 16.82 8.93 5.50
CA THR Q 162 16.92 8.16 4.25
C THR Q 162 16.67 6.69 4.43
N GLY Q 163 15.78 6.19 3.58
CA GLY Q 163 15.43 4.78 3.52
C GLY Q 163 14.77 4.16 4.76
N ILE Q 164 14.25 4.99 5.66
CA ILE Q 164 13.73 4.55 6.96
C ILE Q 164 12.55 3.60 6.80
N LEU Q 165 11.75 3.80 5.77
CA LEU Q 165 10.63 2.90 5.49
C LEU Q 165 11.02 1.44 5.28
N HIS Q 166 12.22 1.16 4.79
CA HIS Q 166 12.69 -0.22 4.56
C HIS Q 166 13.71 -0.68 5.57
N ASP Q 167 14.00 0.12 6.58
CA ASP Q 167 15.15 -0.17 7.45
C ASP Q 167 14.69 -0.95 8.69
N ASP Q 168 15.63 -1.73 9.22
CA ASP Q 168 15.37 -2.59 10.36
C ASP Q 168 15.68 -1.87 11.67
N TRP Q 169 16.68 -1.00 11.63
CA TRP Q 169 17.12 -0.21 12.79
C TRP Q 169 17.50 1.20 12.33
N ALA Q 170 17.65 2.11 13.29
CA ALA Q 170 18.03 3.49 13.04
C ALA Q 170 19.01 3.94 14.10
N ILE Q 171 20.07 4.62 13.68
CA ILE Q 171 20.99 5.28 14.59
C ILE Q 171 20.60 6.73 14.67
N LEU Q 172 20.21 7.17 15.86
CA LEU Q 172 19.73 8.53 16.06
C LEU Q 172 20.58 9.27 17.08
N VAL Q 173 20.85 10.53 16.81
CA VAL Q 173 21.61 11.38 17.72
C VAL Q 173 20.69 12.03 18.73
N ALA Q 174 21.16 12.15 19.95
CA ALA Q 174 20.38 12.81 20.99
C ALA Q 174 21.22 13.49 22.01
N ARG Q 175 20.58 14.33 22.79
CA ARG Q 175 21.25 15.03 23.86
C ARG Q 175 20.74 14.43 25.14
N GLU Q 176 21.64 14.00 25.98
CA GLU Q 176 21.27 13.54 27.31
C GLU Q 176 20.97 14.74 28.20
N VAL Q 177 19.97 14.61 29.03
CA VAL Q 177 19.60 15.66 29.97
C VAL Q 177 19.29 15.02 31.31
N ASP Q 178 19.35 15.81 32.36
CA ASP Q 178 19.07 15.30 33.70
C ASP Q 178 17.59 15.53 34.06
N ALA Q 179 17.25 15.24 35.31
CA ALA Q 179 15.90 15.42 35.80
C ALA Q 179 15.48 16.86 35.71
N ASP Q 180 16.43 17.75 35.98
CA ASP Q 180 16.18 19.16 35.85
C ASP Q 180 15.95 19.55 34.41
N GLY Q 181 16.54 18.81 33.48
CA GLY Q 181 16.40 19.09 32.06
C GLY Q 181 17.60 19.85 31.53
N GLU Q 182 18.65 19.90 32.33
CA GLU Q 182 19.91 20.51 31.93
C GLU Q 182 20.72 19.57 31.05
N PRO Q 183 21.46 20.09 30.07
CA PRO Q 183 22.25 19.20 29.21
C PRO Q 183 23.39 18.48 29.91
N VAL Q 184 23.54 17.19 29.63
CA VAL Q 184 24.61 16.40 30.21
C VAL Q 184 25.67 16.03 29.20
N GLY Q 185 25.26 15.58 28.03
CA GLY Q 185 26.22 15.17 27.02
C GLY Q 185 25.51 14.70 25.78
N GLY Q 186 26.30 14.32 24.77
CA GLY Q 186 25.75 13.85 23.50
C GLY Q 186 25.67 12.34 23.45
N LEU Q 187 24.66 11.80 22.78
CA LEU Q 187 24.54 10.35 22.65
C LEU Q 187 24.22 9.87 21.26
N SER Q 188 24.59 8.63 20.98
CA SER Q 188 24.16 7.98 19.77
C SER Q 188 23.38 6.74 20.16
N MET Q 189 22.20 6.59 19.60
CA MET Q 189 21.30 5.53 20.04
C MET Q 189 20.79 4.65 18.96
N LEU Q 190 20.79 3.37 19.21
CA LEU Q 190 20.38 2.41 18.21
C LEU Q 190 19.00 1.90 18.57
N VAL Q 191 18.02 2.15 17.69
CA VAL Q 191 16.67 1.77 18.02
C VAL Q 191 16.01 1.04 16.85
N PRO Q 192 15.25 0.00 17.14
CA PRO Q 192 14.63 -0.85 16.15
C PRO Q 192 13.36 -0.29 15.52
N ALA Q 193 13.00 -0.85 14.38
CA ALA Q 193 11.85 -0.42 13.61
C ALA Q 193 10.56 -0.53 14.39
N ARG Q 194 10.45 -1.57 15.20
CA ARG Q 194 9.26 -1.80 16.02
C ARG Q 194 9.01 -0.64 16.98
N ASP Q 195 10.07 -0.01 17.46
CA ASP Q 195 9.94 1.13 18.35
C ASP Q 195 9.76 2.46 17.67
N LEU Q 196 9.91 2.53 16.35
CA LEU Q 196 9.84 3.81 15.63
C LEU Q 196 8.49 4.07 15.02
N THR Q 197 8.25 5.34 14.74
CA THR Q 197 7.11 5.78 13.98
C THR Q 197 7.66 6.66 12.88
N VAL Q 198 7.08 6.56 11.70
CA VAL Q 198 7.54 7.36 10.59
C VAL Q 198 6.45 8.32 10.17
N GLU Q 199 6.83 9.57 10.01
CA GLU Q 199 5.92 10.62 9.66
C GLU Q 199 6.23 11.05 8.23
N ASP Q 200 5.22 11.28 7.43
CA ASP Q 200 5.41 11.56 6.03
C ASP Q 200 5.74 13.04 5.82
N THR Q 201 7.01 13.32 5.67
CA THR Q 201 7.45 14.69 5.50
C THR Q 201 8.33 14.94 4.30
N TRP Q 202 8.66 13.92 3.53
CA TRP Q 202 9.60 14.06 2.43
C TRP Q 202 8.87 14.45 1.15
N HIS Q 203 8.83 15.75 0.88
CA HIS Q 203 8.22 16.29 -0.33
C HIS Q 203 9.22 17.17 -1.04
N THR Q 204 9.87 16.57 -2.04
CA THR Q 204 10.97 17.25 -2.71
C THR Q 204 10.87 17.08 -4.18
N VAL Q 205 11.71 17.83 -4.90
CA VAL Q 205 11.72 17.76 -6.34
C VAL Q 205 12.86 16.91 -6.86
N GLY Q 206 13.63 16.32 -5.97
CA GLY Q 206 14.69 15.40 -6.38
C GLY Q 206 14.93 14.39 -5.29
N MET Q 207 15.50 13.25 -5.66
CA MET Q 207 15.74 12.14 -4.77
C MET Q 207 14.45 11.75 -4.04
N ARG Q 208 13.33 11.76 -4.75
CA ARG Q 208 12.04 11.48 -4.16
C ARG Q 208 11.89 10.08 -3.58
N ALA Q 209 12.37 9.05 -4.29
CA ALA Q 209 12.21 7.67 -3.84
C ALA Q 209 13.09 7.32 -2.64
N THR Q 210 14.00 8.20 -2.25
CA THR Q 210 14.82 7.93 -1.09
C THR Q 210 14.00 7.88 0.19
N GLY Q 211 12.79 8.43 0.19
CA GLY Q 211 11.92 8.37 1.34
C GLY Q 211 12.54 8.86 2.64
N SER Q 212 13.18 10.02 2.57
CA SER Q 212 13.87 10.60 3.69
C SER Q 212 12.90 11.33 4.63
N HIS Q 213 12.07 10.53 5.26
CA HIS Q 213 10.96 10.98 6.09
C HIS Q 213 11.42 11.28 7.50
N THR Q 214 10.49 11.70 8.37
CA THR Q 214 10.82 12.05 9.75
C THR Q 214 10.55 10.87 10.67
N VAL Q 215 11.54 10.56 11.49
CA VAL Q 215 11.44 9.54 12.52
C VAL Q 215 10.97 10.21 13.81
N VAL Q 216 9.93 9.66 14.41
CA VAL Q 216 9.36 10.21 15.63
C VAL Q 216 9.38 9.22 16.78
N LEU Q 217 9.85 9.68 17.92
CA LEU Q 217 9.92 8.85 19.12
C LEU Q 217 9.32 9.59 20.28
N ARG Q 218 8.55 8.90 21.09
CA ARG Q 218 8.02 9.53 22.28
C ARG Q 218 8.18 8.64 23.49
N ASP Q 219 9.03 9.08 24.42
CA ASP Q 219 9.29 8.37 25.65
C ASP Q 219 9.66 6.90 25.43
N THR Q 220 10.48 6.67 24.43
CA THR Q 220 10.87 5.32 24.03
C THR Q 220 12.03 4.80 24.84
N PHE Q 221 11.93 3.56 25.29
CA PHE Q 221 12.99 2.97 26.08
C PHE Q 221 14.09 2.44 25.19
N VAL Q 222 15.31 2.78 25.53
CA VAL Q 222 16.45 2.28 24.81
C VAL Q 222 17.42 1.72 25.84
N PRO Q 223 17.78 0.43 25.71
CA PRO Q 223 18.69 -0.05 26.72
C PRO Q 223 20.13 0.43 26.58
N GLU Q 224 20.85 0.31 27.67
CA GLU Q 224 22.20 0.80 27.81
C GLU Q 224 23.18 0.29 26.75
N HIS Q 225 23.07 -0.98 26.38
CA HIS Q 225 24.02 -1.57 25.45
C HIS Q 225 23.82 -1.05 24.02
N ARG Q 226 22.70 -0.37 23.77
CA ARG Q 226 22.44 0.22 22.46
C ARG Q 226 22.59 1.74 22.48
N VAL Q 227 23.42 2.26 23.37
CA VAL Q 227 23.64 3.70 23.51
C VAL Q 227 25.13 3.92 23.72
N ILE Q 228 25.73 4.81 22.96
CA ILE Q 228 27.13 5.19 23.18
C ILE Q 228 27.22 6.69 23.20
N SER Q 229 28.34 7.20 23.66
CA SER Q 229 28.52 8.64 23.70
C SER Q 229 28.69 9.10 22.28
N GLY Q 230 28.34 10.35 22.06
CA GLY Q 230 28.55 11.00 20.79
C GLY Q 230 30.03 10.99 20.47
N GLU Q 231 30.86 11.14 21.50
CA GLU Q 231 32.31 11.11 21.31
C GLU Q 231 32.77 9.76 20.76
N LEU Q 232 32.22 8.67 21.25
CA LEU Q 232 32.59 7.35 20.79
C LEU Q 232 32.10 7.08 19.37
N GLN Q 233 30.92 7.60 19.03
CA GLN Q 233 30.36 7.45 17.70
C GLN Q 233 31.21 8.11 16.62
N ARG Q 234 31.83 9.23 16.92
CA ARG Q 234 32.67 9.92 15.95
C ARG Q 234 34.12 9.55 16.06
N SER Q 235 34.46 8.62 16.94
CA SER Q 235 35.86 8.31 17.25
C SER Q 235 36.59 7.66 16.09
N ARG Q 236 37.88 7.93 15.99
CA ARG Q 236 38.75 7.31 15.01
C ARG Q 236 39.88 6.55 15.72
N GLU Q 237 39.67 6.16 16.98
CA GLU Q 237 40.68 5.38 17.70
C GLU Q 237 40.91 3.99 17.14
N SER Q 238 39.94 3.45 16.42
CA SER Q 238 40.09 2.12 15.85
C SER Q 238 41.00 2.12 14.62
N ALA Q 239 41.49 3.28 14.21
CA ALA Q 239 42.35 3.37 13.05
C ALA Q 239 43.61 2.55 13.17
N THR Q 240 44.15 2.44 14.39
CA THR Q 240 45.38 1.68 14.62
C THR Q 240 45.20 0.30 15.25
N ASP Q 241 43.98 -0.16 15.40
CA ASP Q 241 43.68 -1.43 16.09
C ASP Q 241 43.89 -2.62 15.15
N LEU Q 242 45.00 -3.33 15.33
CA LEU Q 242 45.32 -4.49 14.50
C LEU Q 242 44.37 -5.70 14.72
N GLY Q 243 43.68 -5.71 15.85
CA GLY Q 243 42.66 -6.71 16.14
C GLY Q 243 41.44 -6.65 15.26
N LEU Q 244 41.09 -5.45 14.79
CA LEU Q 244 39.95 -5.26 13.90
C LEU Q 244 40.27 -5.55 12.45
N PRO Q 245 39.28 -6.00 11.66
CA PRO Q 245 39.57 -6.07 10.23
C PRO Q 245 39.76 -4.68 9.63
N PRO Q 246 40.42 -4.56 8.45
CA PRO Q 246 40.67 -3.19 7.96
C PRO Q 246 39.48 -2.28 7.77
N LEU Q 247 38.33 -2.77 7.32
CA LEU Q 247 37.16 -1.91 7.15
C LEU Q 247 36.76 -1.17 8.41
N PHE Q 248 36.89 -1.82 9.55
CA PHE Q 248 36.48 -1.20 10.80
C PHE Q 248 37.54 -0.26 11.37
N ARG Q 249 38.67 -0.14 10.68
CA ARG Q 249 39.67 0.83 11.04
C ARG Q 249 39.47 2.15 10.29
N THR Q 250 38.63 2.11 9.25
CA THR Q 250 38.38 3.23 8.34
C THR Q 250 37.75 4.39 9.07
N ALA Q 251 38.12 5.59 8.65
CA ALA Q 251 37.48 6.80 9.16
C ALA Q 251 36.05 6.87 8.60
N ALA Q 252 35.09 6.54 9.43
CA ALA Q 252 33.76 6.15 8.93
C ALA Q 252 32.97 7.31 8.33
N ILE Q 253 32.99 8.44 9.00
CA ILE Q 253 32.24 9.60 8.57
C ILE Q 253 32.79 10.14 7.26
N ALA Q 254 34.11 10.14 7.13
CA ALA Q 254 34.71 10.55 5.88
C ALA Q 254 34.36 9.56 4.77
N ALA Q 255 34.34 8.28 5.09
CA ALA Q 255 34.03 7.26 4.11
C ALA Q 255 32.63 7.40 3.60
N MET Q 256 31.72 7.74 4.49
CA MET Q 256 30.34 7.91 4.14
C MET Q 256 30.16 9.08 3.19
N ALA Q 257 30.87 10.17 3.47
CA ALA Q 257 30.83 11.33 2.62
C ALA Q 257 31.40 11.04 1.22
N VAL Q 258 32.45 10.24 1.14
CA VAL Q 258 33.01 9.86 -0.16
C VAL Q 258 32.00 9.06 -1.00
N VAL Q 259 31.25 8.15 -0.39
CA VAL Q 259 30.29 7.37 -1.17
C VAL Q 259 29.04 8.19 -1.50
N CYS Q 260 28.68 9.17 -0.67
CA CYS Q 260 27.57 10.06 -1.01
C CYS Q 260 27.94 10.86 -2.26
N ALA Q 261 29.17 11.36 -2.30
CA ALA Q 261 29.68 12.02 -3.47
C ALA Q 261 29.68 11.10 -4.70
N SER Q 262 29.97 9.82 -4.50
CA SER Q 262 29.95 8.86 -5.61
C SER Q 262 28.59 8.70 -6.24
N VAL Q 263 27.55 8.79 -5.43
CA VAL Q 263 26.16 8.71 -5.93
C VAL Q 263 25.93 9.86 -6.88
N VAL Q 264 26.29 11.06 -6.44
CA VAL Q 264 26.13 12.24 -7.27
C VAL Q 264 26.96 12.14 -8.56
N LEU Q 265 28.22 11.76 -8.39
CA LEU Q 265 29.15 11.61 -9.50
C LEU Q 265 28.58 10.67 -10.57
N GLY Q 266 28.14 9.50 -10.14
CA GLY Q 266 27.58 8.52 -11.04
C GLY Q 266 26.41 9.05 -11.87
N ALA Q 267 25.54 9.86 -11.25
CA ALA Q 267 24.40 10.46 -11.97
C ALA Q 267 24.90 11.40 -13.06
N GLY Q 268 25.96 12.14 -12.73
CA GLY Q 268 26.60 13.03 -13.68
C GLY Q 268 27.20 12.30 -14.85
N GLN Q 269 27.86 11.20 -14.55
CA GLN Q 269 28.44 10.37 -15.60
C GLN Q 269 27.37 9.76 -16.48
N ALA Q 270 26.25 9.36 -15.88
CA ALA Q 270 25.13 8.83 -16.71
C ALA Q 270 24.56 9.91 -17.64
N ALA Q 271 24.47 11.14 -17.12
CA ALA Q 271 24.04 12.29 -17.88
C ALA Q 271 24.96 12.51 -19.06
N ARG Q 272 26.26 12.41 -18.82
CA ARG Q 272 27.24 12.60 -19.90
C ARG Q 272 27.07 11.54 -20.98
N ALA Q 273 26.99 10.28 -20.57
CA ALA Q 273 26.81 9.18 -21.52
C ALA Q 273 25.55 9.37 -22.37
N LEU Q 274 24.47 9.85 -21.76
CA LEU Q 274 23.22 10.10 -22.47
C LEU Q 274 23.33 11.20 -23.54
N VAL Q 275 23.94 12.33 -23.18
CA VAL Q 275 24.18 13.41 -24.12
C VAL Q 275 25.05 12.93 -25.29
N VAL Q 276 26.06 12.11 -25.00
CA VAL Q 276 26.90 11.51 -26.05
C VAL Q 276 26.11 10.59 -26.96
N GLU Q 277 25.26 9.78 -26.37
CA GLU Q 277 24.41 8.85 -27.08
C GLU Q 277 23.47 9.51 -28.04
N LYS Q 278 22.86 10.62 -27.63
CA LYS Q 278 21.86 11.31 -28.42
C LYS Q 278 22.36 12.36 -29.41
N ALA Q 279 23.60 12.79 -29.29
CA ALA Q 279 24.11 13.92 -30.06
C ALA Q 279 24.12 13.69 -31.55
N PRO Q 280 24.39 12.44 -32.01
CA PRO Q 280 24.40 12.31 -33.46
C PRO Q 280 23.03 12.38 -34.13
N THR Q 281 21.95 12.26 -33.37
CA THR Q 281 20.62 12.32 -33.98
C THR Q 281 19.78 13.54 -33.67
N ARG Q 282 20.36 14.58 -33.08
CA ARG Q 282 19.62 15.83 -32.81
C ARG Q 282 20.45 16.95 -33.32
N GLY Q 283 19.79 18.11 -33.47
CA GLY Q 283 20.45 19.34 -33.89
C GLY Q 283 20.48 20.37 -32.78
N ILE Q 284 21.01 21.55 -33.14
CA ILE Q 284 21.08 22.71 -32.27
C ILE Q 284 20.25 23.81 -32.91
N ALA Q 285 19.03 23.94 -32.43
CA ALA Q 285 18.15 24.98 -32.94
C ALA Q 285 18.60 26.33 -32.44
N PRO Q 286 18.45 27.35 -33.31
CA PRO Q 286 17.92 27.32 -34.68
C PRO Q 286 19.04 27.39 -35.69
N SER Q 287 20.16 26.78 -35.37
CA SER Q 287 21.35 26.93 -36.18
C SER Q 287 21.28 26.03 -37.41
N LYS Q 288 22.26 26.21 -38.28
CA LYS Q 288 22.46 25.33 -39.41
C LYS Q 288 22.94 23.92 -39.03
N TYR Q 289 23.38 23.73 -37.77
CA TYR Q 289 23.84 22.42 -37.30
C TYR Q 289 22.65 21.48 -37.04
N THR Q 290 22.29 20.68 -38.04
CA THR Q 290 21.20 19.71 -37.90
C THR Q 290 21.62 18.48 -37.08
N ARG Q 291 22.92 18.25 -36.97
CA ARG Q 291 23.50 17.23 -36.10
C ARG Q 291 24.41 17.92 -35.09
N GLN Q 292 24.27 17.60 -33.80
CA GLN Q 292 25.06 18.24 -32.76
C GLN Q 292 26.58 18.05 -32.95
N THR Q 293 26.92 16.85 -33.42
CA THR Q 293 28.30 16.43 -33.66
C THR Q 293 28.96 17.17 -34.82
N ASP Q 294 28.16 17.81 -35.67
CA ASP Q 294 28.70 18.69 -36.71
C ASP Q 294 29.23 20.00 -36.20
N SER Q 295 28.79 20.41 -35.02
CA SER Q 295 29.23 21.65 -34.44
C SER Q 295 30.47 21.45 -33.60
N ARG Q 296 31.55 22.09 -34.01
CA ARG Q 296 32.78 21.98 -33.28
C ARG Q 296 32.72 22.68 -31.94
N THR Q 297 31.91 23.73 -31.83
CA THR Q 297 31.71 24.39 -30.55
C THR Q 297 31.07 23.42 -29.58
N PHE Q 298 30.11 22.66 -30.07
CA PHE Q 298 29.46 21.64 -29.26
C PHE Q 298 30.44 20.56 -28.84
N VAL Q 299 31.24 20.08 -29.79
CA VAL Q 299 32.14 18.98 -29.51
C VAL Q 299 33.21 19.38 -28.52
N SER Q 300 33.81 20.55 -28.70
CA SER Q 300 34.86 21.00 -27.79
C SER Q 300 34.30 21.33 -26.41
N SER Q 301 33.08 21.85 -26.34
CA SER Q 301 32.46 22.13 -25.07
C SER Q 301 32.22 20.87 -24.31
N LEU Q 302 31.79 19.84 -25.02
CA LEU Q 302 31.52 18.57 -24.40
C LEU Q 302 32.79 17.92 -23.88
N GLY Q 303 33.89 18.11 -24.59
CA GLY Q 303 35.16 17.64 -24.13
C GLY Q 303 35.55 18.29 -22.82
N ARG Q 304 35.33 19.59 -22.72
CA ARG Q 304 35.62 20.31 -21.50
C ARG Q 304 34.74 19.85 -20.32
N THR Q 305 33.47 19.65 -20.57
CA THR Q 305 32.55 19.23 -19.56
C THR Q 305 32.89 17.85 -19.08
N ALA Q 306 33.26 17.01 -20.02
CA ALA Q 306 33.70 15.69 -19.69
C ALA Q 306 34.94 15.71 -18.84
N LEU Q 307 35.92 16.56 -19.15
CA LEU Q 307 37.11 16.66 -18.27
C LEU Q 307 36.79 17.14 -16.86
N SER Q 308 35.82 18.06 -16.67
CA SER Q 308 35.43 18.41 -15.26
C SER Q 308 34.88 17.20 -14.51
N ILE Q 309 34.03 16.44 -15.17
CA ILE Q 309 33.47 15.24 -14.57
C ILE Q 309 34.59 14.22 -14.26
N ASP Q 310 35.56 14.09 -15.19
CA ASP Q 310 36.75 13.26 -14.96
C ASP Q 310 37.52 13.71 -13.73
N ALA Q 311 37.65 15.00 -13.55
CA ALA Q 311 38.32 15.52 -12.37
C ALA Q 311 37.55 15.19 -11.11
N ALA Q 312 36.23 15.28 -11.15
CA ALA Q 312 35.42 14.96 -9.98
C ALA Q 312 35.61 13.51 -9.62
N GLU Q 313 35.69 12.66 -10.64
CA GLU Q 313 35.92 11.23 -10.45
C GLU Q 313 37.25 10.95 -9.76
N MET Q 314 38.29 11.66 -10.17
CA MET Q 314 39.59 11.51 -9.57
C MET Q 314 39.63 12.02 -8.13
N HIS Q 315 38.92 13.08 -7.82
CA HIS Q 315 38.85 13.61 -6.46
C HIS Q 315 38.25 12.57 -5.53
N VAL Q 316 37.21 11.92 -6.03
CA VAL Q 316 36.51 10.91 -5.27
C VAL Q 316 37.39 9.69 -5.09
N ALA Q 317 38.04 9.25 -6.16
CA ALA Q 317 38.92 8.10 -6.09
C ALA Q 317 40.10 8.34 -5.19
N ARG Q 318 40.68 9.53 -5.25
CA ARG Q 318 41.83 9.84 -4.43
C ARG Q 318 41.46 9.74 -2.96
N ALA Q 319 40.31 10.28 -2.60
CA ALA Q 319 39.88 10.26 -1.21
C ALA Q 319 39.60 8.83 -0.75
N ALA Q 320 38.94 8.08 -1.61
CA ALA Q 320 38.69 6.69 -1.28
C ALA Q 320 39.98 5.91 -1.03
N THR Q 321 40.97 6.15 -1.88
CA THR Q 321 42.26 5.47 -1.78
C THR Q 321 43.02 5.89 -0.55
N ALA Q 322 42.97 7.16 -0.20
CA ALA Q 322 43.62 7.59 1.02
C ALA Q 322 43.01 6.89 2.23
N LEU Q 323 41.68 6.78 2.24
CA LEU Q 323 40.98 6.13 3.36
C LEU Q 323 41.29 4.65 3.45
N ASP Q 324 41.31 3.97 2.31
CA ASP Q 324 41.66 2.56 2.27
C ASP Q 324 43.09 2.26 2.59
N ASP Q 325 44.01 3.06 2.10
CA ASP Q 325 45.42 2.83 2.37
C ASP Q 325 45.69 2.94 3.86
N ALA Q 326 45.08 3.92 4.51
CA ALA Q 326 45.26 4.08 5.94
C ALA Q 326 44.67 2.91 6.73
N ALA Q 327 43.51 2.43 6.32
CA ALA Q 327 42.88 1.33 7.02
C ALA Q 327 43.68 0.04 6.88
N TYR Q 328 44.19 -0.21 5.68
CA TYR Q 328 44.99 -1.40 5.43
C TYR Q 328 46.31 -1.36 6.18
N ASP Q 329 46.93 -0.20 6.29
CA ASP Q 329 48.19 -0.07 6.99
C ASP Q 329 47.99 0.13 8.45
N ALA Q 330 46.75 0.22 8.91
CA ALA Q 330 46.49 0.47 10.33
C ALA Q 330 47.14 1.75 10.87
N VAL Q 331 47.22 2.78 10.05
CA VAL Q 331 47.65 4.12 10.49
C VAL Q 331 46.46 5.08 10.59
N ALA Q 332 46.60 6.03 11.52
CA ALA Q 332 45.65 7.11 11.68
C ALA Q 332 45.92 8.15 10.60
N LEU Q 333 44.86 8.59 9.94
CA LEU Q 333 44.92 9.73 9.05
C LEU Q 333 45.06 10.96 9.90
N PRO Q 334 46.06 11.82 9.61
CA PRO Q 334 46.11 13.07 10.36
C PRO Q 334 44.95 13.96 9.95
N ASP Q 335 44.67 14.98 10.77
CA ASP Q 335 43.60 15.92 10.50
C ASP Q 335 43.72 16.56 9.13
N SER Q 336 44.93 16.91 8.73
CA SER Q 336 45.11 17.56 7.44
C SER Q 336 44.63 16.71 6.28
N GLU Q 337 44.81 15.41 6.37
CA GLU Q 337 44.37 14.52 5.32
C GLU Q 337 42.85 14.43 5.29
N LEU Q 338 42.21 14.43 6.44
CA LEU Q 338 40.74 14.40 6.53
C LEU Q 338 40.10 15.67 6.04
N LEU Q 339 40.75 16.79 6.33
CA LEU Q 339 40.27 18.09 5.88
C LEU Q 339 40.36 18.17 4.38
N ARG Q 340 41.40 17.60 3.81
CA ARG Q 340 41.53 17.52 2.37
C ARG Q 340 40.44 16.64 1.76
N ILE Q 341 40.09 15.54 2.41
CA ILE Q 341 39.03 14.68 1.89
C ILE Q 341 37.71 15.43 1.87
N ARG Q 342 37.45 16.24 2.88
CA ARG Q 342 36.22 17.01 2.94
C ARG Q 342 36.16 18.01 1.79
N GLY Q 343 37.31 18.61 1.48
CA GLY Q 343 37.42 19.47 0.33
C GLY Q 343 37.23 18.76 -0.99
N ASP Q 344 37.82 17.57 -1.14
CA ASP Q 344 37.66 16.78 -2.37
C ASP Q 344 36.21 16.46 -2.67
N VAL Q 345 35.45 16.06 -1.67
CA VAL Q 345 34.07 15.64 -1.90
C VAL Q 345 33.14 16.77 -2.27
N GLY Q 346 33.29 17.91 -1.61
CA GLY Q 346 32.51 19.08 -1.97
C GLY Q 346 32.86 19.59 -3.33
N GLN Q 347 34.15 19.59 -3.62
CA GLN Q 347 34.63 19.99 -4.91
C GLN Q 347 34.13 19.06 -6.01
N ALA Q 348 34.13 17.75 -5.78
CA ALA Q 348 33.67 16.82 -6.81
C ALA Q 348 32.20 17.04 -7.14
N VAL Q 349 31.36 17.20 -6.12
CA VAL Q 349 29.92 17.35 -6.39
C VAL Q 349 29.61 18.69 -6.98
N SER Q 350 30.38 19.68 -6.62
CA SER Q 350 30.26 21.01 -7.23
C SER Q 350 30.61 21.02 -8.72
N LEU Q 351 31.67 20.32 -9.04
CA LEU Q 351 32.07 20.09 -10.41
C LEU Q 351 30.95 19.33 -11.16
N VAL Q 352 30.31 18.37 -10.53
CA VAL Q 352 29.24 17.63 -11.17
C VAL Q 352 28.00 18.46 -11.41
N THR Q 353 27.60 19.31 -10.46
CA THR Q 353 26.41 20.14 -10.67
C THR Q 353 26.66 21.17 -11.75
N THR Q 354 27.86 21.74 -11.83
CA THR Q 354 28.18 22.69 -12.87
C THR Q 354 28.16 21.97 -14.21
N ALA Q 355 28.70 20.77 -14.26
CA ALA Q 355 28.75 20.01 -15.50
C ALA Q 355 27.35 19.62 -15.98
N LEU Q 356 26.44 19.37 -15.06
CA LEU Q 356 25.07 19.05 -15.43
C LEU Q 356 24.38 20.23 -16.10
N ASP Q 357 24.65 21.44 -15.60
CA ASP Q 357 24.15 22.65 -16.19
C ASP Q 357 24.66 22.75 -17.63
N GLU Q 358 25.91 22.42 -17.82
CA GLU Q 358 26.54 22.39 -19.12
C GLU Q 358 25.93 21.34 -20.04
N LEU Q 359 25.58 20.18 -19.50
CA LEU Q 359 24.98 19.12 -20.32
C LEU Q 359 23.58 19.48 -20.80
N LEU Q 360 22.83 20.24 -20.01
CA LEU Q 360 21.53 20.73 -20.43
C LEU Q 360 21.66 21.73 -21.55
N TRP Q 361 22.70 22.56 -21.51
CA TRP Q 361 22.96 23.49 -22.60
C TRP Q 361 23.31 22.73 -23.86
N ALA Q 362 24.03 21.62 -23.71
CA ALA Q 362 24.37 20.81 -24.84
C ALA Q 362 23.15 20.11 -25.45
N HIS Q 363 22.33 19.52 -24.60
CA HIS Q 363 21.23 18.72 -25.06
C HIS Q 363 20.06 19.54 -25.55
N GLY Q 364 19.73 20.62 -24.88
CA GLY Q 364 18.64 21.49 -25.31
C GLY Q 364 17.41 21.41 -24.47
N ALA Q 365 16.35 22.05 -24.94
CA ALA Q 365 15.09 22.14 -24.23
C ALA Q 365 14.43 20.79 -23.96
N ALA Q 366 14.67 19.81 -24.84
CA ALA Q 366 14.14 18.47 -24.68
C ALA Q 366 14.58 17.79 -23.42
N SER Q 367 15.66 18.27 -22.83
CA SER Q 367 16.16 17.64 -21.64
C SER Q 367 15.22 17.80 -20.46
N PHE Q 368 14.29 18.74 -20.53
CA PHE Q 368 13.37 18.99 -19.39
C PHE Q 368 12.05 18.24 -19.53
N ALA Q 369 11.91 17.42 -20.56
CA ALA Q 369 10.70 16.62 -20.67
C ALA Q 369 10.69 15.53 -19.60
N GLU Q 370 9.53 15.20 -19.08
CA GLU Q 370 9.42 14.15 -18.07
C GLU Q 370 9.88 12.81 -18.60
N SER Q 371 9.74 12.59 -19.89
CA SER Q 371 10.22 11.36 -20.49
C SER Q 371 11.74 11.28 -20.65
N ASN Q 372 12.47 12.37 -20.48
CA ASN Q 372 13.91 12.36 -20.68
C ASN Q 372 14.67 12.07 -19.39
N PRO Q 373 15.50 11.02 -19.35
CA PRO Q 373 16.29 10.75 -18.11
C PRO Q 373 17.26 11.85 -17.70
N LEU Q 374 17.59 12.76 -18.60
CA LEU Q 374 18.54 13.79 -18.30
C LEU Q 374 18.10 14.71 -17.16
N GLN Q 375 16.84 15.11 -17.12
CA GLN Q 375 16.35 15.94 -16.04
C GLN Q 375 16.27 15.20 -14.72
N ARG Q 376 16.12 13.88 -14.76
CA ARG Q 376 16.13 13.06 -13.55
C ARG Q 376 17.50 13.07 -12.92
N TYR Q 377 18.53 12.89 -13.72
CA TYR Q 377 19.88 12.89 -13.18
C TYR Q 377 20.16 14.29 -12.64
N TRP Q 378 19.69 15.30 -13.34
CA TRP Q 378 19.89 16.68 -12.96
C TRP Q 378 19.22 17.00 -11.62
N ARG Q 379 17.98 16.59 -11.45
CA ARG Q 379 17.28 16.87 -10.20
C ARG Q 379 17.84 16.05 -9.03
N ASP Q 380 18.13 14.76 -9.24
CA ASP Q 380 18.64 13.94 -8.16
C ASP Q 380 20.04 14.30 -7.70
N ALA Q 381 20.94 14.56 -8.63
CA ALA Q 381 22.30 14.93 -8.29
C ALA Q 381 22.34 16.28 -7.61
N ASN Q 382 21.54 17.23 -8.07
CA ASN Q 382 21.49 18.55 -7.47
C ASN Q 382 20.94 18.53 -6.04
N THR Q 383 19.91 17.74 -5.80
CA THR Q 383 19.32 17.62 -4.48
C THR Q 383 20.30 16.99 -3.52
N ALA Q 384 20.87 15.87 -3.91
CA ALA Q 384 21.81 15.13 -3.06
C ALA Q 384 23.10 15.86 -2.78
N ALA Q 385 23.55 16.66 -3.73
CA ALA Q 385 24.79 17.39 -3.58
C ALA Q 385 24.80 18.35 -2.42
N ARG Q 386 23.65 18.86 -2.04
CA ARG Q 386 23.53 19.84 -0.95
C ARG Q 386 23.38 19.22 0.41
N HIS Q 387 23.64 17.93 0.51
CA HIS Q 387 23.75 17.29 1.79
C HIS Q 387 24.87 17.97 2.54
N ALA Q 388 24.71 18.11 3.83
CA ALA Q 388 25.65 18.85 4.67
C ALA Q 388 27.10 18.37 4.63
N MET Q 389 27.32 17.07 4.53
CA MET Q 389 28.66 16.53 4.49
C MET Q 389 29.30 16.72 3.15
N LEU Q 390 28.57 17.23 2.18
CA LEU Q 390 29.12 17.55 0.88
C LEU Q 390 29.21 19.04 0.60
N ASN Q 391 29.02 19.91 1.59
CA ASN Q 391 28.93 21.35 1.31
C ASN Q 391 30.23 21.85 0.75
N VAL Q 392 30.17 22.44 -0.43
CA VAL Q 392 31.39 22.85 -1.14
C VAL Q 392 32.14 24.02 -0.47
N HIS Q 393 31.39 25.02 -0.02
CA HIS Q 393 31.95 26.17 0.69
C HIS Q 393 32.60 25.79 2.02
N VAL Q 394 31.98 24.87 2.75
CA VAL Q 394 32.56 24.38 4.00
C VAL Q 394 33.84 23.61 3.70
N GLY Q 395 33.80 22.78 2.66
CA GLY Q 395 34.98 22.00 2.27
C GLY Q 395 36.15 22.88 1.88
N HIS Q 396 35.86 23.94 1.15
CA HIS Q 396 36.88 24.89 0.74
C HIS Q 396 37.51 25.55 1.94
N GLU Q 397 36.71 25.92 2.92
CA GLU Q 397 37.18 26.55 4.12
C GLU Q 397 37.99 25.59 4.97
N LEU Q 398 37.58 24.33 5.05
CA LEU Q 398 38.29 23.32 5.81
C LEU Q 398 39.65 22.99 5.22
N TYR Q 399 39.72 22.83 3.92
CA TYR Q 399 40.95 22.49 3.28
C TYR Q 399 41.91 23.66 3.33
N GLY Q 400 41.39 24.84 3.11
CA GLY Q 400 42.20 26.06 3.15
C GLY Q 400 42.78 26.27 4.52
N GLY Q 401 41.98 25.98 5.53
CA GLY Q 401 42.35 26.12 6.90
C GLY Q 401 43.47 25.19 7.32
N SER Q 402 43.51 24.01 6.73
CA SER Q 402 44.50 23.01 7.05
C SER Q 402 45.90 23.46 6.72
N PHE Q 403 46.04 24.30 5.70
CA PHE Q 403 47.35 24.84 5.34
C PHE Q 403 48.01 25.68 6.43
N PHE Q 404 47.19 26.23 7.34
CA PHE Q 404 47.64 27.11 8.42
C PHE Q 404 47.32 26.59 9.82
N GLY Q 405 46.76 25.38 9.91
CA GLY Q 405 46.35 24.80 11.18
C GLY Q 405 45.29 25.58 11.95
N LEU Q 406 44.32 26.16 11.25
CA LEU Q 406 43.21 26.87 11.89
C LEU Q 406 42.26 25.89 12.56
N ASP Q 407 41.49 26.34 13.54
CA ASP Q 407 40.50 25.47 14.17
C ASP Q 407 39.46 25.11 13.14
N PRO Q 408 39.17 23.80 12.97
CA PRO Q 408 38.13 23.52 11.97
C PRO Q 408 36.75 24.08 12.32
N ILE Q 409 35.98 24.36 11.28
CA ILE Q 409 34.67 24.95 11.43
C ILE Q 409 33.58 23.89 11.59
N VAL Q 410 33.96 22.62 11.61
CA VAL Q 410 33.00 21.57 11.86
C VAL Q 410 33.40 20.86 13.12
N PRO Q 411 32.42 20.28 13.86
CA PRO Q 411 32.85 19.69 15.12
C PRO Q 411 33.63 18.36 15.01
N SER Q 412 33.38 17.54 14.01
CA SER Q 412 34.14 16.30 13.89
C SER Q 412 34.59 16.07 12.46
N LEU Q 413 35.66 15.29 12.33
CA LEU Q 413 36.21 14.93 11.05
C LEU Q 413 36.12 13.43 10.82
N THR R 18 55.27 -7.36 -7.59
CA THR R 18 55.47 -5.90 -7.29
C THR R 18 56.95 -5.61 -7.01
N ASP R 19 57.84 -6.52 -7.39
CA ASP R 19 59.24 -6.32 -7.14
C ASP R 19 59.73 -5.12 -7.96
N ILE R 20 59.33 -5.11 -9.24
CA ILE R 20 59.71 -4.02 -10.16
C ILE R 20 59.00 -2.71 -9.76
N ARG R 21 57.76 -2.84 -9.30
CA ARG R 21 56.99 -1.71 -8.87
C ARG R 21 57.75 -1.05 -7.73
N SER R 22 58.34 -1.85 -6.86
CA SER R 22 59.08 -1.31 -5.74
C SER R 22 60.34 -0.61 -6.19
N GLU R 23 61.00 -1.23 -7.16
CA GLU R 23 62.26 -0.74 -7.71
C GLU R 23 62.07 0.60 -8.41
N THR R 24 61.02 0.70 -9.19
CA THR R 24 60.75 1.91 -9.93
C THR R 24 60.43 3.05 -8.97
N ALA R 25 59.70 2.74 -7.91
CA ALA R 25 59.39 3.73 -6.88
C ALA R 25 60.64 4.17 -6.15
N GLU R 26 61.55 3.24 -5.91
CA GLU R 26 62.78 3.57 -5.20
C GLU R 26 63.66 4.51 -6.00
N LEU R 27 63.72 4.29 -7.31
CA LEU R 27 64.52 5.12 -8.17
C LEU R 27 63.94 6.52 -8.25
N ARG R 28 62.62 6.61 -8.35
CA ARG R 28 61.97 7.88 -8.45
C ARG R 28 62.26 8.72 -7.22
N ALA R 29 62.22 8.12 -6.05
CA ALA R 29 62.50 8.83 -4.83
C ALA R 29 63.93 9.34 -4.80
N GLU R 30 64.85 8.51 -5.29
CA GLU R 30 66.24 8.89 -5.34
C GLU R 30 66.43 10.07 -6.28
N LEU R 31 65.75 10.05 -7.43
CA LEU R 31 65.85 11.13 -8.39
C LEU R 31 65.23 12.39 -7.86
N VAL R 32 64.15 12.28 -7.12
CA VAL R 32 63.53 13.44 -6.53
C VAL R 32 64.49 14.03 -5.53
N GLU R 33 65.19 13.19 -4.78
CA GLU R 33 66.14 13.69 -3.81
C GLU R 33 67.31 14.36 -4.53
N ARG R 34 67.70 13.87 -5.70
CA ARG R 34 68.74 14.57 -6.46
C ARG R 34 68.37 15.98 -6.87
N VAL R 35 67.11 16.14 -7.27
CA VAL R 35 66.57 17.46 -7.59
C VAL R 35 66.74 18.39 -6.40
N HIS R 36 66.42 17.91 -5.20
CA HIS R 36 66.56 18.74 -4.01
C HIS R 36 68.00 19.08 -3.72
N LYS R 37 68.89 18.14 -3.97
CA LYS R 37 70.30 18.35 -3.76
C LYS R 37 70.90 19.40 -4.69
N PHE R 38 70.56 19.30 -5.96
CA PHE R 38 71.10 20.21 -6.96
C PHE R 38 70.23 21.45 -7.15
N GLY R 39 69.07 21.48 -6.51
CA GLY R 39 68.16 22.57 -6.67
C GLY R 39 68.70 23.94 -6.31
N PRO R 40 69.44 24.06 -5.19
CA PRO R 40 70.03 25.35 -4.87
C PRO R 40 70.96 25.93 -5.95
N VAL R 41 71.61 25.09 -6.76
CA VAL R 41 72.45 25.57 -7.88
C VAL R 41 71.56 26.18 -8.95
N PHE R 42 70.52 25.46 -9.32
CA PHE R 42 69.59 25.95 -10.33
C PHE R 42 68.94 27.25 -9.89
N ALA R 43 68.55 27.32 -8.62
CA ALA R 43 67.93 28.51 -8.08
C ALA R 43 68.85 29.70 -8.09
N ASP R 44 70.12 29.43 -7.81
CA ASP R 44 71.14 30.44 -7.78
C ASP R 44 71.39 31.11 -9.10
N GLY R 45 71.18 30.38 -10.19
CA GLY R 45 71.39 30.91 -11.52
C GLY R 45 70.17 31.50 -12.17
N VAL R 46 69.08 31.70 -11.43
CA VAL R 46 67.86 32.22 -12.01
C VAL R 46 68.07 33.63 -12.53
N ALA R 47 68.72 34.48 -11.75
CA ALA R 47 68.90 35.86 -12.17
C ALA R 47 69.78 36.00 -13.42
N GLU R 48 70.84 35.23 -13.52
CA GLU R 48 71.68 35.27 -14.70
C GLU R 48 70.92 34.73 -15.90
N GLY R 49 70.16 33.65 -15.71
CA GLY R 49 69.43 33.06 -16.79
C GLY R 49 68.39 33.99 -17.40
N GLU R 50 67.74 34.74 -16.54
CA GLU R 50 66.72 35.69 -16.90
C GLU R 50 67.32 36.83 -17.73
N ARG R 51 68.48 37.27 -17.30
CA ARG R 51 69.28 38.33 -17.89
C ARG R 51 69.88 37.94 -19.24
N GLU R 52 70.41 36.73 -19.35
CA GLU R 52 71.11 36.28 -20.56
C GLU R 52 70.28 35.42 -21.53
N ARG R 53 69.12 34.95 -21.11
CA ARG R 53 68.27 34.10 -21.96
C ARG R 53 68.91 32.76 -22.34
N ARG R 54 69.68 32.21 -21.43
CA ARG R 54 70.32 30.91 -21.58
C ARG R 54 70.59 30.40 -20.17
N LEU R 55 70.80 29.12 -20.00
CA LEU R 55 71.09 28.57 -18.70
C LEU R 55 72.53 28.86 -18.33
N PRO R 56 72.80 29.25 -17.10
CA PRO R 56 74.20 29.45 -16.70
C PRO R 56 75.04 28.20 -16.75
N ASP R 57 76.36 28.34 -16.83
CA ASP R 57 77.25 27.20 -16.89
C ASP R 57 77.11 26.27 -15.68
N ALA R 58 76.92 26.84 -14.51
CA ALA R 58 76.78 26.01 -13.31
C ALA R 58 75.56 25.10 -13.40
N THR R 59 74.47 25.63 -13.95
CA THR R 59 73.24 24.88 -14.11
C THR R 59 73.42 23.72 -15.09
N VAL R 60 74.10 23.99 -16.19
CA VAL R 60 74.38 22.95 -17.16
C VAL R 60 75.23 21.88 -16.52
N ARG R 61 76.22 22.28 -15.74
CA ARG R 61 77.08 21.33 -15.05
C ARG R 61 76.27 20.46 -14.11
N ALA R 62 75.37 21.08 -13.36
CA ALA R 62 74.54 20.35 -12.42
C ALA R 62 73.61 19.38 -13.14
N ILE R 63 73.10 19.76 -14.31
CA ILE R 63 72.26 18.87 -15.08
C ILE R 63 73.05 17.65 -15.51
N ASP R 64 74.30 17.84 -15.91
CA ASP R 64 75.12 16.71 -16.33
C ASP R 64 75.54 15.79 -15.18
N GLN R 65 75.91 16.38 -14.04
CA GLN R 65 76.27 15.60 -12.86
C GLN R 65 75.11 14.86 -12.25
N SER R 66 73.94 15.48 -12.17
CA SER R 66 72.72 14.85 -11.58
C SER R 66 72.16 13.70 -12.41
N GLN R 67 72.53 13.66 -13.68
CA GLN R 67 72.04 12.70 -14.67
C GLN R 67 70.54 12.90 -14.99
N LEU R 68 69.98 14.08 -14.69
CA LEU R 68 68.56 14.36 -14.92
C LEU R 68 68.17 14.50 -16.40
N ALA R 69 69.17 14.67 -17.25
CA ALA R 69 68.96 14.57 -18.69
C ALA R 69 68.92 13.13 -19.21
N MET R 70 69.16 12.17 -18.33
CA MET R 70 69.37 10.77 -18.76
C MET R 70 68.22 9.81 -18.41
N LEU R 71 67.14 10.37 -17.89
CA LEU R 71 65.99 9.56 -17.49
C LEU R 71 65.40 8.78 -18.65
N TRP R 72 65.39 9.34 -19.85
CA TRP R 72 64.82 8.62 -20.99
C TRP R 72 65.88 8.13 -21.98
N THR R 73 67.10 7.95 -21.47
CA THR R 73 68.20 7.39 -22.24
C THR R 73 68.28 5.92 -21.87
N ALA R 74 68.57 5.07 -22.84
CA ALA R 74 68.61 3.63 -22.62
C ALA R 74 69.73 3.17 -21.70
N LYS R 75 69.44 2.10 -20.95
CA LYS R 75 70.38 1.47 -20.03
C LYS R 75 71.57 0.90 -20.75
N SER R 76 71.35 0.43 -21.95
CA SER R 76 72.41 -0.13 -22.75
C SER R 76 73.49 0.91 -23.04
N TYR R 77 73.15 2.19 -23.06
CA TYR R 77 74.13 3.27 -23.21
C TYR R 77 74.56 3.97 -21.91
N GLY R 78 74.20 3.40 -20.76
CA GLY R 78 74.46 4.02 -19.45
C GLY R 78 73.41 5.01 -18.95
N GLY R 79 72.25 5.03 -19.60
CA GLY R 79 71.12 5.85 -19.16
C GLY R 79 70.31 5.22 -18.05
N LEU R 80 69.47 6.02 -17.42
CA LEU R 80 68.67 5.57 -16.29
C LEU R 80 67.41 4.83 -16.71
N GLU R 81 66.95 5.05 -17.95
CA GLU R 81 65.79 4.37 -18.55
C GLU R 81 64.58 4.21 -17.62
N THR R 82 63.96 5.32 -17.21
CA THR R 82 62.81 5.29 -16.27
C THR R 82 61.49 5.22 -17.04
N ASP R 83 60.43 5.77 -16.48
CA ASP R 83 59.14 5.76 -17.13
C ASP R 83 58.57 7.17 -17.12
N VAL R 84 57.36 7.31 -17.65
CA VAL R 84 56.78 8.63 -17.76
C VAL R 84 56.51 9.26 -16.40
N ARG R 85 55.99 8.47 -15.49
CA ARG R 85 55.62 8.97 -14.20
C ARG R 85 56.80 9.50 -13.45
N THR R 86 57.95 8.85 -13.54
CA THR R 86 59.14 9.31 -12.84
C THR R 86 59.61 10.64 -13.41
N MET R 87 59.59 10.75 -14.72
CA MET R 87 60.04 11.96 -15.39
C MET R 87 59.14 13.12 -15.01
N SER R 88 57.85 12.85 -14.93
CA SER R 88 56.85 13.81 -14.56
C SER R 88 57.06 14.31 -13.14
N GLU R 89 57.26 13.41 -12.19
CA GLU R 89 57.49 13.82 -10.82
C GLU R 89 58.78 14.60 -10.68
N VAL R 90 59.80 14.26 -11.45
CA VAL R 90 61.06 15.03 -11.44
C VAL R 90 60.88 16.45 -11.97
N ALA R 91 60.18 16.56 -13.08
CA ALA R 91 59.87 17.86 -13.69
C ALA R 91 59.11 18.79 -12.77
N LYS R 92 58.16 18.25 -12.02
CA LYS R 92 57.36 19.05 -11.09
C LYS R 92 58.22 19.66 -10.01
N VAL R 93 59.14 18.86 -9.49
CA VAL R 93 59.98 19.33 -8.39
C VAL R 93 61.03 20.30 -8.91
N LEU R 94 61.58 20.02 -10.07
CA LEU R 94 62.54 20.93 -10.72
C LEU R 94 62.03 22.34 -10.87
N SER R 95 60.78 22.47 -11.31
CA SER R 95 60.13 23.77 -11.49
C SER R 95 60.13 24.68 -10.25
N HIS R 96 60.15 24.10 -9.07
CA HIS R 96 60.22 24.91 -7.86
C HIS R 96 61.51 25.73 -7.83
N TYR R 97 62.57 25.18 -8.35
CA TYR R 97 63.86 25.83 -8.28
C TYR R 97 64.10 26.71 -9.50
N CYS R 98 63.84 26.17 -10.69
CA CYS R 98 63.95 26.97 -11.92
C CYS R 98 63.04 26.39 -12.99
N PRO R 99 61.93 27.08 -13.32
CA PRO R 99 61.04 26.53 -14.36
C PRO R 99 61.71 26.36 -15.73
N SER R 100 62.64 27.25 -16.05
CA SER R 100 63.38 27.12 -17.33
C SER R 100 64.27 25.87 -17.40
N THR R 101 64.98 25.56 -16.31
CA THR R 101 65.79 24.36 -16.19
C THR R 101 64.90 23.15 -16.32
N SER R 102 63.78 23.16 -15.61
CA SER R 102 62.80 22.07 -15.70
C SER R 102 62.35 21.89 -17.13
N TRP R 103 62.04 22.98 -17.80
CA TRP R 103 61.59 22.92 -19.17
C TRP R 103 62.65 22.34 -20.10
N VAL R 104 63.89 22.74 -19.88
CA VAL R 104 64.97 22.26 -20.73
C VAL R 104 65.20 20.77 -20.49
N VAL R 105 65.27 20.39 -19.22
CA VAL R 105 65.49 19.00 -18.86
C VAL R 105 64.39 18.12 -19.47
N ASN R 106 63.15 18.58 -19.41
CA ASN R 106 62.01 17.87 -19.99
C ASN R 106 62.18 17.71 -21.50
N ASN R 107 62.60 18.79 -22.15
CA ASN R 107 62.78 18.76 -23.59
C ASN R 107 63.90 17.80 -23.97
N VAL R 108 65.00 17.78 -23.21
CA VAL R 108 66.11 16.91 -23.52
C VAL R 108 65.72 15.42 -23.46
N ASN R 109 65.10 15.04 -22.34
CA ASN R 109 64.66 13.65 -22.17
C ASN R 109 63.70 13.28 -23.28
N GLY R 110 62.74 14.16 -23.56
CA GLY R 110 61.80 13.88 -24.62
C GLY R 110 62.46 13.74 -25.97
N SER R 111 63.45 14.57 -26.24
CA SER R 111 64.15 14.49 -27.51
C SER R 111 64.94 13.21 -27.61
N ASN R 112 65.55 12.82 -26.51
CA ASN R 112 66.30 11.59 -26.46
C ASN R 112 65.37 10.40 -26.69
N LEU R 113 64.16 10.46 -26.17
CA LEU R 113 63.21 9.39 -26.39
C LEU R 113 62.83 9.34 -27.86
N LEU R 114 62.67 10.50 -28.48
CA LEU R 114 62.30 10.57 -29.90
C LEU R 114 63.39 9.99 -30.77
N ALA R 115 64.63 10.11 -30.32
CA ALA R 115 65.77 9.61 -31.06
C ALA R 115 65.71 8.10 -31.26
N SER R 116 65.04 7.39 -30.36
CA SER R 116 64.94 5.97 -30.45
C SER R 116 64.20 5.44 -31.68
N LYS R 117 63.49 6.28 -32.41
CA LYS R 117 62.91 5.85 -33.68
C LYS R 117 63.91 5.72 -34.79
N PHE R 118 65.09 6.32 -34.60
CA PHE R 118 66.15 6.26 -35.60
C PHE R 118 66.86 4.91 -35.57
N PRO R 119 67.63 4.58 -36.65
CA PRO R 119 68.32 3.31 -36.61
C PRO R 119 69.39 3.20 -35.56
N ARG R 120 69.81 1.98 -35.29
CA ARG R 120 70.83 1.70 -34.30
C ARG R 120 72.13 2.42 -34.63
N ALA R 121 72.43 2.53 -35.91
CA ALA R 121 73.62 3.24 -36.35
C ALA R 121 73.66 4.68 -35.84
N ALA R 122 72.52 5.37 -35.93
CA ALA R 122 72.38 6.73 -35.43
C ALA R 122 72.46 6.78 -33.92
N LEU R 123 71.73 5.89 -33.27
CA LEU R 123 71.75 5.83 -31.80
C LEU R 123 73.13 5.57 -31.22
N ASP R 124 73.88 4.67 -31.84
CA ASP R 124 75.27 4.41 -31.46
C ASP R 124 76.12 5.67 -31.65
N GLU R 125 75.95 6.33 -32.79
CA GLU R 125 76.70 7.56 -33.06
C GLU R 125 76.42 8.65 -32.02
N VAL R 126 75.18 8.73 -31.55
CA VAL R 126 74.77 9.74 -30.56
C VAL R 126 75.17 9.37 -29.13
N PHE R 127 74.80 8.17 -28.70
CA PHE R 127 74.90 7.73 -27.29
C PHE R 127 76.08 6.78 -26.96
N GLY R 128 76.71 6.23 -27.98
CA GLY R 128 77.78 5.24 -27.86
C GLY R 128 78.90 5.56 -26.90
N ASP R 129 79.45 6.78 -26.98
CA ASP R 129 80.52 7.25 -26.08
C ASP R 129 80.04 8.43 -25.23
N ALA R 130 78.73 8.63 -25.13
CA ALA R 130 78.15 9.81 -24.47
C ALA R 130 76.85 9.41 -23.80
N PRO R 131 76.94 8.75 -22.63
CA PRO R 131 75.72 8.41 -21.86
C PRO R 131 74.84 9.64 -21.52
N GLY R 132 75.49 10.79 -21.29
CA GLY R 132 74.82 12.07 -21.03
C GLY R 132 74.55 12.95 -22.25
N ALA R 133 74.44 12.35 -23.43
CA ALA R 133 74.11 13.13 -24.62
C ALA R 133 72.78 13.82 -24.46
N LYS R 134 72.70 15.05 -25.00
CA LYS R 134 71.52 15.91 -24.89
C LYS R 134 71.03 16.38 -26.25
N LEU R 135 69.82 15.98 -26.60
CA LEU R 135 69.19 16.38 -27.88
C LEU R 135 68.17 17.50 -27.75
N ALA R 136 68.12 18.34 -28.78
CA ALA R 136 67.01 19.24 -29.07
C ALA R 136 66.09 18.56 -30.06
N SER R 137 64.92 19.12 -30.22
CA SER R 137 64.03 18.65 -31.26
C SER R 137 63.03 19.73 -31.56
N VAL R 138 62.90 20.07 -32.83
CA VAL R 138 61.95 21.07 -33.26
C VAL R 138 61.12 20.57 -34.42
N PHE R 139 59.80 20.59 -34.21
CA PHE R 139 58.80 20.17 -35.18
C PHE R 139 58.05 21.42 -35.66
N ALA R 140 58.48 22.58 -35.16
CA ALA R 140 57.91 23.91 -35.42
C ALA R 140 58.20 24.52 -36.79
N ALA R 141 59.01 23.85 -37.60
CA ALA R 141 59.29 24.32 -38.94
C ALA R 141 59.60 23.10 -39.72
N ALA R 142 59.58 23.33 -41.01
CA ALA R 142 60.10 22.40 -41.92
C ALA R 142 61.17 23.18 -42.69
N GLY R 143 62.16 22.40 -43.07
CA GLY R 143 63.28 22.86 -43.83
C GLY R 143 63.03 22.04 -45.06
N THR R 144 63.93 22.15 -45.99
CA THR R 144 63.70 21.49 -47.22
C THR R 144 64.95 20.64 -47.45
N ALA R 145 64.72 19.40 -47.82
CA ALA R 145 65.79 18.45 -47.99
C ALA R 145 65.69 17.80 -49.36
N VAL R 146 66.85 17.56 -49.95
CA VAL R 146 66.87 16.95 -51.27
C VAL R 146 67.88 15.82 -51.27
N ARG R 147 67.58 14.76 -52.00
CA ARG R 147 68.49 13.61 -52.09
C ARG R 147 69.79 13.92 -52.76
N THR R 148 70.86 13.37 -52.18
CA THR R 148 72.20 13.53 -52.68
C THR R 148 72.82 12.15 -52.48
N PRO R 149 73.96 11.84 -53.15
CA PRO R 149 74.47 10.49 -52.90
C PRO R 149 74.94 10.29 -51.48
N GLY R 150 74.46 9.20 -50.89
CA GLY R 150 74.76 8.83 -49.51
C GLY R 150 73.88 9.48 -48.46
N GLY R 151 72.94 10.32 -48.88
CA GLY R 151 72.09 10.98 -47.93
C GLY R 151 71.20 12.08 -48.47
N TYR R 152 71.25 13.23 -47.79
CA TYR R 152 70.43 14.39 -48.13
C TYR R 152 71.24 15.68 -47.94
N ARG R 153 70.76 16.73 -48.61
CA ARG R 153 71.25 18.09 -48.41
C ARG R 153 70.08 18.86 -47.82
N LEU R 154 70.28 19.49 -46.67
CA LEU R 154 69.20 20.07 -45.86
C LEU R 154 69.39 21.58 -45.64
N THR R 155 68.34 22.33 -45.90
CA THR R 155 68.33 23.78 -45.69
C THR R 155 67.04 24.12 -44.95
N GLY R 156 67.16 25.01 -43.97
CA GLY R 156 65.98 25.49 -43.25
C GLY R 156 66.28 26.42 -42.10
N SER R 157 65.22 26.89 -41.48
CA SER R 157 65.31 27.76 -40.32
C SER R 157 64.23 27.34 -39.31
N TRP R 158 64.65 26.84 -38.15
CA TRP R 158 63.76 26.22 -37.17
C TRP R 158 63.73 27.06 -35.89
N PRO R 159 62.63 27.81 -35.63
CA PRO R 159 62.49 28.54 -34.36
C PRO R 159 62.10 27.63 -33.20
N TYR R 160 62.09 28.19 -31.99
CA TYR R 160 61.74 27.47 -30.77
C TYR R 160 62.63 26.26 -30.45
N GLY R 161 63.93 26.43 -30.58
CA GLY R 161 64.85 25.32 -30.34
C GLY R 161 65.26 25.29 -28.90
N THR R 162 64.39 24.77 -28.04
CA THR R 162 64.70 24.73 -26.60
C THR R 162 66.02 24.05 -26.29
N GLY R 163 66.81 24.75 -25.50
CA GLY R 163 68.10 24.27 -25.01
C GLY R 163 69.18 24.01 -26.04
N ILE R 164 69.02 24.54 -27.26
CA ILE R 164 69.91 24.23 -28.39
C ILE R 164 71.35 24.67 -28.13
N LEU R 165 71.52 25.76 -27.39
CA LEU R 165 72.86 26.21 -27.02
C LEU R 165 73.69 25.19 -26.25
N HIS R 166 73.07 24.30 -25.48
CA HIS R 166 73.79 23.29 -24.69
C HIS R 166 73.69 21.90 -25.28
N ASP R 167 73.06 21.76 -26.44
CA ASP R 167 72.71 20.42 -26.95
C ASP R 167 73.80 19.91 -27.89
N ASP R 168 73.91 18.59 -27.94
CA ASP R 168 74.94 17.90 -28.73
C ASP R 168 74.40 17.59 -30.12
N TRP R 169 73.10 17.32 -30.21
CA TRP R 169 72.43 17.02 -31.47
C TRP R 169 71.04 17.65 -31.50
N ALA R 170 70.42 17.68 -32.67
CA ALA R 170 69.07 18.23 -32.85
C ALA R 170 68.31 17.35 -33.80
N ILE R 171 67.05 17.07 -33.46
CA ILE R 171 66.12 16.40 -34.38
C ILE R 171 65.28 17.46 -35.02
N LEU R 172 65.38 17.57 -36.34
CA LEU R 172 64.68 18.59 -37.09
C LEU R 172 63.77 18.00 -38.15
N VAL R 173 62.58 18.57 -38.28
CA VAL R 173 61.60 18.12 -39.27
C VAL R 173 61.84 18.83 -40.60
N ALA R 174 61.66 18.11 -41.69
CA ALA R 174 61.84 18.69 -43.00
C ALA R 174 60.97 18.07 -44.04
N ARG R 175 60.86 18.75 -45.16
CA ARG R 175 60.10 18.22 -46.28
C ARG R 175 61.08 17.85 -47.33
N GLU R 176 61.00 16.62 -47.80
CA GLU R 176 61.81 16.18 -48.92
C GLU R 176 61.23 16.74 -50.21
N VAL R 177 62.11 17.15 -51.10
CA VAL R 177 61.70 17.65 -52.40
C VAL R 177 62.60 17.08 -53.47
N ASP R 178 62.13 17.08 -54.70
CA ASP R 178 62.93 16.56 -55.81
C ASP R 178 63.73 17.67 -56.47
N ALA R 179 64.38 17.33 -57.58
CA ALA R 179 65.18 18.28 -58.33
C ALA R 179 64.32 19.41 -58.83
N ASP R 180 63.09 19.08 -59.23
CA ASP R 180 62.14 20.08 -59.65
C ASP R 180 61.75 20.97 -58.50
N GLY R 181 61.79 20.45 -57.28
CA GLY R 181 61.41 21.22 -56.11
C GLY R 181 60.00 20.90 -55.67
N GLU R 182 59.44 19.84 -56.23
CA GLU R 182 58.13 19.36 -55.85
C GLU R 182 58.19 18.54 -54.56
N PRO R 183 57.16 18.60 -53.72
CA PRO R 183 57.20 17.83 -52.47
C PRO R 183 57.16 16.32 -52.64
N VAL R 184 58.00 15.61 -51.92
CA VAL R 184 58.05 14.15 -51.99
C VAL R 184 57.49 13.52 -50.74
N GLY R 185 57.89 13.99 -49.58
CA GLY R 185 57.42 13.40 -48.34
C GLY R 185 58.00 14.13 -47.16
N GLY R 186 57.65 13.67 -45.96
CA GLY R 186 58.13 14.29 -44.73
C GLY R 186 59.33 13.54 -44.16
N LEU R 187 60.25 14.26 -43.54
CA LEU R 187 61.42 13.61 -42.93
C LEU R 187 61.73 14.08 -41.53
N SER R 188 62.40 13.23 -40.77
CA SER R 188 62.96 13.62 -39.51
C SER R 188 64.46 13.41 -39.58
N MET R 189 65.22 14.42 -39.22
CA MET R 189 66.66 14.37 -39.42
C MET R 189 67.46 14.67 -38.19
N LEU R 190 68.49 13.89 -37.98
CA LEU R 190 69.32 14.03 -36.81
C LEU R 190 70.61 14.68 -37.20
N VAL R 191 70.89 15.87 -36.66
CA VAL R 191 72.09 16.58 -37.06
C VAL R 191 72.84 17.11 -35.87
N PRO R 192 74.15 17.01 -35.89
CA PRO R 192 75.03 17.38 -34.79
C PRO R 192 75.27 18.88 -34.63
N ALA R 193 75.73 19.24 -33.45
CA ALA R 193 75.99 20.63 -33.10
C ALA R 193 77.02 21.28 -34.02
N ARG R 194 78.03 20.50 -34.42
CA ARG R 194 79.08 20.98 -35.30
C ARG R 194 78.51 21.47 -36.63
N ASP R 195 77.45 20.84 -37.11
CA ASP R 195 76.82 21.24 -38.34
C ASP R 195 75.78 22.34 -38.21
N LEU R 196 75.41 22.74 -37.00
CA LEU R 196 74.36 23.74 -36.80
C LEU R 196 74.90 25.13 -36.57
N THR R 197 74.03 26.09 -36.81
CA THR R 197 74.26 27.47 -36.47
C THR R 197 73.08 27.92 -35.66
N VAL R 198 73.31 28.73 -34.65
CA VAL R 198 72.23 29.20 -33.82
C VAL R 198 72.11 30.70 -33.95
N GLU R 199 70.89 31.14 -34.17
CA GLU R 199 70.60 32.52 -34.39
C GLU R 199 69.84 33.02 -33.16
N ASP R 200 70.17 34.20 -32.69
CA ASP R 200 69.59 34.71 -31.47
C ASP R 200 68.22 35.33 -31.73
N THR R 201 67.18 34.57 -31.48
CA THR R 201 65.83 35.04 -31.72
C THR R 201 64.88 34.92 -30.54
N TRP R 202 65.33 34.41 -29.41
CA TRP R 202 64.44 34.16 -28.29
C TRP R 202 64.38 35.36 -27.37
N HIS R 203 63.36 36.19 -27.58
CA HIS R 203 63.14 37.38 -26.77
C HIS R 203 61.73 37.34 -26.24
N THR R 204 61.60 36.87 -25.00
CA THR R 204 60.29 36.63 -24.43
C THR R 204 60.22 37.14 -23.03
N VAL R 205 59.01 37.17 -22.50
CA VAL R 205 58.80 37.64 -21.14
C VAL R 205 58.67 36.50 -20.14
N GLY R 206 58.80 35.26 -20.62
CA GLY R 206 58.76 34.10 -19.76
C GLY R 206 59.58 32.99 -20.36
N MET R 207 60.04 32.07 -19.52
CA MET R 207 60.88 30.96 -19.92
C MET R 207 62.11 31.48 -20.68
N ARG R 208 62.66 32.59 -20.21
CA ARG R 208 63.78 33.22 -20.90
C ARG R 208 65.04 32.36 -20.96
N ALA R 209 65.40 31.70 -19.86
CA ALA R 209 66.63 30.91 -19.81
C ALA R 209 66.56 29.61 -20.63
N THR R 210 65.39 29.26 -21.13
CA THR R 210 65.29 28.08 -21.97
C THR R 210 66.06 28.22 -23.27
N GLY R 211 66.38 29.45 -23.69
CA GLY R 211 67.16 29.66 -24.88
C GLY R 211 66.62 29.00 -26.13
N SER R 212 65.34 29.17 -26.36
CA SER R 212 64.65 28.56 -27.48
C SER R 212 64.84 29.36 -28.78
N HIS R 213 66.10 29.35 -29.22
CA HIS R 213 66.57 30.15 -30.34
C HIS R 213 66.29 29.47 -31.66
N THR R 214 66.71 30.09 -32.76
CA THR R 214 66.46 29.54 -34.09
C THR R 214 67.69 28.79 -34.58
N VAL R 215 67.44 27.58 -35.05
CA VAL R 215 68.48 26.74 -35.65
C VAL R 215 68.46 26.99 -37.15
N VAL R 216 69.63 27.26 -37.71
CA VAL R 216 69.76 27.56 -39.12
C VAL R 216 70.70 26.60 -39.83
N LEU R 217 70.26 26.09 -40.96
CA LEU R 217 71.05 25.17 -41.75
C LEU R 217 71.06 25.61 -43.18
N ARG R 218 72.22 25.54 -43.82
CA ARG R 218 72.27 25.86 -45.24
C ARG R 218 73.05 24.82 -46.00
N ASP R 219 72.35 24.09 -46.87
CA ASP R 219 72.95 23.07 -47.71
C ASP R 219 73.79 22.07 -46.92
N THR R 220 73.29 21.66 -45.77
CA THR R 220 74.00 20.79 -44.88
C THR R 220 73.80 19.34 -45.23
N PHE R 221 74.89 18.58 -45.24
CA PHE R 221 74.81 17.18 -45.57
C PHE R 221 74.38 16.36 -44.36
N VAL R 222 73.41 15.51 -44.58
CA VAL R 222 72.96 14.61 -43.53
C VAL R 222 72.96 13.22 -44.10
N PRO R 223 73.70 12.27 -43.46
CA PRO R 223 73.69 10.96 -44.07
C PRO R 223 72.40 10.20 -43.87
N GLU R 224 72.22 9.20 -44.70
CA GLU R 224 71.03 8.39 -44.75
C GLU R 224 70.65 7.75 -43.42
N HIS R 225 71.61 7.25 -42.66
CA HIS R 225 71.31 6.55 -41.42
C HIS R 225 70.79 7.49 -40.32
N ARG R 226 70.93 8.80 -40.52
CA ARG R 226 70.43 9.77 -39.58
C ARG R 226 69.17 10.48 -40.10
N VAL R 227 68.41 9.80 -40.95
CA VAL R 227 67.20 10.36 -41.55
C VAL R 227 66.14 9.27 -41.56
N ILE R 228 64.96 9.56 -41.05
CA ILE R 228 63.83 8.63 -41.14
C ILE R 228 62.66 9.37 -41.68
N SER R 229 61.64 8.63 -42.10
CA SER R 229 60.41 9.26 -42.60
C SER R 229 59.71 9.88 -41.43
N GLY R 230 58.94 10.91 -41.72
CA GLY R 230 58.10 11.55 -40.74
C GLY R 230 57.13 10.54 -40.18
N GLU R 231 56.68 9.62 -41.02
CA GLU R 231 55.78 8.57 -40.59
C GLU R 231 56.40 7.69 -39.52
N LEU R 232 57.67 7.33 -39.69
CA LEU R 232 58.37 6.50 -38.74
C LEU R 232 58.63 7.24 -37.42
N GLN R 233 58.90 8.53 -37.51
CA GLN R 233 59.15 9.35 -36.34
C GLN R 233 57.93 9.44 -35.41
N ARG R 234 56.74 9.46 -35.97
CA ARG R 234 55.52 9.54 -35.19
C ARG R 234 54.92 8.19 -34.91
N SER R 235 55.57 7.12 -35.33
CA SER R 235 55.00 5.77 -35.25
C SER R 235 54.84 5.27 -33.81
N ARG R 236 53.80 4.47 -33.60
CA ARG R 236 53.57 3.82 -32.31
C ARG R 236 53.57 2.29 -32.50
N GLU R 237 54.22 1.80 -33.56
CA GLU R 237 54.31 0.35 -33.77
C GLU R 237 55.15 -0.38 -32.73
N SER R 238 56.04 0.33 -32.05
CA SER R 238 56.86 -0.31 -31.04
C SER R 238 56.09 -0.58 -29.74
N ALA R 239 54.83 -0.16 -29.68
CA ALA R 239 54.03 -0.36 -28.48
C ALA R 239 53.89 -1.82 -28.09
N THR R 240 53.85 -2.71 -29.07
CA THR R 240 53.71 -4.14 -28.80
C THR R 240 54.97 -4.98 -28.92
N ASP R 241 56.11 -4.36 -29.12
CA ASP R 241 57.38 -5.06 -29.36
C ASP R 241 58.01 -5.53 -28.05
N LEU R 242 57.88 -6.82 -27.76
CA LEU R 242 58.44 -7.41 -26.54
C LEU R 242 59.97 -7.41 -26.48
N GLY R 243 60.61 -7.29 -27.64
CA GLY R 243 62.07 -7.17 -27.74
C GLY R 243 62.63 -5.88 -27.17
N LEU R 244 61.86 -4.81 -27.21
CA LEU R 244 62.27 -3.52 -26.66
C LEU R 244 62.03 -3.42 -25.18
N PRO R 245 62.88 -2.64 -24.46
CA PRO R 245 62.49 -2.37 -23.06
C PRO R 245 61.21 -1.55 -22.98
N PRO R 246 60.51 -1.57 -21.81
CA PRO R 246 59.22 -0.84 -21.81
C PRO R 246 59.23 0.63 -22.17
N LEU R 247 60.25 1.40 -21.81
CA LEU R 247 60.27 2.81 -22.14
C LEU R 247 60.18 3.07 -23.63
N PHE R 248 60.80 2.22 -24.44
CA PHE R 248 60.78 2.42 -25.88
C PHE R 248 59.51 1.91 -26.54
N ARG R 249 58.60 1.37 -25.75
CA ARG R 249 57.30 1.01 -26.23
C ARG R 249 56.29 2.14 -26.04
N THR R 250 56.66 3.13 -25.21
CA THR R 250 55.80 4.24 -24.80
C THR R 250 55.42 5.09 -25.99
N ALA R 251 54.20 5.61 -25.97
CA ALA R 251 53.76 6.59 -26.97
C ALA R 251 54.52 7.90 -26.75
N ALA R 252 55.52 8.16 -27.57
CA ALA R 252 56.54 9.15 -27.21
C ALA R 252 56.07 10.59 -27.20
N ILE R 253 55.29 10.95 -28.21
CA ILE R 253 54.80 12.31 -28.35
C ILE R 253 53.83 12.65 -27.24
N ALA R 254 52.98 11.69 -26.88
CA ALA R 254 52.07 11.89 -25.77
C ALA R 254 52.86 12.00 -24.48
N ALA R 255 53.91 11.21 -24.33
CA ALA R 255 54.71 11.24 -23.11
C ALA R 255 55.40 12.57 -22.93
N MET R 256 55.86 13.14 -24.02
CA MET R 256 56.54 14.40 -24.01
C MET R 256 55.58 15.52 -23.59
N ALA R 257 54.36 15.47 -24.10
CA ALA R 257 53.33 16.42 -23.73
C ALA R 257 52.98 16.34 -22.24
N VAL R 258 52.93 15.13 -21.69
CA VAL R 258 52.65 14.95 -20.28
C VAL R 258 53.74 15.57 -19.40
N VAL R 259 54.99 15.44 -19.78
CA VAL R 259 56.07 16.02 -18.96
C VAL R 259 56.18 17.54 -19.17
N CYS R 260 55.79 18.05 -20.32
CA CYS R 260 55.73 19.51 -20.52
C CYS R 260 54.68 20.11 -19.58
N ALA R 261 53.53 19.45 -19.52
CA ALA R 261 52.49 19.83 -18.57
C ALA R 261 53.01 19.77 -17.13
N SER R 262 53.84 18.78 -16.81
CA SER R 262 54.38 18.65 -15.45
C SER R 262 55.25 19.83 -15.06
N VAL R 263 55.98 20.39 -16.01
CA VAL R 263 56.81 21.57 -15.78
C VAL R 263 55.91 22.71 -15.34
N VAL R 264 54.86 22.94 -16.10
CA VAL R 264 53.90 23.99 -15.79
C VAL R 264 53.25 23.76 -14.43
N LEU R 265 52.77 22.53 -14.22
CA LEU R 265 52.12 22.16 -12.98
C LEU R 265 53.00 22.46 -11.78
N GLY R 266 54.23 21.99 -11.83
CA GLY R 266 55.17 22.19 -10.75
C GLY R 266 55.36 23.67 -10.39
N ALA R 267 55.40 24.56 -11.39
CA ALA R 267 55.52 26.00 -11.15
C ALA R 267 54.31 26.52 -10.38
N GLY R 268 53.15 26.01 -10.77
CA GLY R 268 51.90 26.34 -10.09
C GLY R 268 51.89 25.90 -8.65
N GLN R 269 52.37 24.69 -8.43
CA GLN R 269 52.47 24.18 -7.06
C GLN R 269 53.44 24.97 -6.24
N ALA R 270 54.56 25.39 -6.83
CA ALA R 270 55.51 26.25 -6.10
C ALA R 270 54.89 27.59 -5.71
N ALA R 271 54.10 28.15 -6.64
CA ALA R 271 53.33 29.38 -6.42
C ALA R 271 52.38 29.20 -5.25
N ARG R 272 51.68 28.08 -5.20
CA ARG R 272 50.74 27.82 -4.12
C ARG R 272 51.47 27.77 -2.78
N ALA R 273 52.56 26.99 -2.73
CA ALA R 273 53.36 26.87 -1.50
C ALA R 273 53.84 28.23 -1.00
N LEU R 274 54.25 29.09 -1.93
CA LEU R 274 54.71 30.44 -1.58
C LEU R 274 53.63 31.33 -0.96
N VAL R 275 52.46 31.35 -1.60
CA VAL R 275 51.31 32.09 -1.07
C VAL R 275 50.94 31.58 0.34
N VAL R 276 50.98 30.27 0.55
CA VAL R 276 50.73 29.68 1.88
C VAL R 276 51.78 30.09 2.90
N GLU R 277 53.04 30.09 2.47
CA GLU R 277 54.15 30.48 3.30
C GLU R 277 54.06 31.91 3.79
N LYS R 278 53.66 32.82 2.92
CA LYS R 278 53.61 34.23 3.22
C LYS R 278 52.32 34.77 3.85
N ALA R 279 51.25 34.00 3.80
CA ALA R 279 49.95 34.51 4.21
C ALA R 279 49.86 34.89 5.66
N PRO R 280 50.54 34.17 6.58
CA PRO R 280 50.40 34.61 7.96
C PRO R 280 51.08 35.93 8.30
N THR R 281 52.00 36.40 7.47
CA THR R 281 52.68 37.67 7.76
C THR R 281 52.32 38.87 6.89
N ARG R 282 51.27 38.80 6.09
CA ARG R 282 50.83 39.95 5.28
C ARG R 282 49.37 40.10 5.49
N GLY R 283 48.87 41.27 5.10
CA GLY R 283 47.46 41.60 5.17
C GLY R 283 46.84 41.77 3.80
N ILE R 284 45.57 42.13 3.81
CA ILE R 284 44.77 42.38 2.62
C ILE R 284 44.32 43.82 2.66
N ALA R 285 45.07 44.66 1.96
CA ALA R 285 44.72 46.07 1.90
C ALA R 285 43.50 46.29 1.07
N PRO R 286 42.67 47.26 1.48
CA PRO R 286 42.77 48.14 2.66
C PRO R 286 41.84 47.68 3.75
N SER R 287 41.68 46.38 3.88
CA SER R 287 40.68 45.84 4.78
C SER R 287 41.20 45.86 6.21
N LYS R 288 40.32 45.51 7.12
CA LYS R 288 40.68 45.26 8.51
C LYS R 288 41.51 43.99 8.73
N TYR R 289 41.62 43.13 7.72
CA TYR R 289 42.41 41.91 7.82
C TYR R 289 43.91 42.19 7.71
N THR R 290 44.57 42.38 8.85
CA THR R 290 46.01 42.64 8.87
C THR R 290 46.83 41.37 8.63
N ARG R 291 46.20 40.22 8.83
CA ARG R 291 46.78 38.91 8.50
C ARG R 291 45.85 38.24 7.49
N GLN R 292 46.41 37.72 6.39
CA GLN R 292 45.59 37.08 5.33
C GLN R 292 44.76 35.90 5.86
N THR R 293 45.38 35.16 6.76
CA THR R 293 44.79 33.96 7.38
C THR R 293 43.61 34.26 8.28
N ASP R 294 43.47 35.52 8.71
CA ASP R 294 42.31 35.96 9.46
C ASP R 294 41.05 36.09 8.62
N SER R 295 41.22 36.22 7.32
CA SER R 295 40.10 36.36 6.43
C SER R 295 39.62 35.01 5.94
N ARG R 296 38.38 34.69 6.28
CA ARG R 296 37.82 33.43 5.87
C ARG R 296 37.56 33.38 4.39
N THR R 297 37.28 34.52 3.76
CA THR R 297 37.13 34.58 2.33
C THR R 297 38.44 34.19 1.67
N PHE R 298 39.54 34.68 2.21
CA PHE R 298 40.87 34.35 1.71
C PHE R 298 41.15 32.87 1.89
N VAL R 299 40.87 32.34 3.06
CA VAL R 299 41.19 30.96 3.36
C VAL R 299 40.38 30.00 2.50
N SER R 300 39.08 30.24 2.37
CA SER R 300 38.24 29.37 1.55
C SER R 300 38.55 29.48 0.06
N SER R 301 38.92 30.66 -0.40
CA SER R 301 39.32 30.82 -1.78
C SER R 301 40.55 30.04 -2.07
N LEU R 302 41.50 30.06 -1.14
CA LEU R 302 42.75 29.38 -1.32
C LEU R 302 42.53 27.89 -1.35
N GLY R 303 41.58 27.41 -0.56
CA GLY R 303 41.22 26.00 -0.59
C GLY R 303 40.72 25.60 -1.95
N ARG R 304 39.88 26.43 -2.54
CA ARG R 304 39.36 26.17 -3.85
C ARG R 304 40.45 26.17 -4.93
N THR R 305 41.35 27.12 -4.87
CA THR R 305 42.42 27.23 -5.82
C THR R 305 43.33 26.06 -5.71
N ALA R 306 43.61 25.65 -4.49
CA ALA R 306 44.43 24.50 -4.25
C ALA R 306 43.77 23.26 -4.82
N LEU R 307 42.45 23.09 -4.67
CA LEU R 307 41.80 21.92 -5.28
C LEU R 307 41.84 21.93 -6.81
N SER R 308 41.78 23.08 -7.48
CA SER R 308 42.01 23.07 -8.94
C SER R 308 43.40 22.58 -9.31
N ILE R 309 44.39 23.05 -8.59
CA ILE R 309 45.76 22.60 -8.82
C ILE R 309 45.90 21.08 -8.54
N ASP R 310 45.24 20.62 -7.48
CA ASP R 310 45.18 19.17 -7.18
C ASP R 310 44.54 18.38 -8.34
N ALA R 311 43.50 18.92 -8.93
CA ALA R 311 42.90 18.31 -10.09
C ALA R 311 43.86 18.27 -11.27
N ALA R 312 44.62 19.33 -11.48
CA ALA R 312 45.56 19.35 -12.57
C ALA R 312 46.61 18.29 -12.37
N GLU R 313 47.04 18.13 -11.13
CA GLU R 313 48.02 17.11 -10.78
C GLU R 313 47.53 15.71 -11.09
N MET R 314 46.27 15.45 -10.76
CA MET R 314 45.66 14.15 -11.04
C MET R 314 45.50 13.89 -12.52
N HIS R 315 45.17 14.90 -13.31
CA HIS R 315 45.05 14.76 -14.77
C HIS R 315 46.38 14.32 -15.35
N VAL R 316 47.44 14.94 -14.85
CA VAL R 316 48.78 14.65 -15.32
C VAL R 316 49.20 13.26 -14.90
N ALA R 317 48.96 12.92 -13.64
CA ALA R 317 49.30 11.60 -13.15
C ALA R 317 48.52 10.51 -13.85
N ARG R 318 47.24 10.72 -14.10
CA ARG R 318 46.42 9.72 -14.78
C ARG R 318 46.96 9.43 -16.16
N ALA R 319 47.34 10.47 -16.89
CA ALA R 319 47.87 10.29 -18.23
C ALA R 319 49.20 9.58 -18.19
N ALA R 320 50.05 9.97 -17.25
CA ALA R 320 51.33 9.30 -17.11
C ALA R 320 51.17 7.81 -16.84
N THR R 321 50.23 7.48 -15.96
CA THR R 321 49.95 6.10 -15.60
C THR R 321 49.37 5.30 -16.76
N ALA R 322 48.48 5.91 -17.52
CA ALA R 322 47.96 5.22 -18.70
C ALA R 322 49.08 4.87 -19.66
N LEU R 323 50.00 5.82 -19.85
CA LEU R 323 51.12 5.61 -20.77
C LEU R 323 52.07 4.53 -20.28
N ASP R 324 52.39 4.55 -19.00
CA ASP R 324 53.26 3.54 -18.42
C ASP R 324 52.64 2.16 -18.35
N ASP R 325 51.37 2.06 -18.03
CA ASP R 325 50.71 0.78 -17.94
C ASP R 325 50.72 0.12 -19.30
N ALA R 326 50.46 0.88 -20.34
CA ALA R 326 50.47 0.33 -21.68
C ALA R 326 51.85 -0.12 -22.11
N ALA R 327 52.87 0.65 -21.77
CA ALA R 327 54.24 0.27 -22.12
C ALA R 327 54.69 -0.99 -21.41
N TYR R 328 54.37 -1.10 -20.13
CA TYR R 328 54.73 -2.26 -19.34
C TYR R 328 54.00 -3.51 -19.80
N ASP R 329 52.75 -3.38 -20.21
CA ASP R 329 51.98 -4.51 -20.68
C ASP R 329 52.22 -4.79 -22.13
N ALA R 330 53.00 -3.96 -22.81
CA ALA R 330 53.21 -4.12 -24.25
C ALA R 330 51.92 -4.11 -25.08
N VAL R 331 50.94 -3.31 -24.66
CA VAL R 331 49.72 -3.10 -25.46
C VAL R 331 49.74 -1.70 -26.09
N ALA R 332 49.09 -1.62 -27.24
CA ALA R 332 48.90 -0.36 -27.94
C ALA R 332 47.74 0.37 -27.28
N LEU R 333 47.95 1.66 -27.01
CA LEU R 333 46.88 2.55 -26.60
C LEU R 333 45.99 2.79 -27.79
N PRO R 334 44.67 2.60 -27.64
CA PRO R 334 43.80 2.98 -28.75
C PRO R 334 43.77 4.50 -28.89
N ASP R 335 43.30 4.96 -30.04
CA ASP R 335 43.22 6.39 -30.31
C ASP R 335 42.43 7.13 -29.26
N SER R 336 41.34 6.54 -28.80
CA SER R 336 40.51 7.21 -27.81
C SER R 336 41.27 7.53 -26.53
N GLU R 337 42.16 6.64 -26.13
CA GLU R 337 42.94 6.87 -24.94
C GLU R 337 43.97 8.00 -25.13
N LEU R 338 44.55 8.09 -26.32
CA LEU R 338 45.51 9.14 -26.63
C LEU R 338 44.83 10.51 -26.73
N LEU R 339 43.62 10.52 -27.29
CA LEU R 339 42.85 11.73 -27.42
C LEU R 339 42.48 12.25 -26.05
N ARG R 340 42.18 11.35 -25.14
CA ARG R 340 41.91 11.71 -23.77
C ARG R 340 43.16 12.31 -23.09
N ILE R 341 44.34 11.75 -23.36
CA ILE R 341 45.56 12.25 -22.77
C ILE R 341 45.80 13.67 -23.25
N ARG R 342 45.52 13.95 -24.52
CA ARG R 342 45.69 15.29 -25.05
C ARG R 342 44.77 16.28 -24.35
N GLY R 343 43.55 15.85 -24.05
CA GLY R 343 42.62 16.63 -23.30
C GLY R 343 43.06 16.85 -21.87
N ASP R 344 43.59 15.82 -21.22
CA ASP R 344 44.08 15.95 -19.86
C ASP R 344 45.19 16.98 -19.73
N VAL R 345 46.14 16.98 -20.64
CA VAL R 345 47.29 17.88 -20.51
C VAL R 345 46.94 19.35 -20.74
N GLY R 346 46.06 19.62 -21.71
CA GLY R 346 45.60 20.97 -21.94
C GLY R 346 44.75 21.45 -20.80
N GLN R 347 43.90 20.58 -20.30
CA GLN R 347 43.07 20.89 -19.17
C GLN R 347 43.91 21.14 -17.93
N ALA R 348 44.95 20.34 -17.68
CA ALA R 348 45.78 20.57 -16.48
C ALA R 348 46.47 21.93 -16.52
N VAL R 349 47.05 22.29 -17.66
CA VAL R 349 47.78 23.56 -17.73
C VAL R 349 46.84 24.74 -17.70
N SER R 350 45.66 24.56 -18.25
CA SER R 350 44.62 25.58 -18.19
C SER R 350 44.15 25.87 -16.76
N LEU R 351 43.98 24.79 -16.03
CA LEU R 351 43.66 24.84 -14.62
C LEU R 351 44.79 25.56 -13.87
N VAL R 352 46.05 25.29 -14.21
CA VAL R 352 47.18 25.94 -13.55
C VAL R 352 47.26 27.43 -13.84
N THR R 353 47.02 27.85 -15.08
CA THR R 353 47.08 29.28 -15.39
C THR R 353 45.95 30.04 -14.71
N THR R 354 44.76 29.45 -14.62
CA THR R 354 43.66 30.09 -13.94
C THR R 354 43.99 30.19 -12.45
N ALA R 355 44.58 29.15 -11.91
CA ALA R 355 44.92 29.13 -10.49
C ALA R 355 46.01 30.15 -10.16
N LEU R 356 46.93 30.40 -11.08
CA LEU R 356 47.95 31.40 -10.87
C LEU R 356 47.36 32.80 -10.79
N ASP R 357 46.36 33.07 -11.62
CA ASP R 357 45.64 34.32 -11.59
C ASP R 357 44.99 34.48 -10.21
N GLU R 358 44.42 33.41 -9.71
CA GLU R 358 43.85 33.38 -8.37
C GLU R 358 44.88 33.59 -7.27
N LEU R 359 46.07 33.04 -7.42
CA LEU R 359 47.10 33.20 -6.41
C LEU R 359 47.63 34.65 -6.35
N LEU R 360 47.65 35.37 -7.48
CA LEU R 360 48.01 36.76 -7.49
C LEU R 360 46.97 37.60 -6.77
N TRP R 361 45.70 37.25 -6.93
CA TRP R 361 44.65 37.94 -6.21
C TRP R 361 44.80 37.70 -4.73
N ALA R 362 45.21 36.51 -4.35
CA ALA R 362 45.43 36.21 -2.96
C ALA R 362 46.61 36.96 -2.37
N HIS R 363 47.72 36.93 -3.08
CA HIS R 363 48.94 37.53 -2.57
C HIS R 363 48.95 39.07 -2.60
N GLY R 364 48.42 39.66 -3.66
CA GLY R 364 48.38 41.11 -3.77
C GLY R 364 49.36 41.70 -4.76
N ALA R 365 49.45 43.02 -4.72
CA ALA R 365 50.31 43.76 -5.64
C ALA R 365 51.79 43.43 -5.52
N ALA R 366 52.23 43.02 -4.34
CA ALA R 366 53.62 42.66 -4.10
C ALA R 366 54.09 41.52 -4.96
N SER R 367 53.14 40.74 -5.45
CA SER R 367 53.51 39.60 -6.25
C SER R 367 54.19 39.98 -7.57
N PHE R 368 54.02 41.22 -8.00
CA PHE R 368 54.60 41.64 -9.28
C PHE R 368 55.97 42.31 -9.11
N ALA R 369 56.51 42.35 -7.91
CA ALA R 369 57.85 42.87 -7.74
C ALA R 369 58.87 41.91 -8.33
N GLU R 370 59.94 42.44 -8.89
CA GLU R 370 60.99 41.60 -9.48
C GLU R 370 61.62 40.70 -8.45
N SER R 371 61.65 41.15 -7.20
CA SER R 371 62.20 40.33 -6.14
C SER R 371 61.29 39.17 -5.71
N ASN R 372 60.04 39.14 -6.11
CA ASN R 372 59.10 38.11 -5.66
C ASN R 372 59.07 36.91 -6.63
N PRO R 373 59.36 35.70 -6.14
CA PRO R 373 59.31 34.53 -7.05
C PRO R 373 57.93 34.25 -7.65
N LEU R 374 56.88 34.81 -7.07
CA LEU R 374 55.54 34.54 -7.53
C LEU R 374 55.29 34.95 -8.98
N GLN R 375 55.78 36.12 -9.39
CA GLN R 375 55.65 36.57 -10.76
C GLN R 375 56.50 35.75 -11.73
N ARG R 376 57.59 35.16 -11.25
CA ARG R 376 58.40 34.28 -12.08
C ARG R 376 57.67 33.02 -12.42
N TYR R 377 57.01 32.42 -11.44
CA TYR R 377 56.26 31.21 -11.70
C TYR R 377 55.11 31.55 -12.64
N TRP R 378 54.51 32.72 -12.42
CA TRP R 378 53.41 33.18 -13.23
C TRP R 378 53.82 33.39 -14.68
N ARG R 379 54.94 34.04 -14.92
CA ARG R 379 55.37 34.28 -16.28
C ARG R 379 55.85 32.99 -16.97
N ASP R 380 56.61 32.16 -16.28
CA ASP R 380 57.11 30.94 -16.90
C ASP R 380 56.04 29.91 -17.21
N ALA R 381 55.13 29.70 -16.27
CA ALA R 381 54.06 28.74 -16.48
C ALA R 381 53.12 29.20 -17.58
N ASN R 382 52.81 30.48 -17.62
CA ASN R 382 51.92 31.00 -18.64
C ASN R 382 52.52 30.91 -20.04
N THR R 383 53.81 31.21 -20.17
CA THR R 383 54.51 31.12 -21.46
C THR R 383 54.56 29.68 -21.96
N ALA R 384 54.99 28.77 -21.11
CA ALA R 384 55.12 27.36 -21.45
C ALA R 384 53.79 26.67 -21.72
N ALA R 385 52.75 27.09 -21.03
CA ALA R 385 51.43 26.51 -21.21
C ALA R 385 50.88 26.61 -22.62
N ARG R 386 51.29 27.64 -23.36
CA ARG R 386 50.77 27.87 -24.72
C ARG R 386 51.57 27.16 -25.78
N HIS R 387 52.43 26.25 -25.37
CA HIS R 387 53.08 25.36 -26.31
C HIS R 387 51.98 24.60 -27.04
N ALA R 388 52.19 24.35 -28.31
CA ALA R 388 51.21 23.71 -29.17
C ALA R 388 50.65 22.37 -28.70
N MET R 389 51.49 21.54 -28.12
CA MET R 389 51.07 20.24 -27.66
C MET R 389 50.28 20.32 -26.37
N LEU R 390 50.17 21.51 -25.79
CA LEU R 390 49.37 21.71 -24.62
C LEU R 390 48.14 22.57 -24.88
N ASN R 391 47.75 22.80 -26.13
CA ASN R 391 46.66 23.75 -26.40
C ASN R 391 45.37 23.23 -25.82
N VAL R 392 44.75 24.01 -24.94
CA VAL R 392 43.56 23.57 -24.24
C VAL R 392 42.34 23.40 -25.14
N HIS R 393 42.11 24.35 -26.03
CA HIS R 393 41.00 24.31 -26.97
C HIS R 393 41.10 23.12 -27.94
N VAL R 394 42.32 22.84 -28.40
CA VAL R 394 42.54 21.70 -29.29
C VAL R 394 42.28 20.39 -28.50
N GLY R 395 42.77 20.34 -27.27
CA GLY R 395 42.55 19.16 -26.43
C GLY R 395 41.09 18.88 -26.18
N HIS R 396 40.33 19.95 -25.93
CA HIS R 396 38.89 19.84 -25.71
C HIS R 396 38.21 19.28 -26.93
N GLU R 397 38.61 19.75 -28.09
CA GLU R 397 38.03 19.30 -29.34
C GLU R 397 38.40 17.85 -29.64
N LEU R 398 39.64 17.47 -29.36
CA LEU R 398 40.10 16.11 -29.56
C LEU R 398 39.39 15.10 -28.67
N TYR R 399 39.23 15.43 -27.38
CA TYR R 399 38.61 14.53 -26.46
C TYR R 399 37.14 14.41 -26.77
N GLY R 400 36.52 15.53 -27.07
CA GLY R 400 35.09 15.55 -27.39
C GLY R 400 34.81 14.73 -28.62
N GLY R 401 35.71 14.83 -29.58
CA GLY R 401 35.61 14.13 -30.83
C GLY R 401 35.71 12.63 -30.69
N SER R 402 36.49 12.17 -29.73
CA SER R 402 36.67 10.76 -29.47
C SER R 402 35.39 10.06 -29.09
N PHE R 403 34.50 10.78 -28.42
CA PHE R 403 33.21 10.21 -28.05
C PHE R 403 32.34 9.79 -29.23
N PHE R 404 32.60 10.37 -30.40
CA PHE R 404 31.83 10.14 -31.63
C PHE R 404 32.68 9.59 -32.78
N GLY R 405 33.95 9.32 -32.53
CA GLY R 405 34.87 8.87 -33.57
C GLY R 405 35.08 9.83 -34.74
N LEU R 406 35.12 11.13 -34.48
CA LEU R 406 35.35 12.13 -35.52
C LEU R 406 36.82 12.09 -35.94
N ASP R 407 37.11 12.57 -37.15
CA ASP R 407 38.50 12.63 -37.61
C ASP R 407 39.25 13.60 -36.73
N PRO R 408 40.40 13.17 -36.16
CA PRO R 408 41.08 14.16 -35.33
C PRO R 408 41.57 15.39 -36.09
N ILE R 409 41.67 16.49 -35.36
CA ILE R 409 42.06 17.76 -35.93
C ILE R 409 43.56 17.96 -35.90
N VAL R 410 44.30 16.97 -35.42
CA VAL R 410 45.75 17.06 -35.45
C VAL R 410 46.25 15.92 -36.31
N PRO R 411 47.44 16.08 -36.94
CA PRO R 411 47.84 14.98 -37.81
C PRO R 411 48.33 13.72 -37.09
N SER R 412 48.95 13.82 -35.93
CA SER R 412 49.40 12.62 -35.26
C SER R 412 49.08 12.63 -33.77
N LEU R 413 48.99 11.44 -33.19
CA LEU R 413 48.70 11.29 -31.78
C LEU R 413 49.84 10.63 -31.06
N THR S 18 18.21 68.66 -21.51
CA THR S 18 19.35 67.82 -21.99
C THR S 18 20.41 68.70 -22.66
N ASP S 19 20.37 70.00 -22.41
CA ASP S 19 21.32 70.89 -23.01
C ASP S 19 22.73 70.56 -22.46
N ILE S 20 22.80 70.40 -21.13
CA ILE S 20 24.05 70.06 -20.45
C ILE S 20 24.50 68.64 -20.83
N ARG S 21 23.52 67.74 -20.94
CA ARG S 21 23.79 66.38 -21.28
C ARG S 21 24.48 66.38 -22.65
N SER S 22 24.04 67.26 -23.54
CA SER S 22 24.63 67.31 -24.85
C SER S 22 26.05 67.86 -24.80
N GLU S 23 26.24 68.85 -23.95
CA GLU S 23 27.50 69.53 -23.77
C GLU S 23 28.56 68.60 -23.21
N THR S 24 28.17 67.83 -22.21
CA THR S 24 29.08 66.92 -21.55
C THR S 24 29.50 65.82 -22.52
N ALA S 25 28.57 65.36 -23.34
CA ALA S 25 28.87 64.38 -24.37
C ALA S 25 29.80 64.95 -25.42
N GLU S 26 29.60 66.21 -25.77
CA GLU S 26 30.46 66.82 -26.79
C GLU S 26 31.89 66.94 -26.34
N LEU S 27 32.08 67.28 -25.07
CA LEU S 27 33.41 67.43 -24.51
C LEU S 27 34.11 66.09 -24.44
N ARG S 28 33.38 65.06 -24.04
CA ARG S 28 33.95 63.74 -23.93
C ARG S 28 34.47 63.26 -25.27
N ALA S 29 33.70 63.49 -26.33
CA ALA S 29 34.13 63.11 -27.65
C ALA S 29 35.39 63.84 -28.07
N GLU S 30 35.45 65.12 -27.73
CA GLU S 30 36.61 65.92 -28.05
C GLU S 30 37.83 65.37 -27.32
N LEU S 31 37.66 65.03 -26.05
CA LEU S 31 38.76 64.51 -25.27
C LEU S 31 39.20 63.16 -25.77
N VAL S 32 38.26 62.35 -26.20
CA VAL S 32 38.62 61.05 -26.74
C VAL S 32 39.41 61.27 -28.02
N GLU S 33 39.03 62.24 -28.82
CA GLU S 33 39.76 62.53 -30.04
C GLU S 33 41.17 63.04 -29.69
N ARG S 34 41.32 63.78 -28.61
CA ARG S 34 42.67 64.19 -28.20
C ARG S 34 43.58 63.02 -27.87
N VAL S 35 43.02 62.02 -27.20
CA VAL S 35 43.77 60.81 -26.90
C VAL S 35 44.27 60.18 -28.18
N HIS S 36 43.43 60.12 -29.21
CA HIS S 36 43.86 59.56 -30.49
C HIS S 36 44.92 60.36 -31.16
N LYS S 37 44.84 61.67 -31.02
CA LYS S 37 45.81 62.57 -31.60
C LYS S 37 47.18 62.43 -30.94
N PHE S 38 47.21 62.39 -29.62
CA PHE S 38 48.46 62.31 -28.88
C PHE S 38 48.90 60.88 -28.63
N GLY S 39 48.06 59.92 -28.97
CA GLY S 39 48.34 58.53 -28.72
C GLY S 39 49.62 58.00 -29.34
N PRO S 40 49.90 58.36 -30.60
CA PRO S 40 51.15 57.91 -31.20
C PRO S 40 52.42 58.32 -30.44
N VAL S 41 52.38 59.47 -29.72
CA VAL S 41 53.53 59.91 -28.91
C VAL S 41 53.70 58.97 -27.73
N PHE S 42 52.60 58.71 -27.04
CA PHE S 42 52.63 57.80 -25.90
C PHE S 42 53.09 56.42 -26.30
N ALA S 43 52.60 55.94 -27.43
CA ALA S 43 52.97 54.63 -27.92
C ALA S 43 54.45 54.55 -28.26
N ASP S 44 54.97 55.63 -28.81
CA ASP S 44 56.34 55.72 -29.18
C ASP S 44 57.32 55.63 -28.02
N GLY S 45 56.89 56.08 -26.85
CA GLY S 45 57.72 56.03 -25.69
C GLY S 45 57.54 54.82 -24.81
N VAL S 46 56.85 53.79 -25.31
CA VAL S 46 56.62 52.59 -24.51
C VAL S 46 57.93 51.89 -24.21
N ALA S 47 58.79 51.73 -25.21
CA ALA S 47 60.04 51.01 -25.00
C ALA S 47 60.97 51.70 -24.03
N GLU S 48 61.07 53.01 -24.12
CA GLU S 48 61.91 53.74 -23.19
C GLU S 48 61.34 53.65 -21.78
N GLY S 49 60.03 53.78 -21.66
CA GLY S 49 59.38 53.74 -20.37
C GLY S 49 59.56 52.43 -19.64
N GLU S 50 59.51 51.36 -20.41
CA GLU S 50 59.69 50.02 -19.90
C GLU S 50 61.11 49.82 -19.37
N ARG S 51 62.06 50.35 -20.12
CA ARG S 51 63.48 50.30 -19.85
C ARG S 51 63.89 51.16 -18.65
N GLU S 52 63.35 52.36 -18.55
CA GLU S 52 63.72 53.31 -17.50
C GLU S 52 62.80 53.38 -16.28
N ARG S 53 61.62 52.76 -16.36
CA ARG S 53 60.66 52.78 -15.24
C ARG S 53 60.14 54.17 -14.88
N ARG S 54 60.00 55.02 -15.89
CA ARG S 54 59.45 56.36 -15.74
C ARG S 54 58.91 56.73 -17.11
N LEU S 55 58.02 57.70 -17.18
CA LEU S 55 57.48 58.15 -18.47
C LEU S 55 58.52 58.99 -19.19
N PRO S 56 58.70 58.79 -20.49
CA PRO S 56 59.63 59.67 -21.23
C PRO S 56 59.22 61.12 -21.25
N ASP S 57 60.18 62.02 -21.50
CA ASP S 57 59.88 63.44 -21.54
C ASP S 57 58.81 63.80 -22.57
N ALA S 58 58.83 63.15 -23.72
CA ALA S 58 57.85 63.45 -24.75
C ALA S 58 56.43 63.15 -24.28
N THR S 59 56.28 62.05 -23.54
CA THR S 59 54.99 61.66 -23.01
C THR S 59 54.48 62.66 -21.99
N VAL S 60 55.36 63.12 -21.11
CA VAL S 60 54.98 64.10 -20.13
C VAL S 60 54.55 65.38 -20.84
N ARG S 61 55.29 65.75 -21.88
CA ARG S 61 54.94 66.94 -22.64
C ARG S 61 53.57 66.81 -23.25
N ALA S 62 53.30 65.65 -23.84
CA ALA S 62 52.01 65.39 -24.46
C ALA S 62 50.88 65.42 -23.44
N ILE S 63 51.13 64.93 -22.23
CA ILE S 63 50.11 64.96 -21.21
C ILE S 63 49.80 66.41 -20.86
N ASP S 64 50.81 67.26 -20.77
CA ASP S 64 50.57 68.68 -20.44
C ASP S 64 49.86 69.44 -21.57
N GLN S 65 50.27 69.21 -22.81
CA GLN S 65 49.63 69.85 -23.96
C GLN S 65 48.21 69.40 -24.19
N SER S 66 47.93 68.10 -24.04
CA SER S 66 46.57 67.55 -24.25
C SER S 66 45.55 67.99 -23.19
N GLN S 67 46.06 68.43 -22.05
CA GLN S 67 45.27 68.81 -20.87
C GLN S 67 44.57 67.59 -20.22
N LEU S 68 45.04 66.38 -20.50
CA LEU S 68 44.42 65.15 -19.96
C LEU S 68 44.62 64.94 -18.45
N ALA S 69 45.59 65.64 -17.88
CA ALA S 69 45.72 65.73 -16.44
C ALA S 69 44.75 66.72 -15.77
N MET S 70 43.96 67.43 -16.58
CA MET S 70 43.15 68.55 -16.09
C MET S 70 41.64 68.27 -16.03
N LEU S 71 41.25 67.04 -16.33
CA LEU S 71 39.85 66.67 -16.36
C LEU S 71 39.16 66.86 -15.02
N TRP S 72 39.86 66.62 -13.92
CA TRP S 72 39.25 66.81 -12.61
C TRP S 72 39.76 68.04 -11.85
N THR S 73 40.27 69.01 -12.61
CA THR S 73 40.71 70.28 -12.07
C THR S 73 39.58 71.26 -12.29
N ALA S 74 39.35 72.14 -11.32
CA ALA S 74 38.25 73.10 -11.39
C ALA S 74 38.38 74.13 -12.51
N LYS S 75 37.24 74.52 -13.06
CA LYS S 75 37.12 75.54 -14.11
C LYS S 75 37.62 76.88 -13.66
N SER S 76 37.41 77.17 -12.38
CA SER S 76 37.84 78.42 -11.79
C SER S 76 39.35 78.58 -11.90
N TYR S 77 40.10 77.48 -11.94
CA TYR S 77 41.56 77.52 -12.13
C TYR S 77 42.04 77.21 -13.55
N GLY S 78 41.13 77.19 -14.50
CA GLY S 78 41.44 76.83 -15.90
C GLY S 78 41.40 75.35 -16.24
N GLY S 79 40.84 74.54 -15.35
CA GLY S 79 40.65 73.12 -15.58
C GLY S 79 39.41 72.79 -16.40
N LEU S 80 39.34 71.57 -16.88
CA LEU S 80 38.24 71.14 -17.74
C LEU S 80 37.00 70.73 -16.95
N GLU S 81 37.18 70.39 -15.66
CA GLU S 81 36.08 70.05 -14.72
C GLU S 81 34.99 69.15 -15.33
N THR S 82 35.34 67.91 -15.68
CA THR S 82 34.40 66.95 -16.31
C THR S 82 33.70 66.10 -15.24
N ASP S 83 33.32 64.89 -15.59
CA ASP S 83 32.66 64.01 -14.65
C ASP S 83 33.36 62.66 -14.65
N VAL S 84 32.86 61.72 -13.87
CA VAL S 84 33.51 60.42 -13.76
C VAL S 84 33.48 59.66 -15.08
N ARG S 85 32.35 59.68 -15.74
CA ARG S 85 32.18 58.94 -16.96
C ARG S 85 33.15 59.40 -18.03
N THR S 86 33.39 60.69 -18.13
CA THR S 86 34.31 61.20 -19.14
C THR S 86 35.73 60.74 -18.86
N MET S 87 36.13 60.80 -17.61
CA MET S 87 37.45 60.43 -17.19
C MET S 87 37.67 58.95 -17.48
N SER S 88 36.64 58.15 -17.20
CA SER S 88 36.66 56.74 -17.43
C SER S 88 36.81 56.40 -18.90
N GLU S 89 36.04 57.04 -19.77
CA GLU S 89 36.16 56.76 -21.20
C GLU S 89 37.52 57.19 -21.71
N VAL S 90 38.08 58.26 -21.18
CA VAL S 90 39.42 58.71 -21.59
C VAL S 90 40.51 57.70 -21.18
N ALA S 91 40.42 57.24 -19.94
CA ALA S 91 41.36 56.24 -19.41
C ALA S 91 41.36 54.96 -20.25
N LYS S 92 40.18 54.50 -20.66
CA LYS S 92 40.06 53.28 -21.46
C LYS S 92 40.79 53.40 -22.78
N VAL S 93 40.64 54.55 -23.43
CA VAL S 93 41.25 54.75 -24.74
C VAL S 93 42.75 54.96 -24.60
N LEU S 94 43.16 55.69 -23.57
CA LEU S 94 44.60 55.88 -23.29
C LEU S 94 45.37 54.60 -23.16
N SER S 95 44.80 53.64 -22.45
CA SER S 95 45.41 52.31 -22.27
C SER S 95 45.79 51.59 -23.56
N HIS S 96 45.10 51.85 -24.64
CA HIS S 96 45.45 51.22 -25.91
C HIS S 96 46.86 51.62 -26.34
N TYR S 97 47.25 52.84 -26.03
CA TYR S 97 48.51 53.36 -26.47
C TYR S 97 49.59 53.11 -25.44
N CYS S 98 49.30 53.41 -24.18
CA CYS S 98 50.25 53.11 -23.10
C CYS S 98 49.51 52.94 -21.79
N PRO S 99 49.40 51.71 -21.29
CA PRO S 99 48.70 51.51 -20.00
C PRO S 99 49.32 52.26 -18.82
N SER S 100 50.65 52.41 -18.83
CA SER S 100 51.32 53.18 -17.77
C SER S 100 50.95 54.69 -17.77
N THR S 101 50.90 55.29 -18.96
CA THR S 101 50.48 56.67 -19.14
C THR S 101 49.05 56.81 -18.67
N SER S 102 48.19 55.88 -19.09
CA SER S 102 46.79 55.88 -18.65
C SER S 102 46.72 55.82 -17.14
N TRP S 103 47.50 54.94 -16.54
CA TRP S 103 47.50 54.81 -15.11
C TRP S 103 47.96 56.10 -14.41
N VAL S 104 48.98 56.74 -14.95
CA VAL S 104 49.48 57.95 -14.34
C VAL S 104 48.44 59.06 -14.47
N VAL S 105 47.90 59.23 -15.67
CA VAL S 105 46.92 60.25 -15.92
C VAL S 105 45.72 60.08 -14.98
N ASN S 106 45.28 58.85 -14.77
CA ASN S 106 44.18 58.54 -13.87
C ASN S 106 44.53 58.93 -12.44
N ASN S 107 45.75 58.62 -12.02
CA ASN S 107 46.19 58.94 -10.69
C ASN S 107 46.24 60.45 -10.49
N VAL S 108 46.71 61.18 -11.48
CA VAL S 108 46.83 62.62 -11.34
C VAL S 108 45.47 63.30 -11.15
N ASN S 109 44.54 62.96 -12.04
CA ASN S 109 43.19 63.52 -11.94
C ASN S 109 42.59 63.16 -10.61
N GLY S 110 42.71 61.92 -10.22
CA GLY S 110 42.17 61.51 -8.93
C GLY S 110 42.80 62.25 -7.76
N SER S 111 44.10 62.45 -7.84
CA SER S 111 44.78 63.20 -6.77
C SER S 111 44.32 64.64 -6.72
N ASN S 112 44.16 65.22 -7.89
CA ASN S 112 43.69 66.58 -8.00
C ASN S 112 42.29 66.69 -7.42
N LEU S 113 41.45 65.69 -7.64
CA LEU S 113 40.11 65.73 -7.08
C LEU S 113 40.18 65.63 -5.57
N LEU S 114 41.10 64.83 -5.05
CA LEU S 114 41.27 64.67 -3.60
C LEU S 114 41.72 65.96 -2.97
N ALA S 115 42.47 66.76 -3.72
CA ALA S 115 42.97 68.02 -3.23
C ALA S 115 41.85 68.98 -2.87
N SER S 116 40.70 68.85 -3.50
CA SER S 116 39.60 69.72 -3.23
C SER S 116 39.03 69.65 -1.80
N LYS S 117 39.40 68.66 -1.02
CA LYS S 117 39.01 68.65 0.39
C LYS S 117 39.81 69.62 1.22
N PHE S 118 40.94 70.07 0.70
CA PHE S 118 41.81 71.01 1.40
C PHE S 118 41.23 72.43 1.36
N PRO S 119 41.72 73.33 2.26
CA PRO S 119 41.17 74.68 2.21
C PRO S 119 41.51 75.43 0.94
N ARG S 120 40.78 76.51 0.71
CA ARG S 120 40.98 77.34 -0.46
C ARG S 120 42.39 77.87 -0.55
N ALA S 121 42.98 78.18 0.61
CA ALA S 121 44.36 78.64 0.66
C ALA S 121 45.33 77.66 0.01
N ALA S 122 45.16 76.39 0.30
CA ALA S 122 45.98 75.32 -0.29
C ALA S 122 45.71 75.18 -1.78
N LEU S 123 44.43 75.14 -2.14
CA LEU S 123 44.04 75.03 -3.55
C LEU S 123 44.57 76.17 -4.42
N ASP S 124 44.51 77.39 -3.90
CA ASP S 124 45.09 78.56 -4.58
C ASP S 124 46.59 78.38 -4.73
N GLU S 125 47.26 77.96 -3.65
CA GLU S 125 48.70 77.74 -3.71
C GLU S 125 49.10 76.69 -4.75
N VAL S 126 48.28 75.66 -4.92
CA VAL S 126 48.55 74.58 -5.89
C VAL S 126 48.18 74.94 -7.33
N PHE S 127 46.94 75.42 -7.51
CA PHE S 127 46.34 75.63 -8.86
C PHE S 127 46.29 77.08 -9.37
N GLY S 128 46.51 78.04 -8.46
CA GLY S 128 46.40 79.47 -8.75
C GLY S 128 47.12 79.98 -9.97
N ASP S 129 48.38 79.60 -10.15
CA ASP S 129 49.18 79.98 -11.33
C ASP S 129 49.56 78.77 -12.17
N ALA S 130 48.88 77.64 -11.98
CA ALA S 130 49.26 76.35 -12.57
C ALA S 130 47.98 75.57 -12.89
N PRO S 131 47.26 75.93 -13.97
CA PRO S 131 46.06 75.17 -14.36
C PRO S 131 46.35 73.66 -14.62
N GLY S 132 47.56 73.37 -15.11
CA GLY S 132 48.05 72.00 -15.34
C GLY S 132 48.83 71.37 -14.19
N ALA S 133 48.60 71.82 -12.97
CA ALA S 133 49.26 71.21 -11.82
C ALA S 133 48.90 69.72 -11.72
N LYS S 134 49.89 68.92 -11.31
CA LYS S 134 49.79 67.48 -11.23
C LYS S 134 50.14 66.96 -9.86
N LEU S 135 49.18 66.35 -9.19
CA LEU S 135 49.39 65.76 -7.84
C LEU S 135 49.57 64.24 -7.84
N ALA S 136 50.42 63.77 -6.92
CA ALA S 136 50.48 62.40 -6.47
C ALA S 136 49.62 62.27 -5.23
N SER S 137 49.35 61.04 -4.85
CA SER S 137 48.68 60.80 -3.58
C SER S 137 48.95 59.38 -3.17
N VAL S 138 49.43 59.20 -1.94
CA VAL S 138 49.69 57.88 -1.41
C VAL S 138 49.09 57.73 -0.04
N PHE S 139 48.23 56.72 0.08
CA PHE S 139 47.52 56.35 1.29
C PHE S 139 48.11 55.03 1.82
N ALA S 140 49.12 54.53 1.10
CA ALA S 140 49.82 53.26 1.35
C ALA S 140 50.78 53.23 2.53
N ALA S 141 50.98 54.36 3.18
CA ALA S 141 51.82 54.43 4.37
C ALA S 141 51.30 55.54 5.17
N ALA S 142 51.76 55.52 6.40
CA ALA S 142 51.60 56.62 7.26
C ALA S 142 53.03 57.02 7.65
N GLY S 143 53.16 58.30 7.87
CA GLY S 143 54.36 58.91 8.27
C GLY S 143 53.89 59.42 9.61
N THR S 144 54.76 60.10 10.28
CA THR S 144 54.44 60.52 11.58
C THR S 144 54.63 62.03 11.61
N ALA S 145 53.63 62.71 12.14
CA ALA S 145 53.62 64.16 12.15
C ALA S 145 53.40 64.67 13.55
N VAL S 146 54.10 65.74 13.89
CA VAL S 146 53.96 66.32 15.21
C VAL S 146 53.76 67.81 15.09
N ARG S 147 52.94 68.37 15.99
CA ARG S 147 52.66 69.80 15.98
C ARG S 147 53.87 70.65 16.27
N THR S 148 53.99 71.73 15.52
CA THR S 148 55.05 72.69 15.66
C THR S 148 54.35 74.03 15.46
N PRO S 149 55.00 75.17 15.87
CA PRO S 149 54.24 76.40 15.66
C PRO S 149 54.04 76.71 14.20
N GLY S 150 52.79 77.01 13.85
CA GLY S 150 52.37 77.33 12.49
C GLY S 150 52.07 76.13 11.62
N GLY S 151 52.20 74.92 12.17
CA GLY S 151 51.94 73.73 11.39
C GLY S 151 52.34 72.41 12.01
N TYR S 152 53.07 71.62 11.22
CA TYR S 152 53.51 70.30 11.61
C TYR S 152 54.93 70.03 11.10
N ARG S 153 55.58 69.06 11.74
CA ARG S 153 56.86 68.51 11.28
C ARG S 153 56.55 67.06 10.91
N LEU S 154 56.87 66.67 9.68
CA LEU S 154 56.45 65.39 9.09
C LEU S 154 57.64 64.52 8.67
N THR S 155 57.61 63.26 9.11
CA THR S 155 58.64 62.29 8.75
C THR S 155 57.92 61.02 8.31
N GLY S 156 58.43 60.40 7.25
CA GLY S 156 57.88 59.14 6.78
C GLY S 156 58.48 58.63 5.49
N SER S 157 58.03 57.45 5.10
CA SER S 157 58.46 56.82 3.87
C SER S 157 57.23 56.17 3.22
N TRP S 158 56.86 56.68 2.05
CA TRP S 158 55.60 56.31 1.37
C TRP S 158 55.90 55.60 0.06
N PRO S 159 55.74 54.26 0.00
CA PRO S 159 55.89 53.52 -1.28
C PRO S 159 54.68 53.68 -2.21
N TYR S 160 54.81 53.18 -3.43
CA TYR S 160 53.75 53.25 -4.45
C TYR S 160 53.32 54.68 -4.84
N GLY S 161 54.29 55.55 -5.04
CA GLY S 161 53.98 56.93 -5.38
C GLY S 161 53.87 57.07 -6.87
N THR S 162 52.74 56.69 -7.43
CA THR S 162 52.55 56.79 -8.89
C THR S 162 52.79 58.17 -9.43
N GLY S 163 53.62 58.21 -10.47
CA GLY S 163 53.94 59.43 -11.19
C GLY S 163 54.67 60.54 -10.44
N ILE S 164 55.25 60.22 -9.28
CA ILE S 164 55.83 61.20 -8.37
C ILE S 164 57.00 61.95 -9.01
N LEU S 165 57.75 61.29 -9.87
CA LEU S 165 58.82 61.95 -10.61
C LEU S 165 58.40 63.16 -11.45
N HIS S 166 57.16 63.19 -11.94
CA HIS S 166 56.67 64.30 -12.77
C HIS S 166 55.69 65.19 -12.02
N ASP S 167 55.47 64.94 -10.74
CA ASP S 167 54.38 65.62 -10.03
C ASP S 167 54.90 66.89 -9.32
N ASP S 168 54.00 67.84 -9.15
CA ASP S 168 54.31 69.14 -8.56
C ASP S 168 54.08 69.10 -7.07
N TRP S 169 53.09 68.33 -6.64
CA TRP S 169 52.74 68.17 -5.22
C TRP S 169 52.35 66.71 -4.93
N ALA S 170 52.26 66.36 -3.65
CA ALA S 170 51.89 65.02 -3.23
C ALA S 170 50.98 65.13 -2.03
N ILE S 171 49.91 64.34 -2.02
CA ILE S 171 49.05 64.20 -0.84
C ILE S 171 49.48 62.95 -0.13
N LEU S 172 49.95 63.11 1.10
CA LEU S 172 50.44 61.99 1.89
C LEU S 172 49.68 61.82 3.19
N VAL S 173 49.40 60.58 3.55
CA VAL S 173 48.71 60.25 4.79
C VAL S 173 49.69 60.13 5.94
N ALA S 174 49.30 60.60 7.11
CA ALA S 174 50.16 60.50 8.27
C ALA S 174 49.40 60.36 9.55
N ARG S 175 50.11 59.96 10.59
CA ARG S 175 49.51 59.85 11.90
C ARG S 175 50.08 60.95 12.73
N GLU S 176 49.22 61.75 13.33
CA GLU S 176 49.67 62.78 14.25
C GLU S 176 50.03 62.13 15.58
N VAL S 177 51.10 62.62 16.20
CA VAL S 177 51.54 62.13 17.49
C VAL S 177 51.91 63.29 18.36
N ASP S 178 51.92 63.09 19.66
CA ASP S 178 52.28 64.14 20.59
C ASP S 178 53.77 64.08 20.92
N ALA S 179 54.19 64.91 21.87
CA ALA S 179 55.58 64.97 22.29
C ALA S 179 56.01 63.64 22.87
N ASP S 180 55.10 63.00 23.57
CA ASP S 180 55.36 61.68 24.11
C ASP S 180 55.51 60.66 23.00
N GLY S 181 54.85 60.90 21.87
CA GLY S 181 54.90 59.98 20.74
C GLY S 181 53.68 59.09 20.68
N GLU S 182 52.68 59.43 21.48
CA GLU S 182 51.42 58.72 21.49
C GLU S 182 50.54 59.16 20.32
N PRO S 183 49.76 58.26 19.74
CA PRO S 183 48.90 58.65 18.61
C PRO S 183 47.79 59.63 18.96
N VAL S 184 47.61 60.65 18.13
CA VAL S 184 46.56 61.64 18.34
C VAL S 184 45.44 61.51 17.34
N GLY S 185 45.76 61.36 16.07
CA GLY S 185 44.74 61.26 15.06
C GLY S 185 45.36 61.08 13.69
N GLY S 186 44.52 60.99 12.68
CA GLY S 186 44.99 60.80 11.31
C GLY S 186 45.04 62.12 10.56
N LEU S 187 46.00 62.27 9.65
CA LEU S 187 46.09 63.50 8.86
C LEU S 187 46.31 63.27 7.38
N SER S 188 45.91 64.25 6.59
CA SER S 188 46.24 64.26 5.19
C SER S 188 47.03 65.53 4.91
N MET S 189 48.17 65.38 4.25
CA MET S 189 49.09 66.50 4.11
C MET S 189 49.52 66.77 2.72
N LEU S 190 49.52 68.03 2.36
CA LEU S 190 49.86 68.42 1.01
C LEU S 190 51.24 69.01 1.00
N VAL S 191 52.17 68.37 0.29
CA VAL S 191 53.54 68.83 0.31
C VAL S 191 54.10 68.91 -1.10
N PRO S 192 54.86 69.97 -1.37
CA PRO S 192 55.42 70.25 -2.69
C PRO S 192 56.65 69.45 -3.05
N ALA S 193 56.93 69.42 -4.35
CA ALA S 193 58.04 68.65 -4.90
C ALA S 193 59.38 69.09 -4.34
N ARG S 194 59.52 70.39 -4.11
CA ARG S 194 60.74 70.96 -3.56
C ARG S 194 61.08 70.36 -2.20
N ASP S 195 60.06 70.05 -1.41
CA ASP S 195 60.26 69.45 -0.11
C ASP S 195 60.41 67.95 -0.10
N LEU S 196 60.18 67.28 -1.23
CA LEU S 196 60.23 65.81 -1.27
C LEU S 196 61.55 65.27 -1.77
N THR S 197 61.79 64.02 -1.45
CA THR S 197 62.88 63.26 -1.97
C THR S 197 62.28 61.98 -2.51
N VAL S 198 62.80 61.50 -3.63
CA VAL S 198 62.28 60.29 -4.22
C VAL S 198 63.35 59.23 -4.22
N GLU S 199 62.98 58.07 -3.75
CA GLU S 199 63.88 56.95 -3.62
C GLU S 199 63.49 55.92 -4.67
N ASP S 200 64.47 55.34 -5.34
CA ASP S 200 64.20 54.43 -6.44
C ASP S 200 63.88 53.03 -5.92
N THR S 201 62.60 52.73 -5.83
CA THR S 201 62.18 51.45 -5.32
C THR S 201 61.21 50.68 -6.22
N TRP S 202 60.83 51.24 -7.36
CA TRP S 202 59.83 50.62 -8.20
C TRP S 202 60.49 49.66 -9.21
N HIS S 203 60.52 48.39 -8.86
CA HIS S 203 61.07 47.35 -9.70
C HIS S 203 60.05 46.26 -9.89
N THR S 204 59.33 46.32 -11.00
CA THR S 204 58.20 45.45 -11.20
C THR S 204 58.20 44.90 -12.59
N VAL S 205 57.35 43.91 -12.82
CA VAL S 205 57.23 43.30 -14.13
C VAL S 205 56.05 43.84 -14.91
N GLY S 206 55.33 44.78 -14.35
CA GLY S 206 54.23 45.43 -15.07
C GLY S 206 54.04 46.83 -14.56
N MET S 207 53.45 47.68 -15.39
CA MET S 207 53.23 49.08 -15.10
C MET S 207 54.57 49.75 -14.71
N ARG S 208 55.64 49.38 -15.40
CA ARG S 208 56.97 49.88 -15.08
C ARG S 208 57.13 51.41 -15.24
N ALA S 209 56.59 51.97 -16.31
CA ALA S 209 56.76 53.40 -16.55
C ALA S 209 55.94 54.29 -15.61
N THR S 210 55.07 53.71 -14.80
CA THR S 210 54.31 54.49 -13.85
C THR S 210 55.19 55.11 -12.79
N GLY S 211 56.41 54.61 -12.59
CA GLY S 211 57.34 55.20 -11.66
C GLY S 211 56.82 55.35 -10.26
N SER S 212 56.21 54.30 -9.75
CA SER S 212 55.59 54.32 -8.43
C SER S 212 56.63 54.10 -7.32
N HIS S 213 57.50 55.09 -7.20
CA HIS S 213 58.66 55.04 -6.31
C HIS S 213 58.29 55.44 -4.89
N THR S 214 59.27 55.46 -4.01
CA THR S 214 59.03 55.79 -2.60
C THR S 214 59.33 57.26 -2.35
N VAL S 215 58.40 57.94 -1.70
CA VAL S 215 58.54 59.32 -1.28
C VAL S 215 59.08 59.31 0.15
N VAL S 216 60.15 60.06 0.36
CA VAL S 216 60.80 60.13 1.65
C VAL S 216 60.83 61.54 2.21
N LEU S 217 60.45 61.68 3.47
CA LEU S 217 60.43 62.97 4.15
C LEU S 217 61.11 62.84 5.47
N ARG S 218 61.93 63.82 5.82
CA ARG S 218 62.53 63.82 7.14
C ARG S 218 62.43 65.16 7.80
N ASP S 219 61.64 65.21 8.88
CA ASP S 219 61.45 66.42 9.66
C ASP S 219 61.05 67.62 8.80
N THR S 220 60.16 67.38 7.86
CA THR S 220 59.73 68.39 6.92
C THR S 220 58.61 69.22 7.46
N PHE S 221 58.71 70.54 7.29
CA PHE S 221 57.70 71.44 7.78
C PHE S 221 56.54 71.50 6.81
N VAL S 222 55.35 71.39 7.35
CA VAL S 222 54.15 71.52 6.53
C VAL S 222 53.25 72.49 7.25
N PRO S 223 52.85 73.58 6.54
CA PRO S 223 52.00 74.51 7.28
C PRO S 223 50.58 74.04 7.46
N GLU S 224 49.92 74.66 8.42
CA GLU S 224 48.58 74.31 8.84
C GLU S 224 47.54 74.28 7.73
N HIS S 225 47.60 75.25 6.81
CA HIS S 225 46.59 75.33 5.76
C HIS S 225 46.71 74.22 4.72
N ARG S 226 47.82 73.48 4.74
CA ARG S 226 48.01 72.35 3.85
C ARG S 226 47.88 71.02 4.58
N VAL S 227 47.12 70.98 5.67
CA VAL S 227 46.93 69.79 6.48
C VAL S 227 45.46 69.70 6.84
N ILE S 228 44.82 68.57 6.61
CA ILE S 228 43.45 68.35 7.08
C ILE S 228 43.39 67.05 7.81
N SER S 229 42.31 66.82 8.53
CA SER S 229 42.15 65.56 9.23
C SER S 229 41.90 64.50 8.20
N GLY S 230 42.26 63.27 8.56
CA GLY S 230 41.98 62.10 7.76
C GLY S 230 40.48 61.99 7.57
N GLU S 231 39.72 62.34 8.60
CA GLU S 231 38.27 62.32 8.51
C GLU S 231 37.74 63.27 7.42
N LEU S 232 38.31 64.45 7.31
CA LEU S 232 37.89 65.39 6.31
C LEU S 232 38.28 64.96 4.90
N GLN S 233 39.44 64.33 4.77
CA GLN S 233 39.93 63.85 3.49
C GLN S 233 39.03 62.77 2.88
N ARG S 234 38.43 61.93 3.71
CA ARG S 234 37.55 60.88 3.23
C ARG S 234 36.10 61.28 3.25
N SER S 235 35.81 62.52 3.61
CA SER S 235 34.42 62.97 3.82
C SER S 235 33.61 63.02 2.54
N ARG S 236 32.32 62.75 2.66
CA ARG S 236 31.38 62.86 1.55
C ARG S 236 30.29 63.86 1.90
N GLU S 237 30.56 64.78 2.82
CA GLU S 237 29.59 65.84 3.16
C GLU S 237 29.32 66.81 2.02
N SER S 238 30.24 66.94 1.09
CA SER S 238 30.04 67.84 -0.04
C SER S 238 29.05 67.31 -1.07
N ALA S 239 28.55 66.09 -0.86
CA ALA S 239 27.62 65.50 -1.79
C ALA S 239 26.36 66.31 -1.97
N THR S 240 25.89 66.96 -0.92
CA THR S 240 24.67 67.77 -0.99
C THR S 240 24.85 69.27 -1.08
N ASP S 241 26.09 69.74 -1.22
CA ASP S 241 26.40 71.18 -1.24
C ASP S 241 26.13 71.79 -2.61
N LEU S 242 25.01 72.51 -2.72
CA LEU S 242 24.61 73.18 -3.97
C LEU S 242 25.56 74.31 -4.40
N GLY S 243 26.33 74.85 -3.45
CA GLY S 243 27.34 75.86 -3.73
C GLY S 243 28.52 75.37 -4.56
N LEU S 244 28.86 74.10 -4.44
CA LEU S 244 29.94 73.50 -5.21
C LEU S 244 29.53 73.07 -6.59
N PRO S 245 30.46 73.10 -7.57
CA PRO S 245 30.08 72.51 -8.85
C PRO S 245 29.87 71.00 -8.72
N PRO S 246 29.16 70.36 -9.68
CA PRO S 246 28.90 68.93 -9.45
C PRO S 246 30.09 68.00 -9.26
N LEU S 247 31.20 68.21 -9.95
CA LEU S 247 32.37 67.35 -9.77
C LEU S 247 32.85 67.28 -8.35
N PHE S 248 32.79 68.39 -7.63
CA PHE S 248 33.28 68.40 -6.26
C PHE S 248 32.28 67.86 -5.26
N ARG S 249 31.10 67.46 -5.74
CA ARG S 249 30.14 66.78 -4.91
C ARG S 249 30.32 65.26 -4.99
N THR S 250 31.09 64.79 -5.96
CA THR S 250 31.29 63.37 -6.27
C THR S 250 31.98 62.67 -5.12
N ALA S 251 31.60 61.41 -4.91
CA ALA S 251 32.28 60.56 -3.94
C ALA S 251 33.68 60.23 -4.48
N ALA S 252 34.69 60.90 -3.96
CA ALA S 252 35.99 60.98 -4.65
C ALA S 252 36.77 59.66 -4.70
N ILE S 253 36.79 58.97 -3.58
CA ILE S 253 37.54 57.73 -3.48
C ILE S 253 36.92 56.66 -4.35
N ALA S 254 35.60 56.61 -4.39
CA ALA S 254 34.93 55.69 -5.26
C ALA S 254 35.19 56.05 -6.72
N ALA S 255 35.21 57.33 -7.02
CA ALA S 255 35.45 57.78 -8.39
C ALA S 255 36.81 57.39 -8.88
N MET S 256 37.79 57.50 -7.99
CA MET S 256 39.15 57.16 -8.31
C MET S 256 39.29 55.67 -8.60
N ALA S 257 38.61 54.85 -7.81
CA ALA S 257 38.60 53.42 -8.02
C ALA S 257 37.95 53.05 -9.36
N VAL S 258 36.89 53.73 -9.75
CA VAL S 258 36.24 53.50 -11.03
C VAL S 258 37.18 53.80 -12.21
N VAL S 259 37.95 54.88 -12.13
CA VAL S 259 38.87 55.20 -13.25
C VAL S 259 40.12 54.29 -13.23
N CYS S 260 40.53 53.80 -12.07
CA CYS S 260 41.64 52.83 -12.02
C CYS S 260 41.21 51.56 -12.74
N ALA S 261 39.98 51.13 -12.46
CA ALA S 261 39.40 49.99 -13.17
C ALA S 261 39.34 50.25 -14.67
N SER S 262 39.03 51.48 -15.07
CA SER S 262 38.95 51.81 -16.50
C SER S 262 40.28 51.63 -17.21
N VAL S 263 41.37 51.93 -16.53
CA VAL S 263 42.72 51.74 -17.08
C VAL S 263 42.92 50.27 -17.41
N VAL S 264 42.61 49.42 -16.45
CA VAL S 264 42.74 47.98 -16.64
C VAL S 264 41.81 47.49 -17.77
N LEU S 265 40.57 47.92 -17.72
CA LEU S 265 39.58 47.55 -18.71
C LEU S 265 40.04 47.88 -20.13
N GLY S 266 40.49 49.10 -20.32
CA GLY S 266 40.98 49.53 -21.62
C GLY S 266 42.11 48.66 -22.16
N ALA S 267 43.03 48.23 -21.31
CA ALA S 267 44.14 47.36 -21.71
C ALA S 267 43.58 46.02 -22.20
N GLY S 268 42.56 45.55 -21.50
CA GLY S 268 41.88 44.33 -21.89
C GLY S 268 41.20 44.44 -23.23
N GLN S 269 40.53 45.56 -23.44
CA GLN S 269 39.89 45.82 -24.72
C GLN S 269 40.91 45.92 -25.83
N ALA S 270 42.04 46.53 -25.57
CA ALA S 270 43.11 46.60 -26.61
C ALA S 270 43.64 45.22 -26.97
N ALA S 271 43.79 44.38 -25.94
CA ALA S 271 44.18 42.99 -26.10
C ALA S 271 43.19 42.25 -26.98
N ARG S 272 41.89 42.46 -26.75
CA ARG S 272 40.86 41.81 -27.55
C ARG S 272 40.96 42.25 -29.00
N ALA S 273 41.05 43.57 -29.23
CA ALA S 273 41.16 44.09 -30.59
C ALA S 273 42.36 43.52 -31.33
N LEU S 274 43.47 43.36 -30.63
CA LEU S 274 44.68 42.78 -31.23
C LEU S 274 44.52 41.31 -31.66
N VAL S 275 43.97 40.49 -30.78
CA VAL S 275 43.68 39.10 -31.10
C VAL S 275 42.73 38.99 -32.31
N VAL S 276 41.72 39.86 -32.36
CA VAL S 276 40.80 39.93 -33.53
C VAL S 276 41.52 40.32 -34.82
N GLU S 277 42.40 41.30 -34.71
CA GLU S 277 43.18 41.78 -35.82
C GLU S 277 44.08 40.72 -36.43
N LYS S 278 44.73 39.94 -35.58
CA LYS S 278 45.69 38.93 -36.02
C LYS S 278 45.15 37.56 -36.37
N ALA S 279 43.92 37.25 -35.99
CA ALA S 279 43.38 35.90 -36.12
C ALA S 279 43.27 35.41 -37.54
N PRO S 280 42.94 36.30 -38.52
CA PRO S 280 42.86 35.75 -39.87
C PRO S 280 44.19 35.37 -40.50
N THR S 281 45.31 35.83 -39.97
CA THR S 281 46.60 35.45 -40.55
C THR S 281 47.47 34.50 -39.75
N ARG S 282 46.95 33.86 -38.71
CA ARG S 282 47.73 32.88 -37.94
C ARG S 282 46.89 31.65 -37.81
N GLY S 283 47.55 30.55 -37.44
CA GLY S 283 46.90 29.28 -37.20
C GLY S 283 46.95 28.87 -35.74
N ILE S 284 46.42 27.67 -35.49
CA ILE S 284 46.41 27.04 -34.18
C ILE S 284 47.20 25.77 -34.29
N ALA S 285 48.46 25.84 -33.89
CA ALA S 285 49.32 24.67 -33.90
C ALA S 285 48.92 23.71 -32.81
N PRO S 286 49.05 22.42 -33.11
CA PRO S 286 49.48 21.78 -34.37
C PRO S 286 48.30 21.25 -35.15
N SER S 287 47.18 21.97 -35.08
CA SER S 287 45.96 21.48 -35.66
C SER S 287 45.94 21.69 -37.16
N LYS S 288 44.92 21.16 -37.79
CA LYS S 288 44.63 21.43 -39.19
C LYS S 288 44.16 22.87 -39.47
N TYR S 289 43.80 23.62 -38.43
CA TYR S 289 43.34 25.02 -38.59
C TYR S 289 44.53 25.96 -38.86
N THR S 290 44.82 26.19 -40.14
CA THR S 290 45.90 27.08 -40.53
C THR S 290 45.52 28.57 -40.35
N ARG S 291 44.22 28.84 -40.28
CA ARG S 291 43.68 30.17 -39.95
C ARG S 291 42.85 30.04 -38.70
N GLN S 292 43.06 30.91 -37.71
CA GLN S 292 42.33 30.83 -36.43
C GLN S 292 40.82 30.95 -36.60
N THR S 293 40.43 31.79 -37.55
CA THR S 293 39.02 32.06 -37.87
C THR S 293 38.31 30.87 -38.50
N ASP S 294 39.05 29.91 -39.00
CA ASP S 294 38.48 28.66 -39.51
C ASP S 294 38.00 27.75 -38.42
N SER S 295 38.51 27.93 -37.21
CA SER S 295 38.12 27.09 -36.09
C SER S 295 36.94 27.67 -35.35
N ARG S 296 35.84 26.93 -35.36
CA ARG S 296 34.66 27.38 -34.69
C ARG S 296 34.81 27.38 -33.20
N THR S 297 35.65 26.50 -32.65
CA THR S 297 35.93 26.51 -31.22
C THR S 297 36.61 27.82 -30.86
N PHE S 298 37.52 28.25 -31.71
CA PHE S 298 38.20 29.52 -31.50
C PHE S 298 37.23 30.67 -31.58
N VAL S 299 36.37 30.67 -32.58
CA VAL S 299 35.48 31.79 -32.80
C VAL S 299 34.47 31.92 -31.68
N SER S 300 33.87 30.81 -31.26
CA SER S 300 32.89 30.85 -30.19
C SER S 300 33.52 31.17 -28.84
N SER S 301 34.74 30.73 -28.61
CA SER S 301 35.45 31.05 -27.39
C SER S 301 35.71 32.51 -27.31
N LEU S 302 36.10 33.10 -28.44
CA LEU S 302 36.40 34.50 -28.50
C LEU S 302 35.15 35.33 -28.24
N GLY S 303 34.01 34.85 -28.71
CA GLY S 303 32.75 35.52 -28.47
C GLY S 303 32.47 35.55 -26.99
N ARG S 304 32.72 34.45 -26.31
CA ARG S 304 32.50 34.38 -24.88
C ARG S 304 33.43 35.31 -24.10
N THR S 305 34.70 35.35 -24.48
CA THR S 305 35.68 36.18 -23.84
C THR S 305 35.34 37.63 -24.04
N ALA S 306 34.89 37.95 -25.24
CA ALA S 306 34.47 39.29 -25.55
C ALA S 306 33.28 39.69 -24.69
N LEU S 307 32.31 38.79 -24.49
CA LEU S 307 31.16 39.15 -23.64
C LEU S 307 31.57 39.35 -22.18
N SER S 308 32.56 38.63 -21.65
CA SER S 308 33.05 38.95 -20.28
C SER S 308 33.62 40.36 -20.20
N ILE S 309 34.43 40.72 -21.19
CA ILE S 309 34.99 42.06 -21.24
C ILE S 309 33.87 43.10 -21.38
N ASP S 310 32.87 42.80 -22.20
CA ASP S 310 31.66 43.67 -22.31
C ASP S 310 30.96 43.84 -20.96
N ALA S 311 30.85 42.77 -20.19
CA ALA S 311 30.29 42.88 -18.88
C ALA S 311 31.15 43.75 -17.96
N ALA S 312 32.46 43.64 -18.04
CA ALA S 312 33.33 44.44 -17.22
C ALA S 312 33.14 45.91 -17.56
N GLU S 313 32.98 46.19 -18.85
CA GLU S 313 32.74 47.54 -19.31
C GLU S 313 31.44 48.13 -18.74
N MET S 314 30.40 47.33 -18.72
CA MET S 314 29.13 47.75 -18.20
C MET S 314 29.18 47.98 -16.68
N HIS S 315 29.93 47.16 -15.95
CA HIS S 315 30.09 47.33 -14.50
C HIS S 315 30.73 48.68 -14.22
N VAL S 316 31.74 49.01 -15.00
CA VAL S 316 32.45 50.24 -14.85
C VAL S 316 31.56 51.41 -15.18
N ALA S 317 30.85 51.31 -16.30
CA ALA S 317 29.97 52.39 -16.73
C ALA S 317 28.83 52.60 -15.76
N ARG S 318 28.25 51.53 -15.24
CA ARG S 318 27.16 51.66 -14.28
C ARG S 318 27.61 52.41 -13.05
N ALA S 319 28.79 52.09 -12.54
CA ALA S 319 29.32 52.75 -11.35
C ALA S 319 29.62 54.21 -11.62
N ALA S 320 30.21 54.47 -12.77
CA ALA S 320 30.46 55.85 -13.15
C ALA S 320 29.17 56.67 -13.20
N THR S 321 28.14 56.09 -13.79
CA THR S 321 26.84 56.74 -13.93
C THR S 321 26.16 56.97 -12.60
N ALA S 322 26.25 56.00 -11.70
CA ALA S 322 25.68 56.18 -10.39
C ALA S 322 26.36 57.37 -9.68
N LEU S 323 27.68 57.45 -9.79
CA LEU S 323 28.45 58.53 -9.16
C LEU S 323 28.11 59.89 -9.75
N ASP S 324 28.02 59.96 -11.07
CA ASP S 324 27.66 61.21 -11.74
C ASP S 324 26.23 61.65 -11.49
N ASP S 325 25.29 60.72 -11.50
CA ASP S 325 23.90 61.08 -11.30
C ASP S 325 23.74 61.67 -9.91
N ALA S 326 24.39 61.10 -8.93
CA ALA S 326 24.31 61.61 -7.57
C ALA S 326 24.92 63.00 -7.45
N ALA S 327 26.05 63.22 -8.09
CA ALA S 327 26.71 64.52 -8.04
C ALA S 327 25.88 65.60 -8.72
N TYR S 328 25.29 65.29 -9.85
CA TYR S 328 24.46 66.22 -10.57
C TYR S 328 23.18 66.56 -9.81
N ASP S 329 22.60 65.59 -9.13
CA ASP S 329 21.38 65.81 -8.39
C ASP S 329 21.66 66.31 -7.01
N ALA S 330 22.93 66.43 -6.63
CA ALA S 330 23.28 66.86 -5.28
C ALA S 330 22.68 65.99 -4.16
N VAL S 331 22.58 64.69 -4.42
CA VAL S 331 22.18 63.72 -3.38
C VAL S 331 23.39 62.91 -2.92
N ALA S 332 23.32 62.49 -1.66
CA ALA S 332 24.31 61.59 -1.08
C ALA S 332 23.98 60.18 -1.51
N LEU S 333 25.01 59.47 -1.97
CA LEU S 333 24.91 58.03 -2.21
C LEU S 333 24.83 57.34 -0.88
N PRO S 334 23.82 56.47 -0.67
CA PRO S 334 23.84 55.71 0.56
C PRO S 334 24.98 54.69 0.55
N ASP S 335 25.31 54.16 1.71
CA ASP S 335 26.39 53.20 1.85
C ASP S 335 26.20 52.00 0.95
N SER S 336 24.98 51.51 0.82
CA SER S 336 24.74 50.35 -0.01
C SER S 336 25.14 50.57 -1.46
N GLU S 337 24.94 51.78 -1.97
CA GLU S 337 25.31 52.06 -3.34
C GLU S 337 26.82 52.10 -3.51
N LEU S 338 27.54 52.63 -2.52
CA LEU S 338 29.00 52.67 -2.55
C LEU S 338 29.62 51.30 -2.43
N LEU S 339 29.02 50.45 -1.61
CA LEU S 339 29.49 49.10 -1.43
C LEU S 339 29.32 48.32 -2.72
N ARG S 340 28.23 48.59 -3.43
CA ARG S 340 28.01 47.99 -4.73
C ARG S 340 29.05 48.46 -5.75
N ILE S 341 29.43 49.73 -5.70
CA ILE S 341 30.43 50.24 -6.62
C ILE S 341 31.75 49.55 -6.37
N ARG S 342 32.08 49.30 -5.11
CA ARG S 342 33.34 48.63 -4.79
C ARG S 342 33.34 47.21 -5.36
N GLY S 343 32.18 46.55 -5.29
CA GLY S 343 32.02 45.25 -5.89
C GLY S 343 32.11 45.28 -7.39
N ASP S 344 31.51 46.27 -8.04
CA ASP S 344 31.58 46.40 -9.49
C ASP S 344 33.00 46.53 -10.00
N VAL S 345 33.81 47.34 -9.34
CA VAL S 345 35.16 47.58 -9.81
C VAL S 345 36.08 46.37 -9.67
N GLY S 346 35.99 45.67 -8.56
CA GLY S 346 36.78 44.48 -8.38
C GLY S 346 36.35 43.39 -9.33
N GLN S 347 35.05 43.28 -9.51
CA GLN S 347 34.50 42.33 -10.44
C GLN S 347 34.91 42.64 -11.87
N ALA S 348 34.90 43.92 -12.28
CA ALA S 348 35.30 44.26 -13.65
C ALA S 348 36.75 43.89 -13.92
N VAL S 349 37.64 44.20 -13.00
CA VAL S 349 39.07 43.93 -13.24
C VAL S 349 39.37 42.45 -13.18
N SER S 350 38.63 41.76 -12.34
CA SER S 350 38.74 40.30 -12.26
C SER S 350 38.31 39.61 -13.58
N LEU S 351 37.21 40.10 -14.11
CA LEU S 351 36.72 39.67 -15.40
C LEU S 351 37.78 39.96 -16.48
N VAL S 352 38.45 41.11 -16.41
CA VAL S 352 39.46 41.44 -17.39
C VAL S 352 40.70 40.56 -17.30
N THR S 353 41.17 40.25 -16.09
CA THR S 353 42.35 39.40 -15.97
C THR S 353 42.05 37.98 -16.42
N THR S 354 40.85 37.47 -16.16
CA THR S 354 40.48 36.15 -16.62
C THR S 354 40.40 36.16 -18.14
N ALA S 355 39.84 37.22 -18.70
CA ALA S 355 39.73 37.33 -20.15
C ALA S 355 41.08 37.43 -20.83
N LEU S 356 42.05 38.06 -20.19
CA LEU S 356 43.39 38.15 -20.75
C LEU S 356 44.05 36.78 -20.82
N ASP S 357 43.83 35.95 -19.82
CA ASP S 357 44.33 34.60 -19.81
C ASP S 357 43.72 33.84 -21.00
N GLU S 358 42.44 34.06 -21.24
CA GLU S 358 41.74 33.50 -22.38
C GLU S 358 42.28 34.01 -23.71
N LEU S 359 42.64 35.28 -23.79
CA LEU S 359 43.17 35.82 -25.03
C LEU S 359 44.54 35.25 -25.38
N LEU S 360 45.36 34.94 -24.37
CA LEU S 360 46.65 34.29 -24.60
C LEU S 360 46.45 32.88 -25.14
N TRP S 361 45.42 32.18 -24.63
CA TRP S 361 45.10 30.85 -25.14
C TRP S 361 44.69 30.96 -26.59
N ALA S 362 43.96 32.02 -26.93
CA ALA S 362 43.54 32.22 -28.29
C ALA S 362 44.70 32.53 -29.22
N HIS S 363 45.54 33.45 -28.81
CA HIS S 363 46.62 33.92 -29.66
C HIS S 363 47.79 32.94 -29.78
N GLY S 364 48.17 32.28 -28.70
CA GLY S 364 49.24 31.31 -28.75
C GLY S 364 50.52 31.76 -28.10
N ALA S 365 51.56 30.96 -28.30
CA ALA S 365 52.87 31.20 -27.71
C ALA S 365 53.52 32.52 -28.15
N ALA S 366 53.20 32.97 -29.35
CA ALA S 366 53.74 34.23 -29.86
C ALA S 366 53.35 35.43 -29.03
N SER S 367 52.31 35.29 -28.23
CA SER S 367 51.87 36.40 -27.43
C SER S 367 52.89 36.80 -26.37
N PHE S 368 53.83 35.91 -26.05
CA PHE S 368 54.81 36.21 -25.00
C PHE S 368 56.11 36.78 -25.55
N ALA S 369 56.18 37.03 -26.85
CA ALA S 369 57.37 37.66 -27.39
C ALA S 369 57.43 39.12 -26.95
N GLU S 370 58.63 39.63 -26.73
CA GLU S 370 58.79 41.03 -26.32
C GLU S 370 58.27 41.99 -27.36
N SER S 371 58.32 41.57 -28.63
CA SER S 371 57.80 42.39 -29.69
C SER S 371 56.26 42.43 -29.77
N ASN S 372 55.56 41.55 -29.07
CA ASN S 372 54.12 41.48 -29.18
C ASN S 372 53.43 42.35 -28.11
N PRO S 373 52.58 43.32 -28.51
CA PRO S 373 51.88 44.14 -27.50
C PRO S 373 50.95 43.35 -26.56
N LEU S 374 50.58 42.14 -26.92
CA LEU S 374 49.65 41.38 -26.13
C LEU S 374 50.17 41.09 -24.72
N GLN S 375 51.44 40.73 -24.58
CA GLN S 375 52.01 40.47 -23.25
C GLN S 375 52.16 41.77 -22.43
N ARG S 376 52.29 42.91 -23.09
CA ARG S 376 52.33 44.19 -22.40
C ARG S 376 51.01 44.51 -21.76
N TYR S 377 49.93 44.31 -22.49
CA TYR S 377 48.61 44.57 -21.92
C TYR S 377 48.37 43.59 -20.79
N TRP S 378 48.82 42.36 -20.97
CA TRP S 378 48.66 41.31 -19.99
C TRP S 378 49.42 41.64 -18.70
N ARG S 379 50.68 42.06 -18.81
CA ARG S 379 51.44 42.39 -17.62
C ARG S 379 50.94 43.67 -16.94
N ASP S 380 50.62 44.70 -17.70
CA ASP S 380 50.16 45.95 -17.09
C ASP S 380 48.80 45.87 -16.42
N ALA S 381 47.86 45.22 -17.07
CA ALA S 381 46.52 45.07 -16.51
C ALA S 381 46.53 44.20 -15.28
N ASN S 382 47.33 43.13 -15.30
CA ASN S 382 47.41 42.24 -14.16
C ASN S 382 48.06 42.90 -12.94
N THR S 383 49.09 43.70 -13.16
CA THR S 383 49.76 44.40 -12.08
C THR S 383 48.85 45.42 -11.45
N ALA S 384 48.24 46.24 -12.29
CA ALA S 384 47.34 47.30 -11.83
C ALA S 384 46.08 46.80 -11.17
N ALA S 385 45.57 45.68 -11.62
CA ALA S 385 44.35 45.11 -11.08
C ALA S 385 44.42 44.79 -9.59
N ARG S 386 45.62 44.50 -9.08
CA ARG S 386 45.82 44.14 -7.69
C ARG S 386 46.02 45.32 -6.78
N HIS S 387 45.76 46.50 -7.28
CA HIS S 387 45.71 47.67 -6.45
C HIS S 387 44.65 47.44 -5.38
N ALA S 388 44.90 47.90 -4.18
CA ALA S 388 44.03 47.66 -3.04
C ALA S 388 42.57 48.08 -3.20
N MET S 389 42.32 49.18 -3.88
CA MET S 389 40.97 49.66 -4.07
C MET S 389 40.24 48.87 -5.14
N LEU S 390 40.92 47.96 -5.82
CA LEU S 390 40.31 47.09 -6.78
C LEU S 390 40.24 45.63 -6.35
N ASN S 391 40.49 45.32 -5.08
CA ASN S 391 40.58 43.92 -4.65
C ASN S 391 39.25 43.24 -4.83
N VAL S 392 39.25 42.17 -5.61
CA VAL S 392 37.99 41.49 -5.97
C VAL S 392 37.30 40.78 -4.78
N HIS S 393 38.09 40.09 -3.98
CA HIS S 393 37.59 39.40 -2.79
C HIS S 393 37.02 40.37 -1.75
N VAL S 394 37.67 41.52 -1.57
CA VAL S 394 37.15 42.55 -0.65
C VAL S 394 35.85 43.11 -1.21
N GLY S 395 35.81 43.36 -2.50
CA GLY S 395 34.60 43.88 -3.15
C GLY S 395 33.42 42.95 -2.99
N HIS S 396 33.68 41.67 -3.16
CA HIS S 396 32.65 40.65 -3.03
C HIS S 396 32.11 40.64 -1.62
N GLU S 397 32.99 40.75 -0.63
CA GLU S 397 32.60 40.76 0.75
C GLU S 397 31.83 42.01 1.11
N LEU S 398 32.23 43.16 0.58
CA LEU S 398 31.55 44.40 0.82
C LEU S 398 30.14 44.42 0.25
N TYR S 399 29.99 43.97 -1.00
CA TYR S 399 28.70 43.99 -1.64
C TYR S 399 27.78 43.00 -0.99
N GLY S 400 28.29 41.84 -0.66
CA GLY S 400 27.51 40.80 -0.02
C GLY S 400 27.02 41.25 1.32
N GLY S 401 27.88 41.96 2.03
CA GLY S 401 27.58 42.49 3.33
C GLY S 401 26.47 43.51 3.33
N SER S 402 26.39 44.30 2.27
CA SER S 402 25.40 45.34 2.13
C SER S 402 24.00 44.80 2.14
N PHE S 403 23.81 43.60 1.63
CA PHE S 403 22.49 42.96 1.65
C PHE S 403 21.92 42.74 3.05
N PHE S 404 22.80 42.67 4.06
CA PHE S 404 22.42 42.40 5.45
C PHE S 404 22.80 43.53 6.42
N GLY S 405 23.36 44.62 5.89
CA GLY S 405 23.84 45.72 6.72
C GLY S 405 24.95 45.37 7.71
N LEU S 406 25.89 44.52 7.31
CA LEU S 406 27.04 44.16 8.14
C LEU S 406 28.01 45.33 8.21
N ASP S 407 28.85 45.37 9.24
CA ASP S 407 29.86 46.41 9.33
C ASP S 407 30.84 46.23 8.19
N PRO S 408 31.10 47.31 7.40
CA PRO S 408 32.07 47.08 6.35
C PRO S 408 33.47 46.72 6.83
N ILE S 409 34.18 45.99 6.00
CA ILE S 409 35.51 45.52 6.32
C ILE S 409 36.57 46.50 5.91
N VAL S 410 36.19 47.64 5.37
CA VAL S 410 37.16 48.67 5.03
C VAL S 410 36.83 49.88 5.86
N PRO S 411 37.84 50.72 6.20
CA PRO S 411 37.48 51.85 7.05
C PRO S 411 36.67 52.98 6.37
N SER S 412 36.86 53.24 5.09
CA SER S 412 36.07 54.29 4.45
C SER S 412 35.52 53.85 3.11
N LEU S 413 34.44 54.50 2.70
CA LEU S 413 33.81 54.22 1.42
C LEU S 413 33.85 55.44 0.51
N THR T 18 13.30 65.64 -24.14
CA THR T 18 13.16 64.49 -23.20
C THR T 18 11.71 64.38 -22.71
N ASP T 19 10.78 65.04 -23.41
CA ASP T 19 9.41 65.00 -23.02
C ASP T 19 8.89 63.55 -23.16
N ILE T 20 9.20 62.94 -24.30
CA ILE T 20 8.79 61.57 -24.59
C ILE T 20 9.53 60.59 -23.67
N ARG T 21 10.80 60.89 -23.41
CA ARG T 21 11.61 60.07 -22.55
C ARG T 21 10.93 60.01 -21.18
N SER T 22 10.39 61.14 -20.75
CA SER T 22 9.73 61.20 -19.46
C SER T 22 8.45 60.39 -19.46
N GLU T 23 7.72 60.49 -20.56
CA GLU T 23 6.44 59.83 -20.75
C GLU T 23 6.60 58.31 -20.75
N THR T 24 7.61 57.85 -21.45
CA THR T 24 7.86 56.43 -21.58
C THR T 24 8.27 55.86 -20.22
N ALA T 25 9.05 56.62 -19.47
CA ALA T 25 9.42 56.21 -18.12
C ALA T 25 8.23 56.19 -17.19
N GLU T 26 7.32 57.13 -17.35
CA GLU T 26 6.14 57.17 -16.49
C GLU T 26 5.24 55.98 -16.71
N LEU T 27 5.09 55.58 -17.96
CA LEU T 27 4.25 54.46 -18.30
C LEU T 27 4.85 53.17 -17.76
N ARG T 28 6.15 53.03 -17.88
CA ARG T 28 6.83 51.85 -17.40
C ARG T 28 6.61 51.67 -15.93
N ALA T 29 6.73 52.75 -15.17
CA ALA T 29 6.52 52.68 -13.73
C ALA T 29 5.11 52.27 -13.39
N GLU T 30 4.15 52.79 -14.15
CA GLU T 30 2.76 52.45 -13.95
C GLU T 30 2.52 50.97 -14.23
N LEU T 31 3.13 50.46 -15.28
CA LEU T 31 2.99 49.06 -15.62
C LEU T 31 3.66 48.16 -14.62
N VAL T 32 4.79 48.60 -14.08
CA VAL T 32 5.46 47.82 -13.05
C VAL T 32 4.58 47.79 -11.82
N GLU T 33 3.93 48.90 -11.50
CA GLU T 33 3.03 48.91 -10.36
C GLU T 33 1.83 48.00 -10.62
N ARG T 34 1.36 47.90 -11.86
CA ARG T 34 0.28 46.94 -12.14
C ARG T 34 0.66 45.51 -11.86
N VAL T 35 1.89 45.14 -12.23
CA VAL T 35 2.42 43.82 -11.94
C VAL T 35 2.35 43.55 -10.45
N HIS T 36 2.74 44.52 -9.63
CA HIS T 36 2.68 44.36 -8.18
C HIS T 36 1.26 44.21 -7.67
N LYS T 37 0.35 44.95 -8.27
CA LYS T 37 -1.05 44.87 -7.91
C LYS T 37 -1.68 43.52 -8.22
N PHE T 38 -1.43 43.01 -9.42
CA PHE T 38 -2.00 41.75 -9.85
C PHE T 38 -1.15 40.55 -9.48
N GLY T 39 0.06 40.80 -8.96
CA GLY T 39 0.98 39.75 -8.65
C GLY T 39 0.48 38.71 -7.67
N PRO T 40 -0.20 39.14 -6.58
CA PRO T 40 -0.75 38.15 -5.66
C PRO T 40 -1.73 37.14 -6.28
N VAL T 41 -2.45 37.53 -7.34
CA VAL T 41 -3.35 36.60 -8.06
C VAL T 41 -2.51 35.54 -8.78
N PHE T 42 -1.50 35.99 -9.50
CA PHE T 42 -0.63 35.08 -10.23
C PHE T 42 0.06 34.12 -9.28
N ALA T 43 0.53 34.63 -8.16
CA ALA T 43 1.21 33.82 -7.16
C ALA T 43 0.29 32.77 -6.56
N ASP T 44 -0.95 33.14 -6.36
CA ASP T 44 -1.95 32.28 -5.82
C ASP T 44 -2.28 31.09 -6.67
N GLY T 45 -2.14 31.24 -7.98
CA GLY T 45 -2.42 30.17 -8.90
C GLY T 45 -1.23 29.33 -9.28
N VAL T 46 -0.10 29.47 -8.59
CA VAL T 46 1.10 28.71 -8.93
C VAL T 46 0.89 27.23 -8.72
N ALA T 47 0.29 26.85 -7.60
CA ALA T 47 0.09 25.43 -7.31
C ALA T 47 -0.84 24.75 -8.31
N GLU T 48 -1.93 25.41 -8.68
CA GLU T 48 -2.83 24.85 -9.65
C GLU T 48 -2.17 24.75 -11.01
N GLY T 49 -1.42 25.77 -11.39
CA GLY T 49 -0.76 25.78 -12.68
C GLY T 49 0.24 24.66 -12.83
N GLU T 50 0.96 24.38 -11.77
CA GLU T 50 1.97 23.35 -11.72
C GLU T 50 1.34 21.97 -11.89
N ARG T 51 0.21 21.81 -11.22
CA ARG T 51 -0.59 20.60 -11.21
C ARG T 51 -1.29 20.32 -12.54
N GLU T 52 -1.85 21.35 -13.16
CA GLU T 52 -2.61 21.20 -14.40
C GLU T 52 -1.88 21.51 -15.70
N ARG T 53 -0.69 22.08 -15.62
CA ARG T 53 0.09 22.44 -16.82
C ARG T 53 -0.59 23.47 -17.73
N ARG T 54 -1.32 24.40 -17.13
CA ARG T 54 -1.98 25.49 -17.85
C ARG T 54 -2.18 26.59 -16.81
N LEU T 55 -2.38 27.81 -17.26
CA LEU T 55 -2.60 28.91 -16.32
C LEU T 55 -4.01 28.84 -15.78
N PRO T 56 -4.20 29.07 -14.49
CA PRO T 56 -5.57 29.10 -13.95
C PRO T 56 -6.44 30.20 -14.53
N ASP T 57 -7.75 30.04 -14.45
CA ASP T 57 -8.67 31.04 -14.98
C ASP T 57 -8.46 32.43 -14.34
N ALA T 58 -8.18 32.47 -13.05
CA ALA T 58 -7.99 33.74 -12.38
C ALA T 58 -6.78 34.50 -12.96
N THR T 59 -5.72 33.76 -13.26
CA THR T 59 -4.51 34.34 -13.84
C THR T 59 -4.78 34.91 -15.22
N VAL T 60 -5.53 34.18 -16.03
CA VAL T 60 -5.87 34.65 -17.35
C VAL T 60 -6.71 35.90 -17.23
N ARG T 61 -7.63 35.93 -16.28
CA ARG T 61 -8.46 37.09 -16.07
C ARG T 61 -7.62 38.28 -15.70
N ALA T 62 -6.67 38.07 -14.80
CA ALA T 62 -5.78 39.14 -14.37
C ALA T 62 -4.91 39.66 -15.52
N ILE T 63 -4.47 38.78 -16.40
CA ILE T 63 -3.69 39.19 -17.55
C ILE T 63 -4.53 40.08 -18.44
N ASP T 64 -5.80 39.74 -18.64
CA ASP T 64 -6.67 40.58 -19.49
C ASP T 64 -7.02 41.93 -18.85
N GLN T 65 -7.32 41.93 -17.55
CA GLN T 65 -7.62 43.18 -16.85
C GLN T 65 -6.43 44.11 -16.72
N SER T 66 -5.23 43.57 -16.44
CA SER T 66 -4.00 44.38 -16.30
C SER T 66 -3.51 45.01 -17.59
N GLN T 67 -3.96 44.46 -18.71
CA GLN T 67 -3.55 44.85 -20.05
C GLN T 67 -2.07 44.51 -20.34
N LEU T 68 -1.49 43.59 -19.57
CA LEU T 68 -0.08 43.20 -19.74
C LEU T 68 0.23 42.40 -21.00
N ALA T 69 -0.82 41.85 -21.61
CA ALA T 69 -0.71 41.28 -22.95
C ALA T 69 -0.73 42.31 -24.09
N MET T 70 -0.92 43.59 -23.74
CA MET T 70 -1.17 44.62 -24.74
C MET T 70 -0.01 45.60 -24.95
N LEU T 71 1.11 45.35 -24.30
CA LEU T 71 2.27 46.23 -24.39
C LEU T 71 2.77 46.39 -25.82
N TRP T 72 2.71 45.33 -26.62
CA TRP T 72 3.19 45.42 -27.99
C TRP T 72 2.07 45.42 -29.02
N THR T 73 0.88 45.83 -28.60
CA THR T 73 -0.26 46.00 -29.46
C THR T 73 -0.34 47.46 -29.80
N ALA T 74 -0.71 47.77 -31.04
CA ALA T 74 -0.76 49.16 -31.51
C ALA T 74 -1.84 50.02 -30.84
N LYS T 75 -1.52 51.29 -30.68
CA LYS T 75 -2.40 52.28 -30.09
C LYS T 75 -3.66 52.47 -30.91
N SER T 76 -3.51 52.34 -32.22
CA SER T 76 -4.63 52.49 -33.12
C SER T 76 -5.73 51.45 -32.81
N TYR T 77 -5.36 50.29 -32.26
CA TYR T 77 -6.32 49.28 -31.85
C TYR T 77 -6.65 49.26 -30.35
N GLY T 78 -6.23 50.29 -29.61
CA GLY T 78 -6.40 50.36 -28.15
C GLY T 78 -5.31 49.69 -27.33
N GLY T 79 -4.19 49.35 -27.96
CA GLY T 79 -3.02 48.81 -27.27
C GLY T 79 -2.14 49.87 -26.61
N LEU T 80 -1.26 49.44 -25.74
CA LEU T 80 -0.40 50.36 -25.00
C LEU T 80 0.83 50.80 -25.80
N GLU T 81 1.20 50.03 -26.82
CA GLU T 81 2.31 50.34 -27.76
C GLU T 81 3.57 50.90 -27.07
N THR T 82 4.24 50.08 -26.25
CA THR T 82 5.44 50.51 -25.49
C THR T 82 6.71 50.20 -26.28
N ASP T 83 7.81 49.95 -25.60
CA ASP T 83 9.07 49.65 -26.25
C ASP T 83 9.66 48.40 -25.64
N VAL T 84 10.83 48.00 -26.11
CA VAL T 84 11.43 46.78 -25.63
C VAL T 84 11.82 46.86 -24.16
N ARG T 85 12.38 47.97 -23.76
CA ARG T 85 12.83 48.11 -22.41
C ARG T 85 11.68 48.01 -21.41
N THR T 86 10.52 48.57 -21.73
CA THR T 86 9.40 48.49 -20.83
C THR T 86 8.89 47.07 -20.69
N MET T 87 8.84 46.35 -21.79
CA MET T 87 8.37 44.98 -21.80
C MET T 87 9.31 44.11 -20.98
N SER T 88 10.60 44.37 -21.12
CA SER T 88 11.63 43.67 -20.40
C SER T 88 11.53 43.90 -18.90
N GLU T 89 11.35 45.13 -18.46
CA GLU T 89 11.22 45.41 -17.05
C GLU T 89 9.95 44.79 -16.49
N VAL T 90 8.89 44.76 -17.25
CA VAL T 90 7.65 44.12 -16.80
C VAL T 90 7.82 42.60 -16.63
N ALA T 91 8.44 41.98 -17.62
CA ALA T 91 8.73 40.54 -17.58
C ALA T 91 9.56 40.13 -16.35
N LYS T 92 10.56 40.94 -16.03
CA LYS T 92 11.42 40.64 -14.88
C LYS T 92 10.63 40.63 -13.58
N VAL T 93 9.74 41.59 -13.43
CA VAL T 93 8.97 41.70 -12.20
C VAL T 93 7.92 40.61 -12.13
N LEU T 94 7.29 40.33 -13.27
CA LEU T 94 6.30 39.24 -13.35
C LEU T 94 6.83 37.90 -12.87
N SER T 95 8.05 37.57 -13.28
CA SER T 95 8.70 36.32 -12.87
C SER T 95 8.79 36.09 -11.36
N HIS T 96 8.84 37.17 -10.57
CA HIS T 96 8.86 37.01 -9.13
C HIS T 96 7.60 36.31 -8.63
N TYR T 97 6.49 36.57 -9.28
CA TYR T 97 5.22 36.03 -8.84
C TYR T 97 4.94 34.69 -9.49
N CYS T 98 5.10 34.61 -10.81
CA CYS T 98 4.93 33.34 -11.53
C CYS T 98 5.75 33.35 -12.80
N PRO T 99 6.85 32.57 -12.85
CA PRO T 99 7.66 32.56 -14.07
C PRO T 99 6.90 32.08 -15.32
N SER T 100 5.97 31.16 -15.13
CA SER T 100 5.15 30.70 -16.27
C SER T 100 4.24 31.80 -16.87
N THR T 101 3.60 32.57 -16.00
CA THR T 101 2.78 33.72 -16.39
C THR T 101 3.65 34.72 -17.13
N SER T 102 4.81 35.03 -16.55
CA SER T 102 5.75 35.93 -17.20
C SER T 102 6.12 35.42 -18.58
N TRP T 103 6.41 34.14 -18.67
CA TRP T 103 6.76 33.56 -19.95
C TRP T 103 5.63 33.65 -20.97
N VAL T 104 4.41 33.41 -20.52
CA VAL T 104 3.27 33.45 -21.43
C VAL T 104 3.04 34.90 -21.89
N VAL T 105 3.04 35.82 -20.96
CA VAL T 105 2.83 37.21 -21.26
C VAL T 105 3.86 37.68 -22.28
N ASN T 106 5.12 37.29 -22.10
CA ASN T 106 6.21 37.65 -23.00
C ASN T 106 5.94 37.07 -24.39
N ASN T 107 5.50 35.83 -24.45
CA ASN T 107 5.22 35.20 -25.72
C ASN T 107 4.06 35.88 -26.43
N VAL T 108 3.02 36.28 -25.70
CA VAL T 108 1.87 36.92 -26.32
C VAL T 108 2.25 38.27 -26.97
N ASN T 109 2.93 39.10 -26.20
CA ASN T 109 3.36 40.40 -26.72
C ASN T 109 4.25 40.21 -27.93
N GLY T 110 5.19 39.28 -27.83
CA GLY T 110 6.06 39.03 -28.95
C GLY T 110 5.32 38.54 -30.16
N SER T 111 4.33 37.69 -29.95
CA SER T 111 3.56 37.18 -31.08
C SER T 111 2.76 38.29 -31.72
N ASN T 112 2.20 39.15 -30.88
CA ASN T 112 1.43 40.28 -31.37
C ASN T 112 2.33 41.21 -32.18
N LEU T 113 3.57 41.38 -31.77
CA LEU T 113 4.47 42.22 -32.52
C LEU T 113 4.77 41.58 -33.86
N LEU T 114 4.90 40.25 -33.88
CA LEU T 114 5.18 39.53 -35.13
C LEU T 114 4.03 39.64 -36.10
N ALA T 115 2.82 39.77 -35.56
CA ALA T 115 1.63 39.90 -36.38
C ALA T 115 1.66 41.15 -37.25
N SER T 116 2.36 42.18 -36.82
CA SER T 116 2.44 43.40 -37.58
C SER T 116 3.11 43.30 -38.95
N LYS T 117 3.78 42.19 -39.25
CA LYS T 117 4.26 41.98 -40.61
C LYS T 117 3.18 41.58 -41.57
N PHE T 118 2.04 41.16 -41.06
CA PHE T 118 0.90 40.77 -41.90
C PHE T 118 0.18 41.99 -42.46
N PRO T 119 -0.67 41.78 -43.52
CA PRO T 119 -1.37 42.94 -44.05
C PRO T 119 -2.37 43.54 -43.10
N ARG T 120 -2.79 44.76 -43.41
CA ARG T 120 -3.75 45.47 -42.59
C ARG T 120 -5.06 44.71 -42.46
N ALA T 121 -5.45 44.01 -43.51
CA ALA T 121 -6.65 43.20 -43.50
C ALA T 121 -6.63 42.16 -42.38
N ALA T 122 -5.49 41.50 -42.22
CA ALA T 122 -5.29 40.52 -41.16
C ALA T 122 -5.28 41.18 -39.79
N LEU T 123 -4.52 42.26 -39.67
CA LEU T 123 -4.44 42.99 -38.39
C LEU T 123 -5.79 43.52 -37.91
N ASP T 124 -6.59 44.04 -38.84
CA ASP T 124 -7.96 44.47 -38.53
C ASP T 124 -8.79 43.28 -38.06
N GLU T 125 -8.69 42.16 -38.78
CA GLU T 125 -9.44 40.97 -38.39
C GLU T 125 -9.08 40.47 -36.99
N VAL T 126 -7.81 40.60 -36.62
CA VAL T 126 -7.32 40.15 -35.31
C VAL T 126 -7.63 41.15 -34.17
N PHE T 127 -7.26 42.41 -34.39
CA PHE T 127 -7.27 43.45 -33.33
C PHE T 127 -8.43 44.46 -33.40
N GLY T 128 -9.14 44.49 -34.52
CA GLY T 128 -10.21 45.44 -34.79
C GLY T 128 -11.27 45.62 -33.72
N ASP T 129 -11.79 44.51 -33.20
CA ASP T 129 -12.79 44.51 -32.12
C ASP T 129 -12.27 43.85 -30.87
N ALA T 130 -10.94 43.70 -30.76
CA ALA T 130 -10.30 42.94 -29.68
C ALA T 130 -8.97 43.60 -29.34
N PRO T 131 -8.99 44.72 -28.61
CA PRO T 131 -7.73 45.37 -28.16
C PRO T 131 -6.81 44.42 -27.34
N GLY T 132 -7.43 43.52 -26.58
CA GLY T 132 -6.73 42.50 -25.80
C GLY T 132 -6.52 41.15 -26.48
N ALA T 133 -6.50 41.13 -27.81
CA ALA T 133 -6.24 39.88 -28.53
C ALA T 133 -4.87 39.31 -28.15
N LYS T 134 -4.81 37.98 -28.06
CA LYS T 134 -3.62 37.27 -27.64
C LYS T 134 -3.21 36.21 -28.65
N LEU T 135 -2.02 36.38 -29.22
CA LEU T 135 -1.48 35.41 -30.22
C LEU T 135 -0.44 34.46 -29.63
N ALA T 136 -0.44 33.25 -30.17
CA ALA T 136 0.67 32.30 -30.09
C ALA T 136 1.51 32.44 -31.33
N SER T 137 2.68 31.85 -31.29
CA SER T 137 3.50 31.76 -32.48
C SER T 137 4.49 30.66 -32.30
N VAL T 138 4.56 29.76 -33.27
CA VAL T 138 5.50 28.67 -33.23
C VAL T 138 6.24 28.56 -34.54
N PHE T 139 7.56 28.61 -34.44
CA PHE T 139 8.50 28.53 -35.55
C PHE T 139 9.23 27.19 -35.46
N ALA T 140 8.87 26.40 -34.45
CA ALA T 140 9.44 25.09 -34.10
C ALA T 140 9.06 23.93 -35.01
N ALA T 141 8.19 24.16 -35.98
CA ALA T 141 7.83 23.13 -36.94
C ALA T 141 7.46 23.84 -38.18
N ALA T 142 7.41 23.05 -39.20
CA ALA T 142 6.81 23.45 -40.41
C ALA T 142 5.72 22.43 -40.67
N GLY T 143 4.68 22.94 -41.30
CA GLY T 143 3.53 22.20 -41.69
C GLY T 143 3.68 22.37 -43.16
N THR T 144 2.73 21.84 -43.88
CA THR T 144 2.87 21.85 -45.28
C THR T 144 1.59 22.51 -45.80
N ALA T 145 1.78 23.44 -46.72
CA ALA T 145 0.70 24.23 -47.25
C ALA T 145 0.68 24.17 -48.76
N VAL T 146 -0.50 24.11 -49.33
CA VAL T 146 -0.62 24.06 -50.77
C VAL T 146 -1.66 25.07 -51.22
N ARG T 147 -1.41 25.67 -52.38
CA ARG T 147 -2.33 26.66 -52.94
C ARG T 147 -3.68 26.09 -53.31
N THR T 148 -4.70 26.85 -52.97
CA THR T 148 -6.08 26.51 -53.26
C THR T 148 -6.71 27.83 -53.68
N PRO T 149 -7.90 27.81 -54.34
CA PRO T 149 -8.41 29.14 -54.72
C PRO T 149 -8.79 29.98 -53.53
N GLY T 150 -8.29 31.21 -53.54
CA GLY T 150 -8.52 32.18 -52.48
C GLY T 150 -7.56 32.08 -51.30
N GLY T 151 -6.62 31.13 -51.34
CA GLY T 151 -5.70 30.97 -50.24
C GLY T 151 -4.84 29.72 -50.27
N TYR T 152 -4.83 29.03 -49.14
CA TYR T 152 -4.02 27.82 -48.97
C TYR T 152 -4.78 26.77 -48.13
N ARG T 153 -4.33 25.53 -48.27
CA ARG T 153 -4.79 24.42 -47.43
C ARG T 153 -3.56 24.00 -46.64
N LEU T 154 -3.69 23.98 -45.31
CA LEU T 154 -2.55 23.83 -44.39
C LEU T 154 -2.71 22.59 -43.50
N THR T 155 -1.65 21.78 -43.44
CA THR T 155 -1.61 20.59 -42.59
C THR T 155 -0.28 20.60 -41.85
N GLY T 156 -0.32 20.26 -40.57
CA GLY T 156 0.90 20.17 -39.77
C GLY T 156 0.70 19.91 -38.31
N SER T 157 1.81 19.75 -37.62
CA SER T 157 1.80 19.52 -36.19
C SER T 157 2.93 20.34 -35.55
N TRP T 158 2.56 21.33 -34.73
CA TRP T 158 3.51 22.32 -34.20
C TRP T 158 3.64 22.18 -32.69
N PRO T 159 4.75 21.61 -32.19
CA PRO T 159 4.99 21.54 -30.73
C PRO T 159 5.45 22.88 -30.14
N TYR T 160 5.54 22.93 -28.82
CA TYR T 160 5.96 24.14 -28.09
C TYR T 160 5.07 25.38 -28.32
N GLY T 161 3.77 25.18 -28.27
CA GLY T 161 2.84 26.30 -28.52
C GLY T 161 2.52 27.00 -27.23
N THR T 162 3.43 27.83 -26.76
CA THR T 162 3.22 28.55 -25.49
C THR T 162 1.91 29.31 -25.44
N GLY T 163 1.18 29.07 -24.37
CA GLY T 163 -0.09 29.72 -24.08
C GLY T 163 -1.24 29.50 -25.05
N ILE T 164 -1.15 28.47 -25.89
CA ILE T 164 -2.11 28.24 -26.96
C ILE T 164 -3.51 28.00 -26.45
N LEU T 165 -3.63 27.38 -25.29
CA LEU T 165 -4.94 27.16 -24.66
C LEU T 165 -5.73 28.43 -24.38
N HIS T 166 -5.07 29.57 -24.15
CA HIS T 166 -5.76 30.85 -23.89
C HIS T 166 -5.70 31.81 -25.06
N ASP T 167 -5.14 31.39 -26.19
CA ASP T 167 -4.86 32.34 -27.28
C ASP T 167 -6.00 32.38 -28.29
N ASP T 168 -6.14 33.51 -28.95
CA ASP T 168 -7.22 33.77 -29.89
C ASP T 168 -6.80 33.39 -31.29
N TRP T 169 -5.51 33.56 -31.59
CA TRP T 169 -4.93 33.24 -32.89
C TRP T 169 -3.52 32.64 -32.70
N ALA T 170 -2.98 32.06 -33.77
CA ALA T 170 -1.64 31.47 -33.74
C ALA T 170 -0.95 31.81 -35.05
N ILE T 171 0.32 32.20 -34.95
CA ILE T 171 1.18 32.36 -36.13
C ILE T 171 2.00 31.09 -36.26
N LEU T 172 1.81 30.39 -37.38
CA LEU T 172 2.50 29.12 -37.61
C LEU T 172 3.33 29.16 -38.87
N VAL T 173 4.50 28.57 -38.81
CA VAL T 173 5.41 28.49 -39.95
C VAL T 173 5.09 27.24 -40.78
N ALA T 174 5.18 27.39 -42.10
CA ALA T 174 4.95 26.27 -42.98
C ALA T 174 5.76 26.31 -44.23
N ARG T 175 5.80 25.19 -44.92
CA ARG T 175 6.48 25.13 -46.19
C ARG T 175 5.43 24.98 -47.24
N GLU T 176 5.46 25.87 -48.23
CA GLU T 176 4.58 25.75 -49.36
C GLU T 176 5.08 24.64 -50.28
N VAL T 177 4.15 23.88 -50.84
CA VAL T 177 4.49 22.83 -51.78
C VAL T 177 3.51 22.86 -52.92
N ASP T 178 3.90 22.28 -54.04
CA ASP T 178 3.02 22.25 -55.21
C ASP T 178 2.20 20.96 -55.23
N ALA T 179 1.47 20.75 -56.32
CA ALA T 179 0.64 19.58 -56.49
C ALA T 179 1.48 18.33 -56.46
N ASP T 180 2.67 18.42 -57.05
CA ASP T 180 3.62 17.32 -57.02
C ASP T 180 4.10 17.06 -55.61
N GLY T 181 4.13 18.09 -54.78
CA GLY T 181 4.59 17.94 -53.41
C GLY T 181 6.01 18.42 -53.25
N GLU T 182 6.53 19.08 -54.28
CA GLU T 182 7.86 19.65 -54.25
C GLU T 182 7.86 20.98 -53.49
N PRO T 183 8.94 21.30 -52.78
CA PRO T 183 8.97 22.56 -52.03
C PRO T 183 8.98 23.82 -52.90
N VAL T 184 8.17 24.81 -52.53
CA VAL T 184 8.10 26.06 -53.27
C VAL T 184 8.73 27.20 -52.49
N GLY T 185 8.40 27.33 -51.22
CA GLY T 185 8.94 28.41 -50.42
C GLY T 185 8.45 28.32 -49.01
N GLY T 186 8.87 29.27 -48.18
CA GLY T 186 8.48 29.31 -46.78
C GLY T 186 7.30 30.24 -46.56
N LEU T 187 6.43 29.91 -45.61
CA LEU T 187 5.29 30.77 -45.30
C LEU T 187 5.07 31.02 -43.82
N SER T 188 4.42 32.13 -43.51
CA SER T 188 3.96 32.38 -42.17
C SER T 188 2.46 32.56 -42.24
N MET T 189 1.74 31.84 -41.38
CA MET T 189 0.30 31.81 -41.50
C MET T 189 -0.43 32.12 -40.22
N LEU T 190 -1.45 32.93 -40.34
CA LEU T 190 -2.20 33.37 -39.18
C LEU T 190 -3.52 32.64 -39.14
N VAL T 191 -3.73 31.84 -38.09
CA VAL T 191 -4.94 31.03 -38.06
C VAL T 191 -5.60 31.12 -36.69
N PRO T 192 -6.93 31.21 -36.69
CA PRO T 192 -7.71 31.43 -35.48
C PRO T 192 -7.93 30.18 -34.64
N ALA T 193 -8.32 30.41 -33.40
CA ALA T 193 -8.53 29.36 -32.44
C ALA T 193 -9.60 28.37 -32.88
N ARG T 194 -10.63 28.88 -33.53
CA ARG T 194 -11.74 28.05 -34.01
C ARG T 194 -11.25 27.00 -34.99
N ASP T 195 -10.23 27.34 -35.77
CA ASP T 195 -9.67 26.39 -36.72
C ASP T 195 -8.61 25.47 -36.17
N LEU T 196 -8.17 25.66 -34.94
CA LEU T 196 -7.10 24.84 -34.37
C LEU T 196 -7.60 23.72 -33.50
N THR T 197 -6.72 22.75 -33.31
CA THR T 197 -6.91 21.69 -32.36
C THR T 197 -5.67 21.66 -31.50
N VAL T 198 -5.82 21.41 -30.21
CA VAL T 198 -4.67 21.36 -29.34
C VAL T 198 -4.54 19.98 -28.77
N GLU T 199 -3.33 19.45 -28.85
CA GLU T 199 -3.02 18.14 -28.40
C GLU T 199 -2.19 18.26 -27.13
N ASP T 200 -2.48 17.43 -26.14
CA ASP T 200 -1.81 17.54 -24.86
C ASP T 200 -0.45 16.84 -24.90
N THR T 201 0.60 17.61 -25.10
CA THR T 201 1.93 17.06 -25.17
C THR T 201 2.95 17.69 -24.25
N TRP T 202 2.56 18.68 -23.46
CA TRP T 202 3.52 19.41 -22.64
C TRP T 202 3.66 18.76 -21.26
N HIS T 203 4.68 17.93 -21.14
CA HIS T 203 4.97 17.25 -19.89
C HIS T 203 6.41 17.50 -19.53
N THR T 204 6.61 18.47 -18.65
CA THR T 204 7.95 18.94 -18.34
C THR T 204 8.11 19.13 -16.86
N VAL T 205 9.35 19.32 -16.45
CA VAL T 205 9.65 19.54 -15.05
C VAL T 205 9.81 21.01 -14.72
N GLY T 206 9.65 21.89 -15.70
CA GLY T 206 9.73 23.33 -15.47
C GLY T 206 8.86 24.06 -16.48
N MET T 207 8.43 25.26 -16.12
CA MET T 207 7.54 26.07 -16.92
C MET T 207 6.27 25.29 -17.28
N ARG T 208 5.77 24.52 -16.32
CA ARG T 208 4.63 23.66 -16.56
C ARG T 208 3.35 24.41 -16.94
N ALA T 209 3.05 25.51 -16.27
CA ALA T 209 1.81 26.24 -16.52
C ALA T 209 1.80 27.01 -17.84
N THR T 210 2.93 27.07 -18.53
CA THR T 210 2.97 27.73 -19.81
C THR T 210 2.14 27.01 -20.85
N GLY T 211 1.78 25.74 -20.64
CA GLY T 211 0.94 25.01 -21.54
C GLY T 211 1.40 25.02 -22.98
N SER T 212 2.67 24.72 -23.18
CA SER T 212 3.27 24.74 -24.50
C SER T 212 3.00 23.43 -25.26
N HIS T 213 1.74 23.26 -25.57
CA HIS T 213 1.20 22.04 -26.17
C HIS T 213 1.38 22.03 -27.67
N THR T 214 0.90 20.98 -28.33
CA THR T 214 1.06 20.84 -29.78
C THR T 214 -0.20 21.31 -30.48
N VAL T 215 -0.02 22.16 -31.47
CA VAL T 215 -1.08 22.64 -32.33
C VAL T 215 -1.16 21.72 -33.53
N VAL T 216 -2.36 21.22 -33.83
CA VAL T 216 -2.58 20.31 -34.92
C VAL T 216 -3.58 20.84 -35.93
N LEU T 217 -3.21 20.77 -37.20
CA LEU T 217 -4.06 21.24 -38.28
C LEU T 217 -4.15 20.17 -39.34
N ARG T 218 -5.36 19.96 -39.86
CA ARG T 218 -5.50 19.03 -40.96
C ARG T 218 -6.35 19.60 -42.08
N ASP T 219 -5.70 19.85 -43.22
CA ASP T 219 -6.35 20.37 -44.40
C ASP T 219 -7.17 21.63 -44.12
N THR T 220 -6.59 22.51 -43.31
CA THR T 220 -7.26 23.71 -42.88
C THR T 220 -7.11 24.83 -43.88
N PHE T 221 -8.22 25.52 -44.16
CA PHE T 221 -8.18 26.60 -45.11
C PHE T 221 -7.68 27.87 -44.45
N VAL T 222 -6.75 28.52 -45.11
CA VAL T 222 -6.25 29.79 -44.63
C VAL T 222 -6.31 30.76 -45.78
N PRO T 223 -7.01 31.90 -45.59
CA PRO T 223 -7.05 32.79 -46.74
C PRO T 223 -5.77 33.55 -46.99
N GLU T 224 -5.66 34.05 -48.20
CA GLU T 224 -4.48 34.73 -48.71
C GLU T 224 -4.03 35.91 -47.87
N HIS T 225 -4.95 36.71 -47.36
CA HIS T 225 -4.59 37.90 -46.60
C HIS T 225 -3.99 37.56 -45.22
N ARG T 226 -4.12 36.31 -44.78
CA ARG T 226 -3.55 35.87 -43.53
C ARG T 226 -2.31 34.98 -43.75
N VAL T 227 -1.63 35.17 -44.86
CA VAL T 227 -0.45 34.38 -45.21
C VAL T 227 0.59 35.32 -45.78
N ILE T 228 1.81 35.28 -45.28
CA ILE T 228 2.91 36.05 -45.86
C ILE T 228 4.07 35.14 -46.09
N SER T 229 5.05 35.59 -46.86
CA SER T 229 6.24 34.78 -47.07
C SER T 229 7.03 34.76 -45.80
N GLY T 230 7.79 33.70 -45.63
CA GLY T 230 8.71 33.57 -44.52
C GLY T 230 9.69 34.72 -44.56
N GLU T 231 10.08 35.13 -45.77
CA GLU T 231 10.99 36.26 -45.91
C GLU T 231 10.42 37.56 -45.34
N LEU T 232 9.14 37.80 -45.57
CA LEU T 232 8.49 38.99 -45.07
C LEU T 232 8.33 38.96 -43.56
N GLN T 233 8.07 37.77 -43.02
CA GLN T 233 7.91 37.59 -41.58
C GLN T 233 9.17 37.92 -40.80
N ARG T 234 10.32 37.63 -41.36
CA ARG T 234 11.59 37.90 -40.70
C ARG T 234 12.20 39.22 -41.10
N SER T 235 11.49 39.98 -41.93
CA SER T 235 12.05 41.21 -42.52
C SER T 235 12.28 42.31 -41.51
N ARG T 236 13.33 43.10 -41.75
CA ARG T 236 13.62 44.27 -40.93
C ARG T 236 13.60 45.53 -41.80
N GLU T 237 12.89 45.49 -42.92
CA GLU T 237 12.75 46.67 -43.78
C GLU T 237 11.98 47.81 -43.14
N SER T 238 11.14 47.51 -42.16
CA SER T 238 10.36 48.55 -41.52
C SER T 238 11.20 49.38 -40.53
N ALA T 239 12.47 49.02 -40.37
CA ALA T 239 13.35 49.73 -39.46
C ALA T 239 13.49 51.21 -39.80
N THR T 240 13.46 51.55 -41.08
CA THR T 240 13.59 52.93 -41.51
C THR T 240 12.32 53.64 -41.92
N ASP T 241 11.16 53.01 -41.74
CA ASP T 241 9.89 53.55 -42.20
C ASP T 241 9.33 54.58 -41.22
N LEU T 242 9.46 55.86 -41.58
CA LEU T 242 8.97 56.96 -40.73
C LEU T 242 7.45 57.01 -40.59
N GLY T 243 6.73 56.38 -41.53
CA GLY T 243 5.28 56.24 -41.46
C GLY T 243 4.77 55.38 -40.32
N LEU T 244 5.55 54.40 -39.91
CA LEU T 244 5.20 53.51 -38.79
C LEU T 244 5.53 54.12 -37.45
N PRO T 245 4.75 53.77 -36.39
CA PRO T 245 5.22 54.18 -35.07
C PRO T 245 6.53 53.46 -34.69
N PRO T 246 7.30 54.01 -33.71
CA PRO T 246 8.59 53.35 -33.46
C PRO T 246 8.59 51.87 -33.09
N LEU T 247 7.61 51.38 -32.35
CA LEU T 247 7.57 49.96 -31.98
C LEU T 247 7.57 49.04 -33.20
N PHE T 248 6.90 49.44 -34.25
CA PHE T 248 6.82 48.59 -35.43
C PHE T 248 8.05 48.72 -36.33
N ARG T 249 8.99 49.55 -35.95
CA ARG T 249 10.26 49.63 -36.62
C ARG T 249 11.29 48.69 -35.99
N THR T 250 10.99 48.20 -34.78
CA THR T 250 11.90 47.40 -33.95
C THR T 250 12.21 46.09 -34.63
N ALA T 251 13.44 45.62 -34.44
CA ALA T 251 13.83 44.30 -34.91
C ALA T 251 13.11 43.25 -34.05
N ALA T 252 12.06 42.65 -34.59
CA ALA T 252 11.07 41.95 -33.77
C ALA T 252 11.57 40.68 -33.12
N ILE T 253 12.29 39.88 -33.90
CA ILE T 253 12.80 38.60 -33.43
C ILE T 253 13.84 38.80 -32.34
N ALA T 254 14.69 39.80 -32.52
CA ALA T 254 15.67 40.12 -31.50
C ALA T 254 14.97 40.63 -30.25
N ALA T 255 13.93 41.43 -30.42
CA ALA T 255 13.20 41.97 -29.28
C ALA T 255 12.54 40.88 -28.46
N MET T 256 12.02 39.88 -29.14
CA MET T 256 11.36 38.77 -28.51
C MET T 256 12.37 37.95 -27.68
N ALA T 257 13.55 37.75 -28.24
CA ALA T 257 14.60 37.06 -27.52
C ALA T 257 15.05 37.83 -26.28
N VAL T 258 15.12 39.15 -26.36
CA VAL T 258 15.49 39.96 -25.20
C VAL T 258 14.47 39.84 -24.06
N VAL T 259 13.18 39.80 -24.38
CA VAL T 259 12.17 39.67 -23.31
C VAL T 259 12.08 38.23 -22.79
N CYS T 260 12.40 37.24 -23.61
CA CYS T 260 12.47 35.86 -23.10
C CYS T 260 13.58 35.75 -22.07
N ALA T 261 14.73 36.35 -22.39
CA ALA T 261 15.82 36.43 -21.43
C ALA T 261 15.40 37.15 -20.17
N SER T 262 14.58 38.19 -20.29
CA SER T 262 14.11 38.93 -19.11
C SER T 262 13.29 38.08 -18.15
N VAL T 263 12.52 37.16 -18.70
CA VAL T 263 11.72 36.23 -17.88
C VAL T 263 12.67 35.40 -17.03
N VAL T 264 13.67 34.84 -17.67
CA VAL T 264 14.67 34.04 -16.96
C VAL T 264 15.39 34.88 -15.91
N LEU T 265 15.87 36.04 -16.34
CA LEU T 265 16.58 36.94 -15.45
C LEU T 265 15.77 37.25 -14.19
N GLY T 266 14.53 37.65 -14.37
CA GLY T 266 13.68 37.98 -13.25
C GLY T 266 13.53 36.84 -12.24
N ALA T 267 13.46 35.59 -12.71
CA ALA T 267 13.37 34.43 -11.83
C ALA T 267 14.63 34.31 -10.99
N GLY T 268 15.77 34.56 -11.64
CA GLY T 268 17.05 34.56 -10.97
C GLY T 268 17.12 35.62 -9.89
N GLN T 269 16.65 36.81 -10.22
CA GLN T 269 16.62 37.90 -9.27
C GLN T 269 15.72 37.59 -8.10
N ALA T 270 14.59 36.94 -8.35
CA ALA T 270 13.70 36.55 -7.25
C ALA T 270 14.37 35.53 -6.33
N ALA T 271 15.08 34.59 -6.94
CA ALA T 271 15.89 33.60 -6.23
C ALA T 271 16.90 34.28 -5.33
N ARG T 272 17.59 35.29 -5.85
CA ARG T 272 18.58 36.00 -5.06
C ARG T 272 17.93 36.68 -3.87
N ALA T 273 16.84 37.41 -4.12
CA ALA T 273 16.12 38.09 -3.03
C ALA T 273 15.69 37.13 -1.93
N LEU T 274 15.23 35.95 -2.32
CA LEU T 274 14.84 34.92 -1.36
C LEU T 274 15.97 34.40 -0.48
N VAL T 275 17.10 34.07 -1.10
CA VAL T 275 18.29 33.65 -0.35
C VAL T 275 18.76 34.75 0.62
N VAL T 276 18.71 36.01 0.20
CA VAL T 276 19.01 37.14 1.08
C VAL T 276 18.03 37.27 2.24
N GLU T 277 16.75 37.08 1.94
CA GLU T 277 15.70 37.13 2.94
C GLU T 277 15.84 36.10 4.02
N LYS T 278 16.20 34.89 3.66
CA LYS T 278 16.28 33.78 4.58
C LYS T 278 17.61 33.57 5.29
N ALA T 279 18.68 34.20 4.83
CA ALA T 279 20.01 33.93 5.34
C ALA T 279 20.20 34.26 6.79
N PRO T 280 19.55 35.33 7.32
CA PRO T 280 19.79 35.58 8.74
C PRO T 280 19.15 34.58 9.70
N THR T 281 18.19 33.79 9.24
CA THR T 281 17.55 32.81 10.13
C THR T 281 17.88 31.35 9.90
N ARG T 282 18.89 31.03 9.09
CA ARG T 282 19.29 29.62 8.86
C ARG T 282 20.75 29.56 9.04
N GLY T 283 21.25 28.34 9.20
CA GLY T 283 22.66 28.05 9.33
C GLY T 283 23.19 27.25 8.15
N ILE T 284 24.47 26.92 8.25
CA ILE T 284 25.20 26.14 7.27
C ILE T 284 25.67 24.88 7.97
N ALA T 285 24.89 23.81 7.78
CA ALA T 285 25.25 22.54 8.36
C ALA T 285 26.42 21.93 7.63
N PRO T 286 27.28 21.24 8.38
CA PRO T 286 27.29 21.01 9.83
C PRO T 286 28.29 21.92 10.53
N SER T 287 28.44 23.14 10.03
CA SER T 287 29.49 24.00 10.51
C SER T 287 29.07 24.65 11.82
N LYS T 288 30.00 25.38 12.41
CA LYS T 288 29.71 26.24 13.55
C LYS T 288 28.86 27.47 13.22
N TYR T 289 28.68 27.79 11.93
CA TYR T 289 27.87 28.93 11.50
C TYR T 289 26.37 28.65 11.62
N THR T 290 25.79 29.01 12.75
CA THR T 290 24.36 28.81 12.97
C THR T 290 23.50 29.84 12.22
N ARG T 291 24.12 30.96 11.83
CA ARG T 291 23.51 31.96 10.97
C ARG T 291 24.36 32.09 9.72
N GLN T 292 23.72 32.04 8.54
CA GLN T 292 24.48 32.10 7.26
C GLN T 292 25.31 33.37 7.12
N THR T 293 24.74 34.46 7.62
CA THR T 293 25.35 35.81 7.58
C THR T 293 26.59 35.93 8.45
N ASP T 294 26.76 35.01 9.38
CA ASP T 294 27.98 34.96 10.18
C ASP T 294 29.17 34.42 9.42
N SER T 295 28.93 33.71 8.34
CA SER T 295 30.00 33.17 7.55
C SER T 295 30.43 34.13 6.45
N ARG T 296 31.68 34.56 6.53
CA ARG T 296 32.20 35.48 5.55
C ARG T 296 32.37 34.82 4.20
N THR T 297 32.62 33.52 4.16
CA THR T 297 32.68 32.80 2.91
C THR T 297 31.33 32.85 2.23
N PHE T 298 30.28 32.69 3.00
CA PHE T 298 28.92 32.77 2.49
C PHE T 298 28.62 34.17 1.96
N VAL T 299 28.97 35.18 2.74
CA VAL T 299 28.65 36.55 2.39
C VAL T 299 29.38 36.96 1.12
N SER T 300 30.66 36.68 1.03
CA SER T 300 31.45 37.07 -0.13
C SER T 300 31.04 36.28 -1.38
N SER T 301 30.65 35.02 -1.22
CA SER T 301 30.18 34.24 -2.33
C SER T 301 28.91 34.81 -2.87
N LEU T 302 28.03 35.24 -1.97
CA LEU T 302 26.77 35.78 -2.36
C LEU T 302 26.97 37.09 -3.11
N GLY T 303 27.95 37.87 -2.71
CA GLY T 303 28.28 39.08 -3.39
C GLY T 303 28.69 38.80 -4.83
N ARG T 304 29.50 37.77 -5.01
CA ARG T 304 29.94 37.40 -6.33
C ARG T 304 28.79 36.93 -7.22
N THR T 305 27.90 36.11 -6.67
CA THR T 305 26.77 35.59 -7.38
C THR T 305 25.85 36.72 -7.77
N ALA T 306 25.65 37.64 -6.86
CA ALA T 306 24.84 38.80 -7.13
C ALA T 306 25.45 39.62 -8.25
N LEU T 307 26.77 39.82 -8.28
CA LEU T 307 27.36 40.57 -9.40
C LEU T 307 27.22 39.85 -10.75
N SER T 308 27.24 38.52 -10.80
CA SER T 308 26.92 37.85 -12.10
C SER T 308 25.51 38.14 -12.56
N ILE T 309 24.56 38.06 -11.64
CA ILE T 309 23.17 38.37 -11.97
C ILE T 309 23.04 39.84 -12.41
N ASP T 310 23.75 40.74 -11.72
CA ASP T 310 23.80 42.17 -12.13
C ASP T 310 24.36 42.31 -13.56
N ALA T 311 25.38 41.54 -13.91
CA ALA T 311 25.89 41.56 -15.25
C ALA T 311 24.87 41.06 -16.25
N ALA T 312 24.11 40.03 -15.89
CA ALA T 312 23.11 39.51 -16.79
C ALA T 312 22.05 40.56 -17.03
N GLU T 313 21.69 41.28 -15.98
CA GLU T 313 20.73 42.37 -16.08
C GLU T 313 21.19 43.46 -17.05
N MET T 314 22.45 43.82 -16.96
CA MET T 314 23.03 44.84 -17.84
C MET T 314 23.09 44.37 -19.28
N HIS T 315 23.38 43.10 -19.54
CA HIS T 315 23.41 42.56 -20.90
C HIS T 315 22.03 42.68 -21.53
N VAL T 316 21.01 42.37 -20.75
CA VAL T 316 19.65 42.46 -21.20
C VAL T 316 19.24 43.90 -21.46
N ALA T 317 19.57 44.78 -20.51
CA ALA T 317 19.23 46.18 -20.66
C ALA T 317 19.94 46.82 -21.83
N ARG T 318 21.21 46.48 -22.03
CA ARG T 318 21.98 47.04 -23.15
C ARG T 318 21.33 46.68 -24.47
N ALA T 319 20.93 45.42 -24.61
CA ALA T 319 20.31 44.97 -25.85
C ALA T 319 18.97 45.63 -26.06
N ALA T 320 18.20 45.72 -24.98
CA ALA T 320 16.92 46.42 -25.09
C ALA T 320 17.07 47.87 -25.56
N THR T 321 18.06 48.55 -25.00
CA THR T 321 18.33 49.94 -25.34
C THR T 321 18.84 50.08 -26.76
N ALA T 322 19.68 49.19 -27.22
CA ALA T 322 20.12 49.23 -28.60
C ALA T 322 18.93 49.11 -29.55
N LEU T 323 18.01 48.20 -29.23
CA LEU T 323 16.85 47.98 -30.07
C LEU T 323 15.91 49.17 -30.06
N ASP T 324 15.67 49.76 -28.91
CA ASP T 324 14.81 50.94 -28.81
C ASP T 324 15.42 52.18 -29.42
N ASP T 325 16.71 52.39 -29.26
CA ASP T 325 17.35 53.57 -29.82
C ASP T 325 17.25 53.53 -31.33
N ALA T 326 17.46 52.37 -31.91
CA ALA T 326 17.36 52.23 -33.36
C ALA T 326 15.94 52.46 -33.86
N ALA T 327 14.96 51.94 -33.14
CA ALA T 327 13.57 52.13 -33.54
C ALA T 327 13.13 53.59 -33.46
N TYR T 328 13.54 54.27 -32.40
CA TYR T 328 13.21 55.67 -32.21
C TYR T 328 13.88 56.55 -33.25
N ASP T 329 15.10 56.24 -33.63
CA ASP T 329 15.82 57.02 -34.62
C ASP T 329 15.50 56.60 -36.01
N ALA T 330 14.69 55.55 -36.18
CA ALA T 330 14.39 55.03 -37.51
C ALA T 330 15.62 54.61 -38.32
N VAL T 331 16.63 54.09 -37.64
CA VAL T 331 17.81 53.50 -38.32
C VAL T 331 17.76 51.97 -38.23
N ALA T 332 18.34 51.35 -39.27
CA ALA T 332 18.52 49.91 -39.31
C ALA T 332 19.73 49.55 -38.46
N LEU T 333 19.55 48.54 -37.61
CA LEU T 333 20.66 47.93 -36.90
C LEU T 333 21.46 47.15 -37.89
N PRO T 334 22.80 47.37 -37.93
CA PRO T 334 23.60 46.51 -38.79
C PRO T 334 23.65 45.09 -38.22
N ASP T 335 24.05 44.14 -39.04
CA ASP T 335 24.14 42.74 -38.63
C ASP T 335 25.00 42.56 -37.42
N SER T 336 26.11 43.29 -37.33
CA SER T 336 27.02 43.14 -36.20
C SER T 336 26.34 43.47 -34.88
N GLU T 337 25.45 44.44 -34.88
CA GLU T 337 24.75 44.80 -33.66
C GLU T 337 23.75 43.72 -33.27
N LEU T 338 23.08 43.11 -34.23
CA LEU T 338 22.13 42.04 -33.97
C LEU T 338 22.81 40.77 -33.48
N LEU T 339 23.97 40.49 -34.03
CA LEU T 339 24.76 39.34 -33.63
C LEU T 339 25.22 39.51 -32.21
N ARG T 340 25.56 40.75 -31.83
CA ARG T 340 25.92 41.04 -30.47
C ARG T 340 24.73 40.86 -29.52
N ILE T 341 23.54 41.23 -29.95
CA ILE T 341 22.36 41.07 -29.12
C ILE T 341 22.10 39.60 -28.86
N ARG T 342 22.31 38.76 -29.87
CA ARG T 342 22.11 37.34 -29.70
C ARG T 342 23.10 36.77 -28.68
N GLY T 343 24.33 37.28 -28.70
CA GLY T 343 25.32 36.91 -27.72
C GLY T 343 24.98 37.39 -26.32
N ASP T 344 24.47 38.61 -26.20
CA ASP T 344 24.07 39.14 -24.90
C ASP T 344 23.01 38.31 -24.23
N VAL T 345 21.98 37.89 -24.97
CA VAL T 345 20.87 37.18 -24.38
C VAL T 345 21.24 35.77 -23.93
N GLY T 346 22.04 35.07 -24.72
CA GLY T 346 22.52 33.75 -24.32
C GLY T 346 23.43 33.83 -23.14
N GLN T 347 24.30 34.82 -23.17
CA GLN T 347 25.20 35.04 -22.06
C GLN T 347 24.44 35.41 -20.80
N ALA T 348 23.41 36.24 -20.88
CA ALA T 348 22.66 36.63 -19.66
C ALA T 348 21.99 35.42 -19.03
N VAL T 349 21.35 34.57 -19.83
CA VAL T 349 20.62 33.43 -19.26
C VAL T 349 21.59 32.39 -18.74
N SER T 350 22.73 32.26 -19.40
CA SER T 350 23.78 31.36 -18.93
C SER T 350 24.35 31.78 -17.56
N LEU T 351 24.56 33.08 -17.44
CA LEU T 351 24.95 33.68 -16.18
C LEU T 351 23.88 33.39 -15.11
N VAL T 352 22.61 33.48 -15.46
CA VAL T 352 21.54 33.25 -14.50
C VAL T 352 21.45 31.80 -14.06
N THR T 353 21.61 30.85 -14.97
CA THR T 353 21.56 29.44 -14.59
C THR T 353 22.74 29.07 -13.73
N THR T 354 23.94 29.60 -14.00
CA THR T 354 25.09 29.34 -13.15
C THR T 354 24.86 29.96 -11.78
N ALA T 355 24.28 31.15 -11.75
CA ALA T 355 24.03 31.81 -10.47
C ALA T 355 22.99 31.07 -9.63
N LEU T 356 22.01 30.45 -10.27
CA LEU T 356 21.02 29.68 -9.55
C LEU T 356 21.64 28.46 -8.89
N ASP T 357 22.58 27.83 -9.56
CA ASP T 357 23.32 26.72 -8.99
C ASP T 357 24.06 27.19 -7.74
N GLU T 358 24.64 28.38 -7.82
CA GLU T 358 25.30 29.00 -6.70
C GLU T 358 24.35 29.33 -5.55
N LEU T 359 23.14 29.78 -5.86
CA LEU T 359 22.17 30.11 -4.83
C LEU T 359 21.68 28.87 -4.07
N LEU T 360 21.59 27.73 -4.73
CA LEU T 360 21.25 26.49 -4.08
C LEU T 360 22.35 26.05 -3.13
N TRP T 361 23.60 26.27 -3.51
CA TRP T 361 24.71 25.98 -2.62
C TRP T 361 24.65 26.89 -1.40
N ALA T 362 24.24 28.12 -1.59
CA ALA T 362 24.11 29.03 -0.48
C ALA T 362 22.98 28.64 0.45
N HIS T 363 21.82 28.36 -0.12
CA HIS T 363 20.64 28.09 0.69
C HIS T 363 20.64 26.71 1.36
N GLY T 364 21.11 25.68 0.66
CA GLY T 364 21.19 24.35 1.23
C GLY T 364 20.16 23.38 0.70
N ALA T 365 20.08 22.23 1.35
CA ALA T 365 19.18 21.16 0.96
C ALA T 365 17.71 21.53 1.01
N ALA T 366 17.34 22.45 1.89
CA ALA T 366 15.97 22.91 2.02
C ALA T 366 15.43 23.55 0.77
N SER T 367 16.32 23.99 -0.09
CA SER T 367 15.89 24.64 -1.30
C SER T 367 15.14 23.70 -2.22
N PHE T 368 15.30 22.39 -2.06
CA PHE T 368 14.64 21.42 -2.96
C PHE T 368 13.30 20.94 -2.44
N ALA T 369 12.83 21.48 -1.32
CA ALA T 369 11.51 21.11 -0.83
C ALA T 369 10.44 21.69 -1.74
N GLU T 370 9.34 20.98 -1.94
CA GLU T 370 8.26 21.46 -2.78
C GLU T 370 7.67 22.75 -2.25
N SER T 371 7.72 22.94 -0.94
CA SER T 371 7.22 24.16 -0.35
C SER T 371 8.13 25.39 -0.54
N ASN T 372 9.36 25.20 -1.00
CA ASN T 372 10.30 26.30 -1.13
C ASN T 372 10.27 26.91 -2.54
N PRO T 373 9.98 28.20 -2.66
CA PRO T 373 9.98 28.82 -4.00
C PRO T 373 11.30 28.77 -4.75
N LEU T 374 12.40 28.52 -4.05
CA LEU T 374 13.71 28.53 -4.67
C LEU T 374 13.85 27.50 -5.78
N GLN T 375 13.36 26.29 -5.56
CA GLN T 375 13.42 25.25 -6.57
C GLN T 375 12.50 25.54 -7.76
N ARG T 376 11.43 26.28 -7.55
CA ARG T 376 10.55 26.70 -8.62
C ARG T 376 11.24 27.65 -9.56
N TYR T 377 11.95 28.63 -9.01
CA TYR T 377 12.65 29.57 -9.85
C TYR T 377 13.75 28.81 -10.59
N TRP T 378 14.39 27.89 -9.90
CA TRP T 378 15.46 27.10 -10.46
C TRP T 378 14.96 26.24 -11.63
N ARG T 379 13.84 25.56 -11.45
CA ARG T 379 13.31 24.73 -12.53
C ARG T 379 12.77 25.54 -13.71
N ASP T 380 12.04 26.62 -13.44
CA ASP T 380 11.48 27.42 -14.52
C ASP T 380 12.52 28.18 -15.34
N ALA T 381 13.49 28.78 -14.67
CA ALA T 381 14.53 29.52 -15.35
C ALA T 381 15.41 28.59 -16.17
N ASN T 382 15.74 27.43 -15.63
CA ASN T 382 16.57 26.49 -16.36
C ASN T 382 15.88 25.93 -17.60
N THR T 383 14.58 25.63 -17.51
CA THR T 383 13.82 25.13 -18.64
C THR T 383 13.72 26.16 -19.73
N ALA T 384 13.33 27.36 -19.36
CA ALA T 384 13.16 28.46 -20.32
C ALA T 384 14.45 28.92 -20.96
N ALA T 385 15.55 28.84 -20.24
CA ALA T 385 16.85 29.26 -20.74
C ALA T 385 17.31 28.50 -21.97
N ARG T 386 16.87 27.26 -22.13
CA ARG T 386 17.28 26.43 -23.26
C ARG T 386 16.41 26.60 -24.48
N HIS T 387 15.57 27.60 -24.48
CA HIS T 387 14.85 27.98 -25.67
C HIS T 387 15.88 28.29 -26.74
N ALA T 388 15.58 27.92 -27.97
CA ALA T 388 16.51 28.05 -29.08
C ALA T 388 17.08 29.44 -29.33
N MET T 389 16.27 30.47 -29.15
CA MET T 389 16.70 31.82 -29.38
C MET T 389 17.58 32.34 -28.26
N LEU T 390 17.74 31.56 -27.20
CA LEU T 390 18.61 31.91 -26.10
C LEU T 390 19.84 31.01 -26.00
N ASN T 391 20.16 30.22 -27.01
CA ASN T 391 21.23 29.24 -26.87
C ASN T 391 22.54 29.95 -26.69
N VAL T 392 23.22 29.63 -25.61
CA VAL T 392 24.46 30.35 -25.27
C VAL T 392 25.63 30.06 -26.21
N HIS T 393 25.80 28.81 -26.58
CA HIS T 393 26.86 28.40 -27.50
C HIS T 393 26.65 28.99 -28.91
N VAL T 394 25.40 29.06 -29.36
CA VAL T 394 25.10 29.67 -30.65
C VAL T 394 25.39 31.17 -30.58
N GLY T 395 24.99 31.80 -29.48
CA GLY T 395 25.24 33.23 -29.30
C GLY T 395 26.72 33.58 -29.31
N HIS T 396 27.50 32.73 -28.65
CA HIS T 396 28.95 32.90 -28.60
C HIS T 396 29.55 32.83 -29.97
N GLU T 397 29.08 31.87 -30.76
CA GLU T 397 29.59 31.68 -32.09
C GLU T 397 29.16 32.83 -33.01
N LEU T 398 27.93 33.31 -32.87
CA LEU T 398 27.46 34.43 -33.65
C LEU T 398 28.20 35.73 -33.38
N TYR T 399 28.43 36.04 -32.10
CA TYR T 399 29.08 37.26 -31.73
C TYR T 399 30.53 37.20 -32.15
N GLY T 400 31.16 36.05 -31.94
CA GLY T 400 32.56 35.88 -32.28
C GLY T 400 32.76 36.02 -33.78
N GLY T 401 31.81 35.50 -34.53
CA GLY T 401 31.83 35.53 -35.96
C GLY T 401 31.72 36.92 -36.53
N SER T 402 30.98 37.79 -35.83
CA SER T 402 30.77 39.16 -36.27
C SER T 402 32.06 39.92 -36.33
N PHE T 403 33.01 39.60 -35.47
CA PHE T 403 34.32 40.26 -35.48
C PHE T 403 35.11 40.07 -36.77
N PHE T 404 34.79 39.01 -37.52
CA PHE T 404 35.48 38.65 -38.77
C PHE T 404 34.55 38.59 -39.98
N GLY T 405 33.29 38.97 -39.81
CA GLY T 405 32.30 38.92 -40.88
C GLY T 405 32.04 37.52 -41.46
N LEU T 406 32.02 36.50 -40.61
CA LEU T 406 31.73 35.13 -41.05
C LEU T 406 30.26 34.99 -41.37
N ASP T 407 29.89 34.02 -42.20
CA ASP T 407 28.48 33.78 -42.49
C ASP T 407 27.79 33.33 -41.21
N PRO T 408 26.67 34.00 -40.83
CA PRO T 408 26.08 33.51 -39.60
C PRO T 408 25.55 32.08 -39.66
N ILE T 409 25.52 31.44 -38.50
CA ILE T 409 25.12 30.05 -38.39
C ILE T 409 23.63 29.93 -38.17
N VAL T 410 22.90 31.03 -38.16
CA VAL T 410 21.45 30.96 -38.05
C VAL T 410 20.87 31.59 -39.30
N PRO T 411 19.67 31.16 -39.71
CA PRO T 411 19.19 31.74 -40.98
C PRO T 411 18.71 33.19 -40.92
N SER T 412 18.17 33.65 -39.80
CA SER T 412 17.75 35.04 -39.72
C SER T 412 18.19 35.70 -38.43
N LEU T 413 18.29 37.02 -38.47
CA LEU T 413 18.66 37.80 -37.32
C LEU T 413 17.54 38.74 -36.91
N THR U 18 97.66 -86.62 25.74
CA THR U 18 96.49 -86.07 25.00
C THR U 18 95.41 -87.13 24.88
N ASP U 19 95.48 -88.18 25.71
CA ASP U 19 94.50 -89.23 25.64
C ASP U 19 93.13 -88.66 26.06
N ILE U 20 93.14 -87.90 27.15
CA ILE U 20 91.92 -87.27 27.69
C ILE U 20 91.44 -86.18 26.71
N ARG U 21 92.40 -85.46 26.14
CA ARG U 21 92.08 -84.40 25.21
C ARG U 21 91.31 -85.02 24.05
N SER U 22 91.71 -86.21 23.64
CA SER U 22 91.04 -86.87 22.54
C SER U 22 89.64 -87.30 22.93
N GLU U 23 89.52 -87.79 24.15
CA GLU U 23 88.27 -88.30 24.70
C GLU U 23 87.25 -87.18 24.82
N THR U 24 87.69 -86.04 25.32
CA THR U 24 86.81 -84.91 25.54
C THR U 24 86.31 -84.39 24.20
N ALA U 25 87.18 -84.38 23.21
CA ALA U 25 86.80 -83.99 21.87
C ALA U 25 85.81 -84.96 21.24
N GLU U 26 86.00 -86.24 21.51
CA GLU U 26 85.10 -87.24 20.95
C GLU U 26 83.70 -87.11 21.50
N LEU U 27 83.60 -86.83 22.79
CA LEU U 27 82.31 -86.68 23.43
C LEU U 27 81.60 -85.45 22.91
N ARG U 28 82.33 -84.36 22.74
CA ARG U 28 81.76 -83.14 22.26
C ARG U 28 81.14 -83.33 20.89
N ALA U 29 81.84 -84.02 20.02
CA ALA U 29 81.34 -84.29 18.69
C ALA U 29 80.06 -85.12 18.76
N GLU U 30 80.04 -86.10 19.63
CA GLU U 30 78.88 -86.94 19.80
C GLU U 30 77.68 -86.10 20.28
N LEU U 31 77.92 -85.20 21.22
CA LEU U 31 76.87 -84.35 21.73
C LEU U 31 76.38 -83.39 20.70
N VAL U 32 77.27 -82.88 19.88
CA VAL U 32 76.87 -81.99 18.83
C VAL U 32 76.00 -82.75 17.84
N GLU U 33 76.35 -84.00 17.56
CA GLU U 33 75.55 -84.81 16.67
C GLU U 33 74.19 -85.08 17.30
N ARG U 34 74.11 -85.22 18.60
CA ARG U 34 72.79 -85.37 19.24
C ARG U 34 71.88 -84.17 19.04
N VAL U 35 72.47 -82.97 19.14
CA VAL U 35 71.74 -81.75 18.88
C VAL U 35 71.14 -81.78 17.48
N HIS U 36 71.92 -82.22 16.49
CA HIS U 36 71.40 -82.30 15.13
C HIS U 36 70.30 -83.31 14.99
N LYS U 37 70.42 -84.42 15.71
CA LYS U 37 69.42 -85.46 15.68
C LYS U 37 68.09 -85.01 16.27
N PHE U 38 68.15 -84.37 17.42
CA PHE U 38 66.95 -83.92 18.11
C PHE U 38 66.51 -82.54 17.70
N GLY U 39 67.32 -81.86 16.90
CA GLY U 39 67.02 -80.50 16.49
C GLY U 39 65.70 -80.32 15.78
N PRO U 40 65.34 -81.21 14.84
CA PRO U 40 64.04 -81.06 14.18
C PRO U 40 62.84 -81.07 15.12
N VAL U 41 62.94 -81.75 16.28
CA VAL U 41 61.85 -81.74 17.27
C VAL U 41 61.73 -80.35 17.90
N PHE U 42 62.86 -79.82 18.33
CA PHE U 42 62.89 -78.50 18.92
C PHE U 42 62.38 -77.46 17.94
N ALA U 43 62.80 -77.57 16.68
CA ALA U 43 62.39 -76.62 15.65
C ALA U 43 60.89 -76.69 15.41
N ASP U 44 60.36 -77.89 15.46
CA ASP U 44 58.97 -78.13 15.25
C ASP U 44 58.06 -77.49 16.28
N GLY U 45 58.57 -77.34 17.50
CA GLY U 45 57.79 -76.76 18.56
C GLY U 45 57.99 -75.28 18.75
N VAL U 46 58.66 -74.60 17.82
CA VAL U 46 58.92 -73.17 17.95
C VAL U 46 57.62 -72.39 17.95
N ALA U 47 56.70 -72.70 17.05
CA ALA U 47 55.46 -71.95 16.97
C ALA U 47 54.59 -72.09 18.21
N GLU U 48 54.49 -73.30 18.75
CA GLU U 48 53.73 -73.49 19.97
C GLU U 48 54.40 -72.77 21.13
N GLY U 49 55.72 -72.85 21.20
CA GLY U 49 56.45 -72.23 22.29
C GLY U 49 56.28 -70.73 22.34
N GLU U 50 56.27 -70.13 21.18
CA GLU U 50 56.10 -68.71 21.01
C GLU U 50 54.72 -68.25 21.47
N ARG U 51 53.74 -69.05 21.11
CA ARG U 51 52.33 -68.88 21.41
C ARG U 51 52.01 -69.07 22.90
N GLU U 52 52.58 -70.10 23.52
CA GLU U 52 52.27 -70.45 24.91
C GLU U 52 53.27 -69.97 25.95
N ARG U 53 54.42 -69.47 25.53
CA ARG U 53 55.45 -68.98 26.46
C ARG U 53 55.99 -70.06 27.39
N ARG U 54 56.10 -71.27 26.89
CA ARG U 54 56.68 -72.40 27.62
C ARG U 54 57.14 -73.38 26.55
N LEU U 55 58.03 -74.28 26.90
CA LEU U 55 58.50 -75.27 25.93
C LEU U 55 57.43 -76.33 25.73
N PRO U 56 57.20 -76.76 24.49
CA PRO U 56 56.24 -77.88 24.29
C PRO U 56 56.65 -79.18 24.94
N ASP U 57 55.70 -80.07 25.19
CA ASP U 57 56.01 -81.35 25.81
C ASP U 57 57.02 -82.17 24.99
N ALA U 58 56.92 -82.13 23.67
CA ALA U 58 57.84 -82.89 22.86
C ALA U 58 59.28 -82.42 23.05
N THR U 59 59.45 -81.11 23.18
CA THR U 59 60.78 -80.53 23.39
C THR U 59 61.36 -80.95 24.72
N VAL U 60 60.54 -80.95 25.75
CA VAL U 60 60.99 -81.36 27.06
C VAL U 60 61.39 -82.82 27.00
N ARG U 61 60.61 -83.63 26.30
CA ARG U 61 60.91 -85.05 26.16
C ARG U 61 62.26 -85.22 25.48
N ALA U 62 62.48 -84.47 24.41
CA ALA U 62 63.71 -84.56 23.67
C ALA U 62 64.91 -84.12 24.51
N ILE U 63 64.73 -83.12 25.35
CA ILE U 63 65.80 -82.70 26.23
C ILE U 63 66.15 -83.81 27.19
N ASP U 64 65.15 -84.52 27.72
CA ASP U 64 65.44 -85.62 28.65
C ASP U 64 66.08 -86.83 27.97
N GLN U 65 65.58 -87.20 26.79
CA GLN U 65 66.17 -88.32 26.03
C GLN U 65 67.57 -88.04 25.55
N SER U 66 67.84 -86.83 25.05
CA SER U 66 69.18 -86.47 24.53
C SER U 66 70.27 -86.36 25.61
N GLN U 67 69.83 -86.22 26.85
CA GLN U 67 70.69 -86.03 28.01
C GLN U 67 71.42 -84.66 27.98
N LEU U 68 70.92 -83.70 27.19
CA LEU U 68 71.55 -82.38 27.06
C LEU U 68 71.44 -81.49 28.31
N ALA U 69 70.52 -81.85 29.20
CA ALA U 69 70.48 -81.26 30.52
C ALA U 69 71.50 -81.83 31.51
N MET U 70 72.25 -82.84 31.07
CA MET U 70 73.11 -83.62 31.98
C MET U 70 74.61 -83.37 31.81
N LEU U 71 74.96 -82.43 30.95
CA LEU U 71 76.35 -82.13 30.68
C LEU U 71 77.12 -81.69 31.92
N TRP U 72 76.49 -80.96 32.82
CA TRP U 72 77.18 -80.53 34.03
C TRP U 72 76.72 -81.24 35.30
N THR U 73 76.18 -82.45 35.11
CA THR U 73 75.79 -83.32 36.21
C THR U 73 76.93 -84.30 36.40
N ALA U 74 77.21 -84.64 37.65
CA ALA U 74 78.33 -85.54 37.96
C ALA U 74 78.15 -86.98 37.45
N LYS U 75 79.27 -87.59 37.09
CA LYS U 75 79.32 -88.97 36.63
C LYS U 75 78.88 -89.94 37.68
N SER U 76 79.17 -89.61 38.93
CA SER U 76 78.81 -90.46 40.05
C SER U 76 77.28 -90.63 40.12
N TYR U 77 76.51 -89.64 39.63
CA TYR U 77 75.05 -89.74 39.55
C TYR U 77 74.49 -90.12 38.16
N GLY U 78 75.35 -90.57 37.25
CA GLY U 78 74.95 -90.90 35.89
C GLY U 78 74.95 -89.74 34.89
N GLY U 79 75.54 -88.62 35.28
CA GLY U 79 75.69 -87.46 34.40
C GLY U 79 76.88 -87.57 33.46
N LEU U 80 76.90 -86.71 32.46
CA LEU U 80 77.93 -86.75 31.44
C LEU U 80 79.22 -86.03 31.88
N GLU U 81 79.12 -85.14 32.86
CA GLU U 81 80.25 -84.43 33.48
C GLU U 81 81.30 -83.92 32.45
N THR U 82 80.91 -82.97 31.60
CA THR U 82 81.81 -82.45 30.54
C THR U 82 82.56 -81.21 31.04
N ASP U 83 82.89 -80.29 30.13
CA ASP U 83 83.59 -79.08 30.51
C ASP U 83 82.87 -77.88 29.93
N VAL U 84 83.41 -76.69 30.16
CA VAL U 84 82.75 -75.49 29.68
C VAL U 84 82.70 -75.41 28.16
N ARG U 85 83.80 -75.77 27.53
CA ARG U 85 83.87 -75.68 26.10
C ARG U 85 82.85 -76.57 25.42
N THR U 86 82.60 -77.76 25.94
CA THR U 86 81.64 -78.65 25.34
C THR U 86 80.23 -78.10 25.45
N MET U 87 79.92 -77.56 26.62
CA MET U 87 78.61 -77.02 26.89
C MET U 87 78.37 -75.85 25.98
N SER U 88 79.39 -75.03 25.78
CA SER U 88 79.34 -73.88 24.92
C SER U 88 79.08 -74.26 23.47
N GLU U 89 79.81 -75.24 22.96
CA GLU U 89 79.59 -75.66 21.59
C GLU U 89 78.22 -76.26 21.41
N VAL U 90 77.71 -76.96 22.41
CA VAL U 90 76.35 -77.52 22.33
C VAL U 90 75.27 -76.42 22.28
N ALA U 91 75.43 -75.43 23.16
CA ALA U 91 74.51 -74.28 23.23
C ALA U 91 74.44 -73.51 21.91
N LYS U 92 75.59 -73.34 21.27
CA LYS U 92 75.64 -72.62 19.97
C LYS U 92 74.83 -73.34 18.91
N VAL U 93 74.97 -74.65 18.87
CA VAL U 93 74.28 -75.43 17.84
C VAL U 93 72.81 -75.53 18.14
N LEU U 94 72.47 -75.69 19.42
CA LEU U 94 71.06 -75.70 19.84
C LEU U 94 70.27 -74.49 19.39
N SER U 95 70.87 -73.31 19.54
CA SER U 95 70.24 -72.05 19.13
C SER U 95 69.77 -72.00 17.68
N HIS U 96 70.41 -72.76 16.79
CA HIS U 96 69.97 -72.77 15.41
C HIS U 96 68.55 -73.30 15.31
N TYR U 97 68.21 -74.23 16.18
CA TYR U 97 66.92 -74.89 16.09
C TYR U 97 65.90 -74.16 16.94
N CYS U 98 66.25 -73.84 18.18
CA CYS U 98 65.36 -73.08 19.05
C CYS U 98 66.18 -72.33 20.09
N PRO U 99 66.31 -71.00 19.95
CA PRO U 99 67.08 -70.24 20.96
C PRO U 99 66.53 -70.35 22.39
N SER U 100 65.22 -70.46 22.53
CA SER U 100 64.63 -70.66 23.86
C SER U 100 65.01 -71.99 24.54
N THR U 101 65.00 -73.07 23.77
CA THR U 101 65.43 -74.39 24.22
C THR U 101 66.89 -74.31 24.61
N SER U 102 67.72 -73.71 23.76
CA SER U 102 69.13 -73.51 24.06
C SER U 102 69.30 -72.76 25.36
N TRP U 103 68.54 -71.71 25.52
CA TRP U 103 68.62 -70.93 26.74
C TRP U 103 68.23 -71.73 27.98
N VAL U 104 67.19 -72.53 27.86
CA VAL U 104 66.74 -73.32 28.99
C VAL U 104 67.77 -74.38 29.34
N VAL U 105 68.25 -75.09 28.32
CA VAL U 105 69.23 -76.12 28.51
C VAL U 105 70.46 -75.57 29.20
N ASN U 106 70.91 -74.38 28.77
CA ASN U 106 72.07 -73.71 29.36
C ASN U 106 71.80 -73.40 30.82
N ASN U 107 70.61 -72.90 31.13
CA ASN U 107 70.26 -72.55 32.48
C ASN U 107 70.23 -73.80 33.37
N VAL U 108 69.71 -74.90 32.86
CA VAL U 108 69.61 -76.11 33.66
C VAL U 108 70.99 -76.63 34.05
N ASN U 109 71.87 -76.77 33.05
CA ASN U 109 73.24 -77.23 33.31
C ASN U 109 73.92 -76.31 34.29
N GLY U 110 73.79 -75.01 34.07
CA GLY U 110 74.41 -74.08 34.99
C GLY U 110 73.86 -74.19 36.40
N SER U 111 72.56 -74.39 36.51
CA SER U 111 71.96 -74.53 37.84
C SER U 111 72.45 -75.78 38.52
N ASN U 112 72.54 -76.85 37.74
CA ASN U 112 73.03 -78.10 38.26
C ASN U 112 74.48 -77.95 38.74
N LEU U 113 75.28 -77.18 38.03
CA LEU U 113 76.64 -76.97 38.45
C LEU U 113 76.67 -76.18 39.76
N LEU U 114 75.77 -75.21 39.89
CA LEU U 114 75.70 -74.41 41.11
C LEU U 114 75.30 -75.25 42.30
N ALA U 115 74.51 -76.29 42.05
CA ALA U 115 74.06 -77.17 43.11
C ALA U 115 75.21 -77.86 43.81
N SER U 116 76.32 -78.07 43.12
CA SER U 116 77.45 -78.74 43.69
C SER U 116 78.10 -78.02 44.88
N LYS U 117 77.77 -76.77 45.14
CA LYS U 117 78.24 -76.12 46.35
C LYS U 117 77.50 -76.57 47.59
N PHE U 118 76.34 -77.19 47.40
CA PHE U 118 75.54 -77.69 48.51
C PHE U 118 76.12 -78.98 49.10
N PRO U 119 75.70 -79.36 50.32
CA PRO U 119 76.27 -80.59 50.88
C PRO U 119 75.86 -81.84 50.13
N ARG U 120 76.59 -82.91 50.40
CA ARG U 120 76.33 -84.18 49.76
C ARG U 120 74.92 -84.67 50.02
N ALA U 121 74.41 -84.38 51.20
CA ALA U 121 73.04 -84.75 51.56
C ALA U 121 72.02 -84.17 50.58
N ALA U 122 72.20 -82.90 50.23
CA ALA U 122 71.33 -82.24 49.26
C ALA U 122 71.52 -82.81 47.86
N LEU U 123 72.76 -82.97 47.46
CA LEU U 123 73.06 -83.53 46.13
C LEU U 123 72.51 -84.93 45.92
N ASP U 124 72.61 -85.77 46.95
CA ASP U 124 72.02 -87.10 46.92
C ASP U 124 70.50 -87.00 46.81
N GLU U 125 69.89 -86.11 47.59
CA GLU U 125 68.44 -85.92 47.54
C GLU U 125 67.97 -85.48 46.14
N VAL U 126 68.77 -84.66 45.47
CA VAL U 126 68.42 -84.15 44.13
C VAL U 126 68.70 -85.15 43.02
N PHE U 127 69.93 -85.67 43.00
CA PHE U 127 70.45 -86.49 41.86
C PHE U 127 70.51 -88.01 42.08
N GLY U 128 70.36 -88.44 43.34
CA GLY U 128 70.46 -89.84 43.75
C GLY U 128 69.69 -90.85 42.93
N ASP U 129 68.40 -90.56 42.68
CA ASP U 129 67.53 -91.43 41.87
C ASP U 129 67.08 -90.72 40.61
N ALA U 130 67.76 -89.66 40.21
CA ALA U 130 67.33 -88.80 39.10
C ALA U 130 68.57 -88.27 38.39
N PRO U 131 69.24 -89.11 37.56
CA PRO U 131 70.40 -88.64 36.77
C PRO U 131 70.07 -87.41 35.87
N GLY U 132 68.82 -87.35 35.37
CA GLY U 132 68.31 -86.26 34.55
C GLY U 132 67.59 -85.15 35.30
N ALA U 133 67.92 -84.96 36.58
CA ALA U 133 67.31 -83.88 37.36
C ALA U 133 67.64 -82.53 36.72
N LYS U 134 66.66 -81.63 36.77
CA LYS U 134 66.76 -80.31 36.17
C LYS U 134 66.46 -79.20 37.17
N LEU U 135 67.46 -78.36 37.43
CA LEU U 135 67.31 -77.22 38.37
C LEU U 135 67.10 -75.87 37.67
N ALA U 136 66.31 -75.02 38.32
CA ALA U 136 66.27 -73.58 38.08
C ALA U 136 67.19 -72.92 39.08
N SER U 137 67.47 -71.64 38.83
CA SER U 137 68.20 -70.86 39.80
C SER U 137 67.95 -69.41 39.51
N VAL U 138 67.54 -68.67 40.53
CA VAL U 138 67.29 -67.26 40.40
C VAL U 138 68.00 -66.48 41.50
N PHE U 139 68.84 -65.55 41.07
CA PHE U 139 69.62 -64.67 41.93
C PHE U 139 69.05 -63.25 41.82
N ALA U 140 67.99 -63.13 41.02
CA ALA U 140 67.28 -61.88 40.69
C ALA U 140 66.39 -61.30 41.79
N ALA U 141 66.25 -62.00 42.90
CA ALA U 141 65.49 -61.49 44.02
C ALA U 141 66.08 -62.11 45.24
N ALA U 142 65.69 -61.52 46.33
CA ALA U 142 65.91 -62.10 47.59
C ALA U 142 64.52 -62.23 48.21
N GLY U 143 64.41 -63.27 49.00
CA GLY U 143 63.24 -63.60 49.71
C GLY U 143 63.80 -63.44 51.10
N THR U 144 62.98 -63.72 52.06
CA THR U 144 63.40 -63.48 53.39
C THR U 144 63.22 -64.81 54.12
N ALA U 145 64.25 -65.19 54.86
CA ALA U 145 64.29 -66.46 55.54
C ALA U 145 64.59 -66.25 57.00
N VAL U 146 63.94 -67.04 57.84
CA VAL U 146 64.17 -66.95 59.26
C VAL U 146 64.38 -68.33 59.84
N ARG U 147 65.26 -68.41 60.83
CA ARG U 147 65.57 -69.69 61.48
C ARG U 147 64.39 -70.29 62.19
N THR U 148 64.25 -71.59 62.04
CA THR U 148 63.20 -72.38 62.68
C THR U 148 63.90 -73.67 63.09
N PRO U 149 63.30 -74.48 64.01
CA PRO U 149 64.07 -75.68 64.36
C PRO U 149 64.18 -76.65 63.21
N GLY U 150 65.42 -77.08 62.97
CA GLY U 150 65.75 -78.00 61.88
C GLY U 150 65.99 -77.34 60.53
N GLY U 151 65.87 -76.01 60.46
CA GLY U 151 66.06 -75.33 59.20
C GLY U 151 65.68 -73.86 59.16
N TYR U 152 64.90 -73.53 58.14
CA TYR U 152 64.46 -72.16 57.91
C TYR U 152 63.00 -72.13 57.40
N ARG U 153 62.39 -70.97 57.56
CA ARG U 153 61.08 -70.67 56.99
C ARG U 153 61.32 -69.56 55.97
N LEU U 154 60.93 -69.78 54.72
CA LEU U 154 61.29 -68.92 53.58
C LEU U 154 60.07 -68.32 52.89
N THR U 155 60.12 -67.02 52.69
CA THR U 155 59.06 -66.30 51.97
C THR U 155 59.73 -65.39 50.93
N GLY U 156 59.14 -65.34 49.74
CA GLY U 156 59.64 -64.44 48.72
C GLY U 156 58.96 -64.57 47.38
N SER U 157 59.37 -63.71 46.45
CA SER U 157 58.87 -63.72 45.10
C SER U 157 60.03 -63.48 44.14
N TRP U 158 60.35 -64.48 43.33
CA TRP U 158 61.55 -64.48 42.49
C TRP U 158 61.16 -64.45 41.02
N PRO U 159 61.31 -63.29 40.32
CA PRO U 159 61.06 -63.23 38.86
C PRO U 159 62.22 -63.83 38.04
N TYR U 160 62.00 -63.95 36.74
CA TYR U 160 63.00 -64.49 35.81
C TYR U 160 63.43 -65.94 36.11
N GLY U 161 62.47 -66.80 36.39
CA GLY U 161 62.78 -68.19 36.72
C GLY U 161 62.80 -69.02 35.46
N THR U 162 63.89 -68.95 34.71
CA THR U 162 63.99 -69.70 33.47
C THR U 162 63.74 -71.19 33.64
N GLY U 163 62.85 -71.69 32.80
CA GLY U 163 62.50 -73.10 32.74
C GLY U 163 61.84 -73.71 33.96
N ILE U 164 61.31 -72.89 34.86
CA ILE U 164 60.79 -73.32 36.16
C ILE U 164 59.60 -74.27 36.02
N LEU U 165 58.80 -74.07 34.98
CA LEU U 165 57.70 -74.98 34.71
C LEU U 165 58.09 -76.43 34.49
N HIS U 166 59.29 -76.71 34.00
CA HIS U 166 59.76 -78.09 33.76
C HIS U 166 60.78 -78.56 34.78
N ASP U 167 61.06 -77.75 35.78
CA ASP U 167 62.20 -78.03 36.67
C ASP U 167 61.75 -78.82 37.91
N ASP U 168 62.69 -79.59 38.44
CA ASP U 168 62.44 -80.47 39.58
C ASP U 168 62.75 -79.74 40.88
N TRP U 169 63.75 -78.87 40.84
CA TRP U 169 64.18 -78.08 42.00
C TRP U 169 64.56 -76.66 41.55
N ALA U 170 64.72 -75.77 42.52
CA ALA U 170 65.10 -74.38 42.26
C ALA U 170 66.09 -73.94 43.32
N ILE U 171 67.15 -73.25 42.89
CA ILE U 171 68.08 -72.59 43.80
C ILE U 171 67.66 -71.14 43.88
N LEU U 172 67.29 -70.70 45.06
CA LEU U 172 66.81 -69.34 45.27
C LEU U 172 67.65 -68.60 46.30
N VAL U 173 67.93 -67.34 46.02
CA VAL U 173 68.70 -66.48 46.91
C VAL U 173 67.78 -65.83 47.93
N ALA U 174 68.25 -65.69 49.16
CA ALA U 174 67.47 -65.05 50.19
C ALA U 174 68.30 -64.36 51.20
N ARG U 175 67.64 -63.52 51.99
CA ARG U 175 68.32 -62.83 53.06
C ARG U 175 67.81 -63.42 54.34
N GLU U 176 68.72 -63.86 55.18
CA GLU U 176 68.34 -64.32 56.51
C GLU U 176 68.05 -63.12 57.41
N VAL U 177 67.03 -63.26 58.25
CA VAL U 177 66.67 -62.21 59.18
C VAL U 177 66.35 -62.84 60.51
N ASP U 178 66.42 -62.06 61.57
CA ASP U 178 66.13 -62.55 62.90
C ASP U 178 64.66 -62.33 63.26
N ALA U 179 64.32 -62.62 64.51
CA ALA U 179 62.96 -62.45 65.00
C ALA U 179 62.55 -60.99 64.91
N ASP U 180 63.49 -60.12 65.18
CA ASP U 180 63.25 -58.69 65.06
C ASP U 180 63.02 -58.30 63.61
N GLY U 181 63.61 -59.05 62.69
CA GLY U 181 63.47 -58.75 61.26
C GLY U 181 64.67 -58.01 60.73
N GLU U 182 65.72 -57.96 61.53
CA GLU U 182 66.97 -57.35 61.13
C GLU U 182 67.78 -58.29 60.25
N PRO U 183 68.53 -57.77 59.28
CA PRO U 183 69.32 -58.66 58.41
C PRO U 183 70.46 -59.38 59.11
N VAL U 184 70.60 -60.67 58.84
CA VAL U 184 71.67 -61.46 59.42
C VAL U 184 72.73 -61.82 58.40
N GLY U 185 72.32 -62.29 57.24
CA GLY U 185 73.29 -62.68 56.22
C GLY U 185 72.58 -63.14 54.98
N GLY U 186 73.36 -63.54 53.98
CA GLY U 186 72.82 -64.00 52.71
C GLY U 186 72.73 -65.51 52.66
N LEU U 187 71.72 -66.05 51.98
CA LEU U 187 71.60 -67.50 51.86
C LEU U 187 71.29 -67.99 50.46
N SER U 188 71.65 -69.23 50.19
CA SER U 188 71.24 -69.89 48.98
C SER U 188 70.45 -71.12 49.37
N MET U 189 69.27 -71.28 48.80
CA MET U 189 68.37 -72.33 49.25
C MET U 189 67.86 -73.21 48.16
N LEU U 190 67.86 -74.51 48.42
CA LEU U 190 67.45 -75.47 47.42
C LEU U 190 66.07 -75.98 47.77
N VAL U 191 65.08 -75.72 46.92
CA VAL U 191 63.72 -76.10 47.23
C VAL U 191 63.08 -76.81 46.06
N PRO U 192 62.31 -77.85 46.35
CA PRO U 192 61.69 -78.70 45.36
C PRO U 192 60.42 -78.14 44.73
N ALA U 193 60.07 -78.71 43.59
CA ALA U 193 58.92 -78.28 42.82
C ALA U 193 57.64 -78.39 43.60
N ARG U 194 57.53 -79.43 44.41
CA ARG U 194 56.34 -79.66 45.24
C ARG U 194 56.08 -78.49 46.18
N ASP U 195 57.14 -77.87 46.67
CA ASP U 195 57.01 -76.73 47.56
C ASP U 195 56.82 -75.40 46.88
N LEU U 196 56.97 -75.32 45.56
CA LEU U 196 56.90 -74.05 44.84
C LEU U 196 55.56 -73.79 44.22
N THR U 197 55.33 -72.53 43.95
CA THR U 197 54.18 -72.07 43.20
C THR U 197 54.74 -71.19 42.08
N VAL U 198 54.15 -71.28 40.91
CA VAL U 198 54.61 -70.49 39.79
C VAL U 198 53.52 -69.54 39.37
N GLU U 199 53.90 -68.29 39.22
CA GLU U 199 52.99 -67.24 38.87
C GLU U 199 53.30 -66.83 37.44
N ASP U 200 52.28 -66.60 36.64
CA ASP U 200 52.47 -66.31 35.23
C ASP U 200 52.81 -64.82 35.02
N THR U 201 54.09 -64.54 34.87
CA THR U 201 54.52 -63.18 34.70
C THR U 201 55.43 -62.93 33.50
N TRP U 202 55.74 -63.96 32.73
CA TRP U 202 56.67 -63.82 31.62
C TRP U 202 55.94 -63.43 30.34
N HIS U 203 55.91 -62.14 30.06
CA HIS U 203 55.30 -61.61 28.86
C HIS U 203 56.30 -60.73 28.15
N THR U 204 56.95 -61.31 27.16
CA THR U 204 58.05 -60.65 26.49
C THR U 204 57.95 -60.81 25.01
N VAL U 205 58.78 -60.06 24.29
CA VAL U 205 58.78 -60.12 22.86
C VAL U 205 59.92 -60.98 22.34
N GLY U 206 60.70 -61.57 23.24
CA GLY U 206 61.77 -62.49 22.83
C GLY U 206 62.01 -63.50 23.92
N MET U 207 62.55 -64.64 23.54
CA MET U 207 62.81 -65.75 24.44
C MET U 207 61.52 -66.14 25.17
N ARG U 208 60.40 -66.12 24.44
CA ARG U 208 59.10 -66.39 25.04
C ARG U 208 58.95 -67.82 25.61
N ALA U 209 59.44 -68.83 24.91
CA ALA U 209 59.28 -70.20 25.36
C ALA U 209 60.17 -70.57 26.55
N THR U 210 61.08 -69.68 26.94
CA THR U 210 61.89 -69.95 28.11
C THR U 210 61.08 -70.00 29.39
N GLY U 211 59.88 -69.44 29.41
CA GLY U 211 59.00 -69.50 30.56
C GLY U 211 59.61 -69.01 31.85
N SER U 212 60.25 -67.86 31.78
CA SER U 212 60.94 -67.27 32.91
C SER U 212 59.98 -66.54 33.84
N HIS U 213 59.13 -67.35 34.47
CA HIS U 213 58.03 -66.87 35.29
C HIS U 213 58.49 -66.58 36.71
N THR U 214 57.56 -66.16 37.57
CA THR U 214 57.89 -65.81 38.95
C THR U 214 57.61 -66.99 39.87
N VAL U 215 58.60 -67.30 40.69
CA VAL U 215 58.50 -68.32 41.72
C VAL U 215 58.04 -67.65 43.01
N VAL U 216 57.00 -68.20 43.61
CA VAL U 216 56.44 -67.64 44.82
C VAL U 216 56.46 -68.64 45.98
N LEU U 217 56.93 -68.17 47.13
CA LEU U 217 57.00 -69.00 48.32
C LEU U 217 56.39 -68.27 49.48
N ARG U 218 55.61 -68.97 50.29
CA ARG U 218 55.09 -68.34 51.48
C ARG U 218 55.25 -69.22 52.69
N ASP U 219 56.09 -68.79 53.62
CA ASP U 219 56.35 -69.50 54.85
C ASP U 219 56.72 -70.97 54.63
N THR U 220 57.55 -71.20 53.63
CA THR U 220 57.93 -72.54 53.24
C THR U 220 59.10 -73.05 54.04
N PHE U 221 59.00 -74.30 54.50
CA PHE U 221 60.05 -74.89 55.29
C PHE U 221 61.16 -75.42 54.41
N VAL U 222 62.38 -75.08 54.73
CA VAL U 222 63.53 -75.58 54.02
C VAL U 222 64.49 -76.13 55.05
N PRO U 223 64.86 -77.43 54.91
CA PRO U 223 65.77 -77.91 55.94
C PRO U 223 67.19 -77.43 55.79
N GLU U 224 67.92 -77.54 56.88
CA GLU U 224 69.27 -77.05 57.02
C GLU U 224 70.25 -77.57 55.97
N HIS U 225 70.14 -78.84 55.61
CA HIS U 225 71.09 -79.42 54.65
C HIS U 225 70.88 -78.91 53.22
N ARG U 226 69.77 -78.23 52.97
CA ARG U 226 69.50 -77.64 51.68
C ARG U 226 69.65 -76.12 51.69
N VAL U 227 70.48 -75.60 52.58
CA VAL U 227 70.71 -74.16 52.73
C VAL U 227 72.20 -73.95 52.95
N ILE U 228 72.80 -73.05 52.18
CA ILE U 228 74.20 -72.67 52.39
C ILE U 228 74.28 -71.19 52.42
N SER U 229 75.42 -70.68 52.89
CA SER U 229 75.60 -69.22 52.91
C SER U 229 75.77 -68.76 51.50
N GLY U 230 75.42 -67.51 51.28
CA GLY U 230 75.62 -66.87 50.00
C GLY U 230 77.10 -66.87 49.68
N GLU U 231 77.93 -66.72 50.71
CA GLU U 231 79.38 -66.77 50.52
C GLU U 231 79.84 -68.11 49.97
N LEU U 232 79.29 -69.20 50.46
CA LEU U 232 79.66 -70.51 50.00
C LEU U 232 79.18 -70.79 48.57
N GLN U 233 78.00 -70.27 48.24
CA GLN U 233 77.43 -70.42 46.92
C GLN U 233 78.28 -69.77 45.82
N ARG U 234 78.91 -68.64 46.14
CA ARG U 234 79.75 -67.95 45.17
C ARG U 234 81.20 -68.31 45.29
N SER U 235 81.53 -69.25 46.18
CA SER U 235 82.93 -69.56 46.48
C SER U 235 83.66 -70.21 45.31
N ARG U 236 84.95 -69.94 45.23
CA ARG U 236 85.81 -70.57 44.24
C ARG U 236 86.93 -71.33 44.94
N GLU U 237 86.73 -71.72 46.20
CA GLU U 237 87.74 -72.50 46.92
C GLU U 237 87.97 -73.89 46.36
N SER U 238 87.00 -74.43 45.64
CA SER U 238 87.15 -75.76 45.07
C SER U 238 88.06 -75.77 43.85
N ALA U 239 88.55 -74.61 43.43
CA ALA U 239 89.41 -74.53 42.28
C ALA U 239 90.66 -75.35 42.41
N THR U 240 91.21 -75.46 43.62
CA THR U 240 92.44 -76.21 43.85
C THR U 240 92.27 -77.60 44.47
N ASP U 241 91.04 -78.06 44.64
CA ASP U 241 90.75 -79.32 45.31
C ASP U 241 90.95 -80.52 44.38
N LEU U 242 92.06 -81.22 44.57
CA LEU U 242 92.39 -82.40 43.74
C LEU U 242 91.44 -83.59 43.96
N GLY U 243 90.74 -83.61 45.08
CA GLY U 243 89.72 -84.62 45.36
C GLY U 243 88.50 -84.55 44.47
N LEU U 244 88.15 -83.36 44.01
CA LEU U 244 87.01 -83.17 43.12
C LEU U 244 87.35 -83.44 41.67
N PRO U 245 86.35 -83.90 40.87
CA PRO U 245 86.63 -83.97 39.43
C PRO U 245 86.83 -82.57 38.84
N PRO U 246 87.49 -82.46 37.66
CA PRO U 246 87.73 -81.08 37.19
C PRO U 246 86.55 -80.16 36.99
N LEU U 247 85.40 -80.64 36.54
CA LEU U 247 84.24 -79.78 36.36
C LEU U 247 83.83 -79.06 37.63
N PHE U 248 83.96 -79.70 38.77
CA PHE U 248 83.54 -79.08 40.01
C PHE U 248 84.61 -78.15 40.59
N ARG U 249 85.74 -78.03 39.91
CA ARG U 249 86.74 -77.06 40.26
C ARG U 249 86.54 -75.75 39.51
N THR U 250 85.69 -75.77 38.46
CA THR U 250 85.46 -74.67 37.55
C THR U 250 84.84 -73.49 38.28
N ALA U 251 85.20 -72.28 37.86
CA ALA U 251 84.55 -71.08 38.36
C ALA U 251 83.12 -71.02 37.81
N ALA U 252 82.15 -71.36 38.65
CA ALA U 252 80.82 -71.73 38.15
C ALA U 252 80.03 -70.58 37.55
N ILE U 253 80.07 -69.44 38.21
CA ILE U 253 79.31 -68.27 37.78
C ILE U 253 79.86 -67.75 36.47
N ALA U 254 81.17 -67.74 36.33
CA ALA U 254 81.79 -67.34 35.08
C ALA U 254 81.44 -68.32 33.98
N ALA U 255 81.41 -69.61 34.31
CA ALA U 255 81.11 -70.63 33.33
C ALA U 255 79.71 -70.48 32.81
N MET U 256 78.80 -70.14 33.69
CA MET U 256 77.40 -69.98 33.35
C MET U 256 77.23 -68.81 32.40
N ALA U 257 77.95 -67.72 32.67
CA ALA U 257 77.91 -66.56 31.82
C ALA U 257 78.46 -66.86 30.43
N VAL U 258 79.51 -67.66 30.34
CA VAL U 258 80.07 -68.05 29.05
C VAL U 258 79.08 -68.84 28.21
N VAL U 259 78.34 -69.75 28.82
CA VAL U 259 77.36 -70.53 28.05
C VAL U 259 76.10 -69.71 27.72
N CYS U 260 75.74 -68.74 28.54
CA CYS U 260 74.62 -67.84 28.20
C CYS U 260 75.00 -67.04 26.94
N ALA U 261 76.23 -66.55 26.92
CA ALA U 261 76.74 -65.88 25.74
C ALA U 261 76.71 -66.80 24.51
N SER U 262 77.03 -68.08 24.72
CA SER U 262 77.02 -69.04 23.60
C SER U 262 75.65 -69.20 22.97
N VAL U 263 74.61 -69.12 23.78
CA VAL U 263 73.23 -69.19 23.29
C VAL U 263 72.99 -68.03 22.32
N VAL U 264 73.35 -66.84 22.76
CA VAL U 264 73.20 -65.64 21.93
C VAL U 264 74.04 -65.75 20.65
N LEU U 265 75.30 -66.13 20.83
CA LEU U 265 76.23 -66.27 19.71
C LEU U 265 75.67 -67.22 18.65
N GLY U 266 75.23 -68.38 19.08
CA GLY U 266 74.67 -69.35 18.17
C GLY U 266 73.49 -68.83 17.34
N ALA U 267 72.62 -68.01 17.96
CA ALA U 267 71.48 -67.42 17.24
C ALA U 267 71.98 -66.49 16.15
N GLY U 268 73.04 -65.76 16.49
CA GLY U 268 73.68 -64.86 15.53
C GLY U 268 74.28 -65.61 14.36
N GLN U 269 74.94 -66.71 14.67
CA GLN U 269 75.51 -67.54 13.62
C GLN U 269 74.45 -68.13 12.74
N ALA U 270 73.33 -68.54 13.32
CA ALA U 270 72.21 -69.05 12.50
C ALA U 270 71.65 -67.98 11.56
N ALA U 271 71.54 -66.76 12.09
CA ALA U 271 71.12 -65.61 11.32
C ALA U 271 72.04 -65.40 10.14
N ARG U 272 73.35 -65.48 10.38
CA ARG U 272 74.33 -65.30 9.31
C ARG U 272 74.16 -66.35 8.23
N ALA U 273 74.09 -67.61 8.64
CA ALA U 273 73.89 -68.71 7.68
C ALA U 273 72.63 -68.53 6.83
N LEU U 274 71.55 -68.05 7.44
CA LEU U 274 70.30 -67.80 6.72
C LEU U 274 70.42 -66.69 5.66
N VAL U 275 71.02 -65.56 6.04
CA VAL U 275 71.28 -64.46 5.08
C VAL U 275 72.15 -64.94 3.91
N VAL U 276 73.16 -65.76 4.21
CA VAL U 276 74.00 -66.38 3.16
C VAL U 276 73.20 -67.32 2.23
N GLU U 277 72.34 -68.12 2.84
CA GLU U 277 71.50 -69.05 2.13
C GLU U 277 70.55 -68.38 1.16
N LYS U 278 69.95 -67.27 1.58
CA LYS U 278 68.96 -66.57 0.78
C LYS U 278 69.45 -65.53 -0.19
N ALA U 279 70.70 -65.11 -0.08
CA ALA U 279 71.21 -63.99 -0.85
C ALA U 279 71.22 -64.20 -2.35
N PRO U 280 71.49 -65.45 -2.82
CA PRO U 280 71.50 -65.58 -4.27
C PRO U 280 70.12 -65.52 -4.92
N THR U 281 69.05 -65.65 -4.17
CA THR U 281 67.72 -65.59 -4.78
C THR U 281 66.88 -64.35 -4.48
N ARG U 282 67.45 -63.32 -3.88
CA ARG U 282 66.71 -62.07 -3.60
C ARG U 282 67.54 -60.93 -4.12
N GLY U 283 66.89 -59.79 -4.26
CA GLY U 283 67.53 -58.56 -4.67
C GLY U 283 67.56 -57.51 -3.58
N ILE U 284 68.08 -56.34 -3.94
CA ILE U 284 68.17 -55.18 -3.07
C ILE U 284 67.35 -54.08 -3.72
N ALA U 285 66.12 -53.94 -3.24
CA ALA U 285 65.25 -52.91 -3.75
C ALA U 285 65.69 -51.56 -3.26
N PRO U 286 65.53 -50.54 -4.11
CA PRO U 286 65.02 -50.56 -5.49
C PRO U 286 66.15 -50.47 -6.49
N SER U 287 67.26 -51.11 -6.17
CA SER U 287 68.45 -50.95 -6.98
C SER U 287 68.37 -51.83 -8.21
N LYS U 288 69.35 -51.67 -9.08
CA LYS U 288 69.55 -52.56 -10.21
C LYS U 288 70.03 -53.98 -9.83
N TYR U 289 70.47 -54.16 -8.58
CA TYR U 289 70.92 -55.47 -8.10
C TYR U 289 69.74 -56.42 -7.85
N THR U 290 69.39 -57.21 -8.84
CA THR U 290 68.28 -58.18 -8.69
C THR U 290 68.71 -59.40 -7.86
N ARG U 291 70.00 -59.64 -7.75
CA ARG U 291 70.59 -60.66 -6.89
C ARG U 291 71.51 -59.99 -5.89
N GLN U 292 71.36 -60.31 -4.60
CA GLN U 292 72.17 -59.65 -3.54
C GLN U 292 73.67 -59.84 -3.74
N THR U 293 74.01 -61.04 -4.21
CA THR U 293 75.41 -61.45 -4.46
C THR U 293 76.07 -60.71 -5.62
N ASP U 294 75.27 -60.08 -6.47
CA ASP U 294 75.80 -59.21 -7.52
C ASP U 294 76.32 -57.88 -7.00
N SER U 295 75.89 -57.48 -5.82
CA SER U 295 76.33 -56.23 -5.24
C SER U 295 77.57 -56.42 -4.39
N ARG U 296 78.64 -55.79 -4.81
CA ARG U 296 79.87 -55.90 -4.08
C ARG U 296 79.82 -55.20 -2.74
N THR U 297 79.00 -54.16 -2.61
CA THR U 297 78.80 -53.51 -1.34
C THR U 297 78.17 -54.47 -0.37
N PHE U 298 77.22 -55.24 -0.87
CA PHE U 298 76.55 -56.25 -0.07
C PHE U 298 77.53 -57.32 0.36
N VAL U 299 78.33 -57.81 -0.59
CA VAL U 299 79.23 -58.90 -0.31
C VAL U 299 80.30 -58.51 0.69
N SER U 300 80.91 -57.35 0.50
CA SER U 300 81.96 -56.90 1.41
C SER U 300 81.40 -56.56 2.79
N SER U 301 80.19 -56.04 2.86
CA SER U 301 79.57 -55.75 4.14
C SER U 301 79.33 -57.01 4.90
N LEU U 302 78.89 -58.05 4.18
CA LEU U 302 78.60 -59.31 4.80
C LEU U 302 79.88 -59.95 5.33
N GLY U 303 80.98 -59.77 4.63
CA GLY U 303 82.25 -60.25 5.09
C GLY U 303 82.64 -59.61 6.39
N ARG U 304 82.42 -58.30 6.50
CA ARG U 304 82.72 -57.57 7.72
C ARG U 304 81.84 -58.04 8.90
N THR U 305 80.56 -58.23 8.65
CA THR U 305 79.64 -58.65 9.67
C THR U 305 79.99 -60.04 10.13
N ALA U 306 80.36 -60.88 9.19
CA ALA U 306 80.77 -62.21 9.51
C ALA U 306 82.02 -62.20 10.38
N LEU U 307 83.00 -61.33 10.07
CA LEU U 307 84.19 -61.25 10.94
C LEU U 307 83.87 -60.76 12.35
N SER U 308 82.91 -59.86 12.54
CA SER U 308 82.51 -59.51 13.94
C SER U 308 81.97 -60.70 14.69
N ILE U 309 81.12 -61.47 14.03
CA ILE U 309 80.56 -62.67 14.63
C ILE U 309 81.67 -63.68 14.93
N ASP U 310 82.62 -63.81 14.01
CA ASP U 310 83.83 -64.65 14.24
C ASP U 310 84.61 -64.19 15.49
N ALA U 311 84.74 -62.89 15.66
CA ALA U 311 85.39 -62.37 16.83
C ALA U 311 84.62 -62.70 18.10
N ALA U 312 83.30 -62.61 18.04
CA ALA U 312 82.50 -62.93 19.21
C ALA U 312 82.69 -64.39 19.58
N GLU U 313 82.77 -65.25 18.57
CA GLU U 313 83.00 -66.66 18.77
C GLU U 313 84.33 -66.93 19.46
N MET U 314 85.36 -66.24 19.04
CA MET U 314 86.66 -66.38 19.63
C MET U 314 86.71 -65.88 21.08
N HIS U 315 86.00 -64.80 21.39
CA HIS U 315 85.92 -64.28 22.76
C HIS U 315 85.31 -65.32 23.68
N VAL U 316 84.27 -65.97 23.19
CA VAL U 316 83.58 -66.99 23.95
C VAL U 316 84.47 -68.20 24.13
N ALA U 317 85.11 -68.65 23.05
CA ALA U 317 85.98 -69.81 23.12
C ALA U 317 87.18 -69.57 24.01
N ARG U 318 87.76 -68.38 23.95
CA ARG U 318 88.92 -68.06 24.78
C ARG U 318 88.54 -68.16 26.24
N ALA U 319 87.39 -67.61 26.61
CA ALA U 319 86.95 -67.64 28.00
C ALA U 319 86.67 -69.05 28.46
N ALA U 320 86.01 -69.82 27.60
CA ALA U 320 85.77 -71.21 27.92
C ALA U 320 87.05 -71.99 28.18
N THR U 321 88.04 -71.75 27.34
CA THR U 321 89.34 -72.42 27.44
C THR U 321 90.08 -72.00 28.67
N ALA U 322 90.04 -70.73 29.02
CA ALA U 322 90.69 -70.29 30.24
C ALA U 322 90.07 -71.00 31.45
N LEU U 323 88.74 -71.11 31.47
CA LEU U 323 88.05 -71.76 32.57
C LEU U 323 88.36 -73.25 32.66
N ASP U 324 88.37 -73.93 31.53
CA ASP U 324 88.71 -75.35 31.49
C ASP U 324 90.17 -75.63 31.82
N ASP U 325 91.09 -74.82 31.33
CA ASP U 325 92.50 -75.07 31.59
C ASP U 325 92.76 -74.96 33.08
N ALA U 326 92.15 -73.99 33.73
CA ALA U 326 92.32 -73.82 35.16
C ALA U 326 91.74 -74.97 35.95
N ALA U 327 90.58 -75.45 35.54
CA ALA U 327 89.94 -76.56 36.23
C ALA U 327 90.74 -77.85 36.10
N TYR U 328 91.25 -78.11 34.90
CA TYR U 328 92.05 -79.28 34.65
C TYR U 328 93.38 -79.26 35.40
N ASP U 329 93.99 -78.10 35.52
CA ASP U 329 95.26 -77.97 36.21
C ASP U 329 95.07 -77.78 37.68
N ALA U 330 93.82 -77.66 38.13
CA ALA U 330 93.56 -77.41 39.55
C ALA U 330 94.21 -76.13 40.11
N VAL U 331 94.29 -75.10 39.27
CA VAL U 331 94.74 -73.77 39.71
C VAL U 331 93.55 -72.81 39.81
N ALA U 332 93.68 -71.86 40.72
CA ALA U 332 92.71 -70.78 40.89
C ALA U 332 92.98 -69.74 39.82
N LEU U 333 91.92 -69.30 39.16
CA LEU U 333 91.98 -68.15 38.28
C LEU U 333 92.13 -66.92 39.14
N PRO U 334 93.14 -66.06 38.85
CA PRO U 334 93.19 -64.81 39.57
C PRO U 334 92.04 -63.90 39.17
N ASP U 335 91.77 -62.89 39.98
CA ASP U 335 90.68 -61.96 39.71
C ASP U 335 90.80 -61.32 38.34
N SER U 336 92.01 -60.97 37.93
CA SER U 336 92.19 -60.32 36.64
C SER U 336 91.70 -61.20 35.48
N GLU U 337 91.90 -62.49 35.58
CA GLU U 337 91.44 -63.36 34.54
C GLU U 337 89.91 -63.46 34.50
N LEU U 338 89.27 -63.46 35.65
CA LEU U 338 87.81 -63.50 35.73
C LEU U 338 87.17 -62.21 35.24
N LEU U 339 87.81 -61.09 35.54
CA LEU U 339 87.34 -59.80 35.09
C LEU U 339 87.44 -59.71 33.59
N ARG U 340 88.48 -60.31 33.01
CA ARG U 340 88.60 -60.37 31.58
C ARG U 340 87.51 -61.25 30.97
N ILE U 341 87.15 -62.34 31.63
CA ILE U 341 86.10 -63.21 31.11
C ILE U 341 84.78 -62.46 31.08
N ARG U 342 84.52 -61.65 32.11
CA ARG U 342 83.29 -60.88 32.15
C ARG U 342 83.24 -59.89 31.00
N GLY U 343 84.38 -59.30 30.68
CA GLY U 343 84.50 -58.42 29.53
C GLY U 343 84.30 -59.15 28.22
N ASP U 344 84.89 -60.33 28.07
CA ASP U 344 84.73 -61.12 26.84
C ASP U 344 83.29 -61.45 26.54
N VAL U 345 82.53 -61.85 27.54
CA VAL U 345 81.15 -62.26 27.31
C VAL U 345 80.21 -61.12 26.94
N GLY U 346 80.36 -59.98 27.60
CA GLY U 346 79.58 -58.83 27.24
C GLY U 346 79.93 -58.32 25.88
N GLN U 347 81.21 -58.31 25.58
CA GLN U 347 81.69 -57.90 24.29
C GLN U 347 81.20 -58.84 23.20
N ALA U 348 81.20 -60.14 23.44
CA ALA U 348 80.74 -61.08 22.40
C ALA U 348 79.27 -60.86 22.07
N VAL U 349 78.44 -60.70 23.09
CA VAL U 349 77.00 -60.54 22.83
C VAL U 349 76.68 -59.20 22.22
N SER U 350 77.45 -58.21 22.60
CA SER U 350 77.34 -56.88 21.99
C SER U 350 77.69 -56.87 20.50
N LEU U 351 78.75 -57.57 20.18
CA LEU U 351 79.15 -57.80 18.82
C LEU U 351 78.03 -58.54 18.06
N VAL U 352 77.38 -59.51 18.68
CA VAL U 352 76.31 -60.26 18.03
C VAL U 352 75.06 -59.42 17.80
N THR U 353 74.66 -58.59 18.74
CA THR U 353 73.49 -57.76 18.54
C THR U 353 73.73 -56.72 17.46
N THR U 354 74.94 -56.14 17.38
CA THR U 354 75.26 -55.20 16.34
C THR U 354 75.24 -55.93 14.99
N ALA U 355 75.77 -57.13 14.96
CA ALA U 355 75.83 -57.89 13.72
C ALA U 355 74.43 -58.28 13.22
N LEU U 356 73.51 -58.53 14.14
CA LEU U 356 72.15 -58.85 13.77
C LEU U 356 71.46 -57.66 13.10
N ASP U 357 71.73 -56.47 13.60
CA ASP U 357 71.22 -55.25 13.00
C ASP U 357 71.74 -55.14 11.58
N GLU U 358 73.01 -55.47 11.39
CA GLU U 358 73.63 -55.50 10.08
C GLU U 358 73.02 -56.55 9.17
N LEU U 359 72.68 -57.73 9.70
CA LEU U 359 72.09 -58.77 8.89
C LEU U 359 70.68 -58.40 8.41
N LEU U 360 69.92 -57.65 9.20
CA LEU U 360 68.61 -57.15 8.78
C LEU U 360 68.74 -56.14 7.65
N TRP U 361 69.78 -55.31 7.71
CA TRP U 361 70.05 -54.39 6.61
C TRP U 361 70.39 -55.17 5.35
N ALA U 362 71.11 -56.26 5.50
CA ALA U 362 71.46 -57.07 4.37
C ALA U 362 70.24 -57.76 3.76
N HIS U 363 69.44 -58.37 4.61
CA HIS U 363 68.32 -59.15 4.14
C HIS U 363 67.14 -58.33 3.64
N GLY U 364 66.82 -57.25 4.32
CA GLY U 364 65.73 -56.39 3.88
C GLY U 364 64.49 -56.48 4.76
N ALA U 365 63.44 -55.85 4.28
CA ALA U 365 62.17 -55.76 4.99
C ALA U 365 61.51 -57.11 5.25
N ALA U 366 61.76 -58.08 4.38
CA ALA U 366 61.22 -59.41 4.51
C ALA U 366 61.65 -60.10 5.80
N SER U 367 62.75 -59.63 6.37
CA SER U 367 63.26 -60.25 7.57
C SER U 367 62.31 -60.09 8.75
N PHE U 368 61.38 -59.14 8.68
CA PHE U 368 60.47 -58.91 9.80
C PHE U 368 59.16 -59.66 9.67
N ALA U 369 59.00 -60.48 8.63
CA ALA U 369 57.79 -61.27 8.52
C ALA U 369 57.78 -62.35 9.59
N GLU U 370 56.61 -62.67 10.12
CA GLU U 370 56.49 -63.74 11.12
C GLU U 370 56.97 -65.07 10.60
N SER U 371 56.83 -65.28 9.30
CA SER U 371 57.31 -66.51 8.71
C SER U 371 58.82 -66.61 8.54
N ASN U 372 59.56 -65.51 8.73
CA ASN U 372 61.00 -65.53 8.52
C ASN U 372 61.76 -65.81 9.82
N PRO U 373 62.59 -66.86 9.85
CA PRO U 373 63.36 -67.15 11.09
C PRO U 373 64.34 -66.03 11.51
N LEU U 374 64.66 -65.13 10.60
CA LEU U 374 65.62 -64.10 10.90
C LEU U 374 65.18 -63.19 12.04
N GLN U 375 63.92 -62.79 12.07
CA GLN U 375 63.42 -61.95 13.15
C GLN U 375 63.34 -62.69 14.48
N ARG U 376 63.19 -64.01 14.44
CA ARG U 376 63.21 -64.82 15.66
C ARG U 376 64.57 -64.82 16.29
N TYR U 377 65.61 -65.00 15.50
CA TYR U 377 66.96 -64.99 16.02
C TYR U 377 67.23 -63.60 16.57
N TRP U 378 66.76 -62.58 15.86
CA TRP U 378 66.97 -61.20 16.24
C TRP U 378 66.29 -60.88 17.58
N ARG U 379 65.05 -61.30 17.74
CA ARG U 379 64.36 -61.03 19.01
C ARG U 379 64.90 -61.85 20.18
N ASP U 380 65.20 -63.11 19.97
CA ASP U 380 65.71 -63.94 21.04
C ASP U 380 67.12 -63.58 21.50
N ALA U 381 68.01 -63.33 20.56
CA ALA U 381 69.37 -62.96 20.91
C ALA U 381 69.41 -61.61 21.60
N ASN U 382 68.62 -60.67 21.14
CA ASN U 382 68.57 -59.34 21.74
C ASN U 382 68.04 -59.35 23.16
N THR U 383 66.99 -60.15 23.41
CA THR U 383 66.39 -60.27 24.72
C THR U 383 67.37 -60.89 25.70
N ALA U 384 67.95 -62.01 25.30
CA ALA U 384 68.88 -62.76 26.15
C ALA U 384 70.18 -62.02 26.43
N ALA U 385 70.63 -61.24 25.48
CA ALA U 385 71.86 -60.51 25.62
C ALA U 385 71.88 -59.52 26.79
N ARG U 386 70.72 -59.01 27.17
CA ARG U 386 70.60 -58.03 28.25
C ARG U 386 70.47 -58.66 29.61
N HIS U 387 70.72 -59.95 29.71
CA HIS U 387 70.82 -60.60 30.99
C HIS U 387 71.94 -59.92 31.75
N ALA U 388 71.78 -59.77 33.04
CA ALA U 388 72.72 -59.04 33.89
C ALA U 388 74.17 -59.52 33.85
N MET U 389 74.39 -60.82 33.73
CA MET U 389 75.71 -61.36 33.70
C MET U 389 76.38 -61.15 32.36
N LEU U 390 75.63 -60.66 31.39
CA LEU U 390 76.19 -60.34 30.09
C LEU U 390 76.27 -58.85 29.79
N ASN U 391 76.08 -57.98 30.79
CA ASN U 391 76.00 -56.53 30.51
C ASN U 391 77.30 -56.05 29.96
N VAL U 392 77.25 -55.46 28.77
CA VAL U 392 78.47 -55.04 28.06
C VAL U 392 79.21 -53.88 28.75
N HIS U 393 78.45 -52.89 29.20
CA HIS U 393 79.02 -51.74 29.89
C HIS U 393 79.68 -52.11 31.22
N VAL U 394 79.06 -53.04 31.94
CA VAL U 394 79.64 -53.51 33.21
C VAL U 394 80.91 -54.29 32.91
N GLY U 395 80.88 -55.12 31.87
CA GLY U 395 82.06 -55.89 31.48
C GLY U 395 83.22 -55.01 31.10
N HIS U 396 82.93 -53.96 30.37
CA HIS U 396 83.96 -53.00 29.96
C HIS U 396 84.59 -52.35 31.16
N GLU U 397 83.78 -51.99 32.15
CA GLU U 397 84.26 -51.34 33.33
C GLU U 397 85.07 -52.30 34.20
N LEU U 398 84.63 -53.55 34.28
CA LEU U 398 85.36 -54.56 35.03
C LEU U 398 86.73 -54.89 34.44
N TYR U 399 86.79 -55.05 33.13
CA TYR U 399 88.03 -55.40 32.49
C TYR U 399 88.98 -54.24 32.55
N GLY U 400 88.47 -53.03 32.34
CA GLY U 400 89.27 -51.83 32.37
C GLY U 400 89.87 -51.62 33.74
N GLY U 401 89.05 -51.92 34.75
CA GLY U 401 89.43 -51.78 36.12
C GLY U 401 90.54 -52.70 36.54
N SER U 402 90.57 -53.89 35.95
CA SER U 402 91.57 -54.89 36.27
C SER U 402 92.96 -54.41 35.94
N PHE U 403 93.11 -53.60 34.92
CA PHE U 403 94.42 -53.05 34.56
C PHE U 403 95.07 -52.21 35.64
N PHE U 404 94.27 -51.66 36.56
CA PHE U 404 94.71 -50.77 37.64
C PHE U 404 94.40 -51.30 39.04
N GLY U 405 93.83 -52.51 39.12
CA GLY U 405 93.42 -53.09 40.39
C GLY U 405 92.37 -52.31 41.17
N LEU U 406 91.39 -51.74 40.47
CA LEU U 406 90.28 -51.03 41.11
C LEU U 406 89.34 -52.01 41.76
N ASP U 407 88.57 -51.56 42.75
CA ASP U 407 87.58 -52.42 43.38
C ASP U 407 86.52 -52.79 42.36
N PRO U 408 86.24 -54.10 42.19
CA PRO U 408 85.21 -54.36 41.19
C PRO U 408 83.83 -53.80 41.53
N ILE U 409 83.05 -53.54 40.50
CA ILE U 409 81.74 -52.94 40.65
C ILE U 409 80.66 -53.98 40.81
N VAL U 410 81.03 -55.25 40.84
CA VAL U 410 80.07 -56.31 41.07
C VAL U 410 80.47 -57.01 42.35
N PRO U 411 79.49 -57.60 43.07
CA PRO U 411 79.92 -58.20 44.33
C PRO U 411 80.69 -59.52 44.23
N SER U 412 80.44 -60.34 43.22
CA SER U 412 81.22 -61.58 43.10
C SER U 412 81.67 -61.82 41.68
N LEU U 413 82.73 -62.60 41.56
CA LEU U 413 83.28 -62.96 40.26
C LEU U 413 83.18 -64.44 40.01
N THR V 18 102.35 -85.23 21.61
CA THR V 18 102.54 -83.78 21.91
C THR V 18 104.02 -83.49 22.19
N ASP V 19 104.91 -84.41 21.82
CA ASP V 19 106.31 -84.21 22.07
C ASP V 19 106.79 -83.00 21.25
N ILE V 20 106.39 -82.99 19.98
CA ILE V 20 106.77 -81.89 19.06
C ILE V 20 106.07 -80.59 19.48
N ARG V 21 104.83 -80.73 19.92
CA ARG V 21 104.05 -79.59 20.35
C ARG V 21 104.82 -78.93 21.50
N SER V 22 105.40 -79.74 22.37
CA SER V 22 106.13 -79.19 23.49
C SER V 22 107.40 -78.49 23.04
N GLU V 23 108.06 -79.10 22.07
CA GLU V 23 109.32 -78.62 21.52
C GLU V 23 109.14 -77.29 20.84
N THR V 24 108.08 -77.17 20.06
CA THR V 24 107.80 -75.96 19.31
C THR V 24 107.49 -74.83 20.27
N ALA V 25 106.76 -75.14 21.33
CA ALA V 25 106.46 -74.15 22.36
C ALA V 25 107.70 -73.73 23.12
N GLU V 26 108.61 -74.64 23.35
CA GLU V 26 109.84 -74.31 24.05
C GLU V 26 110.71 -73.37 23.25
N LEU V 27 110.78 -73.59 21.95
CA LEU V 27 111.58 -72.76 21.09
C LEU V 27 111.00 -71.36 21.01
N ARG V 28 109.68 -71.27 20.91
CA ARG V 28 109.03 -70.00 20.82
C ARG V 28 109.32 -69.15 22.04
N ALA V 29 109.27 -69.76 23.21
CA ALA V 29 109.55 -69.05 24.44
C ALA V 29 110.98 -68.56 24.46
N GLU V 30 111.90 -69.38 23.98
CA GLU V 30 113.30 -69.01 23.92
C GLU V 30 113.49 -67.82 22.99
N LEU V 31 112.81 -67.83 21.85
CA LEU V 31 112.92 -66.75 20.89
C LEU V 31 112.29 -65.49 21.41
N VAL V 32 111.21 -65.61 22.15
CA VAL V 32 110.59 -64.44 22.73
C VAL V 32 111.55 -63.86 23.75
N GLU V 33 112.23 -64.70 24.51
CA GLU V 33 113.19 -64.20 25.48
C GLU V 33 114.36 -63.53 24.76
N ARG V 34 114.74 -64.01 23.58
CA ARG V 34 115.79 -63.32 22.82
C ARG V 34 115.41 -61.91 22.43
N VAL V 35 114.15 -61.74 22.01
CA VAL V 35 113.62 -60.42 21.70
C VAL V 35 113.77 -59.50 22.91
N HIS V 36 113.46 -59.98 24.10
CA HIS V 36 113.61 -59.16 25.30
C HIS V 36 115.05 -58.82 25.61
N LYS V 37 115.94 -59.76 25.34
CA LYS V 37 117.34 -59.54 25.54
C LYS V 37 117.94 -58.49 24.62
N PHE V 38 117.60 -58.59 23.34
CA PHE V 38 118.13 -57.68 22.33
C PHE V 38 117.29 -56.44 22.17
N GLY V 39 116.13 -56.41 22.80
CA GLY V 39 115.19 -55.31 22.65
C GLY V 39 115.74 -53.93 23.02
N PRO V 40 116.48 -53.82 24.13
CA PRO V 40 117.08 -52.54 24.47
C PRO V 40 118.00 -51.96 23.38
N VAL V 41 118.67 -52.80 22.58
CA VAL V 41 119.51 -52.32 21.47
C VAL V 41 118.61 -51.69 20.39
N PHE V 42 117.58 -52.41 20.01
CA PHE V 42 116.65 -51.93 19.00
C PHE V 42 116.00 -50.62 19.43
N ALA V 43 115.60 -50.56 20.69
CA ALA V 43 114.97 -49.37 21.24
C ALA V 43 115.91 -48.17 21.24
N ASP V 44 117.16 -48.44 21.53
CA ASP V 44 118.19 -47.42 21.55
C ASP V 44 118.44 -46.75 20.23
N GLY V 45 118.24 -47.48 19.15
CA GLY V 45 118.45 -46.96 17.82
C GLY V 45 117.22 -46.39 17.16
N VAL V 46 116.13 -46.19 17.89
CA VAL V 46 114.91 -45.65 17.32
C VAL V 46 115.13 -44.24 16.81
N ALA V 47 115.78 -43.40 17.59
CA ALA V 47 115.98 -42.01 17.17
C ALA V 47 116.85 -41.87 15.93
N GLU V 48 117.91 -42.65 15.84
CA GLU V 48 118.74 -42.61 14.67
C GLU V 48 117.99 -43.13 13.46
N GLY V 49 117.23 -44.20 13.64
CA GLY V 49 116.50 -44.79 12.55
C GLY V 49 115.47 -43.86 11.95
N GLU V 50 114.81 -43.11 12.81
CA GLU V 50 113.79 -42.16 12.44
C GLU V 50 114.38 -41.01 11.62
N ARG V 51 115.55 -40.58 12.06
CA ARG V 51 116.36 -39.52 11.47
C ARG V 51 116.96 -39.90 10.12
N GLU V 52 117.49 -41.10 10.01
CA GLU V 52 118.17 -41.56 8.81
C GLU V 52 117.37 -42.42 7.84
N ARG V 53 116.19 -42.88 8.25
CA ARG V 53 115.35 -43.73 7.40
C ARG V 53 116.00 -45.06 7.00
N ARG V 54 116.77 -45.62 7.93
CA ARG V 54 117.41 -46.93 7.75
C ARG V 54 117.68 -47.43 9.17
N LEU V 55 117.88 -48.73 9.33
CA LEU V 55 118.15 -49.29 10.65
C LEU V 55 119.60 -49.00 11.00
N PRO V 56 119.87 -48.60 12.25
CA PRO V 56 121.27 -48.42 12.66
C PRO V 56 122.12 -49.66 12.61
N ASP V 57 123.43 -49.51 12.52
CA ASP V 57 124.34 -50.65 12.45
C ASP V 57 124.18 -51.58 13.67
N ALA V 58 123.98 -51.02 14.85
CA ALA V 58 123.85 -51.84 16.04
C ALA V 58 122.62 -52.76 15.96
N THR V 59 121.53 -52.23 15.41
CA THR V 59 120.30 -52.98 15.23
C THR V 59 120.49 -54.13 14.26
N VAL V 60 121.18 -53.87 13.15
CA VAL V 60 121.44 -54.90 12.18
C VAL V 60 122.31 -55.97 12.81
N ARG V 61 123.29 -55.56 13.61
CA ARG V 61 124.15 -56.52 14.29
C ARG V 61 123.34 -57.40 15.22
N ALA V 62 122.44 -56.78 15.98
CA ALA V 62 121.61 -57.51 16.91
C ALA V 62 120.67 -58.47 16.18
N ILE V 63 120.17 -58.09 15.01
CA ILE V 63 119.33 -58.98 14.24
C ILE V 63 120.12 -60.20 13.82
N ASP V 64 121.37 -60.01 13.42
CA ASP V 64 122.20 -61.15 12.98
C ASP V 64 122.61 -62.06 14.15
N GLN V 65 122.98 -61.47 15.28
CA GLN V 65 123.34 -62.26 16.47
C GLN V 65 122.19 -63.00 17.08
N SER V 66 121.00 -62.37 17.15
CA SER V 66 119.80 -63.01 17.71
C SER V 66 119.23 -64.15 16.88
N GLN V 67 119.61 -64.18 15.61
CA GLN V 67 119.12 -65.15 14.62
C GLN V 67 117.63 -64.96 14.30
N LEU V 68 117.07 -63.78 14.60
CA LEU V 68 115.65 -63.49 14.37
C LEU V 68 115.25 -63.37 12.90
N ALA V 69 116.24 -63.19 12.04
CA ALA V 69 116.04 -63.27 10.60
C ALA V 69 116.01 -64.72 10.07
N MET V 70 116.25 -65.68 10.94
CA MET V 70 116.47 -67.08 10.53
C MET V 70 115.30 -68.03 10.87
N LEU V 71 114.22 -67.48 11.39
CA LEU V 71 113.08 -68.29 11.77
C LEU V 71 112.48 -69.07 10.63
N TRP V 72 112.46 -68.51 9.43
CA TRP V 72 111.92 -69.22 8.28
C TRP V 72 112.97 -69.72 7.29
N THR V 73 114.17 -69.90 7.80
CA THR V 73 115.27 -70.46 7.03
C THR V 73 115.36 -71.93 7.41
N ALA V 74 115.65 -72.76 6.42
CA ALA V 74 115.71 -74.21 6.65
C ALA V 74 116.82 -74.66 7.57
N LYS V 75 116.54 -75.72 8.31
CA LYS V 75 117.48 -76.37 9.24
C LYS V 75 118.68 -76.92 8.52
N SER V 76 118.45 -77.40 7.31
CA SER V 76 119.51 -77.96 6.51
C SER V 76 120.60 -76.92 6.22
N TYR V 77 120.24 -75.63 6.21
CA TYR V 77 121.24 -74.56 6.05
C TYR V 77 121.66 -73.87 7.36
N GLY V 78 121.29 -74.44 8.51
CA GLY V 78 121.55 -73.82 9.82
C GLY V 78 120.50 -72.82 10.32
N GLY V 79 119.34 -72.80 9.66
CA GLY V 79 118.21 -71.98 10.11
C GLY V 79 117.39 -72.61 11.22
N LEU V 80 116.55 -71.82 11.85
CA LEU V 80 115.75 -72.27 12.98
C LEU V 80 114.48 -73.03 12.55
N GLU V 81 114.04 -72.80 11.32
CA GLU V 81 112.88 -73.49 10.71
C GLU V 81 111.66 -73.65 11.66
N THR V 82 111.04 -72.54 12.05
CA THR V 82 109.90 -72.55 12.98
C THR V 82 108.57 -72.63 12.21
N ASP V 83 107.51 -72.09 12.77
CA ASP V 83 106.21 -72.10 12.12
C ASP V 83 105.64 -70.70 12.13
N VAL V 84 104.45 -70.55 11.59
CA VAL V 84 103.86 -69.22 11.48
C VAL V 84 103.57 -68.59 12.84
N ARG V 85 103.05 -69.39 13.75
CA ARG V 85 102.69 -68.89 15.04
C ARG V 85 103.88 -68.37 15.80
N THR V 86 105.02 -69.02 15.70
CA THR V 86 106.21 -68.56 16.39
C THR V 86 106.68 -67.23 15.84
N MET V 87 106.67 -67.11 14.53
CA MET V 87 107.12 -65.91 13.86
C MET V 87 106.22 -64.75 14.25
N SER V 88 104.92 -65.01 14.32
CA SER V 88 103.93 -64.05 14.69
C SER V 88 104.13 -63.56 16.12
N GLU V 89 104.34 -64.47 17.06
CA GLU V 89 104.56 -64.05 18.44
C GLU V 89 105.86 -63.26 18.58
N VAL V 90 106.88 -63.61 17.82
CA VAL V 90 108.13 -62.85 17.84
C VAL V 90 107.95 -61.42 17.30
N ALA V 91 107.25 -61.32 16.18
CA ALA V 91 106.93 -60.01 15.57
C ALA V 91 106.18 -59.07 16.51
N LYS V 92 105.22 -59.62 17.24
CA LYS V 92 104.42 -58.82 18.17
C LYS V 92 105.28 -58.23 19.27
N VAL V 93 106.19 -59.02 19.80
CA VAL V 93 107.04 -58.56 20.90
C VAL V 93 108.09 -57.59 20.39
N LEU V 94 108.64 -57.86 19.22
CA LEU V 94 109.59 -56.95 18.58
C LEU V 94 109.08 -55.54 18.42
N SER V 95 107.83 -55.41 17.98
CA SER V 95 107.19 -54.10 17.81
C SER V 95 107.18 -53.20 19.05
N HIS V 96 107.21 -53.78 20.24
CA HIS V 96 107.29 -52.98 21.45
C HIS V 96 108.56 -52.16 21.49
N TYR V 97 109.64 -52.70 20.96
CA TYR V 97 110.91 -52.05 21.03
C TYR V 97 111.15 -51.17 19.82
N CYS V 98 110.89 -51.70 18.63
CA CYS V 98 111.01 -50.90 17.39
C CYS V 98 110.11 -51.50 16.32
N PRO V 99 108.99 -50.81 15.99
CA PRO V 99 108.11 -51.35 14.95
C PRO V 99 108.79 -51.50 13.58
N SER V 100 109.73 -50.61 13.26
CA SER V 100 110.47 -50.73 12.00
C SER V 100 111.35 -51.99 11.90
N THR V 101 112.06 -52.29 12.99
CA THR V 101 112.86 -53.50 13.11
C THR V 101 111.97 -54.71 12.98
N SER V 102 110.86 -54.69 13.70
CA SER V 102 109.88 -55.79 13.60
C SER V 102 109.42 -55.97 12.16
N TRP V 103 109.12 -54.87 11.50
CA TRP V 103 108.68 -54.94 10.13
C TRP V 103 109.75 -55.52 9.21
N VAL V 104 110.99 -55.11 9.42
CA VAL V 104 112.06 -55.60 8.58
C VAL V 104 112.28 -57.09 8.82
N VAL V 105 112.36 -57.47 10.08
CA VAL V 105 112.58 -58.84 10.44
C VAL V 105 111.47 -59.73 9.83
N ASN V 106 110.24 -59.28 9.88
CA ASN V 106 109.10 -59.98 9.29
C ASN V 106 109.27 -60.13 7.78
N ASN V 107 109.69 -59.06 7.13
CA ASN V 107 109.88 -59.09 5.70
C ASN V 107 111.00 -60.04 5.32
N VAL V 108 112.08 -60.06 6.08
CA VAL V 108 113.21 -60.93 5.77
C VAL V 108 112.81 -62.42 5.82
N ASN V 109 112.19 -62.81 6.93
CA ASN V 109 111.75 -64.17 7.09
C ASN V 109 110.79 -64.54 5.99
N GLY V 110 109.84 -63.67 5.70
CA GLY V 110 108.89 -63.95 4.64
C GLY V 110 109.56 -64.08 3.29
N SER V 111 110.55 -63.25 3.04
CA SER V 111 111.25 -63.33 1.77
C SER V 111 112.03 -64.62 1.66
N ASN V 112 112.65 -65.01 2.77
CA ASN V 112 113.41 -66.25 2.82
C ASN V 112 112.48 -67.43 2.57
N LEU V 113 111.25 -67.37 3.10
CA LEU V 113 110.32 -68.45 2.87
C LEU V 113 109.93 -68.49 1.40
N LEU V 114 109.77 -67.32 0.78
CA LEU V 114 109.42 -67.25 -0.64
C LEU V 114 110.52 -67.81 -1.51
N ALA V 115 111.75 -67.69 -1.05
CA ALA V 115 112.88 -68.21 -1.78
C ALA V 115 112.83 -69.72 -1.98
N SER V 116 112.18 -70.43 -1.08
CA SER V 116 112.07 -71.86 -1.19
C SER V 116 111.32 -72.38 -2.42
N LYS V 117 110.62 -71.53 -3.15
CA LYS V 117 110.04 -71.95 -4.42
C LYS V 117 111.06 -72.06 -5.53
N PHE V 118 112.22 -71.47 -5.34
CA PHE V 118 113.30 -71.54 -6.32
C PHE V 118 114.01 -72.89 -6.30
N PRO V 119 114.77 -73.21 -7.38
CA PRO V 119 115.45 -74.49 -7.34
C PRO V 119 116.53 -74.59 -6.30
N ARG V 120 116.94 -75.82 -6.04
CA ARG V 120 117.97 -76.10 -5.05
C ARG V 120 119.26 -75.39 -5.38
N ALA V 121 119.56 -75.26 -6.65
CA ALA V 121 120.76 -74.55 -7.08
C ALA V 121 120.80 -73.11 -6.57
N ALA V 122 119.67 -72.43 -6.67
CA ALA V 122 119.52 -71.06 -6.17
C ALA V 122 119.60 -71.02 -4.65
N LEU V 123 118.87 -71.91 -4.00
CA LEU V 123 118.87 -71.97 -2.54
C LEU V 123 120.26 -72.23 -1.95
N ASP V 124 121.01 -73.13 -2.58
CA ASP V 124 122.40 -73.40 -2.18
C ASP V 124 123.25 -72.15 -2.37
N GLU V 125 123.09 -71.48 -3.51
CA GLU V 125 123.84 -70.25 -3.77
C GLU V 125 123.55 -69.16 -2.73
N VAL V 126 122.30 -69.08 -2.26
CA VAL V 126 121.90 -68.07 -1.28
C VAL V 126 122.30 -68.44 0.15
N PHE V 127 121.91 -69.65 0.57
CA PHE V 127 122.02 -70.10 1.99
C PHE V 127 123.18 -71.05 2.33
N GLY V 128 123.82 -71.60 1.29
CA GLY V 128 124.89 -72.58 1.42
C GLY V 128 126.01 -72.27 2.38
N ASP V 129 126.56 -71.05 2.32
CA ASP V 129 127.63 -70.59 3.22
C ASP V 129 127.15 -69.41 4.07
N ALA V 130 125.83 -69.20 4.17
CA ALA V 130 125.24 -68.02 4.82
C ALA V 130 123.95 -68.43 5.49
N PRO V 131 124.03 -69.09 6.65
CA PRO V 131 122.81 -69.43 7.42
C PRO V 131 121.93 -68.19 7.76
N GLY V 132 122.59 -67.04 7.99
CA GLY V 132 121.92 -65.77 8.26
C GLY V 132 121.66 -64.88 7.04
N ALA V 133 121.55 -65.48 5.85
CA ALA V 133 121.23 -64.71 4.67
C ALA V 133 119.87 -64.01 4.82
N LYS V 134 119.80 -62.79 4.29
CA LYS V 134 118.62 -61.93 4.41
C LYS V 134 118.12 -61.46 3.06
N LEU V 135 116.91 -61.86 2.70
CA LEU V 135 116.29 -61.45 1.42
C LEU V 135 115.27 -60.30 1.55
N ALA V 136 115.24 -59.48 0.52
CA ALA V 136 114.13 -58.59 0.22
C ALA V 136 113.21 -59.27 -0.78
N SER V 137 112.04 -58.70 -0.94
CA SER V 137 111.15 -59.17 -1.97
C SER V 137 110.14 -58.09 -2.27
N VAL V 138 110.01 -57.75 -3.54
CA VAL V 138 109.07 -56.74 -3.96
C VAL V 138 108.24 -57.24 -5.12
N PHE V 139 106.92 -57.22 -4.92
CA PHE V 139 105.93 -57.64 -5.88
C PHE V 139 105.17 -56.38 -6.38
N ALA V 140 105.60 -55.23 -5.86
CA ALA V 140 105.03 -53.90 -6.13
C ALA V 140 105.33 -53.28 -7.49
N ALA V 141 106.15 -53.95 -8.30
CA ALA V 141 106.42 -53.49 -9.65
C ALA V 141 106.72 -54.70 -10.44
N ALA V 142 106.70 -54.47 -11.72
CA ALA V 142 107.23 -55.39 -12.64
C ALA V 142 108.30 -54.62 -13.40
N GLY V 143 109.30 -55.38 -13.78
CA GLY V 143 110.41 -54.92 -14.54
C GLY V 143 110.16 -55.74 -15.77
N THR V 144 111.07 -55.63 -16.70
CA THR V 144 110.85 -56.28 -17.93
C THR V 144 112.10 -57.12 -18.16
N ALA V 145 111.87 -58.37 -18.53
CA ALA V 145 112.93 -59.33 -18.71
C ALA V 145 112.85 -59.97 -20.07
N VAL V 146 114.00 -60.20 -20.67
CA VAL V 146 114.03 -60.82 -21.98
C VAL V 146 115.06 -61.94 -21.98
N ARG V 147 114.75 -62.99 -22.72
CA ARG V 147 115.64 -64.15 -22.82
C ARG V 147 116.96 -63.83 -23.47
N THR V 148 118.02 -64.38 -22.89
CA THR V 148 119.38 -64.23 -23.38
C THR V 148 119.98 -65.61 -23.19
N PRO V 149 121.13 -65.93 -23.86
CA PRO V 149 121.64 -67.27 -23.61
C PRO V 149 122.09 -67.48 -22.19
N GLY V 150 121.62 -68.57 -21.61
CA GLY V 150 121.92 -68.94 -20.22
C GLY V 150 121.03 -68.29 -19.18
N GLY V 151 120.09 -67.45 -19.60
CA GLY V 151 119.24 -66.79 -18.65
C GLY V 151 118.35 -65.69 -19.19
N TYR V 152 118.40 -64.54 -18.50
CA TYR V 152 117.59 -63.38 -18.84
C TYR V 152 118.39 -62.09 -18.65
N ARG V 153 117.92 -61.04 -19.31
CA ARG V 153 118.41 -59.67 -19.11
C ARG V 153 117.22 -58.91 -18.53
N LEU V 154 117.42 -58.28 -17.37
CA LEU V 154 116.35 -57.70 -16.57
C LEU V 154 116.54 -56.19 -16.35
N THR V 155 115.48 -55.45 -16.60
CA THR V 155 115.46 -54.00 -16.39
C THR V 155 114.18 -53.64 -15.64
N GLY V 156 114.29 -52.77 -14.67
CA GLY V 156 113.12 -52.29 -13.93
C GLY V 156 113.42 -51.37 -12.77
N SER V 157 112.36 -50.90 -12.15
CA SER V 157 112.44 -50.04 -10.99
C SER V 157 111.37 -50.45 -9.98
N TRP V 158 111.79 -50.95 -8.83
CA TRP V 158 110.88 -51.58 -7.85
C TRP V 158 110.85 -50.75 -6.57
N PRO V 159 109.76 -49.99 -6.32
CA PRO V 159 109.62 -49.26 -5.04
C PRO V 159 109.20 -50.18 -3.88
N TYR V 160 109.19 -49.62 -2.67
CA TYR V 160 108.84 -50.33 -1.45
C TYR V 160 109.73 -51.55 -1.13
N GLY V 161 111.04 -51.38 -1.27
CA GLY V 161 111.97 -52.50 -1.03
C GLY V 161 112.37 -52.52 0.41
N THR V 162 111.50 -53.04 1.28
CA THR V 162 111.80 -53.10 2.70
C THR V 162 113.12 -53.79 3.02
N GLY V 163 113.91 -53.08 3.81
CA GLY V 163 115.19 -53.57 4.30
C GLY V 163 116.28 -53.83 3.26
N ILE V 164 116.11 -53.30 2.06
CA ILE V 164 117.02 -53.60 0.93
C ILE V 164 118.45 -53.16 1.19
N LEU V 165 118.62 -52.07 1.93
CA LEU V 165 119.96 -51.61 2.31
C LEU V 165 120.80 -52.62 3.08
N HIS V 166 120.17 -53.52 3.85
CA HIS V 166 120.89 -54.54 4.64
C HIS V 166 120.79 -55.93 4.04
N ASP V 167 120.16 -56.06 2.88
CA ASP V 167 119.82 -57.40 2.37
C ASP V 167 120.91 -57.92 1.42
N ASP V 168 121.01 -59.24 1.36
CA ASP V 168 122.02 -59.92 0.58
C ASP V 168 121.51 -60.23 -0.81
N TRP V 169 120.21 -60.51 -0.90
CA TRP V 169 119.54 -60.81 -2.18
C TRP V 169 118.14 -60.18 -2.19
N ALA V 170 117.53 -60.14 -3.37
CA ALA V 170 116.19 -59.58 -3.56
C ALA V 170 115.42 -60.45 -4.52
N ILE V 171 114.16 -60.73 -4.18
CA ILE V 171 113.24 -61.40 -5.09
C ILE V 171 112.40 -60.34 -5.73
N LEU V 172 112.51 -60.23 -7.05
CA LEU V 172 111.80 -59.20 -7.80
C LEU V 172 110.90 -59.81 -8.85
N VAL V 173 109.70 -59.24 -8.99
CA VAL V 173 108.73 -59.67 -9.99
C VAL V 173 108.98 -58.96 -11.31
N ALA V 174 108.81 -59.69 -12.41
CA ALA V 174 108.99 -59.10 -13.72
C ALA V 174 108.11 -59.72 -14.76
N ARG V 175 108.01 -59.04 -15.88
CA ARG V 175 107.24 -59.55 -17.00
C ARG V 175 108.22 -59.93 -18.05
N GLU V 176 108.13 -61.17 -18.52
CA GLU V 176 108.95 -61.60 -19.63
C GLU V 176 108.38 -61.03 -20.93
N VAL V 177 109.27 -60.62 -21.83
CA VAL V 177 108.86 -60.11 -23.12
C VAL V 177 109.77 -60.70 -24.18
N ASP V 178 109.30 -60.68 -25.42
CA ASP V 178 110.10 -61.21 -26.53
C ASP V 178 110.91 -60.09 -27.19
N ALA V 179 111.56 -60.42 -28.30
CA ALA V 179 112.36 -59.47 -29.04
C ALA V 179 111.49 -58.34 -29.55
N ASP V 180 110.28 -58.68 -29.94
CA ASP V 180 109.32 -57.67 -30.37
C ASP V 180 108.92 -56.77 -29.21
N GLY V 181 108.97 -57.31 -27.99
CA GLY V 181 108.58 -56.54 -26.82
C GLY V 181 107.17 -56.86 -26.37
N GLU V 182 106.61 -57.92 -26.95
CA GLU V 182 105.30 -58.40 -26.58
C GLU V 182 105.36 -59.22 -25.29
N PRO V 183 104.33 -59.16 -24.45
CA PRO V 183 104.37 -59.94 -23.20
C PRO V 183 104.32 -61.46 -23.39
N VAL V 184 105.17 -62.16 -22.66
CA VAL V 184 105.21 -63.62 -22.72
C VAL V 184 104.65 -64.26 -21.48
N GLY V 185 105.06 -63.78 -20.32
CA GLY V 185 104.58 -64.37 -19.08
C GLY V 185 105.14 -63.64 -17.89
N GLY V 186 104.79 -64.10 -16.69
CA GLY V 186 105.27 -63.49 -15.46
C GLY V 186 106.46 -64.24 -14.90
N LEU V 187 107.39 -63.53 -14.27
CA LEU V 187 108.56 -64.18 -13.66
C LEU V 187 108.87 -63.72 -12.26
N SER V 188 109.55 -64.56 -11.51
CA SER V 188 110.10 -64.18 -10.25
C SER V 188 111.60 -64.39 -10.33
N MET V 189 112.36 -63.37 -9.94
CA MET V 189 113.80 -63.42 -10.14
C MET V 189 114.60 -63.12 -8.92
N LEU V 190 115.63 -63.92 -8.71
CA LEU V 190 116.45 -63.78 -7.52
C LEU V 190 117.76 -63.12 -7.91
N VAL V 191 118.02 -61.94 -7.37
CA VAL V 191 119.22 -61.22 -7.76
C VAL V 191 119.97 -60.69 -6.56
N PRO V 192 121.29 -60.78 -6.59
CA PRO V 192 122.15 -60.42 -5.47
C PRO V 192 122.40 -58.94 -5.33
N ALA V 193 122.86 -58.57 -4.13
CA ALA V 193 123.10 -57.19 -3.77
C ALA V 193 124.14 -56.54 -4.69
N ARG V 194 125.15 -57.30 -5.08
CA ARG V 194 126.20 -56.82 -5.96
C ARG V 194 125.64 -56.33 -7.30
N ASP V 195 124.58 -56.96 -7.78
CA ASP V 195 123.95 -56.56 -9.01
C ASP V 195 122.91 -55.47 -8.88
N LEU V 196 122.55 -55.07 -7.67
CA LEU V 196 121.50 -54.06 -7.48
C LEU V 196 122.03 -52.67 -7.24
N THR V 197 121.17 -51.71 -7.46
CA THR V 197 121.39 -50.34 -7.13
C THR V 197 120.20 -49.88 -6.32
N VAL V 198 120.43 -49.07 -5.31
CA VAL V 198 119.35 -48.60 -4.48
C VAL V 198 119.22 -47.11 -4.62
N GLU V 199 118.01 -46.67 -4.85
CA GLU V 199 117.71 -45.28 -5.06
C GLU V 199 116.94 -44.79 -3.83
N ASP V 200 117.29 -43.60 -3.36
CA ASP V 200 116.69 -43.11 -2.13
C ASP V 200 115.33 -42.47 -2.40
N THR V 201 114.28 -43.24 -2.15
CA THR V 201 112.94 -42.78 -2.38
C THR V 201 111.99 -42.90 -1.21
N TRP V 202 112.44 -43.42 -0.08
CA TRP V 202 111.54 -43.68 1.03
C TRP V 202 111.48 -42.46 1.96
N HIS V 203 110.46 -41.64 1.75
CA HIS V 203 110.23 -40.46 2.56
C HIS V 203 108.82 -40.49 3.10
N THR V 204 108.69 -40.96 4.33
CA THR V 204 107.38 -41.20 4.89
C THR V 204 107.30 -40.70 6.30
N VAL V 205 106.08 -40.68 6.83
CA VAL V 205 105.87 -40.21 8.19
C VAL V 205 105.76 -41.36 9.18
N GLY V 206 105.88 -42.58 8.69
CA GLY V 206 105.83 -43.76 9.57
C GLY V 206 106.65 -44.87 8.96
N MET V 207 107.11 -45.78 9.81
CA MET V 207 107.96 -46.89 9.41
C MET V 207 109.19 -46.38 8.65
N ARG V 208 109.75 -45.26 9.12
CA ARG V 208 110.86 -44.63 8.45
C ARG V 208 112.12 -45.48 8.38
N ALA V 209 112.48 -46.14 9.47
CA ALA V 209 113.71 -46.93 9.51
C ALA V 209 113.65 -48.23 8.70
N THR V 210 112.48 -48.58 8.19
CA THR V 210 112.38 -49.76 7.34
C THR V 210 113.16 -49.61 6.05
N GLY V 211 113.47 -48.39 5.62
CA GLY V 211 114.27 -48.17 4.44
C GLY V 211 113.72 -48.83 3.19
N SER V 212 112.44 -48.65 2.97
CA SER V 212 111.75 -49.25 1.84
C SER V 212 111.96 -48.45 0.55
N HIS V 213 113.20 -48.46 0.11
CA HIS V 213 113.67 -47.66 -1.01
C HIS V 213 113.40 -48.33 -2.34
N THR V 214 113.81 -47.71 -3.45
CA THR V 214 113.57 -48.25 -4.77
C THR V 214 114.81 -49.02 -5.25
N VAL V 215 114.56 -50.23 -5.73
CA VAL V 215 115.59 -51.07 -6.34
C VAL V 215 115.58 -50.80 -7.83
N VAL V 216 116.75 -50.52 -8.38
CA VAL V 216 116.89 -50.23 -9.80
C VAL V 216 117.83 -51.18 -10.50
N LEU V 217 117.39 -51.70 -11.64
CA LEU V 217 118.19 -52.61 -12.43
C LEU V 217 118.20 -52.18 -13.86
N ARG V 218 119.35 -52.24 -14.50
CA ARG V 218 119.41 -51.92 -15.91
C ARG V 218 120.20 -52.96 -16.69
N ASP V 219 119.50 -53.69 -17.54
CA ASP V 219 120.10 -54.69 -18.40
C ASP V 219 120.94 -55.71 -17.61
N THR V 220 120.43 -56.11 -16.46
CA THR V 220 121.14 -56.99 -15.55
C THR V 220 120.94 -58.44 -15.92
N PHE V 221 122.03 -59.19 -15.93
CA PHE V 221 121.96 -60.60 -16.27
C PHE V 221 121.52 -61.41 -15.06
N VAL V 222 120.55 -62.26 -15.27
CA VAL V 222 120.09 -63.16 -14.23
C VAL V 222 120.10 -64.56 -14.81
N PRO V 223 120.84 -65.50 -14.17
CA PRO V 223 120.83 -66.82 -14.78
C PRO V 223 119.53 -67.58 -14.58
N GLU V 224 119.36 -68.58 -15.41
CA GLU V 224 118.16 -69.39 -15.47
C GLU V 224 117.77 -70.04 -14.15
N HIS V 225 118.75 -70.53 -13.38
CA HIS V 225 118.43 -71.24 -12.14
C HIS V 225 117.92 -70.30 -11.04
N ARG V 226 118.05 -69.00 -11.24
CA ARG V 226 117.56 -68.03 -10.29
C ARG V 226 116.31 -67.32 -10.82
N VAL V 227 115.55 -67.99 -11.68
CA VAL V 227 114.34 -67.43 -12.28
C VAL V 227 113.29 -68.52 -12.28
N ILE V 228 112.11 -68.23 -11.79
CA ILE V 228 110.98 -69.15 -11.88
C ILE V 228 109.79 -68.42 -12.43
N SER V 229 108.78 -69.17 -12.84
CA SER V 229 107.56 -68.53 -13.34
C SER V 229 106.85 -67.91 -12.17
N GLY V 230 106.08 -66.88 -12.47
CA GLY V 230 105.23 -66.24 -11.49
C GLY V 230 104.27 -67.26 -10.93
N GLU V 231 103.81 -68.18 -11.78
CA GLU V 231 102.92 -69.24 -11.35
C GLU V 231 103.55 -70.13 -10.28
N LEU V 232 104.82 -70.47 -10.45
CA LEU V 232 105.51 -71.30 -9.50
C LEU V 232 105.77 -70.57 -8.18
N GLN V 233 106.04 -69.28 -8.26
CA GLN V 233 106.29 -68.46 -7.09
C GLN V 233 105.07 -68.38 -6.17
N ARG V 234 103.87 -68.36 -6.73
CA ARG V 234 102.66 -68.27 -5.94
C ARG V 234 102.05 -69.61 -5.67
N SER V 235 102.71 -70.69 -6.08
CA SER V 235 102.13 -72.05 -6.02
C SER V 235 101.96 -72.54 -4.59
N ARG V 236 100.93 -73.34 -4.37
CA ARG V 236 100.71 -74.00 -3.09
C ARG V 236 100.71 -75.52 -3.28
N GLU V 237 101.35 -76.02 -4.32
CA GLU V 237 101.44 -77.46 -4.55
C GLU V 237 102.27 -78.19 -3.51
N SER V 238 103.17 -77.49 -2.83
CA SER V 238 103.99 -78.13 -1.81
C SER V 238 103.22 -78.39 -0.52
N ALA V 239 101.95 -77.99 -0.46
CA ALA V 239 101.14 -78.19 0.73
C ALA V 239 101.01 -79.65 1.10
N THR V 240 100.98 -80.55 0.13
CA THR V 240 100.83 -81.98 0.38
C THR V 240 102.10 -82.81 0.27
N ASP V 241 103.23 -82.18 0.07
CA ASP V 241 104.50 -82.89 -0.15
C ASP V 241 105.13 -83.36 1.16
N LEU V 242 105.00 -84.66 1.43
CA LEU V 242 105.55 -85.25 2.66
C LEU V 242 107.09 -85.25 2.72
N GLY V 243 107.74 -85.12 1.56
CA GLY V 243 109.19 -85.00 1.47
C GLY V 243 109.76 -83.72 2.05
N LEU V 244 108.98 -82.64 2.00
CA LEU V 244 109.37 -81.35 2.56
C LEU V 244 109.14 -81.25 4.05
N PRO V 245 109.97 -80.46 4.77
CA PRO V 245 109.58 -80.21 6.16
C PRO V 245 108.30 -79.39 6.25
N PRO V 246 107.60 -79.41 7.41
CA PRO V 246 106.32 -78.68 7.42
C PRO V 246 106.32 -77.21 7.06
N LEU V 247 107.34 -76.45 7.43
CA LEU V 247 107.38 -75.03 7.10
C LEU V 247 107.28 -74.77 5.61
N PHE V 248 107.91 -75.62 4.81
CA PHE V 248 107.89 -75.40 3.37
C PHE V 248 106.62 -75.91 2.71
N ARG V 249 105.70 -76.46 3.50
CA ARG V 249 104.40 -76.82 3.00
C ARG V 249 103.41 -75.68 3.20
N THR V 250 103.78 -74.70 4.03
CA THR V 250 102.91 -73.60 4.42
C THR V 250 102.54 -72.74 3.25
N ALA V 251 101.31 -72.23 3.26
CA ALA V 251 100.87 -71.25 2.26
C ALA V 251 101.61 -69.94 2.50
N ALA V 252 102.62 -69.67 1.69
CA ALA V 252 103.65 -68.69 2.04
C ALA V 252 103.16 -67.25 2.05
N ILE V 253 102.39 -66.88 1.04
CA ILE V 253 101.90 -65.52 0.90
C ILE V 253 100.93 -65.19 2.01
N ALA V 254 100.08 -66.14 2.36
CA ALA V 254 99.18 -65.95 3.47
C ALA V 254 99.96 -65.84 4.78
N ALA V 255 101.00 -66.63 4.93
CA ALA V 255 101.80 -66.60 6.14
C ALA V 255 102.49 -65.27 6.33
N MET V 256 102.96 -64.71 5.23
CA MET V 256 103.64 -63.44 5.25
C MET V 256 102.67 -62.32 5.68
N ALA V 257 101.44 -62.37 5.16
CA ALA V 257 100.43 -61.43 5.53
C ALA V 257 100.07 -61.52 7.02
N VAL V 258 100.02 -62.72 7.57
CA VAL V 258 99.74 -62.91 8.98
C VAL V 258 100.83 -62.28 9.86
N VAL V 259 102.10 -62.42 9.48
CA VAL V 259 103.16 -61.83 10.32
C VAL V 259 103.26 -60.32 10.11
N CYS V 260 102.88 -59.80 8.95
CA CYS V 260 102.83 -58.34 8.76
C CYS V 260 101.77 -57.75 9.68
N ALA V 261 100.62 -58.41 9.74
CA ALA V 261 99.58 -58.04 10.70
C ALA V 261 100.08 -58.09 12.14
N SER V 262 100.91 -59.09 12.45
CA SER V 262 101.45 -59.21 13.82
C SER V 262 102.32 -58.04 14.22
N VAL V 263 103.05 -57.48 13.27
CA VAL V 263 103.89 -56.30 13.51
C VAL V 263 102.98 -55.16 13.95
N VAL V 264 101.93 -54.93 13.18
CA VAL V 264 100.97 -53.87 13.49
C VAL V 264 100.31 -54.12 14.86
N LEU V 265 99.83 -55.33 15.05
CA LEU V 265 99.18 -55.72 16.28
C LEU V 265 100.05 -55.43 17.50
N GLY V 266 101.29 -55.88 17.44
CA GLY V 266 102.23 -55.67 18.53
C GLY V 266 102.42 -54.20 18.89
N ALA V 267 102.45 -53.32 17.89
CA ALA V 267 102.59 -51.88 18.14
C ALA V 267 101.37 -51.37 18.89
N GLY V 268 100.21 -51.87 18.51
CA GLY V 268 98.95 -51.54 19.18
C GLY V 268 98.94 -51.99 20.63
N GLN V 269 99.41 -53.21 20.85
CA GLN V 269 99.51 -53.72 22.20
C GLN V 269 100.49 -52.92 23.05
N ALA V 270 101.61 -52.49 22.45
CA ALA V 270 102.55 -51.64 23.19
C ALA V 270 101.93 -50.30 23.58
N ALA V 271 101.15 -49.74 22.64
CA ALA V 271 100.38 -48.53 22.86
C ALA V 271 99.44 -48.70 24.03
N ARG V 272 98.74 -49.82 24.08
CA ARG V 272 97.80 -50.08 25.17
C ARG V 272 98.53 -50.13 26.49
N ALA V 273 99.62 -50.91 26.55
CA ALA V 273 100.41 -51.02 27.78
C ALA V 273 100.88 -49.67 28.28
N LEU V 274 101.30 -48.80 27.36
CA LEU V 274 101.76 -47.46 27.72
C LEU V 274 100.67 -46.57 28.33
N VAL V 275 99.50 -46.54 27.70
CA VAL V 275 98.34 -45.81 28.23
C VAL V 275 97.97 -46.32 29.62
N VAL V 276 98.01 -47.64 29.83
CA VAL V 276 97.77 -48.24 31.16
C VAL V 276 98.81 -47.82 32.18
N GLU V 277 100.06 -47.81 31.76
CA GLU V 277 101.18 -47.43 32.60
C GLU V 277 101.08 -46.02 33.10
N LYS V 278 100.70 -45.10 32.22
CA LYS V 278 100.64 -43.68 32.53
C LYS V 278 99.35 -43.14 33.14
N ALA V 279 98.28 -43.89 33.09
CA ALA V 279 96.98 -43.41 33.50
C ALA V 279 96.87 -43.02 34.96
N PRO V 280 97.57 -43.76 35.87
CA PRO V 280 97.41 -43.32 37.26
C PRO V 280 98.11 -41.99 37.60
N THR V 281 99.03 -41.51 36.77
CA THR V 281 99.71 -40.25 37.07
C THR V 281 99.34 -39.04 36.21
N ARG V 282 98.29 -39.12 35.42
CA ARG V 282 97.85 -37.97 34.59
C ARG V 282 96.38 -37.81 34.79
N GLY V 283 95.89 -36.64 34.41
CA GLY V 283 94.47 -36.31 34.48
C GLY V 283 93.86 -36.14 33.10
N ILE V 284 92.59 -35.76 33.11
CA ILE V 284 91.79 -35.52 31.92
C ILE V 284 91.35 -34.09 31.96
N ALA V 285 92.09 -33.25 31.26
CA ALA V 285 91.75 -31.84 31.20
C ALA V 285 90.53 -31.60 30.36
N PRO V 286 89.72 -30.64 30.78
CA PRO V 286 89.81 -29.77 31.96
C PRO V 286 88.85 -30.24 33.05
N SER V 287 88.70 -31.55 33.18
CA SER V 287 87.70 -32.08 34.09
C SER V 287 88.21 -32.07 35.51
N LYS V 288 87.34 -32.43 36.42
CA LYS V 288 87.70 -32.66 37.82
C LYS V 288 88.53 -33.93 38.03
N TYR V 289 88.62 -34.81 37.03
CA TYR V 289 89.42 -36.03 37.13
C TYR V 289 90.93 -35.72 37.01
N THR V 290 91.57 -35.54 38.15
CA THR V 290 93.02 -35.28 38.18
C THR V 290 93.83 -36.55 37.92
N ARG V 291 93.21 -37.71 38.12
CA ARG V 291 93.79 -39.02 37.79
C ARG V 291 92.87 -39.70 36.78
N GLN V 292 93.43 -40.22 35.69
CA GLN V 292 92.62 -40.84 34.63
C GLN V 292 91.78 -42.03 35.13
N THR V 293 92.40 -42.79 36.04
CA THR V 293 91.81 -43.97 36.66
C THR V 293 90.63 -43.66 37.56
N ASP V 294 90.49 -42.41 37.99
CA ASP V 294 89.33 -41.97 38.74
C ASP V 294 88.08 -41.84 37.90
N SER V 295 88.24 -41.70 36.60
CA SER V 295 87.12 -41.56 35.71
C SER V 295 86.64 -42.90 35.22
N ARG V 296 85.41 -43.23 35.56
CA ARG V 296 84.84 -44.49 35.14
C ARG V 296 84.58 -44.54 33.65
N THR V 297 84.31 -43.39 33.04
CA THR V 297 84.17 -43.34 31.59
C THR V 297 85.48 -43.72 30.94
N PHE V 298 86.57 -43.23 31.49
CA PHE V 298 87.90 -43.57 30.98
C PHE V 298 88.19 -45.05 31.15
N VAL V 299 87.89 -45.58 32.33
CA VAL V 299 88.21 -46.95 32.63
C VAL V 299 87.41 -47.91 31.74
N SER V 300 86.12 -47.68 31.60
CA SER V 300 85.28 -48.54 30.80
C SER V 300 85.59 -48.42 29.31
N SER V 301 85.95 -47.24 28.85
CA SER V 301 86.36 -47.07 27.48
C SER V 301 87.61 -47.85 27.18
N LEU V 302 88.54 -47.82 28.12
CA LEU V 302 89.79 -48.50 27.94
C LEU V 302 89.56 -50.00 27.89
N GLY V 303 88.61 -50.49 28.67
CA GLY V 303 88.26 -51.89 28.66
C GLY V 303 87.76 -52.29 27.29
N ARG V 304 86.92 -51.46 26.71
CA ARG V 304 86.41 -51.71 25.38
C ARG V 304 87.50 -51.72 24.31
N THR V 305 88.40 -50.76 24.37
CA THR V 305 89.48 -50.65 23.44
C THR V 305 90.40 -51.83 23.55
N ALA V 306 90.67 -52.24 24.77
CA ALA V 306 91.47 -53.38 25.02
C ALA V 306 90.82 -54.63 24.43
N LEU V 307 89.51 -54.80 24.58
CA LEU V 307 88.85 -55.98 23.96
C LEU V 307 88.89 -55.98 22.43
N SER V 308 88.85 -54.82 21.76
CA SER V 308 89.08 -54.82 20.29
C SER V 308 90.46 -55.31 19.94
N ILE V 309 91.46 -54.85 20.66
CA ILE V 309 92.83 -55.30 20.43
C ILE V 309 92.95 -56.80 20.72
N ASP V 310 92.30 -57.27 21.78
CA ASP V 310 92.24 -58.72 22.08
C ASP V 310 91.60 -59.51 20.90
N ALA V 311 90.54 -58.96 20.31
CA ALA V 311 89.97 -59.57 19.15
C ALA V 311 90.94 -59.60 17.98
N ALA V 312 91.69 -58.55 17.77
CA ALA V 312 92.64 -58.51 16.67
C ALA V 312 93.68 -59.57 16.88
N GLU V 313 94.10 -59.75 18.12
CA GLU V 313 95.08 -60.76 18.47
C GLU V 313 94.59 -62.16 18.16
N MET V 314 93.34 -62.43 18.47
CA MET V 314 92.73 -63.71 18.20
C MET V 314 92.56 -63.98 16.71
N HIS V 315 92.24 -62.96 15.93
CA HIS V 315 92.13 -63.11 14.46
C HIS V 315 93.46 -63.55 13.88
N VAL V 316 94.52 -62.93 14.36
CA VAL V 316 95.85 -63.22 13.91
C VAL V 316 96.26 -64.63 14.33
N ALA V 317 96.02 -64.95 15.59
CA ALA V 317 96.37 -66.27 16.09
C ALA V 317 95.58 -67.36 15.38
N ARG V 318 94.31 -67.15 15.14
CA ARG V 318 93.49 -68.15 14.45
C ARG V 318 94.04 -68.44 13.07
N ALA V 319 94.41 -67.40 12.34
CA ALA V 319 94.95 -67.57 11.00
C ALA V 319 96.30 -68.27 11.04
N ALA V 320 97.14 -67.88 11.97
CA ALA V 320 98.41 -68.55 12.14
C ALA V 320 98.25 -70.06 12.39
N THR V 321 97.32 -70.38 13.27
CA THR V 321 97.03 -71.76 13.63
C THR V 321 96.46 -72.55 12.47
N ALA V 322 95.57 -71.96 11.69
CA ALA V 322 95.04 -72.64 10.54
C ALA V 322 96.18 -72.98 9.56
N LEU V 323 97.09 -72.04 9.36
CA LEU V 323 98.21 -72.24 8.45
C LEU V 323 99.16 -73.32 8.93
N ASP V 324 99.48 -73.31 10.22
CA ASP V 324 100.36 -74.32 10.80
C ASP V 324 99.74 -75.70 10.87
N ASP V 325 98.46 -75.79 11.19
CA ASP V 325 97.79 -77.08 11.27
C ASP V 325 97.80 -77.74 9.92
N ALA V 326 97.55 -76.97 8.86
CA ALA V 326 97.55 -77.53 7.53
C ALA V 326 98.94 -77.98 7.11
N ALA V 327 99.96 -77.21 7.46
CA ALA V 327 101.33 -77.58 7.11
C ALA V 327 101.79 -78.84 7.81
N TYR V 328 101.46 -78.95 9.09
CA TYR V 328 101.81 -80.11 9.87
C TYR V 328 101.09 -81.37 9.40
N ASP V 329 99.85 -81.25 8.99
CA ASP V 329 99.08 -82.38 8.52
C ASP V 329 99.32 -82.64 7.07
N ALA V 330 100.09 -81.81 6.39
CA ALA V 330 100.30 -81.97 4.97
C ALA V 330 99.02 -81.96 4.12
N VAL V 331 98.04 -81.17 4.54
CA VAL V 331 96.83 -80.94 3.74
C VAL V 331 96.85 -79.53 3.11
N ALA V 332 96.20 -79.46 1.94
CA ALA V 332 96.00 -78.19 1.25
C ALA V 332 94.84 -77.47 1.91
N LEU V 333 95.05 -76.18 2.19
CA LEU V 333 93.98 -75.29 2.61
C LEU V 333 93.10 -75.05 1.41
N PRO V 334 91.78 -75.23 1.56
CA PRO V 334 90.92 -74.85 0.45
C PRO V 334 90.89 -73.34 0.30
N ASP V 335 90.41 -72.87 -0.84
CA ASP V 335 90.33 -71.45 -1.11
C ASP V 335 89.55 -70.70 -0.06
N SER V 336 88.45 -71.28 0.41
CA SER V 336 87.62 -70.62 1.39
C SER V 336 88.39 -70.32 2.68
N GLU V 337 89.29 -71.18 3.07
CA GLU V 337 90.06 -70.96 4.27
C GLU V 337 91.09 -69.84 4.07
N LEU V 338 91.67 -69.76 2.89
CA LEU V 338 92.62 -68.69 2.58
C LEU V 338 91.95 -67.33 2.47
N LEU V 339 90.74 -67.32 1.93
CA LEU V 339 89.97 -66.11 1.80
C LEU V 339 89.60 -65.59 3.17
N ARG V 340 89.30 -66.50 4.08
CA ARG V 340 89.02 -66.14 5.44
C ARG V 340 90.26 -65.55 6.11
N ILE V 341 91.43 -66.10 5.85
CA ILE V 341 92.65 -65.60 6.45
C ILE V 341 92.91 -64.17 5.98
N ARG V 342 92.62 -63.89 4.71
CA ARG V 342 92.80 -62.55 4.18
C ARG V 342 91.88 -61.56 4.88
N GLY V 343 90.65 -62.00 5.16
CA GLY V 343 89.72 -61.21 5.93
C GLY V 343 90.15 -61.01 7.36
N ASP V 344 90.68 -62.04 8.01
CA ASP V 344 91.17 -61.92 9.38
C ASP V 344 92.28 -60.88 9.53
N VAL V 345 93.24 -60.87 8.61
CA VAL V 345 94.38 -59.97 8.74
C VAL V 345 94.01 -58.52 8.52
N GLY V 346 93.15 -58.23 7.55
CA GLY V 346 92.68 -56.88 7.31
C GLY V 346 91.83 -56.39 8.46
N GLN V 347 90.99 -57.27 8.95
CA GLN V 347 90.15 -56.97 10.08
C GLN V 347 90.99 -56.72 11.33
N ALA V 348 92.03 -57.52 11.57
CA ALA V 348 92.86 -57.30 12.77
C ALA V 348 93.54 -55.94 12.74
N VAL V 349 94.13 -55.58 11.60
CA VAL V 349 94.86 -54.30 11.53
C VAL V 349 93.92 -53.11 11.58
N SER V 350 92.75 -53.29 11.01
CA SER V 350 91.70 -52.26 11.08
C SER V 350 91.22 -51.99 12.52
N LEU V 351 91.04 -53.07 13.25
CA LEU V 351 90.74 -53.02 14.65
C LEU V 351 91.87 -52.31 15.40
N VAL V 352 93.12 -52.57 15.05
CA VAL V 352 94.25 -51.94 15.71
C VAL V 352 94.34 -50.44 15.43
N THR V 353 94.10 -50.02 14.20
CA THR V 353 94.16 -48.59 13.90
C THR V 353 93.03 -47.84 14.57
N THR V 354 91.83 -48.42 14.66
CA THR V 354 90.73 -47.78 15.34
C THR V 354 91.05 -47.70 16.83
N ALA V 355 91.63 -48.75 17.37
CA ALA V 355 91.99 -48.76 18.78
C ALA V 355 93.08 -47.73 19.12
N LEU V 356 94.00 -47.49 18.20
CA LEU V 356 95.01 -46.49 18.42
C LEU V 356 94.42 -45.09 18.49
N ASP V 357 93.42 -44.82 17.66
CA ASP V 357 92.71 -43.57 17.69
C ASP V 357 92.05 -43.40 19.05
N GLU V 358 91.48 -44.47 19.56
CA GLU V 358 90.91 -44.50 20.89
C GLU V 358 91.94 -44.28 21.99
N LEU V 359 93.13 -44.84 21.85
CA LEU V 359 94.16 -44.68 22.87
C LEU V 359 94.67 -43.24 22.94
N LEU V 360 94.70 -42.53 21.82
CA LEU V 360 95.07 -41.12 21.81
C LEU V 360 94.02 -40.28 22.51
N TRP V 361 92.75 -40.63 22.35
CA TRP V 361 91.69 -39.96 23.08
C TRP V 361 91.83 -40.20 24.56
N ALA V 362 92.25 -41.39 24.93
CA ALA V 362 92.46 -41.70 26.33
C ALA V 362 93.65 -40.95 26.92
N HIS V 363 94.76 -40.96 26.21
CA HIS V 363 95.98 -40.36 26.72
C HIS V 363 95.99 -38.84 26.69
N GLY V 364 95.48 -38.23 25.63
CA GLY V 364 95.41 -36.79 25.52
C GLY V 364 96.40 -36.20 24.56
N ALA V 365 96.49 -34.88 24.59
CA ALA V 365 97.35 -34.13 23.68
C ALA V 365 98.83 -34.45 23.81
N ALA V 366 99.27 -34.85 24.99
CA ALA V 366 100.64 -35.22 25.24
C ALA V 366 101.13 -36.37 24.37
N SER V 367 100.18 -37.15 23.87
CA SER V 367 100.55 -38.29 23.07
C SER V 367 101.22 -37.90 21.75
N PHE V 368 101.06 -36.67 21.32
CA PHE V 368 101.66 -36.23 20.05
C PHE V 368 103.02 -35.57 20.21
N ALA V 369 103.56 -35.54 21.41
CA ALA V 369 104.90 -35.01 21.60
C ALA V 369 105.92 -35.97 21.01
N GLU V 370 106.99 -35.44 20.43
CA GLU V 370 108.05 -36.28 19.85
C GLU V 370 108.67 -37.19 20.88
N SER V 371 108.71 -36.74 22.13
CA SER V 371 109.24 -37.56 23.19
C SER V 371 108.33 -38.72 23.65
N ASN V 372 107.08 -38.73 23.22
CA ASN V 372 106.15 -39.77 23.66
C ASN V 372 106.11 -40.96 22.71
N PRO V 373 106.41 -42.18 23.18
CA PRO V 373 106.35 -43.36 22.27
C PRO V 373 104.97 -43.65 21.66
N LEU V 374 103.92 -43.08 22.24
CA LEU V 374 102.59 -43.35 21.78
C LEU V 374 102.36 -42.94 20.32
N GLN V 375 102.85 -41.77 19.93
CA GLN V 375 102.70 -41.32 18.55
C GLN V 375 103.56 -42.13 17.59
N ARG V 376 104.65 -42.71 18.07
CA ARG V 376 105.48 -43.59 17.24
C ARG V 376 104.76 -44.85 16.88
N TYR V 377 104.09 -45.46 17.86
CA TYR V 377 103.33 -46.66 17.59
C TYR V 377 102.19 -46.32 16.65
N TRP V 378 101.59 -45.16 16.87
CA TRP V 378 100.47 -44.70 16.08
C TRP V 378 100.88 -44.48 14.62
N ARG V 379 102.01 -43.82 14.40
CA ARG V 379 102.44 -43.59 13.03
C ARG V 379 102.94 -44.85 12.34
N ASP V 380 103.69 -45.70 13.02
CA ASP V 380 104.19 -46.91 12.41
C ASP V 380 103.11 -47.96 12.10
N ALA V 381 102.20 -48.16 13.03
CA ALA V 381 101.13 -49.11 12.82
C ALA V 381 100.19 -48.66 11.71
N ASN V 382 99.88 -47.37 11.67
CA ASN V 382 98.99 -46.85 10.65
C ASN V 382 99.60 -46.93 9.25
N THR V 383 100.90 -46.66 9.13
CA THR V 383 101.59 -46.74 7.85
C THR V 383 101.64 -48.18 7.35
N ALA V 384 102.07 -49.08 8.20
CA ALA V 384 102.19 -50.49 7.85
C ALA V 384 100.87 -51.18 7.57
N ALA V 385 99.81 -50.77 8.24
CA ALA V 385 98.50 -51.35 8.06
C ALA V 385 97.96 -51.24 6.65
N ARG V 386 98.37 -50.20 5.91
CA ARG V 386 97.88 -49.96 4.56
C ARG V 386 98.68 -50.69 3.51
N HIS V 387 99.52 -51.60 3.91
CA HIS V 387 100.16 -52.49 2.98
C HIS V 387 99.09 -53.25 2.25
N ALA V 388 99.31 -53.49 0.96
CA ALA V 388 98.31 -54.11 0.09
C ALA V 388 97.75 -55.48 0.55
N MET V 389 98.58 -56.30 1.14
CA MET V 389 98.16 -57.60 1.59
C MET V 389 97.37 -57.53 2.87
N LEU V 390 97.25 -56.34 3.45
CA LEU V 390 96.46 -56.12 4.64
C LEU V 390 95.22 -55.28 4.38
N ASN V 391 94.85 -55.04 3.14
CA ASN V 391 93.75 -54.09 2.87
C ASN V 391 92.47 -54.61 3.45
N VAL V 392 91.85 -53.83 4.31
CA VAL V 392 90.64 -54.27 5.03
C VAL V 392 89.42 -54.44 4.12
N HIS V 393 89.22 -53.48 3.22
CA HIS V 393 88.09 -53.53 2.27
C HIS V 393 88.22 -54.72 1.29
N VAL V 394 89.44 -54.99 0.85
CA VAL V 394 89.66 -56.16 -0.03
C VAL V 394 89.41 -57.45 0.74
N GLY V 395 89.88 -57.51 1.98
CA GLY V 395 89.66 -58.69 2.81
C GLY V 395 88.19 -58.97 3.06
N HIS V 396 87.42 -57.91 3.31
CA HIS V 396 86.00 -58.02 3.52
C HIS V 396 85.32 -58.58 2.30
N GLU V 397 85.71 -58.10 1.14
CA GLU V 397 85.14 -58.54 -0.10
C GLU V 397 85.52 -59.98 -0.42
N LEU V 398 86.75 -60.37 -0.13
CA LEU V 398 87.22 -61.73 -0.34
C LEU V 398 86.51 -62.75 0.56
N TYR V 399 86.36 -62.43 1.84
CA TYR V 399 85.73 -63.32 2.76
C TYR V 399 84.26 -63.44 2.46
N GLY V 400 83.63 -62.32 2.14
CA GLY V 400 82.21 -62.29 1.83
C GLY V 400 81.93 -63.10 0.59
N GLY V 401 82.83 -63.01 -0.37
CA GLY V 401 82.73 -63.70 -1.61
C GLY V 401 82.82 -65.19 -1.48
N SER V 402 83.61 -65.65 -0.51
CA SER V 402 83.79 -67.06 -0.27
C SER V 402 82.52 -67.76 0.11
N PHE V 403 81.62 -67.06 0.78
CA PHE V 403 80.33 -67.63 1.15
C PHE V 403 79.47 -68.05 -0.05
N PHE V 404 79.71 -67.45 -1.21
CA PHE V 404 78.95 -67.70 -2.44
C PHE V 404 79.80 -68.22 -3.59
N GLY V 405 81.07 -68.51 -3.33
CA GLY V 405 82.00 -68.96 -4.37
C GLY V 405 82.21 -68.00 -5.53
N LEU V 406 82.26 -66.69 -5.27
CA LEU V 406 82.49 -65.69 -6.31
C LEU V 406 83.94 -65.74 -6.75
N ASP V 407 84.24 -65.24 -7.94
CA ASP V 407 85.63 -65.17 -8.39
C ASP V 407 86.39 -64.21 -7.50
N PRO V 408 87.54 -64.65 -6.94
CA PRO V 408 88.21 -63.66 -6.10
C PRO V 408 88.71 -62.43 -6.86
N ILE V 409 88.81 -61.33 -6.13
CA ILE V 409 89.19 -60.06 -6.70
C ILE V 409 90.69 -59.85 -6.67
N VAL V 410 91.42 -60.84 -6.18
CA VAL V 410 92.88 -60.76 -6.19
C VAL V 410 93.39 -61.89 -7.06
N PRO V 411 94.58 -61.74 -7.68
CA PRO V 411 94.97 -62.83 -8.56
C PRO V 411 95.47 -64.09 -7.87
N SER V 412 96.07 -64.00 -6.69
CA SER V 412 96.53 -65.20 -6.01
C SER V 412 96.20 -65.18 -4.53
N LEU V 413 96.11 -66.37 -3.96
CA LEU V 413 95.81 -66.53 -2.54
C LEU V 413 96.97 -67.19 -1.82
N THR W 18 65.30 -9.20 7.77
CA THR W 18 66.44 -10.04 7.29
C THR W 18 67.50 -9.17 6.63
N ASP W 19 67.46 -7.86 6.89
CA ASP W 19 68.42 -6.96 6.28
C ASP W 19 69.82 -7.29 6.83
N ILE W 20 69.88 -7.46 8.16
CA ILE W 20 71.14 -7.80 8.84
C ILE W 20 71.58 -9.22 8.46
N ARG W 21 70.61 -10.12 8.34
CA ARG W 21 70.88 -11.48 8.00
C ARG W 21 71.58 -11.47 6.64
N SER W 22 71.14 -10.60 5.74
CA SER W 22 71.74 -10.53 4.43
C SER W 22 73.15 -10.00 4.48
N GLU W 23 73.34 -8.99 5.33
CA GLU W 23 74.60 -8.32 5.52
C GLU W 23 75.65 -9.26 6.08
N THR W 24 75.26 -10.02 7.08
CA THR W 24 76.17 -10.94 7.73
C THR W 24 76.59 -12.03 6.76
N ALA W 25 75.66 -12.49 5.94
CA ALA W 25 75.97 -13.47 4.91
C ALA W 25 76.90 -12.90 3.86
N GLU W 26 76.71 -11.64 3.51
CA GLU W 26 77.57 -11.02 2.50
C GLU W 26 78.99 -10.91 2.96
N LEU W 27 79.18 -10.57 4.23
CA LEU W 27 80.50 -10.42 4.79
C LEU W 27 81.20 -11.76 4.86
N ARG W 28 80.47 -12.78 5.26
CA ARG W 28 81.05 -14.10 5.37
C ARG W 28 81.57 -14.56 4.02
N ALA W 29 80.81 -14.34 2.97
CA ALA W 29 81.24 -14.73 1.64
C ALA W 29 82.49 -13.99 1.23
N GLU W 30 82.56 -12.71 1.56
CA GLU W 30 83.72 -11.90 1.26
C GLU W 30 84.95 -12.44 2.00
N LEU W 31 84.77 -12.81 3.26
CA LEU W 31 85.87 -13.33 4.04
C LEU W 31 86.30 -14.68 3.55
N VAL W 32 85.36 -15.49 3.09
CA VAL W 32 85.72 -16.78 2.55
C VAL W 32 86.51 -16.57 1.29
N GLU W 33 86.13 -15.59 0.48
CA GLU W 33 86.88 -15.31 -0.73
C GLU W 33 88.27 -14.79 -0.37
N ARG W 34 88.43 -14.06 0.71
CA ARG W 34 89.79 -13.65 1.14
C ARG W 34 90.70 -14.82 1.45
N VAL W 35 90.13 -15.82 2.13
CA VAL W 35 90.87 -17.04 2.43
C VAL W 35 91.38 -17.67 1.13
N HIS W 36 90.54 -17.72 0.11
CA HIS W 36 90.96 -18.28 -1.18
C HIS W 36 92.04 -17.46 -1.83
N LYS W 37 91.94 -16.16 -1.70
CA LYS W 37 92.92 -15.27 -2.26
C LYS W 37 94.30 -15.41 -1.60
N PHE W 38 94.32 -15.44 -0.28
CA PHE W 38 95.57 -15.53 0.45
C PHE W 38 96.00 -16.96 0.70
N GLY W 39 95.16 -17.93 0.36
CA GLY W 39 95.44 -19.31 0.60
C GLY W 39 96.72 -19.83 -0.02
N PRO W 40 97.01 -19.47 -1.28
CA PRO W 40 98.27 -19.92 -1.87
C PRO W 40 99.53 -19.50 -1.11
N VAL W 41 99.49 -18.37 -0.40
CA VAL W 41 100.65 -17.93 0.42
C VAL W 41 100.81 -18.87 1.61
N PHE W 42 99.71 -19.13 2.30
CA PHE W 42 99.73 -20.02 3.44
C PHE W 42 100.22 -21.41 3.02
N ALA W 43 99.72 -21.89 1.90
CA ALA W 43 100.08 -23.20 1.40
C ALA W 43 101.56 -23.28 1.06
N ASP W 44 102.08 -22.20 0.52
CA ASP W 44 103.46 -22.11 0.14
C ASP W 44 104.42 -22.19 1.30
N GLY W 45 104.00 -21.75 2.47
CA GLY W 45 104.83 -21.81 3.64
C GLY W 45 104.65 -23.03 4.51
N VAL W 46 103.96 -24.05 4.03
CA VAL W 46 103.73 -25.25 4.81
C VAL W 46 105.03 -25.97 5.10
N ALA W 47 105.89 -26.12 4.10
CA ALA W 47 107.14 -26.83 4.31
C ALA W 47 108.07 -26.15 5.29
N GLU W 48 108.17 -24.83 5.21
CA GLU W 48 108.99 -24.11 6.14
C GLU W 48 108.41 -24.19 7.55
N GLY W 49 107.11 -24.07 7.67
CA GLY W 49 106.46 -24.11 8.96
C GLY W 49 106.65 -25.42 9.68
N GLU W 50 106.61 -26.50 8.92
CA GLU W 50 106.77 -27.84 9.42
C GLU W 50 108.19 -28.05 9.95
N ARG W 51 109.14 -27.52 9.21
CA ARG W 51 110.56 -27.56 9.48
C ARG W 51 110.96 -26.70 10.68
N GLU W 52 110.42 -25.51 10.79
CA GLU W 52 110.79 -24.56 11.84
C GLU W 52 109.87 -24.49 13.05
N ARG W 53 108.70 -25.11 12.99
CA ARG W 53 107.73 -25.09 14.09
C ARG W 53 107.22 -23.70 14.45
N ARG W 54 107.07 -22.85 13.45
CA ARG W 54 106.52 -21.50 13.60
C ARG W 54 105.99 -21.13 12.23
N LEU W 55 105.12 -20.14 12.16
CA LEU W 55 104.57 -19.71 10.88
C LEU W 55 105.61 -18.87 10.15
N PRO W 56 105.78 -19.07 8.85
CA PRO W 56 106.72 -18.19 8.10
C PRO W 56 106.31 -16.74 8.10
N ASP W 57 107.26 -15.83 7.84
CA ASP W 57 106.96 -14.41 7.80
C ASP W 57 105.90 -14.05 6.79
N ALA W 58 105.92 -14.70 5.62
CA ALA W 58 104.94 -14.39 4.59
C ALA W 58 103.52 -14.70 5.07
N THR W 59 103.37 -15.80 5.81
CA THR W 59 102.08 -16.20 6.33
C THR W 59 101.57 -15.19 7.35
N VAL W 60 102.45 -14.73 8.23
CA VAL W 60 102.06 -13.76 9.22
C VAL W 60 101.64 -12.48 8.51
N ARG W 61 102.38 -12.09 7.46
CA ARG W 61 102.04 -10.91 6.71
C ARG W 61 100.66 -11.04 6.09
N ALA W 62 100.38 -12.20 5.51
CA ALA W 62 99.11 -12.45 4.88
C ALA W 62 97.97 -12.43 5.89
N ILE W 63 98.22 -12.93 7.10
CA ILE W 63 97.20 -12.89 8.13
C ILE W 63 96.89 -11.45 8.49
N ASP W 64 97.91 -10.60 8.56
CA ASP W 64 97.66 -9.18 8.90
C ASP W 64 96.95 -8.43 7.78
N GLN W 65 97.37 -8.65 6.53
CA GLN W 65 96.73 -8.00 5.38
C GLN W 65 95.31 -8.45 5.15
N SER W 66 95.02 -9.75 5.29
CA SER W 66 93.67 -10.30 5.09
C SER W 66 92.64 -9.87 6.15
N GLN W 67 93.15 -9.42 7.29
CA GLN W 67 92.37 -9.05 8.45
C GLN W 67 91.66 -10.26 9.11
N LEU W 68 92.13 -11.48 8.83
CA LEU W 68 91.51 -12.70 9.37
C LEU W 68 91.70 -12.92 10.88
N ALA W 69 92.66 -12.20 11.45
CA ALA W 69 92.79 -12.12 12.90
C ALA W 69 91.83 -11.13 13.55
N MET W 70 91.04 -10.42 12.75
CA MET W 70 90.24 -9.31 13.26
C MET W 70 88.72 -9.59 13.29
N LEU W 71 88.34 -10.82 12.98
CA LEU W 71 86.93 -11.19 12.96
C LEU W 71 86.24 -10.99 14.30
N TRP W 72 86.93 -11.25 15.39
CA TRP W 72 86.32 -11.06 16.71
C TRP W 72 86.83 -9.82 17.47
N THR W 73 87.34 -8.87 16.71
CA THR W 73 87.78 -7.58 17.26
C THR W 73 86.64 -6.61 17.03
N ALA W 74 86.42 -5.74 18.00
CA ALA W 74 85.32 -4.77 17.92
C ALA W 74 85.45 -3.74 16.81
N LYS W 75 84.31 -3.34 16.27
CA LYS W 75 84.21 -2.33 15.22
C LYS W 75 84.70 -0.97 15.68
N SER W 76 84.49 -0.70 16.96
CA SER W 76 84.90 0.55 17.54
C SER W 76 86.42 0.72 17.46
N TYR W 77 87.17 -0.38 17.41
CA TYR W 77 88.63 -0.34 17.22
C TYR W 77 89.12 -0.64 15.79
N GLY W 78 88.19 -0.66 14.83
CA GLY W 78 88.50 -1.02 13.43
C GLY W 78 88.47 -2.51 13.09
N GLY W 79 87.92 -3.31 13.99
CA GLY W 79 87.74 -4.74 13.75
C GLY W 79 86.49 -5.06 12.93
N LEU W 80 86.42 -6.29 12.45
CA LEU W 80 85.32 -6.71 11.58
C LEU W 80 84.08 -7.12 12.38
N GLU W 81 84.26 -7.47 13.66
CA GLU W 81 83.17 -7.81 14.60
C GLU W 81 82.07 -8.71 13.98
N THR W 82 82.44 -9.95 13.63
CA THR W 82 81.49 -10.90 12.99
C THR W 82 80.78 -11.76 14.06
N ASP W 83 80.41 -12.98 13.72
CA ASP W 83 79.75 -13.86 14.65
C ASP W 83 80.45 -15.21 14.63
N VAL W 84 79.95 -16.15 15.42
CA VAL W 84 80.59 -17.44 15.52
C VAL W 84 80.56 -18.22 14.22
N ARG W 85 79.42 -18.18 13.54
CA ARG W 85 79.26 -18.92 12.32
C ARG W 85 80.23 -18.47 11.25
N THR W 86 80.49 -17.18 11.16
CA THR W 86 81.39 -16.66 10.16
C THR W 86 82.80 -17.12 10.43
N MET W 87 83.19 -17.08 11.70
CA MET W 87 84.52 -17.45 12.11
C MET W 87 84.74 -18.91 11.83
N SER W 88 83.72 -19.71 12.09
CA SER W 88 83.74 -21.14 11.85
C SER W 88 83.90 -21.46 10.38
N GLU W 89 83.14 -20.81 9.53
CA GLU W 89 83.26 -21.07 8.09
C GLU W 89 84.62 -20.65 7.57
N VAL W 90 85.19 -19.59 8.11
CA VAL W 90 86.52 -19.15 7.70
C VAL W 90 87.60 -20.15 8.11
N ALA W 91 87.51 -20.62 9.35
CA ALA W 91 88.44 -21.62 9.88
C ALA W 91 88.45 -22.90 9.05
N LYS W 92 87.27 -23.34 8.64
CA LYS W 92 87.16 -24.58 7.84
C LYS W 92 87.88 -24.45 6.51
N VAL W 93 87.73 -23.31 5.86
CA VAL W 93 88.35 -23.10 4.56
C VAL W 93 89.84 -22.89 4.70
N LEU W 94 90.24 -22.16 5.74
CA LEU W 94 91.68 -21.97 6.03
C LEU W 94 92.46 -23.26 6.15
N SER W 95 91.88 -24.22 6.86
CA SER W 95 92.50 -25.54 7.03
C SER W 95 92.90 -26.26 5.74
N HIS W 96 92.19 -26.00 4.65
CA HIS W 96 92.56 -26.62 3.38
C HIS W 96 93.95 -26.22 2.96
N TYR W 97 94.35 -25.00 3.29
CA TYR W 97 95.61 -24.48 2.84
C TYR W 97 96.69 -24.73 3.88
N CYS W 98 96.41 -24.44 5.13
CA CYS W 98 97.36 -24.74 6.21
C CYS W 98 96.61 -24.91 7.53
N PRO W 99 96.48 -26.15 8.03
CA PRO W 99 95.78 -26.35 9.31
C PRO W 99 96.41 -25.60 10.49
N SER W 100 97.73 -25.45 10.49
CA SER W 100 98.40 -24.66 11.54
C SER W 100 98.03 -23.17 11.55
N THR W 101 97.98 -22.57 10.37
CA THR W 101 97.56 -21.19 10.18
C THR W 101 96.12 -21.05 10.64
N SER W 102 95.27 -21.97 10.21
CA SER W 102 93.87 -21.98 10.66
C SER W 102 93.79 -22.03 12.16
N TRP W 103 94.58 -22.91 12.75
CA TRP W 103 94.58 -23.05 14.20
C TRP W 103 95.03 -21.77 14.90
N VAL W 104 96.06 -21.13 14.37
CA VAL W 104 96.56 -19.91 14.98
C VAL W 104 95.52 -18.80 14.86
N VAL W 105 94.97 -18.64 13.66
CA VAL W 105 93.99 -17.61 13.40
C VAL W 105 92.81 -17.78 14.34
N ASN W 106 92.36 -19.01 14.54
CA ASN W 106 91.25 -19.33 15.44
C ASN W 106 91.60 -18.94 16.87
N ASN W 107 92.81 -19.24 17.30
CA ASN W 107 93.26 -18.93 18.64
C ASN W 107 93.31 -17.42 18.83
N VAL W 108 93.79 -16.68 17.84
CA VAL W 108 93.92 -15.24 17.98
C VAL W 108 92.55 -14.56 18.16
N ASN W 109 91.61 -14.89 17.29
CA ASN W 109 90.26 -14.36 17.38
C ASN W 109 89.65 -14.72 18.70
N GLY W 110 89.79 -15.96 19.10
CA GLY W 110 89.23 -16.36 20.38
C GLY W 110 89.86 -15.62 21.55
N SER W 111 91.16 -15.41 21.48
CA SER W 111 91.83 -14.68 22.56
C SER W 111 91.37 -13.25 22.60
N ASN W 112 91.22 -12.65 21.43
CA ASN W 112 90.76 -11.28 21.33
C ASN W 112 89.34 -11.19 21.90
N LEU W 113 88.50 -12.19 21.68
CA LEU W 113 87.16 -12.16 22.23
C LEU W 113 87.22 -12.25 23.75
N LEU W 114 88.14 -13.05 24.27
CA LEU W 114 88.31 -13.22 25.71
C LEU W 114 88.77 -11.93 26.35
N ALA W 115 89.51 -11.13 25.60
CA ALA W 115 90.01 -9.86 26.11
C ALA W 115 88.90 -8.90 26.47
N SER W 116 87.75 -9.04 25.83
CA SER W 116 86.64 -8.16 26.10
C SER W 116 86.06 -8.23 27.52
N LYS W 117 86.43 -9.23 28.30
CA LYS W 117 86.05 -9.24 29.71
C LYS W 117 86.85 -8.28 30.54
N PHE W 118 87.99 -7.83 30.03
CA PHE W 118 88.84 -6.87 30.73
C PHE W 118 88.27 -5.47 30.69
N PRO W 119 88.74 -4.57 31.60
CA PRO W 119 88.21 -3.22 31.54
C PRO W 119 88.54 -2.46 30.27
N ARG W 120 87.82 -1.38 30.05
CA ARG W 120 88.02 -0.54 28.88
C ARG W 120 89.44 -0.01 28.81
N ALA W 121 90.02 0.29 29.95
CA ALA W 121 91.40 0.75 30.02
C ALA W 121 92.37 -0.23 29.36
N ALA W 122 92.20 -1.51 29.66
CA ALA W 122 93.02 -2.57 29.06
C ALA W 122 92.75 -2.70 27.57
N LEU W 123 91.47 -2.74 27.19
CA LEU W 123 91.09 -2.86 25.80
C LEU W 123 91.61 -1.72 24.93
N ASP W 124 91.55 -0.50 25.45
CA ASP W 124 92.13 0.67 24.78
C ASP W 124 93.63 0.50 24.63
N GLU W 125 94.30 0.07 25.69
CA GLU W 125 95.76 -0.14 25.64
C GLU W 125 96.15 -1.19 24.59
N VAL W 126 95.33 -2.22 24.42
CA VAL W 126 95.60 -3.30 23.46
C VAL W 126 95.24 -2.92 22.02
N PHE W 127 94.01 -2.44 21.83
CA PHE W 127 93.40 -2.26 20.49
C PHE W 127 93.33 -0.79 19.99
N GLY W 128 93.55 0.16 20.89
CA GLY W 128 93.45 1.59 20.61
C GLY W 128 94.15 2.10 19.38
N ASP W 129 95.43 1.71 19.21
CA ASP W 129 96.24 2.10 18.04
C ASP W 129 96.64 0.88 17.21
N ALA W 130 95.94 -0.24 17.40
CA ALA W 130 96.32 -1.52 16.80
C ALA W 130 95.05 -2.30 16.48
N PRO W 131 94.34 -1.93 15.41
CA PRO W 131 93.14 -2.69 14.99
C PRO W 131 93.43 -4.20 14.73
N GLY W 132 94.65 -4.50 14.26
CA GLY W 132 95.12 -5.86 14.01
C GLY W 132 95.91 -6.49 15.15
N ALA W 133 95.66 -6.06 16.38
CA ALA W 133 96.33 -6.67 17.53
C ALA W 133 95.97 -8.15 17.62
N LYS W 134 96.97 -8.94 18.02
CA LYS W 134 96.84 -10.40 18.10
C LYS W 134 97.21 -10.91 19.48
N LEU W 135 96.24 -11.52 20.16
CA LEU W 135 96.46 -12.11 21.50
C LEU W 135 96.65 -13.63 21.49
N ALA W 136 97.48 -14.09 22.41
CA ALA W 136 97.53 -15.48 22.87
C ALA W 136 96.68 -15.60 24.10
N SER W 137 96.41 -16.84 24.49
CA SER W 137 95.74 -17.08 25.76
C SER W 137 96.01 -18.51 26.16
N VAL W 138 96.49 -18.69 27.39
CA VAL W 138 96.74 -20.01 27.90
C VAL W 138 96.13 -20.17 29.27
N PHE W 139 95.28 -21.19 29.39
CA PHE W 139 94.56 -21.55 30.60
C PHE W 139 95.14 -22.87 31.13
N ALA W 140 96.15 -23.37 30.42
CA ALA W 140 96.85 -24.64 30.66
C ALA W 140 97.82 -24.66 31.84
N ALA W 141 98.01 -23.53 32.50
CA ALA W 141 98.85 -23.47 33.68
C ALA W 141 98.33 -22.36 34.49
N ALA W 142 98.79 -22.38 35.71
CA ALA W 142 98.63 -21.29 36.57
C ALA W 142 100.05 -20.90 36.97
N GLY W 143 100.19 -19.62 37.19
CA GLY W 143 101.39 -19.01 37.60
C GLY W 143 100.91 -18.51 38.93
N THR W 144 101.78 -17.82 39.61
CA THR W 144 101.44 -17.41 40.92
C THR W 144 101.64 -15.90 40.95
N ALA W 145 100.65 -15.21 41.48
CA ALA W 145 100.63 -13.76 41.50
C ALA W 145 100.42 -13.26 42.90
N VAL W 146 101.11 -12.18 43.24
CA VAL W 146 100.97 -11.61 44.55
C VAL W 146 100.77 -10.11 44.44
N ARG W 147 99.95 -9.56 45.34
CA ARG W 147 99.67 -8.13 45.34
C ARG W 147 100.88 -7.28 45.63
N THR W 148 101.00 -6.20 44.87
CA THR W 148 102.07 -5.23 45.01
C THR W 148 101.38 -3.89 44.82
N PRO W 149 102.00 -2.76 45.23
CA PRO W 149 101.25 -1.53 45.02
C PRO W 149 101.04 -1.21 43.56
N GLY W 150 99.80 -0.91 43.22
CA GLY W 150 99.39 -0.59 41.85
C GLY W 150 99.08 -1.79 40.99
N GLY W 151 99.21 -3.00 41.52
CA GLY W 151 98.96 -4.18 40.73
C GLY W 151 99.36 -5.50 41.36
N TYR W 152 100.09 -6.28 40.56
CA TYR W 152 100.53 -7.61 40.96
C TYR W 152 101.96 -7.89 40.43
N ARG W 153 102.60 -8.86 41.09
CA ARG W 153 103.88 -9.41 40.64
C ARG W 153 103.58 -10.87 40.27
N LEU W 154 103.90 -11.25 39.03
CA LEU W 154 103.47 -12.53 38.45
C LEU W 154 104.66 -13.40 38.02
N THR W 155 104.62 -14.65 38.45
CA THR W 155 105.66 -15.63 38.11
C THR W 155 104.94 -16.91 37.66
N GLY W 156 105.46 -17.52 36.59
CA GLY W 156 104.91 -18.78 36.12
C GLY W 156 105.51 -19.28 34.83
N SER W 157 105.07 -20.46 34.43
CA SER W 157 105.49 -21.08 33.20
C SER W 157 104.27 -21.73 32.54
N TRP W 158 103.90 -21.21 31.37
CA TRP W 158 102.64 -21.58 30.71
C TRP W 158 102.95 -22.30 29.40
N PRO W 159 102.80 -23.64 29.33
CA PRO W 159 102.95 -24.37 28.04
C PRO W 159 101.73 -24.20 27.11
N TYR W 160 101.87 -24.70 25.90
CA TYR W 160 100.80 -24.64 24.87
C TYR W 160 100.37 -23.22 24.48
N GLY W 161 101.34 -22.34 24.28
CA GLY W 161 101.04 -20.95 23.94
C GLY W 161 100.93 -20.80 22.44
N THR W 162 99.79 -21.19 21.88
CA THR W 162 99.61 -21.09 20.44
C THR W 162 99.84 -19.70 19.89
N GLY W 163 100.67 -19.66 18.86
CA GLY W 163 101.00 -18.43 18.14
C GLY W 163 101.73 -17.34 18.90
N ILE W 164 102.31 -17.67 20.05
CA ILE W 164 102.90 -16.68 20.96
C ILE W 164 104.06 -15.92 20.35
N LEU W 165 104.81 -16.59 19.47
CA LEU W 165 105.88 -15.93 18.74
C LEU W 165 105.46 -14.73 17.91
N HIS W 166 104.22 -14.69 17.41
CA HIS W 166 103.73 -13.58 16.59
C HIS W 166 102.76 -12.68 17.32
N ASP W 167 102.53 -12.94 18.61
CA ASP W 167 101.44 -12.25 19.32
C ASP W 167 101.96 -10.99 20.02
N ASP W 168 101.06 -10.03 20.20
CA ASP W 168 101.37 -8.74 20.78
C ASP W 168 101.14 -8.79 22.28
N TRP W 169 100.15 -9.57 22.72
CA TRP W 169 99.81 -9.72 24.13
C TRP W 169 99.42 -11.18 24.41
N ALA W 170 99.32 -11.53 25.69
CA ALA W 170 98.95 -12.86 26.12
C ALA W 170 98.03 -12.75 27.32
N ILE W 171 96.97 -13.55 27.32
CA ILE W 171 96.10 -13.69 28.50
C ILE W 171 96.52 -14.95 29.21
N LEU W 172 96.98 -14.80 30.44
CA LEU W 172 97.48 -15.91 31.22
C LEU W 172 96.72 -16.08 32.52
N VAL W 173 96.43 -17.32 32.88
CA VAL W 173 95.74 -17.65 34.11
C VAL W 173 96.73 -17.77 35.26
N ALA W 174 96.33 -17.31 36.43
CA ALA W 174 97.19 -17.42 37.59
C ALA W 174 96.43 -17.55 38.87
N ARG W 175 97.13 -17.96 39.90
CA ARG W 175 96.53 -18.06 41.21
C ARG W 175 97.11 -16.96 42.04
N GLU W 176 96.24 -16.16 42.64
CA GLU W 176 96.69 -15.14 43.57
C GLU W 176 97.05 -15.79 44.90
N VAL W 177 98.11 -15.30 45.52
CA VAL W 177 98.54 -15.81 46.81
C VAL W 177 98.93 -14.64 47.69
N ASP W 178 98.93 -14.85 48.99
CA ASP W 178 99.28 -13.79 49.93
C ASP W 178 100.78 -13.84 50.26
N ALA W 179 101.19 -13.02 51.21
CA ALA W 179 102.57 -12.96 51.64
C ALA W 179 103.01 -14.30 52.21
N ASP W 180 102.10 -14.94 52.91
CA ASP W 180 102.36 -16.26 53.44
C ASP W 180 102.50 -17.27 52.33
N GLY W 181 101.84 -17.03 51.20
CA GLY W 181 101.90 -17.95 50.08
C GLY W 181 100.68 -18.84 50.01
N GLU W 182 99.68 -18.51 50.81
CA GLU W 182 98.42 -19.22 50.80
C GLU W 182 97.54 -18.77 49.64
N PRO W 183 96.75 -19.68 49.06
CA PRO W 183 95.90 -19.28 47.93
C PRO W 183 94.79 -18.30 48.27
N VAL W 184 94.61 -17.28 47.44
CA VAL W 184 93.57 -16.29 47.67
C VAL W 184 92.44 -16.42 46.66
N GLY W 185 92.78 -16.54 45.39
CA GLY W 185 91.75 -16.65 44.36
C GLY W 185 92.37 -16.83 43.01
N GLY W 186 91.52 -16.93 42.00
CA GLY W 186 92.00 -17.12 40.62
C GLY W 186 92.06 -15.79 39.87
N LEU W 187 93.03 -15.65 38.97
CA LEU W 187 93.13 -14.41 38.18
C LEU W 187 93.34 -14.63 36.70
N SER W 188 92.95 -13.65 35.91
CA SER W 188 93.27 -13.64 34.51
C SER W 188 94.06 -12.39 34.23
N MET W 189 95.21 -12.53 33.58
CA MET W 189 96.12 -11.39 33.45
C MET W 189 96.56 -11.13 32.05
N LEU W 190 96.54 -9.87 31.68
CA LEU W 190 96.89 -9.48 30.33
C LEU W 190 98.28 -8.89 30.34
N VAL W 191 99.22 -9.53 29.63
CA VAL W 191 100.59 -9.06 29.66
C VAL W 191 101.15 -8.98 28.26
N PRO W 192 101.92 -7.94 27.99
CA PRO W 192 102.47 -7.65 26.66
C PRO W 192 103.69 -8.45 26.30
N ALA W 193 103.97 -8.49 25.01
CA ALA W 193 105.08 -9.24 24.45
C ALA W 193 106.42 -8.79 25.03
N ARG W 194 106.56 -7.50 25.26
CA ARG W 194 107.80 -6.93 25.81
C ARG W 194 108.12 -7.53 27.17
N ASP W 195 107.10 -7.84 27.96
CA ASP W 195 107.29 -8.44 29.26
C ASP W 195 107.44 -9.95 29.27
N LEU W 196 107.23 -10.62 28.14
CA LEU W 196 107.28 -12.08 28.09
C LEU W 196 108.58 -12.62 27.59
N THR W 197 108.82 -13.87 27.91
CA THR W 197 109.93 -14.64 27.40
C THR W 197 109.33 -15.91 26.84
N VAL W 198 109.84 -16.39 25.73
CA VAL W 198 109.33 -17.60 25.13
C VAL W 198 110.40 -18.65 25.13
N GLU W 199 110.03 -19.82 25.59
CA GLU W 199 110.94 -20.93 25.72
C GLU W 199 110.55 -21.96 24.67
N ASP W 200 111.53 -22.54 24.00
CA ASP W 200 111.26 -23.46 22.91
C ASP W 200 110.94 -24.85 23.42
N THR W 201 109.65 -25.15 23.51
CA THR W 201 109.23 -26.43 24.01
C THR W 201 108.27 -27.19 23.12
N TRP W 202 107.89 -26.65 21.97
CA TRP W 202 106.88 -27.28 21.11
C TRP W 202 107.54 -28.22 20.12
N HIS W 203 107.58 -29.50 20.48
CA HIS W 203 108.13 -30.54 19.63
C HIS W 203 107.10 -31.63 19.44
N THR W 204 106.38 -31.55 18.34
CA THR W 204 105.25 -32.43 18.12
C THR W 204 105.26 -32.96 16.73
N VAL W 205 104.41 -33.96 16.49
CA VAL W 205 104.31 -34.56 15.19
C VAL W 205 103.13 -34.04 14.39
N GLY W 206 102.40 -33.08 14.95
CA GLY W 206 101.31 -32.44 14.23
C GLY W 206 101.12 -31.03 14.75
N MET W 207 100.53 -30.18 13.92
CA MET W 207 100.31 -28.79 14.23
C MET W 207 101.64 -28.11 14.62
N ARG W 208 102.71 -28.47 13.93
CA ARG W 208 104.04 -27.98 14.25
C ARG W 208 104.19 -26.47 14.09
N ALA W 209 103.66 -25.88 13.02
CA ALA W 209 103.83 -24.46 12.77
C ALA W 209 103.00 -23.56 13.71
N THR W 210 102.14 -24.15 14.52
CA THR W 210 101.38 -23.37 15.48
C THR W 210 102.27 -22.75 16.54
N GLY W 211 103.47 -23.25 16.73
CA GLY W 211 104.41 -22.67 17.68
C GLY W 211 103.88 -22.51 19.07
N SER W 212 103.28 -23.57 19.59
CA SER W 212 102.65 -23.55 20.89
C SER W 212 103.68 -23.80 22.01
N HIS W 213 104.56 -22.79 22.14
CA HIS W 213 105.72 -22.84 23.02
C HIS W 213 105.34 -22.43 24.43
N THR W 214 106.33 -22.40 25.33
CA THR W 214 106.07 -22.09 26.74
C THR W 214 106.38 -20.63 27.00
N VAL W 215 105.43 -19.96 27.64
CA VAL W 215 105.58 -18.58 28.07
C VAL W 215 106.13 -18.58 29.49
N VAL W 216 107.20 -17.83 29.70
CA VAL W 216 107.84 -17.76 31.01
C VAL W 216 107.88 -16.36 31.57
N LEU W 217 107.48 -16.24 32.83
CA LEU W 217 107.46 -14.95 33.51
C LEU W 217 108.15 -15.07 34.84
N ARG W 218 108.97 -14.09 35.19
CA ARG W 218 109.55 -14.10 36.50
C ARG W 218 109.45 -12.75 37.17
N ASP W 219 108.66 -12.70 38.24
CA ASP W 219 108.47 -11.49 39.03
C ASP W 219 108.07 -10.28 38.17
N THR W 220 107.19 -10.53 37.22
CA THR W 220 106.76 -9.52 36.28
C THR W 220 105.64 -8.68 36.82
N PHE W 221 105.76 -7.36 36.64
CA PHE W 221 104.73 -6.47 37.14
C PHE W 221 103.58 -6.39 36.17
N VAL W 222 102.38 -6.52 36.69
CA VAL W 222 101.19 -6.38 35.89
C VAL W 222 100.29 -5.40 36.59
N PRO W 223 99.89 -4.31 35.90
CA PRO W 223 99.04 -3.40 36.63
C PRO W 223 97.61 -3.87 36.81
N GLU W 224 96.95 -3.25 37.77
CA GLU W 224 95.61 -3.60 38.19
C GLU W 224 94.57 -3.61 37.08
N HIS W 225 94.63 -2.65 36.16
CA HIS W 225 93.62 -2.56 35.10
C HIS W 225 93.75 -3.68 34.06
N ARG W 226 94.86 -4.42 34.09
CA ARG W 226 95.06 -5.55 33.20
C ARG W 226 94.93 -6.89 33.92
N VAL W 227 94.15 -6.93 35.01
CA VAL W 227 93.96 -8.12 35.82
C VAL W 227 92.49 -8.20 36.17
N ILE W 228 91.85 -9.34 35.95
CA ILE W 228 90.47 -9.55 36.41
C ILE W 228 90.42 -10.86 37.13
N SER W 229 89.33 -11.10 37.84
CA SER W 229 89.16 -12.37 38.55
C SER W 229 88.91 -13.42 37.51
N GLY W 230 89.28 -14.64 37.86
CA GLY W 230 89.01 -15.79 37.06
C GLY W 230 87.51 -15.92 36.86
N GLU W 231 86.74 -15.56 37.89
CA GLU W 231 85.29 -15.59 37.79
C GLU W 231 84.76 -14.65 36.71
N LEU W 232 85.34 -13.46 36.60
CA LEU W 232 84.92 -12.51 35.61
C LEU W 232 85.31 -12.94 34.20
N GLN W 233 86.47 -13.58 34.08
CA GLN W 233 86.96 -14.05 32.80
C GLN W 233 86.06 -15.12 32.19
N ARG W 234 85.47 -15.96 33.01
CA ARG W 234 84.60 -17.02 32.52
C ARG W 234 83.14 -16.62 32.54
N SER W 235 82.85 -15.38 32.91
CA SER W 235 81.46 -14.94 33.12
C SER W 235 80.65 -14.90 31.83
N ARG W 236 79.36 -15.16 31.95
CA ARG W 236 78.44 -15.04 30.84
C ARG W 236 77.34 -14.03 31.17
N GLU W 237 77.60 -13.12 32.10
CA GLU W 237 76.64 -12.07 32.44
C GLU W 237 76.36 -11.09 31.32
N SER W 238 77.29 -10.95 30.37
CA SER W 238 77.09 -10.03 29.26
C SER W 238 76.10 -10.58 28.22
N ALA W 239 75.60 -11.79 28.42
CA ALA W 239 74.68 -12.38 27.49
C ALA W 239 73.42 -11.57 27.30
N THR W 240 72.94 -10.92 28.35
CA THR W 240 71.72 -10.12 28.28
C THR W 240 71.91 -8.60 28.21
N ASP W 241 73.14 -8.14 28.07
CA ASP W 241 73.45 -6.71 28.07
C ASP W 241 73.18 -6.07 26.68
N LEU W 242 72.06 -5.35 26.59
CA LEU W 242 71.67 -4.70 25.32
C LEU W 242 72.62 -3.56 24.90
N GLY W 243 73.37 -3.03 25.85
CA GLY W 243 74.39 -2.01 25.58
C GLY W 243 75.57 -2.49 24.74
N LEU W 244 75.91 -3.77 24.87
CA LEU W 244 76.99 -4.37 24.11
C LEU W 244 76.59 -4.79 22.72
N PRO W 245 77.53 -4.77 21.75
CA PRO W 245 77.16 -5.36 20.46
C PRO W 245 76.95 -6.87 20.59
N PRO W 246 76.22 -7.50 19.63
CA PRO W 246 75.97 -8.95 19.86
C PRO W 246 77.15 -9.86 20.04
N LEU W 247 78.27 -9.65 19.37
CA LEU W 247 79.43 -10.52 19.53
C LEU W 247 79.91 -10.60 20.95
N PHE W 248 79.85 -9.49 21.68
CA PHE W 248 80.34 -9.48 23.05
C PHE W 248 79.33 -10.03 24.05
N ARG W 249 78.17 -10.42 23.56
CA ARG W 249 77.19 -11.10 24.38
C ARG W 249 77.37 -12.63 24.30
N THR W 250 78.14 -13.10 23.32
CA THR W 250 78.34 -14.51 23.02
C THR W 250 79.01 -15.21 24.16
N ALA W 251 78.64 -16.47 24.38
CA ALA W 251 79.34 -17.32 25.35
C ALA W 251 80.74 -17.65 24.80
N ALA W 252 81.75 -16.98 25.32
CA ALA W 252 83.04 -16.90 24.63
C ALA W 252 83.81 -18.22 24.58
N ILE W 253 83.85 -18.92 25.70
CA ILE W 253 84.59 -20.15 25.81
C ILE W 253 83.97 -21.23 24.93
N ALA W 254 82.65 -21.27 24.90
CA ALA W 254 81.98 -22.19 24.01
C ALA W 254 82.23 -21.83 22.56
N ALA W 255 82.25 -20.55 22.25
CA ALA W 255 82.49 -20.10 20.89
C ALA W 255 83.87 -20.49 20.41
N MET W 256 84.84 -20.39 21.30
CA MET W 256 86.21 -20.71 20.99
C MET W 256 86.34 -22.21 20.68
N ALA W 257 85.66 -23.02 21.47
CA ALA W 257 85.67 -24.45 21.25
C ALA W 257 85.03 -24.82 19.91
N VAL W 258 83.96 -24.13 19.53
CA VAL W 258 83.31 -24.38 18.25
C VAL W 258 84.25 -24.08 17.07
N VAL W 259 85.02 -23.00 17.16
CA VAL W 259 85.94 -22.68 16.05
C VAL W 259 87.18 -23.57 16.05
N CYS W 260 87.60 -24.06 17.21
CA CYS W 260 88.71 -25.04 17.26
C CYS W 260 88.28 -26.31 16.54
N ALA W 261 87.05 -26.75 16.82
CA ALA W 261 86.47 -27.88 16.11
C ALA W 261 86.40 -27.62 14.61
N SER W 262 86.09 -26.40 14.22
CA SER W 262 86.02 -26.06 12.78
C SER W 262 87.36 -26.23 12.06
N VAL W 263 88.45 -25.93 12.76
CA VAL W 263 89.80 -26.11 12.21
C VAL W 263 89.99 -27.59 11.87
N VAL W 264 89.69 -28.45 12.83
CA VAL W 264 89.82 -29.89 12.64
C VAL W 264 88.89 -30.38 11.51
N LEU W 265 87.64 -29.95 11.56
CA LEU W 265 86.66 -30.31 10.57
C LEU W 265 87.13 -29.99 9.16
N GLY W 266 87.57 -28.76 8.97
CA GLY W 266 88.06 -28.32 7.68
C GLY W 266 89.19 -29.18 7.13
N ALA W 267 90.12 -29.63 7.99
CA ALA W 267 91.21 -30.50 7.57
C ALA W 267 90.67 -31.82 7.06
N GLY W 268 89.65 -32.32 7.77
CA GLY W 268 88.96 -33.54 7.38
C GLY W 268 88.30 -33.41 6.03
N GLN W 269 87.63 -32.28 5.83
CA GLN W 269 86.98 -32.03 4.55
C GLN W 269 87.99 -31.91 3.44
N ALA W 270 89.13 -31.29 3.70
CA ALA W 270 90.20 -31.23 2.67
C ALA W 270 90.73 -32.61 2.30
N ALA W 271 90.88 -33.46 3.32
CA ALA W 271 91.27 -34.85 3.17
C ALA W 271 90.28 -35.57 2.28
N ARG W 272 88.98 -35.38 2.51
CA ARG W 272 87.95 -36.03 1.71
C ARG W 272 88.04 -35.58 0.25
N ALA W 273 88.13 -34.27 0.04
CA ALA W 273 88.26 -33.74 -1.34
C ALA W 273 89.46 -34.31 -2.07
N LEU W 274 90.58 -34.48 -1.36
CA LEU W 274 91.79 -35.06 -1.95
C LEU W 274 91.63 -36.53 -2.38
N VAL W 275 91.07 -37.34 -1.50
CA VAL W 275 90.78 -38.74 -1.82
C VAL W 275 89.84 -38.83 -3.03
N VAL W 276 88.83 -37.96 -3.10
CA VAL W 276 87.92 -37.89 -4.26
C VAL W 276 88.65 -37.50 -5.54
N GLU W 277 89.52 -36.53 -5.42
CA GLU W 277 90.30 -36.05 -6.54
C GLU W 277 91.21 -37.10 -7.14
N LYS W 278 91.86 -37.89 -6.29
CA LYS W 278 92.81 -38.90 -6.73
C LYS W 278 92.27 -40.27 -7.09
N ALA W 279 91.03 -40.58 -6.70
CA ALA W 279 90.49 -41.92 -6.86
C ALA W 279 90.39 -42.41 -8.28
N PRO W 280 90.08 -41.51 -9.26
CA PRO W 280 89.99 -42.06 -10.60
C PRO W 280 91.32 -42.43 -11.25
N THR W 281 92.44 -41.98 -10.69
CA THR W 281 93.72 -42.35 -11.27
C THR W 281 94.61 -43.31 -10.48
N ARG W 282 94.08 -43.95 -9.45
CA ARG W 282 94.85 -44.94 -8.68
C ARG W 282 94.01 -46.17 -8.55
N GLY W 283 94.66 -47.27 -8.17
CA GLY W 283 94.01 -48.54 -7.95
C GLY W 283 94.07 -48.96 -6.49
N ILE W 284 93.55 -50.16 -6.24
CA ILE W 284 93.53 -50.79 -4.93
C ILE W 284 94.32 -52.07 -5.04
N ALA W 285 95.58 -51.99 -4.63
CA ALA W 285 96.43 -53.16 -4.64
C ALA W 285 96.03 -54.13 -3.55
N PRO W 286 96.15 -55.42 -3.85
CA PRO W 286 96.60 -56.05 -5.12
C PRO W 286 95.42 -56.57 -5.90
N SER W 287 94.30 -55.85 -5.83
CA SER W 287 93.08 -56.34 -6.42
C SER W 287 93.07 -56.12 -7.92
N LYS W 288 92.04 -56.66 -8.56
CA LYS W 288 91.77 -56.38 -9.96
C LYS W 288 91.28 -54.94 -10.23
N TYR W 289 90.91 -54.20 -9.19
CA TYR W 289 90.46 -52.81 -9.35
C TYR W 289 91.63 -51.86 -9.62
N THR W 290 91.93 -51.62 -10.90
CA THR W 290 93.03 -50.72 -11.28
C THR W 290 92.65 -49.25 -11.10
N ARG W 291 91.35 -48.96 -11.03
CA ARG W 291 90.81 -47.65 -10.69
C ARG W 291 89.97 -47.78 -9.44
N GLN W 292 90.18 -46.92 -8.45
CA GLN W 292 89.46 -46.99 -7.17
C GLN W 292 87.94 -46.89 -7.35
N THR W 293 87.55 -46.03 -8.30
CA THR W 293 86.14 -45.76 -8.63
C THR W 293 85.42 -46.95 -9.26
N ASP W 294 86.17 -47.91 -9.76
CA ASP W 294 85.60 -49.16 -10.27
C ASP W 294 85.12 -50.08 -9.17
N SER W 295 85.62 -49.90 -7.97
CA SER W 295 85.24 -50.73 -6.85
C SER W 295 84.05 -50.14 -6.12
N ARG W 296 82.97 -50.88 -6.13
CA ARG W 296 81.78 -50.44 -5.46
C ARG W 296 81.94 -50.44 -3.95
N THR W 297 82.78 -51.33 -3.42
CA THR W 297 83.06 -51.32 -2.00
C THR W 297 83.73 -50.02 -1.62
N PHE W 298 84.65 -49.57 -2.46
CA PHE W 298 85.32 -48.31 -2.26
C PHE W 298 84.35 -47.15 -2.34
N VAL W 299 83.50 -47.14 -3.34
CA VAL W 299 82.60 -46.04 -3.55
C VAL W 299 81.59 -45.92 -2.43
N SER W 300 80.99 -47.03 -2.01
CA SER W 300 80.01 -46.99 -0.96
C SER W 300 80.64 -46.66 0.39
N SER W 301 81.87 -47.11 0.63
CA SER W 301 82.56 -46.78 1.85
C SER W 301 82.83 -45.32 1.94
N LEU W 302 83.21 -44.74 0.81
CA LEU W 302 83.52 -43.33 0.75
C LEU W 302 82.27 -42.50 1.00
N GLY W 303 81.12 -42.98 0.53
CA GLY W 303 79.87 -42.33 0.78
C GLY W 303 79.56 -42.30 2.24
N ARG W 304 79.82 -43.40 2.92
CA ARG W 304 79.60 -43.47 4.35
C ARG W 304 80.53 -42.54 5.15
N THR W 305 81.79 -42.50 4.76
CA THR W 305 82.76 -41.67 5.42
C THR W 305 82.42 -40.22 5.21
N ALA W 306 81.97 -39.90 4.02
CA ALA W 306 81.56 -38.56 3.71
C ALA W 306 80.37 -38.17 4.54
N LEU W 307 79.39 -39.05 4.74
CA LEU W 307 78.25 -38.71 5.61
C LEU W 307 78.65 -38.52 7.07
N SER W 308 79.65 -39.25 7.60
CA SER W 308 80.15 -38.90 8.97
C SER W 308 80.72 -37.50 9.05
N ILE W 309 81.51 -37.13 8.06
CA ILE W 309 82.08 -35.80 8.02
C ILE W 309 80.96 -34.75 7.88
N ASP W 310 79.96 -35.06 7.05
CA ASP W 310 78.77 -34.18 6.93
C ASP W 310 78.07 -34.00 8.29
N ALA W 311 77.95 -35.07 9.05
CA ALA W 311 77.38 -34.98 10.37
C ALA W 311 78.22 -34.11 11.29
N ALA W 312 79.53 -34.23 11.21
CA ALA W 312 80.41 -33.42 12.04
C ALA W 312 80.20 -31.97 11.70
N GLU W 313 80.07 -31.66 10.41
CA GLU W 313 79.83 -30.31 9.95
C GLU W 313 78.53 -29.73 10.52
N MET W 314 77.48 -30.53 10.54
CA MET W 314 76.20 -30.11 11.07
C MET W 314 76.25 -29.88 12.58
N HIS W 315 76.99 -30.70 13.31
CA HIS W 315 77.14 -30.53 14.76
C HIS W 315 77.80 -29.18 15.05
N VAL W 316 78.80 -28.86 14.26
CA VAL W 316 79.53 -27.63 14.42
C VAL W 316 78.63 -26.45 14.08
N ALA W 317 77.93 -26.54 12.96
CA ALA W 317 77.05 -25.47 12.53
C ALA W 317 75.91 -25.26 13.50
N ARG W 318 75.33 -26.33 14.01
CA ARG W 318 74.24 -26.21 14.98
C ARG W 318 74.68 -25.45 16.21
N ALA W 319 75.86 -25.77 16.72
CA ALA W 319 76.39 -25.12 17.92
C ALA W 319 76.68 -23.65 17.65
N ALA W 320 77.28 -23.39 16.51
CA ALA W 320 77.54 -22.01 16.12
C ALA W 320 76.25 -21.19 16.07
N THR W 321 75.21 -21.77 15.47
CA THR W 321 73.92 -21.11 15.33
C THR W 321 73.24 -20.89 16.66
N ALA W 322 73.32 -21.86 17.55
CA ALA W 322 72.75 -21.69 18.87
C ALA W 322 73.44 -20.51 19.58
N LEU W 323 74.75 -20.42 19.47
CA LEU W 323 75.52 -19.35 20.11
C LEU W 323 75.19 -17.98 19.53
N ASP W 324 75.09 -17.90 18.20
CA ASP W 324 74.73 -16.65 17.54
C ASP W 324 73.30 -16.22 17.78
N ASP W 325 72.37 -17.15 17.78
CA ASP W 325 70.98 -16.81 17.97
C ASP W 325 70.80 -16.21 19.36
N ALA W 326 71.47 -16.78 20.35
CA ALA W 326 71.37 -16.27 21.69
C ALA W 326 71.97 -14.88 21.81
N ALA W 327 73.11 -14.66 21.17
CA ALA W 327 73.77 -13.36 21.23
C ALA W 327 72.94 -12.27 20.57
N TYR W 328 72.36 -12.59 19.43
CA TYR W 328 71.53 -11.65 18.71
C TYR W 328 70.25 -11.31 19.47
N ASP W 329 69.66 -12.28 20.13
CA ASP W 329 68.45 -12.06 20.88
C ASP W 329 68.74 -11.55 22.26
N ALA W 330 70.00 -11.44 22.64
CA ALA W 330 70.34 -11.02 23.99
C ALA W 330 69.74 -11.89 25.10
N VAL W 331 69.65 -13.19 24.86
CA VAL W 331 69.24 -14.15 25.89
C VAL W 331 70.45 -14.97 26.35
N ALA W 332 70.38 -15.40 27.61
CA ALA W 332 71.35 -16.29 28.19
C ALA W 332 71.03 -17.71 27.75
N LEU W 333 72.06 -18.43 27.29
CA LEU W 333 71.96 -19.85 27.05
C LEU W 333 71.88 -20.55 28.38
N PRO W 334 70.87 -21.43 28.58
CA PRO W 334 70.87 -22.20 29.81
C PRO W 334 72.02 -23.21 29.80
N ASP W 335 72.35 -23.74 30.97
CA ASP W 335 73.43 -24.70 31.10
C ASP W 335 73.26 -25.90 30.20
N SER W 336 72.03 -26.38 30.06
CA SER W 336 71.78 -27.54 29.24
C SER W 336 72.18 -27.32 27.79
N GLU W 337 71.99 -26.11 27.28
CA GLU W 337 72.37 -25.82 25.93
C GLU W 337 73.88 -25.77 25.76
N LEU W 338 74.59 -25.26 26.75
CA LEU W 338 76.05 -25.20 26.71
C LEU W 338 76.68 -26.57 26.83
N LEU W 339 76.07 -27.42 27.65
CA LEU W 339 76.53 -28.78 27.83
C LEU W 339 76.37 -29.56 26.54
N ARG W 340 75.29 -29.28 25.82
CA ARG W 340 75.06 -29.89 24.53
C ARG W 340 76.10 -29.43 23.51
N ILE W 341 76.49 -28.15 23.57
CA ILE W 341 77.49 -27.64 22.64
C ILE W 341 78.81 -28.33 22.89
N ARG W 342 79.14 -28.58 24.15
CA ARG W 342 80.39 -29.25 24.47
C ARG W 342 80.39 -30.67 23.91
N GLY W 343 79.24 -31.32 23.96
CA GLY W 343 79.07 -32.63 23.37
C GLY W 343 79.17 -32.61 21.86
N ASP W 344 78.56 -31.62 21.22
CA ASP W 344 78.64 -31.49 19.77
C ASP W 344 80.06 -31.35 19.26
N VAL W 345 80.88 -30.54 19.92
CA VAL W 345 82.23 -30.29 19.43
C VAL W 345 83.15 -31.50 19.58
N GLY W 346 83.06 -32.21 20.69
CA GLY W 346 83.84 -33.40 20.88
C GLY W 346 83.42 -34.48 19.92
N GLN W 347 82.12 -34.60 19.74
CA GLN W 347 81.57 -35.55 18.82
C GLN W 347 81.98 -35.23 17.39
N ALA W 348 81.97 -33.96 16.99
CA ALA W 348 82.36 -33.61 15.61
C ALA W 348 83.81 -33.99 15.34
N VAL W 349 84.70 -33.67 16.28
CA VAL W 349 86.14 -33.94 16.02
C VAL W 349 86.44 -35.41 16.08
N SER W 350 85.70 -36.12 16.92
CA SER W 350 85.80 -37.58 16.99
C SER W 350 85.37 -38.27 15.68
N LEU W 351 84.28 -37.77 15.14
CA LEU W 351 83.80 -38.20 13.85
C LEU W 351 84.86 -37.92 12.77
N VAL W 352 85.54 -36.76 12.85
CA VAL W 352 86.54 -36.43 11.87
C VAL W 352 87.79 -37.30 11.98
N THR W 353 88.24 -37.61 13.19
CA THR W 353 89.43 -38.47 13.32
C THR W 353 89.14 -39.88 12.86
N THR W 354 87.93 -40.40 13.11
CA THR W 354 87.56 -41.71 12.63
C THR W 354 87.48 -41.70 11.12
N ALA W 355 86.93 -40.64 10.56
CA ALA W 355 86.82 -40.52 9.12
C ALA W 355 88.17 -40.43 8.43
N LEU W 356 89.14 -39.80 9.07
CA LEU W 356 90.49 -39.71 8.52
C LEU W 356 91.15 -41.06 8.45
N ASP W 357 90.92 -41.89 9.46
CA ASP W 357 91.41 -43.26 9.45
C ASP W 357 90.80 -44.01 8.26
N GLU W 358 89.52 -43.78 8.01
CA GLU W 358 88.83 -44.34 6.88
C GLU W 358 89.37 -43.85 5.55
N LEU W 359 89.73 -42.58 5.47
CA LEU W 359 90.26 -42.02 4.23
C LEU W 359 91.64 -42.58 3.88
N LEU W 360 92.45 -42.91 4.90
CA LEU W 360 93.74 -43.54 4.67
C LEU W 360 93.56 -44.95 4.14
N TRP W 361 92.54 -45.67 4.64
CA TRP W 361 92.23 -46.98 4.11
C TRP W 361 91.81 -46.88 2.67
N ALA W 362 91.06 -45.84 2.33
CA ALA W 362 90.64 -45.63 0.97
C ALA W 362 91.81 -45.31 0.03
N HIS W 363 92.66 -44.39 0.45
CA HIS W 363 93.73 -43.92 -0.39
C HIS W 363 94.88 -44.90 -0.52
N GLY W 364 95.27 -45.55 0.57
CA GLY W 364 96.34 -46.54 0.53
C GLY W 364 97.63 -46.08 1.16
N ALA W 365 98.66 -46.88 0.97
CA ALA W 365 99.97 -46.64 1.56
C ALA W 365 100.62 -45.32 1.14
N ALA W 366 100.32 -44.86 -0.07
CA ALA W 366 100.84 -43.62 -0.59
C ALA W 366 100.46 -42.41 0.26
N SER W 367 99.42 -42.55 1.05
CA SER W 367 98.98 -41.44 1.85
C SER W 367 99.99 -41.06 2.92
N PHE W 368 100.92 -41.94 3.25
CA PHE W 368 101.91 -41.64 4.29
C PHE W 368 103.22 -41.07 3.75
N ALA W 369 103.29 -40.82 2.45
CA ALA W 369 104.48 -40.19 1.91
C ALA W 369 104.54 -38.73 2.35
N GLU W 370 105.73 -38.21 2.58
CA GLU W 370 105.89 -36.82 2.99
C GLU W 370 105.36 -35.86 1.94
N SER W 371 105.42 -36.28 0.69
CA SER W 371 104.89 -35.45 -0.38
C SER W 371 103.36 -35.41 -0.47
N ASN W 372 102.66 -36.29 0.23
CA ASN W 372 101.21 -36.36 0.12
C ASN W 372 100.52 -35.50 1.19
N PRO W 373 99.66 -34.55 0.78
CA PRO W 373 98.97 -33.71 1.80
C PRO W 373 98.04 -34.49 2.73
N LEU W 374 97.68 -35.70 2.37
CA LEU W 374 96.76 -36.47 3.16
C LEU W 374 97.28 -36.75 4.58
N GLN W 375 98.54 -37.10 4.72
CA GLN W 375 99.12 -37.36 6.03
C GLN W 375 99.26 -36.07 6.86
N ARG W 376 99.39 -34.94 6.20
CA ARG W 376 99.42 -33.67 6.89
C ARG W 376 98.10 -33.35 7.54
N TYR W 377 97.01 -33.55 6.81
CA TYR W 377 95.69 -33.29 7.36
C TYR W 377 95.45 -34.26 8.50
N TRP W 378 95.89 -35.50 8.31
CA TRP W 378 95.74 -36.54 9.30
C TRP W 378 96.50 -36.20 10.59
N ARG W 379 97.75 -35.78 10.49
CA ARG W 379 98.51 -35.46 11.68
C ARG W 379 98.02 -34.20 12.37
N ASP W 380 97.70 -33.16 11.61
CA ASP W 380 97.24 -31.91 12.22
C ASP W 380 95.88 -32.00 12.87
N ALA W 381 94.93 -32.64 12.22
CA ALA W 381 93.60 -32.80 12.77
C ALA W 381 93.62 -33.67 14.02
N ASN W 382 94.40 -34.74 13.99
CA ASN W 382 94.49 -35.63 15.14
C ASN W 382 95.12 -34.98 16.36
N THR W 383 96.17 -34.18 16.15
CA THR W 383 96.83 -33.47 17.22
C THR W 383 95.91 -32.45 17.85
N ALA W 384 95.28 -31.63 17.02
CA ALA W 384 94.40 -30.57 17.48
C ALA W 384 93.13 -31.08 18.14
N ALA W 385 92.63 -32.19 17.67
CA ALA W 385 91.41 -32.75 18.21
C ALA W 385 91.49 -33.08 19.70
N ARG W 386 92.68 -33.38 20.21
CA ARG W 386 92.86 -33.76 21.61
C ARG W 386 93.06 -32.57 22.53
N HIS W 387 92.81 -31.38 22.03
CA HIS W 387 92.76 -30.21 22.86
C HIS W 387 91.70 -30.45 23.91
N ALA W 388 91.94 -29.98 25.11
CA ALA W 388 91.06 -30.23 26.26
C ALA W 388 89.62 -29.80 26.09
N MET W 389 89.37 -28.70 25.41
CA MET W 389 88.02 -28.22 25.21
C MET W 389 87.30 -29.01 24.15
N LEU W 390 87.99 -29.91 23.47
CA LEU W 390 87.37 -30.79 22.49
C LEU W 390 87.30 -32.26 22.94
N ASN W 391 87.54 -32.57 24.21
CA ASN W 391 87.64 -33.96 24.64
C ASN W 391 86.30 -34.66 24.43
N VAL W 392 86.30 -35.73 23.66
CA VAL W 392 85.04 -36.40 23.30
C VAL W 392 84.37 -37.11 24.46
N HIS W 393 85.15 -37.79 25.27
CA HIS W 393 84.65 -38.48 26.46
C HIS W 393 84.07 -37.52 27.51
N VAL W 394 84.72 -36.38 27.69
CA VAL W 394 84.20 -35.36 28.62
C VAL W 394 82.90 -34.79 28.06
N GLY W 395 82.86 -34.54 26.76
CA GLY W 395 81.65 -34.01 26.12
C GLY W 395 80.48 -34.95 26.27
N HIS W 396 80.74 -36.23 26.10
CA HIS W 396 79.71 -37.25 26.23
C HIS W 396 79.15 -37.26 27.64
N GLU W 397 80.02 -37.14 28.62
CA GLU W 397 79.63 -37.14 30.01
C GLU W 397 78.86 -35.89 30.38
N LEU W 398 79.27 -34.74 29.84
CA LEU W 398 78.59 -33.49 30.07
C LEU W 398 77.18 -33.47 29.49
N TYR W 399 77.03 -33.93 28.26
CA TYR W 399 75.75 -33.89 27.60
C TYR W 399 74.82 -34.88 28.26
N GLY W 400 75.34 -36.05 28.59
CA GLY W 400 74.55 -37.10 29.21
C GLY W 400 74.05 -36.64 30.56
N GLY W 401 74.91 -35.93 31.27
CA GLY W 401 74.62 -35.41 32.58
C GLY W 401 73.52 -34.39 32.58
N SER W 402 73.44 -33.60 31.51
CA SER W 402 72.44 -32.55 31.38
C SER W 402 71.03 -33.10 31.38
N PHE W 403 70.86 -34.30 30.86
CA PHE W 403 69.53 -34.93 30.87
C PHE W 403 68.95 -35.17 32.27
N PHE W 404 69.82 -35.24 33.28
CA PHE W 404 69.44 -35.51 34.69
C PHE W 404 69.84 -34.39 35.64
N GLY W 405 70.39 -33.29 35.12
CA GLY W 405 70.87 -32.20 35.97
C GLY W 405 71.97 -32.56 36.95
N LEU W 406 72.92 -33.39 36.55
CA LEU W 406 74.07 -33.75 37.38
C LEU W 406 75.04 -32.58 37.46
N ASP W 407 75.87 -32.55 38.49
CA ASP W 407 76.89 -31.50 38.58
C ASP W 407 77.86 -31.68 37.44
N PRO W 408 78.11 -30.59 36.65
CA PRO W 408 79.10 -30.83 35.60
C PRO W 408 80.49 -31.19 36.09
N ILE W 409 81.21 -31.92 35.26
CA ILE W 409 82.53 -32.39 35.59
C ILE W 409 83.60 -31.41 35.17
N VAL W 410 83.21 -30.27 34.64
CA VAL W 410 84.18 -29.24 34.30
C VAL W 410 83.85 -28.02 35.14
N PRO W 411 84.87 -27.19 35.47
CA PRO W 411 84.50 -26.06 36.32
C PRO W 411 83.68 -24.93 35.65
N SER W 412 83.87 -24.66 34.37
CA SER W 412 83.10 -23.61 33.73
C SER W 412 82.55 -24.04 32.38
N LEU W 413 81.47 -23.40 31.97
CA LEU W 413 80.84 -23.66 30.70
C LEU W 413 80.89 -22.45 29.80
N THR X 18 60.41 -12.24 5.06
CA THR X 18 60.26 -13.40 6.00
C THR X 18 58.81 -13.50 6.48
N ASP X 19 57.88 -12.85 5.78
CA ASP X 19 56.50 -12.88 6.17
C ASP X 19 55.98 -14.33 6.03
N ILE X 20 56.31 -14.93 4.88
CA ILE X 20 55.89 -16.31 4.59
C ILE X 20 56.63 -17.29 5.53
N ARG X 21 57.90 -16.99 5.79
CA ARG X 21 58.71 -17.81 6.64
C ARG X 21 58.03 -17.86 8.01
N SER X 22 57.48 -16.74 8.44
CA SER X 22 56.83 -16.69 9.72
C SER X 22 55.54 -17.50 9.73
N GLU X 23 54.82 -17.40 8.62
CA GLU X 23 53.53 -18.06 8.43
C GLU X 23 53.70 -19.57 8.44
N THR X 24 54.71 -20.03 7.73
CA THR X 24 54.96 -21.45 7.62
C THR X 24 55.35 -22.02 8.97
N ALA X 25 56.14 -21.28 9.72
CA ALA X 25 56.51 -21.68 11.07
C ALA X 25 55.31 -21.70 12.00
N GLU X 26 54.41 -20.75 11.84
CA GLU X 26 53.22 -20.72 12.69
C GLU X 26 52.32 -21.91 12.47
N LEU X 27 52.18 -22.31 11.22
CA LEU X 27 51.33 -23.43 10.87
C LEU X 27 51.93 -24.71 11.42
N ARG X 28 53.24 -24.85 11.29
CA ARG X 28 53.92 -26.04 11.76
C ARG X 28 53.71 -26.23 13.26
N ALA X 29 53.81 -25.14 14.01
CA ALA X 29 53.61 -25.20 15.44
C ALA X 29 52.20 -25.63 15.76
N GLU X 30 51.23 -25.09 15.02
CA GLU X 30 49.84 -25.43 15.22
C GLU X 30 49.62 -26.92 14.95
N LEU X 31 50.22 -27.43 13.88
CA LEU X 31 50.08 -28.83 13.54
C LEU X 31 50.73 -29.72 14.55
N VAL X 32 51.87 -29.29 15.09
CA VAL X 32 52.53 -30.08 16.11
C VAL X 32 51.65 -30.10 17.35
N GLU X 33 50.99 -28.99 17.66
CA GLU X 33 50.10 -28.98 18.80
C GLU X 33 48.89 -29.88 18.54
N ARG X 34 48.43 -29.99 17.30
CA ARG X 34 47.36 -30.95 17.01
C ARG X 34 47.74 -32.39 17.29
N VAL X 35 48.97 -32.75 16.92
CA VAL X 35 49.50 -34.07 17.21
C VAL X 35 49.43 -34.34 18.72
N HIS X 36 49.81 -33.37 19.53
CA HIS X 36 49.75 -33.54 20.98
C HIS X 36 48.33 -33.69 21.49
N LYS X 37 47.42 -32.97 20.88
CA LYS X 37 46.02 -33.02 21.25
C LYS X 37 45.39 -34.38 20.93
N PHE X 38 45.65 -34.88 19.73
CA PHE X 38 45.08 -36.15 19.30
C PHE X 38 45.93 -37.34 19.66
N GLY X 39 47.12 -37.10 20.17
CA GLY X 39 48.05 -38.16 20.50
C GLY X 39 47.55 -39.19 21.49
N PRO X 40 46.88 -38.76 22.57
CA PRO X 40 46.33 -39.75 23.49
C PRO X 40 45.34 -40.75 22.86
N VAL X 41 44.63 -40.36 21.80
CA VAL X 41 43.72 -41.29 21.07
C VAL X 41 44.56 -42.35 20.35
N PHE X 42 45.57 -41.90 19.64
CA PHE X 42 46.44 -42.82 18.91
C PHE X 42 47.13 -43.78 19.87
N ALA X 43 47.59 -43.26 20.99
CA ALA X 43 48.27 -44.07 21.98
C ALA X 43 47.35 -45.12 22.58
N ASP X 44 46.12 -44.74 22.78
CA ASP X 44 45.10 -45.61 23.32
C ASP X 44 44.79 -46.80 22.47
N GLY X 45 44.94 -46.66 21.16
CA GLY X 45 44.65 -47.73 20.24
C GLY X 45 45.85 -48.57 19.85
N VAL X 46 46.98 -48.42 20.54
CA VAL X 46 48.17 -49.18 20.21
C VAL X 46 47.95 -50.67 20.42
N ALA X 47 47.36 -51.05 21.53
CA ALA X 47 47.16 -52.46 21.83
C ALA X 47 46.23 -53.15 20.84
N GLU X 48 45.15 -52.49 20.47
CA GLU X 48 44.24 -53.05 19.49
C GLU X 48 44.92 -53.15 18.13
N GLY X 49 45.67 -52.11 17.75
CA GLY X 49 46.32 -52.11 16.48
C GLY X 49 47.33 -53.23 16.32
N GLU X 50 48.04 -53.50 17.40
CA GLU X 50 49.05 -54.54 17.44
C GLU X 50 48.43 -55.92 17.27
N ARG X 51 47.29 -56.08 17.92
CA ARG X 51 46.49 -57.28 17.94
C ARG X 51 45.79 -57.57 16.60
N GLU X 52 45.24 -56.54 15.97
CA GLU X 52 44.47 -56.68 14.73
C GLU X 52 45.22 -56.38 13.44
N ARG X 53 46.41 -55.81 13.53
CA ARG X 53 47.18 -55.44 12.33
C ARG X 53 46.50 -54.42 11.41
N ARG X 54 45.78 -53.49 12.01
CA ARG X 54 45.12 -52.40 11.29
C ARG X 54 44.92 -51.30 12.32
N LEU X 55 44.70 -50.07 11.88
CA LEU X 55 44.49 -48.97 12.80
C LEU X 55 43.07 -49.04 13.34
N PRO X 56 42.88 -48.81 14.64
CA PRO X 56 41.51 -48.79 15.17
C PRO X 56 40.64 -47.70 14.60
N ASP X 57 39.33 -47.85 14.67
CA ASP X 57 38.42 -46.85 14.14
C ASP X 57 38.62 -45.47 14.78
N ALA X 58 38.90 -45.43 16.07
CA ALA X 58 39.09 -44.14 16.74
C ALA X 58 40.29 -43.39 16.17
N THR X 59 41.36 -44.13 15.85
CA THR X 59 42.57 -43.55 15.28
C THR X 59 42.31 -42.99 13.90
N VAL X 60 41.55 -43.72 13.10
CA VAL X 60 41.22 -43.25 11.77
C VAL X 60 40.39 -41.98 11.89
N ARG X 61 39.46 -41.97 12.83
CA ARG X 61 38.63 -40.79 13.05
C ARG X 61 39.48 -39.60 13.43
N ALA X 62 40.42 -39.81 14.32
CA ALA X 62 41.31 -38.75 14.76
C ALA X 62 42.18 -38.23 13.62
N ILE X 63 42.62 -39.11 12.73
CA ILE X 63 43.41 -38.70 11.59
C ILE X 63 42.57 -37.81 10.70
N ASP X 64 41.30 -38.15 10.49
CA ASP X 64 40.43 -37.32 9.64
C ASP X 64 40.09 -35.97 10.28
N GLN X 65 39.78 -35.96 11.57
CA GLN X 65 39.47 -34.72 12.28
C GLN X 65 40.66 -33.78 12.40
N SER X 66 41.86 -34.32 12.70
CA SER X 66 43.09 -33.50 12.85
C SER X 66 43.59 -32.87 11.56
N GLN X 67 43.14 -33.42 10.44
CA GLN X 67 43.57 -33.03 9.10
C GLN X 67 45.04 -33.37 8.82
N LEU X 68 45.62 -34.30 9.59
CA LEU X 68 47.02 -34.68 9.41
C LEU X 68 47.33 -35.48 8.15
N ALA X 69 46.28 -36.02 7.54
CA ALA X 69 46.40 -36.60 6.20
C ALA X 69 46.39 -35.56 5.07
N MET X 70 46.19 -34.29 5.41
CA MET X 70 45.93 -33.25 4.42
C MET X 70 47.10 -32.28 4.21
N LEU X 71 48.22 -32.54 4.86
CA LEU X 71 49.37 -31.66 4.77
C LEU X 71 49.89 -31.50 3.35
N TRP X 72 49.85 -32.55 2.55
CA TRP X 72 50.32 -32.45 1.18
C TRP X 72 49.19 -32.45 0.14
N THR X 73 48.01 -32.05 0.56
CA THR X 73 46.86 -31.88 -0.30
C THR X 73 46.79 -30.41 -0.65
N ALA X 74 46.42 -30.12 -1.89
CA ALA X 74 46.37 -28.72 -2.36
C ALA X 74 45.29 -27.87 -1.69
N LYS X 75 45.61 -26.60 -1.53
CA LYS X 75 44.72 -25.59 -0.94
C LYS X 75 43.47 -25.41 -1.77
N SER X 76 43.63 -25.54 -3.07
CA SER X 76 42.51 -25.39 -3.98
C SER X 76 41.43 -26.43 -3.70
N TYR X 77 41.79 -27.58 -3.13
CA TYR X 77 40.80 -28.59 -2.72
C TYR X 77 40.47 -28.61 -1.22
N GLY X 78 40.90 -27.59 -0.49
CA GLY X 78 40.72 -27.54 0.98
C GLY X 78 41.81 -28.19 1.81
N GLY X 79 42.94 -28.52 1.18
CA GLY X 79 44.10 -29.06 1.88
C GLY X 79 44.96 -28.00 2.54
N LEU X 80 45.86 -28.44 3.41
CA LEU X 80 46.72 -27.52 4.16
C LEU X 80 47.94 -27.08 3.37
N GLU X 81 48.33 -27.85 2.35
CA GLU X 81 49.43 -27.53 1.42
C GLU X 81 50.70 -26.96 2.12
N THR X 82 51.35 -27.77 2.96
CA THR X 82 52.55 -27.36 3.70
C THR X 82 53.83 -27.68 2.90
N ASP X 83 54.93 -27.91 3.59
CA ASP X 83 56.18 -28.22 2.93
C ASP X 83 56.77 -29.47 3.54
N VAL X 84 57.94 -29.86 3.07
CA VAL X 84 58.54 -31.09 3.55
C VAL X 84 58.91 -31.02 5.02
N ARG X 85 59.48 -29.91 5.43
CA ARG X 85 59.92 -29.77 6.78
C ARG X 85 58.79 -29.87 7.78
N THR X 86 57.63 -29.32 7.46
CA THR X 86 56.49 -29.40 8.36
C THR X 86 55.99 -30.83 8.49
N MET X 87 55.94 -31.54 7.39
CA MET X 87 55.47 -32.91 7.37
C MET X 87 56.40 -33.79 8.18
N SER X 88 57.70 -33.52 8.04
CA SER X 88 58.73 -34.21 8.78
C SER X 88 58.61 -33.99 10.28
N GLU X 89 58.44 -32.75 10.70
CA GLU X 89 58.32 -32.47 12.12
C GLU X 89 57.05 -33.09 12.69
N VAL X 90 55.98 -33.12 11.92
CA VAL X 90 54.74 -33.77 12.36
C VAL X 90 54.91 -35.27 12.55
N ALA X 91 55.52 -35.91 11.55
CA ALA X 91 55.81 -37.35 11.59
C ALA X 91 56.64 -37.75 12.81
N LYS X 92 57.64 -36.94 13.14
CA LYS X 92 58.51 -37.24 14.30
C LYS X 92 57.72 -37.26 15.60
N VAL X 93 56.83 -36.30 15.75
CA VAL X 93 56.06 -36.19 16.98
C VAL X 93 54.99 -37.27 17.04
N LEU X 94 54.36 -37.55 15.91
CA LEU X 94 53.39 -38.65 15.82
C LEU X 94 53.92 -39.98 16.30
N SER X 95 55.14 -40.32 15.89
CA SER X 95 55.79 -41.56 16.30
C SER X 95 55.87 -41.79 17.83
N HIS X 96 55.91 -40.73 18.61
CA HIS X 96 55.91 -40.88 20.06
C HIS X 96 54.66 -41.57 20.55
N TYR X 97 53.55 -41.32 19.87
CA TYR X 97 52.28 -41.86 20.32
C TYR X 97 51.99 -43.20 19.66
N CYS X 98 52.17 -43.28 18.35
CA CYS X 98 52.00 -44.54 17.63
C CYS X 98 52.83 -44.53 16.35
N PRO X 99 53.93 -45.31 16.32
CA PRO X 99 54.74 -45.32 15.10
C PRO X 99 54.00 -45.79 13.85
N SER X 100 53.07 -46.72 14.02
CA SER X 100 52.25 -47.18 12.89
C SER X 100 51.33 -46.09 12.29
N THR X 101 50.70 -45.31 13.16
CA THR X 101 49.88 -44.18 12.76
C THR X 101 50.74 -43.17 12.03
N SER X 102 51.89 -42.86 12.60
CA SER X 102 52.84 -41.95 11.95
C SER X 102 53.21 -42.46 10.58
N TRP X 103 53.50 -43.75 10.49
CA TRP X 103 53.86 -44.33 9.21
C TRP X 103 52.73 -44.24 8.18
N VAL X 104 51.51 -44.47 8.63
CA VAL X 104 50.38 -44.42 7.73
C VAL X 104 50.14 -42.99 7.26
N VAL X 105 50.14 -42.06 8.19
CA VAL X 105 49.94 -40.67 7.89
C VAL X 105 50.97 -40.19 6.88
N ASN X 106 52.23 -40.58 7.07
CA ASN X 106 53.32 -40.23 6.15
C ASN X 106 53.06 -40.80 4.78
N ASN X 107 52.61 -42.04 4.70
CA ASN X 107 52.34 -42.68 3.44
C ASN X 107 51.18 -41.99 2.73
N VAL X 108 50.14 -41.61 3.46
CA VAL X 108 48.98 -40.96 2.84
C VAL X 108 49.35 -39.61 2.19
N ASN X 109 50.04 -38.77 2.96
CA ASN X 109 50.48 -37.48 2.44
C ASN X 109 51.37 -37.68 1.24
N GLY X 110 52.32 -38.60 1.35
CA GLY X 110 53.19 -38.84 0.23
C GLY X 110 52.44 -39.34 -1.00
N SER X 111 51.46 -40.19 -0.79
CA SER X 111 50.69 -40.70 -1.92
C SER X 111 49.89 -39.58 -2.56
N ASN X 112 49.31 -38.73 -1.73
CA ASN X 112 48.56 -37.59 -2.20
C ASN X 112 49.46 -36.65 -3.02
N LEU X 113 50.70 -36.48 -2.60
CA LEU X 113 51.60 -35.65 -3.34
C LEU X 113 51.91 -36.29 -4.69
N LEU X 114 52.05 -37.61 -4.72
CA LEU X 114 52.33 -38.33 -5.97
C LEU X 114 51.18 -38.21 -6.93
N ALA X 115 49.97 -38.09 -6.41
CA ALA X 115 48.78 -37.95 -7.22
C ALA X 115 48.81 -36.72 -8.09
N SER X 116 49.51 -35.69 -7.66
CA SER X 116 49.58 -34.46 -8.42
C SER X 116 50.25 -34.58 -9.78
N LYS X 117 50.93 -35.67 -10.08
CA LYS X 117 51.43 -35.89 -11.45
C LYS X 117 50.34 -36.29 -12.42
N PHE X 118 49.20 -36.71 -11.91
CA PHE X 118 48.08 -37.10 -12.75
C PHE X 118 47.34 -35.88 -13.31
N PRO X 119 46.50 -36.08 -14.37
CA PRO X 119 45.80 -34.93 -14.89
C PRO X 119 44.79 -34.34 -13.95
N ARG X 120 44.38 -33.12 -14.26
CA ARG X 120 43.40 -32.40 -13.46
C ARG X 120 42.10 -33.16 -13.33
N ALA X 121 41.72 -33.86 -14.38
CA ALA X 121 40.51 -34.67 -14.37
C ALA X 121 40.53 -35.72 -13.25
N ALA X 122 41.67 -36.38 -13.08
CA ALA X 122 41.87 -37.36 -12.01
C ALA X 122 41.87 -36.69 -10.65
N LEU X 123 42.63 -35.61 -10.54
CA LEU X 123 42.71 -34.88 -9.26
C LEU X 123 41.36 -34.36 -8.78
N ASP X 124 40.57 -33.83 -9.70
CA ASP X 124 39.19 -33.41 -9.40
C ASP X 124 38.35 -34.60 -8.95
N GLU X 125 38.45 -35.71 -9.66
CA GLU X 125 37.71 -36.91 -9.28
C GLU X 125 38.07 -37.42 -7.87
N VAL X 126 39.34 -37.28 -7.49
CA VAL X 126 39.81 -37.73 -6.17
C VAL X 126 39.50 -36.73 -5.04
N PHE X 127 39.88 -35.47 -5.25
CA PHE X 127 39.86 -34.42 -4.20
C PHE X 127 38.71 -33.40 -4.28
N GLY X 128 38.00 -33.38 -5.41
CA GLY X 128 36.91 -32.44 -5.68
C GLY X 128 35.85 -32.27 -4.62
N ASP X 129 35.34 -33.39 -4.10
CA ASP X 129 34.34 -33.37 -3.02
C ASP X 129 34.87 -34.03 -1.76
N ALA X 130 36.19 -34.17 -1.65
CA ALA X 130 36.83 -34.93 -0.56
C ALA X 130 38.16 -34.28 -0.22
N PRO X 131 38.13 -33.16 0.52
CA PRO X 131 39.39 -32.51 0.96
C PRO X 131 40.31 -33.46 1.78
N GLY X 132 39.69 -34.36 2.55
CA GLY X 132 40.40 -35.38 3.34
C GLY X 132 40.62 -36.72 2.66
N ALA X 133 40.62 -36.75 1.32
CA ALA X 133 40.88 -38.00 0.61
C ALA X 133 42.24 -38.57 0.99
N LYS X 134 42.30 -39.90 1.08
CA LYS X 134 43.49 -40.62 1.50
C LYS X 134 43.92 -41.67 0.49
N LEU X 135 45.10 -41.50 -0.09
CA LEU X 135 45.66 -42.46 -1.06
C LEU X 135 46.70 -43.41 -0.48
N ALA X 136 46.69 -44.64 -1.02
CA ALA X 136 47.80 -45.57 -0.94
C ALA X 136 48.64 -45.43 -2.18
N SER X 137 49.82 -46.02 -2.12
CA SER X 137 50.64 -46.11 -3.32
C SER X 137 51.64 -47.22 -3.14
N VAL X 138 51.70 -48.10 -4.12
CA VAL X 138 52.64 -49.21 -4.08
C VAL X 138 53.39 -49.32 -5.39
N PHE X 139 54.70 -49.26 -5.28
CA PHE X 139 55.64 -49.34 -6.39
C PHE X 139 56.38 -50.68 -6.30
N ALA X 140 56.01 -51.46 -5.28
CA ALA X 140 56.58 -52.77 -4.93
C ALA X 140 56.22 -53.94 -5.85
N ALA X 141 55.35 -53.72 -6.82
CA ALA X 141 55.00 -54.74 -7.77
C ALA X 141 54.62 -54.03 -9.01
N ALA X 142 54.57 -54.82 -10.05
CA ALA X 142 53.98 -54.42 -11.25
C ALA X 142 52.88 -55.45 -11.51
N GLY X 143 51.86 -54.93 -12.15
CA GLY X 143 50.71 -55.67 -12.53
C GLY X 143 50.86 -55.51 -14.01
N THR X 144 49.91 -56.02 -14.72
CA THR X 144 50.04 -56.00 -16.13
C THR X 144 48.78 -55.35 -16.66
N ALA X 145 48.97 -54.42 -17.57
CA ALA X 145 47.88 -53.64 -18.11
C ALA X 145 47.89 -53.70 -19.62
N VAL X 146 46.70 -53.75 -20.19
CA VAL X 146 46.58 -53.81 -21.63
C VAL X 146 45.55 -52.80 -22.09
N ARG X 147 45.79 -52.20 -23.25
CA ARG X 147 44.88 -51.22 -23.81
C ARG X 147 43.53 -51.79 -24.17
N THR X 148 42.50 -51.02 -23.84
CA THR X 148 41.11 -51.35 -24.14
C THR X 148 40.50 -50.04 -24.56
N PRO X 149 39.32 -50.05 -25.24
CA PRO X 149 38.80 -48.73 -25.61
C PRO X 149 38.42 -47.90 -24.41
N GLY X 150 38.92 -46.66 -24.42
CA GLY X 150 38.69 -45.69 -23.36
C GLY X 150 39.64 -45.79 -22.19
N GLY X 151 40.58 -46.74 -22.23
CA GLY X 151 41.49 -46.91 -21.13
C GLY X 151 42.36 -48.15 -21.14
N TYR X 152 42.36 -48.84 -20.01
CA TYR X 152 43.17 -50.03 -19.83
C TYR X 152 42.41 -51.09 -19.00
N ARG X 153 42.85 -52.34 -19.14
CA ARG X 153 42.39 -53.44 -18.31
C ARG X 153 43.61 -53.88 -17.51
N LEU X 154 43.49 -53.90 -16.18
CA LEU X 154 44.62 -54.05 -15.26
C LEU X 154 44.47 -55.28 -14.37
N THR X 155 45.53 -56.09 -14.32
CA THR X 155 45.56 -57.26 -13.46
C THR X 155 46.89 -57.25 -12.72
N GLY X 156 46.85 -57.58 -11.44
CA GLY X 156 48.07 -57.70 -10.65
C GLY X 156 47.86 -57.97 -9.18
N SER X 157 48.98 -58.13 -8.48
CA SER X 157 48.96 -58.36 -7.04
C SER X 157 50.09 -57.54 -6.40
N TRP X 158 49.72 -56.56 -5.58
CA TRP X 158 50.66 -55.56 -5.05
C TRP X 158 50.78 -55.71 -3.54
N PRO X 159 51.90 -56.28 -3.04
CA PRO X 159 52.13 -56.33 -1.57
C PRO X 159 52.58 -54.99 -0.99
N TYR X 160 52.67 -54.94 0.33
CA TYR X 160 53.08 -53.74 1.07
C TYR X 160 52.20 -52.51 0.84
N GLY X 161 50.89 -52.69 0.88
CA GLY X 161 49.97 -51.58 0.63
C GLY X 161 49.65 -50.88 1.93
N THR X 162 50.55 -50.04 2.40
CA THR X 162 50.33 -49.33 3.66
C THR X 162 49.03 -48.56 3.71
N GLY X 163 48.30 -48.81 4.78
CA GLY X 163 47.03 -48.15 5.06
C GLY X 163 45.89 -48.38 4.08
N ILE X 164 45.98 -49.41 3.25
CA ILE X 164 45.02 -49.64 2.17
C ILE X 164 43.61 -49.88 2.67
N LEU X 165 43.50 -50.51 3.84
CA LEU X 165 42.19 -50.72 4.46
C LEU X 165 41.39 -49.45 4.72
N HIS X 166 42.06 -48.32 4.96
CA HIS X 166 41.35 -47.05 5.23
C HIS X 166 41.41 -46.08 4.06
N ASP X 167 41.96 -46.50 2.93
CA ASP X 167 42.25 -45.56 1.84
C ASP X 167 41.11 -45.52 0.83
N ASP X 168 40.97 -44.38 0.18
CA ASP X 168 39.90 -44.12 -0.77
C ASP X 168 40.34 -44.50 -2.18
N TRP X 169 41.62 -44.31 -2.46
CA TRP X 169 42.22 -44.65 -3.77
C TRP X 169 43.61 -45.24 -3.56
N ALA X 170 44.16 -45.81 -4.63
CA ALA X 170 45.50 -46.40 -4.61
C ALA X 170 46.20 -46.05 -5.91
N ILE X 171 47.47 -45.67 -5.81
CA ILE X 171 48.33 -45.52 -6.98
C ILE X 171 49.15 -46.78 -7.11
N LEU X 172 48.97 -47.48 -8.22
CA LEU X 172 49.65 -48.75 -8.45
C LEU X 172 50.49 -48.71 -9.72
N VAL X 173 51.67 -49.31 -9.65
CA VAL X 173 52.58 -49.39 -10.79
C VAL X 173 52.26 -50.61 -11.63
N ALA X 174 52.37 -50.48 -12.94
CA ALA X 174 52.12 -51.59 -13.81
C ALA X 174 52.93 -51.54 -15.07
N ARG X 175 52.97 -52.67 -15.75
CA ARG X 175 53.66 -52.72 -17.02
C ARG X 175 52.61 -52.86 -18.08
N GLU X 176 52.64 -51.99 -19.06
CA GLU X 176 51.76 -52.10 -20.21
C GLU X 176 52.28 -53.20 -21.13
N VAL X 177 51.35 -53.97 -21.69
CA VAL X 177 51.69 -55.04 -22.63
C VAL X 177 50.72 -55.00 -23.77
N ASP X 178 51.11 -55.58 -24.89
CA ASP X 178 50.23 -55.62 -26.06
C ASP X 178 49.42 -56.91 -26.09
N ALA X 179 48.70 -57.11 -27.18
CA ALA X 179 47.87 -58.28 -27.36
C ALA X 179 48.71 -59.53 -27.33
N ASP X 180 49.90 -59.43 -27.90
CA ASP X 180 50.84 -60.53 -27.88
C ASP X 180 51.33 -60.80 -26.47
N GLY X 181 51.35 -59.77 -25.63
CA GLY X 181 51.80 -59.92 -24.26
C GLY X 181 53.24 -59.44 -24.10
N GLU X 182 53.74 -58.77 -25.13
CA GLU X 182 55.07 -58.19 -25.09
C GLU X 182 55.08 -56.87 -24.33
N PRO X 183 56.15 -56.55 -23.62
CA PRO X 183 56.18 -55.29 -22.87
C PRO X 183 56.19 -54.03 -23.73
N VAL X 184 55.38 -53.06 -23.36
CA VAL X 184 55.31 -51.79 -24.10
C VAL X 184 55.93 -50.65 -23.33
N GLY X 185 55.59 -50.52 -22.05
CA GLY X 185 56.12 -49.45 -21.26
C GLY X 185 55.63 -49.53 -19.84
N GLY X 186 56.06 -48.59 -19.01
CA GLY X 186 55.65 -48.56 -17.60
C GLY X 186 54.49 -47.62 -17.38
N LEU X 187 53.62 -47.94 -16.44
CA LEU X 187 52.47 -47.07 -16.13
C LEU X 187 52.24 -46.84 -14.66
N SER X 188 51.60 -45.73 -14.35
CA SER X 188 51.12 -45.47 -13.02
C SER X 188 49.63 -45.30 -13.08
N MET X 189 48.91 -46.02 -12.23
CA MET X 189 47.47 -46.06 -12.35
C MET X 189 46.74 -45.75 -11.08
N LEU X 190 45.71 -44.93 -11.20
CA LEU X 190 44.96 -44.50 -10.04
C LEU X 190 43.65 -45.23 -10.00
N VAL X 191 43.42 -46.04 -8.96
CA VAL X 191 42.22 -46.85 -8.92
C VAL X 191 41.55 -46.74 -7.57
N PRO X 192 40.23 -46.67 -7.57
CA PRO X 192 39.44 -46.46 -6.36
C PRO X 192 39.22 -47.70 -5.53
N ALA X 193 38.83 -47.47 -4.28
CA ALA X 193 38.61 -48.52 -3.31
C ALA X 193 37.55 -49.51 -3.76
N ARG X 194 36.52 -49.00 -4.41
CA ARG X 194 35.42 -49.82 -4.90
C ARG X 194 35.91 -50.88 -5.88
N ASP X 195 36.93 -50.55 -6.66
CA ASP X 195 37.49 -51.49 -7.61
C ASP X 195 38.54 -52.41 -7.06
N LEU X 196 38.98 -52.21 -5.82
CA LEU X 196 40.06 -53.03 -5.24
C LEU X 196 39.56 -54.14 -4.37
N THR X 197 40.43 -55.11 -4.18
CA THR X 197 40.23 -56.18 -3.23
C THR X 197 41.48 -56.21 -2.37
N VAL X 198 41.32 -56.47 -1.09
CA VAL X 198 42.45 -56.52 -0.21
C VAL X 198 42.59 -57.91 0.36
N GLU X 199 43.80 -58.42 0.29
CA GLU X 199 44.11 -59.75 0.73
C GLU X 199 44.94 -59.65 1.99
N ASP X 200 44.65 -60.47 2.98
CA ASP X 200 45.33 -60.35 4.26
C ASP X 200 46.68 -61.05 4.23
N THR X 201 47.73 -60.27 4.04
CA THR X 201 49.05 -60.82 3.97
C THR X 201 50.08 -60.18 4.90
N TRP X 202 49.67 -59.19 5.68
CA TRP X 202 50.63 -58.46 6.50
C TRP X 202 50.75 -59.12 7.87
N HIS X 203 51.78 -59.96 8.01
CA HIS X 203 52.07 -60.64 9.26
C HIS X 203 53.50 -60.38 9.64
N THR X 204 53.69 -59.41 10.51
CA THR X 204 55.03 -58.94 10.83
C THR X 204 55.20 -58.76 12.30
N VAL X 205 56.43 -58.56 12.72
CA VAL X 205 56.73 -58.35 14.12
C VAL X 205 56.90 -56.87 14.44
N GLY X 206 56.74 -56.00 13.46
CA GLY X 206 56.81 -54.56 13.69
C GLY X 206 55.94 -53.84 12.69
N MET X 207 55.52 -52.64 13.06
CA MET X 207 54.64 -51.82 12.24
C MET X 207 53.38 -52.62 11.88
N ARG X 208 52.86 -53.38 12.83
CA ARG X 208 51.72 -54.23 12.59
C ARG X 208 50.45 -53.48 12.22
N ALA X 209 50.15 -52.38 12.90
CA ALA X 209 48.91 -51.64 12.64
C ALA X 209 48.91 -50.88 11.32
N THR X 210 50.04 -50.82 10.63
CA THR X 210 50.08 -50.17 9.34
C THR X 210 49.24 -50.87 8.30
N GLY X 211 48.90 -52.14 8.51
CA GLY X 211 48.04 -52.87 7.61
C GLY X 211 48.50 -52.88 6.17
N SER X 212 49.78 -53.16 5.97
CA SER X 212 50.40 -53.14 4.65
C SER X 212 50.12 -54.44 3.90
N HIS X 213 48.85 -54.62 3.57
CA HIS X 213 48.32 -55.84 2.98
C HIS X 213 48.50 -55.85 1.47
N THR X 214 48.04 -56.91 0.80
CA THR X 214 48.20 -57.04 -0.64
C THR X 214 46.95 -56.57 -1.34
N VAL X 215 47.14 -55.73 -2.34
CA VAL X 215 46.07 -55.25 -3.20
C VAL X 215 45.99 -56.17 -4.40
N VAL X 216 44.79 -56.65 -4.69
CA VAL X 216 44.58 -57.56 -5.80
C VAL X 216 43.59 -57.02 -6.80
N LEU X 217 43.95 -57.11 -8.08
CA LEU X 217 43.11 -56.63 -9.16
C LEU X 217 43.02 -57.69 -10.22
N ARG X 218 41.81 -57.91 -10.73
CA ARG X 218 41.68 -58.84 -11.84
C ARG X 218 40.84 -58.26 -12.95
N ASP X 219 41.48 -58.02 -14.10
CA ASP X 219 40.82 -57.50 -15.28
C ASP X 219 40.00 -56.23 -14.99
N THR X 220 40.58 -55.36 -14.19
CA THR X 220 39.91 -54.15 -13.75
C THR X 220 40.06 -53.04 -14.76
N PHE X 221 38.95 -52.35 -15.04
CA PHE X 221 38.99 -51.27 -15.99
C PHE X 221 39.49 -50.00 -15.32
N VAL X 222 40.43 -49.34 -15.98
CA VAL X 222 40.94 -48.07 -15.48
C VAL X 222 40.88 -47.11 -16.64
N PRO X 223 40.16 -45.96 -16.47
CA PRO X 223 40.12 -45.08 -17.62
C PRO X 223 41.40 -44.33 -17.86
N GLU X 224 41.52 -43.84 -19.08
CA GLU X 224 42.70 -43.14 -19.58
C GLU X 224 43.16 -41.97 -18.73
N HIS X 225 42.22 -41.17 -18.22
CA HIS X 225 42.60 -39.98 -17.45
C HIS X 225 43.19 -40.31 -16.07
N ARG X 226 43.07 -41.56 -15.65
CA ARG X 226 43.63 -42.00 -14.39
C ARG X 226 44.86 -42.89 -14.61
N VAL X 227 45.55 -42.71 -15.72
CA VAL X 227 46.74 -43.49 -16.06
C VAL X 227 47.77 -42.53 -16.63
N ILE X 228 48.99 -42.58 -16.13
CA ILE X 228 50.09 -41.80 -16.70
C ILE X 228 51.25 -42.72 -16.92
N SER X 229 52.23 -42.26 -17.68
CA SER X 229 53.41 -43.07 -17.90
C SER X 229 54.19 -43.09 -16.62
N GLY X 230 54.97 -44.15 -16.45
CA GLY X 230 55.87 -44.29 -15.33
C GLY X 230 56.87 -43.14 -15.38
N GLU X 231 57.25 -42.73 -16.58
CA GLU X 231 58.16 -41.61 -16.74
C GLU X 231 57.59 -40.32 -16.17
N LEU X 232 56.31 -40.08 -16.40
CA LEU X 232 55.66 -38.88 -15.89
C LEU X 232 55.49 -38.92 -14.38
N GLN X 233 55.23 -40.09 -13.83
CA GLN X 233 55.06 -40.27 -12.40
C GLN X 233 56.33 -39.95 -11.61
N ARG X 234 57.49 -40.25 -12.17
CA ARG X 234 58.75 -39.98 -11.51
C ARG X 234 59.36 -38.66 -11.91
N SER X 235 58.66 -37.89 -12.75
CA SER X 235 59.22 -36.67 -13.34
C SER X 235 59.46 -35.57 -12.31
N ARG X 236 60.50 -34.78 -12.55
CA ARG X 236 60.79 -33.60 -11.74
C ARG X 236 60.76 -32.35 -12.61
N GLU X 237 60.04 -32.38 -13.73
CA GLU X 237 59.92 -31.20 -14.59
C GLU X 237 59.13 -30.06 -13.96
N SER X 238 58.30 -30.34 -12.98
CA SER X 238 57.53 -29.31 -12.32
C SER X 238 58.37 -28.49 -11.35
N ALA X 239 59.64 -28.84 -11.19
CA ALA X 239 60.51 -28.12 -10.27
C ALA X 239 60.65 -26.65 -10.60
N THR X 240 60.62 -26.31 -11.88
CA THR X 240 60.76 -24.92 -12.31
C THR X 240 59.48 -24.22 -12.73
N ASP X 241 58.32 -24.85 -12.55
CA ASP X 241 57.06 -24.31 -13.01
C ASP X 241 56.49 -23.29 -12.02
N LEU X 242 56.62 -22.01 -12.38
CA LEU X 242 56.14 -20.91 -11.54
C LEU X 242 54.59 -20.85 -11.40
N GLY X 243 53.89 -21.49 -12.33
CA GLY X 243 52.44 -21.62 -12.28
C GLY X 243 51.93 -22.49 -11.14
N LEU X 244 52.71 -23.47 -10.74
CA LEU X 244 52.36 -24.35 -9.62
C LEU X 244 52.68 -23.76 -8.27
N PRO X 245 51.90 -24.11 -7.22
CA PRO X 245 52.37 -23.70 -5.89
C PRO X 245 53.67 -24.42 -5.51
N PRO X 246 54.44 -23.86 -4.53
CA PRO X 246 55.73 -24.52 -4.28
C PRO X 246 55.73 -25.99 -3.90
N LEU X 247 54.75 -26.49 -3.14
CA LEU X 247 54.72 -27.90 -2.79
C LEU X 247 54.72 -28.82 -4.00
N PHE X 248 54.05 -28.43 -5.06
CA PHE X 248 53.97 -29.28 -6.25
C PHE X 248 55.19 -29.15 -7.15
N ARG X 249 56.14 -28.32 -6.75
CA ARG X 249 57.41 -28.25 -7.44
C ARG X 249 58.44 -29.17 -6.80
N THR X 250 58.14 -29.67 -5.59
CA THR X 250 59.05 -30.47 -4.77
C THR X 250 59.37 -31.77 -5.46
N ALA X 251 60.60 -32.24 -5.28
CA ALA X 251 60.97 -33.57 -5.73
C ALA X 251 60.26 -34.63 -4.88
N ALA X 252 59.21 -35.22 -5.41
CA ALA X 252 58.21 -35.92 -4.58
C ALA X 252 58.71 -37.20 -3.93
N ILE X 253 59.43 -38.00 -4.71
CA ILE X 253 59.94 -39.28 -4.22
C ILE X 253 60.97 -39.07 -3.15
N ALA X 254 61.83 -38.08 -3.33
CA ALA X 254 62.80 -37.74 -2.31
C ALA X 254 62.11 -37.23 -1.06
N ALA X 255 61.06 -36.45 -1.23
CA ALA X 255 60.33 -35.91 -0.10
C ALA X 255 59.67 -37.00 0.72
N MET X 256 59.15 -38.00 0.04
CA MET X 256 58.49 -39.10 0.68
C MET X 256 59.48 -39.91 1.52
N ALA X 257 60.67 -40.12 0.97
CA ALA X 257 61.72 -40.81 1.68
C ALA X 257 62.17 -40.03 2.93
N VAL X 258 62.23 -38.72 2.85
CA VAL X 258 62.60 -37.91 4.00
C VAL X 258 61.58 -38.04 5.13
N VAL X 259 60.29 -38.08 4.81
CA VAL X 259 59.28 -38.21 5.88
C VAL X 259 59.19 -39.64 6.40
N CYS X 260 59.51 -40.64 5.58
CA CYS X 260 59.58 -42.02 6.07
C CYS X 260 60.69 -42.14 7.12
N ALA X 261 61.83 -41.53 6.80
CA ALA X 261 62.93 -41.46 7.76
C ALA X 261 62.51 -40.73 9.03
N SER X 262 61.70 -39.69 8.90
CA SER X 262 61.22 -38.95 10.08
C SER X 262 60.38 -39.80 11.03
N VAL X 263 59.61 -40.72 10.48
CA VAL X 263 58.81 -41.65 11.29
C VAL X 263 59.74 -42.48 12.16
N VAL X 264 60.77 -43.04 11.53
CA VAL X 264 61.75 -43.85 12.24
C VAL X 264 62.49 -43.01 13.29
N LEU X 265 62.95 -41.84 12.86
CA LEU X 265 63.66 -40.94 13.74
C LEU X 265 62.87 -40.63 15.01
N GLY X 266 61.62 -40.23 14.82
CA GLY X 266 60.74 -39.90 15.93
C GLY X 266 60.60 -41.04 16.94
N ALA X 267 60.54 -42.29 16.47
CA ALA X 267 60.44 -43.44 17.37
C ALA X 267 61.70 -43.57 18.20
N GLY X 268 62.84 -43.32 17.55
CA GLY X 268 64.12 -43.31 18.23
C GLY X 268 64.20 -42.26 19.32
N GLN X 269 63.73 -41.07 18.98
CA GLN X 269 63.70 -39.98 19.95
C GLN X 269 62.78 -40.29 21.11
N ALA X 270 61.65 -40.93 20.85
CA ALA X 270 60.76 -41.34 21.95
C ALA X 270 61.42 -42.36 22.88
N ALA X 271 62.15 -43.30 22.26
CA ALA X 271 62.95 -44.29 22.98
C ALA X 271 63.96 -43.62 23.87
N ARG X 272 64.64 -42.61 23.36
CA ARG X 272 65.64 -41.89 24.14
C ARG X 272 64.98 -41.20 25.34
N ALA X 273 63.90 -40.48 25.09
CA ALA X 273 63.18 -39.79 26.17
C ALA X 273 62.74 -40.75 27.28
N LEU X 274 62.29 -41.95 26.88
CA LEU X 274 61.87 -42.97 27.83
C LEU X 274 63.01 -43.49 28.72
N VAL X 275 64.14 -43.81 28.10
CA VAL X 275 65.34 -44.24 28.85
C VAL X 275 65.79 -43.15 29.83
N VAL X 276 65.74 -41.89 29.41
CA VAL X 276 66.06 -40.76 30.29
C VAL X 276 65.07 -40.64 31.45
N GLU X 277 63.81 -40.81 31.15
CA GLU X 277 62.74 -40.76 32.13
C GLU X 277 62.87 -41.80 33.22
N LYS X 278 63.23 -43.02 32.84
CA LYS X 278 63.31 -44.13 33.78
C LYS X 278 64.64 -44.34 34.48
N ALA X 279 65.70 -43.71 34.03
CA ALA X 279 67.05 -43.97 34.55
C ALA X 279 67.23 -43.63 36.01
N PRO X 280 66.58 -42.56 36.52
CA PRO X 280 66.81 -42.32 37.95
C PRO X 280 66.16 -43.32 38.90
N THR X 281 65.20 -44.12 38.43
CA THR X 281 64.57 -45.09 39.32
C THR X 281 64.90 -46.55 39.10
N ARG X 282 65.91 -46.87 38.28
CA ARG X 282 66.30 -48.27 38.06
C ARG X 282 67.78 -48.34 38.23
N GLY X 283 68.28 -49.56 38.39
CA GLY X 283 69.70 -49.83 38.52
C GLY X 283 70.24 -50.63 37.34
N ILE X 284 71.50 -50.96 37.46
CA ILE X 284 72.24 -51.75 36.47
C ILE X 284 72.70 -53.01 37.17
N ALA X 285 71.94 -54.08 36.98
CA ALA X 285 72.29 -55.36 37.56
C ALA X 285 73.47 -55.97 36.85
N PRO X 286 74.31 -56.66 37.61
CA PRO X 286 74.30 -56.89 39.06
C PRO X 286 75.31 -55.99 39.75
N SER X 287 75.46 -54.77 39.24
CA SER X 287 76.50 -53.89 39.74
C SER X 287 76.07 -53.25 41.04
N LYS X 288 77.00 -52.53 41.64
CA LYS X 288 76.71 -51.67 42.78
C LYS X 288 75.88 -50.42 42.44
N TYR X 289 75.70 -50.10 41.16
CA TYR X 289 74.89 -48.95 40.74
C TYR X 289 73.39 -49.25 40.85
N THR X 290 72.80 -48.88 41.98
CA THR X 290 71.36 -49.08 42.20
C THR X 290 70.53 -48.06 41.43
N ARG X 291 71.14 -46.94 41.05
CA ARG X 291 70.52 -45.94 40.18
C ARG X 291 71.38 -45.81 38.93
N GLN X 292 70.75 -45.86 37.75
CA GLN X 292 71.49 -45.79 36.47
C GLN X 292 72.33 -44.51 36.33
N THR X 293 71.76 -43.42 36.84
CA THR X 293 72.37 -42.09 36.80
C THR X 293 73.61 -41.96 37.66
N ASP X 294 73.78 -42.87 38.60
CA ASP X 294 74.99 -42.94 39.41
C ASP X 294 76.19 -43.47 38.67
N SER X 295 75.95 -44.18 37.58
CA SER X 295 77.03 -44.72 36.78
C SER X 295 77.46 -43.76 35.69
N ARG X 296 78.71 -43.34 35.78
CA ARG X 296 79.23 -42.42 34.80
C ARG X 296 79.40 -43.06 33.45
N THR X 297 79.65 -44.38 33.41
CA THR X 297 79.72 -45.10 32.17
C THR X 297 78.38 -45.03 31.47
N PHE X 298 77.32 -45.20 32.24
CA PHE X 298 75.95 -45.11 31.72
C PHE X 298 75.66 -43.72 31.20
N VAL X 299 76.03 -42.71 31.97
CA VAL X 299 75.70 -41.35 31.62
C VAL X 299 76.42 -40.92 30.35
N SER X 300 77.72 -41.21 30.27
CA SER X 300 78.50 -40.82 29.12
C SER X 300 78.10 -41.60 27.86
N SER X 301 77.71 -42.85 28.02
CA SER X 301 77.24 -43.63 26.91
C SER X 301 75.97 -43.07 26.36
N LEU X 302 75.09 -42.64 27.25
CA LEU X 302 73.82 -42.10 26.86
C LEU X 302 74.02 -40.79 26.12
N GLY X 303 75.01 -40.00 26.53
CA GLY X 303 75.34 -38.79 25.84
C GLY X 303 75.76 -39.07 24.42
N ARG X 304 76.56 -40.10 24.24
CA ARG X 304 77.00 -40.47 22.92
C ARG X 304 75.85 -40.96 22.02
N THR X 305 74.97 -41.76 22.58
CA THR X 305 73.84 -42.28 21.85
C THR X 305 72.91 -41.16 21.46
N ALA X 306 72.71 -40.23 22.38
CA ALA X 306 71.90 -39.09 22.11
C ALA X 306 72.50 -38.26 20.99
N LEU X 307 73.82 -38.06 20.97
CA LEU X 307 74.43 -37.32 19.84
C LEU X 307 74.28 -38.03 18.49
N SER X 308 74.30 -39.36 18.43
CA SER X 308 74.00 -40.03 17.13
C SER X 308 72.60 -39.75 16.67
N ILE X 309 71.65 -39.82 17.58
CA ILE X 309 70.26 -39.51 17.25
C ILE X 309 70.13 -38.05 16.81
N ASP X 310 70.83 -37.15 17.51
CA ASP X 310 70.88 -35.72 17.09
C ASP X 310 71.43 -35.57 15.66
N ALA X 311 72.46 -36.34 15.32
CA ALA X 311 72.98 -36.33 13.98
C ALA X 311 71.95 -36.83 12.97
N ALA X 312 71.20 -37.86 13.32
CA ALA X 312 70.20 -38.37 12.42
C ALA X 312 69.14 -37.31 12.17
N GLU X 313 68.80 -36.59 13.22
CA GLU X 313 67.82 -35.51 13.12
C GLU X 313 68.29 -34.41 12.17
N MET X 314 69.55 -34.06 12.25
CA MET X 314 70.12 -33.04 11.39
C MET X 314 70.18 -33.50 9.93
N HIS X 315 70.48 -34.77 9.69
CA HIS X 315 70.52 -35.32 8.32
C HIS X 315 69.13 -35.18 7.70
N VAL X 316 68.11 -35.49 8.48
CA VAL X 316 66.75 -35.41 8.03
C VAL X 316 66.34 -33.97 7.78
N ALA X 317 66.66 -33.10 8.71
CA ALA X 317 66.32 -31.69 8.56
C ALA X 317 67.05 -31.06 7.39
N ARG X 318 68.31 -31.38 7.20
CA ARG X 318 69.08 -30.83 6.08
C ARG X 318 68.44 -31.20 4.76
N ALA X 319 68.04 -32.46 4.62
CA ALA X 319 67.42 -32.90 3.38
C ALA X 319 66.08 -32.25 3.17
N ALA X 320 65.31 -32.16 4.23
CA ALA X 320 64.02 -31.46 4.12
C ALA X 320 64.18 -30.01 3.64
N THR X 321 65.17 -29.33 4.20
CA THR X 321 65.45 -27.95 3.87
C THR X 321 65.95 -27.79 2.46
N ALA X 322 66.79 -28.69 2.00
CA ALA X 322 67.24 -28.63 0.62
C ALA X 322 66.05 -28.76 -0.33
N LEU X 323 65.14 -29.67 -0.02
CA LEU X 323 63.96 -29.89 -0.85
C LEU X 323 63.04 -28.70 -0.87
N ASP X 324 62.79 -28.12 0.29
CA ASP X 324 61.93 -26.93 0.40
C ASP X 324 62.55 -25.70 -0.23
N ASP X 325 63.84 -25.48 -0.05
CA ASP X 325 64.47 -24.30 -0.61
C ASP X 325 64.38 -24.34 -2.12
N ALA X 326 64.58 -25.50 -2.71
CA ALA X 326 64.48 -25.63 -4.15
C ALA X 326 63.07 -25.41 -4.65
N ALA X 327 62.10 -25.92 -3.94
CA ALA X 327 60.71 -25.74 -4.35
C ALA X 327 60.27 -24.29 -4.26
N TYR X 328 60.67 -23.60 -3.20
CA TYR X 328 60.33 -22.20 -3.02
C TYR X 328 61.00 -21.32 -4.05
N ASP X 329 62.23 -21.63 -4.42
CA ASP X 329 62.96 -20.85 -5.40
C ASP X 329 62.64 -21.28 -6.80
N ALA X 330 61.84 -22.32 -6.97
CA ALA X 330 61.54 -22.84 -8.30
C ALA X 330 62.77 -23.26 -9.12
N VAL X 331 63.79 -23.78 -8.43
CA VAL X 331 64.96 -24.36 -9.11
C VAL X 331 64.91 -25.90 -9.04
N ALA X 332 65.49 -26.51 -10.06
CA ALA X 332 65.67 -27.95 -10.10
C ALA X 332 66.87 -28.30 -9.23
N LEU X 333 66.70 -29.32 -8.39
CA LEU X 333 67.80 -29.92 -7.69
C LEU X 333 68.61 -30.70 -8.68
N PRO X 334 69.94 -30.49 -8.71
CA PRO X 334 70.75 -31.35 -9.56
C PRO X 334 70.80 -32.77 -8.99
N ASP X 335 71.21 -33.71 -9.82
CA ASP X 335 71.30 -35.12 -9.41
C ASP X 335 72.16 -35.30 -8.18
N SER X 336 73.26 -34.58 -8.09
CA SER X 336 74.16 -34.74 -6.95
C SER X 336 73.49 -34.40 -5.63
N GLU X 337 72.60 -33.43 -5.64
CA GLU X 337 71.89 -33.06 -4.43
C GLU X 337 70.88 -34.14 -4.04
N LEU X 338 70.22 -34.75 -5.01
CA LEU X 338 69.27 -35.82 -4.74
C LEU X 338 69.96 -37.09 -4.25
N LEU X 339 71.13 -37.37 -4.81
CA LEU X 339 71.90 -38.52 -4.40
C LEU X 339 72.38 -38.35 -2.97
N ARG X 340 72.71 -37.13 -2.60
CA ARG X 340 73.06 -36.83 -1.23
C ARG X 340 71.87 -37.02 -0.29
N ILE X 341 70.67 -36.63 -0.72
CA ILE X 341 69.49 -36.78 0.11
C ILE X 341 69.22 -38.26 0.36
N ARG X 342 69.44 -39.09 -0.65
CA ARG X 342 69.25 -40.53 -0.48
C ARG X 342 70.23 -41.09 0.53
N GLY X 343 71.46 -40.59 0.51
CA GLY X 343 72.45 -40.95 1.50
C GLY X 343 72.08 -40.48 2.90
N ASP X 344 71.59 -39.25 3.03
CA ASP X 344 71.20 -38.72 4.32
C ASP X 344 70.12 -39.56 4.99
N VAL X 345 69.11 -39.97 4.24
CA VAL X 345 67.99 -40.70 4.84
C VAL X 345 68.35 -42.11 5.29
N GLY X 346 69.16 -42.82 4.51
CA GLY X 346 69.62 -44.13 4.89
C GLY X 346 70.52 -44.04 6.07
N GLN X 347 71.40 -43.05 6.06
CA GLN X 347 72.30 -42.83 7.16
C GLN X 347 71.54 -42.47 8.42
N ALA X 348 70.50 -41.63 8.33
CA ALA X 348 69.76 -41.25 9.55
C ALA X 348 69.09 -42.46 10.19
N VAL X 349 68.45 -43.30 9.39
CA VAL X 349 67.73 -44.45 9.95
C VAL X 349 68.69 -45.50 10.47
N SER X 350 69.83 -45.61 9.82
CA SER X 350 70.89 -46.50 10.30
C SER X 350 71.45 -46.08 11.67
N LEU X 351 71.67 -44.80 11.79
CA LEU X 351 72.04 -44.20 13.05
C LEU X 351 70.97 -44.47 14.12
N VAL X 352 69.70 -44.38 13.77
CA VAL X 352 68.63 -44.63 14.71
C VAL X 352 68.54 -46.08 15.15
N THR X 353 68.71 -47.04 14.24
CA THR X 353 68.67 -48.43 14.62
C THR X 353 69.83 -48.81 15.50
N THR X 354 71.03 -48.27 15.24
CA THR X 354 72.19 -48.53 16.08
C THR X 354 71.95 -47.90 17.45
N ALA X 355 71.37 -46.72 17.49
CA ALA X 355 71.10 -46.06 18.75
C ALA X 355 70.06 -46.80 19.59
N LEU X 356 69.09 -47.42 18.95
CA LEU X 356 68.08 -48.20 19.66
C LEU X 356 68.71 -49.41 20.32
N ASP X 357 69.66 -50.05 19.66
CA ASP X 357 70.38 -51.16 20.23
C ASP X 357 71.11 -50.68 21.48
N GLU X 358 71.70 -49.50 21.40
CA GLU X 358 72.36 -48.89 22.53
C GLU X 358 71.40 -48.55 23.67
N LEU X 359 70.20 -48.10 23.35
CA LEU X 359 69.22 -47.77 24.38
C LEU X 359 68.73 -49.01 25.15
N LEU X 360 68.65 -50.15 24.48
CA LEU X 360 68.30 -51.41 25.13
C LEU X 360 69.40 -51.85 26.07
N TRP X 361 70.65 -51.63 25.70
CA TRP X 361 71.76 -51.92 26.59
C TRP X 361 71.69 -51.02 27.81
N ALA X 362 71.29 -49.78 27.62
CA ALA X 362 71.16 -48.87 28.72
C ALA X 362 70.03 -49.24 29.67
N HIS X 363 68.88 -49.54 29.10
CA HIS X 363 67.69 -49.81 29.89
C HIS X 363 67.69 -51.18 30.57
N GLY X 364 68.16 -52.20 29.88
CA GLY X 364 68.23 -53.54 30.45
C GLY X 364 67.19 -54.49 29.94
N ALA X 365 67.12 -55.64 30.57
CA ALA X 365 66.23 -56.72 30.17
C ALA X 365 64.74 -56.36 30.21
N ALA X 366 64.37 -55.46 31.09
CA ALA X 366 63.00 -54.99 31.21
C ALA X 366 62.46 -54.35 29.95
N SER X 367 63.36 -53.91 29.09
CA SER X 367 62.94 -53.26 27.88
C SER X 367 62.20 -54.20 26.94
N PHE X 368 62.33 -55.51 27.12
CA PHE X 368 61.69 -56.47 26.21
C PHE X 368 60.35 -56.96 26.74
N ALA X 369 59.88 -56.42 27.84
CA ALA X 369 58.55 -56.78 28.31
C ALA X 369 57.49 -56.20 27.41
N GLU X 370 56.40 -56.91 27.21
CA GLU X 370 55.29 -56.43 26.37
C GLU X 370 54.70 -55.14 26.91
N SER X 371 54.75 -54.96 28.22
CA SER X 371 54.26 -53.73 28.82
C SER X 371 55.19 -52.51 28.63
N ASN X 372 56.43 -52.70 28.17
CA ASN X 372 57.36 -51.60 28.04
C ASN X 372 57.32 -50.98 26.63
N PRO X 373 57.04 -49.67 26.52
CA PRO X 373 57.03 -49.06 25.17
C PRO X 373 58.37 -49.10 24.43
N LEU X 374 59.46 -49.34 25.13
CA LEU X 374 60.76 -49.35 24.51
C LEU X 374 60.91 -50.40 23.41
N GLN X 375 60.42 -51.60 23.62
CA GLN X 375 60.48 -52.64 22.60
C GLN X 375 59.56 -52.36 21.41
N ARG X 376 58.48 -51.60 21.63
CA ARG X 376 57.61 -51.18 20.55
C ARG X 376 58.31 -50.22 19.61
N TYR X 377 59.01 -49.26 20.17
CA TYR X 377 59.73 -48.32 19.33
C TYR X 377 60.82 -49.07 18.59
N TRP X 378 61.44 -50.01 19.29
CA TRP X 378 62.52 -50.81 18.72
C TRP X 378 62.04 -51.65 17.56
N ARG X 379 60.91 -52.33 17.73
CA ARG X 379 60.40 -53.17 16.64
C ARG X 379 59.85 -52.35 15.47
N ASP X 380 59.14 -51.27 15.74
CA ASP X 380 58.58 -50.46 14.66
C ASP X 380 59.61 -49.70 13.85
N ALA X 381 60.58 -49.09 14.51
CA ALA X 381 61.62 -48.36 13.84
C ALA X 381 62.50 -49.29 13.01
N ASN X 382 62.82 -50.46 13.56
CA ASN X 382 63.65 -51.41 12.84
C ASN X 382 62.97 -51.96 11.59
N THR X 383 61.68 -52.25 11.68
CA THR X 383 60.91 -52.75 10.56
C THR X 383 60.82 -51.72 9.45
N ALA X 384 60.43 -50.51 9.83
CA ALA X 384 60.27 -49.42 8.87
C ALA X 384 61.56 -48.96 8.21
N ALA X 385 62.65 -49.03 8.94
CA ALA X 385 63.94 -48.61 8.45
C ALA X 385 64.40 -49.37 7.22
N ARG X 386 63.96 -50.62 7.07
CA ARG X 386 64.40 -51.45 5.94
C ARG X 386 63.56 -51.27 4.70
N HIS X 387 62.69 -50.27 4.70
CA HIS X 387 61.98 -49.90 3.51
C HIS X 387 63.00 -49.59 2.44
N ALA X 388 62.71 -49.95 1.21
CA ALA X 388 63.64 -49.82 0.09
C ALA X 388 64.21 -48.42 -0.15
N MET X 389 63.39 -47.40 0.04
CA MET X 389 63.82 -46.04 -0.19
C MET X 389 64.70 -45.53 0.94
N LEU X 390 64.85 -46.31 2.00
CA LEU X 390 65.72 -45.97 3.09
C LEU X 390 66.94 -46.87 3.19
N ASN X 391 67.26 -47.67 2.18
CA ASN X 391 68.34 -48.65 2.32
C ASN X 391 69.65 -47.94 2.51
N VAL X 392 70.33 -48.23 3.60
CA VAL X 392 71.56 -47.51 3.95
C VAL X 392 72.73 -47.78 3.01
N HIS X 393 72.92 -49.05 2.65
CA HIS X 393 73.97 -49.46 1.73
C HIS X 393 73.78 -48.86 0.32
N VAL X 394 72.54 -48.79 -0.14
CA VAL X 394 72.24 -48.20 -1.44
C VAL X 394 72.53 -46.69 -1.37
N GLY X 395 72.10 -46.07 -0.28
CA GLY X 395 72.37 -44.64 -0.08
C GLY X 395 73.83 -44.30 -0.08
N HIS X 396 74.63 -45.13 0.59
CA HIS X 396 76.06 -44.96 0.64
C HIS X 396 76.67 -45.03 -0.74
N GLU X 397 76.22 -45.98 -1.54
CA GLU X 397 76.73 -46.17 -2.87
C GLU X 397 76.30 -45.04 -3.80
N LEU X 398 75.07 -44.55 -3.65
CA LEU X 398 74.59 -43.43 -4.43
C LEU X 398 75.34 -42.12 -4.14
N TYR X 399 75.57 -41.83 -2.87
CA TYR X 399 76.23 -40.61 -2.51
C TYR X 399 77.68 -40.67 -2.91
N GLY X 400 78.32 -41.81 -2.70
CA GLY X 400 79.70 -41.99 -3.04
C GLY X 400 79.90 -41.84 -4.53
N GLY X 401 78.96 -42.37 -5.29
CA GLY X 401 78.97 -42.32 -6.71
C GLY X 401 78.86 -40.94 -7.29
N SER X 402 78.13 -40.08 -6.60
CA SER X 402 77.93 -38.69 -7.02
C SER X 402 79.22 -37.92 -7.09
N PHE X 403 80.15 -38.24 -6.22
CA PHE X 403 81.46 -37.59 -6.23
C PHE X 403 82.26 -37.79 -7.53
N PHE X 404 81.95 -38.85 -8.27
CA PHE X 404 82.63 -39.21 -9.53
C PHE X 404 81.70 -39.25 -10.73
N GLY X 405 80.44 -38.88 -10.56
CA GLY X 405 79.46 -38.93 -11.64
C GLY X 405 79.19 -40.32 -12.22
N LEU X 406 79.18 -41.34 -11.38
CA LEU X 406 78.90 -42.72 -11.83
C LEU X 406 77.41 -42.85 -12.13
N ASP X 407 77.06 -43.84 -12.96
CA ASP X 407 75.65 -44.09 -13.24
C ASP X 407 74.97 -44.53 -11.97
N PRO X 408 73.84 -43.86 -11.60
CA PRO X 408 73.22 -44.36 -10.37
C PRO X 408 72.71 -45.78 -10.44
N ILE X 409 72.67 -46.42 -9.28
CA ILE X 409 72.26 -47.80 -9.17
C ILE X 409 70.78 -47.94 -8.96
N VAL X 410 70.05 -46.84 -8.95
CA VAL X 410 68.61 -46.90 -8.85
C VAL X 410 68.04 -46.28 -10.11
N PRO X 411 66.83 -46.71 -10.52
CA PRO X 411 66.35 -46.13 -11.78
C PRO X 411 65.88 -44.67 -11.71
N SER X 412 65.33 -44.21 -10.60
CA SER X 412 64.90 -42.82 -10.53
C SER X 412 65.33 -42.15 -9.24
N LEU X 413 65.43 -40.84 -9.28
CA LEU X 413 65.81 -40.05 -8.11
C LEU X 413 64.70 -39.10 -7.71
#